data_8JWO
#
_entry.id   8JWO
#
_cell.length_a   111.021
_cell.length_b   111.021
_cell.length_c   560.041
_cell.angle_alpha   90.000
_cell.angle_beta   90.000
_cell.angle_gamma   90.000
#
_symmetry.space_group_name_H-M   'P 43'
#
loop_
_entity.id
_entity.type
_entity.pdbx_description
1 polymer 'Aldo/keto reductase'
2 non-polymer TYLOSIN
3 water water
#
_entity_poly.entity_id   1
_entity_poly.type   'polypeptide(L)'
_entity_poly.pdbx_seq_one_letter_code
;MGSSHHHHHHSSGLVPRGSHMEYTQLGRIGLKVSRLVLGTMNFGPTTDEAESHAIMDAALDAGINFFDTANVYGWGENKG
RTEEILGSWFAQGGDRRDKVVLATKVYGNMGLDGPAWPNHDKLSALNIRRSVDASLKRLGTDHIDLYQFHHVDRDTPWDE
IWQAMDVLVRQGKILYVGSSNFAGWNIAQANETAARHGRLGLVSEQCLYNLCERRAEMEVVPAAREYGLGVIAWSPLHGG
LLGGAIRKEQEGGNRRAASGRAADALKDPQQREQIQRYEDLLDKHGLEPGEVALAWLLTRPGVTGPIVGPRTADQLASAV
RAAELTLTDEVLTALDEIFPGPGPSPEAFAW
;
_entity_poly.pdbx_strand_id   A,B,C,D,E,F,G,H,I,J,K,L,M,N,O,P
#
loop_
_chem_comp.id
_chem_comp.type
_chem_comp.name
_chem_comp.formula
TYK non-polymer TYLOSIN 'C46 H77 N O17'
#
# COMPACT_ATOMS: atom_id res chain seq x y z
N MET A 21 -33.48 16.84 14.03
CA MET A 21 -34.49 15.97 13.36
C MET A 21 -34.55 14.63 14.08
N GLU A 22 -35.77 14.18 14.40
CA GLU A 22 -35.97 12.89 15.03
C GLU A 22 -36.18 11.86 13.92
N TYR A 23 -35.42 10.75 14.00
CA TYR A 23 -35.57 9.59 13.14
C TYR A 23 -36.29 8.46 13.88
N THR A 24 -36.83 7.50 13.11
CA THR A 24 -37.44 6.30 13.64
C THR A 24 -37.38 5.18 12.60
N GLN A 25 -37.43 3.92 13.06
CA GLN A 25 -37.61 2.79 12.17
C GLN A 25 -39.00 2.90 11.58
N LEU A 26 -39.12 2.55 10.30
CA LEU A 26 -40.45 2.50 9.71
C LEU A 26 -41.09 1.16 10.10
N GLY A 27 -42.08 1.18 10.99
CA GLY A 27 -42.59 -0.06 11.57
C GLY A 27 -41.45 -0.97 12.02
N ARG A 28 -41.50 -2.26 11.60
CA ARG A 28 -40.61 -3.32 12.09
C ARG A 28 -39.34 -3.42 11.24
N ILE A 29 -39.30 -2.77 10.07
CA ILE A 29 -38.19 -2.97 9.17
C ILE A 29 -36.96 -2.14 9.55
N GLY A 30 -35.86 -2.42 8.84
CA GLY A 30 -34.55 -1.86 9.16
C GLY A 30 -34.34 -0.45 8.60
N LEU A 31 -35.30 0.02 7.79
CA LEU A 31 -35.26 1.33 7.18
C LEU A 31 -35.50 2.43 8.24
N LYS A 32 -34.60 3.41 8.27
CA LYS A 32 -34.73 4.56 9.15
C LYS A 32 -35.22 5.78 8.37
N VAL A 33 -36.23 6.48 8.91
CA VAL A 33 -36.78 7.64 8.25
C VAL A 33 -36.98 8.78 9.25
N SER A 34 -36.87 10.01 8.71
CA SER A 34 -37.32 11.20 9.40
C SER A 34 -38.79 11.04 9.79
N ARG A 35 -39.18 11.59 10.97
CA ARG A 35 -40.56 11.57 11.45
C ARG A 35 -41.43 12.63 10.75
N LEU A 36 -40.80 13.53 9.96
CA LEU A 36 -41.52 14.30 8.96
C LEU A 36 -41.35 13.61 7.60
N VAL A 37 -42.49 13.38 6.96
CA VAL A 37 -42.51 12.82 5.63
C VAL A 37 -42.81 13.95 4.63
N LEU A 38 -41.88 14.21 3.71
CA LEU A 38 -42.03 15.31 2.76
C LEU A 38 -43.00 14.91 1.66
N GLY A 39 -44.22 15.44 1.76
CA GLY A 39 -45.21 15.22 0.73
C GLY A 39 -45.15 16.32 -0.35
N THR A 40 -46.21 16.36 -1.15
CA THR A 40 -46.37 17.35 -2.20
C THR A 40 -47.57 18.25 -1.84
N ASP A 48 -44.29 24.75 -10.07
CA ASP A 48 -43.00 25.35 -10.52
C ASP A 48 -41.84 24.46 -10.07
N GLU A 49 -40.87 24.32 -10.97
CA GLU A 49 -39.80 23.33 -10.86
C GLU A 49 -38.75 23.82 -9.88
N ALA A 50 -38.34 25.09 -10.01
CA ALA A 50 -37.19 25.62 -9.28
C ALA A 50 -37.51 25.84 -7.80
N GLU A 51 -38.76 26.19 -7.46
CA GLU A 51 -39.18 26.41 -6.08
C GLU A 51 -39.22 25.07 -5.35
N SER A 52 -39.72 24.03 -6.05
CA SER A 52 -39.79 22.68 -5.51
C SER A 52 -38.39 22.14 -5.21
N HIS A 53 -37.50 22.24 -6.20
CA HIS A 53 -36.10 21.84 -6.10
C HIS A 53 -35.40 22.51 -4.92
N ALA A 54 -35.73 23.78 -4.65
CA ALA A 54 -35.05 24.50 -3.60
C ALA A 54 -35.49 23.96 -2.23
N ILE A 55 -36.80 23.72 -2.05
CA ILE A 55 -37.33 23.27 -0.78
C ILE A 55 -36.91 21.84 -0.53
N MET A 56 -36.74 21.07 -1.61
CA MET A 56 -36.32 19.68 -1.50
C MET A 56 -34.91 19.63 -0.95
N ASP A 57 -34.05 20.54 -1.43
CA ASP A 57 -32.68 20.66 -0.92
C ASP A 57 -32.67 21.15 0.52
N ALA A 58 -33.60 22.03 0.88
CA ALA A 58 -33.67 22.54 2.24
C ALA A 58 -34.20 21.49 3.22
N ALA A 59 -35.12 20.62 2.75
CA ALA A 59 -35.53 19.43 3.49
C ALA A 59 -34.35 18.48 3.77
N LEU A 60 -33.58 18.15 2.74
CA LEU A 60 -32.36 17.36 2.94
C LEU A 60 -31.48 17.97 4.03
N ASP A 61 -31.25 19.29 3.95
CA ASP A 61 -30.36 19.96 4.89
C ASP A 61 -30.96 19.98 6.29
N ALA A 62 -32.29 19.99 6.45
CA ALA A 62 -32.92 19.82 7.75
C ALA A 62 -32.87 18.35 8.25
N GLY A 63 -32.28 17.45 7.46
CA GLY A 63 -32.22 16.03 7.77
C GLY A 63 -33.49 15.23 7.43
N ILE A 64 -34.40 15.75 6.59
CA ILE A 64 -35.54 14.97 6.11
C ILE A 64 -35.08 14.10 4.94
N ASN A 65 -35.21 12.77 5.09
CA ASN A 65 -34.69 11.82 4.12
C ASN A 65 -35.84 11.09 3.42
N PHE A 66 -37.08 11.36 3.83
CA PHE A 66 -38.24 10.56 3.48
C PHE A 66 -39.17 11.39 2.59
N PHE A 67 -39.20 11.09 1.29
CA PHE A 67 -39.86 11.87 0.26
C PHE A 67 -40.95 11.05 -0.39
N ASP A 68 -42.15 11.63 -0.46
CA ASP A 68 -43.35 10.93 -0.87
C ASP A 68 -44.05 11.81 -1.91
N THR A 69 -44.64 11.21 -2.93
CA THR A 69 -45.35 11.94 -3.97
C THR A 69 -46.81 12.21 -3.61
N ALA A 70 -47.29 11.70 -2.46
CA ALA A 70 -48.68 11.88 -2.05
C ALA A 70 -48.99 13.35 -1.76
N ASN A 71 -50.26 13.72 -2.05
CA ASN A 71 -51.01 14.88 -1.55
C ASN A 71 -51.88 15.38 -2.71
N GLU A 77 -53.81 11.32 -5.12
CA GLU A 77 -52.65 11.82 -4.32
C GLU A 77 -51.41 11.92 -5.21
N ASN A 78 -51.21 10.98 -6.17
CA ASN A 78 -49.99 10.93 -6.99
C ASN A 78 -50.21 11.37 -8.45
N LYS A 79 -49.60 12.51 -8.82
CA LYS A 79 -49.62 13.08 -10.16
C LYS A 79 -48.33 12.77 -10.92
N GLY A 80 -48.46 12.67 -12.26
CA GLY A 80 -47.33 12.57 -13.17
C GLY A 80 -46.31 13.71 -13.02
N ARG A 81 -46.81 14.95 -12.84
CA ARG A 81 -45.98 16.15 -12.79
C ARG A 81 -45.04 16.13 -11.58
N THR A 82 -45.56 15.77 -10.41
CA THR A 82 -44.76 15.65 -9.20
C THR A 82 -43.59 14.69 -9.38
N GLU A 83 -43.85 13.54 -9.99
CA GLU A 83 -42.81 12.58 -10.33
C GLU A 83 -41.76 13.21 -11.24
N GLU A 84 -42.20 13.90 -12.31
CA GLU A 84 -41.31 14.58 -13.26
C GLU A 84 -40.36 15.51 -12.50
N ILE A 85 -40.92 16.33 -11.60
CA ILE A 85 -40.16 17.32 -10.84
C ILE A 85 -39.11 16.62 -9.96
N LEU A 86 -39.48 15.49 -9.35
CA LEU A 86 -38.53 14.71 -8.57
C LEU A 86 -37.43 14.17 -9.46
N GLY A 87 -37.84 13.71 -10.66
CA GLY A 87 -36.91 13.20 -11.67
C GLY A 87 -35.81 14.20 -12.05
N SER A 88 -36.23 15.45 -12.31
CA SER A 88 -35.30 16.52 -12.69
C SER A 88 -34.47 16.96 -11.48
N TRP A 89 -35.03 16.82 -10.27
CA TRP A 89 -34.29 17.03 -9.02
C TRP A 89 -33.13 16.04 -8.91
N PHE A 90 -33.39 14.74 -9.17
CA PHE A 90 -32.36 13.71 -9.13
C PHE A 90 -31.32 13.92 -10.24
N ALA A 91 -31.76 14.40 -11.41
CA ALA A 91 -30.87 14.60 -12.56
C ALA A 91 -29.82 15.68 -12.29
N GLN A 92 -29.98 16.47 -11.23
CA GLN A 92 -28.96 17.45 -10.85
C GLN A 92 -27.75 16.81 -10.17
N GLY A 93 -27.74 15.48 -9.95
CA GLY A 93 -26.59 14.80 -9.35
C GLY A 93 -26.41 15.16 -7.88
N GLY A 94 -25.17 15.01 -7.37
CA GLY A 94 -24.83 15.40 -6.01
C GLY A 94 -25.46 14.52 -4.93
N ASP A 95 -25.71 13.25 -5.24
CA ASP A 95 -26.07 12.25 -4.25
C ASP A 95 -27.53 12.38 -3.80
N ARG A 96 -28.35 13.15 -4.52
CA ARG A 96 -29.74 13.37 -4.11
C ARG A 96 -30.51 12.03 -4.05
N ARG A 97 -30.54 11.27 -5.16
CA ARG A 97 -31.18 9.94 -5.21
C ARG A 97 -30.70 9.07 -4.04
N ASP A 98 -29.38 9.03 -3.84
CA ASP A 98 -28.72 8.17 -2.86
C ASP A 98 -29.14 8.53 -1.43
N LYS A 99 -29.56 9.78 -1.18
CA LYS A 99 -29.80 10.24 0.17
C LYS A 99 -31.26 10.11 0.55
N VAL A 100 -32.17 10.04 -0.43
CA VAL A 100 -33.58 10.01 -0.05
C VAL A 100 -34.13 8.58 -0.13
N VAL A 101 -35.08 8.32 0.79
CA VAL A 101 -36.05 7.24 0.67
C VAL A 101 -37.20 7.76 -0.16
N LEU A 102 -37.29 7.23 -1.38
CA LEU A 102 -38.24 7.64 -2.39
C LEU A 102 -39.47 6.72 -2.36
N ALA A 103 -40.60 7.34 -2.02
CA ALA A 103 -41.88 6.70 -1.92
C ALA A 103 -42.81 7.27 -2.99
N THR A 104 -43.48 6.38 -3.72
CA THR A 104 -44.52 6.80 -4.64
C THR A 104 -45.71 5.83 -4.51
N LYS A 105 -46.75 6.06 -5.31
CA LYS A 105 -47.98 5.32 -5.25
C LYS A 105 -48.42 4.93 -6.65
N VAL A 106 -49.36 4.00 -6.72
CA VAL A 106 -50.03 3.75 -7.98
C VAL A 106 -50.99 4.93 -8.27
N TYR A 107 -51.24 5.19 -9.56
CA TYR A 107 -52.06 6.31 -10.00
C TYR A 107 -53.56 6.03 -9.84
N GLY A 108 -54.33 7.05 -9.43
CA GLY A 108 -55.77 6.95 -9.26
C GLY A 108 -56.53 7.36 -10.50
N PRO A 115 -64.45 8.76 -15.04
CA PRO A 115 -64.70 7.45 -15.67
C PRO A 115 -63.43 6.81 -16.24
N ALA A 116 -62.89 5.79 -15.54
CA ALA A 116 -61.62 5.18 -15.90
C ALA A 116 -61.82 4.02 -16.91
N TRP A 117 -60.83 3.85 -17.78
CA TRP A 117 -60.77 2.71 -18.66
C TRP A 117 -60.52 1.48 -17.81
N PRO A 118 -61.08 0.30 -18.14
CA PRO A 118 -60.81 -0.92 -17.37
C PRO A 118 -59.32 -1.20 -17.19
N ASN A 119 -58.96 -1.46 -15.92
CA ASN A 119 -57.61 -1.86 -15.51
C ASN A 119 -56.61 -0.70 -15.63
N HIS A 120 -57.09 0.55 -15.68
CA HIS A 120 -56.21 1.70 -15.72
C HIS A 120 -56.28 2.45 -14.39
N ASP A 121 -57.07 1.92 -13.46
CA ASP A 121 -56.78 2.09 -12.05
C ASP A 121 -57.02 0.76 -11.33
N LYS A 122 -57.00 0.82 -9.99
CA LYS A 122 -57.12 -0.34 -9.12
C LYS A 122 -55.84 -1.19 -9.20
N LEU A 123 -55.85 -2.41 -8.64
CA LEU A 123 -54.60 -3.05 -8.24
C LEU A 123 -54.39 -4.42 -8.92
N SER A 124 -55.00 -4.63 -10.09
CA SER A 124 -54.64 -5.79 -10.91
C SER A 124 -53.12 -5.78 -11.18
N ALA A 125 -52.56 -6.97 -11.45
CA ALA A 125 -51.16 -7.07 -11.82
C ALA A 125 -50.85 -6.27 -13.11
N LEU A 126 -51.87 -6.14 -13.97
CA LEU A 126 -51.83 -5.35 -15.21
C LEU A 126 -51.65 -3.88 -14.85
N ASN A 127 -52.45 -3.35 -13.92
CA ASN A 127 -52.35 -1.93 -13.64
C ASN A 127 -51.06 -1.65 -12.83
N ILE A 128 -50.60 -2.61 -12.04
CA ILE A 128 -49.37 -2.41 -11.29
C ILE A 128 -48.18 -2.33 -12.26
N ARG A 129 -48.12 -3.21 -13.24
CA ARG A 129 -47.00 -3.19 -14.17
C ARG A 129 -46.89 -1.85 -14.93
N ARG A 130 -48.01 -1.33 -15.44
CA ARG A 130 -47.97 -0.14 -16.29
C ARG A 130 -47.76 1.12 -15.42
N SER A 131 -48.28 1.13 -14.20
CA SER A 131 -48.10 2.27 -13.32
C SER A 131 -46.63 2.41 -12.88
N VAL A 132 -46.02 1.30 -12.47
CA VAL A 132 -44.68 1.37 -11.92
C VAL A 132 -43.69 1.72 -13.03
N ASP A 133 -43.90 1.16 -14.23
CA ASP A 133 -43.06 1.46 -15.37
C ASP A 133 -43.18 2.95 -15.72
N ALA A 134 -44.40 3.53 -15.67
CA ALA A 134 -44.57 4.96 -15.90
C ALA A 134 -43.85 5.79 -14.83
N SER A 135 -43.99 5.42 -13.54
CA SER A 135 -43.35 6.11 -12.44
C SER A 135 -41.82 6.05 -12.57
N LEU A 136 -41.27 4.88 -12.92
CA LEU A 136 -39.82 4.77 -13.00
C LEU A 136 -39.27 5.75 -14.07
N LYS A 137 -39.99 5.88 -15.17
CA LYS A 137 -39.55 6.76 -16.23
C LYS A 137 -39.66 8.22 -15.85
N ARG A 138 -40.75 8.63 -15.24
CA ARG A 138 -40.92 10.00 -14.85
C ARG A 138 -39.97 10.40 -13.72
N LEU A 139 -39.72 9.48 -12.80
CA LEU A 139 -38.82 9.74 -11.69
C LEU A 139 -37.35 9.69 -12.14
N GLY A 140 -37.08 9.25 -13.37
CA GLY A 140 -35.70 9.16 -13.84
C GLY A 140 -34.78 8.37 -12.90
N THR A 141 -35.25 7.21 -12.39
CA THR A 141 -34.50 6.35 -11.49
C THR A 141 -34.80 4.89 -11.85
N ASP A 142 -33.89 4.01 -11.53
CA ASP A 142 -34.05 2.59 -11.78
C ASP A 142 -34.76 1.86 -10.61
N HIS A 143 -35.04 2.55 -9.50
CA HIS A 143 -35.75 1.88 -8.41
C HIS A 143 -36.52 2.87 -7.54
N ILE A 144 -37.65 2.38 -6.99
CA ILE A 144 -38.46 3.03 -5.97
C ILE A 144 -38.21 2.34 -4.64
N ASP A 145 -37.90 3.09 -3.59
CA ASP A 145 -37.66 2.52 -2.29
C ASP A 145 -38.96 2.02 -1.66
N LEU A 146 -40.01 2.84 -1.71
CA LEU A 146 -41.27 2.46 -1.11
C LEU A 146 -42.39 2.70 -2.11
N TYR A 147 -42.96 1.61 -2.63
CA TYR A 147 -44.04 1.70 -3.59
C TYR A 147 -45.33 1.38 -2.85
N GLN A 148 -46.32 2.26 -3.00
CA GLN A 148 -47.54 2.21 -2.22
C GLN A 148 -48.78 2.05 -3.08
N PHE A 149 -49.70 1.23 -2.58
CA PHE A 149 -51.07 1.21 -3.03
C PHE A 149 -51.76 2.48 -2.57
N HIS A 150 -52.61 2.99 -3.46
CA HIS A 150 -53.34 4.22 -3.28
C HIS A 150 -54.61 3.99 -2.47
N HIS A 151 -55.25 2.81 -2.59
CA HIS A 151 -56.44 2.51 -1.84
C HIS A 151 -56.65 0.99 -1.86
N VAL A 152 -57.32 0.42 -0.85
CA VAL A 152 -57.65 -0.99 -0.92
C VAL A 152 -58.46 -1.22 -2.20
N ASP A 153 -58.19 -2.35 -2.86
CA ASP A 153 -58.99 -2.87 -3.96
C ASP A 153 -59.55 -4.24 -3.58
N ARG A 154 -60.85 -4.28 -3.32
CA ARG A 154 -61.50 -5.47 -2.78
C ARG A 154 -61.75 -6.51 -3.86
N ASP A 155 -61.48 -6.19 -5.14
CA ASP A 155 -61.72 -7.13 -6.24
C ASP A 155 -60.44 -7.85 -6.67
N THR A 156 -59.29 -7.50 -6.08
CA THR A 156 -58.00 -8.11 -6.43
C THR A 156 -57.48 -8.95 -5.26
N PRO A 157 -57.23 -10.27 -5.44
CA PRO A 157 -56.66 -11.10 -4.38
C PRO A 157 -55.16 -10.87 -4.17
N TRP A 158 -54.69 -11.18 -2.95
CA TRP A 158 -53.34 -10.89 -2.52
C TRP A 158 -52.31 -11.79 -3.19
N ASP A 159 -52.71 -12.94 -3.71
CA ASP A 159 -51.76 -13.73 -4.48
C ASP A 159 -51.45 -13.05 -5.82
N GLU A 160 -52.41 -12.36 -6.45
CA GLU A 160 -52.17 -11.55 -7.63
C GLU A 160 -51.28 -10.35 -7.28
N ILE A 161 -51.67 -9.57 -6.27
CA ILE A 161 -50.91 -8.38 -5.92
C ILE A 161 -49.47 -8.76 -5.54
N TRP A 162 -49.28 -9.82 -4.72
CA TRP A 162 -47.94 -10.16 -4.26
C TRP A 162 -47.11 -10.75 -5.41
N GLN A 163 -47.72 -11.44 -6.38
CA GLN A 163 -47.02 -11.75 -7.62
C GLN A 163 -46.43 -10.50 -8.29
N ALA A 164 -47.31 -9.52 -8.56
CA ALA A 164 -46.88 -8.32 -9.27
C ALA A 164 -45.73 -7.66 -8.53
N MET A 165 -45.85 -7.55 -7.20
CA MET A 165 -44.84 -6.87 -6.39
C MET A 165 -43.56 -7.71 -6.32
N ASP A 166 -43.70 -9.04 -6.18
CA ASP A 166 -42.52 -9.89 -6.11
C ASP A 166 -41.71 -9.82 -7.40
N VAL A 167 -42.39 -9.74 -8.55
CA VAL A 167 -41.69 -9.58 -9.82
C VAL A 167 -40.79 -8.34 -9.78
N LEU A 168 -41.30 -7.21 -9.30
CA LEU A 168 -40.55 -5.95 -9.27
C LEU A 168 -39.39 -6.01 -8.27
N VAL A 169 -39.63 -6.65 -7.12
CA VAL A 169 -38.61 -6.78 -6.09
C VAL A 169 -37.43 -7.60 -6.61
N ARG A 170 -37.74 -8.67 -7.35
CA ARG A 170 -36.74 -9.58 -7.86
C ARG A 170 -35.95 -8.93 -8.99
N GLN A 171 -36.59 -8.01 -9.72
CA GLN A 171 -35.92 -7.23 -10.77
C GLN A 171 -35.20 -6.02 -10.18
N GLY A 172 -35.36 -5.75 -8.88
CA GLY A 172 -34.61 -4.68 -8.24
C GLY A 172 -35.24 -3.30 -8.47
N LYS A 173 -36.50 -3.27 -8.94
CA LYS A 173 -37.18 -2.02 -9.25
C LYS A 173 -37.84 -1.41 -8.01
N ILE A 174 -38.06 -2.23 -6.97
CA ILE A 174 -38.77 -1.83 -5.77
C ILE A 174 -38.10 -2.52 -4.59
N LEU A 175 -38.00 -1.82 -3.44
CA LEU A 175 -37.46 -2.44 -2.22
C LEU A 175 -38.60 -2.83 -1.28
N TYR A 176 -39.46 -1.85 -0.95
CA TYR A 176 -40.51 -2.06 0.01
C TYR A 176 -41.86 -1.75 -0.58
N VAL A 177 -42.89 -2.36 0.00
CA VAL A 177 -44.28 -2.14 -0.37
C VAL A 177 -45.05 -1.54 0.81
N GLY A 178 -45.96 -0.61 0.50
CA GLY A 178 -46.80 -0.01 1.51
C GLY A 178 -48.24 0.09 1.03
N SER A 179 -49.13 0.40 1.98
CA SER A 179 -50.53 0.63 1.69
C SER A 179 -50.94 2.07 2.03
N SER A 180 -52.07 2.49 1.46
CA SER A 180 -52.79 3.70 1.81
C SER A 180 -54.27 3.37 1.80
N ASN A 181 -55.00 3.96 2.74
CA ASN A 181 -56.44 3.81 2.74
C ASN A 181 -56.82 2.33 2.72
N PHE A 182 -56.31 1.61 3.73
CA PHE A 182 -56.70 0.21 3.95
C PHE A 182 -57.59 0.12 5.19
N ALA A 183 -58.34 -0.97 5.26
CA ALA A 183 -58.91 -1.38 6.53
C ALA A 183 -57.88 -2.22 7.30
N GLY A 184 -58.05 -2.33 8.62
CA GLY A 184 -57.15 -3.12 9.45
C GLY A 184 -57.03 -4.58 8.95
N TRP A 185 -58.17 -5.17 8.58
CA TRP A 185 -58.24 -6.55 8.16
C TRP A 185 -57.59 -6.78 6.80
N ASN A 186 -57.45 -5.74 5.95
CA ASN A 186 -56.75 -5.86 4.68
C ASN A 186 -55.25 -5.87 4.92
N ILE A 187 -54.78 -5.15 5.94
CA ILE A 187 -53.38 -5.17 6.37
C ILE A 187 -52.98 -6.56 6.86
N ALA A 188 -53.83 -7.12 7.75
CA ALA A 188 -53.64 -8.48 8.24
C ALA A 188 -53.66 -9.48 7.08
N GLN A 189 -54.66 -9.39 6.18
CA GLN A 189 -54.75 -10.37 5.11
C GLN A 189 -53.53 -10.27 4.21
N ALA A 190 -53.10 -9.04 3.93
CA ALA A 190 -51.95 -8.79 3.08
C ALA A 190 -50.69 -9.42 3.66
N ASN A 191 -50.39 -9.18 4.94
CA ASN A 191 -49.09 -9.57 5.50
C ASN A 191 -49.04 -11.06 5.82
N GLU A 192 -50.17 -11.66 6.20
CA GLU A 192 -50.24 -13.10 6.41
C GLU A 192 -50.02 -13.83 5.08
N THR A 193 -50.60 -13.32 3.97
CA THR A 193 -50.40 -13.92 2.65
C THR A 193 -48.92 -13.83 2.24
N ALA A 194 -48.28 -12.68 2.46
CA ALA A 194 -46.88 -12.52 2.14
C ALA A 194 -46.01 -13.48 2.95
N ALA A 195 -46.27 -13.56 4.27
CA ALA A 195 -45.45 -14.34 5.19
C ALA A 195 -45.54 -15.83 4.88
N ARG A 196 -46.68 -16.36 4.47
CA ARG A 196 -46.75 -17.79 4.22
C ARG A 196 -45.79 -18.18 3.09
N HIS A 197 -45.32 -17.24 2.25
CA HIS A 197 -44.32 -17.60 1.25
C HIS A 197 -43.01 -16.84 1.41
N GLY A 198 -42.72 -16.35 2.61
CA GLY A 198 -41.41 -15.82 2.94
C GLY A 198 -41.21 -14.36 2.55
N ARG A 199 -42.18 -13.81 1.86
CA ARG A 199 -42.10 -12.45 1.42
C ARG A 199 -42.32 -11.41 2.46
N LEU A 200 -41.60 -10.32 2.35
CA LEU A 200 -41.79 -9.18 3.25
C LEU A 200 -43.14 -8.53 2.91
N GLY A 201 -43.95 -8.28 3.92
CA GLY A 201 -45.24 -7.69 3.63
C GLY A 201 -45.17 -6.15 3.56
N LEU A 202 -46.35 -5.55 3.66
CA LEU A 202 -46.53 -4.11 3.90
C LEU A 202 -45.66 -3.67 5.07
N VAL A 203 -44.92 -2.58 4.85
CA VAL A 203 -44.06 -1.97 5.86
C VAL A 203 -44.66 -0.66 6.38
N SER A 204 -45.74 -0.18 5.74
CA SER A 204 -46.33 1.09 6.13
C SER A 204 -47.76 1.18 5.62
N GLU A 205 -48.56 1.96 6.35
CA GLU A 205 -49.91 2.35 5.96
C GLU A 205 -50.04 3.87 6.06
N GLN A 206 -50.47 4.48 4.95
CA GLN A 206 -50.82 5.88 4.91
C GLN A 206 -52.33 6.01 5.15
N CYS A 207 -52.73 6.67 6.24
CA CYS A 207 -54.13 6.74 6.59
C CYS A 207 -54.51 8.15 7.05
N LEU A 208 -55.78 8.49 6.87
CA LEU A 208 -56.32 9.73 7.37
C LEU A 208 -56.37 9.68 8.89
N TYR A 209 -55.52 10.51 9.51
CA TYR A 209 -55.39 10.51 10.95
C TYR A 209 -55.00 11.90 11.43
N ASN A 210 -55.86 12.48 12.29
CA ASN A 210 -55.60 13.75 12.92
C ASN A 210 -56.54 13.89 14.13
N LEU A 211 -56.40 14.99 14.91
CA LEU A 211 -57.24 15.27 16.06
C LEU A 211 -58.72 15.20 15.70
N CYS A 212 -59.10 15.75 14.55
CA CYS A 212 -60.49 15.73 14.12
C CYS A 212 -60.93 14.32 13.74
N GLU A 213 -60.05 13.54 13.10
CA GLU A 213 -60.48 12.23 12.60
C GLU A 213 -59.61 11.12 13.17
N ARG A 214 -60.19 10.37 14.11
CA ARG A 214 -59.44 9.49 14.96
C ARG A 214 -59.91 8.03 14.77
N ARG A 215 -60.84 7.80 13.82
CA ARG A 215 -61.48 6.50 13.70
C ARG A 215 -60.53 5.43 13.13
N ALA A 216 -59.39 5.86 12.58
CA ALA A 216 -58.28 4.96 12.27
C ALA A 216 -57.80 4.26 13.54
N GLU A 217 -58.04 4.82 14.72
CA GLU A 217 -57.62 4.18 15.97
C GLU A 217 -58.48 2.96 16.32
N MET A 218 -59.63 2.75 15.67
CA MET A 218 -60.49 1.60 15.97
C MET A 218 -59.82 0.28 15.53
N GLU A 219 -59.29 0.22 14.32
CA GLU A 219 -58.75 -1.03 13.77
C GLU A 219 -57.55 -0.89 12.84
N VAL A 220 -57.47 0.22 12.10
CA VAL A 220 -56.40 0.37 11.15
C VAL A 220 -55.07 0.40 11.92
N VAL A 221 -54.97 1.30 12.90
CA VAL A 221 -53.72 1.51 13.61
C VAL A 221 -53.40 0.32 14.53
N PRO A 222 -54.35 -0.26 15.28
CA PRO A 222 -54.10 -1.54 15.95
C PRO A 222 -53.57 -2.65 15.03
N ALA A 223 -54.18 -2.83 13.84
CA ALA A 223 -53.65 -3.83 12.92
C ALA A 223 -52.25 -3.43 12.48
N ALA A 224 -52.01 -2.15 12.19
CA ALA A 224 -50.67 -1.79 11.72
C ALA A 224 -49.61 -2.10 12.79
N ARG A 225 -49.92 -1.84 14.06
CA ARG A 225 -49.00 -2.09 15.14
C ARG A 225 -48.76 -3.58 15.36
N GLU A 226 -49.81 -4.36 15.37
CA GLU A 226 -49.66 -5.81 15.42
C GLU A 226 -48.72 -6.32 14.33
N TYR A 227 -48.85 -5.83 13.09
CA TYR A 227 -48.08 -6.35 11.97
C TYR A 227 -46.81 -5.55 11.72
N GLY A 228 -46.57 -4.51 12.51
CA GLY A 228 -45.29 -3.80 12.42
C GLY A 228 -45.19 -2.93 11.17
N LEU A 229 -46.33 -2.32 10.76
CA LEU A 229 -46.35 -1.27 9.74
C LEU A 229 -46.08 0.10 10.38
N GLY A 230 -45.21 0.91 9.77
CA GLY A 230 -45.17 2.33 10.11
C GLY A 230 -46.51 2.98 9.77
N VAL A 231 -46.99 3.91 10.58
CA VAL A 231 -48.23 4.60 10.24
C VAL A 231 -47.88 6.04 9.83
N ILE A 232 -48.30 6.40 8.62
CA ILE A 232 -47.99 7.69 8.01
C ILE A 232 -49.31 8.45 7.94
N ALA A 233 -49.41 9.55 8.71
CA ALA A 233 -50.66 10.28 8.86
C ALA A 233 -50.80 11.28 7.71
N TRP A 234 -51.75 10.97 6.83
CA TRP A 234 -52.12 11.83 5.71
C TRP A 234 -53.17 12.83 6.21
N SER A 235 -53.08 14.04 5.66
CA SER A 235 -53.90 15.19 6.01
C SER A 235 -53.85 15.46 7.51
N PRO A 236 -52.66 15.75 8.07
CA PRO A 236 -52.50 15.84 9.52
C PRO A 236 -53.19 17.03 10.18
N LEU A 237 -53.59 18.01 9.36
CA LEU A 237 -54.27 19.22 9.80
C LEU A 237 -55.75 19.18 9.45
N HIS A 238 -56.24 18.04 8.90
CA HIS A 238 -57.62 17.84 8.46
C HIS A 238 -58.06 18.91 7.45
N GLY A 239 -57.37 18.95 6.30
CA GLY A 239 -57.65 19.91 5.23
C GLY A 239 -57.36 21.37 5.66
N GLY A 240 -56.62 21.57 6.74
CA GLY A 240 -56.37 22.90 7.28
C GLY A 240 -57.20 23.27 8.51
N LEU A 241 -58.31 22.54 8.82
CA LEU A 241 -59.16 22.88 9.95
C LEU A 241 -58.39 23.10 11.25
N LEU A 242 -57.24 22.42 11.40
CA LEU A 242 -56.47 22.45 12.65
C LEU A 242 -55.28 23.40 12.54
N GLY A 243 -55.20 24.14 11.42
CA GLY A 243 -54.10 25.06 11.20
C GLY A 243 -54.42 26.52 11.60
N GLY A 244 -55.42 26.72 12.45
CA GLY A 244 -55.88 28.05 12.84
C GLY A 244 -56.88 28.64 11.85
N ALA A 245 -57.85 27.82 11.41
CA ALA A 245 -58.76 28.16 10.34
C ALA A 245 -59.83 29.17 10.76
N ILE A 246 -60.06 29.36 12.06
CA ILE A 246 -61.05 30.35 12.50
C ILE A 246 -60.40 31.74 12.58
N ARG A 247 -59.22 31.88 13.13
CA ARG A 247 -58.53 33.17 13.14
C ARG A 247 -58.25 33.60 11.72
N LYS A 248 -58.01 32.65 10.85
CA LYS A 248 -57.66 32.97 9.46
C LYS A 248 -58.93 33.37 8.69
N GLU A 249 -60.10 32.86 9.12
CA GLU A 249 -61.38 33.25 8.55
C GLU A 249 -61.68 34.70 8.93
N GLN A 250 -61.59 35.01 10.24
CA GLN A 250 -61.82 36.35 10.80
C GLN A 250 -60.69 37.32 10.44
N GLU A 251 -59.71 36.86 9.64
CA GLU A 251 -58.48 37.56 9.30
C GLU A 251 -58.02 38.44 10.46
N ALA A 265 -67.95 22.44 7.08
CA ALA A 265 -66.71 22.58 7.82
C ALA A 265 -66.93 23.53 8.97
N LEU A 266 -66.71 24.81 8.74
CA LEU A 266 -66.93 25.79 9.77
C LEU A 266 -68.25 26.50 9.53
N ASP A 268 -70.85 24.05 10.29
CA ASP A 268 -71.42 23.18 11.31
C ASP A 268 -71.08 23.72 12.67
N PRO A 269 -72.11 24.08 13.43
CA PRO A 269 -71.89 24.68 14.74
C PRO A 269 -71.14 23.80 15.68
N GLN A 270 -71.40 22.50 15.60
CA GLN A 270 -70.77 21.59 16.51
C GLN A 270 -69.28 21.57 16.27
N GLN A 271 -68.90 21.37 15.02
CA GLN A 271 -67.50 21.34 14.68
C GLN A 271 -66.82 22.65 14.91
N ARG A 272 -67.53 23.74 14.66
CA ARG A 272 -66.96 25.04 14.83
C ARG A 272 -66.56 25.28 16.24
N GLU A 273 -67.42 24.90 17.16
CA GLU A 273 -67.12 25.13 18.56
C GLU A 273 -65.99 24.28 19.02
N GLN A 274 -65.79 23.14 18.38
CA GLN A 274 -64.68 22.28 18.72
C GLN A 274 -63.39 22.96 18.33
N ILE A 275 -63.33 23.48 17.12
CA ILE A 275 -62.14 24.19 16.66
C ILE A 275 -61.93 25.49 17.41
N GLN A 276 -63.01 26.12 17.84
CA GLN A 276 -62.88 27.31 18.65
C GLN A 276 -62.21 26.97 19.95
N ARG A 277 -62.69 25.95 20.64
CA ARG A 277 -62.10 25.54 21.89
C ARG A 277 -60.65 25.20 21.67
N TYR A 278 -60.34 24.52 20.58
CA TYR A 278 -58.97 24.19 20.20
C TYR A 278 -58.12 25.44 20.07
N GLU A 279 -58.54 26.40 19.22
CA GLU A 279 -57.83 27.65 19.04
C GLU A 279 -57.76 28.45 20.36
N ASP A 280 -58.82 28.43 21.20
CA ASP A 280 -58.81 29.17 22.46
C ASP A 280 -57.77 28.55 23.40
N LEU A 281 -57.69 27.21 23.43
CA LEU A 281 -56.77 26.50 24.32
C LEU A 281 -55.31 26.80 23.96
N LEU A 282 -55.00 26.88 22.66
CA LEU A 282 -53.62 27.09 22.24
C LEU A 282 -53.20 28.55 22.37
N ASP A 283 -54.16 29.50 22.31
CA ASP A 283 -53.90 30.89 22.65
C ASP A 283 -53.47 30.97 24.11
N LYS A 284 -54.25 30.33 24.98
CA LYS A 284 -53.99 30.28 26.41
C LYS A 284 -52.55 29.81 26.64
N HIS A 285 -52.07 28.86 25.81
CA HIS A 285 -50.81 28.16 26.07
C HIS A 285 -49.67 28.68 25.20
N GLY A 286 -49.98 29.58 24.25
CA GLY A 286 -48.96 30.21 23.43
C GLY A 286 -48.32 29.26 22.41
N LEU A 287 -49.18 28.50 21.70
CA LEU A 287 -48.79 27.42 20.80
C LEU A 287 -49.43 27.68 19.45
N GLU A 288 -48.69 27.44 18.35
CA GLU A 288 -49.23 27.61 17.01
C GLU A 288 -50.03 26.35 16.65
N PRO A 289 -51.32 26.48 16.25
CA PRO A 289 -52.19 25.31 15.98
C PRO A 289 -51.73 24.32 14.90
N GLY A 290 -51.10 24.84 13.83
CA GLY A 290 -50.51 24.03 12.79
C GLY A 290 -49.41 23.10 13.32
N GLU A 291 -48.68 23.57 14.33
CA GLU A 291 -47.55 22.84 14.88
C GLU A 291 -48.04 21.81 15.90
N VAL A 292 -49.05 22.18 16.69
CA VAL A 292 -49.60 21.29 17.71
C VAL A 292 -50.24 20.06 17.04
N ALA A 293 -50.93 20.25 15.91
CA ALA A 293 -51.62 19.16 15.23
C ALA A 293 -50.65 18.07 14.78
N LEU A 294 -49.47 18.49 14.28
CA LEU A 294 -48.39 17.60 13.88
C LEU A 294 -47.79 16.93 15.12
N ALA A 295 -47.50 17.75 16.14
CA ALA A 295 -46.88 17.28 17.38
C ALA A 295 -47.76 16.25 18.08
N TRP A 296 -49.07 16.48 18.08
CA TRP A 296 -50.02 15.53 18.64
C TRP A 296 -49.83 14.15 18.01
N LEU A 297 -49.77 14.11 16.68
CA LEU A 297 -49.61 12.85 15.95
C LEU A 297 -48.31 12.15 16.35
N LEU A 298 -47.24 12.91 16.61
CA LEU A 298 -45.95 12.32 16.95
C LEU A 298 -45.92 11.74 18.37
N THR A 299 -46.99 11.93 19.14
CA THR A 299 -47.16 11.27 20.43
C THR A 299 -47.97 9.99 20.30
N ARG A 300 -48.52 9.79 19.12
CA ARG A 300 -49.42 8.69 18.94
C ARG A 300 -48.77 7.29 18.77
N PRO A 301 -49.19 6.26 19.59
CA PRO A 301 -48.64 4.91 19.42
C PRO A 301 -48.76 4.43 17.97
N GLY A 302 -47.62 4.05 17.39
CA GLY A 302 -47.58 3.41 16.08
C GLY A 302 -47.34 4.38 14.93
N VAL A 303 -47.37 5.69 15.21
CA VAL A 303 -47.27 6.70 14.17
C VAL A 303 -45.81 6.94 13.89
N THR A 304 -45.40 6.68 12.64
CA THR A 304 -44.11 7.08 12.11
C THR A 304 -44.02 8.61 12.10
N GLY A 305 -45.01 9.24 11.48
CA GLY A 305 -45.01 10.69 11.37
C GLY A 305 -46.05 11.17 10.36
N PRO A 306 -46.32 12.49 10.34
CA PRO A 306 -47.22 13.08 9.35
C PRO A 306 -46.51 13.43 8.04
N ILE A 307 -47.30 13.40 6.97
CA ILE A 307 -46.92 14.01 5.71
C ILE A 307 -47.10 15.52 5.84
N VAL A 308 -46.03 16.25 5.51
CA VAL A 308 -46.03 17.70 5.50
C VAL A 308 -45.61 18.17 4.11
N GLY A 309 -46.28 19.21 3.62
CA GLY A 309 -45.98 19.80 2.32
C GLY A 309 -45.52 21.25 2.41
N PRO A 310 -44.39 21.56 3.08
CA PRO A 310 -43.88 22.93 3.08
C PRO A 310 -43.37 23.33 1.70
N ARG A 311 -43.74 24.51 1.24
CA ARG A 311 -43.25 24.99 -0.05
C ARG A 311 -42.28 26.13 0.17
N THR A 312 -42.04 26.51 1.41
CA THR A 312 -41.10 27.58 1.76
C THR A 312 -40.29 27.24 3.01
N ALA A 313 -39.11 27.86 3.14
CA ALA A 313 -38.25 27.67 4.30
C ALA A 313 -39.01 27.97 5.59
N ASP A 314 -39.84 29.00 5.52
CA ASP A 314 -40.67 29.38 6.65
C ASP A 314 -41.59 28.22 7.05
N GLN A 315 -42.22 27.58 6.06
CA GLN A 315 -43.13 26.46 6.31
C GLN A 315 -42.35 25.23 6.82
N LEU A 316 -41.18 24.98 6.23
CA LEU A 316 -40.29 23.91 6.64
C LEU A 316 -39.90 24.07 8.12
N ALA A 317 -39.39 25.25 8.46
CA ALA A 317 -38.96 25.52 9.83
C ALA A 317 -40.12 25.39 10.81
N SER A 318 -41.35 25.69 10.38
CA SER A 318 -42.50 25.47 11.25
C SER A 318 -42.74 23.97 11.51
N ALA A 319 -42.44 23.14 10.49
CA ALA A 319 -42.65 21.70 10.56
C ALA A 319 -41.59 21.07 11.47
N VAL A 320 -40.34 21.54 11.33
CA VAL A 320 -39.23 21.14 12.17
C VAL A 320 -39.51 21.49 13.63
N ARG A 321 -39.98 22.72 13.85
CA ARG A 321 -40.33 23.14 15.19
C ARG A 321 -41.40 22.20 15.76
N ALA A 322 -42.43 21.87 14.97
CA ALA A 322 -43.51 21.02 15.44
C ALA A 322 -42.97 19.68 15.93
N ALA A 323 -41.90 19.23 15.26
CA ALA A 323 -41.29 17.94 15.55
C ALA A 323 -40.36 17.99 16.77
N GLU A 324 -39.98 19.20 17.22
CA GLU A 324 -39.15 19.37 18.41
C GLU A 324 -40.02 19.73 19.60
N LEU A 325 -41.30 19.95 19.35
CA LEU A 325 -42.21 20.46 20.36
C LEU A 325 -42.55 19.35 21.33
N THR A 326 -42.47 19.61 22.64
CA THR A 326 -43.12 18.75 23.60
C THR A 326 -44.45 19.38 24.00
N LEU A 327 -45.49 18.56 23.99
CA LEU A 327 -46.79 18.92 24.53
C LEU A 327 -46.84 18.41 25.97
N THR A 328 -47.35 19.27 26.86
CA THR A 328 -47.48 18.94 28.27
C THR A 328 -48.65 17.99 28.43
N ASP A 329 -48.60 17.15 29.48
CA ASP A 329 -49.67 16.23 29.86
C ASP A 329 -51.01 16.98 29.89
N GLU A 330 -50.97 18.23 30.34
CA GLU A 330 -52.15 19.07 30.54
C GLU A 330 -52.81 19.37 29.18
N VAL A 331 -52.00 19.81 28.22
CA VAL A 331 -52.45 20.05 26.85
C VAL A 331 -53.02 18.76 26.25
N LEU A 332 -52.27 17.66 26.33
CA LEU A 332 -52.68 16.37 25.77
C LEU A 332 -54.04 15.99 26.33
N THR A 333 -54.22 16.24 27.63
CA THR A 333 -55.45 15.90 28.31
C THR A 333 -56.59 16.73 27.73
N ALA A 334 -56.32 18.02 27.50
CA ALA A 334 -57.31 18.96 26.99
C ALA A 334 -57.66 18.66 25.53
N LEU A 335 -56.64 18.54 24.67
CA LEU A 335 -56.82 18.10 23.28
C LEU A 335 -57.64 16.81 23.22
N ASP A 336 -57.34 15.86 24.10
CA ASP A 336 -58.03 14.56 24.12
C ASP A 336 -59.47 14.75 24.57
N GLU A 337 -59.71 15.76 25.42
CA GLU A 337 -61.04 16.07 25.92
C GLU A 337 -61.89 16.67 24.80
N ILE A 338 -61.29 17.53 23.96
CA ILE A 338 -62.01 18.26 22.91
C ILE A 338 -62.23 17.35 21.69
N PHE A 339 -61.22 16.52 21.40
CA PHE A 339 -61.26 15.64 20.25
C PHE A 339 -61.10 14.21 20.73
N PRO A 340 -62.15 13.59 21.31
CA PRO A 340 -62.00 12.26 21.89
C PRO A 340 -61.83 11.23 20.77
N GLY A 341 -60.91 10.28 21.00
CA GLY A 341 -60.76 9.15 20.10
C GLY A 341 -61.79 8.06 20.40
N PRO A 342 -62.10 7.13 19.47
CA PRO A 342 -63.12 6.10 19.72
C PRO A 342 -62.72 4.92 20.61
N GLY A 343 -61.43 4.80 20.92
CA GLY A 343 -60.88 3.54 21.40
C GLY A 343 -60.84 2.46 20.30
N PRO A 344 -60.21 1.31 20.60
CA PRO A 344 -60.13 0.20 19.66
C PRO A 344 -61.42 -0.61 19.63
N SER A 345 -61.72 -1.18 18.46
CA SER A 345 -62.74 -2.21 18.37
C SER A 345 -62.24 -3.46 19.09
N PRO A 346 -63.13 -4.22 19.75
CA PRO A 346 -64.57 -3.94 19.75
C PRO A 346 -65.06 -3.01 20.87
N GLU A 347 -64.17 -2.58 21.77
CA GLU A 347 -64.56 -1.72 22.89
C GLU A 347 -65.22 -0.44 22.37
N ALA A 348 -64.81 0.05 21.18
CA ALA A 348 -65.36 1.30 20.66
C ALA A 348 -66.88 1.25 20.44
N PHE A 349 -67.48 0.08 20.27
CA PHE A 349 -68.91 0.09 20.00
C PHE A 349 -69.67 -0.94 20.84
N ALA A 350 -68.95 -1.78 21.59
CA ALA A 350 -69.60 -2.84 22.34
C ALA A 350 -69.06 -2.83 23.76
N TRP A 351 -68.19 -3.80 24.06
CA TRP A 351 -67.37 -3.83 25.27
C TRP A 351 -66.06 -4.55 24.92
N MET B 21 -48.90 -7.11 44.94
CA MET B 21 -48.08 -7.95 44.02
C MET B 21 -48.22 -7.43 42.58
N GLU B 22 -47.09 -7.25 41.89
CA GLU B 22 -47.08 -6.91 40.48
C GLU B 22 -47.19 -8.18 39.63
N TYR B 23 -48.12 -8.19 38.65
CA TYR B 23 -48.27 -9.28 37.70
C TYR B 23 -47.73 -8.86 36.32
N THR B 24 -47.35 -9.86 35.51
CA THR B 24 -46.85 -9.64 34.16
C THR B 24 -47.22 -10.87 33.32
N GLN B 25 -47.26 -10.66 31.99
CA GLN B 25 -47.33 -11.77 31.04
C GLN B 25 -46.00 -12.54 31.09
N LEU B 26 -46.06 -13.88 31.01
CA LEU B 26 -44.85 -14.66 30.85
C LEU B 26 -44.39 -14.58 29.37
N GLY B 27 -43.44 -13.68 29.10
CA GLY B 27 -42.98 -13.44 27.75
C GLY B 27 -44.13 -13.03 26.84
N ARG B 28 -44.23 -13.68 25.67
CA ARG B 28 -45.22 -13.32 24.67
C ARG B 28 -46.57 -14.03 24.91
N ILE B 29 -46.66 -14.99 25.86
CA ILE B 29 -47.87 -15.83 25.93
C ILE B 29 -48.96 -15.16 26.78
N GLY B 30 -50.14 -15.80 26.80
CA GLY B 30 -51.34 -15.28 27.46
C GLY B 30 -51.37 -15.47 28.98
N LEU B 31 -50.40 -16.25 29.49
CA LEU B 31 -50.25 -16.57 30.90
C LEU B 31 -49.79 -15.34 31.72
N LYS B 32 -50.54 -15.02 32.77
CA LYS B 32 -50.14 -13.98 33.70
C LYS B 32 -49.56 -14.59 34.98
N VAL B 33 -48.35 -14.15 35.33
CA VAL B 33 -47.67 -14.63 36.51
C VAL B 33 -47.31 -13.47 37.46
N SER B 34 -47.32 -13.78 38.77
CA SER B 34 -46.69 -12.94 39.79
C SER B 34 -45.22 -12.74 39.43
N ARG B 35 -44.68 -11.53 39.65
CA ARG B 35 -43.28 -11.21 39.37
C ARG B 35 -42.33 -11.80 40.41
N LEU B 36 -42.86 -12.37 41.50
CA LEU B 36 -42.10 -13.30 42.33
C LEU B 36 -42.55 -14.70 41.97
N VAL B 37 -41.56 -15.59 41.78
CA VAL B 37 -41.82 -16.98 41.50
C VAL B 37 -41.45 -17.78 42.74
N LEU B 38 -42.40 -18.56 43.29
CA LEU B 38 -42.12 -19.34 44.49
C LEU B 38 -41.26 -20.55 44.15
N GLY B 39 -39.98 -20.51 44.56
CA GLY B 39 -39.15 -21.70 44.49
C GLY B 39 -39.44 -22.64 45.66
N THR B 40 -39.52 -23.94 45.38
CA THR B 40 -39.92 -24.94 46.36
C THR B 40 -38.78 -25.89 46.74
N MET B 41 -37.53 -25.58 46.38
CA MET B 41 -36.42 -26.54 46.50
C MET B 41 -36.12 -26.90 47.97
N ASN B 42 -36.35 -25.97 48.90
CA ASN B 42 -36.22 -26.20 50.33
C ASN B 42 -37.36 -27.05 50.90
N PHE B 43 -38.50 -27.17 50.20
CA PHE B 43 -39.64 -27.91 50.73
C PHE B 43 -39.32 -29.40 50.72
N GLY B 44 -39.04 -29.92 51.94
CA GLY B 44 -38.56 -31.28 52.19
C GLY B 44 -37.17 -31.24 52.84
N PRO B 45 -36.11 -30.86 52.08
CA PRO B 45 -34.75 -30.77 52.62
C PRO B 45 -34.52 -29.90 53.84
N THR B 46 -35.16 -28.73 53.88
CA THR B 46 -34.87 -27.70 54.86
C THR B 46 -36.12 -27.28 55.64
N THR B 47 -37.29 -27.56 55.07
CA THR B 47 -38.56 -27.13 55.60
C THR B 47 -39.47 -28.37 55.59
N ASP B 48 -40.12 -28.67 56.71
CA ASP B 48 -40.93 -29.87 56.77
C ASP B 48 -42.23 -29.65 56.00
N GLU B 49 -42.98 -30.74 55.82
CA GLU B 49 -44.21 -30.74 55.05
C GLU B 49 -45.22 -29.71 55.55
N ALA B 50 -45.45 -29.64 56.87
CA ALA B 50 -46.47 -28.74 57.42
C ALA B 50 -46.08 -27.27 57.22
N GLU B 51 -44.80 -26.92 57.43
CA GLU B 51 -44.36 -25.54 57.26
C GLU B 51 -44.31 -25.16 55.76
N SER B 52 -43.95 -26.13 54.90
CA SER B 52 -43.99 -25.95 53.46
C SER B 52 -45.40 -25.50 53.02
N HIS B 53 -46.39 -26.27 53.46
CA HIS B 53 -47.80 -25.98 53.22
C HIS B 53 -48.16 -24.58 53.70
N ALA B 54 -47.71 -24.21 54.90
CA ALA B 54 -48.01 -22.90 55.47
C ALA B 54 -47.43 -21.76 54.61
N ILE B 55 -46.19 -21.94 54.12
CA ILE B 55 -45.53 -20.97 53.27
C ILE B 55 -46.27 -20.85 51.92
N MET B 56 -46.77 -21.97 51.37
CA MET B 56 -47.48 -21.90 50.10
C MET B 56 -48.85 -21.21 50.26
N ASP B 57 -49.58 -21.50 51.35
CA ASP B 57 -50.79 -20.77 51.69
C ASP B 57 -50.53 -19.28 51.80
N ALA B 58 -49.37 -18.90 52.32
CA ALA B 58 -49.04 -17.50 52.51
C ALA B 58 -48.63 -16.85 51.18
N ALA B 59 -48.02 -17.62 50.27
CA ALA B 59 -47.76 -17.16 48.91
C ALA B 59 -49.08 -16.86 48.20
N LEU B 60 -50.07 -17.78 48.23
CA LEU B 60 -51.37 -17.49 47.64
C LEU B 60 -51.97 -16.21 48.25
N ASP B 61 -51.98 -16.11 49.59
CA ASP B 61 -52.50 -14.93 50.29
C ASP B 61 -51.79 -13.68 49.81
N ALA B 62 -50.49 -13.73 49.50
CA ALA B 62 -49.80 -12.57 48.96
C ALA B 62 -49.95 -12.43 47.43
N GLY B 63 -50.76 -13.27 46.79
CA GLY B 63 -51.01 -13.18 45.36
C GLY B 63 -49.97 -13.80 44.43
N ILE B 64 -49.05 -14.61 44.96
CA ILE B 64 -48.10 -15.35 44.16
C ILE B 64 -48.81 -16.59 43.63
N ASN B 65 -48.81 -16.77 42.30
CA ASN B 65 -49.60 -17.79 41.62
C ASN B 65 -48.71 -18.78 40.90
N PHE B 66 -47.40 -18.53 40.91
CA PHE B 66 -46.47 -19.22 40.04
C PHE B 66 -45.45 -19.94 40.92
N PHE B 67 -45.57 -21.28 40.96
CA PHE B 67 -44.74 -22.12 41.81
C PHE B 67 -43.82 -22.97 40.95
N ASP B 68 -42.53 -22.95 41.29
CA ASP B 68 -41.55 -23.73 40.56
C ASP B 68 -40.96 -24.85 41.42
N THR B 69 -41.07 -26.08 40.89
CA THR B 69 -40.46 -27.25 41.49
C THR B 69 -39.66 -28.00 40.42
N ALA B 70 -39.19 -29.20 40.78
CA ALA B 70 -38.44 -30.09 39.89
C ALA B 70 -38.53 -31.51 40.43
N ASN B 71 -38.39 -32.48 39.52
CA ASN B 71 -38.47 -33.87 39.92
C ASN B 71 -37.34 -34.13 40.93
N VAL B 72 -36.12 -33.67 40.64
CA VAL B 72 -34.97 -34.00 41.47
C VAL B 72 -35.03 -33.37 42.87
N TYR B 73 -35.85 -32.35 43.10
CA TYR B 73 -35.79 -31.74 44.41
C TYR B 73 -36.18 -32.76 45.47
N GLY B 74 -35.55 -32.57 46.64
CA GLY B 74 -35.80 -33.35 47.84
C GLY B 74 -34.51 -33.94 48.41
N TRP B 75 -33.45 -34.02 47.58
CA TRP B 75 -32.11 -34.43 47.96
C TRP B 75 -31.95 -35.94 47.88
N GLY B 76 -30.86 -36.39 47.22
CA GLY B 76 -30.25 -37.68 47.45
C GLY B 76 -31.17 -38.84 47.10
N GLU B 77 -31.52 -39.67 48.09
CA GLU B 77 -32.46 -40.77 47.88
C GLU B 77 -33.89 -40.32 48.21
N ASN B 78 -34.07 -39.02 48.52
CA ASN B 78 -35.40 -38.46 48.72
C ASN B 78 -35.81 -37.57 47.56
N LYS B 79 -35.18 -37.76 46.38
CA LYS B 79 -35.53 -37.01 45.18
C LYS B 79 -36.98 -37.31 44.82
N GLY B 80 -37.75 -36.24 44.65
CA GLY B 80 -39.18 -36.36 44.38
C GLY B 80 -40.02 -35.92 45.57
N ARG B 81 -39.39 -35.71 46.72
CA ARG B 81 -40.14 -35.43 47.93
C ARG B 81 -40.84 -34.09 47.82
N THR B 82 -40.18 -33.07 47.23
CA THR B 82 -40.76 -31.73 47.10
C THR B 82 -42.09 -31.80 46.32
N GLU B 83 -42.06 -32.50 45.18
CA GLU B 83 -43.26 -32.69 44.36
C GLU B 83 -44.36 -33.36 45.20
N GLU B 84 -44.00 -34.38 45.99
CA GLU B 84 -44.93 -35.05 46.91
C GLU B 84 -45.50 -34.06 47.92
N ILE B 85 -44.70 -33.09 48.37
CA ILE B 85 -45.17 -32.10 49.34
C ILE B 85 -46.15 -31.14 48.67
N LEU B 86 -45.92 -30.81 47.39
CA LEU B 86 -46.88 -30.01 46.64
C LEU B 86 -48.14 -30.83 46.40
N GLY B 87 -47.97 -32.14 46.18
CA GLY B 87 -49.10 -33.04 45.94
C GLY B 87 -50.06 -33.14 47.12
N SER B 88 -49.52 -33.23 48.35
CA SER B 88 -50.34 -33.25 49.56
C SER B 88 -50.90 -31.86 49.83
N TRP B 89 -50.26 -30.79 49.33
CA TRP B 89 -50.82 -29.47 49.53
C TRP B 89 -52.07 -29.32 48.67
N PHE B 90 -51.96 -29.73 47.39
CA PHE B 90 -53.09 -29.71 46.47
C PHE B 90 -54.25 -30.53 47.01
N ALA B 91 -53.98 -31.68 47.68
CA ALA B 91 -55.01 -32.63 48.09
C ALA B 91 -55.85 -32.11 49.27
N GLN B 92 -55.43 -31.00 49.88
CA GLN B 92 -56.22 -30.27 50.89
C GLN B 92 -57.36 -29.48 50.27
N GLY B 93 -57.50 -29.51 48.93
CA GLY B 93 -58.58 -28.79 48.28
C GLY B 93 -58.44 -27.28 48.46
N GLY B 94 -59.59 -26.59 48.48
CA GLY B 94 -59.62 -25.14 48.63
C GLY B 94 -59.07 -24.38 47.42
N ASP B 95 -59.17 -24.98 46.21
CA ASP B 95 -58.77 -24.32 44.97
C ASP B 95 -57.25 -24.07 44.89
N ARG B 96 -56.45 -24.83 45.65
CA ARG B 96 -55.01 -24.64 45.65
C ARG B 96 -54.44 -24.94 44.25
N ARG B 97 -54.71 -26.14 43.71
CA ARG B 97 -54.27 -26.53 42.38
C ARG B 97 -54.72 -25.48 41.34
N ASP B 98 -56.03 -25.18 41.33
CA ASP B 98 -56.66 -24.33 40.34
C ASP B 98 -55.97 -22.96 40.30
N LYS B 99 -55.60 -22.42 41.46
CA LYS B 99 -55.07 -21.08 41.56
C LYS B 99 -53.61 -21.02 41.13
N VAL B 100 -52.90 -22.15 41.09
CA VAL B 100 -51.45 -22.17 40.93
C VAL B 100 -51.09 -22.57 39.48
N VAL B 101 -50.13 -21.82 38.95
CA VAL B 101 -49.38 -22.17 37.76
C VAL B 101 -48.20 -23.05 38.22
N LEU B 102 -48.34 -24.36 37.95
CA LEU B 102 -47.44 -25.37 38.44
C LEU B 102 -46.37 -25.67 37.39
N ALA B 103 -45.12 -25.44 37.79
CA ALA B 103 -43.98 -25.65 36.92
C ALA B 103 -43.12 -26.73 37.55
N THR B 104 -42.66 -27.70 36.74
CA THR B 104 -41.67 -28.67 37.18
C THR B 104 -40.65 -28.85 36.07
N LYS B 105 -39.72 -29.80 36.29
CA LYS B 105 -38.57 -29.96 35.41
C LYS B 105 -38.34 -31.43 35.05
N VAL B 106 -37.52 -31.60 34.00
CA VAL B 106 -37.11 -32.88 33.46
C VAL B 106 -35.68 -32.72 32.92
N TYR B 107 -34.84 -33.75 33.14
CA TYR B 107 -33.44 -33.82 32.71
C TYR B 107 -32.61 -34.56 33.76
N GLY B 108 -32.85 -34.26 35.03
CA GLY B 108 -32.04 -34.80 36.11
C GLY B 108 -32.23 -36.31 36.31
N ASN B 109 -31.15 -36.96 36.73
CA ASN B 109 -31.18 -38.32 37.21
C ASN B 109 -31.98 -38.40 38.52
N MET B 110 -33.02 -39.25 38.53
CA MET B 110 -33.87 -39.47 39.70
C MET B 110 -33.40 -40.70 40.49
N GLY B 111 -32.63 -41.60 39.88
CA GLY B 111 -31.99 -42.69 40.61
C GLY B 111 -30.95 -42.15 41.60
N LEU B 112 -30.21 -43.07 42.25
CA LEU B 112 -29.08 -42.74 43.13
C LEU B 112 -28.11 -41.74 42.48
N ASP B 113 -27.60 -40.78 43.27
CA ASP B 113 -26.58 -39.83 42.85
C ASP B 113 -25.41 -40.54 42.15
N GLY B 114 -24.65 -39.79 41.34
CA GLY B 114 -23.53 -40.33 40.58
C GLY B 114 -23.86 -40.47 39.09
N PRO B 115 -23.27 -41.46 38.36
CA PRO B 115 -23.56 -41.65 36.95
C PRO B 115 -24.88 -42.38 36.75
N ALA B 116 -25.71 -41.85 35.85
CA ALA B 116 -27.07 -42.32 35.62
C ALA B 116 -27.06 -43.55 34.71
N TRP B 117 -28.04 -44.43 34.92
CA TRP B 117 -28.35 -45.45 33.93
C TRP B 117 -28.67 -44.75 32.60
N PRO B 118 -28.28 -45.28 31.42
CA PRO B 118 -28.56 -44.62 30.15
C PRO B 118 -30.05 -44.37 29.88
N ASN B 119 -30.37 -43.09 29.62
CA ASN B 119 -31.71 -42.63 29.26
C ASN B 119 -32.56 -42.47 30.51
N HIS B 120 -31.91 -42.48 31.68
CA HIS B 120 -32.56 -42.15 32.93
C HIS B 120 -32.15 -40.76 33.37
N ASP B 121 -31.42 -40.07 32.49
CA ASP B 121 -31.29 -38.61 32.54
C ASP B 121 -31.35 -38.06 31.12
N LYS B 122 -31.30 -36.72 31.03
CA LYS B 122 -31.29 -35.95 29.79
C LYS B 122 -32.66 -35.97 29.10
N LEU B 123 -32.68 -35.74 27.77
CA LEU B 123 -33.93 -35.27 27.15
C LEU B 123 -34.37 -36.16 25.98
N SER B 124 -33.98 -37.44 26.00
CA SER B 124 -34.58 -38.41 25.09
C SER B 124 -36.10 -38.41 25.24
N ALA B 125 -36.79 -38.82 24.18
CA ALA B 125 -38.22 -39.02 24.34
C ALA B 125 -38.47 -40.07 25.43
N LEU B 126 -37.53 -41.02 25.59
CA LEU B 126 -37.66 -42.10 26.58
C LEU B 126 -37.63 -41.51 27.99
N ASN B 127 -36.67 -40.63 28.29
CA ASN B 127 -36.60 -40.05 29.62
C ASN B 127 -37.76 -39.08 29.83
N ILE B 128 -38.16 -38.35 28.79
CA ILE B 128 -39.28 -37.43 28.97
C ILE B 128 -40.54 -38.19 29.40
N ARG B 129 -40.85 -39.28 28.70
CA ARG B 129 -42.03 -40.07 29.03
C ARG B 129 -42.05 -40.58 30.47
N ARG B 130 -40.95 -41.21 30.91
CA ARG B 130 -40.88 -41.80 32.24
C ARG B 130 -40.83 -40.71 33.31
N SER B 131 -40.14 -39.59 33.05
CA SER B 131 -40.07 -38.49 34.03
C SER B 131 -41.42 -37.83 34.31
N VAL B 132 -42.19 -37.54 33.26
CA VAL B 132 -43.45 -36.80 33.44
C VAL B 132 -44.47 -37.69 34.14
N ASP B 133 -44.51 -38.98 33.80
CA ASP B 133 -45.38 -39.93 34.47
C ASP B 133 -45.15 -39.92 35.98
N ALA B 134 -43.88 -40.02 36.39
CA ALA B 134 -43.52 -40.02 37.81
C ALA B 134 -43.82 -38.66 38.46
N SER B 135 -43.53 -37.54 37.77
CA SER B 135 -43.79 -36.23 38.34
C SER B 135 -45.31 -36.05 38.56
N LEU B 136 -46.15 -36.52 37.62
CA LEU B 136 -47.59 -36.34 37.75
C LEU B 136 -48.13 -37.17 38.92
N LYS B 137 -47.60 -38.40 39.09
CA LYS B 137 -48.04 -39.22 40.20
C LYS B 137 -47.64 -38.56 41.53
N ARG B 138 -46.38 -38.10 41.68
CA ARG B 138 -45.94 -37.48 42.92
C ARG B 138 -46.73 -36.22 43.21
N LEU B 139 -47.03 -35.42 42.17
CA LEU B 139 -47.70 -34.13 42.31
C LEU B 139 -49.20 -34.31 42.54
N GLY B 140 -49.75 -35.52 42.35
CA GLY B 140 -51.15 -35.77 42.60
C GLY B 140 -52.01 -34.84 41.75
N THR B 141 -51.66 -34.72 40.46
CA THR B 141 -52.39 -33.84 39.55
C THR B 141 -52.32 -34.46 38.16
N ASP B 142 -53.33 -34.15 37.34
CA ASP B 142 -53.43 -34.75 36.02
C ASP B 142 -52.70 -33.90 34.97
N HIS B 143 -52.18 -32.71 35.35
CA HIS B 143 -51.45 -31.87 34.39
C HIS B 143 -50.45 -30.97 35.10
N ILE B 144 -49.36 -30.71 34.36
CA ILE B 144 -48.36 -29.70 34.66
C ILE B 144 -48.59 -28.49 33.72
N ASP B 145 -48.58 -27.27 34.29
CA ASP B 145 -48.82 -26.07 33.50
C ASP B 145 -47.59 -25.71 32.70
N LEU B 146 -46.40 -25.74 33.34
CA LEU B 146 -45.18 -25.37 32.67
C LEU B 146 -44.15 -26.45 32.95
N TYR B 147 -43.82 -27.22 31.90
CA TYR B 147 -42.84 -28.28 31.98
C TYR B 147 -41.53 -27.83 31.37
N GLN B 148 -40.46 -27.84 32.16
CA GLN B 148 -39.22 -27.19 31.78
C GLN B 148 -38.10 -28.21 31.68
N PHE B 149 -37.31 -28.10 30.62
CA PHE B 149 -36.01 -28.75 30.56
C PHE B 149 -35.09 -28.13 31.61
N HIS B 150 -34.47 -28.98 32.44
CA HIS B 150 -33.63 -28.51 33.54
C HIS B 150 -32.28 -28.03 33.01
N HIS B 151 -31.89 -28.48 31.82
CA HIS B 151 -30.65 -28.04 31.19
C HIS B 151 -30.74 -28.42 29.71
N VAL B 152 -29.93 -27.75 28.88
CA VAL B 152 -29.77 -28.15 27.50
C VAL B 152 -29.15 -29.54 27.46
N ASP B 153 -29.63 -30.31 26.49
CA ASP B 153 -29.06 -31.60 26.11
C ASP B 153 -28.69 -31.57 24.62
N ARG B 154 -27.40 -31.48 24.34
CA ARG B 154 -26.90 -31.24 23.00
C ARG B 154 -26.88 -32.53 22.17
N ASP B 155 -27.26 -33.66 22.77
CA ASP B 155 -27.29 -34.93 22.06
C ASP B 155 -28.71 -35.24 21.58
N THR B 156 -29.71 -34.46 21.98
CA THR B 156 -31.09 -34.74 21.57
C THR B 156 -31.57 -33.68 20.57
N PRO B 157 -31.91 -34.05 19.33
CA PRO B 157 -32.42 -33.08 18.35
C PRO B 157 -33.84 -32.60 18.71
N TRP B 158 -34.19 -31.40 18.27
CA TRP B 158 -35.45 -30.78 18.65
C TRP B 158 -36.67 -31.47 18.04
N ASP B 159 -36.50 -32.18 16.92
CA ASP B 159 -37.65 -32.88 16.37
C ASP B 159 -38.01 -34.04 17.31
N GLU B 160 -37.04 -34.62 18.03
CA GLU B 160 -37.34 -35.62 19.04
C GLU B 160 -37.99 -34.97 20.26
N ILE B 161 -37.38 -33.90 20.79
CA ILE B 161 -37.91 -33.23 21.97
C ILE B 161 -39.34 -32.75 21.70
N TRP B 162 -39.58 -32.04 20.59
CA TRP B 162 -40.92 -31.52 20.32
C TRP B 162 -41.93 -32.64 20.02
N GLN B 163 -41.52 -33.83 19.54
CA GLN B 163 -42.47 -34.95 19.46
C GLN B 163 -42.95 -35.33 20.87
N ALA B 164 -42.00 -35.54 21.79
CA ALA B 164 -42.31 -35.95 23.15
C ALA B 164 -43.23 -34.94 23.84
N MET B 165 -42.89 -33.64 23.74
CA MET B 165 -43.69 -32.61 24.36
C MET B 165 -45.08 -32.55 23.72
N ASP B 166 -45.10 -32.73 22.39
CA ASP B 166 -46.35 -32.59 21.65
C ASP B 166 -47.32 -33.70 22.04
N VAL B 167 -46.80 -34.91 22.25
CA VAL B 167 -47.59 -36.00 22.78
C VAL B 167 -48.25 -35.59 24.10
N LEU B 168 -47.48 -35.00 25.02
CA LEU B 168 -48.03 -34.62 26.32
C LEU B 168 -49.05 -33.49 26.17
N VAL B 169 -48.82 -32.56 25.24
CA VAL B 169 -49.73 -31.43 25.07
C VAL B 169 -51.08 -31.95 24.56
N ARG B 170 -51.04 -32.93 23.64
CA ARG B 170 -52.24 -33.44 22.99
C ARG B 170 -53.07 -34.29 23.94
N GLN B 171 -52.40 -35.04 24.81
CA GLN B 171 -53.05 -35.75 25.90
C GLN B 171 -53.51 -34.79 27.01
N GLY B 172 -53.10 -33.53 26.96
CA GLY B 172 -53.53 -32.60 27.98
C GLY B 172 -52.76 -32.73 29.30
N LYS B 173 -51.58 -33.36 29.29
CA LYS B 173 -50.81 -33.57 30.50
C LYS B 173 -49.89 -32.37 30.77
N ILE B 174 -49.51 -31.60 29.74
CA ILE B 174 -48.84 -30.32 29.91
C ILE B 174 -49.55 -29.25 29.09
N LEU B 175 -49.37 -27.98 29.46
CA LEU B 175 -49.85 -26.83 28.71
C LEU B 175 -48.68 -26.19 27.96
N TYR B 176 -47.65 -25.78 28.71
CA TYR B 176 -46.55 -24.99 28.19
C TYR B 176 -45.22 -25.69 28.46
N VAL B 177 -44.22 -25.31 27.65
CA VAL B 177 -42.89 -25.86 27.71
C VAL B 177 -41.93 -24.71 27.96
N GLY B 178 -40.97 -24.93 28.87
CA GLY B 178 -39.93 -23.96 29.10
C GLY B 178 -38.54 -24.58 29.13
N SER B 179 -37.53 -23.72 29.10
CA SER B 179 -36.14 -24.12 29.20
C SER B 179 -35.51 -23.64 30.52
N SER B 180 -34.32 -24.18 30.79
CA SER B 180 -33.51 -23.75 31.91
C SER B 180 -32.06 -24.09 31.59
N ASN B 181 -31.16 -23.17 31.93
CA ASN B 181 -29.76 -23.34 31.60
C ASN B 181 -29.62 -23.70 30.12
N PHE B 182 -30.15 -22.82 29.24
CA PHE B 182 -29.87 -22.92 27.81
C PHE B 182 -28.85 -21.85 27.41
N ALA B 183 -28.21 -22.05 26.26
CA ALA B 183 -27.59 -20.94 25.54
C ALA B 183 -28.64 -20.23 24.67
N GLY B 184 -28.36 -18.98 24.30
CA GLY B 184 -29.21 -18.21 23.41
C GLY B 184 -29.60 -18.98 22.14
N TRP B 185 -28.60 -19.59 21.49
CA TRP B 185 -28.81 -20.26 20.21
C TRP B 185 -29.69 -21.52 20.33
N ASN B 186 -29.77 -22.10 21.56
CA ASN B 186 -30.58 -23.27 21.84
C ASN B 186 -32.05 -22.85 21.92
N ILE B 187 -32.28 -21.67 22.52
CA ILE B 187 -33.57 -21.00 22.55
C ILE B 187 -34.09 -20.76 21.13
N ALA B 188 -33.26 -20.09 20.31
CA ALA B 188 -33.60 -19.80 18.92
C ALA B 188 -33.86 -21.10 18.15
N GLN B 189 -32.99 -22.10 18.28
CA GLN B 189 -33.16 -23.32 17.48
C GLN B 189 -34.45 -24.03 17.87
N ALA B 190 -34.74 -24.03 19.18
CA ALA B 190 -35.94 -24.69 19.68
C ALA B 190 -37.19 -24.01 19.13
N ASN B 191 -37.26 -22.68 19.21
CA ASN B 191 -38.49 -21.96 18.88
C ASN B 191 -38.68 -21.91 17.37
N GLU B 192 -37.58 -21.88 16.58
CA GLU B 192 -37.66 -21.92 15.12
C GLU B 192 -38.17 -23.30 14.69
N THR B 193 -37.68 -24.38 15.31
CA THR B 193 -38.17 -25.73 15.00
C THR B 193 -39.65 -25.91 15.36
N ALA B 194 -40.05 -25.42 16.52
CA ALA B 194 -41.44 -25.49 16.90
C ALA B 194 -42.29 -24.74 15.88
N ALA B 195 -41.87 -23.51 15.55
CA ALA B 195 -42.62 -22.61 14.68
C ALA B 195 -42.91 -23.23 13.32
N ARG B 196 -41.95 -23.95 12.75
CA ARG B 196 -42.16 -24.39 11.39
C ARG B 196 -43.29 -25.43 11.31
N HIS B 197 -43.64 -26.07 12.42
CA HIS B 197 -44.77 -27.00 12.37
C HIS B 197 -45.92 -26.53 13.25
N GLY B 198 -45.95 -25.22 13.57
CA GLY B 198 -47.12 -24.60 14.15
C GLY B 198 -47.23 -24.74 15.67
N ARG B 199 -46.23 -25.38 16.30
CA ARG B 199 -46.22 -25.61 17.74
C ARG B 199 -45.78 -24.35 18.49
N LEU B 200 -46.34 -24.18 19.70
CA LEU B 200 -45.89 -23.14 20.61
C LEU B 200 -44.52 -23.56 21.15
N GLY B 201 -43.53 -22.67 21.03
CA GLY B 201 -42.21 -23.06 21.50
C GLY B 201 -42.05 -22.83 23.00
N LEU B 202 -40.79 -22.73 23.41
CA LEU B 202 -40.43 -22.32 24.76
C LEU B 202 -41.20 -21.05 25.07
N VAL B 203 -41.74 -20.98 26.29
CA VAL B 203 -42.42 -19.77 26.77
C VAL B 203 -41.61 -19.05 27.84
N SER B 204 -40.56 -19.69 28.36
CA SER B 204 -39.77 -19.15 29.45
C SER B 204 -38.40 -19.80 29.45
N GLU B 205 -37.39 -19.06 29.88
CA GLU B 205 -36.06 -19.57 30.21
C GLU B 205 -35.71 -19.22 31.66
N GLN B 206 -35.21 -20.22 32.39
CA GLN B 206 -34.78 -20.06 33.77
C GLN B 206 -33.25 -20.09 33.74
N CYS B 207 -32.63 -18.90 33.88
CA CYS B 207 -31.18 -18.78 33.82
C CYS B 207 -30.63 -18.25 35.15
N LEU B 208 -29.35 -18.59 35.42
CA LEU B 208 -28.63 -18.02 36.54
C LEU B 208 -28.35 -16.56 36.22
N TYR B 209 -28.91 -15.67 37.04
CA TYR B 209 -28.78 -14.24 36.78
C TYR B 209 -28.94 -13.49 38.10
N ASN B 210 -27.96 -12.64 38.39
CA ASN B 210 -27.92 -11.83 39.60
C ASN B 210 -26.75 -10.86 39.46
N LEU B 211 -26.66 -9.91 40.42
CA LEU B 211 -25.60 -8.91 40.40
C LEU B 211 -24.22 -9.53 40.17
N CYS B 212 -23.92 -10.65 40.85
CA CYS B 212 -22.61 -11.29 40.73
C CYS B 212 -22.40 -11.94 39.37
N GLU B 213 -23.42 -12.65 38.86
CA GLU B 213 -23.27 -13.36 37.59
C GLU B 213 -24.25 -12.79 36.57
N ARG B 214 -23.70 -12.04 35.61
CA ARG B 214 -24.49 -11.29 34.66
C ARG B 214 -24.22 -11.76 33.21
N ARG B 215 -23.51 -12.86 33.04
CA ARG B 215 -23.13 -13.24 31.69
C ARG B 215 -24.31 -13.78 30.89
N ALA B 216 -25.47 -14.03 31.51
CA ALA B 216 -26.71 -14.30 30.79
C ALA B 216 -27.05 -13.11 29.88
N GLU B 217 -26.49 -11.94 30.18
CA GLU B 217 -26.75 -10.73 29.42
C GLU B 217 -26.12 -10.79 28.03
N MET B 218 -25.14 -11.66 27.83
CA MET B 218 -24.40 -11.66 26.58
C MET B 218 -25.29 -12.16 25.44
N GLU B 219 -25.92 -13.31 25.63
CA GLU B 219 -26.72 -13.91 24.58
C GLU B 219 -28.03 -14.59 25.06
N VAL B 220 -28.07 -15.10 26.28
CA VAL B 220 -29.26 -15.80 26.76
C VAL B 220 -30.45 -14.84 26.85
N VAL B 221 -30.28 -13.70 27.53
CA VAL B 221 -31.40 -12.77 27.71
C VAL B 221 -31.77 -12.10 26.38
N PRO B 222 -30.82 -11.62 25.56
CA PRO B 222 -31.18 -11.10 24.23
C PRO B 222 -32.00 -12.06 23.37
N ALA B 223 -31.62 -13.34 23.37
CA ALA B 223 -32.33 -14.37 22.59
C ALA B 223 -33.75 -14.57 23.17
N ALA B 224 -33.84 -14.63 24.51
CA ALA B 224 -35.12 -14.89 25.13
C ALA B 224 -36.08 -13.76 24.76
N ARG B 225 -35.57 -12.52 24.83
CA ARG B 225 -36.36 -11.36 24.48
C ARG B 225 -36.76 -11.35 23.00
N GLU B 226 -35.83 -11.60 22.10
CA GLU B 226 -36.16 -11.70 20.67
C GLU B 226 -37.31 -12.71 20.46
N TYR B 227 -37.25 -13.86 21.12
CA TYR B 227 -38.20 -14.92 20.88
C TYR B 227 -39.42 -14.84 21.80
N GLY B 228 -39.47 -13.85 22.69
CA GLY B 228 -40.66 -13.64 23.50
C GLY B 228 -40.84 -14.70 24.58
N LEU B 229 -39.73 -15.16 25.19
CA LEU B 229 -39.74 -16.01 26.36
C LEU B 229 -39.76 -15.13 27.60
N GLY B 230 -40.47 -15.54 28.64
CA GLY B 230 -40.21 -15.00 29.98
C GLY B 230 -38.79 -15.31 30.40
N VAL B 231 -38.20 -14.43 31.23
CA VAL B 231 -36.93 -14.75 31.86
C VAL B 231 -37.12 -14.80 33.39
N ILE B 232 -36.89 -16.00 33.94
CA ILE B 232 -36.92 -16.27 35.36
C ILE B 232 -35.48 -16.41 35.90
N ALA B 233 -35.13 -15.62 36.92
CA ALA B 233 -33.77 -15.66 37.47
C ALA B 233 -33.69 -16.62 38.65
N TRP B 234 -32.91 -17.71 38.51
CA TRP B 234 -32.61 -18.59 39.64
C TRP B 234 -31.26 -18.18 40.28
N SER B 235 -31.17 -18.52 41.59
CA SER B 235 -30.07 -18.09 42.44
C SER B 235 -29.97 -16.56 42.43
N PRO B 236 -31.08 -15.85 42.71
CA PRO B 236 -31.10 -14.38 42.62
C PRO B 236 -30.21 -13.70 43.64
N LEU B 237 -29.77 -14.46 44.65
CA LEU B 237 -28.84 -13.96 45.66
C LEU B 237 -27.45 -14.57 45.48
N HIS B 238 -27.20 -15.25 44.35
CA HIS B 238 -25.95 -15.95 44.10
C HIS B 238 -25.53 -16.81 45.30
N GLY B 239 -26.43 -17.71 45.74
CA GLY B 239 -26.16 -18.65 46.81
C GLY B 239 -26.15 -18.02 48.21
N GLY B 240 -26.78 -16.85 48.38
CA GLY B 240 -26.78 -16.13 49.64
C GLY B 240 -25.62 -15.13 49.75
N LEU B 241 -24.72 -15.11 48.78
CA LEU B 241 -23.59 -14.19 48.80
C LEU B 241 -24.04 -12.73 48.69
N LEU B 242 -25.28 -12.48 48.25
CA LEU B 242 -25.80 -11.12 48.16
C LEU B 242 -26.86 -10.87 49.23
N GLY B 243 -27.03 -11.83 50.16
CA GLY B 243 -28.01 -11.71 51.23
C GLY B 243 -27.44 -11.13 52.53
N GLY B 244 -26.23 -10.54 52.45
CA GLY B 244 -25.53 -9.94 53.58
C GLY B 244 -24.63 -10.96 54.28
N ALA B 245 -23.79 -11.64 53.48
CA ALA B 245 -23.05 -12.81 53.95
C ALA B 245 -21.78 -12.41 54.72
N ILE B 246 -21.30 -11.16 54.53
CA ILE B 246 -20.16 -10.63 55.28
C ILE B 246 -20.61 -10.22 56.69
N ARG B 247 -21.80 -9.62 56.80
CA ARG B 247 -22.38 -9.28 58.11
C ARG B 247 -22.65 -10.55 58.91
N LYS B 248 -23.11 -11.62 58.24
CA LYS B 248 -23.42 -12.89 58.89
C LYS B 248 -22.14 -13.64 59.28
N GLU B 249 -21.01 -13.30 58.63
CA GLU B 249 -19.75 -14.00 58.81
C GLU B 249 -19.23 -13.85 60.23
N GLN B 250 -19.23 -12.60 60.74
CA GLN B 250 -18.85 -12.31 62.13
C GLN B 250 -17.55 -13.04 62.50
N ASP B 268 -11.21 -15.04 48.76
CA ASP B 268 -10.75 -14.40 47.50
C ASP B 268 -10.78 -12.89 47.74
N PRO B 269 -9.62 -12.18 47.75
CA PRO B 269 -9.57 -10.75 48.07
C PRO B 269 -10.40 -9.84 47.17
N GLN B 270 -10.51 -10.20 45.88
CA GLN B 270 -11.27 -9.42 44.91
C GLN B 270 -12.77 -9.69 45.07
N GLN B 271 -13.16 -10.97 45.19
CA GLN B 271 -14.56 -11.36 45.31
C GLN B 271 -15.18 -10.68 46.53
N ARG B 272 -14.53 -10.85 47.71
CA ARG B 272 -14.96 -10.25 48.96
C ARG B 272 -15.06 -8.73 48.86
N GLU B 273 -14.07 -8.10 48.19
CA GLU B 273 -14.04 -6.65 48.08
C GLU B 273 -15.37 -6.16 47.51
N GLN B 274 -15.86 -6.76 46.42
CA GLN B 274 -17.12 -6.36 45.80
C GLN B 274 -18.26 -6.37 46.83
N ILE B 275 -18.40 -7.52 47.49
CA ILE B 275 -19.56 -7.78 48.34
C ILE B 275 -19.48 -6.87 49.57
N GLN B 276 -18.25 -6.54 49.96
CA GLN B 276 -17.96 -5.49 50.93
C GLN B 276 -18.52 -4.16 50.44
N ARG B 277 -18.09 -3.70 49.25
CA ARG B 277 -18.53 -2.40 48.74
C ARG B 277 -20.05 -2.39 48.69
N TYR B 278 -20.65 -3.55 48.35
CA TYR B 278 -22.09 -3.74 48.23
C TYR B 278 -22.75 -3.55 49.59
N GLU B 279 -22.31 -4.31 50.59
CA GLU B 279 -22.91 -4.28 51.92
C GLU B 279 -22.73 -2.91 52.57
N ASP B 280 -21.57 -2.28 52.33
CA ASP B 280 -21.30 -0.95 52.84
C ASP B 280 -22.21 0.05 52.13
N LEU B 281 -22.42 -0.08 50.80
CA LEU B 281 -23.28 0.86 50.10
C LEU B 281 -24.70 0.83 50.64
N LEU B 282 -25.18 -0.36 51.05
CA LEU B 282 -26.58 -0.55 51.39
C LEU B 282 -26.88 -0.12 52.84
N ASP B 283 -25.90 -0.31 53.75
CA ASP B 283 -25.88 0.35 55.07
C ASP B 283 -26.16 1.85 54.91
N LYS B 284 -25.37 2.51 54.05
CA LYS B 284 -25.46 3.95 53.83
C LYS B 284 -26.83 4.37 53.29
N HIS B 285 -27.69 3.40 52.92
CA HIS B 285 -28.98 3.73 52.33
C HIS B 285 -30.16 3.09 53.05
N GLY B 286 -29.90 2.32 54.12
CA GLY B 286 -30.95 1.65 54.89
C GLY B 286 -31.71 0.61 54.07
N LEU B 287 -30.95 -0.23 53.34
CA LEU B 287 -31.48 -1.23 52.42
C LEU B 287 -30.95 -2.61 52.80
N GLU B 288 -31.85 -3.61 52.91
CA GLU B 288 -31.44 -4.94 53.32
C GLU B 288 -30.93 -5.67 52.08
N PRO B 289 -29.73 -6.31 52.11
CA PRO B 289 -29.13 -6.93 50.92
C PRO B 289 -29.97 -7.92 50.11
N GLY B 290 -30.63 -8.85 50.79
CA GLY B 290 -31.51 -9.81 50.15
C GLY B 290 -32.61 -9.15 49.34
N GLU B 291 -33.25 -8.14 49.92
CA GLU B 291 -34.31 -7.42 49.24
C GLU B 291 -33.79 -6.75 47.97
N VAL B 292 -32.59 -6.15 48.03
CA VAL B 292 -32.03 -5.35 46.94
C VAL B 292 -31.69 -6.26 45.75
N ALA B 293 -31.09 -7.42 46.00
CA ALA B 293 -30.73 -8.34 44.94
C ALA B 293 -31.97 -8.73 44.14
N LEU B 294 -33.08 -9.00 44.83
CA LEU B 294 -34.35 -9.33 44.19
C LEU B 294 -34.88 -8.14 43.40
N ALA B 295 -34.93 -6.94 44.00
CA ALA B 295 -35.48 -5.74 43.35
C ALA B 295 -34.65 -5.29 42.14
N TRP B 296 -33.34 -5.53 42.20
CA TRP B 296 -32.46 -5.19 41.11
C TRP B 296 -32.83 -6.02 39.87
N LEU B 297 -32.98 -7.34 40.09
CA LEU B 297 -33.43 -8.23 39.02
C LEU B 297 -34.74 -7.76 38.40
N LEU B 298 -35.67 -7.27 39.24
CA LEU B 298 -36.96 -6.80 38.75
C LEU B 298 -36.82 -5.53 37.91
N THR B 299 -35.65 -4.87 37.90
CA THR B 299 -35.42 -3.74 37.00
C THR B 299 -34.75 -4.16 35.67
N ARG B 300 -34.35 -5.41 35.50
CA ARG B 300 -33.61 -5.78 34.29
C ARG B 300 -34.60 -5.99 33.15
N PRO B 301 -34.33 -5.38 31.96
CA PRO B 301 -35.14 -5.60 30.75
C PRO B 301 -35.29 -7.08 30.44
N GLY B 302 -36.55 -7.48 30.22
CA GLY B 302 -36.88 -8.84 29.85
C GLY B 302 -37.07 -9.79 31.03
N VAL B 303 -36.79 -9.33 32.26
CA VAL B 303 -36.88 -10.25 33.39
C VAL B 303 -38.33 -10.34 33.88
N THR B 304 -38.89 -11.54 33.84
CA THR B 304 -40.20 -11.81 34.46
C THR B 304 -40.09 -11.58 35.97
N GLY B 305 -39.13 -12.28 36.58
CA GLY B 305 -38.87 -12.11 38.00
C GLY B 305 -37.89 -13.16 38.51
N PRO B 306 -37.42 -12.99 39.77
CA PRO B 306 -36.59 -13.99 40.43
C PRO B 306 -37.39 -15.11 41.10
N ILE B 307 -36.77 -16.28 41.18
CA ILE B 307 -37.25 -17.37 42.01
C ILE B 307 -36.82 -17.08 43.44
N VAL B 308 -37.80 -16.93 44.32
CA VAL B 308 -37.55 -16.71 45.72
C VAL B 308 -37.71 -18.06 46.42
N GLY B 309 -36.73 -18.42 47.24
CA GLY B 309 -36.73 -19.70 47.96
C GLY B 309 -36.76 -19.55 49.48
N PRO B 310 -37.91 -19.17 50.08
CA PRO B 310 -38.00 -19.01 51.53
C PRO B 310 -38.14 -20.33 52.29
N ARG B 311 -37.43 -20.44 53.43
CA ARG B 311 -37.47 -21.56 54.37
C ARG B 311 -38.59 -21.34 55.40
N THR B 312 -38.92 -20.06 55.63
CA THR B 312 -39.89 -19.62 56.63
C THR B 312 -40.86 -18.59 56.03
N ALA B 313 -42.01 -18.37 56.68
CA ALA B 313 -42.94 -17.33 56.30
C ALA B 313 -42.31 -15.93 56.42
N ASP B 314 -41.26 -15.79 57.24
CA ASP B 314 -40.60 -14.51 57.46
C ASP B 314 -39.74 -14.13 56.25
N GLN B 315 -39.07 -15.13 55.66
CA GLN B 315 -38.34 -14.91 54.42
C GLN B 315 -39.30 -14.61 53.25
N LEU B 316 -40.51 -15.19 53.26
CA LEU B 316 -41.49 -14.83 52.23
C LEU B 316 -41.89 -13.37 52.36
N ALA B 317 -42.23 -12.91 53.58
CA ALA B 317 -42.64 -11.53 53.76
C ALA B 317 -41.53 -10.57 53.31
N SER B 318 -40.28 -10.96 53.55
CA SER B 318 -39.15 -10.16 53.06
C SER B 318 -39.14 -10.09 51.53
N ALA B 319 -39.33 -11.24 50.86
CA ALA B 319 -39.33 -11.28 49.41
C ALA B 319 -40.44 -10.37 48.86
N VAL B 320 -41.60 -10.42 49.53
CA VAL B 320 -42.74 -9.60 49.13
C VAL B 320 -42.41 -8.12 49.24
N ARG B 321 -41.68 -7.72 50.29
CA ARG B 321 -41.27 -6.33 50.47
C ARG B 321 -40.34 -5.94 49.33
N ALA B 322 -39.48 -6.89 48.92
CA ALA B 322 -38.47 -6.66 47.91
C ALA B 322 -39.14 -6.34 46.57
N ALA B 323 -40.33 -6.90 46.34
CA ALA B 323 -41.07 -6.67 45.11
C ALA B 323 -41.78 -5.31 45.11
N GLU B 324 -41.91 -4.67 46.28
CA GLU B 324 -42.53 -3.35 46.41
C GLU B 324 -41.49 -2.25 46.57
N LEU B 325 -40.26 -2.62 46.92
CA LEU B 325 -39.14 -1.71 47.02
C LEU B 325 -38.85 -1.08 45.65
N THR B 326 -38.55 0.23 45.62
CA THR B 326 -38.01 0.89 44.44
C THR B 326 -36.59 1.34 44.74
N LEU B 327 -35.62 0.90 43.93
CA LEU B 327 -34.26 1.38 44.04
C LEU B 327 -34.15 2.68 43.23
N THR B 328 -33.54 3.71 43.83
CA THR B 328 -33.36 4.96 43.12
C THR B 328 -32.28 4.80 42.05
N ASP B 329 -32.30 5.72 41.07
CA ASP B 329 -31.36 5.75 39.96
C ASP B 329 -29.92 5.83 40.48
N GLU B 330 -29.74 6.51 41.61
CA GLU B 330 -28.43 6.67 42.22
C GLU B 330 -27.91 5.30 42.70
N VAL B 331 -28.79 4.48 43.29
CA VAL B 331 -28.41 3.19 43.86
C VAL B 331 -28.12 2.19 42.73
N LEU B 332 -28.99 2.17 41.71
CA LEU B 332 -28.80 1.37 40.50
C LEU B 332 -27.45 1.67 39.84
N THR B 333 -27.07 2.95 39.77
CA THR B 333 -25.81 3.35 39.13
C THR B 333 -24.63 2.76 39.90
N ALA B 334 -24.68 2.89 41.24
CA ALA B 334 -23.62 2.37 42.09
C ALA B 334 -23.58 0.84 42.05
N LEU B 335 -24.75 0.20 41.96
CA LEU B 335 -24.81 -1.26 41.86
C LEU B 335 -24.15 -1.71 40.57
N ASP B 336 -24.46 -0.99 39.49
CA ASP B 336 -23.90 -1.28 38.18
C ASP B 336 -22.38 -1.16 38.18
N GLU B 337 -21.82 -0.22 38.97
CA GLU B 337 -20.37 0.00 38.98
C GLU B 337 -19.64 -1.05 39.82
N ILE B 338 -20.25 -1.50 40.92
CA ILE B 338 -19.63 -2.55 41.73
C ILE B 338 -19.71 -3.88 40.98
N PHE B 339 -20.87 -4.12 40.34
CA PHE B 339 -21.15 -5.37 39.65
C PHE B 339 -21.40 -5.09 38.16
N PRO B 340 -20.35 -4.79 37.35
CA PRO B 340 -20.54 -4.43 35.95
C PRO B 340 -20.97 -5.66 35.14
N GLY B 341 -21.89 -5.45 34.20
CA GLY B 341 -22.34 -6.51 33.30
C GLY B 341 -21.55 -6.50 32.00
N PRO B 342 -21.50 -7.62 31.25
CA PRO B 342 -20.79 -7.62 29.96
C PRO B 342 -21.52 -6.88 28.84
N GLY B 343 -22.84 -6.71 28.96
CA GLY B 343 -23.66 -6.29 27.85
C GLY B 343 -23.77 -7.40 26.80
N PRO B 344 -24.48 -7.18 25.67
CA PRO B 344 -24.68 -8.22 24.66
C PRO B 344 -23.47 -8.51 23.77
N SER B 345 -23.38 -9.77 23.33
CA SER B 345 -22.44 -10.12 22.27
C SER B 345 -22.99 -9.63 20.94
N PRO B 346 -22.13 -9.29 19.95
CA PRO B 346 -20.67 -9.35 20.09
C PRO B 346 -19.95 -8.18 20.79
N GLU B 347 -20.68 -7.10 21.13
CA GLU B 347 -20.05 -5.95 21.77
C GLU B 347 -19.29 -6.34 23.04
N ALA B 348 -19.72 -7.44 23.70
CA ALA B 348 -19.15 -7.85 24.98
C ALA B 348 -17.71 -8.36 24.86
N PHE B 349 -17.27 -8.84 23.69
CA PHE B 349 -15.88 -9.26 23.53
C PHE B 349 -15.24 -8.62 22.31
N ALA B 350 -16.04 -7.98 21.46
CA ALA B 350 -15.55 -7.48 20.19
C ALA B 350 -15.97 -6.02 20.05
N TRP B 351 -16.93 -5.73 19.18
CA TRP B 351 -17.46 -4.39 19.06
C TRP B 351 -18.90 -4.45 18.49
N MET C 21 -38.07 -44.54 -35.68
CA MET C 21 -37.43 -44.22 -34.37
C MET C 21 -38.47 -44.37 -33.28
N GLU C 22 -38.11 -45.05 -32.18
CA GLU C 22 -38.98 -45.13 -31.03
C GLU C 22 -38.72 -43.91 -30.13
N TYR C 23 -39.80 -43.26 -29.70
CA TYR C 23 -39.77 -42.12 -28.80
C TYR C 23 -40.36 -42.53 -27.45
N THR C 24 -39.91 -41.86 -26.37
CA THR C 24 -40.47 -42.05 -25.05
C THR C 24 -40.42 -40.75 -24.26
N GLN C 25 -41.22 -40.69 -23.19
CA GLN C 25 -41.13 -39.61 -22.22
C GLN C 25 -39.81 -39.81 -21.48
N LEU C 26 -39.07 -38.71 -21.27
CA LEU C 26 -37.93 -38.74 -20.38
C LEU C 26 -38.44 -38.79 -18.93
N GLY C 27 -38.47 -40.02 -18.39
CA GLY C 27 -39.03 -40.28 -17.07
C GLY C 27 -40.43 -39.69 -16.97
N ARG C 28 -40.68 -38.89 -15.93
CA ARG C 28 -42.04 -38.41 -15.62
C ARG C 28 -42.35 -37.10 -16.34
N ILE C 29 -41.35 -36.44 -16.97
CA ILE C 29 -41.57 -35.11 -17.50
C ILE C 29 -42.18 -35.19 -18.89
N GLY C 30 -42.58 -34.02 -19.44
CA GLY C 30 -43.36 -33.95 -20.67
C GLY C 30 -42.50 -33.94 -21.94
N LEU C 31 -41.19 -33.94 -21.74
CA LEU C 31 -40.23 -33.89 -22.81
C LEU C 31 -40.12 -35.28 -23.44
N LYS C 32 -40.24 -35.30 -24.78
CA LYS C 32 -40.17 -36.53 -25.52
C LYS C 32 -38.80 -36.62 -26.20
N VAL C 33 -38.17 -37.78 -26.03
CA VAL C 33 -36.87 -38.08 -26.59
C VAL C 33 -36.90 -39.40 -27.37
N SER C 34 -35.95 -39.48 -28.32
CA SER C 34 -35.65 -40.71 -29.04
C SER C 34 -35.02 -41.71 -28.07
N ARG C 35 -35.22 -43.03 -28.27
CA ARG C 35 -34.64 -44.01 -27.37
C ARG C 35 -33.15 -44.24 -27.66
N LEU C 36 -32.58 -43.46 -28.60
CA LEU C 36 -31.14 -43.43 -28.82
C LEU C 36 -30.69 -42.04 -28.44
N VAL C 37 -29.62 -41.97 -27.64
CA VAL C 37 -29.06 -40.68 -27.24
C VAL C 37 -27.76 -40.49 -28.01
N LEU C 38 -27.67 -39.45 -28.84
CA LEU C 38 -26.45 -39.25 -29.59
C LEU C 38 -25.38 -38.68 -28.67
N GLY C 39 -24.52 -39.57 -28.18
CA GLY C 39 -23.26 -39.13 -27.62
C GLY C 39 -22.42 -38.54 -28.72
N THR C 40 -22.16 -37.23 -28.64
CA THR C 40 -21.10 -36.64 -29.42
C THR C 40 -19.80 -37.06 -28.71
N MET C 41 -19.61 -38.40 -28.70
CA MET C 41 -18.56 -39.07 -27.95
C MET C 41 -17.92 -38.10 -26.94
N GLU C 49 -14.67 -32.10 -36.78
CA GLU C 49 -15.75 -31.09 -36.97
C GLU C 49 -16.64 -31.47 -38.15
N ALA C 50 -16.04 -31.66 -39.33
CA ALA C 50 -16.81 -31.87 -40.56
C ALA C 50 -17.57 -33.20 -40.52
N GLU C 51 -16.92 -34.29 -40.05
CA GLU C 51 -17.53 -35.61 -40.05
C GLU C 51 -18.45 -35.78 -38.84
N SER C 52 -18.24 -34.95 -37.79
CA SER C 52 -19.22 -34.77 -36.72
C SER C 52 -20.50 -34.13 -37.26
N HIS C 53 -20.36 -32.97 -37.91
CA HIS C 53 -21.52 -32.29 -38.46
C HIS C 53 -22.34 -33.24 -39.31
N ALA C 54 -21.66 -34.07 -40.12
CA ALA C 54 -22.32 -35.00 -41.03
C ALA C 54 -23.17 -36.02 -40.26
N ILE C 55 -22.60 -36.65 -39.23
CA ILE C 55 -23.29 -37.71 -38.48
C ILE C 55 -24.48 -37.12 -37.70
N MET C 56 -24.38 -35.85 -37.26
CA MET C 56 -25.43 -35.20 -36.50
C MET C 56 -26.65 -34.93 -37.39
N ASP C 57 -26.38 -34.52 -38.65
CA ASP C 57 -27.45 -34.36 -39.62
C ASP C 57 -28.10 -35.71 -39.95
N ALA C 58 -27.31 -36.78 -40.04
CA ALA C 58 -27.90 -38.10 -40.29
C ALA C 58 -28.75 -38.56 -39.10
N ALA C 59 -28.34 -38.20 -37.88
CA ALA C 59 -29.06 -38.54 -36.65
C ALA C 59 -30.39 -37.81 -36.62
N LEU C 60 -30.39 -36.52 -36.94
CA LEU C 60 -31.62 -35.77 -37.19
C LEU C 60 -32.54 -36.49 -38.17
N ASP C 61 -32.04 -36.85 -39.35
CA ASP C 61 -32.86 -37.42 -40.40
C ASP C 61 -33.38 -38.81 -39.99
N ALA C 62 -32.67 -39.50 -39.10
CA ALA C 62 -33.09 -40.77 -38.51
C ALA C 62 -34.11 -40.59 -37.38
N GLY C 63 -34.36 -39.32 -37.01
CA GLY C 63 -35.36 -38.97 -36.02
C GLY C 63 -34.81 -38.88 -34.59
N ILE C 64 -33.48 -38.89 -34.45
CA ILE C 64 -32.81 -38.70 -33.16
C ILE C 64 -32.78 -37.20 -32.85
N ASN C 65 -33.37 -36.84 -31.69
CA ASN C 65 -33.50 -35.44 -31.30
C ASN C 65 -32.73 -35.12 -30.02
N PHE C 66 -32.10 -36.14 -29.45
CA PHE C 66 -31.53 -36.05 -28.12
C PHE C 66 -30.01 -36.18 -28.20
N PHE C 67 -29.30 -35.05 -28.02
CA PHE C 67 -27.88 -34.94 -28.27
C PHE C 67 -27.19 -34.64 -26.94
N ASP C 68 -26.20 -35.46 -26.59
CA ASP C 68 -25.49 -35.36 -25.33
C ASP C 68 -23.99 -35.15 -25.60
N THR C 69 -23.33 -34.39 -24.74
CA THR C 69 -21.89 -34.23 -24.87
C THR C 69 -21.12 -35.24 -24.04
N ALA C 70 -21.79 -36.28 -23.51
CA ALA C 70 -21.08 -37.32 -22.77
C ALA C 70 -20.22 -38.14 -23.73
N ASN C 71 -18.96 -38.32 -23.34
CA ASN C 71 -18.01 -39.20 -24.01
C ASN C 71 -18.43 -40.66 -23.82
N VAL C 72 -18.45 -41.43 -24.92
CA VAL C 72 -18.90 -42.82 -24.94
C VAL C 72 -17.77 -43.77 -24.49
N LYS C 79 -17.95 -31.25 -22.55
CA LYS C 79 -16.47 -31.17 -22.38
C LYS C 79 -15.84 -30.53 -23.63
N GLY C 80 -15.00 -29.48 -23.41
CA GLY C 80 -14.09 -28.80 -24.33
C GLY C 80 -14.50 -28.71 -25.82
N ARG C 81 -13.81 -29.48 -26.65
CA ARG C 81 -14.01 -29.41 -28.10
C ARG C 81 -15.35 -29.83 -28.59
N THR C 82 -15.88 -30.87 -27.99
CA THR C 82 -17.18 -31.39 -28.40
C THR C 82 -18.26 -30.32 -28.42
N GLU C 83 -18.24 -29.43 -27.40
CA GLU C 83 -19.24 -28.38 -27.28
C GLU C 83 -19.09 -27.37 -28.42
N GLU C 84 -17.82 -27.06 -28.75
CA GLU C 84 -17.48 -26.12 -29.81
C GLU C 84 -17.98 -26.67 -31.14
N ILE C 85 -17.84 -27.99 -31.33
CA ILE C 85 -18.29 -28.70 -32.52
C ILE C 85 -19.82 -28.64 -32.63
N LEU C 86 -20.54 -28.78 -31.50
CA LEU C 86 -21.98 -28.52 -31.50
C LEU C 86 -22.29 -27.06 -31.82
N GLY C 87 -21.53 -26.12 -31.24
CA GLY C 87 -21.73 -24.69 -31.50
C GLY C 87 -21.64 -24.31 -32.98
N SER C 88 -20.58 -24.78 -33.65
CA SER C 88 -20.46 -24.55 -35.09
C SER C 88 -21.56 -25.31 -35.84
N TRP C 89 -21.99 -26.48 -35.36
CA TRP C 89 -23.17 -27.14 -35.94
C TRP C 89 -24.40 -26.23 -35.92
N PHE C 90 -24.70 -25.63 -34.75
CA PHE C 90 -25.89 -24.79 -34.61
C PHE C 90 -25.74 -23.51 -35.46
N ALA C 91 -24.51 -22.98 -35.57
CA ALA C 91 -24.26 -21.74 -36.32
C ALA C 91 -24.50 -21.90 -37.83
N GLN C 92 -24.60 -23.13 -38.32
CA GLN C 92 -24.99 -23.40 -39.70
C GLN C 92 -26.47 -23.09 -39.93
N GLY C 93 -27.27 -22.97 -38.86
CA GLY C 93 -28.68 -22.65 -38.98
C GLY C 93 -29.52 -23.85 -39.39
N GLY C 94 -30.66 -23.56 -40.05
CA GLY C 94 -31.55 -24.57 -40.59
C GLY C 94 -32.38 -25.27 -39.52
N ASP C 95 -32.68 -24.56 -38.40
CA ASP C 95 -33.57 -25.07 -37.36
C ASP C 95 -32.93 -26.21 -36.57
N ARG C 96 -31.61 -26.30 -36.55
CA ARG C 96 -30.93 -27.39 -35.87
C ARG C 96 -31.03 -27.28 -34.36
N ARG C 97 -30.77 -26.10 -33.83
CA ARG C 97 -30.91 -25.86 -32.40
C ARG C 97 -32.34 -26.17 -31.94
N ASP C 98 -33.36 -25.78 -32.73
CA ASP C 98 -34.77 -25.89 -32.40
C ASP C 98 -35.18 -27.38 -32.36
N LYS C 99 -34.50 -28.22 -33.11
CA LYS C 99 -34.94 -29.58 -33.29
C LYS C 99 -34.28 -30.49 -32.25
N VAL C 100 -33.25 -30.02 -31.55
CA VAL C 100 -32.57 -30.93 -30.66
C VAL C 100 -32.83 -30.55 -29.20
N VAL C 101 -33.02 -31.60 -28.39
CA VAL C 101 -32.79 -31.57 -26.96
C VAL C 101 -31.28 -31.60 -26.71
N LEU C 102 -30.73 -30.45 -26.28
CA LEU C 102 -29.32 -30.31 -25.99
C LEU C 102 -29.04 -30.56 -24.50
N ALA C 103 -28.26 -31.60 -24.26
CA ALA C 103 -27.80 -32.00 -22.96
C ALA C 103 -26.29 -31.81 -22.88
N THR C 104 -25.81 -31.23 -21.78
CA THR C 104 -24.38 -31.24 -21.49
C THR C 104 -24.17 -31.52 -20.02
N LYS C 105 -22.91 -31.48 -19.56
CA LYS C 105 -22.51 -31.90 -18.22
C LYS C 105 -21.63 -30.83 -17.60
N VAL C 106 -21.52 -30.89 -16.27
CA VAL C 106 -20.44 -30.21 -15.56
C VAL C 106 -19.09 -30.82 -15.98
N TYR C 107 -18.08 -29.95 -16.16
CA TYR C 107 -16.83 -30.34 -16.80
C TYR C 107 -16.06 -31.37 -15.93
N GLY C 108 -15.77 -31.03 -14.67
CA GLY C 108 -14.89 -31.86 -13.86
C GLY C 108 -13.42 -31.69 -14.25
N ASN C 109 -12.70 -32.80 -14.47
CA ASN C 109 -11.29 -32.71 -14.83
C ASN C 109 -10.89 -33.97 -15.62
N PRO C 115 -4.60 -33.19 -10.69
CA PRO C 115 -5.08 -32.46 -9.50
C PRO C 115 -5.77 -31.15 -9.87
N ALA C 116 -6.99 -30.93 -9.35
CA ALA C 116 -7.76 -29.76 -9.73
C ALA C 116 -7.41 -28.60 -8.79
N TRP C 117 -7.43 -27.38 -9.35
CA TRP C 117 -7.51 -26.19 -8.53
C TRP C 117 -8.79 -26.25 -7.70
N PRO C 118 -8.81 -25.80 -6.43
CA PRO C 118 -10.05 -25.80 -5.63
C PRO C 118 -11.20 -25.13 -6.37
N ASN C 119 -12.35 -25.84 -6.39
CA ASN C 119 -13.61 -25.36 -6.93
C ASN C 119 -13.63 -25.32 -8.46
N HIS C 120 -12.65 -25.95 -9.12
CA HIS C 120 -12.67 -26.10 -10.56
C HIS C 120 -13.04 -27.55 -10.93
N ASP C 121 -13.48 -28.31 -9.93
CA ASP C 121 -14.10 -29.62 -10.04
C ASP C 121 -15.30 -29.60 -9.09
N LYS C 122 -16.18 -30.62 -9.20
CA LYS C 122 -17.25 -30.92 -8.27
C LYS C 122 -18.39 -29.90 -8.39
N LEU C 123 -19.31 -29.88 -7.41
CA LEU C 123 -20.63 -29.30 -7.66
C LEU C 123 -20.93 -28.10 -6.75
N SER C 124 -19.90 -27.38 -6.25
CA SER C 124 -20.14 -26.12 -5.58
C SER C 124 -20.94 -25.18 -6.49
N ALA C 125 -21.69 -24.24 -5.91
CA ALA C 125 -22.36 -23.21 -6.70
C ALA C 125 -21.34 -22.44 -7.54
N LEU C 126 -20.11 -22.30 -7.02
CA LEU C 126 -19.08 -21.58 -7.72
C LEU C 126 -18.69 -22.34 -8.98
N ASN C 127 -18.41 -23.64 -8.86
CA ASN C 127 -18.07 -24.43 -10.04
C ASN C 127 -19.23 -24.51 -11.02
N ILE C 128 -20.50 -24.52 -10.57
CA ILE C 128 -21.60 -24.65 -11.52
C ILE C 128 -21.73 -23.38 -12.37
N ARG C 129 -21.63 -22.21 -11.73
CA ARG C 129 -21.70 -20.96 -12.48
C ARG C 129 -20.67 -20.95 -13.61
N ARG C 130 -19.41 -21.20 -13.28
CA ARG C 130 -18.35 -21.03 -14.26
C ARG C 130 -18.46 -22.11 -15.36
N SER C 131 -18.85 -23.35 -15.03
CA SER C 131 -18.97 -24.39 -16.05
C SER C 131 -20.11 -24.06 -17.01
N VAL C 132 -21.25 -23.59 -16.50
CA VAL C 132 -22.39 -23.39 -17.39
C VAL C 132 -22.07 -22.21 -18.31
N ASP C 133 -21.43 -21.16 -17.77
CA ASP C 133 -21.15 -19.97 -18.56
C ASP C 133 -20.22 -20.35 -19.71
N ALA C 134 -19.20 -21.17 -19.43
CA ALA C 134 -18.26 -21.62 -20.44
C ALA C 134 -18.96 -22.56 -21.43
N SER C 135 -19.84 -23.45 -20.93
CA SER C 135 -20.58 -24.34 -21.81
C SER C 135 -21.48 -23.55 -22.76
N LEU C 136 -22.17 -22.51 -22.28
CA LEU C 136 -23.06 -21.75 -23.15
C LEU C 136 -22.24 -21.05 -24.24
N LYS C 137 -21.07 -20.47 -23.88
CA LYS C 137 -20.16 -19.82 -24.81
C LYS C 137 -19.71 -20.77 -25.92
N ARG C 138 -19.23 -21.96 -25.54
CA ARG C 138 -18.75 -22.95 -26.49
C ARG C 138 -19.88 -23.47 -27.39
N LEU C 139 -21.08 -23.66 -26.84
CA LEU C 139 -22.19 -24.22 -27.60
C LEU C 139 -22.85 -23.18 -28.51
N GLY C 140 -22.50 -21.90 -28.32
CA GLY C 140 -23.14 -20.81 -29.03
C GLY C 140 -24.66 -20.93 -29.03
N THR C 141 -25.24 -21.00 -27.83
CA THR C 141 -26.68 -21.06 -27.63
C THR C 141 -26.96 -20.31 -26.32
N ASP C 142 -28.18 -19.77 -26.19
CA ASP C 142 -28.54 -19.07 -24.97
C ASP C 142 -29.16 -20.01 -23.93
N HIS C 143 -29.38 -21.29 -24.25
CA HIS C 143 -29.88 -22.21 -23.23
C HIS C 143 -29.44 -23.63 -23.51
N ILE C 144 -29.34 -24.40 -22.41
CA ILE C 144 -29.16 -25.84 -22.40
C ILE C 144 -30.49 -26.50 -22.02
N ASP C 145 -30.87 -27.61 -22.69
CA ASP C 145 -32.14 -28.23 -22.36
C ASP C 145 -31.99 -29.13 -21.13
N LEU C 146 -30.90 -29.90 -21.07
CA LEU C 146 -30.67 -30.83 -19.99
C LEU C 146 -29.23 -30.68 -19.51
N TYR C 147 -29.06 -30.04 -18.35
CA TYR C 147 -27.76 -29.87 -17.75
C TYR C 147 -27.56 -30.93 -16.68
N GLN C 148 -26.45 -31.66 -16.74
CA GLN C 148 -26.32 -32.83 -15.91
C GLN C 148 -25.11 -32.71 -15.00
N PHE C 149 -25.25 -33.24 -13.78
CA PHE C 149 -24.10 -33.44 -12.91
C PHE C 149 -23.28 -34.59 -13.50
N HIS C 150 -21.94 -34.51 -13.40
CA HIS C 150 -21.04 -35.51 -13.97
C HIS C 150 -20.85 -36.66 -13.00
N HIS C 151 -21.03 -36.39 -11.70
CA HIS C 151 -20.81 -37.36 -10.65
C HIS C 151 -21.42 -36.82 -9.36
N VAL C 152 -21.82 -37.72 -8.46
CA VAL C 152 -22.22 -37.27 -7.14
C VAL C 152 -21.04 -36.53 -6.51
N ASP C 153 -21.31 -35.36 -5.90
CA ASP C 153 -20.34 -34.74 -5.01
C ASP C 153 -20.87 -34.78 -3.56
N ARG C 154 -20.24 -35.61 -2.73
CA ARG C 154 -20.71 -35.86 -1.37
C ARG C 154 -20.46 -34.68 -0.43
N ASP C 155 -19.64 -33.70 -0.83
CA ASP C 155 -19.31 -32.57 0.02
C ASP C 155 -20.21 -31.34 -0.22
N THR C 156 -21.13 -31.39 -1.20
CA THR C 156 -22.01 -30.27 -1.49
C THR C 156 -23.46 -30.57 -1.10
N PRO C 157 -24.08 -29.73 -0.23
CA PRO C 157 -25.47 -29.97 0.17
C PRO C 157 -26.39 -29.58 -1.00
N TRP C 158 -27.57 -30.22 -1.04
CA TRP C 158 -28.52 -29.99 -2.11
C TRP C 158 -29.15 -28.61 -2.06
N ASP C 159 -29.19 -27.96 -0.90
CA ASP C 159 -29.75 -26.60 -0.91
C ASP C 159 -28.81 -25.69 -1.71
N GLU C 160 -27.48 -25.92 -1.68
CA GLU C 160 -26.52 -25.17 -2.46
C GLU C 160 -26.66 -25.49 -3.95
N ILE C 161 -26.77 -26.78 -4.27
CA ILE C 161 -26.87 -27.17 -5.66
C ILE C 161 -28.15 -26.62 -6.28
N TRP C 162 -29.29 -26.77 -5.55
CA TRP C 162 -30.57 -26.35 -6.13
C TRP C 162 -30.64 -24.82 -6.25
N GLN C 163 -29.95 -24.08 -5.36
CA GLN C 163 -29.83 -22.63 -5.52
C GLN C 163 -29.17 -22.33 -6.88
N ALA C 164 -28.08 -23.01 -7.15
CA ALA C 164 -27.30 -22.76 -8.36
C ALA C 164 -28.12 -23.08 -9.62
N MET C 165 -28.81 -24.22 -9.59
CA MET C 165 -29.61 -24.60 -10.73
C MET C 165 -30.84 -23.70 -10.87
N ASP C 166 -31.46 -23.29 -9.75
CA ASP C 166 -32.64 -22.44 -9.81
C ASP C 166 -32.30 -21.04 -10.32
N VAL C 167 -31.07 -20.57 -10.10
CA VAL C 167 -30.65 -19.29 -10.65
C VAL C 167 -30.71 -19.38 -12.18
N LEU C 168 -30.24 -20.51 -12.71
CA LEU C 168 -30.08 -20.67 -14.14
C LEU C 168 -31.45 -20.90 -14.78
N VAL C 169 -32.26 -21.76 -14.17
CA VAL C 169 -33.61 -22.00 -14.67
C VAL C 169 -34.39 -20.69 -14.74
N ARG C 170 -34.34 -19.85 -13.67
CA ARG C 170 -35.08 -18.58 -13.61
C ARG C 170 -34.52 -17.57 -14.61
N GLN C 171 -33.24 -17.67 -14.98
CA GLN C 171 -32.67 -16.81 -16.02
C GLN C 171 -32.97 -17.36 -17.42
N GLY C 172 -33.49 -18.58 -17.53
CA GLY C 172 -33.77 -19.20 -18.82
C GLY C 172 -32.56 -19.89 -19.46
N LYS C 173 -31.46 -20.04 -18.73
CA LYS C 173 -30.25 -20.60 -19.31
C LYS C 173 -30.32 -22.12 -19.32
N ILE C 174 -31.28 -22.67 -18.57
CA ILE C 174 -31.39 -24.10 -18.39
C ILE C 174 -32.87 -24.44 -18.25
N LEU C 175 -33.28 -25.58 -18.82
CA LEU C 175 -34.65 -26.07 -18.67
C LEU C 175 -34.68 -27.17 -17.63
N TYR C 176 -33.93 -28.25 -17.87
CA TYR C 176 -34.00 -29.42 -17.02
C TYR C 176 -32.63 -29.75 -16.43
N VAL C 177 -32.66 -30.53 -15.33
CA VAL C 177 -31.49 -30.99 -14.61
C VAL C 177 -31.48 -32.49 -14.54
N GLY C 178 -30.28 -33.08 -14.73
CA GLY C 178 -30.10 -34.51 -14.64
C GLY C 178 -28.84 -34.87 -13.88
N SER C 179 -28.66 -36.17 -13.63
CA SER C 179 -27.53 -36.66 -12.87
C SER C 179 -26.79 -37.69 -13.73
N SER C 180 -25.54 -37.95 -13.32
CA SER C 180 -24.74 -39.07 -13.78
C SER C 180 -23.93 -39.58 -12.59
N ASN C 181 -23.73 -40.89 -12.54
CA ASN C 181 -22.88 -41.51 -11.54
C ASN C 181 -23.34 -41.06 -10.16
N PHE C 182 -24.65 -41.23 -9.91
CA PHE C 182 -25.24 -41.04 -8.60
C PHE C 182 -25.55 -42.39 -7.97
N ALA C 183 -25.68 -42.41 -6.65
CA ALA C 183 -26.27 -43.56 -5.98
C ALA C 183 -27.77 -43.34 -5.89
N GLY C 184 -28.51 -44.41 -5.66
CA GLY C 184 -29.96 -44.38 -5.48
C GLY C 184 -30.38 -43.35 -4.44
N TRP C 185 -29.68 -43.32 -3.31
CA TRP C 185 -30.09 -42.46 -2.22
C TRP C 185 -29.82 -40.99 -2.54
N ASN C 186 -28.88 -40.70 -3.47
CA ASN C 186 -28.58 -39.34 -3.90
C ASN C 186 -29.71 -38.80 -4.77
N ILE C 187 -30.32 -39.67 -5.58
CA ILE C 187 -31.46 -39.27 -6.41
C ILE C 187 -32.64 -38.96 -5.49
N ALA C 188 -32.89 -39.85 -4.53
CA ALA C 188 -33.96 -39.62 -3.58
C ALA C 188 -33.76 -38.30 -2.85
N GLN C 189 -32.56 -38.07 -2.32
CA GLN C 189 -32.32 -36.87 -1.55
C GLN C 189 -32.49 -35.63 -2.43
N ALA C 190 -31.93 -35.67 -3.63
CA ALA C 190 -31.98 -34.54 -4.54
C ALA C 190 -33.43 -34.13 -4.77
N ASN C 191 -34.29 -35.09 -5.11
CA ASN C 191 -35.62 -34.80 -5.61
C ASN C 191 -36.58 -34.49 -4.46
N GLU C 192 -36.40 -35.12 -3.30
CA GLU C 192 -37.12 -34.71 -2.11
C GLU C 192 -36.79 -33.25 -1.74
N THR C 193 -35.49 -32.88 -1.81
CA THR C 193 -35.08 -31.52 -1.46
C THR C 193 -35.69 -30.51 -2.44
N ALA C 194 -35.66 -30.87 -3.73
CA ALA C 194 -36.26 -30.05 -4.77
C ALA C 194 -37.75 -29.91 -4.53
N ALA C 195 -38.48 -31.02 -4.31
CA ALA C 195 -39.95 -30.97 -4.22
C ALA C 195 -40.40 -30.14 -3.03
N ARG C 196 -39.64 -30.17 -1.93
CA ARG C 196 -39.96 -29.45 -0.70
C ARG C 196 -40.23 -27.97 -1.02
N HIS C 197 -39.53 -27.38 -2.01
CA HIS C 197 -39.74 -25.97 -2.33
C HIS C 197 -40.23 -25.76 -3.75
N GLY C 198 -40.94 -26.77 -4.28
CA GLY C 198 -41.73 -26.62 -5.49
C GLY C 198 -40.92 -26.77 -6.79
N ARG C 199 -39.62 -27.07 -6.67
CA ARG C 199 -38.72 -27.15 -7.81
C ARG C 199 -38.83 -28.53 -8.47
N LEU C 200 -38.74 -28.52 -9.80
CA LEU C 200 -38.60 -29.74 -10.56
C LEU C 200 -37.24 -30.35 -10.21
N GLY C 201 -37.23 -31.62 -9.79
CA GLY C 201 -35.93 -32.22 -9.48
C GLY C 201 -35.18 -32.77 -10.71
N LEU C 202 -34.32 -33.77 -10.46
CA LEU C 202 -33.67 -34.52 -11.53
C LEU C 202 -34.74 -35.16 -12.40
N VAL C 203 -34.51 -35.15 -13.72
CA VAL C 203 -35.40 -35.73 -14.70
C VAL C 203 -34.78 -36.97 -15.34
N SER C 204 -33.50 -37.24 -15.04
CA SER C 204 -32.77 -38.31 -15.70
C SER C 204 -31.45 -38.58 -14.96
N GLU C 205 -31.07 -39.85 -14.95
CA GLU C 205 -29.79 -40.32 -14.46
C GLU C 205 -29.07 -41.09 -15.58
N GLN C 206 -27.81 -40.71 -15.78
CA GLN C 206 -26.87 -41.41 -16.64
C GLN C 206 -25.97 -42.31 -15.79
N CYS C 207 -26.15 -43.63 -15.91
CA CYS C 207 -25.33 -44.58 -15.18
C CYS C 207 -24.76 -45.65 -16.11
N LEU C 208 -23.68 -46.29 -15.63
CA LEU C 208 -23.08 -47.44 -16.27
C LEU C 208 -24.00 -48.63 -16.10
N TYR C 209 -24.57 -49.10 -17.21
CA TYR C 209 -25.54 -50.19 -17.24
C TYR C 209 -25.40 -50.90 -18.59
N ASN C 210 -25.13 -52.22 -18.52
CA ASN C 210 -25.00 -53.06 -19.70
C ASN C 210 -25.07 -54.50 -19.21
N LEU C 211 -25.04 -55.47 -20.13
CA LEU C 211 -25.14 -56.88 -19.75
C LEU C 211 -24.06 -57.26 -18.73
N CYS C 212 -22.83 -56.78 -18.94
CA CYS C 212 -21.71 -57.08 -18.07
C CYS C 212 -21.88 -56.42 -16.70
N GLU C 213 -22.21 -55.12 -16.66
CA GLU C 213 -22.36 -54.41 -15.39
C GLU C 213 -23.83 -54.04 -15.14
N ARG C 214 -24.43 -54.79 -14.19
CA ARG C 214 -25.84 -54.71 -13.87
C ARG C 214 -26.09 -54.30 -12.42
N ARG C 215 -25.07 -53.79 -11.71
CA ARG C 215 -25.26 -53.49 -10.30
C ARG C 215 -26.08 -52.21 -10.09
N ALA C 216 -26.31 -51.44 -11.18
CA ALA C 216 -27.22 -50.30 -11.13
C ALA C 216 -28.64 -50.74 -10.75
N GLU C 217 -28.95 -52.02 -10.99
CA GLU C 217 -30.27 -52.60 -10.71
C GLU C 217 -30.53 -52.80 -9.22
N MET C 218 -29.48 -52.78 -8.40
CA MET C 218 -29.62 -52.94 -6.96
C MET C 218 -30.43 -51.79 -6.35
N GLU C 219 -30.11 -50.55 -6.70
CA GLU C 219 -30.70 -49.37 -6.08
C GLU C 219 -30.81 -48.14 -6.98
N VAL C 220 -29.86 -47.93 -7.90
CA VAL C 220 -29.88 -46.73 -8.73
C VAL C 220 -31.14 -46.71 -9.61
N VAL C 221 -31.39 -47.82 -10.30
CA VAL C 221 -32.47 -47.88 -11.27
C VAL C 221 -33.81 -47.90 -10.50
N PRO C 222 -33.97 -48.74 -9.44
CA PRO C 222 -35.14 -48.68 -8.57
C PRO C 222 -35.49 -47.27 -8.10
N ALA C 223 -34.49 -46.53 -7.63
CA ALA C 223 -34.72 -45.17 -7.17
C ALA C 223 -35.11 -44.26 -8.32
N ALA C 224 -34.41 -44.41 -9.44
CA ALA C 224 -34.72 -43.58 -10.60
C ALA C 224 -36.18 -43.80 -11.00
N ARG C 225 -36.64 -45.06 -10.90
CA ARG C 225 -37.99 -45.41 -11.31
C ARG C 225 -39.01 -44.87 -10.31
N GLU C 226 -38.74 -45.04 -9.02
CA GLU C 226 -39.60 -44.46 -7.98
C GLU C 226 -39.79 -42.95 -8.18
N TYR C 227 -38.71 -42.21 -8.51
CA TYR C 227 -38.73 -40.76 -8.55
C TYR C 227 -39.05 -40.27 -9.95
N GLY C 228 -39.22 -41.20 -10.90
CA GLY C 228 -39.65 -40.83 -12.25
C GLY C 228 -38.56 -40.14 -13.06
N LEU C 229 -37.28 -40.54 -12.85
CA LEU C 229 -36.16 -40.14 -13.70
C LEU C 229 -36.06 -41.09 -14.89
N GLY C 230 -35.76 -40.54 -16.07
CA GLY C 230 -35.28 -41.37 -17.17
C GLY C 230 -33.91 -41.96 -16.86
N VAL C 231 -33.68 -43.23 -17.22
CA VAL C 231 -32.35 -43.82 -17.06
C VAL C 231 -31.62 -43.86 -18.41
N ILE C 232 -30.43 -43.28 -18.44
CA ILE C 232 -29.66 -43.15 -19.67
C ILE C 232 -28.41 -43.99 -19.52
N ALA C 233 -28.27 -45.02 -20.35
CA ALA C 233 -27.24 -46.04 -20.19
C ALA C 233 -25.98 -45.63 -20.92
N TRP C 234 -24.90 -45.35 -20.16
CA TRP C 234 -23.61 -45.06 -20.76
C TRP C 234 -22.77 -46.34 -20.73
N SER C 235 -21.77 -46.37 -21.64
CA SER C 235 -21.00 -47.57 -21.96
C SER C 235 -21.94 -48.76 -22.15
N PRO C 236 -22.94 -48.68 -23.05
CA PRO C 236 -23.89 -49.78 -23.22
C PRO C 236 -23.28 -51.06 -23.79
N LEU C 237 -22.09 -50.95 -24.43
CA LEU C 237 -21.37 -52.13 -24.92
C LEU C 237 -20.20 -52.50 -24.01
N HIS C 238 -20.18 -51.92 -22.79
CA HIS C 238 -19.11 -52.06 -21.81
C HIS C 238 -17.74 -51.85 -22.46
N GLY C 239 -17.57 -50.67 -23.07
CA GLY C 239 -16.33 -50.24 -23.68
C GLY C 239 -15.92 -51.08 -24.90
N GLY C 240 -16.91 -51.59 -25.66
CA GLY C 240 -16.68 -52.38 -26.87
C GLY C 240 -16.81 -53.89 -26.63
N LEU C 241 -16.69 -54.30 -25.38
CA LEU C 241 -16.54 -55.69 -24.98
C LEU C 241 -17.76 -56.55 -25.34
N LEU C 242 -18.94 -55.93 -25.47
CA LEU C 242 -20.16 -56.63 -25.90
C LEU C 242 -20.38 -56.41 -27.40
N GLY C 243 -19.39 -55.78 -28.05
CA GLY C 243 -19.48 -55.43 -29.47
C GLY C 243 -18.84 -56.45 -30.39
N GLY C 244 -18.66 -57.70 -29.91
CA GLY C 244 -18.05 -58.77 -30.67
C GLY C 244 -16.53 -58.68 -30.62
N ALA C 245 -15.99 -58.56 -29.40
CA ALA C 245 -14.61 -58.18 -29.18
C ALA C 245 -13.63 -59.34 -29.43
N ILE C 246 -14.12 -60.59 -29.32
CA ILE C 246 -13.30 -61.78 -29.48
C ILE C 246 -13.11 -62.10 -30.96
N ARG C 247 -14.09 -61.76 -31.79
CA ARG C 247 -14.01 -61.93 -33.23
C ARG C 247 -13.24 -60.78 -33.88
N LYS C 248 -13.08 -59.64 -33.21
CA LYS C 248 -12.31 -58.54 -33.77
C LYS C 248 -10.85 -58.68 -33.32
N GLU C 249 -10.56 -59.66 -32.45
CA GLU C 249 -9.19 -60.14 -32.25
C GLU C 249 -8.72 -60.80 -33.55
N GLN C 250 -9.57 -61.64 -34.15
CA GLN C 250 -9.45 -62.03 -35.55
C GLN C 250 -9.65 -60.79 -36.43
N LYS C 267 -7.33 -61.04 -21.26
CA LYS C 267 -7.82 -60.52 -19.96
C LYS C 267 -8.18 -61.71 -19.07
N ASP C 268 -8.88 -61.44 -17.95
CA ASP C 268 -9.31 -62.42 -16.96
C ASP C 268 -9.92 -63.64 -17.65
N PRO C 269 -9.68 -64.88 -17.18
CA PRO C 269 -10.15 -66.08 -17.87
C PRO C 269 -11.66 -66.23 -17.89
N GLN C 270 -12.32 -65.77 -16.81
CA GLN C 270 -13.74 -65.99 -16.59
C GLN C 270 -14.56 -64.97 -17.39
N GLN C 271 -14.08 -63.72 -17.50
CA GLN C 271 -14.75 -62.69 -18.29
C GLN C 271 -14.78 -63.07 -19.77
N ARG C 272 -13.64 -63.58 -20.27
CA ARG C 272 -13.49 -64.03 -21.65
C ARG C 272 -14.41 -65.22 -21.94
N GLU C 273 -14.51 -66.16 -21.00
CA GLU C 273 -15.40 -67.29 -21.11
C GLU C 273 -16.83 -66.79 -21.33
N GLN C 274 -17.20 -65.76 -20.56
CA GLN C 274 -18.55 -65.19 -20.57
C GLN C 274 -18.83 -64.54 -21.92
N ILE C 275 -17.91 -63.67 -22.36
CA ILE C 275 -18.02 -63.02 -23.66
C ILE C 275 -18.08 -64.07 -24.77
N GLN C 276 -17.34 -65.17 -24.62
CA GLN C 276 -17.27 -66.20 -25.66
C GLN C 276 -18.65 -66.79 -25.86
N ARG C 277 -19.32 -67.20 -24.78
CA ARG C 277 -20.66 -67.78 -24.87
C ARG C 277 -21.63 -66.77 -25.45
N TYR C 278 -21.48 -65.52 -25.11
CA TYR C 278 -22.31 -64.46 -25.67
C TYR C 278 -22.17 -64.45 -27.20
N GLU C 279 -20.92 -64.36 -27.70
CA GLU C 279 -20.68 -64.29 -29.14
C GLU C 279 -21.17 -65.56 -29.84
N ASP C 280 -21.03 -66.73 -29.20
CA ASP C 280 -21.49 -68.01 -29.76
C ASP C 280 -23.00 -68.07 -29.79
N LEU C 281 -23.66 -67.64 -28.71
CA LEU C 281 -25.13 -67.59 -28.67
C LEU C 281 -25.67 -66.75 -29.84
N LEU C 282 -24.99 -65.64 -30.17
CA LEU C 282 -25.48 -64.72 -31.19
C LEU C 282 -25.10 -65.19 -32.59
N ASP C 283 -23.97 -65.88 -32.73
CA ASP C 283 -23.68 -66.67 -33.94
C ASP C 283 -24.86 -67.60 -34.21
N LYS C 284 -25.14 -68.53 -33.27
CA LYS C 284 -26.30 -69.39 -33.40
C LYS C 284 -27.51 -68.62 -33.93
N HIS C 285 -27.84 -67.46 -33.37
CA HIS C 285 -29.14 -66.86 -33.68
C HIS C 285 -29.06 -65.85 -34.83
N GLY C 286 -27.85 -65.56 -35.32
CA GLY C 286 -27.68 -64.67 -36.48
C GLY C 286 -27.91 -63.20 -36.13
N LEU C 287 -27.34 -62.76 -34.99
CA LEU C 287 -27.60 -61.47 -34.39
C LEU C 287 -26.27 -60.75 -34.22
N GLU C 288 -26.25 -59.46 -34.54
CA GLU C 288 -25.05 -58.65 -34.36
C GLU C 288 -24.86 -58.35 -32.88
N PRO C 289 -23.71 -58.69 -32.25
CA PRO C 289 -23.47 -58.43 -30.83
C PRO C 289 -23.62 -56.98 -30.36
N GLY C 290 -23.18 -56.03 -31.21
CA GLY C 290 -23.31 -54.61 -30.93
C GLY C 290 -24.78 -54.19 -30.87
N GLU C 291 -25.58 -54.75 -31.78
CA GLU C 291 -26.99 -54.44 -31.83
C GLU C 291 -27.70 -54.99 -30.59
N VAL C 292 -27.30 -56.19 -30.15
CA VAL C 292 -28.00 -56.91 -29.10
C VAL C 292 -27.76 -56.22 -27.74
N ALA C 293 -26.52 -55.78 -27.48
CA ALA C 293 -26.22 -55.10 -26.25
C ALA C 293 -27.17 -53.89 -26.08
N LEU C 294 -27.36 -53.12 -27.16
CA LEU C 294 -28.19 -51.94 -27.16
C LEU C 294 -29.65 -52.33 -26.97
N ALA C 295 -30.11 -53.35 -27.71
CA ALA C 295 -31.51 -53.76 -27.71
C ALA C 295 -31.92 -54.36 -26.36
N TRP C 296 -31.00 -55.04 -25.68
CA TRP C 296 -31.26 -55.58 -24.36
C TRP C 296 -31.56 -54.45 -23.36
N LEU C 297 -30.78 -53.36 -23.41
CA LEU C 297 -30.96 -52.22 -22.52
C LEU C 297 -32.34 -51.61 -22.74
N LEU C 298 -32.81 -51.61 -23.98
CA LEU C 298 -34.13 -51.10 -24.29
C LEU C 298 -35.26 -52.00 -23.76
N THR C 299 -34.98 -53.22 -23.32
CA THR C 299 -36.02 -54.04 -22.69
C THR C 299 -36.09 -53.80 -21.19
N ARG C 300 -35.07 -53.15 -20.60
CA ARG C 300 -34.95 -53.08 -19.16
C ARG C 300 -35.91 -52.02 -18.61
N PRO C 301 -36.70 -52.32 -17.55
CA PRO C 301 -37.61 -51.35 -16.94
C PRO C 301 -36.88 -50.08 -16.54
N GLY C 302 -37.48 -48.93 -16.87
CA GLY C 302 -36.94 -47.65 -16.42
C GLY C 302 -35.96 -47.05 -17.43
N VAL C 303 -35.46 -47.83 -18.39
CA VAL C 303 -34.39 -47.33 -19.27
C VAL C 303 -34.99 -46.46 -20.37
N THR C 304 -34.57 -45.21 -20.43
CA THR C 304 -34.91 -44.34 -21.54
C THR C 304 -34.21 -44.86 -22.80
N GLY C 305 -32.88 -45.02 -22.71
CA GLY C 305 -32.11 -45.58 -23.79
C GLY C 305 -30.60 -45.45 -23.61
N PRO C 306 -29.81 -46.08 -24.51
CA PRO C 306 -28.36 -45.98 -24.47
C PRO C 306 -27.80 -44.77 -25.20
N ILE C 307 -26.66 -44.30 -24.73
CA ILE C 307 -25.91 -43.30 -25.47
C ILE C 307 -25.10 -44.05 -26.51
N VAL C 308 -25.17 -43.61 -27.77
CA VAL C 308 -24.33 -44.20 -28.81
C VAL C 308 -23.45 -43.10 -29.40
N GLY C 309 -22.21 -43.50 -29.75
CA GLY C 309 -21.25 -42.60 -30.38
C GLY C 309 -20.87 -43.05 -31.79
N PRO C 310 -21.82 -43.07 -32.75
CA PRO C 310 -21.54 -43.49 -34.12
C PRO C 310 -20.54 -42.54 -34.79
N ARG C 311 -19.47 -43.11 -35.30
CA ARG C 311 -18.49 -42.32 -36.00
C ARG C 311 -18.75 -42.43 -37.49
N THR C 312 -19.64 -43.36 -37.88
CA THR C 312 -19.93 -43.60 -39.30
C THR C 312 -21.44 -43.73 -39.52
N ALA C 313 -21.88 -43.51 -40.77
CA ALA C 313 -23.25 -43.83 -41.15
C ALA C 313 -23.57 -45.30 -40.88
N ASP C 314 -22.53 -46.14 -40.89
CA ASP C 314 -22.69 -47.57 -40.65
C ASP C 314 -23.02 -47.89 -39.20
N GLN C 315 -22.28 -47.26 -38.28
CA GLN C 315 -22.52 -47.45 -36.85
C GLN C 315 -23.85 -46.81 -36.45
N LEU C 316 -24.22 -45.69 -37.10
CA LEU C 316 -25.50 -45.02 -36.87
C LEU C 316 -26.64 -45.94 -37.29
N ALA C 317 -26.54 -46.47 -38.53
CA ALA C 317 -27.56 -47.35 -39.09
C ALA C 317 -27.69 -48.60 -38.23
N SER C 318 -26.58 -49.06 -37.68
CA SER C 318 -26.57 -50.20 -36.79
C SER C 318 -27.35 -49.93 -35.48
N ALA C 319 -27.16 -48.74 -34.91
CA ALA C 319 -27.78 -48.38 -33.65
C ALA C 319 -29.27 -48.21 -33.88
N VAL C 320 -29.62 -47.74 -35.08
CA VAL C 320 -31.00 -47.58 -35.48
C VAL C 320 -31.68 -48.94 -35.61
N ARG C 321 -30.98 -49.93 -36.19
CA ARG C 321 -31.51 -51.27 -36.32
C ARG C 321 -31.71 -51.88 -34.94
N ALA C 322 -30.77 -51.61 -34.02
CA ALA C 322 -30.85 -52.10 -32.64
C ALA C 322 -32.12 -51.59 -31.95
N ALA C 323 -32.49 -50.34 -32.21
CA ALA C 323 -33.72 -49.74 -31.70
C ALA C 323 -34.99 -50.34 -32.32
N GLU C 324 -34.89 -51.06 -33.45
CA GLU C 324 -36.03 -51.69 -34.11
C GLU C 324 -36.03 -53.21 -33.93
N LEU C 325 -34.93 -53.76 -33.38
CA LEU C 325 -34.77 -55.18 -33.16
C LEU C 325 -35.64 -55.62 -31.98
N THR C 326 -36.27 -56.78 -32.14
CA THR C 326 -37.04 -57.43 -31.09
C THR C 326 -36.32 -58.69 -30.67
N LEU C 327 -35.91 -58.79 -29.41
CA LEU C 327 -35.29 -60.00 -28.90
C LEU C 327 -36.37 -60.98 -28.43
N THR C 328 -36.30 -62.21 -28.93
CA THR C 328 -37.16 -63.29 -28.46
C THR C 328 -36.88 -63.56 -26.99
N ASP C 329 -37.84 -64.24 -26.35
CA ASP C 329 -37.80 -64.57 -24.93
C ASP C 329 -36.69 -65.58 -24.65
N GLU C 330 -36.38 -66.42 -25.64
CA GLU C 330 -35.35 -67.45 -25.53
C GLU C 330 -33.97 -66.79 -25.46
N VAL C 331 -33.79 -65.76 -26.32
CA VAL C 331 -32.57 -64.96 -26.36
C VAL C 331 -32.44 -64.17 -25.05
N LEU C 332 -33.57 -63.64 -24.55
CA LEU C 332 -33.57 -62.88 -23.31
C LEU C 332 -33.22 -63.80 -22.14
N THR C 333 -33.82 -65.01 -22.11
CA THR C 333 -33.55 -65.97 -21.04
C THR C 333 -32.06 -66.29 -20.98
N ALA C 334 -31.46 -66.46 -22.15
CA ALA C 334 -30.09 -66.96 -22.28
C ALA C 334 -29.06 -65.89 -21.91
N LEU C 335 -29.28 -64.64 -22.37
CA LEU C 335 -28.47 -63.49 -21.97
C LEU C 335 -28.47 -63.34 -20.44
N ASP C 336 -29.66 -63.49 -19.85
CA ASP C 336 -29.86 -63.40 -18.41
C ASP C 336 -29.08 -64.50 -17.69
N GLU C 337 -29.05 -65.71 -18.26
CA GLU C 337 -28.31 -66.82 -17.67
C GLU C 337 -26.81 -66.54 -17.71
N ILE C 338 -26.32 -65.99 -18.84
CA ILE C 338 -24.90 -65.70 -19.02
C ILE C 338 -24.51 -64.45 -18.23
N PHE C 339 -25.42 -63.47 -18.16
CA PHE C 339 -25.14 -62.19 -17.54
C PHE C 339 -26.17 -61.94 -16.42
N PRO C 340 -26.10 -62.68 -15.29
CA PRO C 340 -27.12 -62.54 -14.24
C PRO C 340 -27.07 -61.15 -13.59
N GLY C 341 -28.25 -60.60 -13.33
CA GLY C 341 -28.39 -59.38 -12.55
C GLY C 341 -28.43 -59.67 -11.06
N PRO C 342 -28.08 -58.68 -10.20
CA PRO C 342 -28.06 -58.89 -8.75
C PRO C 342 -29.42 -58.92 -8.06
N GLY C 343 -30.45 -58.40 -8.74
CA GLY C 343 -31.74 -58.13 -8.11
C GLY C 343 -31.72 -56.81 -7.31
N PRO C 344 -32.90 -56.31 -6.90
CA PRO C 344 -32.96 -55.10 -6.08
C PRO C 344 -32.44 -55.36 -4.68
N SER C 345 -31.75 -54.39 -4.09
CA SER C 345 -31.52 -54.41 -2.64
C SER C 345 -32.88 -54.21 -1.95
N PRO C 346 -33.13 -54.82 -0.76
CA PRO C 346 -32.14 -55.63 -0.03
C PRO C 346 -32.06 -57.11 -0.43
N GLU C 347 -32.97 -57.58 -1.31
CA GLU C 347 -33.00 -58.99 -1.68
C GLU C 347 -31.67 -59.40 -2.31
N ALA C 348 -30.93 -58.46 -2.91
CA ALA C 348 -29.69 -58.77 -3.59
C ALA C 348 -28.64 -59.31 -2.61
N PHE C 349 -28.65 -58.92 -1.33
CA PHE C 349 -27.64 -59.41 -0.41
C PHE C 349 -28.20 -59.94 0.90
N ALA C 350 -29.53 -59.82 1.11
CA ALA C 350 -30.13 -60.27 2.36
C ALA C 350 -31.28 -61.23 2.04
N TRP C 351 -32.56 -60.76 2.01
CA TRP C 351 -33.72 -61.60 1.76
C TRP C 351 -34.96 -60.79 1.33
N MET D 21 -59.06 -66.63 -6.53
CA MET D 21 -59.51 -65.21 -6.40
C MET D 21 -58.32 -64.30 -6.71
N GLU D 22 -58.53 -63.37 -7.65
CA GLU D 22 -57.55 -62.35 -8.01
C GLU D 22 -57.54 -61.23 -6.95
N TYR D 23 -56.36 -60.89 -6.42
CA TYR D 23 -56.22 -59.78 -5.50
C TYR D 23 -55.53 -58.63 -6.22
N THR D 24 -55.62 -57.44 -5.59
CA THR D 24 -55.01 -56.22 -6.10
C THR D 24 -54.82 -55.19 -4.97
N GLN D 25 -53.91 -54.24 -5.19
CA GLN D 25 -53.79 -53.09 -4.31
C GLN D 25 -55.00 -52.18 -4.54
N LEU D 26 -55.56 -51.64 -3.47
CA LEU D 26 -56.54 -50.56 -3.59
C LEU D 26 -55.81 -49.28 -4.03
N GLY D 27 -55.86 -48.97 -5.32
CA GLY D 27 -55.14 -47.83 -5.86
C GLY D 27 -53.69 -47.80 -5.40
N ARG D 28 -53.22 -46.64 -4.93
CA ARG D 28 -51.80 -46.49 -4.63
C ARG D 28 -51.42 -47.07 -3.26
N ILE D 29 -52.36 -47.56 -2.43
CA ILE D 29 -52.01 -47.81 -1.04
C ILE D 29 -51.61 -49.27 -0.83
N GLY D 30 -51.23 -49.60 0.41
CA GLY D 30 -50.63 -50.89 0.69
C GLY D 30 -51.66 -51.99 0.99
N LEU D 31 -52.89 -51.57 1.24
CA LEU D 31 -54.02 -52.46 1.41
C LEU D 31 -54.24 -53.32 0.15
N LYS D 32 -54.32 -54.64 0.35
CA LYS D 32 -54.66 -55.58 -0.71
C LYS D 32 -56.10 -56.07 -0.54
N VAL D 33 -56.88 -55.96 -1.63
CA VAL D 33 -58.28 -56.37 -1.63
C VAL D 33 -58.56 -57.37 -2.77
N SER D 34 -59.54 -58.26 -2.52
CA SER D 34 -60.17 -59.10 -3.55
C SER D 34 -60.78 -58.19 -4.63
N ARG D 35 -60.71 -58.64 -5.91
CA ARG D 35 -61.30 -57.86 -7.00
C ARG D 35 -62.84 -58.00 -7.04
N LEU D 36 -63.40 -58.89 -6.21
CA LEU D 36 -64.83 -58.79 -5.92
C LEU D 36 -64.95 -58.13 -4.55
N VAL D 37 -65.79 -57.10 -4.48
CA VAL D 37 -66.13 -56.45 -3.23
C VAL D 37 -67.50 -56.99 -2.81
N LEU D 38 -67.58 -57.63 -1.64
CA LEU D 38 -68.86 -58.16 -1.18
C LEU D 38 -69.77 -57.03 -0.72
N GLY D 39 -70.84 -56.80 -1.49
CA GLY D 39 -71.89 -55.84 -1.15
C GLY D 39 -72.94 -56.44 -0.21
N THR D 40 -73.33 -55.68 0.82
CA THR D 40 -74.16 -56.19 1.91
C THR D 40 -75.56 -55.55 1.95
N MET D 41 -75.96 -54.80 0.91
CA MET D 41 -77.20 -54.03 0.91
C MET D 41 -78.42 -54.94 1.11
N ASN D 42 -78.37 -56.21 0.65
CA ASN D 42 -79.48 -57.16 0.82
C ASN D 42 -79.55 -57.74 2.23
N PHE D 43 -78.45 -57.68 3.01
CA PHE D 43 -78.41 -58.27 4.34
C PHE D 43 -79.23 -57.45 5.33
N GLY D 44 -80.43 -57.99 5.64
CA GLY D 44 -81.41 -57.35 6.51
C GLY D 44 -82.76 -57.17 5.81
N PRO D 45 -82.83 -56.29 4.78
CA PRO D 45 -84.09 -56.04 4.08
C PRO D 45 -84.71 -57.25 3.36
N THR D 46 -83.90 -58.11 2.73
CA THR D 46 -84.45 -59.21 1.95
C THR D 46 -83.82 -60.55 2.36
N THR D 47 -82.49 -60.60 2.53
CA THR D 47 -81.84 -61.77 3.09
C THR D 47 -81.80 -61.60 4.60
N ASP D 48 -81.90 -62.70 5.35
CA ASP D 48 -81.98 -62.57 6.80
C ASP D 48 -80.60 -62.78 7.41
N GLU D 49 -80.52 -62.50 8.73
CA GLU D 49 -79.29 -62.51 9.50
C GLU D 49 -78.57 -63.84 9.34
N ALA D 50 -79.27 -64.95 9.60
CA ALA D 50 -78.66 -66.27 9.60
C ALA D 50 -78.12 -66.59 8.20
N GLU D 51 -78.86 -66.20 7.15
CA GLU D 51 -78.43 -66.50 5.79
C GLU D 51 -77.32 -65.55 5.36
N SER D 52 -77.39 -64.27 5.80
CA SER D 52 -76.39 -63.26 5.54
C SER D 52 -75.03 -63.72 6.06
N HIS D 53 -75.01 -64.32 7.26
CA HIS D 53 -73.82 -64.89 7.86
C HIS D 53 -73.30 -66.06 7.03
N ALA D 54 -74.21 -66.89 6.53
CA ALA D 54 -73.86 -68.00 5.65
C ALA D 54 -73.06 -67.47 4.46
N ILE D 55 -73.58 -66.43 3.80
CA ILE D 55 -72.99 -65.87 2.59
C ILE D 55 -71.60 -65.29 2.90
N MET D 56 -71.46 -64.65 4.07
CA MET D 56 -70.25 -63.94 4.45
C MET D 56 -69.13 -64.93 4.82
N ASP D 57 -69.50 -66.11 5.35
CA ASP D 57 -68.52 -67.19 5.55
C ASP D 57 -68.10 -67.79 4.22
N ALA D 58 -69.01 -67.85 3.24
CA ALA D 58 -68.68 -68.45 1.94
C ALA D 58 -67.75 -67.53 1.17
N ALA D 59 -67.97 -66.21 1.34
CA ALA D 59 -67.14 -65.19 0.73
C ALA D 59 -65.70 -65.29 1.26
N LEU D 60 -65.53 -65.42 2.59
CA LEU D 60 -64.24 -65.72 3.19
C LEU D 60 -63.59 -66.98 2.63
N ASP D 61 -64.39 -68.06 2.47
CA ASP D 61 -63.89 -69.33 1.93
C ASP D 61 -63.43 -69.14 0.49
N ALA D 62 -64.14 -68.29 -0.26
CA ALA D 62 -63.79 -67.94 -1.63
C ALA D 62 -62.56 -67.00 -1.74
N GLY D 63 -62.03 -66.50 -0.61
CA GLY D 63 -60.94 -65.54 -0.61
C GLY D 63 -61.38 -64.07 -0.72
N ILE D 64 -62.68 -63.76 -0.53
CA ILE D 64 -63.12 -62.38 -0.52
C ILE D 64 -62.90 -61.78 0.87
N ASN D 65 -62.14 -60.66 0.92
CA ASN D 65 -61.72 -60.03 2.16
C ASN D 65 -62.29 -58.61 2.29
N PHE D 66 -62.98 -58.15 1.26
CA PHE D 66 -63.39 -56.77 1.17
C PHE D 66 -64.92 -56.71 1.25
N PHE D 67 -65.43 -56.16 2.38
CA PHE D 67 -66.86 -56.11 2.68
C PHE D 67 -67.33 -54.65 2.73
N ASP D 68 -68.34 -54.32 1.91
CA ASP D 68 -68.91 -52.99 1.82
C ASP D 68 -70.32 -52.92 2.40
N THR D 69 -70.52 -51.99 3.34
CA THR D 69 -71.82 -51.75 3.92
C THR D 69 -72.04 -50.25 3.97
N ALA D 70 -73.14 -49.83 4.61
CA ALA D 70 -73.44 -48.43 4.83
C ALA D 70 -74.35 -48.35 6.04
N ASN D 71 -74.36 -47.20 6.74
CA ASN D 71 -75.27 -47.02 7.85
C ASN D 71 -76.72 -47.15 7.38
N VAL D 72 -77.07 -46.63 6.19
CA VAL D 72 -78.45 -46.51 5.73
C VAL D 72 -78.97 -47.84 5.18
N TYR D 73 -78.13 -48.87 5.01
CA TYR D 73 -78.64 -50.17 4.59
C TYR D 73 -79.54 -50.73 5.71
N GLY D 74 -80.62 -51.40 5.25
CA GLY D 74 -81.78 -51.71 6.07
C GLY D 74 -83.04 -51.04 5.53
N TRP D 75 -82.92 -49.75 5.17
CA TRP D 75 -83.97 -49.01 4.50
C TRP D 75 -85.19 -48.80 5.41
N GLY D 76 -85.80 -47.63 5.26
CA GLY D 76 -86.97 -47.24 6.04
C GLY D 76 -86.66 -47.12 7.53
N GLU D 77 -87.42 -47.86 8.33
CA GLU D 77 -87.29 -47.83 9.77
C GLU D 77 -86.27 -48.88 10.20
N ASN D 78 -85.76 -49.65 9.23
CA ASN D 78 -84.79 -50.71 9.51
C ASN D 78 -83.38 -50.27 9.11
N LYS D 79 -83.17 -48.96 8.88
CA LYS D 79 -81.85 -48.41 8.55
C LYS D 79 -80.92 -48.72 9.72
N GLY D 80 -79.75 -49.29 9.42
CA GLY D 80 -78.80 -49.69 10.45
C GLY D 80 -78.72 -51.21 10.61
N ARG D 81 -79.62 -51.94 9.96
CA ARG D 81 -79.77 -53.35 10.29
C ARG D 81 -78.63 -54.12 9.67
N THR D 82 -78.20 -53.74 8.46
CA THR D 82 -77.07 -54.42 7.82
C THR D 82 -75.83 -54.36 8.72
N GLU D 83 -75.53 -53.14 9.23
CA GLU D 83 -74.37 -52.94 10.10
C GLU D 83 -74.45 -53.90 11.30
N GLU D 84 -75.65 -54.01 11.91
CA GLU D 84 -75.86 -54.89 13.06
C GLU D 84 -75.61 -56.35 12.68
N ILE D 85 -76.00 -56.73 11.46
CA ILE D 85 -75.87 -58.09 10.96
C ILE D 85 -74.38 -58.42 10.79
N LEU D 86 -73.60 -57.44 10.34
CA LEU D 86 -72.14 -57.57 10.33
C LEU D 86 -71.62 -57.72 11.75
N GLY D 87 -72.13 -56.90 12.67
CA GLY D 87 -71.74 -56.94 14.09
C GLY D 87 -71.92 -58.29 14.77
N SER D 88 -73.05 -58.97 14.51
CA SER D 88 -73.35 -60.26 15.11
C SER D 88 -72.49 -61.35 14.49
N TRP D 89 -72.08 -61.15 13.24
CA TRP D 89 -71.15 -62.04 12.53
C TRP D 89 -69.76 -62.01 13.17
N PHE D 90 -69.24 -60.79 13.38
CA PHE D 90 -67.95 -60.65 14.05
C PHE D 90 -67.98 -61.29 15.43
N ALA D 91 -69.14 -61.21 16.12
CA ALA D 91 -69.30 -61.71 17.50
C ALA D 91 -69.15 -63.23 17.57
N GLN D 92 -69.41 -63.94 16.45
CA GLN D 92 -69.24 -65.41 16.36
C GLN D 92 -67.77 -65.81 16.53
N GLY D 93 -66.83 -64.86 16.39
CA GLY D 93 -65.39 -65.11 16.48
C GLY D 93 -64.82 -65.78 15.22
N GLY D 94 -63.77 -66.59 15.40
CA GLY D 94 -63.14 -67.30 14.30
C GLY D 94 -62.41 -66.38 13.32
N ASP D 95 -61.93 -65.24 13.84
CA ASP D 95 -61.16 -64.26 13.10
C ASP D 95 -61.93 -63.63 11.93
N ARG D 96 -63.26 -63.59 12.01
CA ARG D 96 -64.06 -62.97 10.96
C ARG D 96 -63.69 -61.49 10.81
N ARG D 97 -63.68 -60.72 11.91
CA ARG D 97 -63.38 -59.30 11.85
C ARG D 97 -61.95 -59.09 11.32
N ASP D 98 -60.99 -59.77 11.93
CA ASP D 98 -59.58 -59.66 11.60
C ASP D 98 -59.28 -59.97 10.12
N LYS D 99 -60.13 -60.79 9.47
CA LYS D 99 -59.88 -61.18 8.09
C LYS D 99 -60.52 -60.22 7.08
N VAL D 100 -61.46 -59.35 7.50
CA VAL D 100 -62.10 -58.50 6.52
C VAL D 100 -61.61 -57.05 6.64
N VAL D 101 -61.44 -56.46 5.45
CA VAL D 101 -61.47 -55.04 5.25
C VAL D 101 -62.92 -54.57 5.27
N LEU D 102 -63.30 -53.93 6.38
CA LEU D 102 -64.65 -53.49 6.63
C LEU D 102 -64.80 -52.04 6.18
N ALA D 103 -65.78 -51.80 5.31
CA ALA D 103 -66.03 -50.49 4.77
C ALA D 103 -67.49 -50.11 4.99
N THR D 104 -67.74 -48.90 5.47
CA THR D 104 -69.10 -48.40 5.60
C THR D 104 -69.06 -46.94 5.16
N LYS D 105 -70.18 -46.20 5.33
CA LYS D 105 -70.36 -44.92 4.68
C LYS D 105 -71.07 -43.94 5.61
N VAL D 106 -70.86 -42.65 5.31
CA VAL D 106 -71.50 -41.55 6.01
C VAL D 106 -71.98 -40.54 4.97
N TYR D 107 -73.15 -39.95 5.23
CA TYR D 107 -73.77 -38.91 4.42
C TYR D 107 -75.29 -39.01 4.58
N GLY D 108 -75.81 -40.24 4.53
CA GLY D 108 -77.24 -40.47 4.46
C GLY D 108 -77.99 -40.16 5.76
N ASN D 109 -79.24 -39.76 5.58
CA ASN D 109 -80.18 -39.54 6.66
C ASN D 109 -80.49 -40.88 7.32
N MET D 110 -80.30 -40.96 8.65
CA MET D 110 -80.52 -42.21 9.37
C MET D 110 -81.84 -42.19 10.15
N GLY D 111 -82.53 -41.05 10.15
CA GLY D 111 -83.85 -40.92 10.76
C GLY D 111 -84.95 -41.27 9.75
N LEU D 112 -86.16 -40.77 10.01
CA LEU D 112 -87.31 -41.07 9.16
C LEU D 112 -87.05 -40.54 7.75
N ASP D 113 -87.23 -41.42 6.75
CA ASP D 113 -87.04 -41.09 5.34
C ASP D 113 -87.81 -39.81 4.99
N GLY D 114 -87.34 -39.11 3.95
CA GLY D 114 -87.84 -37.78 3.62
C GLY D 114 -86.85 -36.72 4.10
N PRO D 115 -87.26 -35.43 4.19
CA PRO D 115 -86.33 -34.36 4.55
C PRO D 115 -85.66 -34.57 5.92
N ALA D 116 -84.34 -34.33 5.95
CA ALA D 116 -83.52 -34.62 7.12
C ALA D 116 -83.62 -33.46 8.11
N TRP D 117 -83.58 -33.76 9.40
CA TRP D 117 -83.27 -32.73 10.37
C TRP D 117 -81.93 -32.10 9.92
N PRO D 118 -81.70 -30.77 9.96
CA PRO D 118 -80.40 -30.22 9.61
C PRO D 118 -79.23 -30.86 10.36
N ASN D 119 -78.17 -31.15 9.59
CA ASN D 119 -76.91 -31.74 10.08
C ASN D 119 -77.14 -33.19 10.48
N HIS D 120 -78.26 -33.78 10.05
CA HIS D 120 -78.48 -35.20 10.28
C HIS D 120 -78.36 -35.99 8.98
N ASP D 121 -78.00 -35.29 7.90
CA ASP D 121 -77.41 -35.90 6.72
C ASP D 121 -76.20 -35.06 6.31
N LYS D 122 -75.54 -35.47 5.22
CA LYS D 122 -74.41 -34.74 4.65
C LYS D 122 -73.15 -34.83 5.52
N LEU D 123 -72.17 -33.95 5.27
CA LEU D 123 -70.80 -34.26 5.67
C LEU D 123 -70.24 -33.17 6.58
N SER D 124 -71.10 -32.49 7.35
CA SER D 124 -70.58 -31.60 8.37
C SER D 124 -69.78 -32.46 9.36
N ALA D 125 -68.78 -31.87 10.03
CA ALA D 125 -68.12 -32.60 11.11
C ALA D 125 -69.14 -33.07 12.16
N LEU D 126 -70.25 -32.32 12.31
CA LEU D 126 -71.29 -32.70 13.26
C LEU D 126 -71.89 -34.03 12.83
N ASN D 127 -72.34 -34.15 11.56
CA ASN D 127 -72.94 -35.40 11.11
C ASN D 127 -71.92 -36.54 11.09
N ILE D 128 -70.66 -36.23 10.75
CA ILE D 128 -69.64 -37.28 10.71
C ILE D 128 -69.44 -37.87 12.10
N ARG D 129 -69.35 -37.00 13.12
CA ARG D 129 -69.17 -37.50 14.48
C ARG D 129 -70.29 -38.45 14.90
N ARG D 130 -71.56 -38.02 14.74
CA ARG D 130 -72.70 -38.80 15.21
C ARG D 130 -72.87 -40.05 14.34
N SER D 131 -72.59 -39.97 13.03
CA SER D 131 -72.74 -41.13 12.16
C SER D 131 -71.72 -42.23 12.48
N VAL D 132 -70.47 -41.86 12.73
CA VAL D 132 -69.44 -42.88 12.93
C VAL D 132 -69.67 -43.56 14.28
N ASP D 133 -70.10 -42.78 15.30
CA ASP D 133 -70.37 -43.33 16.62
C ASP D 133 -71.48 -44.40 16.55
N ALA D 134 -72.54 -44.15 15.79
CA ALA D 134 -73.63 -45.10 15.64
C ALA D 134 -73.18 -46.31 14.82
N SER D 135 -72.35 -46.09 13.79
CA SER D 135 -71.90 -47.22 12.97
C SER D 135 -71.03 -48.16 13.80
N LEU D 136 -70.11 -47.62 14.59
CA LEU D 136 -69.20 -48.43 15.38
C LEU D 136 -69.99 -49.27 16.39
N LYS D 137 -71.08 -48.69 16.95
CA LYS D 137 -71.94 -49.38 17.90
C LYS D 137 -72.66 -50.56 17.24
N ARG D 138 -73.30 -50.31 16.08
CA ARG D 138 -74.01 -51.36 15.36
C ARG D 138 -73.05 -52.46 14.91
N LEU D 139 -71.87 -52.07 14.40
CA LEU D 139 -70.94 -53.01 13.79
C LEU D 139 -70.22 -53.85 14.84
N GLY D 140 -70.40 -53.49 16.12
CA GLY D 140 -69.78 -54.25 17.18
C GLY D 140 -68.28 -54.39 16.99
N THR D 141 -67.61 -53.24 16.76
CA THR D 141 -66.17 -53.20 16.52
C THR D 141 -65.64 -51.83 16.94
N ASP D 142 -64.34 -51.78 17.28
CA ASP D 142 -63.71 -50.54 17.68
C ASP D 142 -63.10 -49.77 16.49
N HIS D 143 -63.17 -50.31 15.26
CA HIS D 143 -62.66 -49.55 14.13
C HIS D 143 -63.27 -50.02 12.82
N ILE D 144 -63.33 -49.07 11.88
CA ILE D 144 -63.68 -49.28 10.51
C ILE D 144 -62.41 -49.12 9.68
N ASP D 145 -62.26 -49.99 8.67
CA ASP D 145 -61.06 -50.01 7.86
C ASP D 145 -61.18 -48.89 6.83
N LEU D 146 -62.33 -48.81 6.19
CA LEU D 146 -62.53 -47.86 5.10
C LEU D 146 -63.85 -47.15 5.31
N TYR D 147 -63.76 -45.85 5.65
CA TYR D 147 -64.95 -45.04 5.88
C TYR D 147 -65.13 -44.10 4.70
N GLN D 148 -66.29 -44.21 4.04
CA GLN D 148 -66.53 -43.62 2.74
C GLN D 148 -67.63 -42.57 2.80
N PHE D 149 -67.38 -41.41 2.17
CA PHE D 149 -68.46 -40.46 1.88
C PHE D 149 -69.44 -41.12 0.90
N HIS D 150 -70.74 -41.12 1.24
CA HIS D 150 -71.71 -41.80 0.39
C HIS D 150 -71.95 -41.00 -0.90
N HIS D 151 -71.61 -39.71 -0.85
CA HIS D 151 -71.87 -38.75 -1.91
C HIS D 151 -71.06 -37.49 -1.60
N VAL D 152 -70.83 -36.67 -2.63
CA VAL D 152 -70.24 -35.37 -2.44
C VAL D 152 -71.22 -34.41 -1.77
N ASP D 153 -70.68 -33.59 -0.87
CA ASP D 153 -71.41 -32.48 -0.29
C ASP D 153 -70.64 -31.21 -0.63
N ARG D 154 -71.20 -30.44 -1.52
CA ARG D 154 -70.56 -29.23 -1.97
C ARG D 154 -70.71 -28.06 -1.02
N ASP D 155 -71.45 -28.25 0.06
CA ASP D 155 -71.58 -27.17 1.03
C ASP D 155 -70.57 -27.31 2.16
N THR D 156 -69.83 -28.42 2.21
CA THR D 156 -68.84 -28.62 3.27
C THR D 156 -67.43 -28.53 2.70
N PRO D 157 -66.55 -27.64 3.22
CA PRO D 157 -65.17 -27.55 2.72
C PRO D 157 -64.28 -28.71 3.22
N TRP D 158 -63.20 -28.98 2.48
CA TRP D 158 -62.31 -30.09 2.81
C TRP D 158 -61.51 -29.86 4.10
N ASP D 159 -61.22 -28.63 4.49
CA ASP D 159 -60.56 -28.43 5.77
C ASP D 159 -61.46 -28.92 6.92
N GLU D 160 -62.79 -28.79 6.81
CA GLU D 160 -63.72 -29.29 7.81
C GLU D 160 -63.76 -30.81 7.73
N ILE D 161 -63.92 -31.38 6.53
CA ILE D 161 -64.07 -32.83 6.40
C ILE D 161 -62.84 -33.55 6.92
N TRP D 162 -61.65 -33.05 6.53
CA TRP D 162 -60.42 -33.72 6.91
C TRP D 162 -60.16 -33.57 8.41
N GLN D 163 -60.59 -32.45 9.01
CA GLN D 163 -60.48 -32.32 10.46
C GLN D 163 -61.22 -33.49 11.08
N ALA D 164 -62.48 -33.68 10.66
CA ALA D 164 -63.34 -34.71 11.24
C ALA D 164 -62.74 -36.10 11.07
N MET D 165 -62.18 -36.36 9.88
CA MET D 165 -61.62 -37.68 9.57
C MET D 165 -60.29 -37.87 10.29
N ASP D 166 -59.52 -36.79 10.44
CA ASP D 166 -58.23 -36.87 11.09
C ASP D 166 -58.42 -37.16 12.58
N VAL D 167 -59.48 -36.62 13.17
CA VAL D 167 -59.82 -36.93 14.55
C VAL D 167 -60.01 -38.44 14.68
N LEU D 168 -60.68 -39.05 13.70
CA LEU D 168 -61.00 -40.48 13.83
C LEU D 168 -59.76 -41.35 13.61
N VAL D 169 -58.92 -40.95 12.66
CA VAL D 169 -57.68 -41.65 12.40
C VAL D 169 -56.85 -41.65 13.68
N ARG D 170 -56.68 -40.49 14.35
CA ARG D 170 -55.73 -40.38 15.43
C ARG D 170 -56.24 -41.13 16.67
N GLN D 171 -57.57 -41.28 16.77
CA GLN D 171 -58.16 -42.05 17.87
C GLN D 171 -58.13 -43.55 17.55
N GLY D 172 -57.76 -43.91 16.31
CA GLY D 172 -57.72 -45.30 15.89
C GLY D 172 -59.10 -45.84 15.50
N LYS D 173 -60.07 -44.95 15.23
CA LYS D 173 -61.43 -45.38 14.96
C LYS D 173 -61.66 -45.69 13.48
N ILE D 174 -60.89 -45.07 12.58
CA ILE D 174 -60.82 -45.43 11.17
C ILE D 174 -59.36 -45.52 10.74
N LEU D 175 -59.10 -46.24 9.63
CA LEU D 175 -57.78 -46.34 9.04
C LEU D 175 -57.75 -45.50 7.76
N TYR D 176 -58.68 -45.77 6.82
CA TYR D 176 -58.66 -45.17 5.50
C TYR D 176 -59.97 -44.44 5.20
N VAL D 177 -59.87 -43.47 4.29
CA VAL D 177 -60.99 -42.67 3.85
C VAL D 177 -61.21 -42.89 2.36
N GLY D 178 -62.46 -43.10 1.97
CA GLY D 178 -62.80 -43.21 0.57
C GLY D 178 -64.02 -42.36 0.25
N SER D 179 -64.28 -42.23 -1.03
CA SER D 179 -65.38 -41.43 -1.53
C SER D 179 -66.33 -42.34 -2.30
N SER D 180 -67.51 -41.78 -2.56
CA SER D 180 -68.51 -42.38 -3.40
C SER D 180 -69.35 -41.27 -4.01
N ASN D 181 -69.69 -41.41 -5.29
CA ASN D 181 -70.51 -40.43 -5.99
C ASN D 181 -69.85 -39.05 -5.93
N PHE D 182 -68.58 -38.98 -6.32
CA PHE D 182 -67.85 -37.72 -6.44
C PHE D 182 -67.74 -37.39 -7.92
N ALA D 183 -67.54 -36.09 -8.21
CA ALA D 183 -66.97 -35.69 -9.47
C ALA D 183 -65.45 -35.85 -9.38
N GLY D 184 -64.81 -35.99 -10.54
CA GLY D 184 -63.36 -36.04 -10.62
C GLY D 184 -62.69 -34.85 -9.94
N TRP D 185 -63.18 -33.65 -10.12
CA TRP D 185 -62.55 -32.48 -9.52
C TRP D 185 -62.68 -32.47 -7.99
N ASN D 186 -63.69 -33.17 -7.44
CA ASN D 186 -63.86 -33.34 -6.00
C ASN D 186 -62.77 -34.27 -5.47
N ILE D 187 -62.42 -35.28 -6.26
CA ILE D 187 -61.33 -36.19 -5.93
C ILE D 187 -60.00 -35.45 -5.85
N ALA D 188 -59.69 -34.66 -6.89
CA ALA D 188 -58.49 -33.84 -6.91
C ALA D 188 -58.47 -32.84 -5.74
N GLN D 189 -59.56 -32.14 -5.48
CA GLN D 189 -59.57 -31.13 -4.44
C GLN D 189 -59.34 -31.79 -3.07
N ALA D 190 -60.03 -32.91 -2.85
CA ALA D 190 -59.90 -33.61 -1.59
C ALA D 190 -58.43 -33.98 -1.38
N ASN D 191 -57.83 -34.72 -2.32
CA ASN D 191 -56.50 -35.29 -2.08
C ASN D 191 -55.42 -34.19 -2.08
N GLU D 192 -55.60 -33.13 -2.86
CA GLU D 192 -54.65 -32.01 -2.82
C GLU D 192 -54.67 -31.38 -1.43
N THR D 193 -55.89 -31.25 -0.88
CA THR D 193 -56.06 -30.61 0.42
C THR D 193 -55.43 -31.46 1.52
N ALA D 194 -55.63 -32.80 1.44
CA ALA D 194 -55.06 -33.70 2.41
C ALA D 194 -53.52 -33.66 2.35
N ALA D 195 -52.98 -33.65 1.12
CA ALA D 195 -51.56 -33.79 0.90
C ALA D 195 -50.80 -32.57 1.41
N ARG D 196 -51.39 -31.38 1.31
CA ARG D 196 -50.82 -30.14 1.82
C ARG D 196 -50.37 -30.29 3.28
N HIS D 197 -51.13 -31.03 4.09
CA HIS D 197 -50.83 -31.14 5.51
C HIS D 197 -50.44 -32.57 5.88
N GLY D 198 -49.84 -33.27 4.91
CA GLY D 198 -49.28 -34.60 5.08
C GLY D 198 -50.31 -35.68 5.44
N ARG D 199 -51.59 -35.50 5.10
CA ARG D 199 -52.56 -36.55 5.40
C ARG D 199 -52.73 -37.47 4.18
N LEU D 200 -52.96 -38.76 4.42
CA LEU D 200 -53.41 -39.69 3.40
C LEU D 200 -54.83 -39.28 2.93
N GLY D 201 -55.00 -39.04 1.64
CA GLY D 201 -56.29 -38.60 1.14
C GLY D 201 -57.20 -39.79 0.83
N LEU D 202 -58.18 -39.58 -0.06
CA LEU D 202 -59.09 -40.62 -0.50
C LEU D 202 -58.26 -41.77 -1.08
N VAL D 203 -58.68 -43.00 -0.74
CA VAL D 203 -57.96 -44.18 -1.23
C VAL D 203 -58.78 -44.89 -2.31
N SER D 204 -60.02 -44.46 -2.50
CA SER D 204 -60.92 -45.16 -3.40
C SER D 204 -62.14 -44.30 -3.65
N GLU D 205 -62.69 -44.49 -4.86
CA GLU D 205 -63.94 -43.91 -5.28
C GLU D 205 -64.88 -45.05 -5.64
N GLN D 206 -66.11 -44.95 -5.15
CA GLN D 206 -67.13 -45.95 -5.44
C GLN D 206 -68.13 -45.25 -6.34
N CYS D 207 -68.04 -45.51 -7.65
CA CYS D 207 -68.81 -44.75 -8.65
C CYS D 207 -69.72 -45.71 -9.43
N LEU D 208 -70.84 -45.18 -9.93
CA LEU D 208 -71.74 -45.91 -10.81
C LEU D 208 -71.07 -46.13 -12.17
N TYR D 209 -70.78 -47.39 -12.50
CA TYR D 209 -70.08 -47.73 -13.73
C TYR D 209 -70.51 -49.13 -14.19
N ASN D 210 -70.90 -49.24 -15.46
CA ASN D 210 -71.32 -50.50 -16.06
C ASN D 210 -71.50 -50.25 -17.56
N LEU D 211 -71.94 -51.25 -18.32
CA LEU D 211 -72.02 -51.16 -19.77
C LEU D 211 -73.00 -50.06 -20.18
N CYS D 212 -74.13 -49.96 -19.48
CA CYS D 212 -75.14 -48.97 -19.83
C CYS D 212 -74.62 -47.57 -19.52
N GLU D 213 -74.01 -47.39 -18.33
CA GLU D 213 -73.63 -46.06 -17.87
C GLU D 213 -72.11 -45.97 -17.72
N ARG D 214 -71.48 -45.34 -18.70
CA ARG D 214 -70.04 -45.26 -18.74
C ARG D 214 -69.51 -43.83 -18.65
N ARG D 215 -70.35 -42.88 -18.26
CA ARG D 215 -69.89 -41.51 -18.20
C ARG D 215 -68.94 -41.24 -17.02
N ALA D 216 -68.66 -42.24 -16.16
CA ALA D 216 -67.62 -42.14 -15.15
C ALA D 216 -66.25 -41.96 -15.81
N GLU D 217 -66.14 -42.45 -17.05
CA GLU D 217 -64.89 -42.38 -17.81
C GLU D 217 -64.51 -41.01 -18.30
N MET D 218 -65.45 -40.10 -18.28
CA MET D 218 -65.15 -38.75 -18.75
C MET D 218 -64.12 -38.08 -17.85
N GLU D 219 -64.36 -38.08 -16.55
CA GLU D 219 -63.50 -37.40 -15.59
C GLU D 219 -63.32 -38.13 -14.26
N VAL D 220 -64.33 -38.85 -13.78
CA VAL D 220 -64.24 -39.53 -12.50
C VAL D 220 -63.10 -40.54 -12.50
N VAL D 221 -63.06 -41.47 -13.46
CA VAL D 221 -62.06 -42.53 -13.44
C VAL D 221 -60.69 -41.96 -13.80
N PRO D 222 -60.53 -41.08 -14.83
CA PRO D 222 -59.23 -40.44 -15.06
C PRO D 222 -58.68 -39.77 -13.81
N ALA D 223 -59.50 -39.01 -13.10
CA ALA D 223 -59.09 -38.35 -11.88
C ALA D 223 -58.64 -39.35 -10.81
N ALA D 224 -59.43 -40.41 -10.60
CA ALA D 224 -59.09 -41.45 -9.63
C ALA D 224 -57.75 -42.08 -9.97
N ARG D 225 -57.48 -42.30 -11.23
CA ARG D 225 -56.24 -42.90 -11.63
C ARG D 225 -55.05 -41.97 -11.43
N GLU D 226 -55.21 -40.71 -11.79
CA GLU D 226 -54.15 -39.74 -11.56
C GLU D 226 -53.75 -39.70 -10.09
N TYR D 227 -54.74 -39.76 -9.19
CA TYR D 227 -54.50 -39.54 -7.78
C TYR D 227 -54.30 -40.84 -7.05
N GLY D 228 -54.39 -41.98 -7.78
CA GLY D 228 -54.07 -43.30 -7.24
C GLY D 228 -55.15 -43.84 -6.31
N LEU D 229 -56.43 -43.57 -6.66
CA LEU D 229 -57.58 -44.17 -5.98
C LEU D 229 -57.94 -45.50 -6.64
N GLY D 230 -58.30 -46.49 -5.81
CA GLY D 230 -59.07 -47.63 -6.28
C GLY D 230 -60.37 -47.14 -6.90
N VAL D 231 -60.89 -47.86 -7.91
CA VAL D 231 -62.23 -47.57 -8.43
C VAL D 231 -63.07 -48.81 -8.19
N ILE D 232 -64.19 -48.60 -7.50
CA ILE D 232 -65.11 -49.66 -7.13
C ILE D 232 -66.44 -49.37 -7.83
N ALA D 233 -66.85 -50.26 -8.73
CA ALA D 233 -68.04 -50.05 -9.53
C ALA D 233 -69.26 -50.49 -8.74
N TRP D 234 -70.16 -49.56 -8.40
CA TRP D 234 -71.45 -49.98 -7.88
C TRP D 234 -72.48 -50.05 -9.01
N SER D 235 -73.53 -50.86 -8.74
CA SER D 235 -74.61 -51.16 -9.65
C SER D 235 -74.02 -51.70 -10.94
N PRO D 236 -73.20 -52.76 -10.84
CA PRO D 236 -72.44 -53.28 -11.98
C PRO D 236 -73.32 -53.94 -13.03
N LEU D 237 -74.57 -54.29 -12.66
CA LEU D 237 -75.56 -54.83 -13.57
C LEU D 237 -76.62 -53.78 -13.93
N HIS D 238 -76.33 -52.49 -13.67
CA HIS D 238 -77.26 -51.39 -13.84
C HIS D 238 -78.66 -51.73 -13.31
N GLY D 239 -78.70 -52.23 -12.06
CA GLY D 239 -79.92 -52.52 -11.35
C GLY D 239 -80.70 -53.71 -11.93
N GLY D 240 -80.00 -54.74 -12.45
CA GLY D 240 -80.65 -55.91 -13.03
C GLY D 240 -80.66 -55.91 -14.56
N LEU D 241 -80.66 -54.72 -15.16
CA LEU D 241 -80.87 -54.55 -16.59
C LEU D 241 -79.88 -55.37 -17.42
N LEU D 242 -78.66 -55.51 -16.92
CA LEU D 242 -77.62 -56.28 -17.60
C LEU D 242 -77.65 -57.73 -17.13
N GLY D 243 -78.70 -58.11 -16.38
CA GLY D 243 -78.89 -59.48 -15.90
C GLY D 243 -79.81 -60.34 -16.79
N GLY D 244 -80.77 -59.73 -17.52
CA GLY D 244 -81.78 -60.48 -18.26
C GLY D 244 -83.07 -59.67 -18.54
N ALA D 245 -83.64 -59.89 -19.75
CA ALA D 245 -84.99 -59.51 -20.16
C ALA D 245 -85.78 -60.75 -20.63
N ILE D 246 -85.08 -61.91 -20.71
CA ILE D 246 -85.71 -63.22 -20.62
C ILE D 246 -86.48 -63.32 -19.31
N ARG D 247 -85.89 -62.79 -18.22
CA ARG D 247 -86.48 -62.68 -16.88
C ARG D 247 -85.53 -63.38 -15.89
N PRO D 269 -87.17 -47.75 -24.54
CA PRO D 269 -87.59 -48.08 -25.92
C PRO D 269 -86.40 -48.20 -26.89
N GLN D 270 -85.56 -47.16 -26.92
CA GLN D 270 -84.24 -47.25 -27.53
C GLN D 270 -83.36 -48.18 -26.68
N GLN D 271 -83.60 -48.19 -25.36
CA GLN D 271 -82.77 -48.92 -24.41
C GLN D 271 -83.18 -50.40 -24.37
N ARG D 272 -84.47 -50.70 -24.53
CA ARG D 272 -84.93 -52.08 -24.65
C ARG D 272 -84.21 -52.74 -25.84
N GLU D 273 -84.14 -52.01 -26.95
CA GLU D 273 -83.51 -52.44 -28.19
C GLU D 273 -82.03 -52.77 -27.98
N GLN D 274 -81.38 -52.02 -27.08
CA GLN D 274 -79.94 -52.12 -26.83
C GLN D 274 -79.64 -53.36 -26.00
N ILE D 275 -80.49 -53.57 -24.98
CA ILE D 275 -80.36 -54.69 -24.05
C ILE D 275 -80.68 -56.01 -24.78
N GLN D 276 -81.63 -55.93 -25.73
CA GLN D 276 -82.01 -57.05 -26.57
C GLN D 276 -80.77 -57.52 -27.32
N ARG D 277 -80.09 -56.58 -27.97
CA ARG D 277 -78.92 -56.87 -28.80
C ARG D 277 -77.82 -57.53 -27.97
N TYR D 278 -77.72 -57.09 -26.69
CA TYR D 278 -76.82 -57.60 -25.67
C TYR D 278 -77.13 -59.05 -25.34
N GLU D 279 -78.39 -59.32 -24.99
CA GLU D 279 -78.76 -60.67 -24.56
C GLU D 279 -78.66 -61.67 -25.70
N ASP D 280 -78.94 -61.21 -26.93
CA ASP D 280 -78.80 -62.06 -28.11
C ASP D 280 -77.34 -62.40 -28.35
N LEU D 281 -76.45 -61.41 -28.16
CA LEU D 281 -75.02 -61.65 -28.34
C LEU D 281 -74.56 -62.73 -27.35
N LEU D 282 -75.10 -62.71 -26.12
CA LEU D 282 -74.63 -63.60 -25.08
C LEU D 282 -75.25 -64.98 -25.22
N ASP D 283 -76.40 -65.07 -25.90
CA ASP D 283 -76.94 -66.35 -26.32
C ASP D 283 -75.99 -66.98 -27.35
N LYS D 284 -75.53 -66.22 -28.35
CA LYS D 284 -74.63 -66.76 -29.36
C LYS D 284 -73.41 -67.43 -28.72
N HIS D 285 -72.83 -66.85 -27.65
CA HIS D 285 -71.55 -67.34 -27.13
C HIS D 285 -71.70 -68.22 -25.89
N GLY D 286 -72.93 -68.42 -25.42
CA GLY D 286 -73.19 -69.24 -24.25
C GLY D 286 -72.60 -68.65 -22.96
N LEU D 287 -72.93 -67.37 -22.68
CA LEU D 287 -72.43 -66.62 -21.53
C LEU D 287 -73.62 -66.09 -20.73
N GLU D 288 -73.57 -66.22 -19.40
CA GLU D 288 -74.61 -65.67 -18.54
C GLU D 288 -74.50 -64.14 -18.53
N PRO D 289 -75.59 -63.36 -18.74
CA PRO D 289 -75.52 -61.89 -18.72
C PRO D 289 -74.93 -61.26 -17.46
N GLY D 290 -75.30 -61.81 -16.29
CA GLY D 290 -74.86 -61.30 -15.01
C GLY D 290 -73.34 -61.43 -14.83
N GLU D 291 -72.78 -62.50 -15.37
CA GLU D 291 -71.36 -62.79 -15.23
C GLU D 291 -70.54 -61.88 -16.15
N VAL D 292 -71.10 -61.51 -17.31
CA VAL D 292 -70.34 -60.79 -18.30
C VAL D 292 -70.23 -59.32 -17.86
N ALA D 293 -71.31 -58.78 -17.29
CA ALA D 293 -71.35 -57.41 -16.82
C ALA D 293 -70.27 -57.16 -15.76
N LEU D 294 -70.01 -58.16 -14.92
CA LEU D 294 -68.98 -58.08 -13.89
C LEU D 294 -67.60 -58.24 -14.50
N ALA D 295 -67.41 -59.29 -15.33
CA ALA D 295 -66.12 -59.57 -15.92
C ALA D 295 -65.64 -58.41 -16.82
N TRP D 296 -66.59 -57.75 -17.47
CA TRP D 296 -66.28 -56.60 -18.29
C TRP D 296 -65.72 -55.47 -17.43
N LEU D 297 -66.34 -55.19 -16.26
CA LEU D 297 -65.82 -54.15 -15.37
C LEU D 297 -64.39 -54.50 -14.89
N LEU D 298 -64.09 -55.81 -14.75
CA LEU D 298 -62.75 -56.27 -14.39
C LEU D 298 -61.73 -56.11 -15.52
N THR D 299 -62.14 -55.66 -16.72
CA THR D 299 -61.19 -55.38 -17.79
C THR D 299 -60.92 -53.88 -17.89
N ARG D 300 -61.67 -53.05 -17.17
CA ARG D 300 -61.58 -51.61 -17.35
C ARG D 300 -60.34 -51.09 -16.64
N PRO D 301 -59.54 -50.23 -17.30
CA PRO D 301 -58.35 -49.63 -16.68
C PRO D 301 -58.74 -48.83 -15.45
N GLY D 302 -58.06 -49.12 -14.34
CA GLY D 302 -58.24 -48.37 -13.12
C GLY D 302 -59.24 -49.01 -12.17
N VAL D 303 -60.00 -50.01 -12.65
CA VAL D 303 -61.05 -50.58 -11.85
C VAL D 303 -60.47 -51.64 -10.92
N THR D 304 -60.69 -51.44 -9.62
CA THR D 304 -60.35 -52.43 -8.62
C THR D 304 -61.21 -53.67 -8.84
N GLY D 305 -62.52 -53.42 -8.93
CA GLY D 305 -63.50 -54.45 -9.13
C GLY D 305 -64.90 -53.98 -8.83
N PRO D 306 -65.95 -54.77 -9.18
CA PRO D 306 -67.34 -54.41 -8.89
C PRO D 306 -67.77 -54.82 -7.49
N ILE D 307 -68.79 -54.12 -6.97
CA ILE D 307 -69.54 -54.58 -5.81
C ILE D 307 -70.52 -55.65 -6.27
N VAL D 308 -70.39 -56.87 -5.73
CA VAL D 308 -71.39 -57.90 -5.98
C VAL D 308 -72.32 -57.97 -4.77
N GLY D 309 -73.62 -57.89 -5.04
CA GLY D 309 -74.63 -57.88 -3.98
C GLY D 309 -75.54 -59.10 -4.02
N PRO D 310 -75.08 -60.30 -3.57
CA PRO D 310 -75.90 -61.50 -3.64
C PRO D 310 -77.02 -61.55 -2.59
N ARG D 311 -78.18 -62.09 -2.98
CA ARG D 311 -79.27 -62.43 -2.05
C ARG D 311 -79.01 -63.81 -1.44
N THR D 312 -78.22 -64.65 -2.12
CA THR D 312 -78.08 -66.07 -1.81
C THR D 312 -76.65 -66.56 -2.09
N ALA D 313 -76.31 -67.74 -1.55
CA ALA D 313 -75.01 -68.38 -1.75
C ALA D 313 -74.80 -68.82 -3.20
N ASP D 314 -75.90 -69.09 -3.93
CA ASP D 314 -75.80 -69.44 -5.35
C ASP D 314 -75.39 -68.23 -6.17
N GLN D 315 -75.98 -67.07 -5.85
CA GLN D 315 -75.64 -65.82 -6.52
C GLN D 315 -74.18 -65.43 -6.28
N LEU D 316 -73.64 -65.77 -5.10
CA LEU D 316 -72.25 -65.51 -4.76
C LEU D 316 -71.33 -66.40 -5.60
N ALA D 317 -71.61 -67.70 -5.67
CA ALA D 317 -70.74 -68.63 -6.38
C ALA D 317 -70.66 -68.24 -7.85
N SER D 318 -71.76 -67.66 -8.35
CA SER D 318 -71.87 -67.15 -9.71
C SER D 318 -70.98 -65.91 -9.94
N ALA D 319 -70.95 -64.99 -8.97
CA ALA D 319 -70.05 -63.83 -9.00
C ALA D 319 -68.60 -64.28 -9.02
N VAL D 320 -68.26 -65.32 -8.24
CA VAL D 320 -66.92 -65.90 -8.22
C VAL D 320 -66.57 -66.47 -9.59
N ARG D 321 -67.58 -67.03 -10.28
CA ARG D 321 -67.37 -67.59 -11.60
C ARG D 321 -67.12 -66.45 -12.59
N ALA D 322 -67.82 -65.33 -12.43
CA ALA D 322 -67.62 -64.14 -13.27
C ALA D 322 -66.20 -63.57 -13.12
N ALA D 323 -65.60 -63.75 -11.93
CA ALA D 323 -64.23 -63.35 -11.66
C ALA D 323 -63.24 -64.21 -12.45
N GLU D 324 -63.61 -65.47 -12.73
CA GLU D 324 -62.76 -66.45 -13.41
C GLU D 324 -62.86 -66.32 -14.94
N LEU D 325 -63.93 -65.70 -15.44
CA LEU D 325 -64.17 -65.59 -16.87
C LEU D 325 -63.08 -64.81 -17.58
N THR D 326 -62.65 -65.33 -18.74
CA THR D 326 -61.96 -64.50 -19.72
C THR D 326 -62.94 -64.20 -20.85
N LEU D 327 -62.86 -62.97 -21.34
CA LEU D 327 -63.72 -62.51 -22.41
C LEU D 327 -62.84 -62.28 -23.63
N THR D 328 -63.16 -62.96 -24.75
CA THR D 328 -62.40 -62.84 -25.99
C THR D 328 -62.42 -61.39 -26.47
N ASP D 329 -61.45 -61.05 -27.33
CA ASP D 329 -61.38 -59.71 -27.90
C ASP D 329 -62.61 -59.47 -28.78
N GLU D 330 -63.20 -60.54 -29.33
CA GLU D 330 -64.39 -60.40 -30.13
C GLU D 330 -65.57 -59.98 -29.26
N VAL D 331 -65.76 -60.63 -28.11
CA VAL D 331 -66.84 -60.32 -27.19
C VAL D 331 -66.66 -58.92 -26.62
N LEU D 332 -65.41 -58.53 -26.35
CA LEU D 332 -65.11 -57.22 -25.78
C LEU D 332 -65.43 -56.12 -26.80
N THR D 333 -65.09 -56.38 -28.07
CA THR D 333 -65.31 -55.43 -29.15
C THR D 333 -66.80 -55.30 -29.44
N ALA D 334 -67.53 -56.42 -29.35
CA ALA D 334 -68.98 -56.41 -29.55
C ALA D 334 -69.66 -55.55 -28.48
N LEU D 335 -69.34 -55.82 -27.20
CA LEU D 335 -69.95 -55.09 -26.11
C LEU D 335 -69.71 -53.58 -26.27
N ASP D 336 -68.49 -53.24 -26.71
CA ASP D 336 -68.11 -51.85 -26.93
C ASP D 336 -68.93 -51.20 -28.05
N GLU D 337 -69.39 -51.96 -29.07
CA GLU D 337 -70.18 -51.41 -30.15
C GLU D 337 -71.58 -51.12 -29.65
N ILE D 338 -72.18 -52.11 -28.98
CA ILE D 338 -73.52 -52.00 -28.45
C ILE D 338 -73.59 -50.86 -27.42
N PHE D 339 -72.58 -50.83 -26.53
CA PHE D 339 -72.55 -49.96 -25.37
C PHE D 339 -71.33 -49.02 -25.45
N PRO D 340 -71.34 -47.99 -26.32
CA PRO D 340 -70.14 -47.16 -26.49
C PRO D 340 -69.91 -46.36 -25.21
N GLY D 341 -68.62 -46.12 -24.92
CA GLY D 341 -68.21 -45.22 -23.85
C GLY D 341 -67.88 -43.84 -24.40
N PRO D 342 -67.95 -42.77 -23.57
CA PRO D 342 -67.64 -41.41 -24.02
C PRO D 342 -66.15 -41.14 -24.17
N GLY D 343 -65.32 -41.90 -23.45
CA GLY D 343 -63.91 -41.54 -23.33
C GLY D 343 -63.68 -40.31 -22.44
N PRO D 344 -62.41 -39.94 -22.21
CA PRO D 344 -62.08 -38.80 -21.34
C PRO D 344 -62.51 -37.45 -21.90
N SER D 345 -62.87 -36.52 -21.01
CA SER D 345 -62.91 -35.09 -21.34
C SER D 345 -61.49 -34.53 -21.39
N PRO D 346 -61.21 -33.50 -22.21
CA PRO D 346 -62.21 -32.82 -23.05
C PRO D 346 -62.62 -33.49 -24.37
N GLU D 347 -61.87 -34.51 -24.79
CA GLU D 347 -62.13 -35.16 -26.07
C GLU D 347 -63.59 -35.63 -26.17
N ALA D 348 -64.20 -36.05 -25.05
CA ALA D 348 -65.56 -36.60 -25.05
C ALA D 348 -66.60 -35.64 -25.64
N PHE D 349 -66.40 -34.32 -25.52
CA PHE D 349 -67.41 -33.40 -26.00
C PHE D 349 -66.80 -32.32 -26.90
N ALA D 350 -65.47 -32.28 -26.98
CA ALA D 350 -64.78 -31.25 -27.74
C ALA D 350 -63.75 -31.93 -28.65
N TRP D 351 -62.46 -31.77 -28.37
CA TRP D 351 -61.41 -32.53 -29.04
C TRP D 351 -60.25 -32.72 -28.05
N MET E 21 -0.09 -26.09 1.28
CA MET E 21 -1.29 -25.31 1.73
C MET E 21 -2.39 -26.30 2.13
N GLU E 22 -3.04 -26.03 3.28
CA GLU E 22 -4.11 -26.89 3.77
C GLU E 22 -5.45 -26.34 3.29
N TYR E 23 -6.32 -27.24 2.76
CA TYR E 23 -7.66 -26.89 2.29
C TYR E 23 -8.74 -27.48 3.20
N THR E 24 -9.90 -26.81 3.22
CA THR E 24 -11.07 -27.23 3.97
C THR E 24 -12.34 -26.77 3.25
N GLN E 25 -13.43 -27.53 3.45
CA GLN E 25 -14.76 -27.05 3.15
C GLN E 25 -15.04 -25.82 4.02
N LEU E 26 -15.63 -24.77 3.42
CA LEU E 26 -16.17 -23.68 4.23
C LEU E 26 -17.44 -24.15 4.94
N GLY E 27 -17.29 -24.57 6.19
CA GLY E 27 -18.41 -25.15 6.90
C GLY E 27 -18.98 -26.32 6.13
N ARG E 28 -20.32 -26.31 6.00
CA ARG E 28 -21.08 -27.45 5.50
C ARG E 28 -21.21 -27.38 3.97
N ILE E 29 -20.83 -26.24 3.36
CA ILE E 29 -21.04 -26.05 1.93
C ILE E 29 -19.91 -26.70 1.12
N GLY E 30 -20.12 -26.71 -0.19
CA GLY E 30 -19.25 -27.41 -1.13
C GLY E 30 -18.02 -26.61 -1.54
N LEU E 31 -17.94 -25.35 -1.09
CA LEU E 31 -16.83 -24.46 -1.43
C LEU E 31 -15.60 -24.90 -0.65
N LYS E 32 -14.49 -25.13 -1.35
CA LYS E 32 -13.21 -25.46 -0.74
C LYS E 32 -12.36 -24.19 -0.65
N VAL E 33 -11.82 -23.90 0.54
CA VAL E 33 -10.97 -22.73 0.72
C VAL E 33 -9.65 -23.13 1.38
N SER E 34 -8.61 -22.34 1.09
CA SER E 34 -7.37 -22.38 1.85
C SER E 34 -7.66 -22.04 3.32
N ARG E 35 -6.92 -22.66 4.24
CA ARG E 35 -7.05 -22.43 5.68
C ARG E 35 -6.36 -21.12 6.09
N LEU E 36 -5.68 -20.42 5.17
CA LEU E 36 -5.30 -19.03 5.40
C LEU E 36 -6.21 -18.16 4.55
N VAL E 37 -6.73 -17.07 5.14
CA VAL E 37 -7.61 -16.18 4.41
C VAL E 37 -6.86 -14.86 4.20
N LEU E 38 -6.61 -14.52 2.94
CA LEU E 38 -5.85 -13.32 2.65
C LEU E 38 -6.74 -12.08 2.82
N GLY E 39 -6.48 -11.31 3.89
CA GLY E 39 -7.05 -9.99 4.08
C GLY E 39 -6.16 -8.87 3.51
N THR E 40 -6.40 -7.62 3.96
CA THR E 40 -5.68 -6.45 3.49
C THR E 40 -5.48 -5.43 4.61
N MET E 41 -4.43 -4.59 4.48
CA MET E 41 -4.07 -3.62 5.50
C MET E 41 -4.30 -2.19 4.96
N ASP E 48 1.55 0.18 -1.85
CA ASP E 48 0.68 0.83 -2.87
C ASP E 48 0.17 -0.24 -3.84
N GLU E 49 -0.04 0.11 -5.12
CA GLU E 49 -0.90 -0.68 -5.98
C GLU E 49 -0.19 -1.91 -6.55
N ALA E 50 0.96 -1.73 -7.21
CA ALA E 50 1.61 -2.83 -7.92
C ALA E 50 2.24 -3.83 -6.93
N GLU E 51 2.43 -3.41 -5.67
CA GLU E 51 2.95 -4.26 -4.60
C GLU E 51 1.86 -5.07 -3.91
N SER E 52 0.60 -4.58 -3.93
CA SER E 52 -0.52 -5.39 -3.46
C SER E 52 -0.75 -6.51 -4.47
N HIS E 53 -0.76 -6.13 -5.75
CA HIS E 53 -0.88 -7.04 -6.89
C HIS E 53 0.14 -8.16 -6.84
N ALA E 54 1.38 -7.81 -6.47
CA ALA E 54 2.46 -8.78 -6.45
C ALA E 54 2.29 -9.75 -5.27
N ILE E 55 1.85 -9.28 -4.10
CA ILE E 55 1.64 -10.18 -2.98
C ILE E 55 0.41 -11.08 -3.23
N MET E 56 -0.59 -10.57 -3.94
CA MET E 56 -1.74 -11.39 -4.30
C MET E 56 -1.31 -12.51 -5.26
N ASP E 57 -0.45 -12.20 -6.25
CA ASP E 57 0.07 -13.18 -7.19
C ASP E 57 0.83 -14.25 -6.43
N ALA E 58 1.61 -13.81 -5.43
CA ALA E 58 2.42 -14.74 -4.66
C ALA E 58 1.54 -15.64 -3.79
N ALA E 59 0.43 -15.09 -3.29
CA ALA E 59 -0.51 -15.86 -2.49
C ALA E 59 -1.16 -16.97 -3.33
N LEU E 60 -1.51 -16.69 -4.60
CA LEU E 60 -1.97 -17.72 -5.52
C LEU E 60 -0.93 -18.83 -5.68
N ASP E 61 0.31 -18.45 -5.97
CA ASP E 61 1.40 -19.37 -6.19
C ASP E 61 1.60 -20.29 -4.98
N ALA E 62 1.38 -19.78 -3.76
CA ALA E 62 1.41 -20.60 -2.55
C ALA E 62 0.09 -21.36 -2.32
N GLY E 63 -0.94 -21.08 -3.14
CA GLY E 63 -2.15 -21.89 -3.17
C GLY E 63 -3.28 -21.33 -2.31
N ILE E 64 -3.13 -20.06 -1.90
CA ILE E 64 -4.19 -19.33 -1.22
C ILE E 64 -5.19 -18.88 -2.28
N ASN E 65 -6.45 -19.36 -2.17
CA ASN E 65 -7.51 -19.02 -3.12
C ASN E 65 -8.58 -18.09 -2.48
N PHE E 66 -8.48 -17.85 -1.17
CA PHE E 66 -9.54 -17.19 -0.42
C PHE E 66 -9.07 -15.78 -0.08
N PHE E 67 -9.61 -14.80 -0.79
CA PHE E 67 -9.28 -13.38 -0.65
C PHE E 67 -10.45 -12.61 -0.03
N ASP E 68 -10.19 -11.90 1.06
CA ASP E 68 -11.19 -11.14 1.79
C ASP E 68 -10.74 -9.67 1.85
N THR E 69 -11.66 -8.73 1.63
CA THR E 69 -11.32 -7.31 1.66
C THR E 69 -11.29 -6.76 3.08
N ALA E 70 -11.72 -7.55 4.07
CA ALA E 70 -11.68 -7.12 5.46
C ALA E 70 -10.28 -6.61 5.82
N ASN E 71 -10.23 -5.45 6.50
CA ASN E 71 -9.01 -4.94 7.13
C ASN E 71 -8.52 -5.94 8.18
N VAL E 72 -7.21 -6.20 8.18
CA VAL E 72 -6.56 -7.02 9.20
C VAL E 72 -6.24 -6.09 10.39
N GLY E 80 -12.96 0.20 0.41
CA GLY E 80 -13.16 1.16 -0.69
C GLY E 80 -11.99 1.15 -1.67
N ARG E 81 -10.85 1.70 -1.22
CA ARG E 81 -9.63 1.63 -2.00
C ARG E 81 -9.26 0.16 -2.18
N THR E 82 -9.44 -0.63 -1.12
CA THR E 82 -9.03 -2.04 -1.15
C THR E 82 -9.74 -2.78 -2.29
N GLU E 83 -11.02 -2.51 -2.47
CA GLU E 83 -11.78 -3.13 -3.54
C GLU E 83 -11.27 -2.70 -4.91
N GLU E 84 -10.84 -1.44 -5.05
CA GLU E 84 -10.34 -0.92 -6.32
C GLU E 84 -9.03 -1.62 -6.71
N ILE E 85 -8.21 -1.91 -5.70
CA ILE E 85 -6.93 -2.57 -5.91
C ILE E 85 -7.16 -4.00 -6.39
N LEU E 86 -8.13 -4.70 -5.77
CA LEU E 86 -8.55 -6.01 -6.24
C LEU E 86 -9.06 -5.88 -7.67
N GLY E 87 -9.83 -4.84 -7.96
CA GLY E 87 -10.37 -4.65 -9.29
C GLY E 87 -9.30 -4.58 -10.37
N SER E 88 -8.26 -3.77 -10.14
CA SER E 88 -7.19 -3.63 -11.11
C SER E 88 -6.39 -4.94 -11.21
N TRP E 89 -6.33 -5.70 -10.11
CA TRP E 89 -5.73 -7.03 -10.12
C TRP E 89 -6.43 -7.99 -11.10
N PHE E 90 -7.77 -8.04 -11.07
CA PHE E 90 -8.54 -8.89 -11.98
C PHE E 90 -8.44 -8.32 -13.41
N ALA E 91 -8.28 -7.00 -13.54
CA ALA E 91 -8.22 -6.34 -14.84
C ALA E 91 -6.97 -6.74 -15.65
N GLN E 92 -5.94 -7.27 -14.99
CA GLN E 92 -4.75 -7.78 -15.65
C GLN E 92 -5.06 -9.04 -16.44
N GLY E 93 -6.07 -9.81 -16.02
CA GLY E 93 -6.43 -11.07 -16.66
C GLY E 93 -5.62 -12.23 -16.08
N GLY E 94 -5.40 -13.27 -16.90
CA GLY E 94 -4.60 -14.41 -16.47
C GLY E 94 -5.36 -15.32 -15.52
N ASP E 95 -6.70 -15.32 -15.61
CA ASP E 95 -7.54 -16.23 -14.84
C ASP E 95 -7.45 -15.91 -13.33
N ARG E 96 -7.18 -14.64 -12.98
CA ARG E 96 -7.05 -14.21 -11.58
C ARG E 96 -8.41 -14.29 -10.89
N ARG E 97 -9.44 -13.72 -11.49
CA ARG E 97 -10.79 -13.77 -10.96
C ARG E 97 -11.26 -15.22 -10.79
N ASP E 98 -11.06 -16.02 -11.84
CA ASP E 98 -11.51 -17.41 -11.88
C ASP E 98 -10.83 -18.26 -10.80
N LYS E 99 -9.65 -17.85 -10.29
CA LYS E 99 -8.90 -18.68 -9.37
C LYS E 99 -9.23 -18.34 -7.92
N VAL E 100 -9.87 -17.18 -7.65
CA VAL E 100 -10.04 -16.80 -6.26
C VAL E 100 -11.52 -16.87 -5.86
N VAL E 101 -11.71 -17.28 -4.59
CA VAL E 101 -12.91 -16.97 -3.82
C VAL E 101 -12.83 -15.55 -3.25
N LEU E 102 -13.65 -14.68 -3.84
CA LEU E 102 -13.67 -13.27 -3.52
C LEU E 102 -14.71 -12.99 -2.45
N ALA E 103 -14.26 -12.58 -1.27
CA ALA E 103 -15.17 -12.16 -0.21
C ALA E 103 -15.04 -10.66 0.03
N THR E 104 -16.17 -9.95 0.12
CA THR E 104 -16.18 -8.55 0.54
C THR E 104 -17.25 -8.38 1.61
N LYS E 105 -17.40 -7.16 2.13
CA LYS E 105 -18.32 -6.89 3.22
C LYS E 105 -19.15 -5.65 2.92
N VAL E 106 -20.21 -5.50 3.73
CA VAL E 106 -21.03 -4.30 3.77
C VAL E 106 -20.22 -3.14 4.33
N TYR E 107 -20.60 -1.91 3.89
CA TYR E 107 -20.23 -0.61 4.45
C TYR E 107 -18.97 -0.12 3.73
N ALA E 116 -23.14 9.04 10.39
CA ALA E 116 -23.75 8.25 9.28
C ALA E 116 -25.10 8.84 8.88
N TRP E 117 -25.26 9.09 7.57
CA TRP E 117 -26.56 9.48 7.07
C TRP E 117 -27.47 8.26 7.19
N PRO E 118 -28.76 8.42 7.58
CA PRO E 118 -29.67 7.29 7.68
C PRO E 118 -29.63 6.39 6.44
N ASN E 119 -29.54 5.07 6.75
CA ASN E 119 -29.52 3.97 5.79
C ASN E 119 -28.24 3.93 4.94
N HIS E 120 -27.18 4.62 5.38
CA HIS E 120 -25.90 4.52 4.70
C HIS E 120 -24.94 3.75 5.59
N ASP E 121 -25.50 3.20 6.67
CA ASP E 121 -24.90 2.16 7.48
C ASP E 121 -25.97 1.11 7.72
N LYS E 122 -25.59 -0.03 8.33
CA LYS E 122 -26.52 -1.05 8.80
C LYS E 122 -26.96 -1.92 7.61
N LEU E 123 -28.01 -2.71 7.82
CA LEU E 123 -28.30 -3.86 6.97
C LEU E 123 -29.72 -3.80 6.39
N SER E 124 -30.29 -2.58 6.26
CA SER E 124 -31.51 -2.36 5.50
C SER E 124 -31.33 -2.90 4.09
N ALA E 125 -32.40 -3.42 3.49
CA ALA E 125 -32.42 -3.73 2.07
C ALA E 125 -31.91 -2.54 1.24
N LEU E 126 -32.14 -1.30 1.73
CA LEU E 126 -31.67 -0.13 0.98
C LEU E 126 -30.14 -0.07 0.97
N ASN E 127 -29.49 -0.22 2.14
CA ASN E 127 -28.05 -0.09 2.22
C ASN E 127 -27.40 -1.31 1.60
N ILE E 128 -28.02 -2.48 1.70
CA ILE E 128 -27.44 -3.66 1.06
C ILE E 128 -27.34 -3.41 -0.44
N ARG E 129 -28.43 -2.92 -1.04
CA ARG E 129 -28.44 -2.69 -2.46
C ARG E 129 -27.36 -1.69 -2.91
N ARG E 130 -27.23 -0.56 -2.19
CA ARG E 130 -26.28 0.47 -2.61
C ARG E 130 -24.85 0.00 -2.33
N SER E 131 -24.64 -0.74 -1.23
CA SER E 131 -23.32 -1.25 -0.91
C SER E 131 -22.83 -2.29 -1.93
N VAL E 132 -23.69 -3.25 -2.31
CA VAL E 132 -23.28 -4.29 -3.25
C VAL E 132 -23.00 -3.69 -4.63
N ASP E 133 -23.83 -2.73 -5.09
CA ASP E 133 -23.64 -2.01 -6.34
C ASP E 133 -22.27 -1.32 -6.39
N ALA E 134 -21.88 -0.67 -5.28
CA ALA E 134 -20.60 0.01 -5.23
C ALA E 134 -19.45 -1.01 -5.19
N SER E 135 -19.67 -2.13 -4.49
CA SER E 135 -18.66 -3.18 -4.45
C SER E 135 -18.39 -3.77 -5.82
N LEU E 136 -19.44 -4.04 -6.61
CA LEU E 136 -19.25 -4.71 -7.88
C LEU E 136 -18.51 -3.77 -8.86
N LYS E 137 -18.85 -2.48 -8.81
CA LYS E 137 -18.16 -1.47 -9.60
C LYS E 137 -16.69 -1.35 -9.16
N ARG E 138 -16.43 -1.15 -7.88
CA ARG E 138 -15.07 -1.02 -7.43
C ARG E 138 -14.26 -2.26 -7.72
N LEU E 139 -14.86 -3.42 -7.58
CA LEU E 139 -14.15 -4.69 -7.80
C LEU E 139 -14.04 -5.05 -9.30
N GLY E 140 -14.72 -4.30 -10.19
CA GLY E 140 -14.72 -4.62 -11.61
C GLY E 140 -14.95 -6.11 -11.89
N THR E 141 -16.01 -6.68 -11.30
CA THR E 141 -16.43 -8.06 -11.52
C THR E 141 -17.95 -8.06 -11.58
N ASP E 142 -18.52 -9.12 -12.16
CA ASP E 142 -19.97 -9.22 -12.24
C ASP E 142 -20.54 -10.05 -11.06
N HIS E 143 -19.69 -10.58 -10.17
CA HIS E 143 -20.20 -11.35 -9.04
C HIS E 143 -19.22 -11.39 -7.89
N ILE E 144 -19.81 -11.47 -6.70
CA ILE E 144 -19.04 -11.70 -5.47
C ILE E 144 -19.33 -13.12 -5.02
N ASP E 145 -18.27 -13.83 -4.60
CA ASP E 145 -18.40 -15.22 -4.18
C ASP E 145 -18.97 -15.27 -2.77
N LEU E 146 -18.40 -14.51 -1.83
CA LEU E 146 -18.88 -14.47 -0.46
C LEU E 146 -19.17 -13.03 -0.07
N TYR E 147 -20.45 -12.72 0.13
CA TYR E 147 -20.79 -11.37 0.56
C TYR E 147 -21.15 -11.41 2.05
N GLN E 148 -20.48 -10.58 2.85
CA GLN E 148 -20.57 -10.70 4.29
C GLN E 148 -21.16 -9.44 4.90
N PHE E 149 -21.99 -9.64 5.91
CA PHE E 149 -22.42 -8.59 6.79
C PHE E 149 -21.27 -8.29 7.72
N HIS E 150 -21.13 -7.00 8.08
CA HIS E 150 -19.97 -6.46 8.76
C HIS E 150 -20.16 -6.53 10.27
N HIS E 151 -21.44 -6.53 10.66
CA HIS E 151 -21.86 -6.55 12.05
C HIS E 151 -23.35 -6.91 12.12
N VAL E 152 -23.81 -7.50 13.22
CA VAL E 152 -25.23 -7.71 13.44
C VAL E 152 -25.93 -6.34 13.50
N ASP E 153 -27.12 -6.28 12.89
CA ASP E 153 -28.00 -5.14 12.95
C ASP E 153 -29.31 -5.58 13.58
N ARG E 154 -29.46 -5.31 14.86
CA ARG E 154 -30.62 -5.74 15.59
C ARG E 154 -31.92 -5.09 15.21
N ASP E 155 -31.86 -4.10 14.35
CA ASP E 155 -33.07 -3.39 13.98
C ASP E 155 -33.61 -3.83 12.61
N THR E 156 -32.92 -4.74 11.91
CA THR E 156 -33.41 -5.25 10.64
C THR E 156 -33.84 -6.72 10.79
N PRO E 157 -35.10 -7.10 10.42
CA PRO E 157 -35.52 -8.50 10.47
C PRO E 157 -34.94 -9.30 9.28
N TRP E 158 -34.84 -10.61 9.50
CA TRP E 158 -34.21 -11.51 8.56
C TRP E 158 -35.02 -11.67 7.29
N ASP E 159 -36.34 -11.48 7.34
CA ASP E 159 -37.11 -11.59 6.11
C ASP E 159 -36.73 -10.42 5.18
N GLU E 160 -36.35 -9.26 5.72
CA GLU E 160 -35.89 -8.13 4.93
C GLU E 160 -34.48 -8.36 4.40
N ILE E 161 -33.58 -8.87 5.24
CA ILE E 161 -32.23 -9.15 4.82
C ILE E 161 -32.21 -10.26 3.75
N TRP E 162 -32.91 -11.40 3.98
CA TRP E 162 -32.91 -12.45 2.97
C TRP E 162 -33.62 -12.01 1.68
N GLN E 163 -34.61 -11.10 1.74
CA GLN E 163 -35.14 -10.58 0.49
C GLN E 163 -33.97 -9.99 -0.32
N ALA E 164 -33.22 -9.07 0.28
CA ALA E 164 -32.16 -8.35 -0.40
C ALA E 164 -31.09 -9.30 -0.92
N MET E 165 -30.76 -10.36 -0.17
CA MET E 165 -29.71 -11.27 -0.59
C MET E 165 -30.20 -12.18 -1.72
N ASP E 166 -31.47 -12.58 -1.65
CA ASP E 166 -32.05 -13.50 -2.62
C ASP E 166 -32.17 -12.83 -3.99
N VAL E 167 -32.50 -11.52 -3.98
CA VAL E 167 -32.55 -10.73 -5.20
C VAL E 167 -31.19 -10.81 -5.89
N LEU E 168 -30.11 -10.66 -5.13
CA LEU E 168 -28.76 -10.61 -5.67
C LEU E 168 -28.30 -12.00 -6.10
N VAL E 169 -28.61 -13.05 -5.30
CA VAL E 169 -28.29 -14.42 -5.66
C VAL E 169 -28.95 -14.81 -6.99
N ARG E 170 -30.19 -14.35 -7.17
CA ARG E 170 -31.01 -14.74 -8.31
C ARG E 170 -30.59 -13.98 -9.57
N GLN E 171 -30.04 -12.78 -9.42
CA GLN E 171 -29.45 -12.06 -10.56
C GLN E 171 -28.02 -12.54 -10.85
N GLY E 172 -27.46 -13.43 -10.02
CA GLY E 172 -26.15 -14.00 -10.21
C GLY E 172 -25.03 -13.11 -9.67
N LYS E 173 -25.38 -12.10 -8.87
CA LYS E 173 -24.39 -11.11 -8.44
C LYS E 173 -23.62 -11.58 -7.21
N ILE E 174 -24.14 -12.60 -6.52
CA ILE E 174 -23.58 -13.12 -5.29
C ILE E 174 -23.86 -14.62 -5.28
N LEU E 175 -22.92 -15.41 -4.77
CA LEU E 175 -23.10 -16.84 -4.59
C LEU E 175 -23.53 -17.13 -3.15
N TYR E 176 -22.67 -16.75 -2.21
CA TYR E 176 -22.78 -17.17 -0.83
C TYR E 176 -22.83 -15.95 0.09
N VAL E 177 -23.48 -16.14 1.25
CA VAL E 177 -23.66 -15.07 2.21
C VAL E 177 -22.99 -15.51 3.51
N GLY E 178 -22.35 -14.55 4.18
CA GLY E 178 -21.65 -14.81 5.42
C GLY E 178 -21.91 -13.67 6.39
N SER E 179 -21.55 -13.89 7.66
CA SER E 179 -21.71 -12.86 8.67
C SER E 179 -20.36 -12.46 9.28
N SER E 180 -20.33 -11.31 9.97
CA SER E 180 -19.23 -10.89 10.82
C SER E 180 -19.82 -10.30 12.09
N ASN E 181 -19.12 -10.52 13.21
CA ASN E 181 -19.53 -9.98 14.51
C ASN E 181 -21.01 -10.21 14.77
N PHE E 182 -21.39 -11.50 14.80
CA PHE E 182 -22.76 -11.89 15.15
C PHE E 182 -22.71 -12.52 16.53
N ALA E 183 -23.87 -12.56 17.21
CA ALA E 183 -24.07 -13.49 18.32
C ALA E 183 -24.49 -14.84 17.75
N GLY E 184 -24.29 -15.89 18.55
CA GLY E 184 -24.70 -17.25 18.24
C GLY E 184 -26.16 -17.32 17.83
N TRP E 185 -27.01 -16.64 18.60
CA TRP E 185 -28.45 -16.70 18.35
C TRP E 185 -28.84 -15.95 17.08
N ASN E 186 -28.00 -15.00 16.61
CA ASN E 186 -28.25 -14.31 15.37
C ASN E 186 -27.99 -15.25 14.20
N ILE E 187 -26.99 -16.12 14.37
CA ILE E 187 -26.68 -17.13 13.38
C ILE E 187 -27.82 -18.14 13.27
N ALA E 188 -28.27 -18.69 14.41
CA ALA E 188 -29.42 -19.59 14.45
C ALA E 188 -30.63 -18.93 13.77
N GLN E 189 -30.99 -17.71 14.16
CA GLN E 189 -32.20 -17.07 13.66
C GLN E 189 -32.12 -16.88 12.14
N ALA E 190 -30.94 -16.47 11.68
CA ALA E 190 -30.71 -16.17 10.28
C ALA E 190 -30.88 -17.45 9.46
N ASN E 191 -30.24 -18.56 9.89
CA ASN E 191 -30.22 -19.77 9.07
C ASN E 191 -31.53 -20.57 9.18
N GLU E 192 -32.23 -20.49 10.30
CA GLU E 192 -33.58 -21.01 10.45
C GLU E 192 -34.55 -20.23 9.56
N THR E 193 -34.39 -18.90 9.46
CA THR E 193 -35.22 -18.11 8.57
C THR E 193 -34.98 -18.46 7.10
N ALA E 194 -33.71 -18.57 6.66
CA ALA E 194 -33.41 -18.94 5.29
C ALA E 194 -33.95 -20.34 4.95
N ALA E 195 -33.71 -21.35 5.82
CA ALA E 195 -34.16 -22.72 5.61
C ALA E 195 -35.67 -22.83 5.43
N ARG E 196 -36.42 -22.00 6.12
CA ARG E 196 -37.87 -22.00 6.01
C ARG E 196 -38.33 -21.93 4.57
N HIS E 197 -37.64 -21.13 3.76
CA HIS E 197 -38.12 -20.95 2.39
C HIS E 197 -37.10 -21.49 1.38
N GLY E 198 -36.31 -22.46 1.79
CA GLY E 198 -35.50 -23.25 0.87
C GLY E 198 -34.10 -22.68 0.64
N ARG E 199 -33.85 -21.46 1.15
CA ARG E 199 -32.66 -20.68 0.81
C ARG E 199 -31.46 -21.14 1.61
N LEU E 200 -30.29 -21.11 0.97
CA LEU E 200 -29.01 -21.34 1.63
C LEU E 200 -28.74 -20.21 2.62
N GLY E 201 -28.42 -20.58 3.86
CA GLY E 201 -28.22 -19.57 4.88
C GLY E 201 -26.78 -19.05 4.91
N LEU E 202 -26.38 -18.49 6.05
CA LEU E 202 -25.02 -18.02 6.27
C LEU E 202 -24.11 -19.20 6.09
N VAL E 203 -22.98 -19.00 5.42
CA VAL E 203 -22.06 -20.12 5.25
C VAL E 203 -20.81 -19.94 6.09
N SER E 204 -20.66 -18.78 6.74
CA SER E 204 -19.43 -18.41 7.44
C SER E 204 -19.70 -17.27 8.41
N GLU E 205 -18.97 -17.29 9.55
CA GLU E 205 -18.91 -16.19 10.50
C GLU E 205 -17.46 -15.77 10.73
N GLN E 206 -17.20 -14.46 10.59
CA GLN E 206 -15.93 -13.83 10.92
C GLN E 206 -16.06 -13.19 12.31
N CYS E 207 -15.38 -13.79 13.30
CA CYS E 207 -15.41 -13.31 14.67
C CYS E 207 -13.98 -13.06 15.18
N LEU E 208 -13.91 -12.15 16.14
CA LEU E 208 -12.70 -11.92 16.91
C LEU E 208 -12.45 -13.15 17.79
N TYR E 209 -11.34 -13.83 17.52
CA TYR E 209 -11.00 -15.08 18.16
C TYR E 209 -9.47 -15.24 18.12
N ASN E 210 -8.84 -15.40 19.28
CA ASN E 210 -7.41 -15.68 19.38
C ASN E 210 -7.15 -16.16 20.82
N LEU E 211 -5.89 -16.50 21.14
CA LEU E 211 -5.53 -16.96 22.48
C LEU E 211 -6.00 -15.99 23.59
N CYS E 212 -5.97 -14.68 23.33
CA CYS E 212 -6.33 -13.69 24.34
C CYS E 212 -7.84 -13.56 24.46
N GLU E 213 -8.55 -13.53 23.33
CA GLU E 213 -10.00 -13.34 23.36
C GLU E 213 -10.67 -14.63 22.90
N ARG E 214 -11.09 -15.46 23.86
CA ARG E 214 -11.66 -16.75 23.52
C ARG E 214 -13.16 -16.82 23.81
N ARG E 215 -13.82 -15.70 24.14
CA ARG E 215 -15.23 -15.74 24.53
C ARG E 215 -16.18 -16.07 23.37
N ALA E 216 -15.74 -16.02 22.10
CA ALA E 216 -16.51 -16.55 20.99
C ALA E 216 -16.86 -18.02 21.21
N GLU E 217 -16.06 -18.72 22.04
CA GLU E 217 -16.28 -20.13 22.35
C GLU E 217 -17.52 -20.35 23.21
N MET E 218 -18.05 -19.32 23.85
CA MET E 218 -19.21 -19.48 24.70
C MET E 218 -20.44 -19.89 23.88
N GLU E 219 -20.70 -19.17 22.80
CA GLU E 219 -21.91 -19.38 22.01
C GLU E 219 -21.77 -19.12 20.50
N VAL E 220 -20.89 -18.21 20.08
CA VAL E 220 -20.78 -17.90 18.66
C VAL E 220 -20.29 -19.14 17.90
N VAL E 221 -19.22 -19.78 18.39
CA VAL E 221 -18.61 -20.89 17.69
C VAL E 221 -19.47 -22.15 17.81
N PRO E 222 -20.03 -22.48 19.00
CA PRO E 222 -21.05 -23.52 19.06
C PRO E 222 -22.22 -23.35 18.08
N ALA E 223 -22.77 -22.13 17.97
CA ALA E 223 -23.88 -21.89 17.05
C ALA E 223 -23.41 -22.14 15.61
N ALA E 224 -22.23 -21.62 15.27
CA ALA E 224 -21.69 -21.74 13.94
C ALA E 224 -21.45 -23.21 13.59
N ARG E 225 -20.95 -23.97 14.57
CA ARG E 225 -20.73 -25.40 14.39
C ARG E 225 -22.05 -26.17 14.20
N GLU E 226 -23.06 -25.88 15.02
CA GLU E 226 -24.37 -26.49 14.85
C GLU E 226 -24.92 -26.22 13.44
N TYR E 227 -24.80 -24.99 12.93
CA TYR E 227 -25.48 -24.59 11.70
C TYR E 227 -24.59 -24.82 10.48
N GLY E 228 -23.36 -25.34 10.71
CA GLY E 228 -22.41 -25.59 9.64
C GLY E 228 -21.84 -24.31 8.99
N LEU E 229 -21.55 -23.27 9.78
CA LEU E 229 -20.81 -22.11 9.29
C LEU E 229 -19.32 -22.37 9.54
N GLY E 230 -18.48 -22.07 8.55
CA GLY E 230 -17.06 -21.92 8.78
C GLY E 230 -16.79 -20.72 9.70
N VAL E 231 -15.78 -20.86 10.56
CA VAL E 231 -15.43 -19.75 11.43
C VAL E 231 -14.10 -19.15 10.97
N ILE E 232 -14.14 -17.85 10.66
CA ILE E 232 -12.98 -17.12 10.15
C ILE E 232 -12.48 -16.24 11.29
N ALA E 233 -11.22 -16.44 11.71
CA ALA E 233 -10.72 -15.72 12.88
C ALA E 233 -10.05 -14.42 12.40
N TRP E 234 -10.72 -13.33 12.74
CA TRP E 234 -10.24 -11.97 12.57
C TRP E 234 -9.37 -11.60 13.80
N SER E 235 -8.34 -10.77 13.55
CA SER E 235 -7.41 -10.34 14.57
C SER E 235 -6.80 -11.56 15.28
N PRO E 236 -6.22 -12.51 14.51
CA PRO E 236 -5.72 -13.76 15.08
C PRO E 236 -4.51 -13.60 16.00
N LEU E 237 -3.89 -12.41 15.97
CA LEU E 237 -2.72 -12.05 16.78
C LEU E 237 -3.08 -11.00 17.82
N HIS E 238 -4.39 -10.76 18.02
CA HIS E 238 -4.93 -9.75 18.92
C HIS E 238 -4.21 -8.41 18.77
N GLY E 239 -4.31 -7.84 17.55
CA GLY E 239 -3.62 -6.61 17.16
C GLY E 239 -2.09 -6.69 17.28
N GLY E 240 -1.50 -7.87 17.13
CA GLY E 240 -0.05 -8.02 17.23
C GLY E 240 0.46 -8.30 18.66
N LEU E 241 -0.44 -8.38 19.64
CA LEU E 241 -0.06 -8.67 21.01
C LEU E 241 0.50 -10.09 21.16
N LEU E 242 0.11 -11.02 20.28
CA LEU E 242 0.64 -12.37 20.29
C LEU E 242 1.73 -12.54 19.23
N GLY E 243 2.20 -11.42 18.65
CA GLY E 243 3.17 -11.44 17.57
C GLY E 243 4.61 -11.11 18.01
N GLY E 244 4.89 -11.30 19.31
CA GLY E 244 6.20 -11.04 19.92
C GLY E 244 6.36 -9.59 20.40
N ALA E 245 5.33 -9.02 21.04
CA ALA E 245 5.21 -7.57 21.22
C ALA E 245 6.18 -7.02 22.27
N ILE E 246 6.46 -7.83 23.31
CA ILE E 246 7.32 -7.44 24.42
C ILE E 246 8.79 -7.35 23.97
N ARG E 247 9.22 -8.25 23.07
CA ARG E 247 10.51 -8.11 22.39
C ARG E 247 10.55 -6.86 21.52
N LYS E 248 9.49 -6.63 20.74
CA LYS E 248 9.41 -5.50 19.82
C LYS E 248 9.54 -4.16 20.55
N GLU E 249 9.07 -4.07 21.80
CA GLU E 249 9.18 -2.84 22.57
C GLU E 249 10.59 -2.72 23.16
N GLN E 250 11.07 -3.77 23.86
CA GLN E 250 12.33 -3.74 24.61
C GLN E 250 12.32 -2.58 25.62
N PRO E 269 -0.67 -4.66 32.32
CA PRO E 269 -0.68 -4.86 33.79
C PRO E 269 -0.43 -6.33 34.16
N GLN E 270 -1.52 -7.09 34.34
CA GLN E 270 -1.48 -8.54 34.48
C GLN E 270 -1.76 -9.21 33.14
N GLN E 271 -1.97 -8.38 32.10
CA GLN E 271 -2.01 -8.86 30.73
C GLN E 271 -0.58 -9.08 30.23
N ARG E 272 0.33 -8.18 30.61
CA ARG E 272 1.73 -8.26 30.24
C ARG E 272 2.37 -9.51 30.86
N GLU E 273 1.94 -9.89 32.07
CA GLU E 273 2.38 -11.11 32.72
C GLU E 273 2.07 -12.33 31.84
N GLN E 274 0.83 -12.38 31.31
CA GLN E 274 0.36 -13.42 30.39
C GLN E 274 1.23 -13.50 29.13
N ILE E 275 1.44 -12.36 28.47
CA ILE E 275 2.21 -12.32 27.23
C ILE E 275 3.66 -12.75 27.50
N GLN E 276 4.17 -12.43 28.70
CA GLN E 276 5.53 -12.79 29.08
C GLN E 276 5.61 -14.30 29.24
N ARG E 277 4.67 -14.94 29.94
CA ARG E 277 4.74 -16.39 30.10
C ARG E 277 4.61 -17.06 28.74
N TYR E 278 3.91 -16.39 27.80
CA TYR E 278 3.70 -16.87 26.45
C TYR E 278 5.03 -16.81 25.68
N GLU E 279 5.60 -15.59 25.58
CA GLU E 279 6.85 -15.41 24.86
C GLU E 279 7.95 -16.30 25.48
N ASP E 280 7.97 -16.39 26.81
CA ASP E 280 8.98 -17.18 27.49
C ASP E 280 8.77 -18.68 27.20
N LEU E 281 7.52 -19.15 27.15
CA LEU E 281 7.25 -20.55 26.81
C LEU E 281 7.72 -20.86 25.38
N LEU E 282 7.54 -19.89 24.49
CA LEU E 282 7.84 -20.12 23.08
C LEU E 282 9.34 -20.01 22.82
N ASP E 283 10.09 -19.43 23.77
CA ASP E 283 11.55 -19.49 23.72
C ASP E 283 12.03 -20.90 24.06
N LYS E 284 11.53 -21.50 25.14
CA LYS E 284 11.92 -22.86 25.52
C LYS E 284 11.74 -23.84 24.35
N HIS E 285 10.72 -23.62 23.49
CA HIS E 285 10.38 -24.59 22.45
C HIS E 285 10.94 -24.22 21.08
N GLY E 286 11.52 -23.01 20.97
CA GLY E 286 12.11 -22.58 19.72
C GLY E 286 11.04 -22.33 18.67
N LEU E 287 9.96 -21.62 19.08
CA LEU E 287 8.78 -21.34 18.27
C LEU E 287 8.60 -19.82 18.17
N GLU E 288 8.10 -19.35 17.01
CA GLU E 288 7.80 -17.94 16.81
C GLU E 288 6.38 -17.63 17.28
N PRO E 289 6.16 -16.57 18.11
CA PRO E 289 4.81 -16.20 18.55
C PRO E 289 3.83 -15.94 17.39
N GLY E 290 4.27 -15.15 16.40
CA GLY E 290 3.45 -14.89 15.23
C GLY E 290 2.85 -16.17 14.66
N GLU E 291 3.67 -17.19 14.50
CA GLU E 291 3.26 -18.42 13.84
C GLU E 291 2.32 -19.23 14.72
N VAL E 292 2.63 -19.32 16.02
CA VAL E 292 1.96 -20.17 16.98
C VAL E 292 0.52 -19.72 17.23
N ALA E 293 0.27 -18.41 17.24
CA ALA E 293 -1.06 -17.88 17.46
C ALA E 293 -1.97 -18.26 16.28
N LEU E 294 -1.36 -18.38 15.09
CA LEU E 294 -2.06 -18.82 13.89
C LEU E 294 -2.34 -20.32 13.98
N ALA E 295 -1.31 -21.12 14.28
CA ALA E 295 -1.44 -22.57 14.34
C ALA E 295 -2.42 -23.01 15.43
N TRP E 296 -2.46 -22.25 16.53
CA TRP E 296 -3.35 -22.54 17.64
C TRP E 296 -4.80 -22.54 17.16
N LEU E 297 -5.17 -21.48 16.41
CA LEU E 297 -6.52 -21.29 15.90
C LEU E 297 -6.90 -22.44 14.96
N LEU E 298 -5.92 -22.88 14.15
CA LEU E 298 -6.13 -23.98 13.21
C LEU E 298 -6.39 -25.32 13.92
N THR E 299 -6.09 -25.44 15.21
CA THR E 299 -6.43 -26.64 15.97
C THR E 299 -7.80 -26.54 16.66
N ARG E 300 -8.49 -25.40 16.52
CA ARG E 300 -9.70 -25.17 17.28
C ARG E 300 -10.89 -25.69 16.48
N PRO E 301 -11.80 -26.46 17.14
CA PRO E 301 -13.00 -26.98 16.49
C PRO E 301 -13.82 -25.87 15.82
N GLY E 302 -14.14 -26.09 14.55
CA GLY E 302 -15.04 -25.20 13.83
C GLY E 302 -14.30 -24.12 13.05
N VAL E 303 -12.98 -23.99 13.27
CA VAL E 303 -12.26 -22.88 12.67
C VAL E 303 -11.83 -23.26 11.26
N THR E 304 -12.20 -22.41 10.30
CA THR E 304 -11.82 -22.56 8.90
C THR E 304 -10.35 -22.13 8.77
N GLY E 305 -10.08 -20.92 9.25
CA GLY E 305 -8.73 -20.44 9.32
C GLY E 305 -8.67 -18.96 9.72
N PRO E 306 -7.44 -18.44 9.99
CA PRO E 306 -7.27 -17.02 10.35
C PRO E 306 -7.16 -16.12 9.13
N ILE E 307 -7.55 -14.86 9.29
CA ILE E 307 -7.27 -13.80 8.32
C ILE E 307 -5.83 -13.33 8.57
N VAL E 308 -4.99 -13.46 7.54
CA VAL E 308 -3.61 -12.99 7.57
C VAL E 308 -3.49 -11.90 6.52
N GLY E 309 -2.77 -10.82 6.88
CA GLY E 309 -2.44 -9.75 5.97
C GLY E 309 -0.93 -9.61 5.76
N PRO E 310 -0.25 -10.56 5.10
CA PRO E 310 1.16 -10.40 4.69
C PRO E 310 1.28 -9.33 3.62
N ARG E 311 2.28 -8.45 3.77
CA ARG E 311 2.54 -7.42 2.77
C ARG E 311 3.69 -7.85 1.86
N THR E 312 4.63 -8.64 2.42
CA THR E 312 5.83 -9.08 1.71
C THR E 312 5.85 -10.60 1.53
N ALA E 313 6.64 -11.07 0.55
CA ALA E 313 6.96 -12.48 0.37
C ALA E 313 7.51 -13.11 1.66
N ASP E 314 8.09 -12.27 2.52
CA ASP E 314 8.77 -12.74 3.72
C ASP E 314 7.74 -13.11 4.81
N GLN E 315 6.67 -12.32 4.96
CA GLN E 315 5.62 -12.57 5.95
C GLN E 315 4.65 -13.64 5.46
N LEU E 316 4.44 -13.68 4.13
CA LEU E 316 3.70 -14.74 3.48
C LEU E 316 4.25 -16.09 3.92
N ALA E 317 5.58 -16.24 3.77
CA ALA E 317 6.25 -17.49 4.03
C ALA E 317 6.11 -17.85 5.51
N SER E 318 6.03 -16.84 6.38
CA SER E 318 5.77 -17.10 7.80
C SER E 318 4.36 -17.66 8.01
N ALA E 319 3.38 -17.07 7.31
CA ALA E 319 1.98 -17.46 7.40
C ALA E 319 1.84 -18.89 6.91
N VAL E 320 2.48 -19.18 5.75
CA VAL E 320 2.48 -20.50 5.16
C VAL E 320 3.08 -21.51 6.12
N ARG E 321 4.22 -21.18 6.75
CA ARG E 321 4.82 -22.11 7.71
C ARG E 321 3.87 -22.35 8.89
N ALA E 322 3.20 -21.29 9.37
CA ALA E 322 2.32 -21.45 10.53
C ALA E 322 1.15 -22.40 10.24
N ALA E 323 0.77 -22.56 8.96
CA ALA E 323 -0.25 -23.52 8.56
C ALA E 323 0.31 -24.94 8.41
N GLU E 324 1.63 -25.07 8.25
CA GLU E 324 2.29 -26.36 8.17
C GLU E 324 2.73 -26.85 9.55
N LEU E 325 2.75 -25.96 10.52
CA LEU E 325 3.25 -26.24 11.87
C LEU E 325 2.33 -27.19 12.64
N THR E 326 2.94 -28.09 13.43
CA THR E 326 2.22 -28.95 14.34
C THR E 326 2.67 -28.67 15.76
N LEU E 327 1.76 -28.16 16.59
CA LEU E 327 2.01 -27.94 18.01
C LEU E 327 1.81 -29.24 18.77
N THR E 328 2.73 -29.49 19.72
CA THR E 328 2.69 -30.64 20.60
C THR E 328 1.60 -30.43 21.67
N ASP E 329 1.06 -31.55 22.19
CA ASP E 329 0.02 -31.51 23.21
C ASP E 329 0.56 -30.84 24.47
N GLU E 330 1.87 -30.97 24.69
CA GLU E 330 2.54 -30.25 25.75
C GLU E 330 2.38 -28.74 25.54
N VAL E 331 2.65 -28.24 24.33
CA VAL E 331 2.56 -26.82 24.02
C VAL E 331 1.08 -26.39 24.13
N LEU E 332 0.18 -27.18 23.54
CA LEU E 332 -1.24 -26.88 23.53
C LEU E 332 -1.74 -26.73 24.96
N THR E 333 -1.38 -27.71 25.82
CA THR E 333 -1.79 -27.74 27.22
C THR E 333 -1.34 -26.49 27.95
N ALA E 334 -0.13 -26.02 27.62
CA ALA E 334 0.50 -24.89 28.29
C ALA E 334 -0.12 -23.57 27.82
N LEU E 335 -0.39 -23.47 26.52
CA LEU E 335 -1.15 -22.34 25.99
C LEU E 335 -2.53 -22.26 26.63
N ASP E 336 -3.20 -23.41 26.76
CA ASP E 336 -4.53 -23.46 27.36
C ASP E 336 -4.48 -23.02 28.82
N GLU E 337 -3.33 -23.22 29.50
CA GLU E 337 -3.17 -22.87 30.91
C GLU E 337 -2.94 -21.37 31.07
N ILE E 338 -2.12 -20.76 30.18
CA ILE E 338 -1.83 -19.32 30.22
C ILE E 338 -3.04 -18.52 29.75
N PHE E 339 -3.78 -19.09 28.80
CA PHE E 339 -4.89 -18.41 28.15
C PHE E 339 -6.14 -19.30 28.26
N PRO E 340 -6.82 -19.34 29.43
CA PRO E 340 -8.00 -20.17 29.60
C PRO E 340 -9.19 -19.68 28.76
N GLY E 341 -9.93 -20.64 28.24
CA GLY E 341 -11.18 -20.37 27.55
C GLY E 341 -12.34 -20.56 28.51
N PRO E 342 -13.50 -19.90 28.26
CA PRO E 342 -14.64 -19.94 29.17
C PRO E 342 -15.45 -21.24 29.12
N GLY E 343 -15.28 -21.99 28.04
CA GLY E 343 -16.13 -23.11 27.71
C GLY E 343 -17.49 -22.65 27.17
N PRO E 344 -18.35 -23.60 26.75
CA PRO E 344 -19.66 -23.24 26.21
C PRO E 344 -20.59 -22.78 27.33
N SER E 345 -21.46 -21.82 26.99
CA SER E 345 -22.65 -21.57 27.79
C SER E 345 -23.58 -22.77 27.67
N PRO E 346 -24.42 -23.10 28.68
CA PRO E 346 -24.45 -22.39 29.96
C PRO E 346 -23.37 -22.80 30.97
N GLU E 347 -22.58 -23.85 30.68
CA GLU E 347 -21.54 -24.29 31.61
C GLU E 347 -20.58 -23.14 31.95
N ALA E 348 -20.30 -22.27 30.99
CA ALA E 348 -19.36 -21.17 31.20
C ALA E 348 -19.71 -20.35 32.44
N PHE E 349 -21.01 -20.17 32.77
CA PHE E 349 -21.35 -19.27 33.85
C PHE E 349 -22.30 -19.88 34.86
N ALA E 350 -22.81 -21.09 34.62
CA ALA E 350 -23.78 -21.69 35.52
C ALA E 350 -23.35 -23.12 35.79
N TRP E 351 -23.98 -24.09 35.13
CA TRP E 351 -23.49 -25.44 35.12
C TRP E 351 -23.98 -26.11 33.82
N MET F 21 -18.60 -51.66 29.44
CA MET F 21 -19.52 -51.63 28.26
C MET F 21 -19.44 -50.24 27.62
N GLU F 22 -19.22 -50.21 26.30
CA GLU F 22 -19.19 -48.99 25.51
C GLU F 22 -20.64 -48.60 25.15
N TYR F 23 -20.98 -47.30 25.30
CA TYR F 23 -22.29 -46.75 24.93
C TYR F 23 -22.16 -45.77 23.77
N THR F 24 -23.26 -45.54 23.04
CA THR F 24 -23.27 -44.59 21.94
C THR F 24 -24.70 -44.08 21.69
N GLN F 25 -24.81 -42.93 21.01
CA GLN F 25 -26.09 -42.43 20.56
C GLN F 25 -26.56 -43.32 19.41
N LEU F 26 -27.86 -43.58 19.40
CA LEU F 26 -28.43 -44.28 18.27
C LEU F 26 -28.61 -43.28 17.13
N GLY F 27 -27.62 -43.29 16.21
CA GLY F 27 -27.53 -42.29 15.17
C GLY F 27 -27.55 -40.88 15.74
N ARG F 28 -28.43 -40.04 15.20
CA ARG F 28 -28.52 -38.64 15.54
C ARG F 28 -29.45 -38.39 16.75
N ILE F 29 -30.17 -39.39 17.26
CA ILE F 29 -31.15 -39.09 18.31
C ILE F 29 -30.51 -39.11 19.70
N GLY F 30 -31.33 -38.77 20.71
CA GLY F 30 -30.86 -38.58 22.08
C GLY F 30 -30.73 -39.86 22.91
N LEU F 31 -31.23 -40.96 22.33
CA LEU F 31 -31.20 -42.28 22.92
C LEU F 31 -29.77 -42.83 22.96
N LYS F 32 -29.34 -43.17 24.17
CA LYS F 32 -28.08 -43.87 24.38
C LYS F 32 -28.35 -45.38 24.54
N VAL F 33 -27.58 -46.16 23.75
CA VAL F 33 -27.65 -47.62 23.74
C VAL F 33 -26.24 -48.20 23.87
N SER F 34 -26.18 -49.41 24.45
CA SER F 34 -24.99 -50.26 24.47
C SER F 34 -24.57 -50.61 23.05
N ARG F 35 -23.26 -50.77 22.79
CA ARG F 35 -22.75 -51.10 21.45
C ARG F 35 -23.08 -52.52 21.12
N LEU F 36 -23.39 -53.32 22.12
CA LEU F 36 -23.96 -54.64 21.90
C LEU F 36 -25.47 -54.52 22.03
N VAL F 37 -26.17 -55.05 21.02
CA VAL F 37 -27.62 -55.22 21.06
C VAL F 37 -27.94 -56.69 21.38
N LEU F 38 -28.76 -56.91 22.41
CA LEU F 38 -29.08 -58.27 22.78
C LEU F 38 -30.20 -58.77 21.88
N GLY F 39 -29.89 -59.77 21.06
CA GLY F 39 -30.90 -60.44 20.25
C GLY F 39 -31.57 -61.51 21.10
N THR F 40 -32.87 -61.76 20.85
CA THR F 40 -33.69 -62.63 21.68
C THR F 40 -34.32 -63.79 20.90
N MET F 41 -33.93 -63.97 19.63
CA MET F 41 -34.60 -64.93 18.75
C MET F 41 -34.47 -66.37 19.26
N ASN F 42 -33.50 -66.66 20.15
CA ASN F 42 -33.29 -68.00 20.65
C ASN F 42 -34.21 -68.27 21.83
N PHE F 43 -34.60 -67.19 22.55
CA PHE F 43 -35.50 -67.28 23.70
C PHE F 43 -36.87 -67.75 23.23
N GLY F 44 -37.19 -69.02 23.53
CA GLY F 44 -38.44 -69.63 23.13
C GLY F 44 -38.23 -70.92 22.33
N PRO F 45 -37.71 -70.86 21.09
CA PRO F 45 -37.45 -72.07 20.31
C PRO F 45 -36.33 -72.96 20.84
N THR F 46 -35.27 -72.37 21.39
CA THR F 46 -34.10 -73.14 21.77
C THR F 46 -33.78 -72.94 23.26
N THR F 47 -33.78 -71.69 23.74
CA THR F 47 -33.53 -71.42 25.14
C THR F 47 -34.85 -71.30 25.88
N ASP F 48 -34.93 -71.91 27.08
CA ASP F 48 -36.16 -71.92 27.85
C ASP F 48 -36.31 -70.57 28.55
N GLU F 49 -37.52 -70.31 29.04
CA GLU F 49 -37.92 -69.04 29.66
C GLU F 49 -37.00 -68.68 30.82
N ALA F 50 -36.75 -69.65 31.71
CA ALA F 50 -35.97 -69.41 32.92
C ALA F 50 -34.53 -69.04 32.58
N GLU F 51 -33.97 -69.65 31.53
CA GLU F 51 -32.61 -69.38 31.13
C GLU F 51 -32.51 -68.07 30.33
N SER F 52 -33.55 -67.78 29.54
CA SER F 52 -33.67 -66.52 28.82
C SER F 52 -33.68 -65.36 29.80
N HIS F 53 -34.43 -65.53 30.90
CA HIS F 53 -34.50 -64.55 31.97
C HIS F 53 -33.13 -64.33 32.60
N ALA F 54 -32.38 -65.42 32.88
CA ALA F 54 -31.05 -65.33 33.49
C ALA F 54 -30.08 -64.61 32.57
N ILE F 55 -30.15 -64.92 31.25
CA ILE F 55 -29.38 -64.21 30.24
C ILE F 55 -29.73 -62.71 30.23
N MET F 56 -31.01 -62.37 30.32
CA MET F 56 -31.42 -60.97 30.26
C MET F 56 -30.97 -60.22 31.52
N ASP F 57 -31.03 -60.88 32.67
CA ASP F 57 -30.48 -60.31 33.89
C ASP F 57 -28.96 -60.14 33.74
N ALA F 58 -28.29 -61.13 33.14
CA ALA F 58 -26.85 -61.07 32.94
C ALA F 58 -26.51 -59.88 32.04
N ALA F 59 -27.36 -59.65 31.02
CA ALA F 59 -27.18 -58.58 30.05
C ALA F 59 -27.27 -57.21 30.74
N LEU F 60 -28.33 -56.99 31.53
CA LEU F 60 -28.43 -55.79 32.36
C LEU F 60 -27.19 -55.63 33.24
N ASP F 61 -26.76 -56.74 33.88
CA ASP F 61 -25.63 -56.71 34.81
C ASP F 61 -24.38 -56.24 34.08
N ALA F 62 -24.24 -56.61 32.79
CA ALA F 62 -23.09 -56.18 31.98
C ALA F 62 -23.30 -54.80 31.34
N GLY F 63 -24.39 -54.11 31.64
CA GLY F 63 -24.63 -52.77 31.12
C GLY F 63 -25.32 -52.73 29.76
N ILE F 64 -25.82 -53.88 29.27
CA ILE F 64 -26.50 -53.94 27.98
C ILE F 64 -27.94 -53.50 28.21
N ASN F 65 -28.37 -52.43 27.51
CA ASN F 65 -29.68 -51.85 27.75
C ASN F 65 -30.58 -51.91 26.51
N PHE F 66 -30.07 -52.50 25.42
CA PHE F 66 -30.75 -52.48 24.13
C PHE F 66 -31.13 -53.91 23.75
N PHE F 67 -32.41 -54.27 23.92
CA PHE F 67 -32.90 -55.62 23.63
C PHE F 67 -33.75 -55.61 22.36
N ASP F 68 -33.41 -56.51 21.42
CA ASP F 68 -34.12 -56.66 20.16
C ASP F 68 -34.89 -57.99 20.05
N THR F 69 -36.14 -57.88 19.61
CA THR F 69 -37.01 -59.02 19.38
C THR F 69 -37.88 -58.73 18.16
N ALA F 70 -38.93 -59.53 18.00
CA ALA F 70 -39.79 -59.51 16.82
C ALA F 70 -41.05 -60.30 17.13
N ASN F 71 -42.16 -59.92 16.50
CA ASN F 71 -43.41 -60.62 16.73
C ASN F 71 -43.24 -62.09 16.33
N VAL F 72 -42.49 -62.35 15.24
CA VAL F 72 -42.44 -63.66 14.60
C VAL F 72 -41.45 -64.59 15.32
N TYR F 73 -40.51 -64.07 16.10
CA TYR F 73 -39.64 -64.97 16.85
C TYR F 73 -40.46 -65.97 17.66
N GLY F 74 -39.96 -67.21 17.70
CA GLY F 74 -40.66 -68.34 18.27
C GLY F 74 -40.94 -69.40 17.21
N TRP F 75 -41.22 -68.90 15.99
CA TRP F 75 -41.28 -69.63 14.72
C TRP F 75 -42.45 -70.60 14.65
N GLY F 76 -42.89 -70.83 13.40
CA GLY F 76 -43.97 -71.75 13.07
C GLY F 76 -45.19 -71.48 13.95
N GLU F 77 -45.55 -72.47 14.75
CA GLU F 77 -46.82 -72.43 15.45
C GLU F 77 -46.64 -71.72 16.79
N ASN F 78 -45.41 -71.31 17.12
CA ASN F 78 -45.13 -70.59 18.36
C ASN F 78 -44.63 -69.17 18.15
N LYS F 79 -44.94 -68.58 16.98
CA LYS F 79 -44.69 -67.18 16.74
C LYS F 79 -45.28 -66.37 17.89
N GLY F 80 -44.46 -65.51 18.49
CA GLY F 80 -44.93 -64.67 19.57
C GLY F 80 -44.30 -65.08 20.89
N ARG F 81 -43.72 -66.27 20.92
CA ARG F 81 -43.28 -66.82 22.19
C ARG F 81 -42.19 -65.94 22.81
N THR F 82 -41.28 -65.44 21.96
CA THR F 82 -40.16 -64.61 22.44
C THR F 82 -40.69 -63.34 23.14
N GLU F 83 -41.65 -62.68 22.51
CA GLU F 83 -42.30 -61.52 23.08
C GLU F 83 -42.89 -61.88 24.44
N GLU F 84 -43.51 -63.08 24.51
CA GLU F 84 -44.12 -63.54 25.77
C GLU F 84 -43.07 -63.77 26.85
N ILE F 85 -41.87 -64.22 26.48
CA ILE F 85 -40.79 -64.43 27.43
C ILE F 85 -40.27 -63.09 27.97
N LEU F 86 -40.19 -62.07 27.12
CA LEU F 86 -39.84 -60.75 27.62
C LEU F 86 -40.94 -60.23 28.53
N GLY F 87 -42.20 -60.51 28.19
CA GLY F 87 -43.32 -60.09 29.02
C GLY F 87 -43.29 -60.63 30.46
N SER F 88 -42.95 -61.91 30.60
CA SER F 88 -42.83 -62.52 31.92
C SER F 88 -41.57 -62.01 32.63
N TRP F 89 -40.52 -61.67 31.86
CA TRP F 89 -39.33 -61.07 32.44
C TRP F 89 -39.64 -59.70 33.07
N PHE F 90 -40.34 -58.82 32.32
CA PHE F 90 -40.78 -57.54 32.86
C PHE F 90 -41.69 -57.73 34.07
N ALA F 91 -42.55 -58.76 34.04
CA ALA F 91 -43.55 -58.98 35.08
C ALA F 91 -42.93 -59.27 36.44
N GLN F 92 -41.65 -59.69 36.48
CA GLN F 92 -40.90 -59.90 37.72
C GLN F 92 -40.48 -58.58 38.36
N GLY F 93 -40.79 -57.43 37.73
CA GLY F 93 -40.43 -56.14 38.28
C GLY F 93 -38.92 -55.96 38.41
N GLY F 94 -38.50 -55.29 39.49
CA GLY F 94 -37.08 -54.98 39.71
C GLY F 94 -36.50 -54.04 38.65
N ASP F 95 -37.36 -53.13 38.13
CA ASP F 95 -36.92 -52.08 37.22
C ASP F 95 -36.42 -52.60 35.88
N ARG F 96 -36.88 -53.79 35.47
CA ARG F 96 -36.41 -54.43 34.24
C ARG F 96 -36.95 -53.70 33.02
N ARG F 97 -38.26 -53.45 32.97
CA ARG F 97 -38.85 -52.74 31.85
C ARG F 97 -38.22 -51.35 31.71
N ASP F 98 -38.11 -50.63 32.83
CA ASP F 98 -37.58 -49.29 32.90
C ASP F 98 -36.13 -49.19 32.42
N LYS F 99 -35.33 -50.25 32.61
CA LYS F 99 -33.91 -50.20 32.30
C LYS F 99 -33.66 -50.48 30.83
N VAL F 100 -34.64 -51.06 30.13
CA VAL F 100 -34.41 -51.60 28.81
C VAL F 100 -35.03 -50.68 27.75
N VAL F 101 -34.25 -50.52 26.67
CA VAL F 101 -34.74 -50.02 25.40
C VAL F 101 -35.26 -51.22 24.61
N LEU F 102 -36.59 -51.35 24.58
CA LEU F 102 -37.26 -52.48 23.99
C LEU F 102 -37.55 -52.22 22.51
N ALA F 103 -37.03 -53.11 21.64
CA ALA F 103 -37.27 -53.05 20.20
C ALA F 103 -38.00 -54.31 19.74
N THR F 104 -39.06 -54.13 18.94
CA THR F 104 -39.66 -55.28 18.28
C THR F 104 -39.94 -54.89 16.83
N LYS F 105 -40.65 -55.74 16.09
CA LYS F 105 -40.80 -55.58 14.65
C LYS F 105 -42.23 -55.87 14.19
N VAL F 106 -42.50 -55.41 12.98
CA VAL F 106 -43.76 -55.58 12.28
C VAL F 106 -43.44 -55.74 10.80
N TYR F 107 -44.19 -56.66 10.14
CA TYR F 107 -44.10 -56.99 8.72
C TYR F 107 -44.46 -58.47 8.49
N GLY F 108 -43.94 -59.34 9.34
CA GLY F 108 -44.05 -60.77 9.14
C GLY F 108 -45.48 -61.28 9.36
N ASN F 109 -45.79 -62.38 8.65
CA ASN F 109 -46.99 -63.16 8.83
C ASN F 109 -46.97 -63.80 10.22
N MET F 110 -48.02 -63.56 11.02
CA MET F 110 -48.10 -64.11 12.37
C MET F 110 -49.06 -65.31 12.44
N GLY F 111 -49.71 -65.69 11.34
CA GLY F 111 -50.49 -66.91 11.28
C GLY F 111 -49.65 -68.11 10.84
N LEU F 112 -50.32 -69.05 10.14
CA LEU F 112 -49.71 -70.26 9.61
C LEU F 112 -48.63 -69.87 8.59
N ASP F 113 -47.44 -70.46 8.75
CA ASP F 113 -46.35 -70.24 7.81
C ASP F 113 -46.83 -70.60 6.41
N GLY F 114 -46.35 -69.84 5.41
CA GLY F 114 -46.82 -69.94 4.05
C GLY F 114 -47.53 -68.66 3.60
N PRO F 115 -48.32 -68.71 2.50
CA PRO F 115 -48.90 -67.51 1.93
C PRO F 115 -49.89 -66.89 2.93
N ALA F 116 -49.68 -65.61 3.23
CA ALA F 116 -50.44 -64.94 4.25
C ALA F 116 -51.81 -64.58 3.71
N TRP F 117 -52.83 -64.57 4.59
CA TRP F 117 -54.06 -63.86 4.29
C TRP F 117 -53.72 -62.40 3.93
N PRO F 118 -54.40 -61.77 2.93
CA PRO F 118 -54.05 -60.42 2.53
C PRO F 118 -54.14 -59.46 3.73
N ASN F 119 -53.08 -58.64 3.86
CA ASN F 119 -52.98 -57.62 4.90
C ASN F 119 -52.63 -58.23 6.25
N HIS F 120 -52.23 -59.51 6.30
CA HIS F 120 -51.74 -60.10 7.54
C HIS F 120 -50.22 -60.25 7.49
N ASP F 121 -49.60 -59.66 6.48
CA ASP F 121 -48.17 -59.39 6.48
C ASP F 121 -47.97 -58.03 5.83
N LYS F 122 -46.70 -57.57 5.76
CA LYS F 122 -46.35 -56.30 5.12
C LYS F 122 -46.81 -55.11 5.98
N LEU F 123 -46.87 -53.89 5.39
CA LEU F 123 -46.81 -52.65 6.17
C LEU F 123 -47.99 -51.74 5.90
N SER F 124 -49.12 -52.29 5.41
CA SER F 124 -50.37 -51.53 5.43
C SER F 124 -50.62 -50.98 6.82
N ALA F 125 -51.36 -49.86 6.91
CA ALA F 125 -51.76 -49.35 8.21
C ALA F 125 -52.58 -50.38 8.96
N LEU F 126 -53.26 -51.27 8.19
CA LEU F 126 -54.12 -52.33 8.75
C LEU F 126 -53.26 -53.35 9.48
N ASN F 127 -52.23 -53.88 8.81
CA ASN F 127 -51.37 -54.84 9.47
C ASN F 127 -50.61 -54.19 10.65
N ILE F 128 -50.24 -52.91 10.54
CA ILE F 128 -49.50 -52.26 11.62
C ILE F 128 -50.34 -52.22 12.91
N ARG F 129 -51.59 -51.78 12.78
CA ARG F 129 -52.54 -51.71 13.86
C ARG F 129 -52.62 -53.05 14.59
N ARG F 130 -52.92 -54.12 13.84
CA ARG F 130 -53.16 -55.42 14.46
C ARG F 130 -51.83 -55.97 14.99
N SER F 131 -50.70 -55.72 14.31
CA SER F 131 -49.45 -56.28 14.78
C SER F 131 -49.02 -55.61 16.08
N VAL F 132 -49.17 -54.29 16.17
CA VAL F 132 -48.63 -53.63 17.35
C VAL F 132 -49.48 -54.02 18.56
N ASP F 133 -50.80 -54.07 18.41
CA ASP F 133 -51.70 -54.47 19.47
C ASP F 133 -51.32 -55.82 20.03
N ALA F 134 -51.04 -56.81 19.15
CA ALA F 134 -50.73 -58.16 19.59
C ALA F 134 -49.36 -58.19 20.27
N SER F 135 -48.38 -57.45 19.70
CA SER F 135 -47.06 -57.34 20.31
C SER F 135 -47.15 -56.69 21.70
N LEU F 136 -47.91 -55.60 21.86
CA LEU F 136 -48.00 -54.99 23.18
C LEU F 136 -48.64 -55.97 24.18
N LYS F 137 -49.57 -56.82 23.75
CA LYS F 137 -50.21 -57.76 24.67
C LYS F 137 -49.22 -58.83 25.11
N ARG F 138 -48.49 -59.39 24.15
CA ARG F 138 -47.51 -60.42 24.45
C ARG F 138 -46.40 -59.85 25.32
N LEU F 139 -45.91 -58.63 25.05
CA LEU F 139 -44.79 -58.06 25.78
C LEU F 139 -45.19 -57.59 27.18
N GLY F 140 -46.49 -57.56 27.50
CA GLY F 140 -47.00 -57.10 28.79
C GLY F 140 -46.45 -55.73 29.18
N THR F 141 -46.58 -54.78 28.25
CA THR F 141 -46.14 -53.41 28.45
C THR F 141 -47.05 -52.51 27.63
N ASP F 142 -47.14 -51.24 28.04
CA ASP F 142 -47.98 -50.26 27.36
C ASP F 142 -47.23 -49.53 26.25
N HIS F 143 -45.92 -49.74 26.08
CA HIS F 143 -45.19 -49.07 25.02
C HIS F 143 -43.98 -49.87 24.58
N ILE F 144 -43.68 -49.70 23.29
CA ILE F 144 -42.47 -50.17 22.63
C ILE F 144 -41.59 -48.94 22.40
N ASP F 145 -40.31 -49.07 22.73
CA ASP F 145 -39.37 -47.98 22.54
C ASP F 145 -38.99 -47.85 21.07
N LEU F 146 -38.67 -48.96 20.40
CA LEU F 146 -38.23 -48.92 19.01
C LEU F 146 -39.05 -49.96 18.25
N TYR F 147 -40.00 -49.45 17.44
CA TYR F 147 -40.83 -50.27 16.59
C TYR F 147 -40.25 -50.25 15.18
N GLN F 148 -39.86 -51.43 14.67
CA GLN F 148 -39.08 -51.56 13.45
C GLN F 148 -39.85 -52.30 12.35
N PHE F 149 -39.68 -51.83 11.13
CA PHE F 149 -40.17 -52.56 9.97
C PHE F 149 -39.21 -53.73 9.75
N HIS F 150 -39.71 -54.96 9.62
CA HIS F 150 -38.85 -56.14 9.46
C HIS F 150 -38.19 -56.12 8.08
N HIS F 151 -38.83 -55.43 7.13
CA HIS F 151 -38.41 -55.43 5.74
C HIS F 151 -39.08 -54.26 5.00
N VAL F 152 -38.49 -53.84 3.89
CA VAL F 152 -39.16 -52.85 3.08
C VAL F 152 -40.40 -53.49 2.45
N ASP F 153 -41.49 -52.71 2.38
CA ASP F 153 -42.70 -53.05 1.65
C ASP F 153 -42.93 -52.01 0.55
N ARG F 154 -42.55 -52.38 -0.67
CA ARG F 154 -42.50 -51.46 -1.81
C ARG F 154 -43.91 -51.16 -2.31
N ASP F 155 -44.92 -51.84 -1.77
CA ASP F 155 -46.31 -51.59 -2.18
C ASP F 155 -47.02 -50.56 -1.27
N THR F 156 -46.42 -50.19 -0.13
CA THR F 156 -47.09 -49.30 0.81
C THR F 156 -46.40 -47.94 0.75
N PRO F 157 -47.13 -46.84 0.46
CA PRO F 157 -46.53 -45.51 0.46
C PRO F 157 -46.24 -44.95 1.86
N TRP F 158 -45.29 -44.01 1.92
CA TRP F 158 -44.84 -43.53 3.22
C TRP F 158 -45.85 -42.66 3.91
N ASP F 159 -46.71 -41.97 3.17
CA ASP F 159 -47.75 -41.21 3.87
C ASP F 159 -48.70 -42.16 4.62
N GLU F 160 -48.89 -43.39 4.12
CA GLU F 160 -49.71 -44.38 4.83
C GLU F 160 -48.95 -44.90 6.04
N ILE F 161 -47.68 -45.28 5.85
CA ILE F 161 -46.89 -45.83 6.93
C ILE F 161 -46.74 -44.80 8.06
N TRP F 162 -46.37 -43.56 7.71
CA TRP F 162 -46.20 -42.54 8.75
C TRP F 162 -47.52 -42.20 9.44
N GLN F 163 -48.65 -42.20 8.72
CA GLN F 163 -49.92 -42.05 9.43
C GLN F 163 -50.03 -43.09 10.56
N ALA F 164 -49.85 -44.38 10.20
CA ALA F 164 -49.96 -45.47 11.15
C ALA F 164 -49.03 -45.27 12.35
N MET F 165 -47.79 -44.88 12.09
CA MET F 165 -46.79 -44.80 13.15
C MET F 165 -47.04 -43.57 14.01
N ASP F 166 -47.57 -42.49 13.40
CA ASP F 166 -47.86 -41.28 14.13
C ASP F 166 -49.04 -41.50 15.08
N VAL F 167 -50.01 -42.31 14.67
CA VAL F 167 -51.11 -42.63 15.56
C VAL F 167 -50.54 -43.27 16.83
N LEU F 168 -49.63 -44.23 16.66
CA LEU F 168 -49.04 -44.91 17.82
C LEU F 168 -48.19 -43.96 18.66
N VAL F 169 -47.40 -43.10 18.00
CA VAL F 169 -46.59 -42.11 18.72
C VAL F 169 -47.51 -41.29 19.63
N ARG F 170 -48.58 -40.72 19.05
CA ARG F 170 -49.39 -39.73 19.76
C ARG F 170 -50.19 -40.42 20.87
N GLN F 171 -50.50 -41.70 20.71
CA GLN F 171 -51.11 -42.45 21.80
C GLN F 171 -50.10 -42.90 22.85
N GLY F 172 -48.81 -42.65 22.69
CA GLY F 172 -47.84 -43.09 23.69
C GLY F 172 -47.50 -44.58 23.58
N LYS F 173 -47.93 -45.25 22.52
CA LYS F 173 -47.69 -46.69 22.39
C LYS F 173 -46.30 -47.03 21.82
N ILE F 174 -45.69 -46.15 21.02
CA ILE F 174 -44.28 -46.29 20.63
C ILE F 174 -43.60 -44.94 20.72
N LEU F 175 -42.26 -44.95 20.86
CA LEU F 175 -41.48 -43.72 20.93
C LEU F 175 -40.80 -43.50 19.58
N TYR F 176 -40.03 -44.51 19.13
CA TYR F 176 -39.19 -44.39 17.96
C TYR F 176 -39.51 -45.47 16.93
N VAL F 177 -39.22 -45.14 15.69
CA VAL F 177 -39.45 -45.99 14.55
C VAL F 177 -38.10 -46.30 13.90
N GLY F 178 -37.96 -47.54 13.43
CA GLY F 178 -36.72 -48.00 12.83
C GLY F 178 -37.02 -48.92 11.67
N SER F 179 -36.00 -49.19 10.87
CA SER F 179 -36.16 -50.01 9.67
C SER F 179 -35.26 -51.23 9.75
N SER F 180 -35.56 -52.17 8.87
CA SER F 180 -34.74 -53.36 8.79
C SER F 180 -34.88 -53.92 7.39
N ASN F 181 -33.74 -54.25 6.78
CA ASN F 181 -33.71 -54.75 5.41
C ASN F 181 -34.34 -53.73 4.48
N PHE F 182 -33.83 -52.49 4.55
CA PHE F 182 -34.20 -51.45 3.62
C PHE F 182 -33.07 -51.28 2.62
N ALA F 183 -33.42 -50.70 1.46
CA ALA F 183 -32.41 -50.13 0.58
C ALA F 183 -32.15 -48.68 1.01
N GLY F 184 -31.03 -48.12 0.53
CA GLY F 184 -30.60 -46.79 0.92
C GLY F 184 -31.63 -45.74 0.51
N TRP F 185 -32.19 -45.91 -0.70
CA TRP F 185 -33.17 -44.96 -1.19
C TRP F 185 -34.49 -45.03 -0.40
N ASN F 186 -34.82 -46.18 0.21
CA ASN F 186 -36.02 -46.28 1.02
C ASN F 186 -35.81 -45.50 2.31
N ILE F 187 -34.59 -45.51 2.83
CA ILE F 187 -34.27 -44.81 4.05
C ILE F 187 -34.41 -43.30 3.80
N ALA F 188 -33.87 -42.82 2.67
CA ALA F 188 -33.96 -41.44 2.27
C ALA F 188 -35.42 -41.00 2.09
N GLN F 189 -36.20 -41.83 1.40
CA GLN F 189 -37.58 -41.50 1.09
C GLN F 189 -38.41 -41.47 2.37
N ALA F 190 -38.17 -42.40 3.28
CA ALA F 190 -38.91 -42.41 4.52
C ALA F 190 -38.62 -41.14 5.31
N ASN F 191 -37.34 -40.79 5.45
CA ASN F 191 -36.97 -39.73 6.37
C ASN F 191 -37.32 -38.37 5.77
N GLU F 192 -37.21 -38.23 4.45
CA GLU F 192 -37.62 -36.98 3.80
C GLU F 192 -39.14 -36.78 3.90
N THR F 193 -39.88 -37.89 3.82
CA THR F 193 -41.32 -37.79 3.92
C THR F 193 -41.73 -37.41 5.36
N ALA F 194 -41.08 -38.04 6.35
CA ALA F 194 -41.34 -37.74 7.75
C ALA F 194 -41.00 -36.27 8.02
N ALA F 195 -39.88 -35.77 7.50
CA ALA F 195 -39.38 -34.44 7.85
C ALA F 195 -40.28 -33.36 7.26
N ARG F 196 -40.88 -33.63 6.11
CA ARG F 196 -41.79 -32.72 5.43
C ARG F 196 -42.88 -32.25 6.41
N HIS F 197 -43.36 -33.12 7.29
CA HIS F 197 -44.41 -32.69 8.20
C HIS F 197 -43.98 -32.75 9.66
N GLY F 198 -42.67 -32.60 9.91
CA GLY F 198 -42.15 -32.40 11.26
C GLY F 198 -41.94 -33.68 12.08
N ARG F 199 -42.30 -34.84 11.50
CA ARG F 199 -42.19 -36.11 12.20
C ARG F 199 -40.72 -36.53 12.32
N LEU F 200 -40.36 -37.10 13.47
CA LEU F 200 -39.09 -37.80 13.64
C LEU F 200 -39.10 -39.01 12.71
N GLY F 201 -38.07 -39.14 11.87
CA GLY F 201 -38.04 -40.28 10.95
C GLY F 201 -37.46 -41.56 11.55
N LEU F 202 -37.06 -42.48 10.68
CA LEU F 202 -36.27 -43.63 11.06
C LEU F 202 -35.06 -43.20 11.89
N VAL F 203 -34.87 -43.89 13.02
CA VAL F 203 -33.75 -43.60 13.91
C VAL F 203 -32.65 -44.66 13.76
N SER F 204 -32.97 -45.78 13.10
CA SER F 204 -32.03 -46.90 13.00
C SER F 204 -32.42 -47.80 11.84
N GLU F 205 -31.40 -48.47 11.29
CA GLU F 205 -31.56 -49.49 10.27
C GLU F 205 -30.79 -50.73 10.71
N GLN F 206 -31.48 -51.87 10.63
CA GLN F 206 -30.94 -53.17 10.96
C GLN F 206 -30.70 -53.88 9.64
N CYS F 207 -29.44 -53.96 9.23
CA CYS F 207 -29.04 -54.59 7.97
C CYS F 207 -28.09 -55.77 8.21
N LEU F 208 -28.12 -56.72 7.27
CA LEU F 208 -27.17 -57.81 7.27
C LEU F 208 -25.80 -57.25 6.88
N TYR F 209 -24.86 -57.41 7.81
CA TYR F 209 -23.55 -56.80 7.71
C TYR F 209 -22.56 -57.60 8.54
N ASN F 210 -21.51 -58.09 7.85
CA ASN F 210 -20.44 -58.85 8.47
C ASN F 210 -19.30 -59.01 7.47
N LEU F 211 -18.19 -59.61 7.89
CA LEU F 211 -17.01 -59.73 7.04
C LEU F 211 -17.34 -60.39 5.71
N CYS F 212 -18.16 -61.45 5.70
CA CYS F 212 -18.52 -62.14 4.46
C CYS F 212 -19.40 -61.25 3.57
N GLU F 213 -20.41 -60.59 4.16
CA GLU F 213 -21.41 -59.86 3.36
C GLU F 213 -21.32 -58.35 3.65
N ARG F 214 -20.64 -57.65 2.74
CA ARG F 214 -20.29 -56.26 2.91
C ARG F 214 -21.09 -55.35 1.97
N ARG F 215 -22.10 -55.86 1.27
CA ARG F 215 -22.72 -55.07 0.20
C ARG F 215 -23.64 -53.97 0.75
N ALA F 216 -24.00 -54.03 2.05
CA ALA F 216 -24.63 -52.90 2.73
C ALA F 216 -23.76 -51.63 2.63
N GLU F 217 -22.45 -51.78 2.40
CA GLU F 217 -21.57 -50.62 2.34
C GLU F 217 -21.78 -49.80 1.07
N MET F 218 -22.43 -50.39 0.06
CA MET F 218 -22.58 -49.73 -1.23
C MET F 218 -23.54 -48.54 -1.08
N GLU F 219 -24.67 -48.74 -0.41
CA GLU F 219 -25.68 -47.70 -0.33
C GLU F 219 -26.47 -47.62 0.97
N VAL F 220 -26.80 -48.75 1.57
CA VAL F 220 -27.60 -48.78 2.79
C VAL F 220 -26.88 -47.99 3.89
N VAL F 221 -25.61 -48.31 4.14
CA VAL F 221 -24.89 -47.67 5.23
C VAL F 221 -24.59 -46.20 4.91
N PRO F 222 -24.13 -45.82 3.70
CA PRO F 222 -24.06 -44.40 3.35
C PRO F 222 -25.35 -43.58 3.55
N ALA F 223 -26.51 -44.11 3.15
CA ALA F 223 -27.80 -43.46 3.37
C ALA F 223 -28.07 -43.27 4.86
N ALA F 224 -27.89 -44.34 5.64
CA ALA F 224 -28.10 -44.30 7.07
C ALA F 224 -27.26 -43.21 7.72
N ARG F 225 -25.97 -43.19 7.37
CA ARG F 225 -25.06 -42.17 7.85
C ARG F 225 -25.50 -40.78 7.40
N GLU F 226 -25.94 -40.60 6.15
CA GLU F 226 -26.39 -39.28 5.75
C GLU F 226 -27.59 -38.84 6.61
N TYR F 227 -28.56 -39.75 6.83
CA TYR F 227 -29.81 -39.40 7.48
C TYR F 227 -29.74 -39.53 9.00
N GLY F 228 -28.57 -39.93 9.52
CA GLY F 228 -28.37 -40.00 10.95
C GLY F 228 -29.11 -41.17 11.60
N LEU F 229 -29.21 -42.32 10.89
CA LEU F 229 -29.69 -43.55 11.52
C LEU F 229 -28.51 -44.28 12.17
N GLY F 230 -28.74 -44.84 13.36
CA GLY F 230 -27.89 -45.89 13.88
C GLY F 230 -27.94 -47.10 12.95
N VAL F 231 -26.81 -47.82 12.83
CA VAL F 231 -26.78 -49.00 12.00
C VAL F 231 -26.57 -50.20 12.90
N ILE F 232 -27.50 -51.16 12.83
CA ILE F 232 -27.46 -52.35 13.67
C ILE F 232 -27.24 -53.57 12.78
N ALA F 233 -26.14 -54.29 13.05
CA ALA F 233 -25.73 -55.37 12.16
C ALA F 233 -26.35 -56.66 12.67
N TRP F 234 -27.20 -57.27 11.85
CA TRP F 234 -27.71 -58.59 12.17
C TRP F 234 -26.91 -59.64 11.41
N SER F 235 -26.94 -60.85 11.97
CA SER F 235 -26.10 -61.97 11.53
C SER F 235 -24.64 -61.56 11.47
N PRO F 236 -24.06 -61.06 12.58
CA PRO F 236 -22.68 -60.56 12.57
C PRO F 236 -21.60 -61.63 12.34
N LEU F 237 -21.96 -62.91 12.52
CA LEU F 237 -21.03 -64.02 12.25
C LEU F 237 -21.44 -64.75 10.99
N HIS F 238 -22.40 -64.19 10.22
CA HIS F 238 -22.88 -64.77 8.96
C HIS F 238 -23.40 -66.20 9.16
N GLY F 239 -24.31 -66.39 10.12
CA GLY F 239 -24.99 -67.64 10.34
C GLY F 239 -24.16 -68.65 11.15
N GLY F 240 -22.95 -68.25 11.57
CA GLY F 240 -22.02 -69.14 12.25
C GLY F 240 -20.66 -69.19 11.56
N LEU F 241 -20.68 -69.00 10.24
CA LEU F 241 -19.55 -69.20 9.35
C LEU F 241 -18.28 -68.45 9.78
N LEU F 242 -18.40 -67.41 10.62
CA LEU F 242 -17.27 -66.60 11.05
C LEU F 242 -16.93 -66.87 12.52
N GLY F 243 -17.57 -67.87 13.11
CA GLY F 243 -17.43 -68.16 14.54
C GLY F 243 -16.43 -69.27 14.82
N GLY F 244 -15.71 -69.73 13.79
CA GLY F 244 -14.82 -70.88 13.87
C GLY F 244 -15.51 -72.14 13.35
N ALA F 245 -16.05 -72.05 12.13
CA ALA F 245 -16.93 -73.07 11.58
C ALA F 245 -16.12 -74.29 11.11
N ILE F 246 -14.83 -74.07 10.81
CA ILE F 246 -13.98 -75.11 10.24
C ILE F 246 -13.27 -75.87 11.36
N ARG F 247 -12.67 -75.15 12.33
CA ARG F 247 -12.09 -75.78 13.51
C ARG F 247 -13.15 -76.61 14.23
N LYS F 248 -14.43 -76.24 14.12
CA LYS F 248 -15.53 -76.94 14.76
C LYS F 248 -15.62 -78.40 14.28
N GLU F 249 -15.34 -78.63 12.98
CA GLU F 249 -15.32 -79.98 12.43
C GLU F 249 -13.87 -80.41 12.18
N PRO F 269 -17.18 -74.78 -1.57
CA PRO F 269 -16.86 -73.82 -2.63
C PRO F 269 -15.51 -73.14 -2.39
N GLN F 270 -15.34 -71.92 -2.93
CA GLN F 270 -14.15 -71.11 -2.71
C GLN F 270 -14.31 -70.21 -1.50
N GLN F 271 -15.50 -70.23 -0.88
CA GLN F 271 -15.75 -69.52 0.37
C GLN F 271 -14.89 -70.12 1.48
N ARG F 272 -14.54 -71.40 1.37
CA ARG F 272 -13.77 -72.06 2.40
C ARG F 272 -12.37 -71.51 2.51
N GLU F 273 -11.79 -71.12 1.39
CA GLU F 273 -10.43 -70.63 1.43
C GLU F 273 -10.36 -69.35 2.26
N GLN F 274 -11.38 -68.48 2.14
CA GLN F 274 -11.46 -67.24 2.91
C GLN F 274 -11.49 -67.55 4.41
N ILE F 275 -12.38 -68.49 4.78
CA ILE F 275 -12.61 -68.80 6.19
C ILE F 275 -11.33 -69.37 6.79
N GLN F 276 -10.70 -70.30 6.05
CA GLN F 276 -9.45 -70.93 6.47
C GLN F 276 -8.38 -69.85 6.70
N ARG F 277 -8.22 -68.94 5.73
CA ARG F 277 -7.23 -67.87 5.83
C ARG F 277 -7.53 -66.99 7.05
N TYR F 278 -8.83 -66.88 7.34
CA TYR F 278 -9.36 -66.08 8.43
C TYR F 278 -8.95 -66.70 9.77
N GLU F 279 -9.30 -67.97 9.98
CA GLU F 279 -8.95 -68.70 11.20
C GLU F 279 -7.43 -68.79 11.37
N ASP F 280 -6.74 -69.15 10.28
CA ASP F 280 -5.29 -69.23 10.26
C ASP F 280 -4.70 -67.90 10.74
N LEU F 281 -5.23 -66.76 10.28
CA LEU F 281 -4.72 -65.45 10.67
C LEU F 281 -5.00 -65.17 12.15
N LEU F 282 -6.02 -65.84 12.70
CA LEU F 282 -6.46 -65.58 14.07
C LEU F 282 -5.83 -66.59 15.03
N ASP F 283 -5.61 -67.84 14.57
CA ASP F 283 -4.67 -68.74 15.22
C ASP F 283 -3.35 -67.99 15.42
N LYS F 284 -2.81 -67.46 14.32
CA LYS F 284 -1.54 -66.77 14.27
C LYS F 284 -1.46 -65.64 15.30
N HIS F 285 -2.59 -64.98 15.60
CA HIS F 285 -2.60 -63.82 16.49
C HIS F 285 -3.23 -64.14 17.86
N GLY F 286 -3.84 -65.31 18.00
CA GLY F 286 -4.33 -65.79 19.30
C GLY F 286 -5.78 -65.40 19.60
N LEU F 287 -6.48 -64.83 18.59
CA LEU F 287 -7.81 -64.25 18.75
C LEU F 287 -8.87 -65.29 18.44
N GLU F 288 -10.03 -65.18 19.12
CA GLU F 288 -11.17 -66.06 18.86
C GLU F 288 -11.91 -65.56 17.62
N PRO F 289 -12.38 -66.44 16.71
CA PRO F 289 -13.12 -66.02 15.52
C PRO F 289 -14.41 -65.28 15.83
N GLY F 290 -15.28 -65.92 16.63
CA GLY F 290 -16.53 -65.33 17.08
C GLY F 290 -16.34 -63.91 17.64
N GLU F 291 -15.29 -63.69 18.42
CA GLU F 291 -15.10 -62.40 19.08
C GLU F 291 -14.62 -61.36 18.07
N VAL F 292 -13.88 -61.79 17.04
CA VAL F 292 -13.26 -60.85 16.13
C VAL F 292 -14.32 -60.34 15.16
N ALA F 293 -15.28 -61.20 14.81
CA ALA F 293 -16.33 -60.84 13.87
C ALA F 293 -17.16 -59.69 14.45
N LEU F 294 -17.35 -59.70 15.78
CA LEU F 294 -18.07 -58.68 16.50
C LEU F 294 -17.25 -57.41 16.61
N ALA F 295 -16.00 -57.56 17.07
CA ALA F 295 -15.10 -56.43 17.23
C ALA F 295 -14.88 -55.71 15.90
N TRP F 296 -14.86 -56.47 14.80
CA TRP F 296 -14.68 -55.87 13.48
C TRP F 296 -15.82 -54.89 13.19
N LEU F 297 -17.06 -55.37 13.37
CA LEU F 297 -18.24 -54.55 13.13
C LEU F 297 -18.17 -53.26 13.92
N LEU F 298 -17.62 -53.31 15.14
CA LEU F 298 -17.53 -52.13 15.98
C LEU F 298 -16.56 -51.08 15.42
N THR F 299 -15.70 -51.46 14.47
CA THR F 299 -14.75 -50.50 13.92
C THR F 299 -15.32 -49.81 12.67
N ARG F 300 -16.47 -50.27 12.15
CA ARG F 300 -17.00 -49.78 10.88
C ARG F 300 -17.69 -48.43 11.07
N PRO F 301 -17.44 -47.40 10.22
CA PRO F 301 -18.15 -46.11 10.34
C PRO F 301 -19.66 -46.26 10.27
N GLY F 302 -20.35 -45.59 11.20
CA GLY F 302 -21.80 -45.52 11.23
C GLY F 302 -22.45 -46.65 12.00
N VAL F 303 -21.67 -47.68 12.38
CA VAL F 303 -22.24 -48.88 12.96
C VAL F 303 -22.42 -48.67 14.45
N THR F 304 -23.67 -48.80 14.91
CA THR F 304 -24.01 -48.73 16.31
C THR F 304 -23.47 -49.97 16.99
N GLY F 305 -23.79 -51.14 16.44
CA GLY F 305 -23.25 -52.36 16.97
C GLY F 305 -23.91 -53.61 16.40
N PRO F 306 -23.33 -54.79 16.71
CA PRO F 306 -23.92 -56.04 16.26
C PRO F 306 -25.04 -56.49 17.18
N ILE F 307 -26.00 -57.20 16.60
CA ILE F 307 -26.98 -58.00 17.33
C ILE F 307 -26.26 -59.26 17.80
N VAL F 308 -26.18 -59.48 19.12
CA VAL F 308 -25.57 -60.70 19.63
C VAL F 308 -26.67 -61.60 20.16
N GLY F 309 -26.70 -62.83 19.63
CA GLY F 309 -27.81 -63.73 19.87
C GLY F 309 -27.38 -64.98 20.64
N PRO F 310 -27.00 -64.85 21.93
CA PRO F 310 -26.51 -65.98 22.71
C PRO F 310 -27.63 -66.95 23.09
N ARG F 311 -27.26 -68.24 23.13
CA ARG F 311 -28.13 -69.31 23.62
C ARG F 311 -27.91 -69.50 25.11
N THR F 312 -26.73 -69.11 25.64
CA THR F 312 -26.40 -69.34 27.05
C THR F 312 -25.67 -68.12 27.60
N ALA F 313 -25.59 -68.05 28.93
CA ALA F 313 -24.88 -66.97 29.62
C ALA F 313 -23.37 -67.03 29.35
N ASP F 314 -22.85 -68.19 28.92
CA ASP F 314 -21.44 -68.32 28.61
C ASP F 314 -21.14 -67.58 27.30
N GLN F 315 -22.02 -67.71 26.31
CA GLN F 315 -21.85 -67.08 25.02
C GLN F 315 -22.06 -65.55 25.10
N LEU F 316 -22.85 -65.09 26.09
CA LEU F 316 -23.02 -63.67 26.30
C LEU F 316 -21.69 -63.06 26.77
N ALA F 317 -21.10 -63.68 27.80
CA ALA F 317 -19.87 -63.20 28.40
C ALA F 317 -18.74 -63.11 27.36
N SER F 318 -18.77 -63.98 26.34
CA SER F 318 -17.85 -63.93 25.21
C SER F 318 -18.07 -62.68 24.35
N ALA F 319 -19.35 -62.42 24.01
CA ALA F 319 -19.75 -61.21 23.30
C ALA F 319 -19.23 -59.97 24.03
N VAL F 320 -19.32 -59.99 25.36
CA VAL F 320 -18.95 -58.85 26.19
C VAL F 320 -17.44 -58.63 26.14
N ARG F 321 -16.68 -59.71 25.93
CA ARG F 321 -15.24 -59.60 25.77
C ARG F 321 -14.93 -58.94 24.42
N ALA F 322 -15.56 -59.45 23.35
CA ALA F 322 -15.46 -58.88 22.01
C ALA F 322 -15.63 -57.37 22.03
N ALA F 323 -16.52 -56.86 22.89
CA ALA F 323 -16.75 -55.42 22.95
C ALA F 323 -15.54 -54.69 23.52
N GLU F 324 -14.77 -55.34 24.41
CA GLU F 324 -13.65 -54.69 25.08
C GLU F 324 -12.37 -54.87 24.25
N LEU F 325 -12.40 -55.81 23.31
CA LEU F 325 -11.27 -56.15 22.46
C LEU F 325 -10.84 -54.94 21.62
N THR F 326 -9.53 -54.83 21.36
CA THR F 326 -8.98 -53.78 20.52
C THR F 326 -8.19 -54.45 19.39
N LEU F 327 -8.47 -54.04 18.14
CA LEU F 327 -7.94 -54.70 16.95
C LEU F 327 -6.92 -53.80 16.28
N THR F 328 -5.71 -54.30 16.06
CA THR F 328 -4.60 -53.51 15.57
C THR F 328 -4.76 -53.20 14.09
N ASP F 329 -4.27 -52.04 13.67
CA ASP F 329 -4.35 -51.62 12.28
C ASP F 329 -3.81 -52.70 11.35
N GLU F 330 -2.90 -53.55 11.85
CA GLU F 330 -2.33 -54.62 11.05
C GLU F 330 -3.37 -55.72 10.86
N VAL F 331 -4.15 -56.06 11.90
CA VAL F 331 -5.14 -57.13 11.74
C VAL F 331 -6.34 -56.62 10.93
N LEU F 332 -6.59 -55.29 10.94
CA LEU F 332 -7.68 -54.72 10.16
C LEU F 332 -7.36 -54.80 8.66
N THR F 333 -6.09 -54.56 8.30
CA THR F 333 -5.66 -54.67 6.91
C THR F 333 -5.80 -56.10 6.42
N ALA F 334 -5.43 -57.06 7.28
CA ALA F 334 -5.45 -58.46 6.90
C ALA F 334 -6.89 -58.88 6.58
N LEU F 335 -7.81 -58.62 7.50
CA LEU F 335 -9.22 -58.98 7.34
C LEU F 335 -9.80 -58.31 6.09
N ASP F 336 -9.43 -57.04 5.88
CA ASP F 336 -9.85 -56.30 4.70
C ASP F 336 -9.36 -56.97 3.42
N GLU F 337 -8.15 -57.56 3.43
CA GLU F 337 -7.60 -58.24 2.26
C GLU F 337 -8.31 -59.57 2.03
N ILE F 338 -8.58 -60.31 3.11
CA ILE F 338 -9.31 -61.56 2.99
C ILE F 338 -10.76 -61.27 2.60
N PHE F 339 -11.35 -60.21 3.17
CA PHE F 339 -12.76 -59.94 2.97
C PHE F 339 -12.96 -58.52 2.43
N PRO F 340 -12.72 -58.28 1.13
CA PRO F 340 -12.76 -56.91 0.60
C PRO F 340 -14.22 -56.49 0.60
N GLY F 341 -14.40 -55.17 0.76
CA GLY F 341 -15.71 -54.57 0.73
C GLY F 341 -15.92 -53.88 -0.61
N PRO F 342 -17.18 -53.69 -1.06
CA PRO F 342 -17.45 -53.08 -2.36
C PRO F 342 -17.09 -51.61 -2.42
N GLY F 343 -17.05 -50.93 -1.28
CA GLY F 343 -17.00 -49.47 -1.27
C GLY F 343 -18.38 -48.89 -1.65
N PRO F 344 -18.57 -47.56 -1.55
CA PRO F 344 -19.84 -46.93 -1.90
C PRO F 344 -20.10 -46.89 -3.40
N SER F 345 -21.39 -47.01 -3.77
CA SER F 345 -21.83 -46.65 -5.10
C SER F 345 -21.80 -45.13 -5.25
N PRO F 346 -21.52 -44.59 -6.45
CA PRO F 346 -21.28 -45.39 -7.66
C PRO F 346 -19.87 -45.97 -7.86
N GLU F 347 -18.92 -45.66 -6.96
CA GLU F 347 -17.54 -46.09 -7.15
C GLU F 347 -17.45 -47.61 -7.19
N ALA F 348 -18.38 -48.30 -6.49
CA ALA F 348 -18.41 -49.75 -6.38
C ALA F 348 -18.50 -50.47 -7.73
N PHE F 349 -19.18 -49.87 -8.71
CA PHE F 349 -19.45 -50.55 -9.97
C PHE F 349 -19.11 -49.69 -11.19
N ALA F 350 -18.83 -48.40 -10.97
CA ALA F 350 -18.56 -47.46 -12.05
C ALA F 350 -17.27 -46.73 -11.71
N TRP F 351 -17.35 -45.42 -11.45
CA TRP F 351 -16.24 -44.67 -10.89
C TRP F 351 -16.80 -43.60 -9.96
N MET G 21 -71.24 -1.17 -22.71
CA MET G 21 -70.56 -2.50 -22.66
C MET G 21 -70.61 -3.01 -21.22
N GLU G 22 -70.95 -4.31 -21.09
CA GLU G 22 -70.98 -5.01 -19.82
C GLU G 22 -69.54 -5.49 -19.54
N TYR G 23 -69.03 -5.19 -18.34
CA TYR G 23 -67.70 -5.65 -17.91
C TYR G 23 -67.86 -6.61 -16.75
N THR G 24 -66.83 -7.46 -16.55
CA THR G 24 -66.82 -8.43 -15.46
C THR G 24 -65.39 -8.71 -15.02
N GLN G 25 -65.23 -9.21 -13.79
CA GLN G 25 -63.93 -9.70 -13.32
C GLN G 25 -63.68 -11.02 -14.03
N LEU G 26 -62.43 -11.25 -14.47
CA LEU G 26 -62.10 -12.55 -15.02
C LEU G 26 -61.95 -13.52 -13.85
N GLY G 27 -63.01 -14.29 -13.55
CA GLY G 27 -63.01 -15.16 -12.37
C GLY G 27 -62.71 -14.38 -11.08
N ARG G 28 -61.74 -14.86 -10.31
CA ARG G 28 -61.47 -14.35 -8.97
C ARG G 28 -60.47 -13.19 -9.01
N ILE G 29 -59.82 -12.97 -10.16
CA ILE G 29 -58.68 -12.07 -10.18
C ILE G 29 -59.16 -10.66 -10.44
N GLY G 30 -58.22 -9.71 -10.37
CA GLY G 30 -58.58 -8.31 -10.33
C GLY G 30 -58.76 -7.67 -11.70
N LEU G 31 -58.46 -8.43 -12.75
CA LEU G 31 -58.57 -7.98 -14.12
C LEU G 31 -60.05 -7.87 -14.49
N LYS G 32 -60.40 -6.69 -15.00
CA LYS G 32 -61.72 -6.44 -15.58
C LYS G 32 -61.65 -6.59 -17.11
N VAL G 33 -62.57 -7.40 -17.65
CA VAL G 33 -62.70 -7.62 -19.08
C VAL G 33 -64.16 -7.41 -19.52
N SER G 34 -64.31 -7.01 -20.79
CA SER G 34 -65.60 -7.01 -21.48
C SER G 34 -66.15 -8.43 -21.51
N ARG G 35 -67.48 -8.55 -21.48
CA ARG G 35 -68.09 -9.86 -21.56
C ARG G 35 -68.16 -10.35 -23.02
N LEU G 36 -67.65 -9.57 -23.98
CA LEU G 36 -67.35 -10.07 -25.32
C LEU G 36 -65.84 -10.19 -25.46
N VAL G 37 -65.37 -11.35 -25.94
CA VAL G 37 -63.95 -11.54 -26.21
C VAL G 37 -63.78 -11.48 -27.73
N LEU G 38 -62.87 -10.59 -28.19
CA LEU G 38 -62.61 -10.48 -29.60
C LEU G 38 -61.65 -11.58 -30.07
N GLY G 39 -62.17 -12.60 -30.76
CA GLY G 39 -61.39 -13.63 -31.44
C GLY G 39 -61.00 -13.22 -32.86
N THR G 40 -60.69 -14.18 -33.74
CA THR G 40 -60.16 -13.85 -35.06
C THR G 40 -60.82 -14.63 -36.20
N MET G 41 -61.39 -13.85 -37.15
CA MET G 41 -61.69 -14.25 -38.52
C MET G 41 -62.79 -15.31 -38.56
N ASP G 48 -56.94 -9.93 -45.02
CA ASP G 48 -56.72 -8.47 -45.15
C ASP G 48 -56.23 -7.92 -43.81
N GLU G 49 -55.39 -6.88 -43.88
CA GLU G 49 -54.73 -6.35 -42.70
C GLU G 49 -55.49 -5.12 -42.19
N ALA G 50 -55.58 -4.07 -43.02
CA ALA G 50 -56.17 -2.81 -42.61
C ALA G 50 -57.68 -2.97 -42.36
N GLU G 51 -58.25 -4.11 -42.76
CA GLU G 51 -59.63 -4.46 -42.42
C GLU G 51 -59.71 -4.99 -40.98
N SER G 52 -58.73 -5.81 -40.59
CA SER G 52 -58.63 -6.27 -39.22
C SER G 52 -58.36 -5.08 -38.28
N HIS G 53 -57.44 -4.18 -38.66
CA HIS G 53 -57.12 -3.03 -37.82
C HIS G 53 -58.34 -2.16 -37.58
N ALA G 54 -59.32 -2.24 -38.47
CA ALA G 54 -60.45 -1.33 -38.46
C ALA G 54 -61.50 -1.81 -37.47
N ILE G 55 -61.85 -3.11 -37.50
CA ILE G 55 -62.73 -3.67 -36.47
C ILE G 55 -62.09 -3.58 -35.08
N MET G 56 -60.76 -3.71 -34.99
CA MET G 56 -60.08 -3.68 -33.72
C MET G 56 -60.23 -2.30 -33.09
N ASP G 57 -59.97 -1.24 -33.87
CA ASP G 57 -60.21 0.14 -33.45
C ASP G 57 -61.69 0.34 -33.10
N ALA G 58 -62.58 -0.31 -33.86
CA ALA G 58 -64.02 -0.26 -33.64
C ALA G 58 -64.41 -1.04 -32.39
N ALA G 59 -63.76 -2.19 -32.16
CA ALA G 59 -64.00 -2.99 -30.96
C ALA G 59 -63.63 -2.16 -29.73
N LEU G 60 -62.51 -1.44 -29.79
CA LEU G 60 -62.10 -0.52 -28.74
C LEU G 60 -63.15 0.57 -28.48
N ASP G 61 -63.61 1.22 -29.57
CA ASP G 61 -64.57 2.31 -29.47
C ASP G 61 -65.87 1.82 -28.84
N ALA G 62 -66.22 0.55 -29.11
CA ALA G 62 -67.34 -0.13 -28.48
C ALA G 62 -67.04 -0.57 -27.04
N GLY G 63 -65.78 -0.46 -26.58
CA GLY G 63 -65.44 -0.72 -25.18
C GLY G 63 -65.00 -2.17 -24.91
N ILE G 64 -64.73 -2.92 -25.97
CA ILE G 64 -64.17 -4.27 -25.88
C ILE G 64 -62.66 -4.11 -25.69
N ASN G 65 -62.13 -4.66 -24.58
CA ASN G 65 -60.73 -4.50 -24.21
C ASN G 65 -60.00 -5.83 -24.27
N PHE G 66 -60.75 -6.92 -24.50
CA PHE G 66 -60.25 -8.28 -24.31
C PHE G 66 -60.09 -8.95 -25.68
N PHE G 67 -58.83 -8.98 -26.16
CA PHE G 67 -58.45 -9.50 -27.46
C PHE G 67 -57.73 -10.83 -27.34
N ASP G 68 -58.19 -11.80 -28.12
CA ASP G 68 -57.72 -13.17 -28.09
C ASP G 68 -57.41 -13.61 -29.54
N THR G 69 -56.29 -14.33 -29.69
CA THR G 69 -55.83 -14.83 -30.97
C THR G 69 -56.48 -16.17 -31.33
N ALA G 70 -57.36 -16.70 -30.48
CA ALA G 70 -58.12 -17.90 -30.79
C ALA G 70 -59.04 -17.68 -31.99
N ASN G 71 -58.91 -18.58 -33.00
CA ASN G 71 -59.83 -18.67 -34.12
C ASN G 71 -61.24 -18.93 -33.62
N VAL G 72 -62.25 -18.25 -34.17
CA VAL G 72 -63.62 -18.58 -33.81
C VAL G 72 -64.07 -19.75 -34.69
N LYS G 79 -52.68 -19.15 -36.67
CA LYS G 79 -52.13 -18.59 -35.40
C LYS G 79 -51.07 -17.53 -35.73
N GLY G 80 -49.95 -17.96 -36.33
CA GLY G 80 -48.81 -17.10 -36.64
C GLY G 80 -49.20 -15.78 -37.32
N ARG G 81 -50.09 -15.82 -38.30
CA ARG G 81 -50.46 -14.62 -39.04
C ARG G 81 -51.27 -13.64 -38.23
N THR G 82 -52.19 -14.15 -37.44
CA THR G 82 -53.01 -13.30 -36.58
C THR G 82 -52.20 -12.49 -35.57
N GLU G 83 -51.19 -13.13 -34.97
CA GLU G 83 -50.34 -12.42 -34.03
C GLU G 83 -49.64 -11.25 -34.75
N GLU G 84 -49.16 -11.49 -35.99
CA GLU G 84 -48.45 -10.48 -36.75
C GLU G 84 -49.35 -9.27 -37.04
N ILE G 85 -50.62 -9.52 -37.33
CA ILE G 85 -51.61 -8.48 -37.59
C ILE G 85 -51.94 -7.66 -36.34
N LEU G 86 -51.96 -8.29 -35.15
CA LEU G 86 -52.05 -7.58 -33.88
C LEU G 86 -50.77 -6.77 -33.71
N GLY G 87 -49.64 -7.37 -34.09
CA GLY G 87 -48.34 -6.74 -33.94
C GLY G 87 -48.23 -5.41 -34.70
N SER G 88 -48.76 -5.40 -35.93
CA SER G 88 -48.76 -4.21 -36.79
C SER G 88 -49.83 -3.24 -36.32
N TRP G 89 -50.88 -3.79 -35.70
CA TRP G 89 -51.89 -2.95 -35.06
C TRP G 89 -51.24 -2.12 -33.94
N PHE G 90 -50.42 -2.76 -33.09
CA PHE G 90 -49.89 -2.08 -31.93
C PHE G 90 -48.86 -1.06 -32.40
N ALA G 91 -48.08 -1.45 -33.42
CA ALA G 91 -46.96 -0.64 -33.94
C ALA G 91 -47.43 0.72 -34.44
N GLN G 92 -48.74 0.87 -34.71
CA GLN G 92 -49.32 2.14 -35.09
C GLN G 92 -49.37 3.17 -33.96
N GLY G 93 -49.02 2.76 -32.72
CA GLY G 93 -49.14 3.64 -31.55
C GLY G 93 -50.58 3.92 -31.15
N GLY G 94 -50.80 5.04 -30.44
CA GLY G 94 -52.12 5.48 -30.02
C GLY G 94 -52.65 4.77 -28.76
N ASP G 95 -51.73 4.23 -27.93
CA ASP G 95 -52.10 3.52 -26.71
C ASP G 95 -52.97 2.29 -27.02
N ARG G 96 -52.71 1.62 -28.15
CA ARG G 96 -53.48 0.44 -28.53
C ARG G 96 -53.11 -0.74 -27.62
N ARG G 97 -51.80 -0.96 -27.43
CA ARG G 97 -51.27 -1.99 -26.53
C ARG G 97 -51.79 -1.78 -25.10
N ASP G 98 -51.55 -0.57 -24.60
CA ASP G 98 -51.89 -0.20 -23.25
C ASP G 98 -53.37 -0.41 -22.97
N LYS G 99 -54.23 -0.28 -23.99
CA LYS G 99 -55.66 -0.33 -23.76
C LYS G 99 -56.20 -1.76 -23.79
N VAL G 100 -55.43 -2.74 -24.29
CA VAL G 100 -56.03 -4.06 -24.46
C VAL G 100 -55.42 -5.06 -23.50
N VAL G 101 -56.28 -5.99 -23.07
CA VAL G 101 -55.88 -7.26 -22.48
C VAL G 101 -55.61 -8.27 -23.61
N LEU G 102 -54.33 -8.56 -23.83
CA LEU G 102 -53.86 -9.40 -24.93
C LEU G 102 -53.70 -10.84 -24.45
N ALA G 103 -54.52 -11.72 -25.02
CA ALA G 103 -54.49 -13.14 -24.75
C ALA G 103 -53.99 -13.85 -26.00
N THR G 104 -53.03 -14.76 -25.84
CA THR G 104 -52.67 -15.65 -26.93
C THR G 104 -52.57 -17.07 -26.35
N LYS G 105 -52.02 -17.97 -27.17
CA LYS G 105 -52.17 -19.39 -26.94
C LYS G 105 -50.90 -20.09 -27.41
N VAL G 106 -50.57 -21.23 -26.79
CA VAL G 106 -49.52 -22.10 -27.30
C VAL G 106 -49.93 -22.57 -28.70
N TYR G 107 -48.99 -22.49 -29.65
CA TYR G 107 -49.28 -22.71 -31.08
C TYR G 107 -49.84 -24.11 -31.36
N GLY G 108 -49.19 -25.17 -30.87
CA GLY G 108 -49.67 -26.53 -31.06
C GLY G 108 -49.39 -27.06 -32.48
N ASN G 109 -50.39 -27.78 -33.05
CA ASN G 109 -50.31 -28.56 -34.28
C ASN G 109 -48.87 -28.60 -34.85
N PRO G 115 -48.32 -34.59 -38.50
CA PRO G 115 -47.36 -35.23 -37.58
C PRO G 115 -46.24 -34.27 -37.19
N ALA G 116 -46.19 -33.90 -35.90
CA ALA G 116 -45.29 -32.87 -35.41
C ALA G 116 -43.96 -33.49 -34.94
N TRP G 117 -42.86 -32.72 -35.09
CA TRP G 117 -41.59 -33.06 -34.49
C TRP G 117 -41.72 -33.10 -32.96
N PRO G 118 -41.11 -34.06 -32.24
CA PRO G 118 -41.24 -34.11 -30.78
C PRO G 118 -40.84 -32.79 -30.11
N ASN G 119 -41.69 -32.35 -29.15
CA ASN G 119 -41.53 -31.15 -28.35
C ASN G 119 -41.82 -29.88 -29.15
N HIS G 120 -42.36 -30.00 -30.38
CA HIS G 120 -42.85 -28.84 -31.13
C HIS G 120 -44.38 -28.74 -31.04
N ASP G 121 -44.95 -29.56 -30.15
CA ASP G 121 -46.35 -29.58 -29.79
C ASP G 121 -46.42 -29.75 -28.26
N LYS G 122 -47.60 -29.53 -27.66
CA LYS G 122 -47.89 -29.96 -26.29
C LYS G 122 -47.17 -29.04 -25.28
N LEU G 123 -47.04 -29.43 -24.00
CA LEU G 123 -46.79 -28.42 -22.98
C LEU G 123 -45.51 -28.69 -22.18
N SER G 124 -44.51 -29.32 -22.82
CA SER G 124 -43.18 -29.39 -22.21
C SER G 124 -42.68 -27.97 -21.92
N ALA G 125 -41.84 -27.84 -20.90
CA ALA G 125 -41.16 -26.57 -20.65
C ALA G 125 -40.40 -26.10 -21.90
N LEU G 126 -39.94 -27.06 -22.73
CA LEU G 126 -39.22 -26.77 -23.97
C LEU G 126 -40.17 -26.12 -24.98
N ASN G 127 -41.32 -26.76 -25.26
CA ASN G 127 -42.27 -26.19 -26.20
C ASN G 127 -42.78 -24.83 -25.71
N ILE G 128 -43.07 -24.69 -24.39
CA ILE G 128 -43.57 -23.43 -23.87
C ILE G 128 -42.55 -22.31 -24.12
N ARG G 129 -41.28 -22.55 -23.82
CA ARG G 129 -40.26 -21.56 -24.06
C ARG G 129 -40.29 -21.09 -25.53
N ARG G 130 -40.27 -22.02 -26.50
CA ARG G 130 -40.20 -21.66 -27.92
C ARG G 130 -41.48 -21.00 -28.40
N SER G 131 -42.65 -21.48 -27.98
CA SER G 131 -43.90 -20.87 -28.38
C SER G 131 -44.02 -19.43 -27.89
N VAL G 132 -43.67 -19.19 -26.62
CA VAL G 132 -43.82 -17.85 -26.07
C VAL G 132 -42.91 -16.87 -26.82
N ASP G 133 -41.64 -17.23 -26.99
CA ASP G 133 -40.67 -16.34 -27.63
C ASP G 133 -41.11 -16.03 -29.05
N ALA G 134 -41.54 -17.03 -29.84
CA ALA G 134 -42.15 -16.77 -31.15
C ALA G 134 -43.32 -15.79 -31.05
N SER G 135 -44.21 -15.95 -30.05
CA SER G 135 -45.41 -15.14 -29.94
C SER G 135 -45.06 -13.68 -29.63
N LEU G 136 -44.08 -13.48 -28.76
CA LEU G 136 -43.69 -12.13 -28.39
C LEU G 136 -43.10 -11.41 -29.61
N LYS G 137 -42.31 -12.12 -30.43
CA LYS G 137 -41.69 -11.50 -31.60
C LYS G 137 -42.76 -11.13 -32.61
N ARG G 138 -43.68 -12.05 -32.90
CA ARG G 138 -44.75 -11.78 -33.84
C ARG G 138 -45.71 -10.71 -33.32
N LEU G 139 -46.03 -10.73 -32.01
CA LEU G 139 -46.95 -9.73 -31.48
C LEU G 139 -46.26 -8.37 -31.35
N GLY G 140 -44.94 -8.33 -31.58
CA GLY G 140 -44.20 -7.09 -31.41
C GLY G 140 -44.55 -6.36 -30.10
N THR G 141 -44.55 -7.13 -28.99
CA THR G 141 -44.75 -6.58 -27.64
C THR G 141 -43.80 -7.33 -26.70
N ASP G 142 -43.50 -6.71 -25.56
CA ASP G 142 -42.61 -7.30 -24.57
C ASP G 142 -43.36 -8.11 -23.51
N HIS G 143 -44.71 -8.14 -23.55
CA HIS G 143 -45.46 -8.96 -22.60
C HIS G 143 -46.80 -9.39 -23.18
N ILE G 144 -47.25 -10.57 -22.75
CA ILE G 144 -48.60 -11.09 -23.01
C ILE G 144 -49.39 -11.04 -21.70
N ASP G 145 -50.63 -10.53 -21.71
CA ASP G 145 -51.44 -10.35 -20.50
C ASP G 145 -52.01 -11.69 -20.04
N LEU G 146 -52.56 -12.49 -20.98
CA LEU G 146 -53.13 -13.78 -20.64
C LEU G 146 -52.56 -14.81 -21.60
N TYR G 147 -51.62 -15.64 -21.13
CA TYR G 147 -51.05 -16.68 -21.95
C TYR G 147 -51.75 -17.99 -21.64
N GLN G 148 -52.25 -18.68 -22.67
CA GLN G 148 -53.17 -19.79 -22.47
C GLN G 148 -52.62 -21.08 -23.07
N PHE G 149 -52.91 -22.19 -22.37
CA PHE G 149 -52.66 -23.52 -22.89
C PHE G 149 -53.76 -23.85 -23.90
N HIS G 150 -53.39 -24.51 -25.00
CA HIS G 150 -54.30 -24.82 -26.11
C HIS G 150 -55.11 -26.08 -25.79
N HIS G 151 -54.54 -26.98 -24.99
CA HIS G 151 -55.22 -28.23 -24.69
C HIS G 151 -54.52 -28.87 -23.50
N VAL G 152 -55.27 -29.66 -22.71
CA VAL G 152 -54.63 -30.45 -21.66
C VAL G 152 -53.57 -31.33 -22.32
N ASP G 153 -52.38 -31.39 -21.71
CA ASP G 153 -51.36 -32.37 -22.04
C ASP G 153 -51.13 -33.29 -20.83
N ARG G 154 -51.62 -34.52 -20.90
CA ARG G 154 -51.54 -35.42 -19.77
C ARG G 154 -50.20 -36.09 -19.55
N ASP G 155 -49.26 -35.80 -20.40
CA ASP G 155 -47.90 -36.34 -20.29
C ASP G 155 -46.93 -35.40 -19.57
N THR G 156 -47.35 -34.15 -19.31
CA THR G 156 -46.54 -33.15 -18.63
C THR G 156 -47.10 -32.86 -17.22
N PRO G 157 -46.30 -33.05 -16.16
CA PRO G 157 -46.73 -32.79 -14.79
C PRO G 157 -46.73 -31.29 -14.49
N TRP G 158 -47.57 -30.90 -13.51
CA TRP G 158 -47.81 -29.49 -13.24
C TRP G 158 -46.61 -28.77 -12.63
N ASP G 159 -45.68 -29.47 -11.96
CA ASP G 159 -44.47 -28.77 -11.50
C ASP G 159 -43.57 -28.31 -12.65
N GLU G 160 -43.49 -29.10 -13.74
CA GLU G 160 -42.81 -28.69 -14.95
C GLU G 160 -43.52 -27.50 -15.60
N ILE G 161 -44.85 -27.55 -15.75
CA ILE G 161 -45.55 -26.46 -16.43
C ILE G 161 -45.43 -25.16 -15.66
N TRP G 162 -45.53 -25.24 -14.33
CA TRP G 162 -45.57 -24.03 -13.53
C TRP G 162 -44.18 -23.44 -13.46
N GLN G 163 -43.14 -24.29 -13.51
CA GLN G 163 -41.77 -23.79 -13.66
C GLN G 163 -41.67 -22.92 -14.91
N ALA G 164 -42.06 -23.45 -16.05
CA ALA G 164 -41.99 -22.68 -17.31
C ALA G 164 -42.75 -21.38 -17.18
N MET G 165 -43.98 -21.42 -16.65
CA MET G 165 -44.78 -20.20 -16.52
C MET G 165 -44.14 -19.22 -15.53
N ASP G 166 -43.56 -19.72 -14.44
CA ASP G 166 -43.01 -18.84 -13.42
C ASP G 166 -41.77 -18.10 -13.96
N VAL G 167 -40.98 -18.78 -14.79
CA VAL G 167 -39.84 -18.11 -15.42
C VAL G 167 -40.35 -16.90 -16.20
N LEU G 168 -41.44 -17.09 -16.94
CA LEU G 168 -41.93 -16.02 -17.80
C LEU G 168 -42.54 -14.90 -16.97
N VAL G 169 -43.26 -15.26 -15.88
CA VAL G 169 -43.88 -14.27 -15.03
C VAL G 169 -42.80 -13.37 -14.39
N ARG G 170 -41.76 -13.96 -13.83
CA ARG G 170 -40.70 -13.22 -13.15
C ARG G 170 -39.88 -12.38 -14.10
N GLN G 171 -39.72 -12.82 -15.33
CA GLN G 171 -39.12 -11.98 -16.35
C GLN G 171 -40.09 -10.91 -16.85
N GLY G 172 -41.37 -10.93 -16.44
CA GLY G 172 -42.32 -9.89 -16.82
C GLY G 172 -42.88 -10.09 -18.23
N LYS G 173 -42.64 -11.26 -18.83
CA LYS G 173 -43.08 -11.53 -20.18
C LYS G 173 -44.56 -11.93 -20.25
N ILE G 174 -45.13 -12.36 -19.11
CA ILE G 174 -46.49 -12.85 -19.01
C ILE G 174 -47.05 -12.41 -17.65
N LEU G 175 -48.35 -12.09 -17.58
CA LEU G 175 -49.00 -11.69 -16.33
C LEU G 175 -49.81 -12.86 -15.77
N TYR G 176 -50.76 -13.36 -16.57
CA TYR G 176 -51.74 -14.35 -16.18
C TYR G 176 -51.66 -15.59 -17.08
N VAL G 177 -52.07 -16.75 -16.52
CA VAL G 177 -52.06 -18.01 -17.24
C VAL G 177 -53.49 -18.54 -17.27
N GLY G 178 -53.91 -19.06 -18.44
CA GLY G 178 -55.23 -19.64 -18.63
C GLY G 178 -55.12 -20.98 -19.33
N SER G 179 -56.21 -21.74 -19.35
CA SER G 179 -56.33 -23.03 -20.04
C SER G 179 -57.37 -22.96 -21.16
N SER G 180 -57.31 -23.95 -22.06
CA SER G 180 -58.34 -24.24 -23.04
C SER G 180 -58.42 -25.75 -23.11
N ASN G 181 -59.63 -26.29 -23.26
CA ASN G 181 -59.81 -27.73 -23.49
C ASN G 181 -59.11 -28.55 -22.41
N PHE G 182 -59.49 -28.25 -21.15
CA PHE G 182 -59.14 -29.03 -19.99
C PHE G 182 -60.35 -29.80 -19.45
N ALA G 183 -60.08 -30.84 -18.66
CA ALA G 183 -61.11 -31.41 -17.81
C ALA G 183 -61.17 -30.63 -16.49
N GLY G 184 -62.30 -30.75 -15.78
CA GLY G 184 -62.44 -30.12 -14.48
C GLY G 184 -61.29 -30.48 -13.55
N TRP G 185 -60.94 -31.77 -13.52
CA TRP G 185 -59.92 -32.23 -12.60
C TRP G 185 -58.53 -31.68 -12.97
N ASN G 186 -58.31 -31.33 -14.23
CA ASN G 186 -57.03 -30.76 -14.62
C ASN G 186 -56.90 -29.34 -14.07
N ILE G 187 -58.02 -28.63 -14.03
CA ILE G 187 -58.08 -27.29 -13.47
C ILE G 187 -57.78 -27.40 -11.98
N ALA G 188 -58.45 -28.31 -11.29
CA ALA G 188 -58.21 -28.54 -9.86
C ALA G 188 -56.72 -28.83 -9.60
N GLN G 189 -56.16 -29.83 -10.29
CA GLN G 189 -54.76 -30.21 -10.13
C GLN G 189 -53.83 -29.01 -10.35
N ALA G 190 -54.18 -28.19 -11.33
CA ALA G 190 -53.27 -27.13 -11.75
C ALA G 190 -53.26 -26.05 -10.68
N ASN G 191 -54.43 -25.69 -10.17
CA ASN G 191 -54.50 -24.58 -9.22
C ASN G 191 -54.06 -24.97 -7.81
N GLU G 192 -54.30 -26.22 -7.44
CA GLU G 192 -53.80 -26.75 -6.17
C GLU G 192 -52.28 -26.79 -6.19
N THR G 193 -51.70 -27.21 -7.32
CA THR G 193 -50.25 -27.29 -7.44
C THR G 193 -49.65 -25.89 -7.39
N ALA G 194 -50.29 -24.94 -8.07
CA ALA G 194 -49.82 -23.56 -8.10
C ALA G 194 -49.84 -22.97 -6.70
N ALA G 195 -50.96 -23.17 -5.99
CA ALA G 195 -51.20 -22.58 -4.68
C ALA G 195 -50.25 -23.13 -3.61
N ARG G 196 -49.75 -24.34 -3.78
CA ARG G 196 -48.81 -24.90 -2.84
C ARG G 196 -47.57 -24.05 -2.72
N HIS G 197 -47.23 -23.31 -3.77
CA HIS G 197 -45.95 -22.61 -3.74
C HIS G 197 -46.13 -21.12 -3.99
N GLY G 198 -47.32 -20.61 -3.65
CA GLY G 198 -47.56 -19.18 -3.63
C GLY G 198 -48.07 -18.63 -4.97
N ARG G 199 -48.11 -19.47 -6.01
CA ARG G 199 -48.27 -18.99 -7.37
C ARG G 199 -49.77 -18.78 -7.64
N LEU G 200 -50.08 -17.78 -8.48
CA LEU G 200 -51.41 -17.57 -9.01
C LEU G 200 -51.66 -18.70 -10.01
N GLY G 201 -52.81 -19.34 -9.92
CA GLY G 201 -53.03 -20.43 -10.86
C GLY G 201 -53.65 -19.95 -12.17
N LEU G 202 -54.31 -20.91 -12.86
CA LEU G 202 -55.12 -20.61 -14.02
C LEU G 202 -56.14 -19.56 -13.59
N VAL G 203 -56.32 -18.54 -14.41
CA VAL G 203 -57.33 -17.52 -14.16
C VAL G 203 -58.51 -17.65 -15.11
N SER G 204 -58.42 -18.53 -16.13
CA SER G 204 -59.51 -18.67 -17.10
C SER G 204 -59.42 -20.02 -17.79
N GLU G 205 -60.59 -20.53 -18.19
CA GLU G 205 -60.66 -21.74 -19.01
C GLU G 205 -61.52 -21.42 -20.23
N GLN G 206 -60.98 -21.71 -21.42
CA GLN G 206 -61.69 -21.56 -22.68
C GLN G 206 -62.17 -22.95 -23.12
N CYS G 207 -63.49 -23.12 -23.12
CA CYS G 207 -64.09 -24.40 -23.43
C CYS G 207 -65.23 -24.25 -24.44
N LEU G 208 -65.48 -25.35 -25.14
CA LEU G 208 -66.62 -25.43 -26.03
C LEU G 208 -67.87 -25.48 -25.15
N TYR G 209 -68.72 -24.45 -25.30
CA TYR G 209 -69.93 -24.32 -24.52
C TYR G 209 -70.96 -23.52 -25.33
N ASN G 210 -72.16 -24.10 -25.52
CA ASN G 210 -73.22 -23.43 -26.25
C ASN G 210 -74.50 -24.23 -26.03
N LEU G 211 -75.64 -23.73 -26.55
CA LEU G 211 -76.92 -24.41 -26.39
C LEU G 211 -76.82 -25.87 -26.82
N CYS G 212 -76.14 -26.11 -27.96
CA CYS G 212 -76.02 -27.45 -28.52
C CYS G 212 -75.15 -28.33 -27.61
N GLU G 213 -73.97 -27.80 -27.20
CA GLU G 213 -73.01 -28.60 -26.44
C GLU G 213 -72.91 -28.07 -25.01
N ARG G 214 -73.56 -28.75 -24.07
CA ARG G 214 -73.65 -28.28 -22.70
C ARG G 214 -72.90 -29.19 -21.71
N ARG G 215 -72.11 -30.14 -22.22
CA ARG G 215 -71.44 -31.13 -21.37
C ARG G 215 -70.26 -30.52 -20.57
N ALA G 216 -69.82 -29.31 -20.90
CA ALA G 216 -68.94 -28.54 -20.02
C ALA G 216 -69.55 -28.37 -18.63
N GLU G 217 -70.88 -28.47 -18.52
CA GLU G 217 -71.60 -28.19 -17.28
C GLU G 217 -71.44 -29.34 -16.28
N MET G 218 -71.00 -30.51 -16.75
CA MET G 218 -70.93 -31.67 -15.89
C MET G 218 -69.83 -31.48 -14.83
N GLU G 219 -68.64 -31.03 -15.24
CA GLU G 219 -67.49 -30.89 -14.35
C GLU G 219 -66.54 -29.70 -14.69
N VAL G 220 -66.38 -29.35 -15.96
CA VAL G 220 -65.47 -28.29 -16.34
C VAL G 220 -65.85 -26.96 -15.66
N VAL G 221 -67.10 -26.53 -15.85
CA VAL G 221 -67.55 -25.25 -15.34
C VAL G 221 -67.71 -25.28 -13.81
N PRO G 222 -68.25 -26.35 -13.19
CA PRO G 222 -68.17 -26.52 -11.73
C PRO G 222 -66.73 -26.41 -11.17
N ALA G 223 -65.77 -27.13 -11.73
CA ALA G 223 -64.38 -26.92 -11.34
C ALA G 223 -63.96 -25.46 -11.51
N ALA G 224 -64.27 -24.84 -12.65
CA ALA G 224 -63.83 -23.47 -12.89
C ALA G 224 -64.42 -22.52 -11.85
N ARG G 225 -65.68 -22.73 -11.53
CA ARG G 225 -66.39 -21.88 -10.57
C ARG G 225 -65.77 -22.07 -9.19
N GLU G 226 -65.55 -23.32 -8.78
CA GLU G 226 -64.91 -23.59 -7.51
C GLU G 226 -63.56 -22.88 -7.41
N TYR G 227 -62.69 -22.97 -8.44
CA TYR G 227 -61.34 -22.42 -8.34
C TYR G 227 -61.27 -20.97 -8.80
N GLY G 228 -62.39 -20.34 -9.14
CA GLY G 228 -62.37 -18.92 -9.49
C GLY G 228 -61.72 -18.64 -10.84
N LEU G 229 -61.95 -19.53 -11.83
CA LEU G 229 -61.57 -19.26 -13.21
C LEU G 229 -62.73 -18.61 -13.96
N GLY G 230 -62.41 -17.65 -14.84
CA GLY G 230 -63.37 -17.18 -15.81
C GLY G 230 -63.61 -18.26 -16.86
N VAL G 231 -64.86 -18.45 -17.28
CA VAL G 231 -65.12 -19.40 -18.35
C VAL G 231 -65.32 -18.62 -19.66
N ILE G 232 -64.44 -18.85 -20.63
CA ILE G 232 -64.54 -18.22 -21.94
C ILE G 232 -65.12 -19.26 -22.89
N ALA G 233 -66.30 -18.94 -23.46
CA ALA G 233 -67.06 -19.90 -24.25
C ALA G 233 -66.65 -19.81 -25.72
N TRP G 234 -66.03 -20.90 -26.19
CA TRP G 234 -65.53 -20.99 -27.55
C TRP G 234 -66.60 -21.67 -28.40
N SER G 235 -66.65 -21.28 -29.68
CA SER G 235 -67.69 -21.70 -30.60
C SER G 235 -69.06 -21.49 -29.96
N PRO G 236 -69.41 -20.25 -29.60
CA PRO G 236 -70.71 -19.97 -28.99
C PRO G 236 -71.94 -20.22 -29.87
N LEU G 237 -71.74 -20.31 -31.20
CA LEU G 237 -72.82 -20.62 -32.14
C LEU G 237 -72.71 -22.05 -32.67
N HIS G 238 -71.83 -22.89 -32.10
CA HIS G 238 -71.59 -24.26 -32.52
C HIS G 238 -71.23 -24.35 -34.00
N GLY G 239 -70.21 -23.56 -34.39
CA GLY G 239 -69.71 -23.51 -35.75
C GLY G 239 -70.69 -22.89 -36.76
N GLY G 240 -71.70 -22.15 -36.27
CA GLY G 240 -72.69 -21.50 -37.13
C GLY G 240 -74.09 -22.08 -36.97
N LEU G 241 -74.20 -23.28 -36.39
CA LEU G 241 -75.44 -24.01 -36.34
C LEU G 241 -76.54 -23.23 -35.60
N LEU G 242 -76.16 -22.34 -34.67
CA LEU G 242 -77.12 -21.62 -33.84
C LEU G 242 -77.31 -20.19 -34.34
N GLY G 243 -76.67 -19.85 -35.48
CA GLY G 243 -76.72 -18.50 -36.05
C GLY G 243 -77.77 -18.35 -37.16
N GLY G 244 -78.71 -19.30 -37.21
CA GLY G 244 -79.78 -19.32 -38.21
C GLY G 244 -79.30 -20.02 -39.47
N ALA G 245 -78.93 -21.30 -39.36
CA ALA G 245 -78.24 -22.02 -40.41
C ALA G 245 -79.24 -22.66 -41.40
N ILE G 246 -80.46 -22.94 -40.92
CA ILE G 246 -81.53 -23.51 -41.74
C ILE G 246 -82.16 -22.42 -42.62
N ARG G 247 -82.36 -21.23 -42.10
CA ARG G 247 -82.88 -20.15 -42.92
C ARG G 247 -81.83 -19.72 -43.92
N LYS G 248 -80.57 -19.88 -43.57
CA LYS G 248 -79.51 -19.55 -44.53
C LYS G 248 -79.30 -20.69 -45.52
N GLU G 249 -79.79 -21.90 -45.21
CA GLU G 249 -79.74 -23.03 -46.13
C GLU G 249 -80.79 -22.84 -47.23
N GLN G 250 -82.01 -22.42 -46.84
CA GLN G 250 -83.16 -22.34 -47.74
C GLN G 250 -82.98 -21.22 -48.77
N GLU G 251 -82.14 -20.21 -48.47
CA GLU G 251 -81.87 -19.11 -49.39
C GLU G 251 -81.07 -19.64 -50.59
N ASP G 268 -78.34 -34.85 -40.45
CA ASP G 268 -78.73 -35.55 -39.20
C ASP G 268 -80.22 -35.28 -38.92
N PRO G 269 -81.09 -36.31 -38.76
CA PRO G 269 -82.51 -36.10 -38.49
C PRO G 269 -82.79 -35.26 -37.23
N GLN G 270 -82.36 -35.76 -36.06
CA GLN G 270 -82.83 -35.29 -34.76
C GLN G 270 -82.29 -33.89 -34.45
N GLN G 271 -81.02 -33.64 -34.77
CA GLN G 271 -80.39 -32.36 -34.46
C GLN G 271 -81.02 -31.28 -35.33
N ARG G 272 -81.34 -31.62 -36.56
CA ARG G 272 -82.02 -30.67 -37.42
C ARG G 272 -83.39 -30.35 -36.87
N GLU G 273 -84.10 -31.34 -36.34
CA GLU G 273 -85.40 -31.07 -35.75
C GLU G 273 -85.26 -30.02 -34.64
N GLN G 274 -84.08 -30.04 -34.00
CA GLN G 274 -83.79 -29.28 -32.80
C GLN G 274 -83.54 -27.83 -33.18
N ILE G 275 -82.63 -27.62 -34.16
CA ILE G 275 -82.33 -26.31 -34.69
C ILE G 275 -83.60 -25.68 -35.28
N GLN G 276 -84.45 -26.53 -35.88
CA GLN G 276 -85.68 -26.07 -36.53
C GLN G 276 -86.64 -25.55 -35.47
N ARG G 277 -86.74 -26.25 -34.34
CA ARG G 277 -87.62 -25.85 -33.26
C ARG G 277 -87.06 -24.60 -32.58
N TYR G 278 -85.75 -24.36 -32.73
CA TYR G 278 -85.05 -23.20 -32.18
C TYR G 278 -85.31 -21.98 -33.06
N GLU G 279 -85.13 -22.12 -34.37
CA GLU G 279 -85.37 -20.99 -35.27
C GLU G 279 -86.84 -20.57 -35.21
N ASP G 280 -87.76 -21.53 -35.08
CA ASP G 280 -89.18 -21.23 -35.08
C ASP G 280 -89.58 -20.52 -33.79
N LEU G 281 -88.99 -20.94 -32.66
CA LEU G 281 -89.24 -20.30 -31.37
C LEU G 281 -88.84 -18.83 -31.41
N LEU G 282 -87.73 -18.51 -32.09
CA LEU G 282 -87.21 -17.14 -32.13
C LEU G 282 -87.96 -16.29 -33.16
N ASP G 283 -88.27 -16.88 -34.34
CA ASP G 283 -89.18 -16.25 -35.28
C ASP G 283 -90.40 -15.74 -34.52
N LYS G 284 -91.01 -16.64 -33.74
CA LYS G 284 -92.18 -16.33 -32.94
C LYS G 284 -91.90 -15.15 -32.01
N HIS G 285 -90.65 -14.93 -31.58
CA HIS G 285 -90.37 -14.00 -30.50
C HIS G 285 -89.66 -12.72 -30.96
N GLY G 286 -89.30 -12.64 -32.25
CA GLY G 286 -88.76 -11.41 -32.83
C GLY G 286 -87.26 -11.23 -32.57
N LEU G 287 -86.55 -12.37 -32.45
CA LEU G 287 -85.19 -12.44 -31.92
C LEU G 287 -84.26 -13.07 -32.94
N GLU G 288 -83.07 -12.47 -33.07
CA GLU G 288 -82.04 -12.91 -33.99
C GLU G 288 -81.32 -14.10 -33.35
N PRO G 289 -81.34 -15.31 -33.97
CA PRO G 289 -80.65 -16.49 -33.43
C PRO G 289 -79.18 -16.37 -33.00
N GLY G 290 -78.33 -15.73 -33.82
CA GLY G 290 -76.92 -15.52 -33.50
C GLY G 290 -76.72 -14.70 -32.22
N GLU G 291 -77.61 -13.76 -31.97
CA GLU G 291 -77.56 -12.90 -30.79
C GLU G 291 -78.05 -13.68 -29.57
N VAL G 292 -79.04 -14.55 -29.75
CA VAL G 292 -79.65 -15.29 -28.65
C VAL G 292 -78.69 -16.38 -28.16
N ALA G 293 -77.89 -16.94 -29.06
CA ALA G 293 -76.90 -17.94 -28.69
C ALA G 293 -75.87 -17.32 -27.72
N LEU G 294 -75.46 -16.09 -28.00
CA LEU G 294 -74.48 -15.36 -27.21
C LEU G 294 -75.11 -14.92 -25.88
N ALA G 295 -76.30 -14.31 -25.95
CA ALA G 295 -77.05 -13.90 -24.78
C ALA G 295 -77.31 -15.09 -23.85
N TRP G 296 -77.65 -16.24 -24.42
CA TRP G 296 -77.89 -17.40 -23.57
C TRP G 296 -76.65 -17.67 -22.70
N LEU G 297 -75.48 -17.68 -23.34
CA LEU G 297 -74.24 -17.99 -22.66
C LEU G 297 -73.99 -17.00 -21.51
N LEU G 298 -74.30 -15.71 -21.72
CA LEU G 298 -74.07 -14.67 -20.72
C LEU G 298 -74.97 -14.80 -19.50
N THR G 299 -75.96 -15.70 -19.55
CA THR G 299 -76.81 -15.99 -18.41
C THR G 299 -76.29 -17.19 -17.62
N ARG G 300 -75.29 -17.89 -18.15
CA ARG G 300 -74.90 -19.14 -17.51
C ARG G 300 -73.90 -18.87 -16.38
N PRO G 301 -74.10 -19.52 -15.20
CA PRO G 301 -73.20 -19.36 -14.06
C PRO G 301 -71.75 -19.68 -14.39
N GLY G 302 -70.86 -18.72 -14.06
CA GLY G 302 -69.42 -18.84 -14.23
C GLY G 302 -68.89 -18.36 -15.59
N VAL G 303 -69.78 -17.98 -16.53
CA VAL G 303 -69.35 -17.61 -17.87
C VAL G 303 -68.91 -16.15 -17.84
N THR G 304 -67.70 -15.90 -18.33
CA THR G 304 -67.18 -14.55 -18.55
C THR G 304 -67.81 -13.96 -19.81
N GLY G 305 -67.68 -14.71 -20.92
CA GLY G 305 -68.20 -14.23 -22.19
C GLY G 305 -67.82 -15.15 -23.33
N PRO G 306 -68.46 -14.97 -24.51
CA PRO G 306 -68.16 -15.77 -25.69
C PRO G 306 -67.08 -15.09 -26.52
N ILE G 307 -66.31 -15.88 -27.27
CA ILE G 307 -65.45 -15.32 -28.30
C ILE G 307 -66.32 -15.05 -29.54
N VAL G 308 -66.15 -13.87 -30.12
CA VAL G 308 -66.81 -13.42 -31.33
C VAL G 308 -65.74 -12.88 -32.29
N GLY G 309 -65.96 -13.02 -33.60
CA GLY G 309 -64.99 -12.63 -34.60
C GLY G 309 -65.56 -11.68 -35.63
N PRO G 310 -66.09 -10.49 -35.22
CA PRO G 310 -66.75 -9.57 -36.14
C PRO G 310 -65.77 -8.94 -37.10
N ARG G 311 -66.14 -8.88 -38.37
CA ARG G 311 -65.30 -8.27 -39.38
C ARG G 311 -65.88 -6.96 -39.90
N THR G 312 -67.12 -6.63 -39.53
CA THR G 312 -67.71 -5.35 -39.90
C THR G 312 -68.42 -4.65 -38.75
N ALA G 313 -68.59 -3.32 -38.86
CA ALA G 313 -69.34 -2.55 -37.88
C ALA G 313 -70.70 -3.18 -37.63
N ASP G 314 -71.29 -3.77 -38.68
CA ASP G 314 -72.60 -4.40 -38.59
C ASP G 314 -72.52 -5.67 -37.72
N GLN G 315 -71.45 -6.47 -37.86
CA GLN G 315 -71.34 -7.70 -37.08
C GLN G 315 -70.95 -7.40 -35.63
N LEU G 316 -70.10 -6.38 -35.42
CA LEU G 316 -69.68 -5.95 -34.10
C LEU G 316 -70.89 -5.42 -33.33
N ALA G 317 -71.67 -4.53 -33.97
CA ALA G 317 -72.89 -3.99 -33.40
C ALA G 317 -73.88 -5.10 -33.04
N SER G 318 -73.88 -6.22 -33.78
CA SER G 318 -74.79 -7.32 -33.49
C SER G 318 -74.40 -8.07 -32.20
N ALA G 319 -73.08 -8.23 -32.01
CA ALA G 319 -72.54 -8.87 -30.81
C ALA G 319 -72.80 -7.98 -29.58
N VAL G 320 -72.56 -6.68 -29.74
CA VAL G 320 -72.86 -5.68 -28.73
C VAL G 320 -74.35 -5.72 -28.32
N ARG G 321 -75.28 -5.81 -29.27
CA ARG G 321 -76.70 -5.90 -28.94
C ARG G 321 -77.01 -7.22 -28.24
N ALA G 322 -76.32 -8.32 -28.62
CA ALA G 322 -76.41 -9.60 -27.94
C ALA G 322 -76.05 -9.45 -26.46
N ALA G 323 -75.04 -8.63 -26.14
CA ALA G 323 -74.59 -8.46 -24.77
C ALA G 323 -75.56 -7.60 -23.96
N GLU G 324 -76.33 -6.73 -24.64
CA GLU G 324 -77.37 -5.90 -24.03
C GLU G 324 -78.72 -6.62 -23.97
N LEU G 325 -78.88 -7.74 -24.67
CA LEU G 325 -80.17 -8.39 -24.80
C LEU G 325 -80.58 -9.01 -23.45
N THR G 326 -81.85 -8.87 -23.06
CA THR G 326 -82.43 -9.62 -21.96
C THR G 326 -83.43 -10.64 -22.49
N LEU G 327 -83.08 -11.93 -22.32
CA LEU G 327 -83.96 -13.03 -22.65
C LEU G 327 -84.97 -13.22 -21.51
N THR G 328 -86.25 -13.38 -21.85
CA THR G 328 -87.30 -13.55 -20.86
C THR G 328 -87.15 -14.91 -20.19
N ASP G 329 -87.77 -15.09 -19.01
CA ASP G 329 -87.79 -16.40 -18.36
C ASP G 329 -88.46 -17.40 -19.29
N GLU G 330 -89.44 -16.93 -20.08
CA GLU G 330 -90.21 -17.80 -20.95
C GLU G 330 -89.32 -18.31 -22.09
N VAL G 331 -88.52 -17.41 -22.67
CA VAL G 331 -87.55 -17.77 -23.71
C VAL G 331 -86.53 -18.76 -23.14
N LEU G 332 -85.94 -18.40 -21.99
CA LEU G 332 -84.91 -19.21 -21.36
C LEU G 332 -85.47 -20.60 -21.04
N THR G 333 -86.73 -20.67 -20.60
CA THR G 333 -87.34 -21.92 -20.19
C THR G 333 -87.46 -22.85 -21.39
N ALA G 334 -87.79 -22.26 -22.56
CA ALA G 334 -88.03 -23.00 -23.78
C ALA G 334 -86.71 -23.43 -24.43
N LEU G 335 -85.69 -22.57 -24.35
CA LEU G 335 -84.34 -22.92 -24.79
C LEU G 335 -83.82 -24.11 -23.99
N ASP G 336 -84.07 -24.08 -22.68
CA ASP G 336 -83.65 -25.15 -21.78
C ASP G 336 -84.37 -26.45 -22.15
N GLU G 337 -85.63 -26.35 -22.62
CA GLU G 337 -86.43 -27.51 -22.97
C GLU G 337 -85.94 -28.10 -24.29
N ILE G 338 -85.61 -27.22 -25.25
CA ILE G 338 -85.14 -27.66 -26.56
C ILE G 338 -83.75 -28.28 -26.45
N PHE G 339 -82.88 -27.63 -25.67
CA PHE G 339 -81.46 -27.97 -25.57
C PHE G 339 -81.11 -28.26 -24.12
N PRO G 340 -81.44 -29.46 -23.60
CA PRO G 340 -81.25 -29.73 -22.17
C PRO G 340 -79.76 -29.89 -21.85
N GLY G 341 -79.35 -29.31 -20.72
CA GLY G 341 -78.01 -29.53 -20.18
C GLY G 341 -78.00 -30.81 -19.36
N PRO G 342 -76.84 -31.45 -19.11
CA PRO G 342 -76.81 -32.70 -18.34
C PRO G 342 -76.81 -32.54 -16.81
N GLY G 343 -76.63 -31.30 -16.36
CA GLY G 343 -76.44 -31.02 -14.94
C GLY G 343 -75.04 -31.45 -14.47
N PRO G 344 -74.69 -31.14 -13.19
CA PRO G 344 -73.36 -31.47 -12.67
C PRO G 344 -73.23 -32.96 -12.43
N SER G 345 -72.00 -33.45 -12.59
CA SER G 345 -71.60 -34.74 -12.03
C SER G 345 -71.50 -34.57 -10.53
N PRO G 346 -71.85 -35.60 -9.72
CA PRO G 346 -72.31 -36.89 -10.24
C PRO G 346 -73.80 -37.04 -10.56
N GLU G 347 -74.65 -36.05 -10.20
CA GLU G 347 -76.09 -36.19 -10.42
C GLU G 347 -76.36 -36.43 -11.91
N ALA G 348 -75.44 -36.01 -12.80
CA ALA G 348 -75.65 -36.14 -14.24
C ALA G 348 -75.84 -37.60 -14.66
N PHE G 349 -75.11 -38.55 -14.06
CA PHE G 349 -75.24 -39.95 -14.46
C PHE G 349 -75.59 -40.92 -13.33
N ALA G 350 -75.66 -40.45 -12.08
CA ALA G 350 -75.98 -41.33 -10.96
C ALA G 350 -77.07 -40.67 -10.10
N TRP G 351 -76.68 -40.03 -8.99
CA TRP G 351 -77.63 -39.29 -8.18
C TRP G 351 -76.88 -38.27 -7.33
N MET H 21 -89.51 -21.86 8.94
CA MET H 21 -88.15 -21.51 9.45
C MET H 21 -87.13 -21.56 8.32
N GLU H 22 -86.44 -20.44 8.08
CA GLU H 22 -85.38 -20.33 7.10
C GLU H 22 -84.09 -20.91 7.70
N TYR H 23 -83.36 -21.69 6.88
CA TYR H 23 -82.05 -22.22 7.24
C TYR H 23 -80.96 -21.65 6.33
N THR H 24 -79.73 -21.71 6.82
CA THR H 24 -78.59 -21.23 6.07
C THR H 24 -77.34 -21.95 6.53
N GLN H 25 -76.29 -21.87 5.70
CA GLN H 25 -74.99 -22.35 6.11
C GLN H 25 -74.41 -21.34 7.09
N LEU H 26 -73.69 -21.84 8.12
CA LEU H 26 -72.91 -20.93 8.97
C LEU H 26 -71.63 -20.50 8.24
N GLY H 27 -71.68 -19.33 7.58
CA GLY H 27 -70.58 -18.88 6.74
C GLY H 27 -70.22 -19.94 5.70
N ARG H 28 -68.94 -20.37 5.68
CA ARG H 28 -68.41 -21.24 4.62
C ARG H 28 -68.52 -22.72 4.98
N ILE H 29 -68.84 -23.04 6.24
CA ILE H 29 -68.78 -24.43 6.69
C ILE H 29 -70.10 -25.15 6.36
N GLY H 30 -70.06 -26.46 6.61
CA GLY H 30 -71.07 -27.39 6.15
C GLY H 30 -72.25 -27.49 7.13
N LEU H 31 -72.07 -26.87 8.30
CA LEU H 31 -73.08 -26.77 9.34
C LEU H 31 -74.23 -25.90 8.86
N LYS H 32 -75.45 -26.45 8.93
CA LYS H 32 -76.65 -25.69 8.61
C LYS H 32 -77.39 -25.30 9.90
N VAL H 33 -77.74 -24.00 9.99
CA VAL H 33 -78.41 -23.44 11.15
C VAL H 33 -79.66 -22.66 10.76
N SER H 34 -80.66 -22.65 11.68
CA SER H 34 -81.77 -21.72 11.67
C SER H 34 -81.25 -20.29 11.67
N ARG H 35 -82.00 -19.40 11.00
CA ARG H 35 -81.63 -17.99 10.91
C ARG H 35 -82.03 -17.28 12.21
N LEU H 36 -82.75 -17.98 13.09
CA LEU H 36 -82.89 -17.54 14.47
C LEU H 36 -81.99 -18.41 15.33
N VAL H 37 -81.24 -17.75 16.24
CA VAL H 37 -80.42 -18.44 17.21
C VAL H 37 -81.06 -18.24 18.56
N LEU H 38 -81.34 -19.34 19.27
CA LEU H 38 -81.94 -19.22 20.59
C LEU H 38 -80.86 -18.84 21.59
N GLY H 39 -80.90 -17.58 22.06
CA GLY H 39 -80.09 -17.12 23.20
C GLY H 39 -80.72 -17.55 24.53
N THR H 40 -79.86 -17.94 25.49
CA THR H 40 -80.29 -18.60 26.72
C THR H 40 -79.98 -17.73 27.95
N MET H 41 -79.57 -16.48 27.72
CA MET H 41 -79.08 -15.59 28.78
C MET H 41 -80.08 -15.53 29.94
N ASN H 42 -81.37 -15.52 29.59
CA ASN H 42 -82.47 -15.32 30.52
C ASN H 42 -82.71 -16.59 31.34
N PHE H 43 -82.33 -17.77 30.82
CA PHE H 43 -82.60 -19.03 31.46
C PHE H 43 -81.79 -19.15 32.75
N GLY H 44 -82.51 -19.03 33.87
CA GLY H 44 -81.94 -18.94 35.20
C GLY H 44 -82.32 -17.61 35.87
N PRO H 45 -81.68 -16.49 35.46
CA PRO H 45 -81.93 -15.19 36.08
C PRO H 45 -83.35 -14.62 36.04
N THR H 46 -84.03 -14.69 34.89
CA THR H 46 -85.33 -14.07 34.71
C THR H 46 -86.36 -15.09 34.22
N THR H 47 -85.90 -16.31 33.92
CA THR H 47 -86.75 -17.36 33.41
C THR H 47 -86.35 -18.62 34.17
N ASP H 48 -87.34 -19.36 34.68
CA ASP H 48 -87.06 -20.45 35.59
C ASP H 48 -86.76 -21.69 34.77
N GLU H 49 -86.31 -22.73 35.46
CA GLU H 49 -85.92 -23.97 34.81
C GLU H 49 -87.05 -24.52 33.92
N ALA H 50 -88.28 -24.63 34.45
CA ALA H 50 -89.38 -25.31 33.75
C ALA H 50 -89.80 -24.55 32.50
N GLU H 51 -89.87 -23.23 32.62
CA GLU H 51 -90.25 -22.42 31.48
C GLU H 51 -89.13 -22.43 30.43
N SER H 52 -87.85 -22.27 30.86
CA SER H 52 -86.70 -22.41 29.98
C SER H 52 -86.82 -23.69 29.15
N HIS H 53 -87.12 -24.79 29.83
CA HIS H 53 -87.25 -26.06 29.15
C HIS H 53 -88.39 -26.00 28.13
N ALA H 54 -89.51 -25.37 28.50
CA ALA H 54 -90.67 -25.28 27.62
C ALA H 54 -90.32 -24.44 26.39
N ILE H 55 -89.59 -23.35 26.60
CA ILE H 55 -89.13 -22.48 25.52
C ILE H 55 -88.21 -23.23 24.56
N MET H 56 -87.34 -24.09 25.10
CA MET H 56 -86.40 -24.81 24.25
C MET H 56 -87.14 -25.91 23.46
N ASP H 57 -88.14 -26.55 24.07
CA ASP H 57 -89.00 -27.50 23.38
C ASP H 57 -89.75 -26.80 22.26
N ALA H 58 -90.21 -25.57 22.53
CA ALA H 58 -90.93 -24.83 21.52
C ALA H 58 -89.98 -24.47 20.38
N ALA H 59 -88.72 -24.14 20.71
CA ALA H 59 -87.72 -23.80 19.69
C ALA H 59 -87.52 -24.97 18.73
N LEU H 60 -87.29 -26.16 19.27
CA LEU H 60 -87.19 -27.35 18.43
C LEU H 60 -88.42 -27.46 17.53
N ASP H 61 -89.63 -27.31 18.11
CA ASP H 61 -90.87 -27.44 17.36
C ASP H 61 -90.96 -26.39 16.24
N ALA H 62 -90.41 -25.18 16.46
CA ALA H 62 -90.34 -24.19 15.39
C ALA H 62 -89.20 -24.43 14.39
N GLY H 63 -88.43 -25.51 14.53
CA GLY H 63 -87.32 -25.79 13.64
C GLY H 63 -86.01 -25.08 14.01
N ILE H 64 -85.93 -24.49 15.22
CA ILE H 64 -84.70 -23.83 15.67
C ILE H 64 -83.77 -24.87 16.26
N ASN H 65 -82.53 -24.87 15.77
CA ASN H 65 -81.61 -25.97 16.02
C ASN H 65 -80.32 -25.44 16.62
N PHE H 66 -80.20 -24.12 16.71
CA PHE H 66 -78.96 -23.47 17.06
C PHE H 66 -79.19 -22.69 18.36
N PHE H 67 -78.57 -23.18 19.45
CA PHE H 67 -78.74 -22.62 20.80
C PHE H 67 -77.40 -22.06 21.27
N ASP H 68 -77.45 -20.81 21.74
CA ASP H 68 -76.27 -20.14 22.22
C ASP H 68 -76.33 -19.98 23.74
N THR H 69 -75.23 -20.30 24.44
CA THR H 69 -75.13 -20.12 25.88
C THR H 69 -73.74 -19.60 26.22
N ALA H 70 -73.46 -19.50 27.53
CA ALA H 70 -72.14 -19.16 27.99
C ALA H 70 -71.94 -19.68 29.40
N ASN H 71 -70.67 -19.94 29.76
CA ASN H 71 -70.30 -20.33 31.11
C ASN H 71 -70.79 -19.27 32.13
N VAL H 72 -70.65 -17.99 31.82
CA VAL H 72 -70.93 -16.92 32.78
C VAL H 72 -72.44 -16.67 32.92
N TYR H 73 -73.30 -17.23 32.06
CA TYR H 73 -74.73 -16.95 32.22
C TYR H 73 -75.22 -17.58 33.53
N GLY H 74 -76.11 -16.85 34.22
CA GLY H 74 -76.56 -17.26 35.54
C GLY H 74 -76.59 -16.10 36.54
N TRP H 75 -75.72 -15.09 36.38
CA TRP H 75 -75.65 -13.92 37.26
C TRP H 75 -74.73 -14.21 38.45
N GLY H 76 -73.72 -13.37 38.65
CA GLY H 76 -72.96 -13.28 39.90
C GLY H 76 -72.58 -14.62 40.52
N GLU H 77 -73.27 -14.99 41.59
CA GLU H 77 -72.97 -16.16 42.40
C GLU H 77 -73.42 -17.44 41.70
N ASN H 78 -74.36 -17.32 40.75
CA ASN H 78 -74.93 -18.45 40.02
C ASN H 78 -74.47 -18.54 38.57
N LYS H 79 -73.29 -18.00 38.26
CA LYS H 79 -72.63 -18.24 37.00
C LYS H 79 -72.56 -19.75 36.76
N GLY H 80 -72.95 -20.19 35.56
CA GLY H 80 -72.97 -21.61 35.21
C GLY H 80 -74.36 -22.21 35.26
N ARG H 81 -75.32 -21.49 35.82
CA ARG H 81 -76.63 -22.08 36.05
C ARG H 81 -77.36 -22.29 34.73
N THR H 82 -77.17 -21.37 33.78
CA THR H 82 -77.79 -21.53 32.47
C THR H 82 -77.33 -22.82 31.79
N GLU H 83 -76.02 -23.10 31.84
CA GLU H 83 -75.50 -24.34 31.27
C GLU H 83 -76.15 -25.54 31.94
N GLU H 84 -76.32 -25.46 33.28
CA GLU H 84 -76.96 -26.53 34.04
C GLU H 84 -78.42 -26.73 33.61
N ILE H 85 -79.13 -25.62 33.37
CA ILE H 85 -80.50 -25.66 32.87
C ILE H 85 -80.50 -26.39 31.52
N LEU H 86 -79.51 -26.11 30.64
CA LEU H 86 -79.48 -26.82 29.35
C LEU H 86 -79.17 -28.29 29.59
N GLY H 87 -78.27 -28.56 30.55
CA GLY H 87 -77.90 -29.93 30.90
C GLY H 87 -79.09 -30.79 31.28
N SER H 88 -79.99 -30.24 32.11
CA SER H 88 -81.16 -30.97 32.62
C SER H 88 -82.19 -31.13 31.50
N TRP H 89 -82.17 -30.20 30.54
CA TRP H 89 -83.01 -30.31 29.35
C TRP H 89 -82.57 -31.51 28.50
N PHE H 90 -81.26 -31.66 28.27
CA PHE H 90 -80.73 -32.75 27.44
C PHE H 90 -80.98 -34.08 28.13
N ALA H 91 -80.94 -34.07 29.47
CA ALA H 91 -81.02 -35.28 30.27
C ALA H 91 -82.42 -35.89 30.20
N GLN H 92 -83.44 -35.13 29.77
CA GLN H 92 -84.77 -35.67 29.53
C GLN H 92 -84.80 -36.68 28.36
N GLY H 93 -83.75 -36.70 27.51
CA GLY H 93 -83.76 -37.51 26.31
C GLY H 93 -84.63 -36.92 25.20
N GLY H 94 -85.23 -37.79 24.38
CA GLY H 94 -86.05 -37.30 23.27
C GLY H 94 -85.23 -36.64 22.14
N ASP H 95 -83.95 -37.04 22.00
CA ASP H 95 -83.09 -36.58 20.91
C ASP H 95 -82.84 -35.08 21.01
N ARG H 96 -82.92 -34.52 22.22
CA ARG H 96 -82.75 -33.09 22.40
C ARG H 96 -81.30 -32.71 22.12
N ARG H 97 -80.34 -33.36 22.79
CA ARG H 97 -78.94 -33.06 22.57
C ARG H 97 -78.63 -33.22 21.08
N ASP H 98 -79.10 -34.32 20.48
CA ASP H 98 -78.78 -34.69 19.11
C ASP H 98 -79.31 -33.70 18.09
N LYS H 99 -80.37 -32.95 18.42
CA LYS H 99 -81.00 -32.12 17.42
C LYS H 99 -80.38 -30.72 17.44
N VAL H 100 -79.63 -30.40 18.49
CA VAL H 100 -79.19 -29.04 18.76
C VAL H 100 -77.69 -28.85 18.43
N VAL H 101 -77.41 -27.73 17.76
CA VAL H 101 -76.08 -27.19 17.63
C VAL H 101 -75.83 -26.38 18.89
N LEU H 102 -75.04 -26.92 19.80
CA LEU H 102 -74.81 -26.36 21.11
C LEU H 102 -73.56 -25.49 21.04
N ALA H 103 -73.75 -24.19 21.32
CA ALA H 103 -72.64 -23.25 21.40
C ALA H 103 -72.54 -22.72 22.83
N THR H 104 -71.31 -22.67 23.37
CA THR H 104 -71.04 -21.98 24.62
C THR H 104 -69.80 -21.13 24.44
N LYS H 105 -69.32 -20.50 25.52
CA LYS H 105 -68.26 -19.51 25.46
C LYS H 105 -67.24 -19.71 26.57
N VAL H 106 -66.02 -19.21 26.33
CA VAL H 106 -64.94 -19.11 27.30
C VAL H 106 -64.39 -17.71 27.25
N TYR H 107 -63.93 -17.18 28.40
CA TYR H 107 -63.18 -15.94 28.55
C TYR H 107 -63.55 -15.27 29.87
N GLY H 108 -64.85 -15.25 30.20
CA GLY H 108 -65.34 -14.60 31.40
C GLY H 108 -64.83 -15.25 32.69
N ASN H 109 -64.69 -14.41 33.72
CA ASN H 109 -64.40 -14.85 35.09
C ASN H 109 -65.61 -15.61 35.65
N MET H 110 -65.36 -16.84 36.11
CA MET H 110 -66.41 -17.69 36.63
C MET H 110 -66.45 -17.64 38.15
N GLY H 111 -65.44 -17.02 38.78
CA GLY H 111 -65.42 -16.81 40.22
C GLY H 111 -66.19 -15.55 40.62
N LEU H 112 -65.76 -14.91 41.73
CA LEU H 112 -66.46 -13.76 42.29
C LEU H 112 -66.36 -12.57 41.34
N ASP H 113 -67.52 -11.92 41.08
CA ASP H 113 -67.63 -10.72 40.25
C ASP H 113 -66.52 -9.73 40.58
N GLY H 114 -66.07 -8.97 39.58
CA GLY H 114 -64.98 -8.02 39.77
C GLY H 114 -63.65 -8.61 39.30
N PRO H 115 -62.50 -8.20 39.89
CA PRO H 115 -61.18 -8.56 39.36
C PRO H 115 -60.82 -10.04 39.58
N ALA H 116 -60.50 -10.73 38.47
CA ALA H 116 -60.41 -12.17 38.47
C ALA H 116 -59.05 -12.60 39.02
N TRP H 117 -58.96 -13.84 39.51
CA TRP H 117 -57.66 -14.39 39.84
C TRP H 117 -56.89 -14.54 38.53
N PRO H 118 -55.55 -14.30 38.48
CA PRO H 118 -54.79 -14.47 37.25
C PRO H 118 -55.06 -15.81 36.57
N ASN H 119 -55.41 -15.70 35.27
CA ASN H 119 -55.63 -16.81 34.35
C ASN H 119 -56.95 -17.51 34.64
N HIS H 120 -57.84 -16.91 35.47
CA HIS H 120 -59.18 -17.41 35.63
C HIS H 120 -60.17 -16.60 34.78
N ASP H 121 -59.66 -15.66 33.99
CA ASP H 121 -60.36 -15.12 32.83
C ASP H 121 -59.37 -15.05 31.65
N LYS H 122 -59.89 -14.64 30.48
CA LYS H 122 -59.16 -14.44 29.23
C LYS H 122 -58.84 -15.78 28.58
N LEU H 123 -57.90 -15.79 27.63
CA LEU H 123 -57.82 -16.90 26.69
C LEU H 123 -56.47 -17.63 26.69
N SER H 124 -55.76 -17.65 27.84
CA SER H 124 -54.63 -18.57 28.02
C SER H 124 -55.10 -20.02 27.80
N ALA H 125 -54.20 -20.89 27.36
CA ALA H 125 -54.51 -22.30 27.27
C ALA H 125 -54.94 -22.84 28.66
N LEU H 126 -54.41 -22.23 29.74
CA LEU H 126 -54.74 -22.58 31.12
C LEU H 126 -56.23 -22.30 31.41
N ASN H 127 -56.70 -21.09 31.08
CA ASN H 127 -58.11 -20.76 31.29
C ASN H 127 -59.01 -21.54 30.33
N ILE H 128 -58.54 -21.80 29.10
CA ILE H 128 -59.34 -22.58 28.18
C ILE H 128 -59.57 -23.98 28.72
N ARG H 129 -58.50 -24.65 29.16
CA ARG H 129 -58.60 -26.01 29.70
C ARG H 129 -59.57 -26.13 30.88
N ARG H 130 -59.50 -25.21 31.85
CA ARG H 130 -60.34 -25.32 33.03
C ARG H 130 -61.79 -24.95 32.71
N SER H 131 -62.01 -24.01 31.78
CA SER H 131 -63.33 -23.50 31.45
C SER H 131 -64.16 -24.56 30.68
N VAL H 132 -63.55 -25.20 29.68
CA VAL H 132 -64.28 -26.18 28.87
C VAL H 132 -64.68 -27.38 29.73
N ASP H 133 -63.79 -27.79 30.62
CA ASP H 133 -64.08 -28.90 31.52
C ASP H 133 -65.31 -28.60 32.35
N ALA H 134 -65.35 -27.42 32.92
CA ALA H 134 -66.46 -27.03 33.77
C ALA H 134 -67.72 -26.90 32.91
N SER H 135 -67.61 -26.41 31.66
CA SER H 135 -68.80 -26.23 30.83
C SER H 135 -69.42 -27.60 30.48
N LEU H 136 -68.60 -28.54 30.04
CA LEU H 136 -69.10 -29.85 29.67
C LEU H 136 -69.78 -30.52 30.86
N LYS H 137 -69.22 -30.38 32.08
CA LYS H 137 -69.85 -31.00 33.24
C LYS H 137 -71.23 -30.39 33.48
N ARG H 138 -71.32 -29.05 33.43
CA ARG H 138 -72.58 -28.38 33.66
C ARG H 138 -73.60 -28.75 32.57
N LEU H 139 -73.16 -28.78 31.30
CA LEU H 139 -74.05 -29.07 30.19
C LEU H 139 -74.42 -30.55 30.11
N GLY H 140 -73.77 -31.41 30.91
CA GLY H 140 -74.07 -32.84 30.87
C GLY H 140 -73.98 -33.39 29.43
N THR H 141 -72.88 -33.08 28.75
CA THR H 141 -72.62 -33.60 27.42
C THR H 141 -71.12 -33.85 27.31
N ASP H 142 -70.71 -34.73 26.38
CA ASP H 142 -69.29 -35.01 26.16
C ASP H 142 -68.68 -34.11 25.07
N HIS H 143 -69.49 -33.26 24.41
CA HIS H 143 -68.97 -32.34 23.41
C HIS H 143 -69.83 -31.09 23.30
N ILE H 144 -69.13 -30.00 22.94
CA ILE H 144 -69.74 -28.74 22.55
C ILE H 144 -69.56 -28.60 21.05
N ASP H 145 -70.60 -28.20 20.34
CA ASP H 145 -70.53 -28.10 18.88
C ASP H 145 -69.79 -26.85 18.44
N LEU H 146 -70.07 -25.70 19.07
CA LEU H 146 -69.45 -24.45 18.72
C LEU H 146 -68.96 -23.78 20.00
N TYR H 147 -67.65 -23.80 20.19
CA TYR H 147 -67.04 -23.19 21.35
C TYR H 147 -66.44 -21.85 20.93
N GLN H 148 -66.84 -20.77 21.62
CA GLN H 148 -66.64 -19.40 21.16
C GLN H 148 -65.90 -18.61 22.21
N PHE H 149 -64.97 -17.78 21.74
CA PHE H 149 -64.28 -16.83 22.58
C PHE H 149 -65.26 -15.68 22.79
N HIS H 150 -65.49 -15.33 24.06
CA HIS H 150 -66.50 -14.35 24.44
C HIS H 150 -66.04 -12.95 24.08
N HIS H 151 -64.72 -12.79 23.92
CA HIS H 151 -64.12 -11.51 23.60
C HIS H 151 -62.69 -11.73 23.11
N VAL H 152 -62.16 -10.83 22.30
CA VAL H 152 -60.75 -10.85 21.95
C VAL H 152 -59.92 -10.72 23.23
N ASP H 153 -58.83 -11.51 23.28
CA ASP H 153 -57.77 -11.33 24.27
C ASP H 153 -56.48 -10.98 23.53
N ARG H 154 -56.11 -9.71 23.61
CA ARG H 154 -54.98 -9.15 22.90
C ARG H 154 -53.65 -9.59 23.49
N ASP H 155 -53.66 -10.19 24.70
CA ASP H 155 -52.41 -10.64 25.32
C ASP H 155 -52.08 -12.11 25.03
N THR H 156 -52.96 -12.86 24.36
CA THR H 156 -52.73 -14.27 24.08
C THR H 156 -52.52 -14.47 22.58
N PRO H 157 -51.37 -15.05 22.18
CA PRO H 157 -51.09 -15.28 20.75
C PRO H 157 -51.90 -16.44 20.16
N TRP H 158 -52.10 -16.36 18.85
CA TRP H 158 -52.97 -17.32 18.18
C TRP H 158 -52.37 -18.71 18.16
N ASP H 159 -51.05 -18.84 18.19
CA ASP H 159 -50.49 -20.19 18.24
C ASP H 159 -50.81 -20.85 19.59
N GLU H 160 -50.91 -20.07 20.67
CA GLU H 160 -51.31 -20.56 21.98
C GLU H 160 -52.78 -20.94 21.96
N ILE H 161 -53.67 -20.05 21.48
CA ILE H 161 -55.11 -20.33 21.42
C ILE H 161 -55.40 -21.56 20.55
N TRP H 162 -54.78 -21.66 19.36
CA TRP H 162 -55.08 -22.76 18.46
C TRP H 162 -54.55 -24.09 18.99
N GLN H 163 -53.41 -24.07 19.69
CA GLN H 163 -52.94 -25.25 20.41
C GLN H 163 -54.06 -25.75 21.35
N ALA H 164 -54.59 -24.88 22.20
CA ALA H 164 -55.61 -25.28 23.17
C ALA H 164 -56.88 -25.80 22.49
N MET H 165 -57.32 -25.12 21.42
CA MET H 165 -58.54 -25.50 20.73
C MET H 165 -58.32 -26.82 19.98
N ASP H 166 -57.10 -27.03 19.46
CA ASP H 166 -56.79 -28.21 18.69
C ASP H 166 -56.75 -29.45 19.58
N VAL H 167 -56.27 -29.27 20.83
CA VAL H 167 -56.30 -30.34 21.81
C VAL H 167 -57.74 -30.84 21.98
N LEU H 168 -58.67 -29.91 22.13
CA LEU H 168 -60.09 -30.19 22.33
C LEU H 168 -60.69 -30.83 21.09
N VAL H 169 -60.28 -30.35 19.90
CA VAL H 169 -60.84 -30.91 18.68
C VAL H 169 -60.41 -32.36 18.58
N ARG H 170 -59.13 -32.65 18.80
CA ARG H 170 -58.60 -34.01 18.66
C ARG H 170 -59.17 -34.97 19.70
N GLN H 171 -59.51 -34.48 20.86
CA GLN H 171 -60.19 -35.33 21.85
C GLN H 171 -61.70 -35.49 21.61
N GLY H 172 -62.28 -34.80 20.61
CA GLY H 172 -63.71 -34.92 20.36
C GLY H 172 -64.59 -34.10 21.32
N LYS H 173 -63.99 -33.14 22.05
CA LYS H 173 -64.67 -32.35 23.05
C LYS H 173 -65.30 -31.09 22.46
N ILE H 174 -64.77 -30.63 21.32
CA ILE H 174 -65.40 -29.59 20.52
C ILE H 174 -65.31 -30.00 19.05
N LEU H 175 -66.15 -29.35 18.25
CA LEU H 175 -66.15 -29.51 16.81
C LEU H 175 -65.61 -28.25 16.13
N TYR H 176 -66.26 -27.12 16.41
CA TYR H 176 -66.06 -25.84 15.75
C TYR H 176 -65.67 -24.77 16.77
N VAL H 177 -65.00 -23.74 16.26
CA VAL H 177 -64.53 -22.64 17.07
C VAL H 177 -65.11 -21.36 16.48
N GLY H 178 -65.60 -20.47 17.33
CA GLY H 178 -66.11 -19.19 16.89
C GLY H 178 -65.53 -18.09 17.73
N SER H 179 -65.80 -16.85 17.29
CA SER H 179 -65.38 -15.66 17.98
C SER H 179 -66.63 -14.88 18.41
N SER H 180 -66.37 -13.96 19.34
CA SER H 180 -67.33 -12.98 19.77
C SER H 180 -66.58 -11.73 20.21
N ASN H 181 -67.10 -10.56 19.83
CA ASN H 181 -66.53 -9.28 20.20
C ASN H 181 -65.05 -9.26 19.82
N PHE H 182 -64.81 -9.49 18.52
CA PHE H 182 -63.49 -9.34 17.90
C PHE H 182 -63.46 -8.07 17.05
N ALA H 183 -62.25 -7.64 16.72
CA ALA H 183 -62.04 -6.72 15.62
C ALA H 183 -61.85 -7.52 14.34
N GLY H 184 -62.20 -6.92 13.20
CA GLY H 184 -62.03 -7.56 11.89
C GLY H 184 -60.62 -8.15 11.72
N TRP H 185 -59.63 -7.40 12.16
CA TRP H 185 -58.25 -7.85 12.03
C TRP H 185 -57.92 -9.03 12.94
N ASN H 186 -58.68 -9.26 14.03
CA ASN H 186 -58.45 -10.42 14.87
C ASN H 186 -58.98 -11.67 14.15
N ILE H 187 -60.08 -11.50 13.42
CA ILE H 187 -60.69 -12.54 12.62
C ILE H 187 -59.71 -13.01 11.55
N ALA H 188 -59.17 -12.04 10.77
CA ALA H 188 -58.14 -12.33 9.78
C ALA H 188 -56.92 -13.00 10.42
N GLN H 189 -56.38 -12.46 11.51
CA GLN H 189 -55.14 -13.02 12.06
C GLN H 189 -55.40 -14.47 12.51
N ALA H 190 -56.56 -14.71 13.11
CA ALA H 190 -56.92 -16.00 13.66
C ALA H 190 -56.96 -17.03 12.54
N ASN H 191 -57.70 -16.73 11.47
CA ASN H 191 -58.01 -17.71 10.44
C ASN H 191 -56.81 -17.93 9.52
N GLU H 192 -55.98 -16.91 9.35
CA GLU H 192 -54.70 -17.03 8.64
C GLU H 192 -53.71 -17.92 9.41
N THR H 193 -53.69 -17.81 10.74
CA THR H 193 -52.85 -18.64 11.58
C THR H 193 -53.32 -20.10 11.59
N ALA H 194 -54.62 -20.34 11.78
CA ALA H 194 -55.20 -21.67 11.59
C ALA H 194 -54.85 -22.26 10.21
N ALA H 195 -55.13 -21.55 9.12
CA ALA H 195 -54.91 -22.08 7.76
C ALA H 195 -53.46 -22.49 7.53
N ARG H 196 -52.50 -21.78 8.10
CA ARG H 196 -51.08 -22.10 7.90
C ARG H 196 -50.80 -23.57 8.23
N HIS H 197 -51.45 -24.11 9.24
CA HIS H 197 -51.21 -25.49 9.63
C HIS H 197 -52.43 -26.39 9.41
N GLY H 198 -53.26 -26.05 8.42
CA GLY H 198 -54.30 -26.96 7.96
C GLY H 198 -55.55 -27.05 8.84
N ARG H 199 -55.62 -26.26 9.93
CA ARG H 199 -56.74 -26.25 10.86
C ARG H 199 -57.93 -25.42 10.35
N LEU H 200 -59.15 -25.88 10.65
CA LEU H 200 -60.34 -25.06 10.44
C LEU H 200 -60.35 -23.88 11.41
N GLY H 201 -60.43 -22.66 10.88
CA GLY H 201 -60.38 -21.49 11.76
C GLY H 201 -61.76 -21.17 12.34
N LEU H 202 -61.96 -19.92 12.73
CA LEU H 202 -63.24 -19.41 13.18
C LEU H 202 -64.29 -19.66 12.09
N VAL H 203 -65.45 -20.13 12.55
CA VAL H 203 -66.59 -20.36 11.68
C VAL H 203 -67.67 -19.30 11.87
N SER H 204 -67.55 -18.43 12.88
CA SER H 204 -68.60 -17.48 13.16
C SER H 204 -68.06 -16.41 14.08
N GLU H 205 -68.65 -15.22 13.95
CA GLU H 205 -68.40 -14.11 14.86
C GLU H 205 -69.75 -13.67 15.41
N GLN H 206 -69.81 -13.52 16.75
CA GLN H 206 -70.98 -13.02 17.44
C GLN H 206 -70.72 -11.56 17.81
N CYS H 207 -71.26 -10.64 17.01
CA CYS H 207 -70.99 -9.22 17.20
C CYS H 207 -72.27 -8.45 17.58
N LEU H 208 -72.08 -7.31 18.25
CA LEU H 208 -73.16 -6.39 18.57
C LEU H 208 -73.56 -5.66 17.29
N TYR H 209 -74.78 -5.91 16.83
CA TYR H 209 -75.25 -5.37 15.57
C TYR H 209 -76.76 -5.17 15.67
N ASN H 210 -77.21 -3.96 15.36
CA ASN H 210 -78.64 -3.67 15.29
C ASN H 210 -78.82 -2.28 14.68
N LEU H 211 -80.08 -1.89 14.46
CA LEU H 211 -80.41 -0.60 13.86
C LEU H 211 -79.65 0.54 14.54
N CYS H 212 -79.58 0.53 15.87
CA CYS H 212 -78.95 1.63 16.61
C CYS H 212 -77.43 1.58 16.49
N GLU H 213 -76.86 0.37 16.58
CA GLU H 213 -75.42 0.18 16.59
C GLU H 213 -75.00 -0.64 15.35
N ARG H 214 -74.49 0.07 14.35
CA ARG H 214 -74.19 -0.51 13.05
C ARG H 214 -72.69 -0.44 12.75
N ARG H 215 -71.85 -0.14 13.75
CA ARG H 215 -70.43 0.07 13.50
C ARG H 215 -69.66 -1.23 13.27
N ALA H 216 -70.30 -2.41 13.48
CA ALA H 216 -69.67 -3.66 13.09
C ALA H 216 -69.49 -3.68 11.57
N GLU H 217 -70.24 -2.82 10.86
CA GLU H 217 -70.24 -2.75 9.41
C GLU H 217 -68.92 -2.20 8.90
N MET H 218 -68.20 -1.44 9.73
CA MET H 218 -66.96 -0.83 9.26
C MET H 218 -65.94 -1.90 8.86
N GLU H 219 -65.67 -2.86 9.74
CA GLU H 219 -64.63 -3.84 9.51
C GLU H 219 -64.92 -5.26 10.00
N VAL H 220 -65.65 -5.41 11.10
CA VAL H 220 -65.93 -6.73 11.62
C VAL H 220 -66.71 -7.55 10.61
N VAL H 221 -67.81 -6.98 10.06
CA VAL H 221 -68.64 -7.77 9.16
C VAL H 221 -67.92 -7.96 7.81
N PRO H 222 -67.27 -6.94 7.23
CA PRO H 222 -66.40 -7.20 6.07
C PRO H 222 -65.38 -8.32 6.23
N ALA H 223 -64.59 -8.32 7.31
CA ALA H 223 -63.60 -9.37 7.55
C ALA H 223 -64.25 -10.75 7.62
N ALA H 224 -65.36 -10.84 8.36
CA ALA H 224 -66.07 -12.11 8.55
C ALA H 224 -66.53 -12.66 7.21
N ARG H 225 -67.02 -11.78 6.35
CA ARG H 225 -67.47 -12.18 5.04
C ARG H 225 -66.32 -12.63 4.17
N GLU H 226 -65.26 -11.83 4.13
CA GLU H 226 -64.06 -12.27 3.43
C GLU H 226 -63.61 -13.67 3.89
N TYR H 227 -63.63 -13.93 5.20
CA TYR H 227 -63.02 -15.17 5.67
C TYR H 227 -64.07 -16.27 5.74
N GLY H 228 -65.33 -15.97 5.35
CA GLY H 228 -66.37 -17.00 5.33
C GLY H 228 -66.88 -17.40 6.72
N LEU H 229 -66.94 -16.44 7.68
CA LEU H 229 -67.56 -16.68 8.98
C LEU H 229 -69.05 -16.39 8.94
N GLY H 230 -69.85 -17.18 9.64
CA GLY H 230 -71.17 -16.75 10.06
C GLY H 230 -71.10 -15.45 10.86
N VAL H 231 -72.13 -14.59 10.71
CA VAL H 231 -72.29 -13.43 11.57
C VAL H 231 -73.58 -13.59 12.37
N ILE H 232 -73.46 -13.58 13.71
CA ILE H 232 -74.63 -13.70 14.57
C ILE H 232 -74.69 -12.47 15.46
N ALA H 233 -75.80 -11.75 15.31
CA ALA H 233 -75.97 -10.43 15.94
C ALA H 233 -76.49 -10.62 17.36
N TRP H 234 -75.74 -10.16 18.36
CA TRP H 234 -76.27 -10.10 19.73
C TRP H 234 -76.80 -8.70 20.02
N SER H 235 -77.64 -8.63 21.08
CA SER H 235 -78.55 -7.51 21.36
C SER H 235 -79.21 -7.00 20.09
N PRO H 236 -80.01 -7.84 19.39
CA PRO H 236 -80.64 -7.41 18.14
C PRO H 236 -81.63 -6.26 18.33
N LEU H 237 -82.02 -6.03 19.60
CA LEU H 237 -83.00 -5.04 19.98
C LEU H 237 -82.33 -3.93 20.80
N HIS H 238 -80.99 -3.94 20.84
CA HIS H 238 -80.17 -2.96 21.54
C HIS H 238 -80.69 -2.71 22.96
N GLY H 239 -80.77 -3.79 23.76
CA GLY H 239 -81.24 -3.73 25.13
C GLY H 239 -82.74 -3.46 25.25
N GLY H 240 -83.55 -3.91 24.28
CA GLY H 240 -85.00 -3.69 24.30
C GLY H 240 -85.42 -2.36 23.70
N LEU H 241 -84.43 -1.49 23.45
CA LEU H 241 -84.66 -0.11 23.02
C LEU H 241 -85.30 -0.06 21.63
N LEU H 242 -85.36 -1.20 20.93
CA LEU H 242 -85.99 -1.31 19.63
C LEU H 242 -87.22 -2.19 19.75
N GLY H 243 -87.61 -2.49 20.99
CA GLY H 243 -88.78 -3.33 21.23
C GLY H 243 -90.00 -2.51 21.65
N GLY H 244 -90.11 -1.27 21.14
CA GLY H 244 -91.20 -0.38 21.52
C GLY H 244 -91.07 0.13 22.97
N ALA H 245 -89.94 0.79 23.25
CA ALA H 245 -89.56 1.14 24.60
C ALA H 245 -90.15 2.50 25.02
N ILE H 246 -90.81 3.21 24.09
CA ILE H 246 -91.50 4.44 24.44
C ILE H 246 -93.01 4.18 24.51
N ARG H 247 -93.49 3.15 23.86
CA ARG H 247 -94.90 2.81 24.01
C ARG H 247 -95.06 2.18 25.37
N LYS H 248 -94.16 1.27 25.71
CA LYS H 248 -94.25 0.55 26.98
C LYS H 248 -94.25 1.54 28.15
N GLU H 249 -93.64 2.72 27.92
CA GLU H 249 -93.49 3.77 28.91
C GLU H 249 -94.78 4.59 29.05
N GLN H 250 -95.76 4.39 28.16
CA GLN H 250 -97.09 5.01 28.24
C GLN H 250 -96.97 6.53 28.37
N PRO H 269 -81.66 11.19 25.10
CA PRO H 269 -82.26 12.51 24.80
C PRO H 269 -82.19 12.85 23.31
N GLN H 270 -80.97 12.91 22.78
CA GLN H 270 -80.74 13.02 21.34
C GLN H 270 -81.37 11.80 20.67
N GLN H 271 -81.21 10.64 21.35
CA GLN H 271 -81.61 9.35 20.83
C GLN H 271 -83.13 9.21 20.81
N ARG H 272 -83.83 9.77 21.80
CA ARG H 272 -85.26 9.54 21.96
C ARG H 272 -85.99 9.88 20.67
N GLU H 273 -85.56 10.98 20.04
CA GLU H 273 -86.06 11.42 18.74
C GLU H 273 -86.07 10.25 17.76
N GLN H 274 -84.90 9.60 17.63
CA GLN H 274 -84.66 8.49 16.72
C GLN H 274 -85.64 7.35 16.98
N ILE H 275 -85.76 6.94 18.24
CA ILE H 275 -86.64 5.84 18.63
C ILE H 275 -88.11 6.21 18.35
N GLN H 276 -88.52 7.44 18.74
CA GLN H 276 -89.89 7.89 18.55
C GLN H 276 -90.23 7.82 17.05
N ARG H 277 -89.31 8.33 16.22
CA ARG H 277 -89.48 8.32 14.78
C ARG H 277 -89.59 6.89 14.26
N TYR H 278 -88.91 5.96 14.96
CA TYR H 278 -88.91 4.55 14.60
C TYR H 278 -90.29 3.95 14.89
N GLU H 279 -90.77 4.11 16.13
CA GLU H 279 -92.06 3.54 16.53
C GLU H 279 -93.23 4.22 15.80
N ASP H 280 -93.12 5.53 15.54
CA ASP H 280 -94.14 6.24 14.79
C ASP H 280 -94.23 5.59 13.40
N LEU H 281 -93.10 5.40 12.73
CA LEU H 281 -93.07 4.74 11.44
C LEU H 281 -93.76 3.37 11.49
N LEU H 282 -93.61 2.65 12.61
CA LEU H 282 -94.05 1.27 12.68
C LEU H 282 -95.52 1.15 13.11
N ASP H 283 -96.03 2.18 13.83
CA ASP H 283 -97.48 2.37 14.00
C ASP H 283 -98.12 2.57 12.63
N LYS H 284 -97.60 3.56 11.90
CA LYS H 284 -98.03 3.96 10.56
C LYS H 284 -98.14 2.76 9.61
N HIS H 285 -97.39 1.67 9.86
CA HIS H 285 -97.32 0.56 8.92
C HIS H 285 -97.91 -0.72 9.51
N GLY H 286 -98.41 -0.64 10.74
CA GLY H 286 -99.00 -1.78 11.43
C GLY H 286 -98.01 -2.92 11.60
N LEU H 287 -96.85 -2.57 12.20
CA LEU H 287 -95.69 -3.45 12.35
C LEU H 287 -95.19 -3.36 13.78
N GLU H 288 -94.96 -4.51 14.42
CA GLU H 288 -94.46 -4.59 15.79
C GLU H 288 -92.95 -4.34 15.84
N PRO H 289 -92.44 -3.50 16.78
CA PRO H 289 -91.04 -3.05 16.76
C PRO H 289 -89.97 -4.10 17.08
N GLY H 290 -90.31 -5.05 17.95
CA GLY H 290 -89.43 -6.16 18.27
C GLY H 290 -89.24 -7.09 17.08
N GLU H 291 -90.27 -7.18 16.22
CA GLU H 291 -90.25 -8.09 15.10
C GLU H 291 -89.42 -7.46 13.97
N VAL H 292 -89.48 -6.13 13.88
CA VAL H 292 -88.88 -5.39 12.77
C VAL H 292 -87.36 -5.31 12.97
N ALA H 293 -86.93 -5.18 14.22
CA ALA H 293 -85.51 -5.15 14.56
C ALA H 293 -84.83 -6.45 14.13
N LEU H 294 -85.49 -7.59 14.36
CA LEU H 294 -84.98 -8.89 13.95
C LEU H 294 -84.96 -9.03 12.42
N ALA H 295 -86.11 -8.76 11.77
CA ALA H 295 -86.26 -8.95 10.33
C ALA H 295 -85.31 -8.05 9.57
N TRP H 296 -84.96 -6.91 10.16
CA TRP H 296 -84.01 -5.99 9.55
C TRP H 296 -82.62 -6.64 9.45
N LEU H 297 -82.18 -7.22 10.58
CA LEU H 297 -80.92 -7.93 10.65
C LEU H 297 -80.92 -9.07 9.64
N LEU H 298 -82.08 -9.73 9.48
CA LEU H 298 -82.13 -10.84 8.55
C LEU H 298 -81.92 -10.38 7.11
N THR H 299 -81.99 -9.07 6.82
CA THR H 299 -81.77 -8.59 5.45
C THR H 299 -80.33 -8.16 5.23
N ARG H 300 -79.58 -8.14 6.31
CA ARG H 300 -78.22 -7.67 6.22
C ARG H 300 -77.22 -8.67 5.54
N PRO H 301 -76.40 -8.20 4.55
CA PRO H 301 -75.49 -9.14 3.88
C PRO H 301 -74.41 -9.70 4.82
N GLY H 302 -74.29 -11.03 4.81
CA GLY H 302 -73.33 -11.75 5.64
C GLY H 302 -73.88 -12.13 7.02
N VAL H 303 -75.10 -11.64 7.34
CA VAL H 303 -75.69 -11.92 8.65
C VAL H 303 -76.40 -13.25 8.58
N THR H 304 -75.95 -14.20 9.40
CA THR H 304 -76.61 -15.47 9.56
C THR H 304 -78.00 -15.28 10.19
N GLY H 305 -78.07 -14.45 11.24
CA GLY H 305 -79.28 -14.32 12.02
C GLY H 305 -79.04 -13.62 13.35
N PRO H 306 -80.09 -13.04 13.98
CA PRO H 306 -79.98 -12.44 15.30
C PRO H 306 -80.07 -13.53 16.35
N ILE H 307 -79.44 -13.29 17.51
CA ILE H 307 -79.69 -14.14 18.66
C ILE H 307 -80.93 -13.62 19.38
N VAL H 308 -81.98 -14.43 19.43
CA VAL H 308 -83.21 -14.01 20.10
C VAL H 308 -83.16 -14.47 21.56
N GLY H 309 -83.53 -13.55 22.46
CA GLY H 309 -83.53 -13.80 23.89
C GLY H 309 -84.94 -13.73 24.49
N PRO H 310 -85.85 -14.70 24.21
CA PRO H 310 -87.20 -14.72 24.78
C PRO H 310 -87.20 -15.14 26.25
N ARG H 311 -88.07 -14.53 27.06
CA ARG H 311 -88.22 -14.93 28.45
C ARG H 311 -89.47 -15.80 28.55
N THR H 312 -90.33 -15.74 27.54
CA THR H 312 -91.56 -16.53 27.53
C THR H 312 -91.70 -17.21 26.17
N ALA H 313 -92.55 -18.24 26.11
CA ALA H 313 -92.91 -18.91 24.87
C ALA H 313 -93.60 -17.96 23.88
N ASP H 314 -94.35 -16.99 24.41
CA ASP H 314 -95.00 -15.95 23.63
C ASP H 314 -93.96 -15.13 22.87
N GLN H 315 -92.83 -14.85 23.53
CA GLN H 315 -91.78 -14.06 22.92
C GLN H 315 -91.02 -14.94 21.91
N LEU H 316 -90.96 -16.25 22.12
CA LEU H 316 -90.41 -17.10 21.09
C LEU H 316 -91.31 -17.00 19.85
N ALA H 317 -92.61 -17.24 20.03
CA ALA H 317 -93.57 -17.20 18.94
C ALA H 317 -93.47 -15.91 18.12
N SER H 318 -93.19 -14.78 18.78
CA SER H 318 -93.03 -13.49 18.13
C SER H 318 -91.73 -13.38 17.30
N ALA H 319 -90.62 -13.97 17.80
CA ALA H 319 -89.36 -14.06 17.05
C ALA H 319 -89.58 -14.86 15.76
N VAL H 320 -90.28 -15.99 15.90
CA VAL H 320 -90.58 -16.89 14.80
C VAL H 320 -91.40 -16.17 13.72
N ARG H 321 -92.33 -15.30 14.14
CA ARG H 321 -93.11 -14.56 13.16
C ARG H 321 -92.19 -13.55 12.47
N ALA H 322 -91.34 -12.89 13.26
CA ALA H 322 -90.35 -11.93 12.76
C ALA H 322 -89.44 -12.52 11.67
N ALA H 323 -89.21 -13.84 11.68
CA ALA H 323 -88.41 -14.49 10.65
C ALA H 323 -89.20 -14.69 9.34
N GLU H 324 -90.53 -14.90 9.42
CA GLU H 324 -91.37 -15.08 8.23
C GLU H 324 -91.75 -13.74 7.60
N LEU H 325 -91.44 -12.63 8.28
CA LEU H 325 -91.94 -11.31 7.94
C LEU H 325 -91.10 -10.71 6.80
N THR H 326 -91.76 -10.18 5.75
CA THR H 326 -91.06 -9.46 4.70
C THR H 326 -91.26 -7.96 4.86
N LEU H 327 -90.14 -7.23 4.96
CA LEU H 327 -90.15 -5.79 4.98
C LEU H 327 -90.05 -5.29 3.55
N THR H 328 -90.70 -4.16 3.28
CA THR H 328 -90.77 -3.64 1.92
C THR H 328 -89.66 -2.61 1.72
N ASP H 329 -89.46 -2.31 0.44
CA ASP H 329 -88.38 -1.46 -0.02
C ASP H 329 -88.56 -0.09 0.64
N GLU H 330 -89.82 0.29 0.88
CA GLU H 330 -90.16 1.57 1.48
C GLU H 330 -89.69 1.64 2.93
N VAL H 331 -90.12 0.68 3.76
CA VAL H 331 -89.78 0.71 5.18
C VAL H 331 -88.26 0.48 5.37
N LEU H 332 -87.66 -0.45 4.60
CA LEU H 332 -86.22 -0.64 4.65
C LEU H 332 -85.49 0.70 4.43
N THR H 333 -85.94 1.46 3.42
CA THR H 333 -85.35 2.76 3.11
C THR H 333 -85.50 3.73 4.27
N ALA H 334 -86.69 3.72 4.89
CA ALA H 334 -87.00 4.63 5.99
C ALA H 334 -86.09 4.36 7.20
N LEU H 335 -86.02 3.08 7.57
CA LEU H 335 -85.13 2.62 8.63
C LEU H 335 -83.69 3.07 8.37
N ASP H 336 -83.23 2.95 7.11
CA ASP H 336 -81.87 3.31 6.72
C ASP H 336 -81.63 4.81 6.95
N GLU H 337 -82.64 5.64 6.63
CA GLU H 337 -82.53 7.08 6.81
C GLU H 337 -82.45 7.43 8.30
N ILE H 338 -83.35 6.84 9.11
CA ILE H 338 -83.43 7.09 10.54
C ILE H 338 -82.18 6.57 11.25
N PHE H 339 -81.73 5.36 10.83
CA PHE H 339 -80.61 4.67 11.46
C PHE H 339 -79.46 4.49 10.47
N PRO H 340 -78.65 5.55 10.21
CA PRO H 340 -77.65 5.47 9.15
C PRO H 340 -76.48 4.59 9.59
N GLY H 341 -75.95 3.79 8.65
CA GLY H 341 -74.78 2.95 8.88
C GLY H 341 -73.50 3.65 8.44
N PRO H 342 -72.32 3.31 9.00
CA PRO H 342 -71.09 3.93 8.56
C PRO H 342 -70.57 3.45 7.19
N GLY H 343 -71.07 2.30 6.72
CA GLY H 343 -70.44 1.58 5.62
C GLY H 343 -69.05 1.04 5.98
N PRO H 344 -68.37 0.32 5.04
CA PRO H 344 -67.01 -0.20 5.28
C PRO H 344 -65.94 0.87 5.42
N SER H 345 -64.94 0.61 6.26
CA SER H 345 -63.66 1.31 6.23
C SER H 345 -62.90 0.84 4.99
N PRO H 346 -62.01 1.68 4.39
CA PRO H 346 -61.77 3.07 4.82
C PRO H 346 -62.79 4.13 4.42
N GLU H 347 -63.75 3.77 3.55
CA GLU H 347 -64.74 4.74 3.08
C GLU H 347 -65.51 5.39 4.25
N ALA H 348 -65.68 4.66 5.36
CA ALA H 348 -66.50 5.13 6.48
C ALA H 348 -65.93 6.42 7.10
N PHE H 349 -64.61 6.62 7.03
CA PHE H 349 -64.02 7.80 7.64
C PHE H 349 -63.05 8.54 6.72
N ALA H 350 -62.78 8.02 5.52
CA ALA H 350 -61.85 8.68 4.59
C ALA H 350 -62.50 8.77 3.20
N TRP H 351 -62.23 7.81 2.28
CA TRP H 351 -62.84 7.85 0.94
C TRP H 351 -62.75 6.48 0.26
N MET I 21 49.45 6.95 -45.57
CA MET I 21 50.21 7.28 -44.33
C MET I 21 49.32 6.99 -43.12
N GLU I 22 49.83 6.25 -42.12
CA GLU I 22 49.13 6.13 -40.84
C GLU I 22 49.35 7.40 -40.00
N TYR I 23 48.25 7.91 -39.42
CA TYR I 23 48.27 9.07 -38.54
C TYR I 23 47.85 8.68 -37.12
N THR I 24 48.27 9.46 -36.12
CA THR I 24 47.91 9.23 -34.73
C THR I 24 47.93 10.57 -33.97
N GLN I 25 47.22 10.62 -32.85
CA GLN I 25 47.34 11.74 -31.93
C GLN I 25 48.72 11.63 -31.32
N LEU I 26 49.38 12.78 -31.10
CA LEU I 26 50.62 12.81 -30.35
C LEU I 26 50.30 12.77 -28.86
N GLY I 27 50.52 11.60 -28.24
CA GLY I 27 50.03 11.30 -26.91
C GLY I 27 48.56 11.71 -26.74
N ARG I 28 48.30 12.48 -25.68
CA ARG I 28 46.97 12.84 -25.24
C ARG I 28 46.48 14.11 -25.92
N ILE I 29 47.35 14.83 -26.65
CA ILE I 29 46.97 16.14 -27.16
C ILE I 29 46.23 16.01 -28.49
N GLY I 30 45.70 17.15 -28.95
CA GLY I 30 44.84 17.16 -30.11
C GLY I 30 45.58 17.20 -31.45
N LEU I 31 46.91 17.38 -31.40
CA LEU I 31 47.79 17.37 -32.55
C LEU I 31 47.84 15.96 -33.15
N LYS I 32 47.56 15.89 -34.45
CA LYS I 32 47.62 14.65 -35.21
C LYS I 32 48.90 14.63 -36.05
N VAL I 33 49.63 13.52 -36.00
CA VAL I 33 50.92 13.44 -36.68
C VAL I 33 51.00 12.13 -37.46
N SER I 34 51.78 12.16 -38.55
CA SER I 34 52.17 10.94 -39.25
C SER I 34 52.95 10.04 -38.29
N ARG I 35 52.83 8.71 -38.40
CA ARG I 35 53.61 7.80 -37.56
C ARG I 35 55.07 7.64 -38.01
N LEU I 36 55.46 8.25 -39.14
CA LEU I 36 56.84 8.48 -39.50
C LEU I 36 57.17 9.93 -39.19
N VAL I 37 58.30 10.12 -38.52
CA VAL I 37 58.77 11.44 -38.18
C VAL I 37 59.99 11.74 -39.04
N LEU I 38 59.92 12.84 -39.80
CA LEU I 38 60.98 13.13 -40.73
C LEU I 38 62.08 13.86 -39.98
N GLY I 39 63.17 13.15 -39.66
CA GLY I 39 64.37 13.79 -39.16
C GLY I 39 65.37 14.14 -40.26
N THR I 40 66.51 14.74 -39.87
CA THR I 40 67.59 15.12 -40.79
C THR I 40 68.94 14.62 -40.24
N ASP I 48 73.45 18.74 -49.53
CA ASP I 48 73.10 19.92 -50.35
C ASP I 48 71.72 20.45 -49.94
N GLU I 49 71.45 21.71 -50.32
CA GLU I 49 70.24 22.42 -49.93
C GLU I 49 69.08 21.95 -50.79
N ALA I 50 69.25 22.00 -52.12
CA ALA I 50 68.22 21.66 -53.09
C ALA I 50 67.75 20.19 -53.00
N GLU I 51 68.64 19.28 -52.59
CA GLU I 51 68.31 17.86 -52.45
C GLU I 51 67.36 17.67 -51.27
N SER I 52 67.69 18.32 -50.14
CA SER I 52 66.88 18.29 -48.91
C SER I 52 65.47 18.81 -49.21
N HIS I 53 65.39 19.94 -49.93
CA HIS I 53 64.11 20.52 -50.31
C HIS I 53 63.28 19.50 -51.08
N ALA I 54 63.92 18.82 -52.02
CA ALA I 54 63.26 17.82 -52.84
C ALA I 54 62.64 16.74 -51.97
N ILE I 55 63.42 16.19 -51.03
CA ILE I 55 62.96 15.08 -50.20
C ILE I 55 61.90 15.53 -49.19
N MET I 56 61.94 16.80 -48.75
CA MET I 56 60.91 17.34 -47.89
C MET I 56 59.58 17.47 -48.65
N ASP I 57 59.65 17.93 -49.92
CA ASP I 57 58.48 18.01 -50.80
C ASP I 57 57.90 16.61 -51.04
N ALA I 58 58.77 15.60 -51.20
CA ALA I 58 58.32 14.22 -51.37
C ALA I 58 57.67 13.67 -50.09
N ALA I 59 58.18 14.06 -48.90
CA ALA I 59 57.60 13.62 -47.63
C ALA I 59 56.19 14.19 -47.51
N LEU I 60 56.04 15.47 -47.81
CA LEU I 60 54.77 16.15 -47.83
C LEU I 60 53.79 15.43 -48.77
N ASP I 61 54.24 15.10 -50.01
CA ASP I 61 53.45 14.32 -50.96
C ASP I 61 53.05 12.97 -50.39
N ALA I 62 53.95 12.29 -49.65
CA ALA I 62 53.62 11.00 -49.06
C ALA I 62 52.69 11.11 -47.84
N GLY I 63 52.41 12.35 -47.38
CA GLY I 63 51.52 12.55 -46.23
C GLY I 63 52.24 12.69 -44.89
N ILE I 64 53.58 12.81 -44.92
CA ILE I 64 54.33 13.04 -43.70
C ILE I 64 54.27 14.54 -43.40
N ASN I 65 53.68 14.88 -42.24
CA ASN I 65 53.47 16.25 -41.82
C ASN I 65 54.36 16.63 -40.64
N PHE I 66 55.10 15.68 -40.09
CA PHE I 66 55.83 15.86 -38.86
C PHE I 66 57.34 15.92 -39.12
N PHE I 67 57.92 17.14 -39.13
CA PHE I 67 59.33 17.36 -39.42
C PHE I 67 60.09 17.76 -38.15
N ASP I 68 61.19 17.06 -37.85
CA ASP I 68 62.03 17.30 -36.67
C ASP I 68 63.46 17.63 -37.12
N THR I 69 64.22 18.39 -36.31
CA THR I 69 65.56 18.79 -36.70
C THR I 69 66.69 17.84 -36.26
N ALA I 70 66.52 16.88 -35.35
CA ALA I 70 67.66 16.01 -35.02
C ALA I 70 67.84 14.92 -36.08
N ASN I 71 69.05 14.32 -36.11
CA ASN I 71 69.33 13.16 -36.97
C ASN I 71 69.52 11.91 -36.09
N VAL I 72 70.04 10.83 -36.70
CA VAL I 72 70.75 9.78 -35.96
C VAL I 72 72.16 9.66 -36.55
N LYS I 79 73.12 21.28 -36.53
CA LYS I 79 71.85 21.89 -36.03
C LYS I 79 71.57 23.22 -36.74
N GLY I 80 72.46 24.22 -36.59
CA GLY I 80 72.29 25.51 -37.23
C GLY I 80 71.96 25.37 -38.72
N ARG I 81 72.76 24.56 -39.42
CA ARG I 81 72.68 24.44 -40.86
C ARG I 81 71.34 23.80 -41.22
N THR I 82 70.95 22.76 -40.47
CA THR I 82 69.70 22.04 -40.71
C THR I 82 68.49 22.99 -40.66
N GLU I 83 68.47 23.89 -39.67
CA GLU I 83 67.36 24.81 -39.48
C GLU I 83 67.28 25.78 -40.67
N GLU I 84 68.45 26.26 -41.13
CA GLU I 84 68.52 27.23 -42.22
C GLU I 84 67.94 26.59 -43.48
N ILE I 85 68.20 25.28 -43.67
CA ILE I 85 67.72 24.52 -44.81
C ILE I 85 66.19 24.42 -44.79
N LEU I 86 65.62 24.29 -43.58
CA LEU I 86 64.18 24.34 -43.42
C LEU I 86 63.68 25.74 -43.71
N GLY I 87 64.41 26.74 -43.25
CA GLY I 87 64.05 28.13 -43.47
C GLY I 87 63.90 28.47 -44.96
N SER I 88 64.89 28.04 -45.75
CA SER I 88 64.87 28.32 -47.18
C SER I 88 63.80 27.47 -47.86
N TRP I 89 63.45 26.30 -47.28
CA TRP I 89 62.31 25.51 -47.74
C TRP I 89 60.99 26.24 -47.55
N PHE I 90 60.76 26.79 -46.35
CA PHE I 90 59.54 27.54 -46.04
C PHE I 90 59.47 28.80 -46.91
N ALA I 91 60.63 29.39 -47.26
CA ALA I 91 60.67 30.66 -48.01
C ALA I 91 60.21 30.50 -49.47
N GLN I 92 60.21 29.27 -50.01
CA GLN I 92 59.61 28.99 -51.30
C GLN I 92 58.08 29.18 -51.32
N GLY I 93 57.42 29.31 -50.16
CA GLY I 93 55.97 29.46 -50.15
C GLY I 93 55.26 28.13 -50.39
N GLY I 94 54.07 28.20 -51.00
CA GLY I 94 53.28 27.02 -51.34
C GLY I 94 52.69 26.31 -50.12
N ASP I 95 52.45 27.06 -49.03
CA ASP I 95 51.82 26.46 -47.84
C ASP I 95 52.67 25.32 -47.25
N ARG I 96 54.01 25.39 -47.37
CA ARG I 96 54.89 24.42 -46.76
C ARG I 96 54.90 24.56 -45.23
N ARG I 97 55.03 25.80 -44.72
CA ARG I 97 55.01 26.04 -43.28
C ARG I 97 53.64 25.65 -42.68
N ASP I 98 52.56 25.97 -43.43
CA ASP I 98 51.21 25.72 -42.95
C ASP I 98 50.90 24.22 -42.88
N LYS I 99 51.62 23.39 -43.60
CA LYS I 99 51.27 21.97 -43.65
C LYS I 99 52.14 21.11 -42.73
N VAL I 100 53.25 21.64 -42.20
CA VAL I 100 54.08 20.80 -41.35
C VAL I 100 53.89 21.20 -39.89
N VAL I 101 54.00 20.15 -39.06
CA VAL I 101 54.31 20.27 -37.64
C VAL I 101 55.83 20.34 -37.53
N LEU I 102 56.34 21.53 -37.17
CA LEU I 102 57.76 21.83 -37.12
C LEU I 102 58.25 21.63 -35.69
N ALA I 103 59.21 20.74 -35.53
CA ALA I 103 59.80 20.41 -34.25
C ALA I 103 61.30 20.69 -34.31
N THR I 104 61.81 21.39 -33.31
CA THR I 104 63.25 21.56 -33.18
C THR I 104 63.60 21.33 -31.71
N LYS I 105 64.90 21.40 -31.39
CA LYS I 105 65.37 21.23 -30.02
C LYS I 105 66.21 22.41 -29.58
N VAL I 106 66.48 22.44 -28.27
CA VAL I 106 67.48 23.32 -27.73
C VAL I 106 68.84 22.82 -28.22
N TYR I 107 69.72 23.75 -28.57
CA TYR I 107 71.08 23.41 -28.94
C TYR I 107 71.93 23.22 -27.67
N GLY I 108 72.88 22.27 -27.72
CA GLY I 108 73.97 22.24 -26.76
C GLY I 108 75.06 21.26 -27.15
N ASN I 109 76.23 21.80 -27.52
CA ASN I 109 77.40 20.97 -27.85
C ASN I 109 78.62 21.55 -27.12
N GLY I 114 84.28 21.20 -27.75
CA GLY I 114 85.01 21.40 -26.48
C GLY I 114 84.08 21.49 -25.28
N PRO I 115 84.57 21.95 -24.10
CA PRO I 115 83.69 22.34 -22.99
C PRO I 115 83.02 23.68 -23.30
N ALA I 116 81.70 23.74 -23.06
CA ALA I 116 80.89 24.88 -23.46
C ALA I 116 81.08 26.07 -22.52
N TRP I 117 80.78 27.26 -23.04
CA TRP I 117 80.69 28.45 -22.22
C TRP I 117 79.52 28.28 -21.25
N PRO I 118 79.61 28.66 -19.97
CA PRO I 118 78.46 28.54 -19.06
C PRO I 118 77.17 29.14 -19.63
N ASN I 119 76.08 28.36 -19.54
CA ASN I 119 74.73 28.78 -19.94
C ASN I 119 74.57 28.84 -21.46
N HIS I 120 75.47 28.18 -22.21
CA HIS I 120 75.33 28.06 -23.64
C HIS I 120 75.03 26.61 -23.99
N ASP I 121 74.84 25.78 -22.96
CA ASP I 121 74.00 24.59 -23.11
C ASP I 121 73.17 24.38 -21.84
N LYS I 122 72.48 23.24 -21.79
CA LYS I 122 71.56 22.90 -20.73
C LYS I 122 70.32 23.79 -20.81
N LEU I 123 69.54 23.82 -19.72
CA LEU I 123 68.15 24.25 -19.84
C LEU I 123 67.84 25.42 -18.91
N SER I 124 68.84 26.25 -18.58
CA SER I 124 68.58 27.50 -17.89
C SER I 124 67.57 28.33 -18.69
N ALA I 125 66.80 29.15 -18.01
CA ALA I 125 65.95 30.07 -18.74
C ALA I 125 66.78 30.92 -19.72
N LEU I 126 68.05 31.19 -19.35
CA LEU I 126 68.95 31.97 -20.18
C LEU I 126 69.29 31.20 -21.47
N ASN I 127 69.70 29.94 -21.37
CA ASN I 127 69.98 29.18 -22.57
C ASN I 127 68.72 28.97 -23.43
N ILE I 128 67.55 28.83 -22.81
CA ILE I 128 66.32 28.64 -23.58
C ILE I 128 66.02 29.91 -24.39
N ARG I 129 66.13 31.08 -23.78
CA ARG I 129 65.86 32.31 -24.51
C ARG I 129 66.75 32.43 -25.76
N ARG I 130 68.08 32.28 -25.61
CA ARG I 130 69.02 32.51 -26.69
C ARG I 130 68.88 31.42 -27.77
N SER I 131 68.62 30.16 -27.39
CA SER I 131 68.44 29.07 -28.35
C SER I 131 67.19 29.26 -29.18
N VAL I 132 66.05 29.59 -28.54
CA VAL I 132 64.81 29.65 -29.28
C VAL I 132 64.87 30.82 -30.25
N ASP I 133 65.41 31.96 -29.80
CA ASP I 133 65.52 33.15 -30.63
C ASP I 133 66.39 32.85 -31.85
N ALA I 134 67.50 32.12 -31.67
CA ALA I 134 68.38 31.71 -32.76
C ALA I 134 67.68 30.73 -33.72
N SER I 135 66.95 29.75 -33.16
CA SER I 135 66.18 28.80 -33.94
C SER I 135 65.13 29.49 -34.82
N LEU I 136 64.43 30.50 -34.32
CA LEU I 136 63.39 31.16 -35.09
C LEU I 136 64.00 31.93 -36.26
N LYS I 137 65.14 32.60 -36.00
CA LYS I 137 65.87 33.32 -37.03
C LYS I 137 66.27 32.36 -38.16
N ARG I 138 66.96 31.26 -37.82
CA ARG I 138 67.45 30.34 -38.82
C ARG I 138 66.30 29.67 -39.56
N LEU I 139 65.19 29.43 -38.88
CA LEU I 139 64.08 28.68 -39.45
C LEU I 139 63.21 29.60 -40.30
N GLY I 140 63.44 30.92 -40.21
CA GLY I 140 62.63 31.89 -40.93
C GLY I 140 61.13 31.60 -40.76
N THR I 141 60.70 31.60 -39.48
CA THR I 141 59.33 31.33 -39.09
C THR I 141 59.06 32.08 -37.79
N ASP I 142 57.82 32.48 -37.56
CA ASP I 142 57.51 33.22 -36.35
C ASP I 142 57.08 32.26 -35.24
N HIS I 143 57.00 30.94 -35.51
CA HIS I 143 56.63 30.04 -34.43
C HIS I 143 57.14 28.63 -34.71
N ILE I 144 57.42 27.93 -33.60
CA ILE I 144 57.74 26.51 -33.60
C ILE I 144 56.53 25.77 -33.03
N ASP I 145 56.13 24.68 -33.68
CA ASP I 145 55.01 23.87 -33.21
C ASP I 145 55.39 23.01 -32.02
N LEU I 146 56.56 22.35 -32.06
CA LEU I 146 56.96 21.46 -30.97
C LEU I 146 58.39 21.77 -30.59
N TYR I 147 58.62 22.32 -29.38
CA TYR I 147 59.94 22.75 -28.99
C TYR I 147 60.48 21.80 -27.91
N GLN I 148 61.62 21.16 -28.19
CA GLN I 148 62.02 19.99 -27.41
C GLN I 148 63.31 20.27 -26.64
N PHE I 149 63.35 19.78 -25.41
CA PHE I 149 64.58 19.71 -24.67
C PHE I 149 65.40 18.57 -25.27
N HIS I 150 66.72 18.76 -25.32
CA HIS I 150 67.65 17.84 -25.94
C HIS I 150 68.04 16.73 -24.97
N HIS I 151 68.01 17.04 -23.66
CA HIS I 151 68.43 16.11 -22.61
C HIS I 151 67.99 16.64 -21.26
N VAL I 152 67.67 15.76 -20.31
CA VAL I 152 67.37 16.21 -18.96
C VAL I 152 68.54 17.06 -18.48
N ASP I 153 68.24 18.16 -17.77
CA ASP I 153 69.25 18.93 -17.06
C ASP I 153 68.89 18.92 -15.57
N ARG I 154 69.67 18.16 -14.78
CA ARG I 154 69.29 17.91 -13.40
C ARG I 154 69.63 19.09 -12.49
N ASP I 155 70.23 20.15 -13.04
CA ASP I 155 70.55 21.33 -12.24
C ASP I 155 69.50 22.43 -12.42
N THR I 156 68.54 22.28 -13.34
CA THR I 156 67.50 23.29 -13.55
C THR I 156 66.14 22.82 -13.03
N PRO I 157 65.49 23.61 -12.12
CA PRO I 157 64.22 23.20 -11.54
C PRO I 157 63.13 23.51 -12.54
N TRP I 158 62.01 22.81 -12.40
CA TRP I 158 60.92 22.86 -13.36
C TRP I 158 60.20 24.18 -13.30
N ASP I 159 60.25 24.90 -12.17
CA ASP I 159 59.58 26.19 -12.11
C ASP I 159 60.33 27.20 -12.98
N GLU I 160 61.66 27.06 -13.11
CA GLU I 160 62.43 27.85 -14.04
C GLU I 160 62.16 27.47 -15.50
N ILE I 161 62.15 26.18 -15.83
CA ILE I 161 61.96 25.77 -17.21
C ILE I 161 60.56 26.18 -17.71
N TRP I 162 59.53 25.92 -16.88
CA TRP I 162 58.20 26.29 -17.29
C TRP I 162 57.98 27.81 -17.39
N GLN I 163 58.63 28.63 -16.55
CA GLN I 163 58.63 30.08 -16.80
C GLN I 163 59.10 30.36 -18.23
N ALA I 164 60.27 29.86 -18.61
CA ALA I 164 60.85 30.13 -19.92
C ALA I 164 59.91 29.70 -21.03
N MET I 165 59.32 28.51 -20.89
CA MET I 165 58.45 27.98 -21.93
C MET I 165 57.14 28.76 -21.95
N ASP I 166 56.65 29.15 -20.78
CA ASP I 166 55.39 29.87 -20.70
C ASP I 166 55.47 31.26 -21.35
N VAL I 167 56.63 31.92 -21.16
CA VAL I 167 56.89 33.20 -21.80
C VAL I 167 56.72 33.03 -23.31
N LEU I 168 57.33 31.98 -23.87
CA LEU I 168 57.33 31.76 -25.31
C LEU I 168 55.95 31.35 -25.79
N VAL I 169 55.23 30.49 -25.06
CA VAL I 169 53.86 30.16 -25.45
C VAL I 169 52.94 31.40 -25.50
N ARG I 170 53.04 32.30 -24.51
CA ARG I 170 52.16 33.45 -24.37
C ARG I 170 52.44 34.51 -25.44
N GLN I 171 53.68 34.58 -25.90
CA GLN I 171 54.03 35.40 -27.04
C GLN I 171 53.68 34.73 -28.37
N GLY I 172 53.27 33.45 -28.37
CA GLY I 172 52.93 32.77 -29.61
C GLY I 172 54.14 32.24 -30.38
N LYS I 173 55.32 32.19 -29.75
CA LYS I 173 56.51 31.70 -30.45
C LYS I 173 56.62 30.18 -30.47
N ILE I 174 55.83 29.49 -29.61
CA ILE I 174 55.89 28.04 -29.42
C ILE I 174 54.47 27.57 -29.10
N LEU I 175 54.05 26.41 -29.61
CA LEU I 175 52.75 25.83 -29.24
C LEU I 175 52.96 24.76 -28.17
N TYR I 176 53.80 23.77 -28.48
CA TYR I 176 53.91 22.60 -27.62
C TYR I 176 55.35 22.38 -27.21
N VAL I 177 55.51 21.68 -26.09
CA VAL I 177 56.81 21.44 -25.49
C VAL I 177 57.01 19.93 -25.33
N GLY I 178 58.24 19.47 -25.62
CA GLY I 178 58.52 18.05 -25.56
C GLY I 178 59.91 17.85 -25.00
N SER I 179 60.24 16.57 -24.70
CA SER I 179 61.49 16.20 -24.07
C SER I 179 62.23 15.22 -24.99
N SER I 180 63.55 15.12 -24.77
CA SER I 180 64.40 14.06 -25.32
C SER I 180 65.31 13.59 -24.22
N ASN I 181 65.63 12.29 -24.17
CA ASN I 181 66.63 11.78 -23.24
C ASN I 181 66.26 12.20 -21.80
N PHE I 182 65.04 11.84 -21.38
CA PHE I 182 64.63 12.00 -19.99
C PHE I 182 64.59 10.64 -19.31
N ALA I 183 64.61 10.68 -17.97
CA ALA I 183 64.13 9.58 -17.16
C ALA I 183 62.60 9.64 -17.03
N GLY I 184 61.97 8.51 -16.69
CA GLY I 184 60.54 8.45 -16.43
C GLY I 184 60.12 9.44 -15.35
N TRP I 185 60.92 9.54 -14.30
CA TRP I 185 60.59 10.42 -13.18
C TRP I 185 60.71 11.89 -13.54
N ASN I 186 61.49 12.24 -14.57
CA ASN I 186 61.63 13.62 -14.98
C ASN I 186 60.39 14.04 -15.75
N ILE I 187 59.83 13.14 -16.56
CA ILE I 187 58.53 13.32 -17.19
C ILE I 187 57.43 13.59 -16.15
N ALA I 188 57.31 12.70 -15.15
CA ALA I 188 56.33 12.86 -14.10
C ALA I 188 56.48 14.21 -13.39
N GLN I 189 57.71 14.59 -13.02
CA GLN I 189 57.95 15.82 -12.29
C GLN I 189 57.59 17.02 -13.14
N ALA I 190 58.01 17.00 -14.40
CA ALA I 190 57.75 18.05 -15.34
C ALA I 190 56.25 18.28 -15.47
N ASN I 191 55.50 17.22 -15.70
CA ASN I 191 54.09 17.37 -16.02
C ASN I 191 53.25 17.63 -14.79
N GLU I 192 53.63 17.08 -13.63
CA GLU I 192 52.96 17.42 -12.38
C GLU I 192 53.17 18.90 -12.06
N THR I 193 54.39 19.41 -12.30
CA THR I 193 54.69 20.80 -11.99
C THR I 193 53.88 21.75 -12.91
N ALA I 194 53.76 21.37 -14.18
CA ALA I 194 53.02 22.17 -15.14
C ALA I 194 51.54 22.19 -14.77
N ALA I 195 50.98 21.03 -14.36
CA ALA I 195 49.54 20.91 -14.11
C ALA I 195 49.12 21.74 -12.87
N ARG I 196 49.97 21.82 -11.84
CA ARG I 196 49.71 22.67 -10.69
C ARG I 196 49.22 24.05 -11.13
N HIS I 197 49.79 24.61 -12.21
CA HIS I 197 49.43 25.97 -12.60
C HIS I 197 48.71 26.01 -13.95
N GLY I 198 48.01 24.94 -14.29
CA GLY I 198 47.17 24.88 -15.47
C GLY I 198 47.92 24.80 -16.80
N ARG I 199 49.26 24.73 -16.76
CA ARG I 199 50.05 24.70 -17.98
C ARG I 199 49.95 23.31 -18.64
N LEU I 200 49.91 23.30 -19.98
CA LEU I 200 50.05 22.06 -20.73
C LEU I 200 51.49 21.59 -20.54
N GLY I 201 51.68 20.33 -20.17
CA GLY I 201 53.06 19.91 -19.93
C GLY I 201 53.72 19.33 -21.19
N LEU I 202 54.69 18.45 -20.98
CA LEU I 202 55.32 17.72 -22.06
C LEU I 202 54.28 16.94 -22.83
N VAL I 203 54.37 16.98 -24.16
CA VAL I 203 53.44 16.24 -25.02
C VAL I 203 54.12 15.06 -25.70
N SER I 204 55.46 15.02 -25.68
CA SER I 204 56.23 13.99 -26.36
C SER I 204 57.56 13.77 -25.67
N GLU I 205 58.07 12.55 -25.76
CA GLU I 205 59.42 12.21 -25.33
C GLU I 205 60.10 11.53 -26.49
N GLN I 206 61.31 12.01 -26.82
CA GLN I 206 62.19 11.36 -27.79
C GLN I 206 63.27 10.56 -27.04
N CYS I 207 63.17 9.23 -27.11
CA CYS I 207 64.11 8.36 -26.42
C CYS I 207 64.68 7.37 -27.42
N LEU I 208 65.90 6.91 -27.11
CA LEU I 208 66.51 5.77 -27.78
C LEU I 208 65.71 4.51 -27.47
N TYR I 209 65.17 3.91 -28.53
CA TYR I 209 64.28 2.77 -28.45
C TYR I 209 64.34 2.00 -29.77
N ASN I 210 64.73 0.73 -29.71
CA ASN I 210 64.79 -0.15 -30.87
C ASN I 210 64.95 -1.59 -30.38
N LEU I 211 64.94 -2.56 -31.30
CA LEU I 211 65.04 -3.96 -30.90
C LEU I 211 66.25 -4.23 -30.00
N CYS I 212 67.38 -3.55 -30.26
CA CYS I 212 68.62 -3.81 -29.53
C CYS I 212 68.59 -3.17 -28.14
N GLU I 213 68.16 -1.90 -28.05
CA GLU I 213 68.08 -1.14 -26.80
C GLU I 213 66.61 -0.96 -26.38
N ARG I 214 66.20 -1.73 -25.36
CA ARG I 214 64.78 -1.78 -24.96
C ARG I 214 64.60 -1.29 -23.52
N ARG I 215 65.63 -0.68 -22.96
CA ARG I 215 65.58 -0.31 -21.55
C ARG I 215 64.70 0.91 -21.29
N ALA I 216 64.26 1.61 -22.33
CA ALA I 216 63.25 2.65 -22.16
C ALA I 216 61.93 2.06 -21.65
N GLU I 217 61.77 0.73 -21.78
CA GLU I 217 60.54 0.03 -21.42
C GLU I 217 60.42 -0.07 -19.89
N MET I 218 61.56 0.03 -19.18
CA MET I 218 61.57 -0.14 -17.73
C MET I 218 60.73 0.97 -17.08
N GLU I 219 61.00 2.21 -17.44
CA GLU I 219 60.36 3.35 -16.80
C GLU I 219 60.07 4.54 -17.71
N VAL I 220 60.89 4.79 -18.73
CA VAL I 220 60.63 5.96 -19.57
C VAL I 220 59.27 5.88 -20.27
N VAL I 221 58.99 4.73 -20.92
CA VAL I 221 57.77 4.55 -21.70
C VAL I 221 56.56 4.39 -20.76
N PRO I 222 56.62 3.62 -19.66
CA PRO I 222 55.52 3.61 -18.67
C PRO I 222 55.15 5.02 -18.18
N ALA I 223 56.16 5.84 -17.87
CA ALA I 223 55.89 7.21 -17.43
C ALA I 223 55.26 8.03 -18.55
N ALA I 224 55.76 7.87 -19.78
CA ALA I 224 55.22 8.61 -20.91
C ALA I 224 53.77 8.22 -21.14
N ARG I 225 53.46 6.93 -21.07
CA ARG I 225 52.10 6.49 -21.24
C ARG I 225 51.17 6.97 -20.13
N GLU I 226 51.60 6.87 -18.89
CA GLU I 226 50.79 7.38 -17.78
C GLU I 226 50.45 8.86 -17.98
N TYR I 227 51.43 9.67 -18.42
CA TYR I 227 51.23 11.11 -18.52
C TYR I 227 50.73 11.55 -19.90
N GLY I 228 50.47 10.62 -20.81
CA GLY I 228 49.98 10.96 -22.15
C GLY I 228 51.01 11.67 -23.04
N LEU I 229 52.28 11.28 -22.93
CA LEU I 229 53.27 11.76 -23.90
C LEU I 229 53.33 10.79 -25.08
N GLY I 230 53.41 11.34 -26.29
CA GLY I 230 53.79 10.53 -27.44
C GLY I 230 55.23 10.08 -27.29
N VAL I 231 55.54 8.86 -27.71
CA VAL I 231 56.92 8.41 -27.68
C VAL I 231 57.44 8.34 -29.11
N ILE I 232 58.54 9.06 -29.31
CA ILE I 232 59.21 9.18 -30.59
C ILE I 232 60.57 8.48 -30.46
N ALA I 233 60.73 7.39 -31.24
CA ALA I 233 61.88 6.53 -31.15
C ALA I 233 63.00 7.03 -32.05
N TRP I 234 64.06 7.58 -31.43
CA TRP I 234 65.25 7.97 -32.16
C TRP I 234 66.23 6.78 -32.22
N SER I 235 67.00 6.78 -33.31
CA SER I 235 67.85 5.65 -33.69
C SER I 235 67.05 4.36 -33.77
N PRO I 236 66.00 4.27 -34.60
CA PRO I 236 65.19 3.06 -34.66
C PRO I 236 65.90 1.83 -35.24
N LEU I 237 67.04 2.07 -35.94
CA LEU I 237 67.87 1.00 -36.51
C LEU I 237 69.10 0.74 -35.64
N HIS I 238 69.18 1.38 -34.47
CA HIS I 238 70.32 1.28 -33.56
C HIS I 238 71.64 1.59 -34.29
N GLY I 239 71.69 2.81 -34.85
CA GLY I 239 72.80 3.31 -35.65
C GLY I 239 73.11 2.45 -36.88
N GLY I 240 72.10 1.89 -37.56
CA GLY I 240 72.31 1.07 -38.74
C GLY I 240 72.46 -0.42 -38.47
N LEU I 241 72.66 -0.80 -37.19
CA LEU I 241 72.96 -2.17 -36.84
C LEU I 241 71.82 -3.14 -37.18
N LEU I 242 70.57 -2.64 -37.23
CA LEU I 242 69.40 -3.45 -37.58
C LEU I 242 68.96 -3.23 -39.03
N GLY I 243 69.78 -2.54 -39.83
CA GLY I 243 69.45 -2.23 -41.21
C GLY I 243 70.11 -3.19 -42.20
N GLY I 244 70.59 -4.33 -41.67
CA GLY I 244 71.15 -5.40 -42.49
C GLY I 244 72.66 -5.29 -42.59
N ALA I 245 73.29 -4.93 -41.46
CA ALA I 245 74.67 -4.46 -41.41
C ALA I 245 75.67 -5.58 -41.69
N ILE I 246 75.27 -6.84 -41.48
CA ILE I 246 76.17 -7.94 -41.71
C ILE I 246 76.21 -8.24 -43.21
N ARG I 247 75.05 -8.34 -43.85
CA ARG I 247 75.04 -8.48 -45.29
C ARG I 247 75.76 -7.31 -45.96
N LYS I 248 75.63 -6.09 -45.43
CA LYS I 248 76.21 -4.90 -46.06
C LYS I 248 77.74 -4.89 -45.97
N GLU I 249 78.33 -5.58 -44.97
CA GLU I 249 79.77 -5.78 -44.91
C GLU I 249 80.28 -6.60 -46.10
N GLN I 250 79.58 -7.69 -46.44
CA GLN I 250 79.91 -8.57 -47.56
C GLN I 250 79.57 -7.86 -48.87
N GLU I 251 80.33 -6.81 -49.20
CA GLU I 251 80.04 -5.98 -50.37
C GLU I 251 81.29 -5.92 -51.25
N ASP I 264 82.12 -1.68 -35.33
CA ASP I 264 81.00 -1.24 -34.45
C ASP I 264 80.84 -2.29 -33.34
N ALA I 265 79.60 -2.70 -33.05
CA ALA I 265 79.35 -3.85 -32.20
C ALA I 265 79.40 -5.15 -33.02
N LEU I 266 79.85 -5.04 -34.28
CA LEU I 266 79.92 -6.18 -35.19
C LEU I 266 81.17 -7.00 -34.90
N ASP I 268 81.92 -7.32 -31.27
CA ASP I 268 81.61 -8.14 -30.06
C ASP I 268 80.97 -9.44 -30.53
N PRO I 269 81.53 -10.63 -30.19
CA PRO I 269 80.98 -11.89 -30.67
C PRO I 269 79.50 -12.07 -30.40
N GLN I 270 79.02 -11.62 -29.24
CA GLN I 270 77.71 -12.03 -28.76
C GLN I 270 76.62 -11.14 -29.40
N GLN I 271 76.92 -9.85 -29.59
CA GLN I 271 75.99 -8.97 -30.27
C GLN I 271 75.91 -9.31 -31.77
N ARG I 272 77.04 -9.71 -32.39
CA ARG I 272 77.08 -10.10 -33.78
C ARG I 272 76.23 -11.36 -34.04
N GLU I 273 76.12 -12.26 -33.05
CA GLU I 273 75.32 -13.48 -33.20
C GLU I 273 73.82 -13.13 -33.22
N GLN I 274 73.41 -12.21 -32.33
CA GLN I 274 72.06 -11.69 -32.23
C GLN I 274 71.64 -11.08 -33.56
N ILE I 275 72.49 -10.18 -34.07
CA ILE I 275 72.22 -9.54 -35.35
C ILE I 275 72.21 -10.59 -36.47
N GLN I 276 73.07 -11.61 -36.41
CA GLN I 276 73.09 -12.65 -37.44
C GLN I 276 71.78 -13.43 -37.39
N ARG I 277 71.35 -13.78 -36.17
CA ARG I 277 70.13 -14.54 -35.99
C ARG I 277 68.93 -13.72 -36.48
N TYR I 278 69.02 -12.40 -36.34
CA TYR I 278 68.00 -11.47 -36.79
C TYR I 278 67.90 -11.49 -38.32
N GLU I 279 69.05 -11.31 -38.99
CA GLU I 279 69.10 -11.24 -40.45
C GLU I 279 68.71 -12.58 -41.07
N ASP I 280 69.10 -13.70 -40.44
CA ASP I 280 68.69 -15.03 -40.88
C ASP I 280 67.18 -15.18 -40.79
N LEU I 281 66.60 -14.78 -39.63
CA LEU I 281 65.16 -14.90 -39.46
C LEU I 281 64.43 -14.17 -40.60
N LEU I 282 64.94 -13.00 -40.96
CA LEU I 282 64.24 -12.15 -41.91
C LEU I 282 64.40 -12.72 -43.33
N ASP I 283 65.54 -13.37 -43.62
CA ASP I 283 65.71 -14.11 -44.87
C ASP I 283 64.59 -15.12 -45.02
N LYS I 284 64.35 -15.93 -43.99
CA LYS I 284 63.35 -17.00 -44.04
C LYS I 284 61.96 -16.47 -44.41
N HIS I 285 61.62 -15.21 -44.03
CA HIS I 285 60.28 -14.68 -44.23
C HIS I 285 60.26 -13.64 -45.36
N GLY I 286 61.43 -13.38 -45.94
CA GLY I 286 61.53 -12.44 -47.04
C GLY I 286 61.09 -11.04 -46.62
N LEU I 287 61.75 -10.50 -45.57
CA LEU I 287 61.52 -9.16 -45.05
C LEU I 287 62.83 -8.37 -45.03
N GLU I 288 62.74 -7.04 -45.21
CA GLU I 288 63.93 -6.19 -45.12
C GLU I 288 64.17 -5.77 -43.66
N PRO I 289 65.42 -5.92 -43.15
CA PRO I 289 65.76 -5.54 -41.77
C PRO I 289 65.37 -4.11 -41.35
N GLY I 290 65.68 -3.14 -42.20
CA GLY I 290 65.38 -1.73 -41.98
C GLY I 290 63.89 -1.48 -41.83
N GLU I 291 63.07 -2.21 -42.59
CA GLU I 291 61.63 -2.06 -42.54
C GLU I 291 61.09 -2.73 -41.26
N VAL I 292 61.64 -3.89 -40.89
CA VAL I 292 61.14 -4.62 -39.76
C VAL I 292 61.46 -3.85 -38.49
N ALA I 293 62.65 -3.24 -38.44
CA ALA I 293 63.06 -2.48 -37.28
C ALA I 293 62.05 -1.38 -37.00
N LEU I 294 61.66 -0.66 -38.07
CA LEU I 294 60.70 0.45 -38.00
C LEU I 294 59.32 -0.08 -37.63
N ALA I 295 58.87 -1.13 -38.33
CA ALA I 295 57.56 -1.73 -38.15
C ALA I 295 57.39 -2.33 -36.74
N TRP I 296 58.46 -2.86 -36.16
CA TRP I 296 58.39 -3.43 -34.82
C TRP I 296 58.08 -2.32 -33.80
N LEU I 297 58.81 -1.21 -33.91
CA LEU I 297 58.59 -0.07 -33.02
C LEU I 297 57.13 0.41 -33.09
N LEU I 298 56.52 0.29 -34.26
CA LEU I 298 55.17 0.77 -34.53
C LEU I 298 54.12 -0.14 -33.87
N THR I 299 54.52 -1.35 -33.45
CA THR I 299 53.65 -2.23 -32.67
C THR I 299 53.77 -1.96 -31.17
N ARG I 300 54.73 -1.14 -30.72
CA ARG I 300 55.01 -1.02 -29.29
C ARG I 300 54.02 -0.07 -28.60
N PRO I 301 53.43 -0.47 -27.45
CA PRO I 301 52.52 0.40 -26.69
C PRO I 301 53.18 1.74 -26.38
N GLY I 302 52.47 2.80 -26.74
CA GLY I 302 52.86 4.17 -26.42
C GLY I 302 53.63 4.86 -27.54
N VAL I 303 54.05 4.10 -28.58
CA VAL I 303 54.99 4.65 -29.55
C VAL I 303 54.22 5.42 -30.64
N THR I 304 54.49 6.72 -30.75
CA THR I 304 53.94 7.54 -31.82
C THR I 304 54.49 7.03 -33.15
N GLY I 305 55.82 7.02 -33.25
CA GLY I 305 56.51 6.39 -34.35
C GLY I 305 58.01 6.67 -34.28
N PRO I 306 58.79 6.10 -35.23
CA PRO I 306 60.22 6.31 -35.32
C PRO I 306 60.62 7.55 -36.13
N ILE I 307 61.81 8.08 -35.81
CA ILE I 307 62.42 9.13 -36.61
C ILE I 307 63.17 8.47 -37.76
N VAL I 308 62.87 8.94 -38.97
CA VAL I 308 63.49 8.45 -40.20
C VAL I 308 64.11 9.63 -40.92
N GLY I 309 65.24 9.32 -41.56
CA GLY I 309 66.02 10.33 -42.26
C GLY I 309 66.33 9.89 -43.70
N PRO I 310 65.29 9.64 -44.54
CA PRO I 310 65.51 9.39 -45.96
C PRO I 310 66.13 10.60 -46.66
N ARG I 311 67.10 10.38 -47.53
CA ARG I 311 67.63 11.48 -48.31
C ARG I 311 67.07 11.39 -49.72
N THR I 312 66.53 10.25 -50.11
CA THR I 312 66.09 10.01 -51.47
C THR I 312 64.70 9.38 -51.46
N ALA I 313 63.97 9.55 -52.57
CA ALA I 313 62.63 9.02 -52.71
C ALA I 313 62.64 7.49 -52.55
N ASP I 314 63.78 6.86 -52.86
CA ASP I 314 63.88 5.41 -52.74
C ASP I 314 63.88 5.02 -51.25
N GLN I 315 64.60 5.79 -50.43
CA GLN I 315 64.61 5.58 -48.99
C GLN I 315 63.27 5.96 -48.35
N LEU I 316 62.63 7.02 -48.84
CA LEU I 316 61.30 7.40 -48.37
C LEU I 316 60.32 6.26 -48.62
N ALA I 317 60.27 5.78 -49.86
CA ALA I 317 59.35 4.71 -50.21
C ALA I 317 59.56 3.49 -49.31
N SER I 318 60.82 3.24 -48.89
CA SER I 318 61.12 2.12 -48.01
C SER I 318 60.53 2.32 -46.61
N ALA I 319 60.58 3.56 -46.10
CA ALA I 319 60.03 3.87 -44.80
C ALA I 319 58.51 3.81 -44.84
N VAL I 320 57.90 4.32 -45.92
CA VAL I 320 56.48 4.22 -46.14
C VAL I 320 56.04 2.75 -46.13
N ARG I 321 56.80 1.85 -46.77
CA ARG I 321 56.44 0.44 -46.81
C ARG I 321 56.49 -0.14 -45.39
N ALA I 322 57.46 0.34 -44.61
CA ALA I 322 57.69 -0.13 -43.24
C ALA I 322 56.47 0.19 -42.36
N ALA I 323 55.90 1.38 -42.56
CA ALA I 323 54.70 1.82 -41.87
C ALA I 323 53.44 1.08 -42.35
N GLU I 324 53.47 0.46 -43.54
CA GLU I 324 52.30 -0.27 -44.03
C GLU I 324 52.46 -1.76 -43.76
N LEU I 325 53.63 -2.18 -43.31
CA LEU I 325 53.92 -3.60 -43.12
C LEU I 325 53.13 -4.11 -41.90
N THR I 326 52.60 -5.33 -41.99
CA THR I 326 52.03 -6.03 -40.84
C THR I 326 52.86 -7.26 -40.48
N LEU I 327 53.57 -7.20 -39.35
CA LEU I 327 54.37 -8.31 -38.85
C LEU I 327 53.44 -9.38 -38.24
N THR I 328 53.69 -10.65 -38.55
CA THR I 328 52.88 -11.73 -38.00
C THR I 328 53.28 -12.02 -36.56
N ASP I 329 52.36 -12.63 -35.82
CA ASP I 329 52.58 -13.03 -34.44
C ASP I 329 53.80 -13.93 -34.33
N GLU I 330 54.05 -14.75 -35.35
CA GLU I 330 55.18 -15.66 -35.34
C GLU I 330 56.49 -14.86 -35.41
N VAL I 331 56.52 -13.80 -36.24
CA VAL I 331 57.71 -12.98 -36.42
C VAL I 331 57.94 -12.12 -35.17
N LEU I 332 56.85 -11.59 -34.58
CA LEU I 332 56.90 -10.79 -33.36
C LEU I 332 57.49 -11.60 -32.21
N THR I 333 57.08 -12.87 -32.11
CA THR I 333 57.54 -13.76 -31.03
C THR I 333 59.03 -14.02 -31.20
N ALA I 334 59.45 -14.29 -32.43
CA ALA I 334 60.83 -14.61 -32.72
C ALA I 334 61.74 -13.41 -32.42
N LEU I 335 61.33 -12.21 -32.85
CA LEU I 335 62.09 -10.98 -32.56
C LEU I 335 62.24 -10.79 -31.05
N ASP I 336 61.14 -11.03 -30.33
CA ASP I 336 61.10 -10.88 -28.88
C ASP I 336 62.00 -11.91 -28.18
N GLU I 337 62.17 -13.11 -28.76
CA GLU I 337 63.08 -14.12 -28.22
C GLU I 337 64.52 -13.72 -28.45
N ILE I 338 64.82 -13.15 -29.62
CA ILE I 338 66.17 -12.77 -29.99
C ILE I 338 66.59 -11.52 -29.19
N PHE I 339 65.64 -10.57 -29.08
CA PHE I 339 65.87 -9.25 -28.49
C PHE I 339 64.92 -9.05 -27.32
N PRO I 340 65.11 -9.76 -26.18
CA PRO I 340 64.19 -9.66 -25.05
C PRO I 340 64.15 -8.25 -24.47
N GLY I 341 62.98 -7.86 -23.99
CA GLY I 341 62.82 -6.64 -23.23
C GLY I 341 62.98 -6.88 -21.74
N PRO I 342 63.24 -5.81 -20.95
CA PRO I 342 63.45 -5.96 -19.51
C PRO I 342 62.17 -6.09 -18.69
N GLY I 343 61.05 -5.64 -19.26
CA GLY I 343 59.84 -5.42 -18.51
C GLY I 343 59.86 -4.08 -17.76
N PRO I 344 58.75 -3.68 -17.12
CA PRO I 344 58.70 -2.41 -16.42
C PRO I 344 59.37 -2.63 -15.06
N SER I 345 59.98 -1.58 -14.52
CA SER I 345 60.34 -1.57 -13.13
C SER I 345 59.07 -1.47 -12.30
N PRO I 346 59.00 -2.07 -11.08
CA PRO I 346 60.12 -2.81 -10.46
C PRO I 346 60.31 -4.27 -10.86
N GLU I 347 59.32 -4.85 -11.54
CA GLU I 347 59.37 -6.26 -11.95
C GLU I 347 60.67 -6.60 -12.69
N ALA I 348 61.18 -5.66 -13.49
CA ALA I 348 62.41 -5.81 -14.27
C ALA I 348 63.62 -6.27 -13.43
N PHE I 349 63.71 -5.81 -12.17
CA PHE I 349 64.86 -6.15 -11.35
C PHE I 349 64.49 -6.74 -9.99
N ALA I 350 63.23 -6.62 -9.57
CA ALA I 350 62.83 -7.12 -8.25
C ALA I 350 61.72 -8.17 -8.39
N TRP I 351 60.46 -7.76 -8.16
CA TRP I 351 59.27 -8.53 -8.45
C TRP I 351 58.09 -7.55 -8.68
N MET J 21 33.73 -16.45 -13.41
CA MET J 21 33.32 -15.03 -13.34
C MET J 21 34.43 -14.15 -13.94
N GLU J 22 34.06 -13.23 -14.85
CA GLU J 22 34.91 -12.14 -15.30
C GLU J 22 34.90 -11.00 -14.28
N TYR J 23 36.07 -10.38 -14.09
CA TYR J 23 36.26 -9.25 -13.19
C TYR J 23 36.79 -8.05 -13.96
N THR J 24 36.59 -6.85 -13.41
CA THR J 24 37.05 -5.62 -14.04
C THR J 24 37.26 -4.61 -12.92
N GLN J 25 38.11 -3.61 -13.18
CA GLN J 25 38.19 -2.42 -12.35
C GLN J 25 36.84 -1.72 -12.45
N LEU J 26 36.36 -1.18 -11.33
CA LEU J 26 35.24 -0.23 -11.39
C LEU J 26 35.75 1.10 -11.91
N GLY J 27 35.56 1.37 -13.21
CA GLY J 27 36.05 2.60 -13.81
C GLY J 27 37.54 2.74 -13.57
N ARG J 28 37.97 3.94 -13.15
CA ARG J 28 39.38 4.27 -12.97
C ARG J 28 39.94 3.84 -11.61
N ILE J 29 39.12 3.37 -10.65
CA ILE J 29 39.62 3.17 -9.28
C ILE J 29 40.19 1.75 -9.12
N GLY J 30 40.73 1.46 -7.92
CA GLY J 30 41.49 0.24 -7.65
C GLY J 30 40.61 -0.94 -7.25
N LEU J 31 39.31 -0.66 -7.07
CA LEU J 31 38.34 -1.65 -6.66
C LEU J 31 38.05 -2.61 -7.81
N LYS J 32 38.20 -3.90 -7.55
CA LYS J 32 37.89 -4.89 -8.58
C LYS J 32 36.53 -5.53 -8.27
N VAL J 33 35.65 -5.54 -9.29
CA VAL J 33 34.32 -6.10 -9.14
C VAL J 33 34.02 -7.15 -10.21
N SER J 34 33.15 -8.11 -9.85
CA SER J 34 32.52 -8.99 -10.81
C SER J 34 31.73 -8.14 -11.80
N ARG J 35 31.63 -8.63 -13.04
CA ARG J 35 30.94 -7.95 -14.11
C ARG J 35 29.44 -8.24 -14.09
N LEU J 36 29.02 -9.16 -13.22
CA LEU J 36 27.64 -9.22 -12.78
C LEU J 36 27.53 -8.58 -11.41
N VAL J 37 26.58 -7.65 -11.27
CA VAL J 37 26.32 -7.02 -9.98
C VAL J 37 25.04 -7.62 -9.39
N LEU J 38 25.11 -8.19 -8.19
CA LEU J 38 23.92 -8.77 -7.59
C LEU J 38 22.99 -7.68 -7.08
N GLY J 39 21.84 -7.53 -7.76
CA GLY J 39 20.75 -6.69 -7.31
C GLY J 39 19.88 -7.43 -6.30
N THR J 40 19.49 -6.72 -5.24
CA THR J 40 18.82 -7.26 -4.05
C THR J 40 17.37 -6.78 -3.90
N MET J 41 16.82 -6.07 -4.90
CA MET J 41 15.50 -5.48 -4.87
C MET J 41 14.41 -6.49 -4.46
N ASN J 42 14.53 -7.71 -4.96
CA ASN J 42 13.58 -8.78 -4.71
C ASN J 42 13.65 -9.33 -3.29
N PHE J 43 14.77 -9.16 -2.58
CA PHE J 43 14.96 -9.77 -1.26
C PHE J 43 14.16 -9.04 -0.20
N GLY J 44 13.14 -9.72 0.33
CA GLY J 44 12.12 -9.12 1.17
C GLY J 44 10.78 -9.08 0.43
N PRO J 45 10.58 -8.23 -0.60
CA PRO J 45 9.28 -8.14 -1.25
C PRO J 45 8.83 -9.42 -1.97
N THR J 46 9.70 -10.07 -2.76
CA THR J 46 9.28 -11.20 -3.57
C THR J 46 10.02 -12.51 -3.26
N THR J 47 11.11 -12.44 -2.49
CA THR J 47 11.92 -13.58 -2.11
C THR J 47 12.14 -13.49 -0.60
N ASP J 48 11.90 -14.60 0.11
CA ASP J 48 11.97 -14.59 1.57
C ASP J 48 13.44 -14.54 2.02
N GLU J 49 13.62 -14.26 3.31
CA GLU J 49 14.94 -14.12 3.92
C GLU J 49 15.85 -15.33 3.65
N ALA J 50 15.31 -16.54 3.81
CA ALA J 50 16.09 -17.76 3.73
C ALA J 50 16.56 -18.01 2.29
N GLU J 51 15.70 -17.72 1.30
CA GLU J 51 16.06 -17.96 -0.08
C GLU J 51 17.01 -16.85 -0.53
N SER J 52 16.71 -15.59 -0.16
CA SER J 52 17.64 -14.48 -0.32
C SER J 52 19.05 -14.87 0.13
N HIS J 53 19.18 -15.38 1.37
CA HIS J 53 20.46 -15.78 1.92
C HIS J 53 21.12 -16.86 1.04
N ALA J 54 20.32 -17.84 0.58
CA ALA J 54 20.80 -18.94 -0.23
C ALA J 54 21.36 -18.38 -1.54
N ILE J 55 20.61 -17.48 -2.19
CA ILE J 55 21.02 -16.84 -3.44
C ILE J 55 22.35 -16.09 -3.26
N MET J 56 22.52 -15.39 -2.13
CA MET J 56 23.70 -14.57 -1.89
C MET J 56 24.93 -15.46 -1.61
N ASP J 57 24.70 -16.62 -0.97
CA ASP J 57 25.74 -17.64 -0.84
C ASP J 57 26.11 -18.21 -2.22
N ALA J 58 25.13 -18.52 -3.05
CA ALA J 58 25.42 -19.01 -4.38
C ALA J 58 26.15 -17.94 -5.21
N ALA J 59 25.83 -16.65 -4.99
CA ALA J 59 26.48 -15.56 -5.73
C ALA J 59 27.97 -15.53 -5.39
N LEU J 60 28.27 -15.63 -4.10
CA LEU J 60 29.63 -15.72 -3.61
C LEU J 60 30.36 -16.95 -4.17
N ASP J 61 29.69 -18.12 -4.23
CA ASP J 61 30.32 -19.34 -4.74
C ASP J 61 30.62 -19.21 -6.23
N ALA J 62 29.81 -18.47 -6.99
CA ALA J 62 30.09 -18.21 -8.39
C ALA J 62 31.11 -17.07 -8.60
N GLY J 63 31.55 -16.44 -7.50
CA GLY J 63 32.55 -15.37 -7.53
C GLY J 63 31.98 -13.95 -7.75
N ILE J 64 30.67 -13.76 -7.56
CA ILE J 64 30.10 -12.43 -7.55
C ILE J 64 30.39 -11.77 -6.21
N ASN J 65 31.10 -10.64 -6.23
CA ASN J 65 31.57 -10.01 -5.00
C ASN J 65 30.89 -8.66 -4.78
N PHE J 66 30.07 -8.23 -5.74
CA PHE J 66 29.52 -6.88 -5.78
C PHE J 66 28.02 -6.97 -5.59
N PHE J 67 27.50 -6.47 -4.46
CA PHE J 67 26.09 -6.54 -4.14
C PHE J 67 25.50 -5.14 -4.04
N ASP J 68 24.37 -4.93 -4.72
CA ASP J 68 23.72 -3.64 -4.75
C ASP J 68 22.37 -3.70 -4.02
N THR J 69 22.13 -2.69 -3.19
CA THR J 69 20.90 -2.56 -2.46
C THR J 69 20.55 -1.08 -2.41
N ALA J 70 19.60 -0.77 -1.52
CA ALA J 70 19.10 0.58 -1.34
C ALA J 70 18.28 0.64 -0.04
N ASN J 71 18.24 1.81 0.61
CA ASN J 71 17.45 1.96 1.83
C ASN J 71 15.98 1.68 1.54
N VAL J 72 15.45 2.15 0.39
CA VAL J 72 14.02 2.09 0.11
C VAL J 72 13.55 0.70 -0.30
N TYR J 73 14.46 -0.22 -0.68
CA TYR J 73 14.04 -1.56 -1.08
C TYR J 73 13.32 -2.24 0.10
N GLY J 74 12.35 -3.09 -0.23
CA GLY J 74 11.38 -3.59 0.74
C GLY J 74 9.98 -3.09 0.39
N TRP J 75 9.89 -1.79 0.07
CA TRP J 75 8.69 -1.15 -0.43
C TRP J 75 7.65 -0.89 0.67
N GLY J 76 6.87 0.17 0.45
CA GLY J 76 5.72 0.47 1.27
C GLY J 76 6.12 0.68 2.71
N GLU J 77 5.47 -0.06 3.61
CA GLU J 77 5.74 0.10 5.04
C GLU J 77 6.93 -0.79 5.41
N ASN J 78 7.49 -1.56 4.45
CA ASN J 78 8.63 -2.43 4.71
C ASN J 78 9.93 -1.91 4.10
N LYS J 79 9.98 -0.62 3.76
CA LYS J 79 11.22 0.03 3.34
C LYS J 79 12.30 -0.29 4.36
N GLY J 80 13.47 -0.77 3.88
CA GLY J 80 14.56 -1.13 4.77
C GLY J 80 14.70 -2.64 4.94
N ARG J 81 13.67 -3.39 4.53
CA ARG J 81 13.66 -4.82 4.78
C ARG J 81 14.83 -5.47 4.06
N THR J 82 15.12 -4.98 2.85
CA THR J 82 16.18 -5.61 2.07
C THR J 82 17.52 -5.46 2.80
N GLU J 83 17.84 -4.23 3.26
CA GLU J 83 19.05 -4.00 4.05
C GLU J 83 19.07 -4.89 5.29
N GLU J 84 17.90 -5.12 5.91
CA GLU J 84 17.83 -5.98 7.08
C GLU J 84 18.20 -7.42 6.73
N ILE J 85 17.74 -7.90 5.56
CA ILE J 85 18.05 -9.24 5.08
C ILE J 85 19.54 -9.41 4.75
N LEU J 86 20.16 -8.37 4.16
CA LEU J 86 21.61 -8.41 4.01
C LEU J 86 22.28 -8.42 5.39
N GLY J 87 21.74 -7.63 6.33
CA GLY J 87 22.27 -7.54 7.68
C GLY J 87 22.31 -8.88 8.41
N SER J 88 21.23 -9.67 8.27
CA SER J 88 21.15 -10.99 8.89
C SER J 88 22.03 -11.99 8.15
N TRP J 89 22.21 -11.77 6.84
CA TRP J 89 23.16 -12.56 6.06
C TRP J 89 24.59 -12.37 6.57
N PHE J 90 25.02 -11.12 6.78
CA PHE J 90 26.35 -10.85 7.31
C PHE J 90 26.50 -11.45 8.71
N ALA J 91 25.44 -11.39 9.53
CA ALA J 91 25.59 -11.77 10.93
C ALA J 91 25.84 -13.26 11.06
N GLN J 92 25.65 -14.04 9.98
CA GLN J 92 25.95 -15.46 9.93
C GLN J 92 27.46 -15.76 10.00
N GLY J 93 28.33 -14.74 9.88
CA GLY J 93 29.77 -14.94 9.92
C GLY J 93 30.26 -15.49 8.59
N GLY J 94 31.34 -16.28 8.61
CA GLY J 94 31.83 -16.98 7.43
C GLY J 94 32.45 -16.07 6.35
N ASP J 95 32.90 -14.87 6.73
CA ASP J 95 33.65 -13.98 5.84
C ASP J 95 32.73 -13.29 4.84
N ARG J 96 31.41 -13.27 5.07
CA ARG J 96 30.45 -12.83 4.07
C ARG J 96 30.61 -11.33 3.82
N ARG J 97 30.64 -10.54 4.90
CA ARG J 97 30.81 -9.09 4.83
C ARG J 97 32.18 -8.73 4.22
N ASP J 98 33.26 -9.34 4.73
CA ASP J 98 34.61 -9.13 4.24
C ASP J 98 34.73 -9.40 2.72
N LYS J 99 34.10 -10.45 2.20
CA LYS J 99 34.21 -10.82 0.79
C LYS J 99 33.42 -9.91 -0.14
N VAL J 100 32.45 -9.15 0.39
CA VAL J 100 31.49 -8.44 -0.45
C VAL J 100 31.84 -6.94 -0.53
N VAL J 101 31.71 -6.37 -1.73
CA VAL J 101 31.62 -4.93 -1.97
C VAL J 101 30.16 -4.52 -1.80
N LEU J 102 29.86 -3.80 -0.73
CA LEU J 102 28.50 -3.49 -0.33
C LEU J 102 28.17 -2.08 -0.76
N ALA J 103 27.15 -1.99 -1.61
CA ALA J 103 26.64 -0.75 -2.15
C ALA J 103 25.18 -0.56 -1.70
N THR J 104 24.86 0.63 -1.22
CA THR J 104 23.48 1.01 -0.96
C THR J 104 23.31 2.42 -1.48
N LYS J 105 22.12 3.00 -1.23
CA LYS J 105 21.74 4.27 -1.83
C LYS J 105 21.10 5.20 -0.80
N VAL J 106 21.16 6.50 -1.13
CA VAL J 106 20.50 7.59 -0.43
C VAL J 106 19.86 8.48 -1.50
N TYR J 107 18.68 9.01 -1.12
CA TYR J 107 17.85 9.95 -1.88
C TYR J 107 16.37 9.70 -1.53
N GLY J 108 15.96 8.41 -1.47
CA GLY J 108 14.55 8.07 -1.38
C GLY J 108 13.94 8.41 -0.02
N ASN J 109 12.65 8.78 -0.05
CA ASN J 109 11.84 8.90 1.15
C ASN J 109 11.70 7.53 1.81
N MET J 110 12.08 7.47 3.11
CA MET J 110 11.98 6.25 3.92
C MET J 110 10.77 6.25 4.84
N GLY J 111 9.91 7.28 4.76
CA GLY J 111 8.66 7.28 5.51
C GLY J 111 7.51 6.70 4.70
N LEU J 112 6.29 6.97 5.20
CA LEU J 112 5.05 6.85 4.46
C LEU J 112 5.21 7.40 3.03
N ASP J 113 4.89 6.54 2.06
CA ASP J 113 4.79 6.89 0.64
C ASP J 113 3.89 8.12 0.47
N GLY J 114 4.01 8.78 -0.69
CA GLY J 114 3.42 10.10 -0.92
C GLY J 114 4.44 11.21 -0.64
N PRO J 115 4.05 12.50 -0.64
CA PRO J 115 4.99 13.59 -0.38
C PRO J 115 5.76 13.44 0.94
N ALA J 116 7.08 13.55 0.82
CA ALA J 116 8.01 13.38 1.93
C ALA J 116 7.95 14.61 2.83
N TRP J 117 8.15 14.37 4.13
CA TRP J 117 8.49 15.46 5.04
C TRP J 117 9.75 16.13 4.50
N PRO J 118 9.85 17.48 4.56
CA PRO J 118 11.00 18.17 3.99
C PRO J 118 12.31 17.63 4.58
N ASN J 119 13.29 17.38 3.68
CA ASN J 119 14.64 16.90 4.00
C ASN J 119 14.63 15.46 4.51
N HIS J 120 13.52 14.73 4.33
CA HIS J 120 13.49 13.29 4.56
C HIS J 120 13.50 12.53 3.24
N ASP J 121 13.71 13.30 2.15
CA ASP J 121 14.21 12.77 0.89
C ASP J 121 15.31 13.71 0.34
N LYS J 122 15.86 13.34 -0.83
CA LYS J 122 16.86 14.12 -1.54
C LYS J 122 18.20 14.12 -0.81
N LEU J 123 19.10 15.07 -1.19
CA LEU J 123 20.54 14.91 -0.92
C LEU J 123 21.12 16.08 -0.13
N SER J 124 20.26 16.78 0.65
CA SER J 124 20.75 17.69 1.67
C SER J 124 21.77 16.95 2.56
N ALA J 125 22.70 17.69 3.15
CA ALA J 125 23.55 17.12 4.18
C ALA J 125 22.73 16.51 5.34
N LEU J 126 21.58 17.10 5.65
CA LEU J 126 20.68 16.59 6.67
C LEU J 126 20.13 15.20 6.30
N ASN J 127 19.63 15.02 5.07
CA ASN J 127 19.10 13.71 4.71
C ASN J 127 20.19 12.65 4.62
N ILE J 128 21.40 13.04 4.19
CA ILE J 128 22.50 12.09 4.07
C ILE J 128 22.89 11.59 5.45
N ARG J 129 22.98 12.49 6.43
CA ARG J 129 23.37 12.07 7.75
C ARG J 129 22.40 11.03 8.32
N ARG J 130 21.09 11.35 8.28
CA ARG J 130 20.08 10.46 8.87
C ARG J 130 19.98 9.14 8.09
N SER J 131 20.14 9.20 6.74
CA SER J 131 19.93 8.02 5.89
C SER J 131 21.03 6.99 6.10
N VAL J 132 22.31 7.44 6.17
CA VAL J 132 23.42 6.51 6.29
C VAL J 132 23.36 5.82 7.65
N ASP J 133 22.99 6.57 8.71
CA ASP J 133 22.97 6.00 10.05
C ASP J 133 21.91 4.89 10.10
N ALA J 134 20.77 5.08 9.41
CA ALA J 134 19.72 4.09 9.39
C ALA J 134 20.13 2.88 8.53
N SER J 135 20.83 3.13 7.41
CA SER J 135 21.26 2.06 6.52
C SER J 135 22.30 1.19 7.24
N LEU J 136 23.25 1.80 7.97
CA LEU J 136 24.28 1.04 8.67
C LEU J 136 23.65 0.18 9.78
N LYS J 137 22.70 0.72 10.54
CA LYS J 137 21.98 -0.05 11.55
C LYS J 137 21.28 -1.24 10.90
N ARG J 138 20.47 -1.04 9.85
CA ARG J 138 19.79 -2.14 9.18
C ARG J 138 20.79 -3.17 8.66
N LEU J 139 21.89 -2.70 8.04
CA LEU J 139 22.84 -3.58 7.40
C LEU J 139 23.73 -4.28 8.41
N GLY J 140 23.69 -3.86 9.68
CA GLY J 140 24.47 -4.51 10.71
C GLY J 140 25.98 -4.49 10.39
N THR J 141 26.50 -3.32 9.99
CA THR J 141 27.90 -3.16 9.63
C THR J 141 28.33 -1.73 9.94
N ASP J 142 29.65 -1.53 10.16
CA ASP J 142 30.15 -0.21 10.51
C ASP J 142 30.52 0.60 9.26
N HIS J 143 30.45 0.00 8.04
CA HIS J 143 30.77 0.73 6.83
C HIS J 143 30.07 0.20 5.59
N ILE J 144 29.79 1.14 4.70
CA ILE J 144 29.31 0.91 3.35
C ILE J 144 30.49 1.11 2.39
N ASP J 145 30.70 0.18 1.45
CA ASP J 145 31.79 0.29 0.48
C ASP J 145 31.47 1.34 -0.59
N LEU J 146 30.27 1.28 -1.15
CA LEU J 146 29.89 2.19 -2.21
C LEU J 146 28.51 2.78 -1.91
N TYR J 147 28.50 4.08 -1.57
CA TYR J 147 27.29 4.78 -1.21
C TYR J 147 26.87 5.65 -2.37
N GLN J 148 25.64 5.46 -2.85
CA GLN J 148 25.22 5.98 -4.14
C GLN J 148 24.03 6.92 -3.99
N PHE J 149 24.11 8.07 -4.66
CA PHE J 149 22.93 8.89 -4.86
C PHE J 149 21.97 8.10 -5.75
N HIS J 150 20.72 7.90 -5.29
CA HIS J 150 19.70 7.18 -6.03
C HIS J 150 19.25 7.98 -7.25
N HIS J 151 19.42 9.31 -7.19
CA HIS J 151 19.01 10.17 -8.27
C HIS J 151 19.69 11.52 -8.10
N VAL J 152 19.82 12.29 -9.20
CA VAL J 152 20.29 13.66 -9.10
C VAL J 152 19.25 14.47 -8.31
N ASP J 153 19.79 15.43 -7.53
CA ASP J 153 19.02 16.41 -6.78
C ASP J 153 19.52 17.77 -7.22
N ARG J 154 18.79 18.42 -8.10
CA ARG J 154 19.24 19.66 -8.65
C ARG J 154 19.15 20.84 -7.72
N ASP J 155 18.64 20.59 -6.54
CA ASP J 155 18.50 21.68 -5.57
C ASP J 155 19.65 21.69 -4.56
N THR J 156 20.53 20.66 -4.58
CA THR J 156 21.64 20.62 -3.64
C THR J 156 22.95 20.88 -4.39
N PRO J 157 23.75 21.89 -3.96
CA PRO J 157 25.06 22.13 -4.55
C PRO J 157 26.11 21.09 -4.09
N TRP J 158 27.11 20.88 -4.96
CA TRP J 158 28.10 19.83 -4.76
C TRP J 158 29.03 20.11 -3.58
N ASP J 159 29.23 21.37 -3.22
CA ASP J 159 30.04 21.63 -2.03
C ASP J 159 29.31 21.14 -0.78
N GLU J 160 27.97 21.14 -0.76
CA GLU J 160 27.21 20.56 0.34
C GLU J 160 27.31 19.03 0.29
N ILE J 161 27.06 18.44 -0.89
CA ILE J 161 27.08 16.99 -1.00
C ILE J 161 28.47 16.45 -0.65
N TRP J 162 29.54 17.08 -1.15
CA TRP J 162 30.88 16.56 -0.89
C TRP J 162 31.27 16.75 0.57
N GLN J 163 30.78 17.83 1.22
CA GLN J 163 30.94 17.97 2.65
C GLN J 163 30.36 16.73 3.36
N ALA J 164 29.08 16.43 3.12
CA ALA J 164 28.42 15.32 3.82
C ALA J 164 29.16 13.99 3.61
N MET J 165 29.58 13.74 2.36
CA MET J 165 30.26 12.49 2.01
C MET J 165 31.66 12.43 2.64
N ASP J 166 32.35 13.57 2.73
CA ASP J 166 33.69 13.62 3.29
C ASP J 166 33.67 13.34 4.80
N VAL J 167 32.62 13.79 5.49
CA VAL J 167 32.44 13.46 6.90
C VAL J 167 32.44 11.95 7.01
N LEU J 168 31.66 11.29 6.15
CA LEU J 168 31.51 9.84 6.24
C LEU J 168 32.81 9.13 5.89
N VAL J 169 33.49 9.58 4.83
CA VAL J 169 34.78 9.02 4.46
C VAL J 169 35.76 9.14 5.63
N ARG J 170 35.86 10.32 6.25
CA ARG J 170 36.88 10.52 7.26
C ARG J 170 36.53 9.76 8.54
N GLN J 171 35.25 9.46 8.80
CA GLN J 171 34.87 8.65 9.94
C GLN J 171 34.98 7.15 9.65
N GLY J 172 35.22 6.78 8.39
CA GLY J 172 35.37 5.39 8.04
C GLY J 172 34.04 4.68 7.75
N LYS J 173 32.95 5.45 7.63
CA LYS J 173 31.63 4.87 7.46
C LYS J 173 31.36 4.50 6.00
N ILE J 174 31.99 5.20 5.04
CA ILE J 174 31.93 4.81 3.62
C ILE J 174 33.34 4.86 3.04
N LEU J 175 33.56 4.19 1.91
CA LEU J 175 34.81 4.19 1.17
C LEU J 175 34.67 5.04 -0.09
N TYR J 176 33.68 4.70 -0.93
CA TYR J 176 33.50 5.27 -2.26
C TYR J 176 32.10 5.81 -2.41
N VAL J 177 31.96 6.73 -3.35
CA VAL J 177 30.68 7.38 -3.63
C VAL J 177 30.35 7.11 -5.08
N GLY J 178 29.09 6.78 -5.34
CA GLY J 178 28.64 6.64 -6.70
C GLY J 178 27.36 7.41 -6.93
N SER J 179 26.95 7.45 -8.19
CA SER J 179 25.76 8.15 -8.62
C SER J 179 24.80 7.14 -9.25
N SER J 180 23.55 7.59 -9.37
CA SER J 180 22.54 6.81 -10.06
C SER J 180 21.53 7.78 -10.64
N ASN J 181 21.09 7.54 -11.87
CA ASN J 181 20.14 8.40 -12.55
C ASN J 181 20.64 9.83 -12.50
N PHE J 182 21.85 10.01 -13.03
CA PHE J 182 22.42 11.33 -13.26
C PHE J 182 22.37 11.67 -14.75
N ALA J 183 22.44 12.98 -15.08
CA ALA J 183 22.82 13.41 -16.42
C ALA J 183 24.34 13.45 -16.53
N GLY J 184 24.86 13.37 -17.78
CA GLY J 184 26.30 13.46 -18.00
C GLY J 184 26.96 14.71 -17.36
N TRP J 185 26.30 15.87 -17.47
CA TRP J 185 26.83 17.11 -16.93
C TRP J 185 26.79 17.17 -15.39
N ASN J 186 25.93 16.35 -14.75
CA ASN J 186 25.94 16.21 -13.31
C ASN J 186 27.18 15.41 -12.89
N ILE J 187 27.57 14.39 -13.64
CA ILE J 187 28.79 13.63 -13.39
C ILE J 187 30.03 14.52 -13.54
N ALA J 188 30.09 15.32 -14.63
CA ALA J 188 31.21 16.21 -14.84
C ALA J 188 31.26 17.22 -13.69
N GLN J 189 30.13 17.81 -13.30
CA GLN J 189 30.18 18.85 -12.29
C GLN J 189 30.61 18.25 -10.94
N ALA J 190 30.04 17.09 -10.59
CA ALA J 190 30.37 16.45 -9.35
C ALA J 190 31.88 16.17 -9.26
N ASN J 191 32.45 15.55 -10.29
CA ASN J 191 33.82 15.07 -10.23
C ASN J 191 34.78 16.24 -10.38
N GLU J 192 34.42 17.30 -11.11
CA GLU J 192 35.26 18.50 -11.17
C GLU J 192 35.31 19.21 -9.81
N THR J 193 34.17 19.28 -9.12
CA THR J 193 34.10 19.88 -7.79
C THR J 193 34.94 19.07 -6.79
N ALA J 194 34.86 17.73 -6.86
CA ALA J 194 35.60 16.88 -5.95
C ALA J 194 37.10 17.08 -6.17
N ALA J 195 37.49 17.13 -7.44
CA ALA J 195 38.89 17.20 -7.82
C ALA J 195 39.51 18.54 -7.41
N ARG J 196 38.75 19.60 -7.44
CA ARG J 196 39.26 20.88 -7.03
C ARG J 196 39.89 20.81 -5.66
N HIS J 197 39.36 19.96 -4.78
CA HIS J 197 39.87 19.93 -3.42
C HIS J 197 40.44 18.56 -3.07
N GLY J 198 40.91 17.83 -4.07
CA GLY J 198 41.64 16.60 -3.80
C GLY J 198 40.76 15.40 -3.43
N ARG J 199 39.43 15.54 -3.48
CA ARG J 199 38.54 14.44 -3.13
C ARG J 199 38.38 13.48 -4.31
N LEU J 200 38.28 12.19 -3.99
CA LEU J 200 37.91 11.18 -4.98
C LEU J 200 36.47 11.46 -5.40
N GLY J 201 36.20 11.51 -6.69
CA GLY J 201 34.83 11.82 -7.10
C GLY J 201 33.95 10.57 -7.12
N LEU J 202 32.86 10.66 -7.89
CA LEU J 202 32.06 9.49 -8.23
C LEU J 202 32.97 8.43 -8.87
N VAL J 203 32.77 7.19 -8.46
CA VAL J 203 33.50 6.08 -9.02
C VAL J 203 32.63 5.28 -9.97
N SER J 204 31.34 5.57 -10.00
CA SER J 204 30.36 4.74 -10.71
C SER J 204 29.07 5.52 -10.93
N GLU J 205 28.44 5.29 -12.07
CA GLU J 205 27.09 5.72 -12.39
C GLU J 205 26.26 4.47 -12.65
N GLN J 206 25.06 4.42 -12.07
CA GLN J 206 24.10 3.35 -12.30
C GLN J 206 22.90 3.94 -13.04
N CYS J 207 22.78 3.60 -14.32
CA CYS J 207 21.86 4.23 -15.26
C CYS J 207 21.02 3.14 -15.93
N LEU J 208 19.83 3.56 -16.39
CA LEU J 208 18.95 2.65 -17.10
C LEU J 208 19.54 2.50 -18.49
N TYR J 209 19.83 1.26 -18.86
CA TYR J 209 20.55 0.94 -20.09
C TYR J 209 20.25 -0.52 -20.46
N ASN J 210 19.65 -0.70 -21.64
CA ASN J 210 19.40 -2.03 -22.21
C ASN J 210 19.15 -1.86 -23.71
N LEU J 211 18.86 -2.94 -24.45
CA LEU J 211 18.61 -2.85 -25.87
C LEU J 211 17.44 -1.91 -26.19
N CYS J 212 16.40 -1.92 -25.36
CA CYS J 212 15.22 -1.10 -25.61
C CYS J 212 15.51 0.38 -25.31
N GLU J 213 16.27 0.64 -24.24
CA GLU J 213 16.51 2.01 -23.82
C GLU J 213 18.01 2.34 -23.88
N ARG J 214 18.39 3.06 -24.94
CA ARG J 214 19.79 3.29 -25.26
C ARG J 214 20.19 4.78 -25.17
N ARG J 215 19.31 5.65 -24.64
CA ARG J 215 19.59 7.08 -24.62
C ARG J 215 20.65 7.50 -23.59
N ALA J 216 21.06 6.57 -22.71
CA ALA J 216 22.23 6.80 -21.86
C ALA J 216 23.50 6.94 -22.70
N GLU J 217 23.47 6.46 -23.95
CA GLU J 217 24.60 6.61 -24.86
C GLU J 217 24.83 8.04 -25.33
N MET J 218 23.82 8.91 -25.25
CA MET J 218 23.96 10.25 -25.79
C MET J 218 25.02 11.04 -25.00
N GLU J 219 24.95 10.99 -23.68
CA GLU J 219 25.78 11.81 -22.85
C GLU J 219 26.18 11.19 -21.50
N VAL J 220 25.28 10.44 -20.88
CA VAL J 220 25.58 9.84 -19.58
C VAL J 220 26.81 8.92 -19.67
N VAL J 221 26.80 7.99 -20.63
CA VAL J 221 27.89 7.02 -20.74
C VAL J 221 29.17 7.71 -21.26
N PRO J 222 29.11 8.55 -22.30
CA PRO J 222 30.27 9.41 -22.65
C PRO J 222 30.91 10.20 -21.49
N ALA J 223 30.10 10.88 -20.67
CA ALA J 223 30.56 11.55 -19.46
C ALA J 223 31.22 10.57 -18.48
N ALA J 224 30.55 9.45 -18.23
CA ALA J 224 31.11 8.48 -17.29
C ALA J 224 32.47 8.01 -17.80
N ARG J 225 32.59 7.74 -19.09
CA ARG J 225 33.84 7.21 -19.61
C ARG J 225 34.90 8.30 -19.52
N GLU J 226 34.56 9.56 -19.85
CA GLU J 226 35.55 10.61 -19.76
C GLU J 226 36.11 10.74 -18.34
N TYR J 227 35.22 10.59 -17.34
CA TYR J 227 35.58 10.86 -15.95
C TYR J 227 36.02 9.61 -15.21
N GLY J 228 35.99 8.46 -15.89
CA GLY J 228 36.54 7.23 -15.32
C GLY J 228 35.59 6.59 -14.31
N LEU J 229 34.27 6.78 -14.51
CA LEU J 229 33.26 6.10 -13.71
C LEU J 229 33.01 4.70 -14.28
N GLY J 230 32.78 3.74 -13.42
CA GLY J 230 32.19 2.50 -13.88
C GLY J 230 30.76 2.77 -14.33
N VAL J 231 30.25 1.94 -15.23
CA VAL J 231 28.85 2.07 -15.64
C VAL J 231 28.12 0.79 -15.27
N ILE J 232 27.06 0.93 -14.45
CA ILE J 232 26.29 -0.19 -13.95
C ILE J 232 24.89 -0.02 -14.51
N ALA J 233 24.42 -1.03 -15.27
CA ALA J 233 23.17 -0.93 -16.00
C ALA J 233 22.06 -1.56 -15.15
N TRP J 234 21.04 -0.76 -14.78
CA TRP J 234 19.85 -1.29 -14.12
C TRP J 234 18.72 -1.49 -15.14
N SER J 235 17.81 -2.38 -14.76
CA SER J 235 16.75 -2.85 -15.62
C SER J 235 17.36 -3.35 -16.93
N PRO J 236 18.36 -4.26 -16.85
CA PRO J 236 19.07 -4.73 -18.05
C PRO J 236 18.19 -5.52 -19.02
N LEU J 237 17.08 -6.06 -18.49
CA LEU J 237 16.05 -6.72 -19.30
C LEU J 237 14.85 -5.80 -19.54
N HIS J 238 14.97 -4.50 -19.23
CA HIS J 238 13.87 -3.55 -19.36
C HIS J 238 12.61 -4.11 -18.67
N GLY J 239 12.76 -4.49 -17.40
CA GLY J 239 11.69 -5.09 -16.61
C GLY J 239 11.06 -6.31 -17.28
N GLY J 240 11.87 -7.19 -17.85
CA GLY J 240 11.39 -8.48 -18.34
C GLY J 240 11.04 -8.51 -19.83
N LEU J 241 10.90 -7.35 -20.47
CA LEU J 241 10.50 -7.34 -21.86
C LEU J 241 11.55 -7.99 -22.81
N LEU J 242 12.80 -8.14 -22.35
CA LEU J 242 13.87 -8.78 -23.13
C LEU J 242 14.17 -10.18 -22.60
N GLY J 243 13.38 -10.66 -21.64
CA GLY J 243 13.60 -11.97 -21.06
C GLY J 243 12.70 -13.04 -21.68
N GLY J 244 12.18 -12.78 -22.90
CA GLY J 244 11.36 -13.74 -23.60
C GLY J 244 9.87 -13.63 -23.25
N ALA J 245 9.34 -12.40 -23.27
CA ALA J 245 8.05 -12.12 -22.63
C ALA J 245 6.89 -12.41 -23.60
N ILE J 246 7.17 -12.45 -24.91
CA ILE J 246 6.18 -12.90 -25.87
C ILE J 246 5.99 -14.41 -25.72
N ARG J 247 7.09 -15.18 -25.79
CA ARG J 247 7.03 -16.62 -25.61
C ARG J 247 6.36 -17.01 -24.28
N LYS J 248 6.66 -16.30 -23.19
CA LYS J 248 6.14 -16.63 -21.85
C LYS J 248 4.67 -16.23 -21.70
N GLU J 249 4.13 -15.48 -22.68
CA GLU J 249 2.75 -15.01 -22.64
C GLU J 249 1.79 -16.16 -22.92
N GLN J 250 2.33 -17.32 -23.36
CA GLN J 250 1.57 -18.51 -23.68
C GLN J 250 1.54 -19.46 -22.46
N ASP J 268 1.31 -1.81 -27.54
CA ASP J 268 1.94 -0.92 -28.55
C ASP J 268 2.32 -1.77 -29.77
N PRO J 269 1.65 -1.61 -30.94
CA PRO J 269 1.96 -2.41 -32.12
C PRO J 269 3.42 -2.34 -32.60
N GLN J 270 4.05 -1.18 -32.38
CA GLN J 270 5.41 -0.93 -32.87
C GLN J 270 6.46 -1.64 -32.03
N GLN J 271 6.28 -1.64 -30.69
CA GLN J 271 7.27 -2.15 -29.76
C GLN J 271 7.21 -3.68 -29.69
N ARG J 272 6.00 -4.25 -29.74
CA ARG J 272 5.80 -5.69 -29.81
C ARG J 272 6.52 -6.27 -31.03
N GLU J 273 6.40 -5.55 -32.17
CA GLU J 273 7.04 -5.92 -33.42
C GLU J 273 8.56 -6.07 -33.21
N GLN J 274 9.14 -5.16 -32.44
CA GLN J 274 10.57 -5.13 -32.16
C GLN J 274 10.96 -6.36 -31.35
N ILE J 275 10.18 -6.64 -30.29
CA ILE J 275 10.49 -7.72 -29.37
C ILE J 275 10.29 -9.05 -30.08
N GLN J 276 9.29 -9.12 -30.97
CA GLN J 276 8.97 -10.31 -31.73
C GLN J 276 10.18 -10.67 -32.59
N ARG J 277 10.71 -9.68 -33.29
CA ARG J 277 11.86 -9.90 -34.14
C ARG J 277 13.06 -10.30 -33.31
N TYR J 278 13.17 -9.78 -32.11
CA TYR J 278 14.25 -10.10 -31.19
C TYR J 278 14.19 -11.58 -30.83
N GLU J 279 13.00 -12.07 -30.42
CA GLU J 279 12.85 -13.46 -30.02
C GLU J 279 13.00 -14.39 -31.22
N ASP J 280 12.59 -13.95 -32.42
CA ASP J 280 12.78 -14.73 -33.63
C ASP J 280 14.27 -14.86 -33.96
N LEU J 281 15.03 -13.76 -33.80
CA LEU J 281 16.46 -13.79 -34.06
C LEU J 281 17.16 -14.83 -33.15
N LEU J 282 16.83 -14.85 -31.85
CA LEU J 282 17.56 -15.68 -30.90
C LEU J 282 17.09 -17.13 -30.97
N ASP J 283 15.80 -17.37 -31.28
CA ASP J 283 15.37 -18.70 -31.67
C ASP J 283 16.34 -19.24 -32.72
N LYS J 284 16.45 -18.48 -33.82
CA LYS J 284 17.33 -18.81 -34.93
C LYS J 284 18.68 -19.28 -34.39
N HIS J 285 19.32 -18.47 -33.52
CA HIS J 285 20.71 -18.71 -33.14
C HIS J 285 20.78 -19.61 -31.91
N GLY J 286 19.62 -20.07 -31.43
CA GLY J 286 19.53 -20.95 -30.28
C GLY J 286 20.06 -20.30 -29.00
N LEU J 287 19.56 -19.09 -28.68
CA LEU J 287 20.03 -18.30 -27.55
C LEU J 287 18.85 -17.91 -26.66
N GLU J 288 19.11 -17.86 -25.34
CA GLU J 288 18.12 -17.43 -24.36
C GLU J 288 18.01 -15.90 -24.34
N PRO J 289 16.79 -15.32 -24.46
CA PRO J 289 16.62 -13.86 -24.41
C PRO J 289 17.25 -13.16 -23.21
N GLY J 290 16.99 -13.64 -21.98
CA GLY J 290 17.48 -12.99 -20.79
C GLY J 290 19.01 -13.01 -20.68
N GLU J 291 19.62 -14.10 -21.15
CA GLU J 291 21.07 -14.21 -21.21
C GLU J 291 21.66 -13.21 -22.22
N VAL J 292 20.99 -13.03 -23.37
CA VAL J 292 21.50 -12.18 -24.43
C VAL J 292 21.41 -10.69 -24.02
N ALA J 293 20.35 -10.32 -23.30
CA ALA J 293 20.22 -8.96 -22.82
C ALA J 293 21.40 -8.56 -21.93
N LEU J 294 21.80 -9.48 -21.02
CA LEU J 294 22.91 -9.31 -20.10
C LEU J 294 24.26 -9.26 -20.84
N ALA J 295 24.46 -10.19 -21.80
CA ALA J 295 25.72 -10.35 -22.51
C ALA J 295 25.93 -9.19 -23.47
N TRP J 296 24.85 -8.68 -24.05
CA TRP J 296 24.91 -7.49 -24.88
C TRP J 296 25.49 -6.30 -24.09
N LEU J 297 24.99 -6.03 -22.88
CA LEU J 297 25.48 -4.91 -22.08
C LEU J 297 26.98 -5.06 -21.80
N LEU J 298 27.43 -6.31 -21.58
CA LEU J 298 28.83 -6.63 -21.35
C LEU J 298 29.74 -6.35 -22.55
N THR J 299 29.16 -6.08 -23.74
CA THR J 299 29.93 -5.66 -24.90
C THR J 299 29.97 -4.14 -25.05
N ARG J 300 29.17 -3.40 -24.26
CA ARG J 300 29.07 -1.97 -24.50
C ARG J 300 30.28 -1.28 -23.90
N PRO J 301 30.92 -0.35 -24.65
CA PRO J 301 32.11 0.36 -24.18
C PRO J 301 31.77 1.16 -22.92
N GLY J 302 32.60 1.00 -21.88
CA GLY J 302 32.45 1.70 -20.62
C GLY J 302 31.60 0.95 -19.60
N VAL J 303 30.92 -0.14 -20.01
CA VAL J 303 29.95 -0.78 -19.12
C VAL J 303 30.70 -1.76 -18.23
N THR J 304 30.66 -1.52 -16.91
CA THR J 304 31.21 -2.43 -15.92
C THR J 304 30.42 -3.76 -16.00
N GLY J 305 29.09 -3.65 -15.92
CA GLY J 305 28.22 -4.83 -15.99
C GLY J 305 26.76 -4.52 -15.62
N PRO J 306 25.84 -5.47 -15.90
CA PRO J 306 24.44 -5.27 -15.56
C PRO J 306 24.16 -5.64 -14.09
N ILE J 307 23.10 -5.08 -13.54
CA ILE J 307 22.60 -5.53 -12.26
C ILE J 307 21.60 -6.65 -12.53
N VAL J 308 21.91 -7.85 -12.04
CA VAL J 308 21.09 -9.03 -12.20
C VAL J 308 20.22 -9.16 -10.96
N GLY J 309 18.91 -9.32 -11.15
CA GLY J 309 17.93 -9.42 -10.08
C GLY J 309 17.23 -10.79 -9.99
N PRO J 310 17.93 -11.86 -9.59
CA PRO J 310 17.31 -13.18 -9.48
C PRO J 310 16.40 -13.35 -8.26
N ARG J 311 15.19 -13.89 -8.52
CA ARG J 311 14.23 -14.27 -7.49
C ARG J 311 14.58 -15.65 -6.94
N THR J 312 15.23 -16.50 -7.77
CA THR J 312 15.60 -17.85 -7.37
C THR J 312 17.06 -18.12 -7.71
N ALA J 313 17.63 -19.16 -7.09
CA ALA J 313 18.98 -19.62 -7.38
C ALA J 313 19.13 -20.08 -8.84
N ASP J 314 18.04 -20.55 -9.48
CA ASP J 314 18.09 -20.96 -10.88
C ASP J 314 18.32 -19.75 -11.79
N GLN J 315 17.65 -18.63 -11.48
CA GLN J 315 17.79 -17.41 -12.26
C GLN J 315 19.20 -16.83 -12.12
N LEU J 316 19.82 -17.04 -10.95
CA LEU J 316 21.20 -16.64 -10.75
C LEU J 316 22.12 -17.42 -11.69
N ALA J 317 21.92 -18.75 -11.75
CA ALA J 317 22.75 -19.63 -12.56
C ALA J 317 22.68 -19.23 -14.03
N SER J 318 21.47 -18.91 -14.51
CA SER J 318 21.26 -18.36 -15.84
C SER J 318 22.07 -17.04 -16.08
N ALA J 319 22.04 -16.15 -15.09
CA ALA J 319 22.80 -14.90 -15.13
C ALA J 319 24.28 -15.18 -15.31
N VAL J 320 24.83 -16.07 -14.48
CA VAL J 320 26.22 -16.52 -14.55
C VAL J 320 26.57 -17.10 -15.93
N ARG J 321 25.68 -17.86 -16.58
CA ARG J 321 25.93 -18.36 -17.94
C ARG J 321 25.94 -17.19 -18.93
N ALA J 322 25.06 -16.20 -18.72
CA ALA J 322 25.06 -15.02 -19.58
C ALA J 322 26.44 -14.35 -19.60
N ALA J 323 27.13 -14.33 -18.46
CA ALA J 323 28.42 -13.67 -18.38
C ALA J 323 29.52 -14.51 -19.03
N GLU J 324 29.28 -15.80 -19.33
CA GLU J 324 30.26 -16.63 -20.00
C GLU J 324 29.97 -16.70 -21.51
N LEU J 325 28.88 -16.07 -21.94
CA LEU J 325 28.40 -16.14 -23.31
C LEU J 325 29.20 -15.19 -24.21
N THR J 326 29.59 -15.65 -25.42
CA THR J 326 30.15 -14.78 -26.46
C THR J 326 29.08 -14.54 -27.52
N LEU J 327 28.86 -13.27 -27.88
CA LEU J 327 27.96 -12.87 -28.95
C LEU J 327 28.79 -12.58 -30.20
N THR J 328 28.30 -13.05 -31.34
CA THR J 328 28.98 -12.90 -32.61
C THR J 328 28.69 -11.50 -33.14
N ASP J 329 29.56 -11.02 -34.04
CA ASP J 329 29.35 -9.77 -34.75
C ASP J 329 28.01 -9.82 -35.48
N GLU J 330 27.64 -11.02 -35.98
CA GLU J 330 26.39 -11.26 -36.68
C GLU J 330 25.23 -11.00 -35.73
N VAL J 331 25.22 -11.66 -34.57
CA VAL J 331 24.21 -11.41 -33.55
C VAL J 331 24.26 -9.94 -33.13
N LEU J 332 25.46 -9.38 -32.92
CA LEU J 332 25.56 -7.98 -32.49
C LEU J 332 25.00 -7.00 -33.53
N THR J 333 25.35 -7.20 -34.81
CA THR J 333 24.88 -6.33 -35.89
C THR J 333 23.37 -6.40 -36.00
N ALA J 334 22.81 -7.63 -35.92
CA ALA J 334 21.38 -7.84 -36.03
C ALA J 334 20.65 -7.12 -34.90
N LEU J 335 21.13 -7.30 -33.66
CA LEU J 335 20.55 -6.63 -32.50
C LEU J 335 20.55 -5.11 -32.67
N ASP J 336 21.66 -4.60 -33.19
CA ASP J 336 21.83 -3.19 -33.45
C ASP J 336 20.79 -2.66 -34.46
N GLU J 337 20.48 -3.47 -35.48
CA GLU J 337 19.47 -3.11 -36.47
C GLU J 337 18.07 -3.13 -35.84
N ILE J 338 17.80 -4.10 -34.98
CA ILE J 338 16.49 -4.16 -34.34
C ILE J 338 16.38 -3.03 -33.31
N PHE J 339 17.43 -2.86 -32.49
CA PHE J 339 17.36 -1.90 -31.39
C PHE J 339 18.43 -0.81 -31.57
N PRO J 340 18.24 0.18 -32.48
CA PRO J 340 19.31 1.14 -32.78
C PRO J 340 19.49 2.11 -31.61
N GLY J 341 20.74 2.50 -31.39
CA GLY J 341 21.07 3.46 -30.35
C GLY J 341 21.18 4.83 -30.98
N PRO J 342 21.13 5.92 -30.19
CA PRO J 342 21.15 7.26 -30.77
C PRO J 342 22.54 7.75 -31.17
N GLY J 343 23.58 7.08 -30.68
CA GLY J 343 24.92 7.65 -30.73
C GLY J 343 25.09 8.78 -29.71
N PRO J 344 26.32 9.35 -29.59
CA PRO J 344 26.60 10.47 -28.69
C PRO J 344 26.04 11.79 -29.22
N SER J 345 25.60 12.66 -28.29
CA SER J 345 25.41 14.08 -28.57
C SER J 345 26.76 14.74 -28.83
N PRO J 346 26.85 15.72 -29.76
CA PRO J 346 25.69 16.25 -30.51
C PRO J 346 25.28 15.54 -31.81
N GLU J 347 26.09 14.57 -32.26
CA GLU J 347 25.79 13.80 -33.45
C GLU J 347 24.37 13.24 -33.38
N ALA J 348 23.91 12.87 -32.19
CA ALA J 348 22.61 12.21 -32.02
C ALA J 348 21.45 13.09 -32.48
N PHE J 349 21.57 14.43 -32.40
CA PHE J 349 20.43 15.24 -32.79
C PHE J 349 20.80 16.31 -33.80
N ALA J 350 22.10 16.52 -34.05
CA ALA J 350 22.55 17.62 -34.87
C ALA J 350 23.48 17.07 -35.94
N TRP J 351 24.77 17.37 -35.84
CA TRP J 351 25.82 16.65 -36.55
C TRP J 351 27.07 16.61 -35.66
N MET K 21 53.79 69.33 2.02
CA MET K 21 52.71 68.39 1.60
C MET K 21 52.76 67.13 2.47
N GLU K 22 51.56 66.63 2.83
CA GLU K 22 51.40 65.38 3.56
C GLU K 22 51.20 64.26 2.54
N TYR K 23 52.01 63.19 2.69
CA TYR K 23 51.91 61.97 1.89
C TYR K 23 51.46 60.79 2.74
N THR K 24 50.98 59.75 2.04
CA THR K 24 50.49 58.55 2.67
C THR K 24 50.56 57.43 1.61
N GLN K 25 50.63 56.17 2.07
CA GLN K 25 50.51 55.03 1.17
C GLN K 25 49.07 55.00 0.72
N LEU K 26 48.83 54.64 -0.54
CA LEU K 26 47.48 54.40 -1.03
C LEU K 26 47.05 53.03 -0.53
N GLY K 27 46.23 53.02 0.53
CA GLY K 27 45.84 51.79 1.19
C GLY K 27 47.06 50.96 1.54
N ARG K 28 47.03 49.68 1.18
CA ARG K 28 48.04 48.71 1.56
C ARG K 28 49.25 48.72 0.61
N ILE K 29 49.13 49.41 -0.53
CA ILE K 29 50.11 49.23 -1.59
C ILE K 29 51.32 50.14 -1.36
N GLY K 30 52.36 49.95 -2.19
CA GLY K 30 53.63 50.61 -2.01
C GLY K 30 53.66 52.00 -2.64
N LEU K 31 52.58 52.37 -3.32
CA LEU K 31 52.49 53.65 -3.99
C LEU K 31 52.24 54.75 -2.96
N LYS K 32 53.06 55.82 -3.00
CA LYS K 32 52.92 56.98 -2.13
C LYS K 32 52.24 58.14 -2.89
N VAL K 33 51.17 58.68 -2.28
CA VAL K 33 50.41 59.78 -2.86
C VAL K 33 50.24 60.91 -1.85
N SER K 34 50.07 62.13 -2.38
CA SER K 34 49.67 63.33 -1.64
C SER K 34 48.28 63.10 -1.10
N ARG K 35 48.00 63.67 0.09
CA ARG K 35 46.69 63.52 0.71
C ARG K 35 45.70 64.50 0.11
N LEU K 36 46.14 65.31 -0.86
CA LEU K 36 45.24 66.00 -1.78
C LEU K 36 45.22 65.30 -3.13
N VAL K 37 44.01 65.04 -3.67
CA VAL K 37 43.90 64.47 -5.00
C VAL K 37 43.42 65.57 -5.96
N LEU K 38 44.25 65.89 -6.97
CA LEU K 38 43.85 66.90 -7.93
C LEU K 38 42.84 66.35 -8.94
N GLY K 39 41.58 66.76 -8.82
CA GLY K 39 40.53 66.42 -9.76
C GLY K 39 40.32 67.49 -10.83
N THR K 40 39.14 67.47 -11.48
CA THR K 40 38.90 68.27 -12.68
C THR K 40 37.93 69.41 -12.42
N MET K 41 38.20 70.54 -13.12
CA MET K 41 37.51 71.83 -13.02
C MET K 41 36.40 71.79 -11.96
N ASP K 48 40.24 77.34 -19.77
CA ASP K 48 40.93 76.98 -21.05
C ASP K 48 42.01 75.94 -20.78
N GLU K 49 42.73 75.57 -21.84
CA GLU K 49 43.84 74.64 -21.76
C GLU K 49 44.99 75.28 -20.98
N ALA K 50 45.19 76.61 -21.10
CA ALA K 50 46.35 77.29 -20.54
C ALA K 50 46.23 77.48 -19.02
N GLU K 51 45.00 77.63 -18.53
CA GLU K 51 44.73 77.83 -17.11
C GLU K 51 44.93 76.52 -16.36
N SER K 52 44.39 75.42 -16.92
CA SER K 52 44.55 74.10 -16.37
C SER K 52 46.03 73.77 -16.15
N HIS K 53 46.82 73.96 -17.23
CA HIS K 53 48.25 73.76 -17.22
C HIS K 53 48.94 74.54 -16.11
N ALA K 54 48.45 75.75 -15.80
CA ALA K 54 49.02 76.56 -14.74
C ALA K 54 48.68 75.97 -13.38
N ILE K 55 47.43 75.55 -13.15
CA ILE K 55 47.04 74.92 -11.89
C ILE K 55 47.84 73.62 -11.67
N MET K 56 48.05 72.84 -12.72
CA MET K 56 48.74 71.55 -12.65
C MET K 56 50.22 71.71 -12.31
N ASP K 57 50.88 72.74 -12.85
CA ASP K 57 52.26 73.06 -12.47
C ASP K 57 52.34 73.58 -11.04
N ALA K 58 51.36 74.41 -10.67
CA ALA K 58 51.30 74.89 -9.30
C ALA K 58 51.17 73.70 -8.34
N ALA K 59 50.32 72.73 -8.70
CA ALA K 59 50.08 71.52 -7.92
C ALA K 59 51.39 70.73 -7.73
N LEU K 60 52.08 70.46 -8.82
CA LEU K 60 53.38 69.80 -8.78
C LEU K 60 54.32 70.52 -7.81
N ASP K 61 54.39 71.85 -7.95
CA ASP K 61 55.33 72.66 -7.18
C ASP K 61 54.94 72.64 -5.71
N ALA K 62 53.64 72.45 -5.41
CA ALA K 62 53.12 72.32 -4.05
C ALA K 62 53.32 70.90 -3.51
N GLY K 63 53.74 69.98 -4.37
CA GLY K 63 54.06 68.62 -3.96
C GLY K 63 52.92 67.63 -4.20
N ILE K 64 51.90 68.04 -4.95
CA ILE K 64 50.79 67.17 -5.28
C ILE K 64 51.22 66.34 -6.49
N ASN K 65 51.17 65.00 -6.34
CA ASN K 65 51.66 64.07 -7.35
C ASN K 65 50.53 63.17 -7.87
N PHE K 66 49.30 63.41 -7.41
CA PHE K 66 48.19 62.50 -7.63
C PHE K 66 47.11 63.22 -8.43
N PHE K 67 46.99 62.86 -9.71
CA PHE K 67 46.09 63.55 -10.63
C PHE K 67 44.98 62.59 -11.04
N ASP K 68 43.73 63.02 -10.88
CA ASP K 68 42.57 62.21 -11.19
C ASP K 68 41.76 62.95 -12.26
N THR K 69 40.90 62.26 -13.02
CA THR K 69 40.14 62.92 -14.07
C THR K 69 38.66 63.13 -13.70
N ALA K 70 38.31 62.98 -12.41
CA ALA K 70 36.93 62.77 -12.02
C ALA K 70 36.08 64.04 -12.19
N GLY K 80 36.73 63.27 -21.24
CA GLY K 80 36.90 63.56 -22.68
C GLY K 80 37.92 64.68 -22.92
N ARG K 81 37.49 65.92 -22.84
CA ARG K 81 38.39 67.06 -22.99
C ARG K 81 39.37 67.14 -21.84
N THR K 82 38.95 66.72 -20.66
CA THR K 82 39.84 66.72 -19.52
C THR K 82 41.09 65.87 -19.75
N GLU K 83 40.91 64.70 -20.36
CA GLU K 83 42.03 63.82 -20.67
C GLU K 83 42.96 64.50 -21.67
N GLU K 84 42.37 65.11 -22.72
CA GLU K 84 43.14 65.84 -23.74
C GLU K 84 44.01 66.96 -23.14
N ILE K 85 43.48 67.63 -22.10
CA ILE K 85 44.20 68.69 -21.39
C ILE K 85 45.38 68.13 -20.59
N LEU K 86 45.22 66.96 -19.95
CA LEU K 86 46.37 66.29 -19.33
C LEU K 86 47.36 65.87 -20.41
N GLY K 87 46.86 65.32 -21.52
CA GLY K 87 47.71 64.88 -22.61
C GLY K 87 48.62 65.99 -23.13
N SER K 88 48.03 67.17 -23.38
CA SER K 88 48.77 68.31 -23.89
C SER K 88 49.69 68.87 -22.80
N TRP K 89 49.31 68.73 -21.51
CA TRP K 89 50.21 69.07 -20.42
C TRP K 89 51.46 68.18 -20.44
N PHE K 90 51.27 66.85 -20.64
CA PHE K 90 52.38 65.90 -20.67
C PHE K 90 53.29 66.21 -21.85
N ALA K 91 52.72 66.70 -22.96
CA ALA K 91 53.46 66.94 -24.21
C ALA K 91 54.45 68.10 -24.09
N GLN K 92 54.19 69.04 -23.18
CA GLN K 92 55.16 70.05 -22.81
C GLN K 92 56.47 69.47 -22.27
N GLY K 93 56.51 68.19 -21.89
CA GLY K 93 57.73 67.58 -21.37
C GLY K 93 58.08 68.03 -19.94
N GLY K 94 59.39 68.03 -19.62
CA GLY K 94 59.88 68.42 -18.31
C GLY K 94 59.54 67.40 -17.20
N ASP K 95 59.47 66.11 -17.56
CA ASP K 95 59.23 65.04 -16.60
C ASP K 95 57.89 65.21 -15.87
N ARG K 96 56.90 65.79 -16.55
CA ARG K 96 55.58 65.95 -15.96
C ARG K 96 54.89 64.59 -15.80
N ARG K 97 54.93 63.73 -16.83
CA ARG K 97 54.36 62.39 -16.79
C ARG K 97 55.01 61.55 -15.69
N ASP K 98 56.35 61.62 -15.61
CA ASP K 98 57.16 60.80 -14.73
C ASP K 98 56.90 61.14 -13.26
N LYS K 99 56.50 62.39 -12.99
CA LYS K 99 56.32 62.89 -11.63
C LYS K 99 54.88 62.72 -11.13
N VAL K 100 53.92 62.40 -12.00
CA VAL K 100 52.54 62.30 -11.56
C VAL K 100 52.09 60.84 -11.54
N VAL K 101 51.25 60.54 -10.55
CA VAL K 101 50.44 59.35 -10.54
C VAL K 101 49.13 59.72 -11.22
N LEU K 102 48.93 59.15 -12.40
CA LEU K 102 47.83 59.47 -13.27
C LEU K 102 46.72 58.44 -13.11
N ALA K 103 45.56 58.95 -12.72
CA ALA K 103 44.39 58.14 -12.47
C ALA K 103 43.31 58.62 -13.43
N THR K 104 42.62 57.69 -14.11
CA THR K 104 41.43 58.02 -14.88
C THR K 104 40.37 56.97 -14.57
N LYS K 105 39.25 57.04 -15.30
CA LYS K 105 38.08 56.22 -15.05
C LYS K 105 37.47 55.70 -16.35
N VAL K 106 36.60 54.71 -16.20
CA VAL K 106 35.94 54.06 -17.31
C VAL K 106 35.10 55.05 -18.14
N TYR K 107 34.25 55.86 -17.51
CA TYR K 107 33.34 56.75 -18.27
C TYR K 107 32.14 55.98 -18.85
N GLY K 108 30.94 56.52 -18.60
CA GLY K 108 29.72 56.01 -19.21
C GLY K 108 29.51 56.55 -20.61
N ALA K 116 22.10 55.27 -24.36
CA ALA K 116 23.42 54.59 -24.53
C ALA K 116 23.27 53.29 -25.34
N TRP K 117 24.18 53.13 -26.29
CA TRP K 117 24.30 51.90 -27.07
C TRP K 117 24.80 50.76 -26.18
N PRO K 118 24.30 49.51 -26.39
CA PRO K 118 24.76 48.37 -25.60
C PRO K 118 26.28 48.25 -25.65
N ASN K 119 26.87 48.13 -24.44
CA ASN K 119 28.28 47.82 -24.25
C ASN K 119 29.12 49.08 -24.43
N HIS K 120 28.45 50.26 -24.53
CA HIS K 120 29.16 51.53 -24.55
C HIS K 120 29.02 52.22 -23.19
N ASP K 121 28.49 51.50 -22.21
CA ASP K 121 28.48 51.87 -20.81
C ASP K 121 28.82 50.61 -20.00
N LYS K 122 29.07 50.75 -18.69
CA LYS K 122 29.18 49.63 -17.77
C LYS K 122 30.54 48.92 -17.93
N LEU K 123 30.69 47.73 -17.33
CA LEU K 123 32.03 47.17 -17.11
C LEU K 123 32.26 45.83 -17.83
N SER K 124 31.61 45.60 -18.98
CA SER K 124 31.93 44.45 -19.79
C SER K 124 33.41 44.53 -20.20
N ALA K 125 34.03 43.37 -20.50
CA ALA K 125 35.37 43.38 -21.03
C ALA K 125 35.42 44.23 -22.31
N LEU K 126 34.32 44.21 -23.08
CA LEU K 126 34.25 44.97 -24.32
C LEU K 126 34.36 46.47 -24.04
N ASN K 127 33.49 46.99 -23.15
CA ASN K 127 33.52 48.41 -22.83
C ASN K 127 34.87 48.79 -22.22
N ILE K 128 35.46 47.90 -21.40
CA ILE K 128 36.74 48.23 -20.76
C ILE K 128 37.81 48.40 -21.84
N ARG K 129 37.86 47.47 -22.80
CA ARG K 129 38.89 47.57 -23.83
C ARG K 129 38.80 48.90 -24.60
N ARG K 130 37.57 49.31 -24.98
CA ARG K 130 37.38 50.45 -25.86
C ARG K 130 37.58 51.74 -25.06
N SER K 131 37.26 51.75 -23.75
CA SER K 131 37.42 52.97 -22.96
C SER K 131 38.89 53.23 -22.70
N VAL K 132 39.64 52.18 -22.36
CA VAL K 132 41.03 52.36 -22.00
C VAL K 132 41.82 52.84 -23.21
N ASP K 133 41.52 52.25 -24.39
CA ASP K 133 42.19 52.64 -25.63
C ASP K 133 41.94 54.11 -25.90
N ALA K 134 40.68 54.55 -25.76
CA ALA K 134 40.33 55.96 -25.96
C ALA K 134 41.08 56.85 -24.96
N SER K 135 41.14 56.42 -23.69
CA SER K 135 41.81 57.19 -22.65
C SER K 135 43.30 57.34 -22.97
N LEU K 136 43.98 56.23 -23.29
CA LEU K 136 45.41 56.25 -23.59
C LEU K 136 45.68 57.19 -24.76
N LYS K 137 44.78 57.19 -25.76
CA LYS K 137 44.85 58.08 -26.91
C LYS K 137 44.71 59.54 -26.46
N ARG K 138 43.64 59.87 -25.74
CA ARG K 138 43.44 61.26 -25.33
C ARG K 138 44.59 61.71 -24.41
N LEU K 139 45.05 60.85 -23.51
CA LEU K 139 46.06 61.23 -22.53
C LEU K 139 47.47 61.33 -23.13
N GLY K 140 47.68 60.88 -24.38
CA GLY K 140 49.00 60.95 -24.98
C GLY K 140 50.08 60.34 -24.08
N THR K 141 49.77 59.19 -23.50
CA THR K 141 50.71 58.42 -22.69
C THR K 141 50.46 56.93 -22.98
N ASP K 142 51.47 56.09 -22.69
CA ASP K 142 51.37 54.66 -22.96
C ASP K 142 50.92 53.87 -21.73
N HIS K 143 50.68 54.52 -20.58
CA HIS K 143 50.19 53.81 -19.40
C HIS K 143 49.47 54.73 -18.42
N ILE K 144 48.40 54.18 -17.81
CA ILE K 144 47.67 54.80 -16.72
C ILE K 144 48.14 54.14 -15.42
N ASP K 145 48.42 54.95 -14.40
CA ASP K 145 48.90 54.45 -13.12
C ASP K 145 47.73 53.79 -12.36
N LEU K 146 46.59 54.48 -12.31
CA LEU K 146 45.45 54.02 -11.53
C LEU K 146 44.20 54.14 -12.39
N TYR K 147 43.70 52.99 -12.88
CA TYR K 147 42.50 52.94 -13.70
C TYR K 147 41.32 52.54 -12.83
N GLN K 148 40.25 53.33 -12.84
CA GLN K 148 39.17 53.15 -11.90
C GLN K 148 37.85 52.85 -12.62
N PHE K 149 37.05 51.93 -12.05
CA PHE K 149 35.69 51.73 -12.49
C PHE K 149 34.87 52.94 -12.00
N HIS K 150 33.90 53.38 -12.82
CA HIS K 150 33.13 54.59 -12.54
C HIS K 150 32.01 54.31 -11.51
N HIS K 151 31.54 53.06 -11.50
CA HIS K 151 30.38 52.66 -10.71
C HIS K 151 30.33 51.13 -10.71
N VAL K 152 29.83 50.54 -9.62
CA VAL K 152 29.59 49.10 -9.62
C VAL K 152 28.67 48.75 -10.79
N ASP K 153 28.96 47.62 -11.42
CA ASP K 153 28.14 47.01 -12.45
C ASP K 153 27.77 45.61 -11.99
N ARG K 154 26.55 45.45 -11.50
CA ARG K 154 26.07 44.17 -11.00
C ARG K 154 25.80 43.11 -12.04
N ASP K 155 25.84 43.49 -13.31
CA ASP K 155 25.64 42.51 -14.36
C ASP K 155 26.94 41.90 -14.88
N THR K 156 28.12 42.33 -14.39
CA THR K 156 29.39 41.81 -14.88
C THR K 156 30.12 41.07 -13.77
N PRO K 157 30.43 39.76 -13.94
CA PRO K 157 31.15 38.99 -12.93
C PRO K 157 32.63 39.39 -12.89
N TRP K 158 33.22 39.20 -11.71
CA TRP K 158 34.58 39.60 -11.44
C TRP K 158 35.58 38.79 -12.25
N ASP K 159 35.27 37.53 -12.63
CA ASP K 159 36.20 36.81 -13.49
C ASP K 159 36.33 37.48 -14.87
N GLU K 160 35.27 38.12 -15.39
CA GLU K 160 35.34 38.88 -16.63
C GLU K 160 36.12 40.17 -16.41
N ILE K 161 35.79 40.90 -15.32
CA ILE K 161 36.45 42.18 -15.10
C ILE K 161 37.96 42.02 -14.90
N TRP K 162 38.36 41.02 -14.10
CA TRP K 162 39.78 40.85 -13.82
C TRP K 162 40.52 40.32 -15.05
N GLN K 163 39.86 39.50 -15.89
CA GLN K 163 40.42 39.17 -17.20
C GLN K 163 40.80 40.46 -17.95
N ALA K 164 39.84 41.39 -18.04
CA ALA K 164 40.06 42.61 -18.83
C ALA K 164 41.22 43.43 -18.24
N MET K 165 41.22 43.59 -16.92
CA MET K 165 42.25 44.36 -16.24
C MET K 165 43.62 43.68 -16.35
N ASP K 166 43.63 42.34 -16.23
CA ASP K 166 44.87 41.58 -16.29
C ASP K 166 45.52 41.68 -17.68
N VAL K 167 44.71 41.78 -18.73
CA VAL K 167 45.25 41.94 -20.09
C VAL K 167 46.05 43.24 -20.15
N LEU K 168 45.47 44.29 -19.58
CA LEU K 168 46.08 45.60 -19.62
C LEU K 168 47.30 45.65 -18.71
N VAL K 169 47.21 45.12 -17.50
CA VAL K 169 48.37 45.11 -16.62
C VAL K 169 49.57 44.43 -17.32
N ARG K 170 49.32 43.28 -17.93
CA ARG K 170 50.40 42.52 -18.55
C ARG K 170 50.95 43.13 -19.80
N GLN K 171 50.16 43.96 -20.45
CA GLN K 171 50.69 44.69 -21.59
C GLN K 171 51.42 45.95 -21.11
N GLY K 172 51.35 46.29 -19.81
CA GLY K 172 51.96 47.49 -19.26
C GLY K 172 51.16 48.77 -19.46
N LYS K 173 49.88 48.65 -19.83
CA LYS K 173 49.07 49.82 -20.11
C LYS K 173 48.43 50.36 -18.84
N ILE K 174 48.43 49.53 -17.77
CA ILE K 174 47.82 49.88 -16.50
C ILE K 174 48.68 49.28 -15.38
N LEU K 175 48.84 50.02 -14.27
CA LEU K 175 49.55 49.51 -13.10
C LEU K 175 48.56 49.04 -12.03
N TYR K 176 47.67 49.93 -11.59
CA TYR K 176 46.78 49.69 -10.46
C TYR K 176 45.32 49.88 -10.88
N VAL K 177 44.44 49.18 -10.17
CA VAL K 177 43.00 49.21 -10.38
C VAL K 177 42.34 49.74 -9.14
N GLY K 178 41.34 50.61 -9.34
CA GLY K 178 40.54 51.14 -8.23
C GLY K 178 39.07 51.18 -8.61
N SER K 179 38.22 51.38 -7.60
CA SER K 179 36.78 51.53 -7.80
C SER K 179 36.33 52.94 -7.42
N SER K 180 35.13 53.28 -7.88
CA SER K 180 34.30 54.37 -7.34
C SER K 180 32.86 53.90 -7.28
N ASN K 181 32.15 54.39 -6.25
CA ASN K 181 30.72 54.13 -6.07
C ASN K 181 30.44 52.62 -6.03
N PHE K 182 31.19 51.92 -5.16
CA PHE K 182 30.98 50.52 -4.87
C PHE K 182 30.24 50.39 -3.55
N ALA K 183 29.58 49.24 -3.37
CA ALA K 183 29.21 48.84 -2.02
C ALA K 183 30.41 48.15 -1.39
N GLY K 184 30.41 48.08 -0.05
CA GLY K 184 31.41 47.33 0.68
C GLY K 184 31.54 45.88 0.23
N TRP K 185 30.42 45.16 0.07
CA TRP K 185 30.49 43.77 -0.36
C TRP K 185 31.07 43.63 -1.76
N ASN K 186 30.98 44.67 -2.60
CA ASN K 186 31.54 44.60 -3.94
C ASN K 186 33.08 44.63 -3.87
N ILE K 187 33.59 45.43 -2.95
CA ILE K 187 35.01 45.54 -2.70
C ILE K 187 35.57 44.20 -2.21
N ALA K 188 34.86 43.58 -1.25
CA ALA K 188 35.18 42.27 -0.72
C ALA K 188 35.21 41.25 -1.87
N GLN K 189 34.15 41.18 -2.66
CA GLN K 189 34.07 40.17 -3.68
C GLN K 189 35.20 40.37 -4.68
N ALA K 190 35.46 41.63 -5.00
CA ALA K 190 36.43 41.96 -6.02
C ALA K 190 37.82 41.50 -5.62
N ASN K 191 38.19 41.75 -4.37
CA ASN K 191 39.57 41.55 -3.96
C ASN K 191 39.76 40.10 -3.59
N GLU K 192 38.69 39.44 -3.14
CA GLU K 192 38.75 38.00 -2.88
C GLU K 192 38.97 37.27 -4.19
N THR K 193 38.26 37.71 -5.25
CA THR K 193 38.33 37.09 -6.56
C THR K 193 39.73 37.28 -7.13
N ALA K 194 40.27 38.48 -7.03
CA ALA K 194 41.61 38.80 -7.48
C ALA K 194 42.63 37.91 -6.77
N ALA K 195 42.54 37.85 -5.44
CA ALA K 195 43.47 37.12 -4.60
C ALA K 195 43.50 35.61 -4.87
N ARG K 196 42.38 34.99 -5.28
CA ARG K 196 42.34 33.56 -5.57
C ARG K 196 43.44 33.22 -6.59
N HIS K 197 43.66 34.09 -7.56
CA HIS K 197 44.66 33.77 -8.57
C HIS K 197 45.82 34.74 -8.52
N GLY K 198 46.11 35.27 -7.33
CA GLY K 198 47.37 35.92 -7.04
C GLY K 198 47.44 37.38 -7.47
N ARG K 199 46.44 37.83 -8.19
CA ARG K 199 46.39 39.18 -8.65
C ARG K 199 46.16 40.27 -7.62
N LEU K 200 46.81 41.41 -7.82
CA LEU K 200 46.59 42.58 -6.98
C LEU K 200 45.18 43.08 -7.27
N GLY K 201 44.39 43.29 -6.24
CA GLY K 201 43.01 43.70 -6.55
C GLY K 201 42.88 45.23 -6.50
N LEU K 202 41.71 45.69 -6.06
CA LEU K 202 41.41 47.12 -5.95
C LEU K 202 42.39 47.71 -4.95
N VAL K 203 42.92 48.90 -5.27
CA VAL K 203 43.85 49.57 -4.37
C VAL K 203 43.19 50.81 -3.76
N SER K 204 42.01 51.21 -4.25
CA SER K 204 41.38 52.42 -3.76
C SER K 204 39.90 52.42 -4.12
N GLU K 205 39.08 53.07 -3.28
CA GLU K 205 37.67 53.28 -3.58
C GLU K 205 37.44 54.78 -3.49
N GLN K 206 36.84 55.32 -4.54
CA GLN K 206 36.38 56.70 -4.55
C GLN K 206 34.88 56.76 -4.22
N CYS K 207 34.52 57.35 -3.08
CA CYS K 207 33.13 57.36 -2.64
C CYS K 207 32.73 58.75 -2.19
N LEU K 208 31.43 59.04 -2.29
CA LEU K 208 30.85 60.23 -1.73
C LEU K 208 30.95 60.17 -0.20
N TYR K 209 31.71 61.09 0.36
CA TYR K 209 31.97 61.09 1.78
C TYR K 209 32.27 62.53 2.18
N ASN K 210 31.55 63.05 3.18
CA ASN K 210 31.72 64.42 3.67
C ASN K 210 30.88 64.57 4.95
N LEU K 211 31.03 65.68 5.67
CA LEU K 211 30.27 65.88 6.89
C LEU K 211 28.78 65.61 6.69
N CYS K 212 28.25 66.04 5.52
CA CYS K 212 26.82 65.95 5.27
C CYS K 212 26.40 64.51 5.00
N GLU K 213 27.21 63.79 4.20
CA GLU K 213 26.89 62.43 3.80
C GLU K 213 27.96 61.45 4.31
N ARG K 214 27.63 60.78 5.43
CA ARG K 214 28.57 59.94 6.14
C ARG K 214 28.16 58.47 6.05
N ARG K 215 27.25 58.12 5.13
CA ARG K 215 26.76 56.72 5.09
C ARG K 215 27.83 55.76 4.64
N ALA K 216 28.78 56.21 3.82
CA ALA K 216 29.94 55.40 3.48
C ALA K 216 30.54 54.69 4.71
N GLU K 217 30.33 55.23 5.93
CA GLU K 217 30.90 54.71 7.15
C GLU K 217 30.19 53.43 7.63
N MET K 218 29.01 53.16 7.09
CA MET K 218 28.27 51.96 7.46
C MET K 218 29.03 50.69 7.06
N GLU K 219 29.41 50.60 5.80
CA GLU K 219 30.03 49.39 5.27
C GLU K 219 31.11 49.62 4.19
N VAL K 220 31.04 50.73 3.46
CA VAL K 220 32.01 50.97 2.39
C VAL K 220 33.41 51.18 2.99
N VAL K 221 33.50 52.12 3.94
CA VAL K 221 34.80 52.43 4.53
C VAL K 221 35.26 51.28 5.41
N PRO K 222 34.43 50.61 6.25
CA PRO K 222 34.86 49.36 6.89
C PRO K 222 35.45 48.32 5.93
N ALA K 223 34.79 48.05 4.81
CA ALA K 223 35.27 47.06 3.85
C ALA K 223 36.60 47.48 3.20
N ALA K 224 36.71 48.76 2.82
CA ALA K 224 37.90 49.32 2.20
C ALA K 224 39.06 49.15 3.17
N ARG K 225 38.80 49.35 4.44
CA ARG K 225 39.84 49.28 5.43
C ARG K 225 40.28 47.86 5.67
N GLU K 226 39.31 46.97 5.70
CA GLU K 226 39.65 45.56 5.84
C GLU K 226 40.55 45.13 4.68
N TYR K 227 40.23 45.53 3.45
CA TYR K 227 40.92 45.00 2.29
C TYR K 227 42.12 45.84 1.89
N GLY K 228 42.39 46.92 2.64
CA GLY K 228 43.57 47.74 2.39
C GLY K 228 43.43 48.63 1.15
N LEU K 229 42.22 49.10 0.86
CA LEU K 229 42.01 50.11 -0.15
C LEU K 229 42.21 51.49 0.48
N GLY K 230 42.87 52.40 -0.25
CA GLY K 230 42.76 53.81 0.08
C GLY K 230 41.34 54.35 -0.18
N VAL K 231 40.83 55.21 0.70
CA VAL K 231 39.55 55.86 0.46
C VAL K 231 39.79 57.29 -0.03
N ILE K 232 39.26 57.58 -1.22
CA ILE K 232 39.33 58.89 -1.85
C ILE K 232 37.94 59.53 -1.77
N ALA K 233 37.83 60.67 -1.04
CA ALA K 233 36.54 61.31 -0.79
C ALA K 233 36.20 62.25 -1.95
N TRP K 234 35.14 61.92 -2.69
CA TRP K 234 34.67 62.78 -3.77
C TRP K 234 33.48 63.60 -3.22
N SER K 235 33.29 64.78 -3.82
CA SER K 235 32.43 65.83 -3.29
C SER K 235 32.71 66.08 -1.82
N PRO K 236 33.96 66.46 -1.44
CA PRO K 236 34.31 66.63 -0.03
C PRO K 236 33.61 67.84 0.60
N LEU K 237 33.04 68.73 -0.24
CA LEU K 237 32.27 69.87 0.24
C LEU K 237 30.77 69.70 0.00
N HIS K 238 30.37 68.53 -0.51
CA HIS K 238 28.98 68.19 -0.75
C HIS K 238 28.34 69.16 -1.75
N GLY K 239 29.01 69.29 -2.91
CA GLY K 239 28.64 70.17 -4.01
C GLY K 239 28.71 71.66 -3.65
N GLY K 240 29.53 72.03 -2.66
CA GLY K 240 29.74 73.42 -2.26
C GLY K 240 28.98 73.81 -1.00
N LEU K 241 28.08 72.94 -0.53
CA LEU K 241 27.22 73.23 0.62
C LEU K 241 27.99 73.37 1.93
N LEU K 242 29.18 72.76 2.03
CA LEU K 242 30.06 72.90 3.20
C LEU K 242 31.13 73.97 2.97
N GLY K 243 31.07 74.68 1.83
CA GLY K 243 32.04 75.73 1.51
C GLY K 243 31.61 77.14 1.93
N GLY K 244 30.64 77.26 2.85
CA GLY K 244 30.13 78.55 3.28
C GLY K 244 29.00 79.07 2.40
N ALA K 245 28.11 78.16 1.99
CA ALA K 245 27.08 78.43 0.99
C ALA K 245 26.06 79.46 1.45
N ILE K 246 25.87 79.57 2.78
CA ILE K 246 24.86 80.45 3.37
C ILE K 246 25.38 81.88 3.32
N ARG K 247 26.62 82.12 3.77
CA ARG K 247 27.26 83.42 3.69
C ARG K 247 27.40 83.91 2.24
N LYS K 248 27.69 82.99 1.30
CA LYS K 248 27.89 83.35 -0.10
C LYS K 248 26.59 83.88 -0.71
N GLU K 249 25.47 83.28 -0.31
CA GLU K 249 24.13 83.65 -0.73
C GLU K 249 23.66 84.92 0.02
N GLN K 250 24.09 85.09 1.28
CA GLN K 250 23.84 86.26 2.12
C GLN K 250 22.36 86.66 2.05
N ASP K 264 19.79 75.00 -4.31
CA ASP K 264 19.56 73.52 -4.27
C ASP K 264 18.84 73.21 -2.95
N ALA K 265 19.06 72.02 -2.37
CA ALA K 265 18.38 71.60 -1.14
C ALA K 265 18.92 72.36 0.07
N LEU K 266 18.97 73.69 -0.06
CA LEU K 266 19.32 74.61 1.01
C LEU K 266 18.07 75.38 1.44
N LYS K 267 16.97 75.20 0.69
CA LYS K 267 15.66 75.74 1.06
C LYS K 267 14.90 74.75 1.95
N ASP K 268 15.34 73.47 1.96
CA ASP K 268 14.87 72.48 2.91
C ASP K 268 15.31 72.92 4.31
N PRO K 269 14.38 73.10 5.28
CA PRO K 269 14.60 73.99 6.42
C PRO K 269 15.60 73.48 7.44
N GLN K 270 15.62 72.15 7.63
CA GLN K 270 16.40 71.53 8.68
C GLN K 270 17.84 71.28 8.20
N GLN K 271 18.03 71.07 6.90
CA GLN K 271 19.37 70.94 6.34
C GLN K 271 20.06 72.30 6.33
N ARG K 272 19.30 73.36 6.12
CA ARG K 272 19.87 74.69 6.16
C ARG K 272 20.25 75.05 7.57
N GLU K 273 19.46 74.62 8.53
CA GLU K 273 19.73 74.92 9.93
C GLU K 273 21.03 74.25 10.40
N GLN K 274 21.26 73.04 9.86
CA GLN K 274 22.47 72.29 10.11
C GLN K 274 23.67 73.12 9.62
N ILE K 275 23.57 73.60 8.38
CA ILE K 275 24.66 74.35 7.76
C ILE K 275 24.87 75.68 8.49
N GLN K 276 23.77 76.31 8.94
CA GLN K 276 23.86 77.53 9.72
C GLN K 276 24.69 77.27 10.98
N ARG K 277 24.43 76.19 11.70
CA ARG K 277 25.14 75.87 12.94
C ARG K 277 26.60 75.59 12.66
N TYR K 278 26.87 75.06 11.50
CA TYR K 278 28.22 74.78 11.02
C TYR K 278 28.95 76.09 10.73
N GLU K 279 28.32 76.95 9.92
CA GLU K 279 28.87 78.25 9.58
C GLU K 279 29.08 79.12 10.83
N ASP K 280 28.12 79.10 11.77
CA ASP K 280 28.25 79.83 13.03
C ASP K 280 29.42 79.29 13.85
N LEU K 281 29.63 77.97 13.88
CA LEU K 281 30.67 77.41 14.73
C LEU K 281 32.04 77.84 14.21
N LEU K 282 32.19 77.92 12.88
CA LEU K 282 33.48 78.20 12.27
C LEU K 282 33.84 79.68 12.41
N ASP K 283 32.83 80.57 12.35
CA ASP K 283 32.92 81.96 12.81
C ASP K 283 33.52 82.05 14.22
N LYS K 284 32.83 81.46 15.20
CA LYS K 284 33.28 81.52 16.59
C LYS K 284 34.73 81.07 16.72
N HIS K 285 35.23 80.26 15.76
CA HIS K 285 36.59 79.72 15.83
C HIS K 285 37.54 80.36 14.79
N GLY K 286 37.02 81.17 13.87
CA GLY K 286 37.87 81.84 12.90
C GLY K 286 38.53 80.87 11.93
N LEU K 287 37.71 79.99 11.33
CA LEU K 287 38.15 78.98 10.36
C LEU K 287 37.33 79.13 9.09
N GLU K 288 37.95 78.80 7.95
CA GLU K 288 37.27 78.75 6.67
C GLU K 288 36.50 77.44 6.55
N PRO K 289 35.18 77.48 6.21
CA PRO K 289 34.36 76.27 5.99
C PRO K 289 34.93 75.27 4.98
N GLY K 290 35.36 75.79 3.83
CA GLY K 290 35.99 75.02 2.78
C GLY K 290 37.24 74.31 3.24
N GLU K 291 38.03 74.91 4.13
CA GLU K 291 39.22 74.27 4.66
C GLU K 291 38.85 73.20 5.68
N VAL K 292 37.85 73.45 6.53
CA VAL K 292 37.52 72.54 7.62
C VAL K 292 36.89 71.25 7.07
N ALA K 293 36.14 71.37 5.99
CA ALA K 293 35.47 70.23 5.39
C ALA K 293 36.51 69.23 4.87
N LEU K 294 37.59 69.77 4.29
CA LEU K 294 38.69 68.97 3.77
C LEU K 294 39.48 68.35 4.93
N ALA K 295 39.83 69.18 5.92
CA ALA K 295 40.62 68.73 7.05
C ALA K 295 39.85 67.72 7.89
N TRP K 296 38.53 67.86 7.96
CA TRP K 296 37.72 66.88 8.67
C TRP K 296 37.91 65.51 8.03
N LEU K 297 37.78 65.42 6.70
CA LEU K 297 37.90 64.15 6.02
C LEU K 297 39.28 63.55 6.27
N LEU K 298 40.31 64.39 6.40
CA LEU K 298 41.66 63.89 6.66
C LEU K 298 41.80 63.32 8.08
N THR K 299 40.80 63.44 8.95
CA THR K 299 40.90 62.84 10.28
C THR K 299 40.20 61.48 10.32
N ARG K 300 39.54 61.10 9.23
CA ARG K 300 38.71 59.92 9.24
C ARG K 300 39.57 58.65 9.04
N PRO K 301 39.37 57.59 9.84
CA PRO K 301 40.08 56.34 9.61
C PRO K 301 39.86 55.86 8.17
N GLY K 302 40.97 55.56 7.47
CA GLY K 302 40.93 54.90 6.19
C GLY K 302 40.99 55.88 5.01
N VAL K 303 40.88 57.18 5.29
CA VAL K 303 40.81 58.19 4.24
C VAL K 303 42.21 58.57 3.78
N THR K 304 42.44 58.32 2.49
CA THR K 304 43.64 58.76 1.78
C THR K 304 43.62 60.29 1.67
N GLY K 305 42.55 60.84 1.07
CA GLY K 305 42.30 62.27 1.06
C GLY K 305 41.14 62.67 0.16
N PRO K 306 40.75 63.97 0.13
CA PRO K 306 39.69 64.46 -0.76
C PRO K 306 40.17 64.79 -2.17
N ILE K 307 39.23 64.74 -3.13
CA ILE K 307 39.47 65.28 -4.44
C ILE K 307 39.15 66.77 -4.37
N VAL K 308 40.10 67.58 -4.81
CA VAL K 308 39.91 69.02 -4.94
C VAL K 308 40.10 69.36 -6.42
N GLY K 309 39.15 70.12 -6.97
CA GLY K 309 39.32 70.65 -8.31
C GLY K 309 39.50 72.17 -8.30
N PRO K 310 40.64 72.72 -7.79
CA PRO K 310 40.81 74.16 -7.71
C PRO K 310 40.93 74.77 -9.11
N ARG K 311 40.30 75.93 -9.32
CA ARG K 311 40.32 76.64 -10.61
C ARG K 311 41.39 77.73 -10.59
N THR K 312 41.89 78.06 -9.40
CA THR K 312 42.71 79.23 -9.19
C THR K 312 43.83 78.87 -8.22
N ALA K 313 44.89 79.68 -8.18
CA ALA K 313 45.99 79.45 -7.26
C ALA K 313 45.56 79.68 -5.81
N ASP K 314 44.37 80.24 -5.62
CA ASP K 314 43.86 80.56 -4.30
C ASP K 314 43.06 79.37 -3.79
N GLN K 315 42.25 78.77 -4.67
CA GLN K 315 41.63 77.49 -4.35
C GLN K 315 42.72 76.47 -4.03
N LEU K 316 43.79 76.41 -4.84
CA LEU K 316 44.91 75.52 -4.61
C LEU K 316 45.53 75.80 -3.24
N ALA K 317 45.90 77.06 -2.97
CA ALA K 317 46.58 77.41 -1.73
C ALA K 317 45.73 77.10 -0.50
N SER K 318 44.40 77.28 -0.64
CA SER K 318 43.42 76.98 0.39
C SER K 318 43.42 75.49 0.75
N ALA K 319 43.43 74.62 -0.28
CA ALA K 319 43.38 73.18 -0.10
C ALA K 319 44.68 72.73 0.57
N VAL K 320 45.82 73.32 0.18
CA VAL K 320 47.11 73.06 0.80
C VAL K 320 47.02 73.43 2.28
N ARG K 321 46.44 74.59 2.60
CA ARG K 321 46.32 75.00 3.99
C ARG K 321 45.40 74.04 4.74
N ALA K 322 44.32 73.56 4.08
CA ALA K 322 43.39 72.61 4.66
C ALA K 322 44.11 71.34 5.10
N ALA K 323 45.05 70.89 4.25
CA ALA K 323 45.88 69.73 4.52
C ALA K 323 46.92 70.00 5.63
N GLU K 324 47.15 71.27 6.02
CA GLU K 324 48.13 71.64 7.06
C GLU K 324 47.44 71.94 8.39
N LEU K 325 46.13 72.13 8.36
CA LEU K 325 45.34 72.58 9.49
C LEU K 325 45.22 71.48 10.55
N THR K 326 45.30 71.84 11.83
CA THR K 326 45.03 70.90 12.90
C THR K 326 43.72 71.26 13.59
N LEU K 327 42.71 70.41 13.43
CA LEU K 327 41.43 70.61 14.09
C LEU K 327 41.54 70.12 15.53
N THR K 328 41.16 70.98 16.47
CA THR K 328 41.08 70.66 17.90
C THR K 328 39.95 69.65 18.12
N ASP K 329 40.02 68.92 19.25
CA ASP K 329 39.01 67.93 19.62
C ASP K 329 37.67 68.61 19.91
N GLU K 330 37.73 69.84 20.42
CA GLU K 330 36.54 70.65 20.67
C GLU K 330 35.79 70.89 19.36
N VAL K 331 36.53 71.22 18.29
CA VAL K 331 35.91 71.47 16.99
C VAL K 331 35.39 70.16 16.40
N LEU K 332 36.20 69.09 16.45
CA LEU K 332 35.82 67.74 15.98
C LEU K 332 34.54 67.23 16.67
N THR K 333 34.41 67.45 17.99
CA THR K 333 33.24 67.01 18.73
C THR K 333 31.99 67.81 18.37
N ALA K 334 32.12 69.14 18.25
CA ALA K 334 31.03 69.98 17.77
C ALA K 334 30.57 69.52 16.39
N LEU K 335 31.54 69.36 15.48
CA LEU K 335 31.28 68.91 14.12
C LEU K 335 30.56 67.56 14.09
N ASP K 336 30.99 66.64 14.96
CA ASP K 336 30.37 65.32 15.08
C ASP K 336 28.93 65.41 15.61
N GLU K 337 28.63 66.37 16.50
CA GLU K 337 27.29 66.51 17.06
C GLU K 337 26.34 67.13 16.03
N ILE K 338 26.84 68.08 15.24
CA ILE K 338 26.03 68.74 14.22
C ILE K 338 25.79 67.78 13.06
N PHE K 339 26.86 67.03 12.68
CA PHE K 339 26.82 66.10 11.56
C PHE K 339 27.07 64.68 12.05
N PRO K 340 26.07 64.00 12.66
CA PRO K 340 26.30 62.69 13.28
C PRO K 340 26.53 61.64 12.19
N GLY K 341 27.38 60.66 12.49
CA GLY K 341 27.58 59.55 11.57
C GLY K 341 26.73 58.35 11.96
N PRO K 342 26.44 57.40 11.03
CA PRO K 342 25.57 56.26 11.37
C PRO K 342 26.24 55.16 12.22
N GLY K 343 27.58 55.17 12.30
CA GLY K 343 28.29 54.02 12.79
C GLY K 343 28.33 52.87 11.77
N PRO K 344 29.13 51.80 12.04
CA PRO K 344 29.27 50.68 11.12
C PRO K 344 28.03 49.80 11.26
N SER K 345 27.63 49.18 10.14
CA SER K 345 26.71 48.06 10.18
C SER K 345 27.41 46.87 10.84
N PRO K 346 26.71 45.99 11.60
CA PRO K 346 25.26 46.12 11.86
C PRO K 346 24.82 47.07 12.98
N GLU K 347 25.76 47.61 13.76
CA GLU K 347 25.39 48.47 14.89
C GLU K 347 24.50 49.64 14.43
N ALA K 348 24.69 50.10 13.18
CA ALA K 348 23.99 51.26 12.65
C ALA K 348 22.48 51.05 12.67
N PHE K 349 21.97 49.81 12.54
CA PHE K 349 20.53 49.64 12.40
C PHE K 349 19.98 48.58 13.35
N ALA K 350 20.87 47.83 14.01
CA ALA K 350 20.50 46.69 14.86
C ALA K 350 21.17 46.84 16.23
N TRP K 351 22.29 46.11 16.52
CA TRP K 351 23.00 46.23 17.79
C TRP K 351 24.47 45.77 17.64
N MET L 21 43.40 44.92 35.06
CA MET L 21 44.29 44.18 34.13
C MET L 21 44.07 44.74 32.71
N GLU L 22 45.16 45.02 32.01
CA GLU L 22 45.13 45.33 30.59
C GLU L 22 45.02 44.03 29.76
N TYR L 23 44.13 44.06 28.75
CA TYR L 23 43.88 42.93 27.86
C TYR L 23 44.23 43.32 26.42
N THR L 24 44.52 42.29 25.61
CA THR L 24 44.87 42.47 24.21
C THR L 24 44.47 41.21 23.46
N GLN L 25 44.26 41.36 22.15
CA GLN L 25 44.18 40.22 21.24
C GLN L 25 45.56 39.58 21.19
N LEU L 26 45.63 38.24 21.16
CA LEU L 26 46.91 37.59 20.86
C LEU L 26 47.19 37.69 19.37
N GLY L 27 48.10 38.59 19.00
CA GLY L 27 48.34 38.89 17.60
C GLY L 27 47.02 39.20 16.88
N ARG L 28 46.80 38.50 15.77
CA ARG L 28 45.72 38.79 14.81
C ARG L 28 44.48 37.97 15.17
N ILE L 29 44.61 37.04 16.10
CA ILE L 29 43.50 36.10 16.39
C ILE L 29 42.52 36.67 17.42
N GLY L 30 41.45 35.89 17.62
CA GLY L 30 40.26 36.35 18.32
C GLY L 30 40.36 36.09 19.81
N LEU L 31 41.40 35.34 20.19
CA LEU L 31 41.72 35.10 21.58
C LEU L 31 42.21 36.38 22.30
N LYS L 32 41.52 36.71 23.38
CA LYS L 32 41.88 37.85 24.20
C LYS L 32 42.66 37.37 25.43
N VAL L 33 43.81 38.01 25.67
CA VAL L 33 44.64 37.60 26.79
C VAL L 33 45.03 38.83 27.62
N SER L 34 45.27 38.58 28.91
CA SER L 34 45.95 39.52 29.80
C SER L 34 47.37 39.79 29.28
N ARG L 35 47.85 41.03 29.47
CA ARG L 35 49.16 41.48 28.99
C ARG L 35 50.26 41.00 29.93
N LEU L 36 49.86 40.40 31.05
CA LEU L 36 50.76 39.60 31.87
C LEU L 36 50.42 38.14 31.62
N VAL L 37 51.46 37.33 31.42
CA VAL L 37 51.34 35.90 31.21
C VAL L 37 51.93 35.17 32.41
N LEU L 38 51.12 34.33 33.05
CA LEU L 38 51.60 33.65 34.23
C LEU L 38 52.46 32.48 33.81
N GLY L 39 53.78 32.56 34.07
CA GLY L 39 54.68 31.42 33.96
C GLY L 39 54.67 30.54 35.21
N THR L 40 54.75 29.21 34.98
CA THR L 40 54.60 28.20 36.01
C THR L 40 55.91 27.44 36.27
N MET L 41 57.02 27.83 35.63
CA MET L 41 58.30 27.11 35.70
C MET L 41 58.72 26.81 37.15
N ASN L 42 58.43 27.75 38.06
CA ASN L 42 58.76 27.64 39.48
C ASN L 42 57.86 26.64 40.20
N PHE L 43 56.64 26.39 39.71
CA PHE L 43 55.70 25.51 40.40
C PHE L 43 56.21 24.07 40.34
N GLY L 44 56.72 23.60 41.48
CA GLY L 44 57.23 22.24 41.62
C GLY L 44 58.63 22.24 42.21
N PRO L 45 59.65 22.65 41.43
CA PRO L 45 61.03 22.68 41.94
C PRO L 45 61.30 23.73 43.02
N THR L 46 60.66 24.89 42.93
CA THR L 46 60.93 26.03 43.80
C THR L 46 59.72 26.37 44.68
N THR L 47 58.50 26.24 44.13
CA THR L 47 57.29 26.60 44.83
C THR L 47 56.42 25.36 44.92
N ASP L 48 55.85 25.13 46.10
CA ASP L 48 55.21 23.85 46.37
C ASP L 48 53.80 23.90 45.80
N GLU L 49 53.09 22.78 45.84
CA GLU L 49 51.80 22.65 45.18
C GLU L 49 50.77 23.63 45.76
N ALA L 50 50.76 23.78 47.09
CA ALA L 50 49.74 24.59 47.76
C ALA L 50 49.91 26.08 47.44
N GLU L 51 51.15 26.60 47.46
CA GLU L 51 51.40 27.99 47.14
C GLU L 51 51.29 28.24 45.63
N SER L 52 51.63 27.25 44.79
CA SER L 52 51.37 27.34 43.36
C SER L 52 49.87 27.55 43.10
N HIS L 53 49.03 26.73 43.74
CA HIS L 53 47.58 26.87 43.67
C HIS L 53 47.14 28.25 44.14
N ALA L 54 47.65 28.73 45.29
CA ALA L 54 47.30 30.05 45.78
C ALA L 54 47.73 31.13 44.80
N ILE L 55 48.92 31.00 44.18
CA ILE L 55 49.39 31.98 43.21
C ILE L 55 48.44 32.01 42.00
N MET L 56 47.97 30.84 41.57
CA MET L 56 47.15 30.70 40.37
C MET L 56 45.75 31.30 40.62
N ASP L 57 45.21 31.14 41.84
CA ASP L 57 43.93 31.74 42.22
C ASP L 57 44.08 33.26 42.33
N ALA L 58 45.23 33.73 42.82
CA ALA L 58 45.48 35.15 42.92
C ALA L 58 45.66 35.73 41.53
N ALA L 59 46.21 34.94 40.61
CA ALA L 59 46.30 35.34 39.20
C ALA L 59 44.89 35.54 38.61
N LEU L 60 43.97 34.59 38.82
CA LEU L 60 42.61 34.73 38.31
C LEU L 60 41.94 35.98 38.87
N ASP L 61 42.03 36.17 40.20
CA ASP L 61 41.48 37.31 40.91
C ASP L 61 41.99 38.64 40.37
N ALA L 62 43.23 38.68 39.87
CA ALA L 62 43.78 39.87 39.21
C ALA L 62 43.36 39.96 37.75
N GLY L 63 42.60 38.97 37.25
CA GLY L 63 42.15 38.97 35.87
C GLY L 63 43.17 38.41 34.88
N ILE L 64 44.22 37.75 35.37
CA ILE L 64 45.19 37.08 34.51
C ILE L 64 44.58 35.74 34.09
N ASN L 65 44.44 35.56 32.78
CA ASN L 65 43.69 34.46 32.21
C ASN L 65 44.60 33.55 31.37
N PHE L 66 45.85 33.97 31.16
CA PHE L 66 46.77 33.32 30.25
C PHE L 66 47.89 32.66 31.06
N PHE L 67 47.91 31.31 31.10
CA PHE L 67 48.94 30.57 31.84
C PHE L 67 49.81 29.75 30.90
N ASP L 68 51.14 29.82 31.13
CA ASP L 68 52.11 29.15 30.30
C ASP L 68 52.88 28.09 31.11
N THR L 69 53.06 26.90 30.52
CA THR L 69 53.75 25.83 31.19
C THR L 69 54.52 25.05 30.14
N ALA L 70 55.04 23.89 30.55
CA ALA L 70 55.80 23.06 29.64
C ALA L 70 55.88 21.64 30.20
N ASN L 71 55.91 20.65 29.30
CA ASN L 71 56.07 19.26 29.71
C ASN L 71 57.38 19.12 30.54
N VAL L 72 58.46 19.80 30.14
CA VAL L 72 59.73 19.61 30.84
C VAL L 72 59.77 20.34 32.20
N TYR L 73 58.80 21.19 32.55
CA TYR L 73 58.91 21.91 33.82
C TYR L 73 58.78 20.91 34.97
N GLY L 74 59.51 21.16 36.07
CA GLY L 74 59.74 20.19 37.13
C GLY L 74 61.22 19.81 37.24
N TRP L 75 61.89 19.62 36.08
CA TRP L 75 63.33 19.39 35.92
C TRP L 75 63.79 18.02 36.47
N GLY L 76 64.85 17.48 35.87
CA GLY L 76 65.42 16.20 36.27
C GLY L 76 64.42 15.04 36.21
N GLU L 77 64.38 14.24 37.28
CA GLU L 77 63.50 13.09 37.39
C GLU L 77 62.04 13.52 37.60
N ASN L 78 61.81 14.82 37.78
CA ASN L 78 60.48 15.33 38.11
C ASN L 78 59.88 16.13 36.95
N LYS L 79 60.46 15.99 35.74
CA LYS L 79 59.88 16.60 34.55
C LYS L 79 58.42 16.19 34.44
N GLY L 80 57.56 17.17 34.16
CA GLY L 80 56.12 16.95 34.10
C GLY L 80 55.40 17.31 35.40
N ARG L 81 56.11 17.50 36.50
CA ARG L 81 55.46 17.91 37.76
C ARG L 81 54.66 19.20 37.65
N THR L 82 55.18 20.16 36.91
CA THR L 82 54.46 21.43 36.81
C THR L 82 53.06 21.22 36.22
N GLU L 83 52.99 20.46 35.11
CA GLU L 83 51.72 20.09 34.48
C GLU L 83 50.79 19.39 35.47
N GLU L 84 51.32 18.49 36.32
CA GLU L 84 50.49 17.82 37.32
C GLU L 84 49.94 18.83 38.33
N ILE L 85 50.74 19.81 38.75
CA ILE L 85 50.28 20.82 39.70
C ILE L 85 49.15 21.66 39.09
N LEU L 86 49.22 21.94 37.77
CA LEU L 86 48.12 22.62 37.10
C LEU L 86 46.90 21.68 37.02
N GLY L 87 47.14 20.38 36.80
CA GLY L 87 46.06 19.42 36.76
C GLY L 87 45.24 19.33 38.05
N SER L 88 45.95 19.22 39.18
CA SER L 88 45.35 19.18 40.51
C SER L 88 44.63 20.49 40.83
N TRP L 89 45.08 21.62 40.25
CA TRP L 89 44.40 22.90 40.40
C TRP L 89 43.07 22.93 39.65
N PHE L 90 43.08 22.51 38.38
CA PHE L 90 41.85 22.40 37.61
C PHE L 90 40.86 21.45 38.31
N ALA L 91 41.36 20.38 38.94
CA ALA L 91 40.47 19.35 39.51
C ALA L 91 39.75 19.81 40.78
N GLN L 92 40.10 20.99 41.33
CA GLN L 92 39.33 21.61 42.39
C GLN L 92 38.02 22.24 41.86
N GLY L 93 37.82 22.29 40.54
CA GLY L 93 36.66 22.93 39.94
C GLY L 93 36.70 24.44 40.12
N GLY L 94 35.52 25.04 40.36
CA GLY L 94 35.37 26.49 40.51
C GLY L 94 35.60 27.27 39.21
N ASP L 95 35.34 26.63 38.06
CA ASP L 95 35.52 27.26 36.74
C ASP L 95 36.98 27.58 36.40
N ARG L 96 37.94 26.92 37.05
CA ARG L 96 39.35 27.25 36.90
C ARG L 96 39.82 26.89 35.48
N ARG L 97 39.60 25.65 35.04
CA ARG L 97 39.99 25.25 33.71
C ARG L 97 39.35 26.17 32.67
N ASP L 98 38.04 26.45 32.82
CA ASP L 98 37.27 27.15 31.82
C ASP L 98 37.69 28.62 31.72
N LYS L 99 38.30 29.15 32.77
CA LYS L 99 38.69 30.55 32.80
C LYS L 99 40.08 30.77 32.22
N VAL L 100 40.91 29.73 32.12
CA VAL L 100 42.27 30.00 31.66
C VAL L 100 42.47 29.55 30.20
N VAL L 101 43.30 30.36 29.53
CA VAL L 101 43.98 29.97 28.33
C VAL L 101 45.23 29.20 28.72
N LEU L 102 45.20 27.87 28.52
CA LEU L 102 46.26 26.96 28.90
C LEU L 102 47.20 26.71 27.72
N ALA L 103 48.46 27.08 27.97
CA ALA L 103 49.55 26.88 27.04
C ALA L 103 50.55 25.90 27.65
N THR L 104 51.00 24.95 26.83
CA THR L 104 52.15 24.14 27.17
C THR L 104 53.00 23.97 25.90
N LYS L 105 54.04 23.11 25.98
CA LYS L 105 55.09 23.03 24.99
C LYS L 105 55.41 21.57 24.67
N VAL L 106 55.91 21.42 23.44
CA VAL L 106 56.50 20.19 22.93
C VAL L 106 57.87 20.52 22.31
N TYR L 107 58.84 19.58 22.48
CA TYR L 107 60.17 19.59 21.89
C TYR L 107 61.22 18.93 22.80
N GLY L 108 61.12 19.19 24.10
CA GLY L 108 62.07 18.75 25.08
C GLY L 108 62.05 17.25 25.36
N ASN L 109 63.23 16.77 25.75
CA ASN L 109 63.44 15.42 26.23
C ASN L 109 62.73 15.28 27.57
N MET L 110 61.75 14.36 27.65
CA MET L 110 61.07 14.05 28.90
C MET L 110 61.71 12.86 29.63
N GLY L 111 62.71 12.20 29.05
CA GLY L 111 63.38 11.09 29.73
C GLY L 111 64.54 11.56 30.62
N LEU L 112 65.50 10.67 30.87
CA LEU L 112 66.73 10.98 31.61
C LEU L 112 67.50 12.13 30.96
N ASP L 113 67.88 13.13 31.77
CA ASP L 113 68.67 14.26 31.31
C ASP L 113 70.02 13.78 30.73
N GLY L 114 70.42 14.43 29.64
CA GLY L 114 71.50 13.97 28.79
C GLY L 114 71.01 13.78 27.36
N PRO L 115 71.67 12.91 26.56
CA PRO L 115 71.23 12.67 25.17
C PRO L 115 69.92 11.88 25.08
N ALA L 116 68.97 12.44 24.32
CA ALA L 116 67.66 11.83 24.19
C ALA L 116 67.75 10.62 23.27
N TRP L 117 66.91 9.62 23.56
CA TRP L 117 66.61 8.55 22.63
C TRP L 117 66.05 9.20 21.35
N PRO L 118 66.33 8.67 20.14
CA PRO L 118 65.86 9.33 18.90
C PRO L 118 64.34 9.39 18.89
N ASN L 119 63.85 10.61 18.61
CA ASN L 119 62.45 10.91 18.42
C ASN L 119 61.75 11.10 19.77
N HIS L 120 62.52 11.19 20.87
CA HIS L 120 61.96 11.50 22.18
C HIS L 120 62.27 12.93 22.59
N ASP L 121 62.84 13.69 21.65
CA ASP L 121 62.85 15.15 21.66
C ASP L 121 62.58 15.63 20.23
N LYS L 122 62.54 16.96 20.03
CA LYS L 122 62.36 17.60 18.73
C LYS L 122 60.92 17.46 18.23
N LEU L 123 60.67 17.79 16.94
CA LEU L 123 59.31 18.07 16.44
C LEU L 123 58.84 17.09 15.35
N SER L 124 59.34 15.85 15.36
CA SER L 124 58.78 14.78 14.52
C SER L 124 57.32 14.59 14.88
N ALA L 125 56.48 14.25 13.91
CA ALA L 125 55.10 13.89 14.19
C ALA L 125 55.07 12.78 15.26
N LEU L 126 56.11 11.94 15.32
CA LEU L 126 56.22 10.90 16.35
C LEU L 126 56.34 11.54 17.75
N ASN L 127 57.29 12.45 17.95
CA ASN L 127 57.44 13.08 19.26
C ASN L 127 56.22 13.93 19.61
N ILE L 128 55.59 14.59 18.62
CA ILE L 128 54.44 15.40 18.95
C ILE L 128 53.29 14.54 19.48
N ARG L 129 53.07 13.40 18.85
CA ARG L 129 51.98 12.54 19.27
C ARG L 129 52.19 12.05 20.70
N ARG L 130 53.41 11.61 21.03
CA ARG L 130 53.65 11.02 22.34
C ARG L 130 53.67 12.13 23.40
N SER L 131 54.17 13.33 23.07
CA SER L 131 54.30 14.42 24.02
C SER L 131 52.93 14.97 24.42
N VAL L 132 52.05 15.18 23.44
CA VAL L 132 50.77 15.78 23.72
C VAL L 132 49.88 14.86 24.57
N ASP L 133 49.90 13.55 24.32
CA ASP L 133 49.16 12.58 25.15
C ASP L 133 49.63 12.61 26.60
N ALA L 134 50.94 12.60 26.84
CA ALA L 134 51.43 12.68 28.20
C ALA L 134 51.06 14.04 28.84
N SER L 135 51.13 15.16 28.09
CA SER L 135 50.81 16.47 28.66
C SER L 135 49.34 16.56 29.06
N LEU L 136 48.43 16.05 28.21
CA LEU L 136 47.00 16.06 28.50
C LEU L 136 46.69 15.25 29.76
N LYS L 137 47.39 14.12 29.93
CA LYS L 137 47.20 13.25 31.08
C LYS L 137 47.63 13.96 32.35
N ARG L 138 48.86 14.45 32.36
CA ARG L 138 49.39 15.21 33.49
C ARG L 138 48.48 16.40 33.80
N LEU L 139 48.04 17.16 32.79
CA LEU L 139 47.23 18.36 32.99
C LEU L 139 45.78 18.00 33.34
N GLY L 140 45.39 16.73 33.24
CA GLY L 140 44.05 16.33 33.64
C GLY L 140 42.97 17.17 32.95
N THR L 141 43.18 17.43 31.64
CA THR L 141 42.23 18.13 30.78
C THR L 141 42.20 17.41 29.44
N ASP L 142 41.12 17.64 28.68
CA ASP L 142 40.91 17.02 27.38
C ASP L 142 41.45 17.90 26.25
N HIS L 143 41.90 19.12 26.57
CA HIS L 143 42.38 20.01 25.51
C HIS L 143 43.36 21.05 26.07
N ILE L 144 44.34 21.35 25.23
CA ILE L 144 45.27 22.43 25.46
C ILE L 144 44.86 23.58 24.56
N ASP L 145 44.90 24.82 25.06
CA ASP L 145 44.47 25.97 24.26
C ASP L 145 45.57 26.43 23.27
N LEU L 146 46.80 26.53 23.75
CA LEU L 146 47.90 26.99 22.94
C LEU L 146 49.03 26.01 23.13
N TYR L 147 49.25 25.16 22.10
CA TYR L 147 50.31 24.19 22.09
C TYR L 147 51.51 24.77 21.35
N GLN L 148 52.66 24.85 22.03
CA GLN L 148 53.76 25.66 21.51
C GLN L 148 54.94 24.76 21.22
N PHE L 149 55.64 25.03 20.12
CA PHE L 149 56.95 24.42 19.91
C PHE L 149 57.91 25.11 20.85
N HIS L 150 58.69 24.35 21.64
CA HIS L 150 59.61 24.91 22.62
C HIS L 150 60.85 25.53 21.96
N HIS L 151 61.14 25.07 20.75
CA HIS L 151 62.31 25.50 20.01
C HIS L 151 62.10 25.13 18.54
N VAL L 152 62.72 25.88 17.62
CA VAL L 152 62.79 25.46 16.22
C VAL L 152 63.54 24.13 16.08
N ASP L 153 62.98 23.25 15.23
CA ASP L 153 63.61 22.01 14.79
C ASP L 153 63.82 22.11 13.28
N ARG L 154 65.04 22.41 12.91
CA ARG L 154 65.37 22.55 11.51
C ARG L 154 65.42 21.25 10.71
N ASP L 155 65.31 20.12 11.39
CA ASP L 155 65.35 18.86 10.67
C ASP L 155 63.94 18.36 10.33
N THR L 156 62.89 19.00 10.85
CA THR L 156 61.52 18.63 10.56
C THR L 156 60.85 19.64 9.60
N PRO L 157 60.37 19.19 8.43
CA PRO L 157 59.69 20.08 7.49
C PRO L 157 58.30 20.46 8.00
N TRP L 158 57.76 21.60 7.51
CA TRP L 158 56.51 22.14 8.02
C TRP L 158 55.29 21.36 7.55
N ASP L 159 55.38 20.62 6.45
CA ASP L 159 54.22 19.79 6.10
C ASP L 159 54.06 18.59 7.05
N GLU L 160 55.15 18.06 7.63
CA GLU L 160 55.08 17.04 8.68
C GLU L 160 54.50 17.68 9.96
N ILE L 161 55.05 18.81 10.39
CA ILE L 161 54.63 19.47 11.63
C ILE L 161 53.15 19.84 11.52
N TRP L 162 52.73 20.46 10.39
CA TRP L 162 51.34 20.87 10.28
C TRP L 162 50.41 19.65 10.17
N GLN L 163 50.85 18.53 9.58
CA GLN L 163 50.08 17.29 9.67
C GLN L 163 49.79 16.93 11.14
N ALA L 164 50.85 16.80 11.94
CA ALA L 164 50.70 16.44 13.35
C ALA L 164 49.77 17.39 14.11
N MET L 165 49.91 18.72 13.92
CA MET L 165 49.07 19.68 14.65
C MET L 165 47.63 19.64 14.16
N ASP L 166 47.44 19.37 12.87
CA ASP L 166 46.12 19.32 12.29
C ASP L 166 45.33 18.12 12.82
N VAL L 167 46.02 16.99 13.07
CA VAL L 167 45.37 15.82 13.64
C VAL L 167 44.78 16.18 15.01
N LEU L 168 45.56 16.92 15.82
CA LEU L 168 45.17 17.32 17.17
C LEU L 168 44.06 18.35 17.17
N VAL L 169 44.12 19.30 16.22
CA VAL L 169 43.04 20.28 16.05
C VAL L 169 41.73 19.59 15.70
N ARG L 170 41.72 18.72 14.70
CA ARG L 170 40.50 18.06 14.26
C ARG L 170 39.94 17.13 15.32
N GLN L 171 40.81 16.53 16.12
CA GLN L 171 40.33 15.75 17.26
C GLN L 171 39.93 16.60 18.47
N GLY L 172 40.08 17.94 18.42
CA GLY L 172 39.69 18.79 19.52
C GLY L 172 40.65 18.73 20.71
N LYS L 173 41.87 18.21 20.51
CA LYS L 173 42.85 18.15 21.59
C LYS L 173 43.68 19.44 21.73
N ILE L 174 43.75 20.27 20.68
CA ILE L 174 44.31 21.61 20.75
C ILE L 174 43.46 22.57 19.95
N LEU L 175 43.58 23.87 20.24
CA LEU L 175 42.94 24.93 19.48
C LEU L 175 43.95 25.66 18.60
N TYR L 176 45.02 26.14 19.25
CA TYR L 176 45.97 27.07 18.66
C TYR L 176 47.37 26.48 18.81
N VAL L 177 48.22 26.92 17.87
CA VAL L 177 49.62 26.51 17.81
C VAL L 177 50.45 27.78 17.91
N GLY L 178 51.53 27.70 18.67
CA GLY L 178 52.50 28.78 18.69
C GLY L 178 53.92 28.22 18.70
N SER L 179 54.88 29.13 18.67
CA SER L 179 56.30 28.82 18.59
C SER L 179 56.99 29.46 19.77
N SER L 180 58.22 28.99 19.95
CA SER L 180 59.11 29.54 20.95
C SER L 180 60.54 29.33 20.48
N ASN L 181 61.39 30.36 20.61
CA ASN L 181 62.76 30.27 20.16
C ASN L 181 62.80 29.83 18.70
N PHE L 182 62.14 30.63 17.86
CA PHE L 182 62.25 30.55 16.42
C PHE L 182 63.08 31.72 15.88
N ALA L 183 63.56 31.59 14.64
CA ALA L 183 64.04 32.72 13.88
C ALA L 183 62.88 33.32 13.10
N GLY L 184 62.99 34.60 12.75
CA GLY L 184 61.93 35.24 11.98
C GLY L 184 61.51 34.45 10.72
N TRP L 185 62.50 33.96 9.97
CA TRP L 185 62.22 33.21 8.75
C TRP L 185 61.48 31.89 9.03
N ASN L 186 61.65 31.28 10.23
CA ASN L 186 60.92 30.07 10.58
C ASN L 186 59.45 30.40 10.74
N ILE L 187 59.18 31.56 11.33
CA ILE L 187 57.82 32.04 11.50
C ILE L 187 57.18 32.22 10.13
N ALA L 188 57.86 32.96 9.23
CA ALA L 188 57.33 33.19 7.90
C ALA L 188 57.08 31.84 7.20
N GLN L 189 58.03 30.91 7.29
CA GLN L 189 57.91 29.69 6.52
C GLN L 189 56.69 28.90 7.01
N ALA L 190 56.53 28.87 8.33
CA ALA L 190 55.49 28.11 9.01
C ALA L 190 54.13 28.63 8.60
N ASN L 191 53.93 29.95 8.65
CA ASN L 191 52.60 30.50 8.44
C ASN L 191 52.26 30.56 6.96
N GLU L 192 53.25 30.77 6.11
CA GLU L 192 53.03 30.61 4.67
C GLU L 192 52.64 29.18 4.35
N THR L 193 53.30 28.20 4.95
CA THR L 193 52.95 26.81 4.68
C THR L 193 51.55 26.47 5.19
N ALA L 194 51.21 26.96 6.37
CA ALA L 194 49.86 26.80 6.88
C ALA L 194 48.83 27.40 5.94
N ALA L 195 49.06 28.65 5.48
CA ALA L 195 48.06 29.39 4.73
C ALA L 195 47.79 28.76 3.37
N ARG L 196 48.81 28.15 2.75
CA ARG L 196 48.60 27.47 1.48
C ARG L 196 47.41 26.52 1.54
N HIS L 197 47.22 25.82 2.66
CA HIS L 197 46.13 24.86 2.68
C HIS L 197 45.04 25.25 3.66
N GLY L 198 44.86 26.54 3.93
CA GLY L 198 43.71 27.02 4.69
C GLY L 198 43.81 26.87 6.22
N ARG L 199 44.95 26.37 6.72
CA ARG L 199 45.19 26.24 8.14
C ARG L 199 45.53 27.58 8.82
N LEU L 200 45.11 27.70 10.08
CA LEU L 200 45.57 28.76 10.95
C LEU L 200 47.00 28.42 11.37
N GLY L 201 47.90 29.38 11.18
CA GLY L 201 49.30 29.12 11.48
C GLY L 201 49.63 29.48 12.94
N LEU L 202 50.91 29.72 13.20
CA LEU L 202 51.36 30.21 14.48
C LEU L 202 50.55 31.44 14.82
N VAL L 203 50.08 31.50 16.06
CA VAL L 203 49.38 32.64 16.61
C VAL L 203 50.26 33.41 17.59
N SER L 204 51.41 32.84 17.97
CA SER L 204 52.31 33.53 18.90
C SER L 204 53.71 32.97 18.86
N GLU L 205 54.67 33.81 19.26
CA GLU L 205 56.08 33.49 19.43
C GLU L 205 56.52 33.92 20.83
N GLN L 206 57.16 32.99 21.51
CA GLN L 206 57.69 33.22 22.82
C GLN L 206 59.19 33.31 22.65
N CYS L 207 59.73 34.53 22.71
CA CYS L 207 61.14 34.75 22.50
C CYS L 207 61.74 35.44 23.72
N LEU L 208 63.04 35.23 23.93
CA LEU L 208 63.80 35.94 24.94
C LEU L 208 63.92 37.39 24.48
N TYR L 209 63.33 38.29 25.26
CA TYR L 209 63.31 39.71 24.95
C TYR L 209 63.29 40.44 26.28
N ASN L 210 64.31 41.28 26.51
CA ASN L 210 64.38 42.15 27.69
C ASN L 210 65.37 43.29 27.41
N LEU L 211 65.51 44.21 28.39
CA LEU L 211 66.39 45.35 28.23
C LEU L 211 67.80 44.88 27.87
N CYS L 212 68.25 43.79 28.49
CA CYS L 212 69.62 43.36 28.28
C CYS L 212 69.76 42.68 26.92
N GLU L 213 68.73 41.93 26.52
CA GLU L 213 68.83 41.13 25.32
C GLU L 213 67.75 41.55 24.34
N ARG L 214 68.13 42.37 23.37
CA ARG L 214 67.20 42.99 22.44
C ARG L 214 67.34 42.47 21.01
N ARG L 215 68.10 41.39 20.79
CA ARG L 215 68.38 40.98 19.41
C ARG L 215 67.18 40.30 18.73
N ALA L 216 66.11 39.98 19.50
CA ALA L 216 64.85 39.61 18.87
C ALA L 216 64.30 40.75 17.99
N GLU L 217 64.77 41.99 18.18
CA GLU L 217 64.29 43.11 17.38
C GLU L 217 64.80 43.08 15.94
N MET L 218 65.87 42.32 15.69
CA MET L 218 66.46 42.30 14.35
C MET L 218 65.47 41.70 13.38
N GLU L 219 64.91 40.55 13.69
CA GLU L 219 64.05 39.85 12.74
C GLU L 219 62.92 39.04 13.36
N VAL L 220 63.10 38.55 14.59
CA VAL L 220 62.09 37.69 15.17
C VAL L 220 60.80 38.50 15.37
N VAL L 221 60.94 39.71 15.92
CA VAL L 221 59.78 40.52 16.22
C VAL L 221 59.19 41.16 14.96
N PRO L 222 59.98 41.76 14.05
CA PRO L 222 59.43 42.22 12.77
C PRO L 222 58.62 41.14 12.05
N ALA L 223 59.12 39.89 12.02
CA ALA L 223 58.43 38.78 11.35
C ALA L 223 57.10 38.46 12.03
N ALA L 224 57.16 38.37 13.36
CA ALA L 224 55.96 38.11 14.15
C ALA L 224 54.92 39.20 13.88
N ARG L 225 55.35 40.45 13.84
CA ARG L 225 54.44 41.57 13.57
C ARG L 225 53.85 41.43 12.16
N GLU L 226 54.68 41.13 11.16
CA GLU L 226 54.18 40.99 9.81
C GLU L 226 53.11 39.89 9.70
N TYR L 227 53.33 38.73 10.35
CA TYR L 227 52.43 37.60 10.22
C TYR L 227 51.31 37.68 11.27
N GLY L 228 51.29 38.75 12.08
CA GLY L 228 50.30 38.84 13.14
C GLY L 228 50.37 37.74 14.21
N LEU L 229 51.59 37.39 14.65
CA LEU L 229 51.78 36.63 15.87
C LEU L 229 51.80 37.57 17.09
N GLY L 230 51.19 37.12 18.18
CA GLY L 230 51.50 37.70 19.48
C GLY L 230 52.97 37.48 19.81
N VAL L 231 53.56 38.40 20.61
CA VAL L 231 54.92 38.24 21.06
C VAL L 231 54.93 38.21 22.58
N ILE L 232 55.38 37.06 23.10
CA ILE L 232 55.44 36.79 24.51
C ILE L 232 56.91 36.76 24.90
N ALA L 233 57.31 37.60 25.88
CA ALA L 233 58.71 37.74 26.24
C ALA L 233 59.04 36.83 27.41
N TRP L 234 59.94 35.87 27.20
CA TRP L 234 60.43 35.04 28.32
C TRP L 234 61.72 35.64 28.88
N SER L 235 61.98 35.26 30.14
CA SER L 235 63.07 35.83 30.93
C SER L 235 63.05 37.35 30.83
N PRO L 236 61.92 38.00 31.19
CA PRO L 236 61.78 39.46 31.04
C PRO L 236 62.71 40.28 31.94
N LEU L 237 63.23 39.63 33.00
CA LEU L 237 64.23 40.21 33.88
C LEU L 237 65.61 39.62 33.63
N HIS L 238 65.83 38.89 32.54
CA HIS L 238 67.13 38.33 32.19
C HIS L 238 67.74 37.56 33.35
N GLY L 239 66.99 36.55 33.82
CA GLY L 239 67.37 35.71 34.93
C GLY L 239 67.56 36.48 36.25
N GLY L 240 66.80 37.56 36.47
CA GLY L 240 66.90 38.35 37.69
C GLY L 240 67.92 39.48 37.61
N LEU L 241 68.68 39.54 36.53
CA LEU L 241 69.67 40.59 36.42
C LEU L 241 69.07 42.00 36.47
N LEU L 242 67.82 42.15 36.00
CA LEU L 242 67.14 43.44 35.97
C LEU L 242 66.20 43.57 37.18
N GLY L 243 66.36 42.67 38.15
CA GLY L 243 65.44 42.61 39.27
C GLY L 243 65.94 43.39 40.49
N GLY L 244 67.05 44.12 40.32
CA GLY L 244 67.71 44.77 41.44
C GLY L 244 68.79 43.87 42.03
N ALA L 245 69.59 43.27 41.12
CA ALA L 245 70.60 42.27 41.42
C ALA L 245 71.73 42.86 42.26
N ILE L 246 72.13 44.11 41.95
CA ILE L 246 73.28 44.73 42.61
C ILE L 246 72.91 45.18 44.04
N ARG L 247 71.63 45.29 44.35
CA ARG L 247 71.23 45.56 45.72
C ARG L 247 71.11 44.20 46.37
N LYS L 248 71.32 43.12 45.63
CA LYS L 248 71.29 41.74 46.14
C LYS L 248 69.90 41.42 46.65
N PRO L 269 81.52 43.09 34.25
CA PRO L 269 82.36 44.29 34.37
C PRO L 269 81.78 45.44 33.61
N GLN L 270 81.55 45.26 32.33
CA GLN L 270 80.91 46.30 31.56
C GLN L 270 79.44 46.08 31.81
N GLN L 271 79.08 44.84 32.01
CA GLN L 271 77.71 44.54 32.29
C GLN L 271 77.31 45.06 33.67
N ARG L 272 78.21 44.99 34.63
CA ARG L 272 77.90 45.49 35.94
C ARG L 272 77.69 46.98 35.89
N GLU L 273 78.54 47.67 35.14
CA GLU L 273 78.43 49.10 35.03
C GLU L 273 77.09 49.43 34.41
N GLN L 274 76.64 48.61 33.49
CA GLN L 274 75.38 48.81 32.80
C GLN L 274 74.19 48.69 33.76
N ILE L 275 74.19 47.60 34.58
CA ILE L 275 73.14 47.33 35.55
C ILE L 275 73.20 48.34 36.71
N GLN L 276 74.42 48.76 37.08
CA GLN L 276 74.62 49.78 38.10
C GLN L 276 73.91 51.08 37.69
N ARG L 277 74.10 51.52 36.42
CA ARG L 277 73.45 52.73 35.92
C ARG L 277 71.92 52.58 35.90
N TYR L 278 71.46 51.33 35.69
CA TYR L 278 70.05 51.00 35.62
C TYR L 278 69.40 51.21 36.99
N GLU L 279 70.00 50.59 38.01
CA GLU L 279 69.52 50.66 39.38
C GLU L 279 69.61 52.09 39.90
N ASP L 280 70.71 52.79 39.59
CA ASP L 280 70.86 54.19 39.98
C ASP L 280 69.80 55.05 39.33
N LEU L 281 69.55 54.82 38.03
CA LEU L 281 68.54 55.58 37.32
C LEU L 281 67.19 55.39 37.99
N LEU L 282 66.91 54.19 38.48
CA LEU L 282 65.56 53.91 38.94
C LEU L 282 65.34 54.38 40.38
N ASP L 283 66.42 54.43 41.20
CA ASP L 283 66.41 55.09 42.50
C ASP L 283 65.86 56.51 42.34
N LYS L 284 66.56 57.31 41.52
CA LYS L 284 66.24 58.70 41.28
C LYS L 284 64.77 58.89 40.88
N HIS L 285 64.20 57.96 40.08
CA HIS L 285 62.84 58.15 39.62
C HIS L 285 61.86 57.37 40.48
N GLY L 286 62.36 56.74 41.55
CA GLY L 286 61.54 56.02 42.51
C GLY L 286 60.78 54.81 41.93
N LEU L 287 61.48 53.94 41.16
CA LEU L 287 60.84 52.80 40.49
C LEU L 287 61.53 51.50 40.92
N GLU L 288 60.75 50.43 41.09
CA GLU L 288 61.28 49.10 41.39
C GLU L 288 61.83 48.44 40.13
N PRO L 289 63.12 48.01 40.11
CA PRO L 289 63.73 47.49 38.89
C PRO L 289 62.96 46.35 38.23
N GLY L 290 62.41 45.46 39.05
CA GLY L 290 61.64 44.33 38.57
C GLY L 290 60.41 44.78 37.79
N GLU L 291 59.75 45.82 38.29
CA GLU L 291 58.49 46.26 37.71
C GLU L 291 58.77 47.00 36.39
N VAL L 292 59.94 47.68 36.33
CA VAL L 292 60.31 48.48 35.19
C VAL L 292 60.69 47.59 33.99
N ALA L 293 61.42 46.49 34.26
CA ALA L 293 61.72 45.49 33.24
C ALA L 293 60.45 44.97 32.57
N LEU L 294 59.42 44.65 33.36
CA LEU L 294 58.13 44.23 32.82
C LEU L 294 57.45 45.36 32.03
N ALA L 295 57.27 46.51 32.68
CA ALA L 295 56.61 47.65 32.06
C ALA L 295 57.28 48.08 30.76
N TRP L 296 58.61 47.98 30.70
CA TRP L 296 59.33 48.36 29.51
C TRP L 296 58.90 47.47 28.33
N LEU L 297 58.85 46.15 28.56
CA LEU L 297 58.45 45.20 27.52
C LEU L 297 57.06 45.54 27.00
N LEU L 298 56.18 46.00 27.91
CA LEU L 298 54.83 46.34 27.55
C LEU L 298 54.76 47.57 26.64
N THR L 299 55.84 48.35 26.52
CA THR L 299 55.83 49.49 25.59
C THR L 299 56.39 49.10 24.22
N ARG L 300 56.90 47.88 24.06
CA ARG L 300 57.60 47.50 22.83
C ARG L 300 56.56 47.11 21.78
N PRO L 301 56.62 47.67 20.55
CA PRO L 301 55.64 47.35 19.52
C PRO L 301 55.65 45.85 19.19
N GLY L 302 54.44 45.28 19.12
CA GLY L 302 54.25 43.87 18.81
C GLY L 302 54.16 42.99 20.05
N VAL L 303 54.55 43.51 21.22
CA VAL L 303 54.67 42.65 22.38
C VAL L 303 53.31 42.53 23.03
N THR L 304 52.86 41.28 23.13
CA THR L 304 51.67 40.95 23.85
C THR L 304 51.91 41.28 25.31
N GLY L 305 52.99 40.73 25.86
CA GLY L 305 53.25 40.88 27.28
C GLY L 305 54.40 39.96 27.72
N PRO L 306 54.98 40.22 28.91
CA PRO L 306 56.01 39.35 29.45
C PRO L 306 55.41 38.18 30.20
N ILE L 307 56.22 37.14 30.30
CA ILE L 307 55.91 36.01 31.14
C ILE L 307 56.46 36.27 32.53
N VAL L 308 55.57 36.40 33.49
CA VAL L 308 56.00 36.72 34.83
C VAL L 308 56.12 35.39 35.59
N GLY L 309 57.22 35.23 36.35
CA GLY L 309 57.51 33.98 37.02
C GLY L 309 57.61 34.11 38.54
N PRO L 310 56.51 34.47 39.25
CA PRO L 310 56.55 34.63 40.69
C PRO L 310 56.82 33.31 41.43
N ARG L 311 57.42 33.38 42.61
CA ARG L 311 57.63 32.21 43.43
C ARG L 311 56.68 32.37 44.57
N THR L 312 56.15 33.57 44.72
CA THR L 312 55.29 33.92 45.85
C THR L 312 54.15 34.82 45.36
N ALA L 313 53.12 34.96 46.21
CA ALA L 313 51.96 35.79 45.91
C ALA L 313 52.33 37.27 45.84
N ASP L 314 53.41 37.67 46.55
CA ASP L 314 53.81 39.07 46.67
C ASP L 314 54.52 39.54 45.40
N GLN L 315 55.28 38.60 44.81
CA GLN L 315 55.92 38.82 43.52
C GLN L 315 54.85 39.00 42.43
N LEU L 316 53.72 38.30 42.56
CA LEU L 316 52.62 38.47 41.62
C LEU L 316 51.97 39.82 41.79
N ALA L 317 51.74 40.26 43.04
CA ALA L 317 51.20 41.59 43.29
C ALA L 317 52.11 42.63 42.67
N SER L 318 53.41 42.41 42.72
CA SER L 318 54.39 43.31 42.10
C SER L 318 54.27 43.32 40.56
N ALA L 319 54.08 42.13 39.94
CA ALA L 319 53.93 42.07 38.48
C ALA L 319 52.68 42.82 38.06
N VAL L 320 51.58 42.66 38.83
CA VAL L 320 50.34 43.35 38.55
C VAL L 320 50.55 44.87 38.58
N ARG L 321 51.33 45.38 39.56
CA ARG L 321 51.61 46.82 39.65
C ARG L 321 52.38 47.25 38.41
N ALA L 322 53.38 46.45 37.98
CA ALA L 322 54.18 46.72 36.80
C ALA L 322 53.30 46.94 35.56
N ALA L 323 52.14 46.29 35.52
CA ALA L 323 51.24 46.40 34.39
C ALA L 323 50.40 47.68 34.45
N GLU L 324 50.44 48.43 35.56
CA GLU L 324 49.72 49.69 35.71
C GLU L 324 50.67 50.88 35.56
N LEU L 325 51.97 50.60 35.67
CA LEU L 325 53.05 51.58 35.66
C LEU L 325 53.14 52.30 34.33
N THR L 326 53.23 53.63 34.36
CA THR L 326 53.51 54.42 33.17
C THR L 326 54.96 54.88 33.22
N LEU L 327 55.70 54.55 32.17
CA LEU L 327 57.08 54.99 32.09
C LEU L 327 57.09 56.29 31.29
N THR L 328 57.78 57.30 31.82
CA THR L 328 57.84 58.58 31.14
C THR L 328 58.79 58.48 29.95
N ASP L 329 58.55 59.37 28.98
CA ASP L 329 59.45 59.58 27.86
C ASP L 329 60.89 59.72 28.36
N GLU L 330 61.08 60.47 29.45
CA GLU L 330 62.42 60.67 29.97
C GLU L 330 63.00 59.35 30.43
N VAL L 331 62.22 58.50 31.11
CA VAL L 331 62.73 57.20 31.57
C VAL L 331 62.99 56.25 30.38
N LEU L 332 62.09 56.23 29.40
CA LEU L 332 62.26 55.38 28.21
C LEU L 332 63.53 55.74 27.46
N THR L 333 63.75 57.06 27.26
CA THR L 333 64.95 57.57 26.61
C THR L 333 66.20 57.12 27.37
N ALA L 334 66.17 57.24 28.71
CA ALA L 334 67.36 56.91 29.47
C ALA L 334 67.64 55.41 29.39
N LEU L 335 66.59 54.58 29.45
CA LEU L 335 66.76 53.12 29.40
C LEU L 335 67.34 52.70 28.06
N ASP L 336 66.86 53.32 26.99
CA ASP L 336 67.29 53.07 25.62
C ASP L 336 68.77 53.43 25.46
N GLU L 337 69.25 54.45 26.18
CA GLU L 337 70.66 54.81 26.12
C GLU L 337 71.52 53.81 26.88
N ILE L 338 71.04 53.33 28.02
CA ILE L 338 71.80 52.36 28.78
C ILE L 338 71.80 51.01 28.04
N PHE L 339 70.64 50.67 27.47
CA PHE L 339 70.43 49.33 26.93
C PHE L 339 70.04 49.43 25.46
N PRO L 340 70.99 49.79 24.56
CA PRO L 340 70.67 50.07 23.17
C PRO L 340 70.20 48.79 22.46
N GLY L 341 69.19 49.00 21.58
CA GLY L 341 68.67 47.94 20.75
C GLY L 341 69.33 47.97 19.37
N PRO L 342 69.40 46.84 18.65
CA PRO L 342 70.03 46.84 17.33
C PRO L 342 69.18 47.44 16.21
N GLY L 343 67.86 47.51 16.39
CA GLY L 343 66.95 47.81 15.31
C GLY L 343 66.72 46.61 14.37
N PRO L 344 65.83 46.74 13.36
CA PRO L 344 65.62 45.66 12.39
C PRO L 344 66.78 45.44 11.43
N SER L 345 66.96 44.18 11.04
CA SER L 345 67.77 43.87 9.88
C SER L 345 67.00 44.31 8.64
N PRO L 346 67.69 44.74 7.55
CA PRO L 346 69.15 44.78 7.47
C PRO L 346 69.84 46.01 8.09
N GLU L 347 69.07 47.03 8.49
CA GLU L 347 69.67 48.25 9.01
C GLU L 347 70.62 47.95 10.18
N ALA L 348 70.33 46.96 11.01
CA ALA L 348 71.12 46.66 12.19
C ALA L 348 72.58 46.31 11.90
N PHE L 349 72.91 45.78 10.70
CA PHE L 349 74.28 45.41 10.43
C PHE L 349 74.77 45.96 9.09
N ALA L 350 73.88 46.54 8.27
CA ALA L 350 74.27 47.06 6.97
C ALA L 350 73.75 48.49 6.80
N TRP L 351 72.65 48.65 6.08
CA TRP L 351 71.94 49.92 6.05
C TRP L 351 70.50 49.61 5.63
N MET M 21 14.09 47.14 -29.89
CA MET M 21 14.76 45.80 -29.90
C MET M 21 14.89 45.34 -28.44
N GLU M 22 14.62 44.05 -28.21
CA GLU M 22 14.87 43.40 -26.93
C GLU M 22 16.35 43.04 -26.77
N TYR M 23 16.91 43.35 -25.59
CA TYR M 23 18.31 43.07 -25.26
C TYR M 23 18.37 42.11 -24.09
N THR M 24 19.54 41.49 -23.88
CA THR M 24 19.73 40.53 -22.80
C THR M 24 21.22 40.45 -22.48
N GLN M 25 21.50 39.99 -21.26
CA GLN M 25 22.85 39.57 -20.97
C GLN M 25 23.11 38.30 -21.78
N LEU M 26 24.33 38.16 -22.32
CA LEU M 26 24.72 36.88 -22.89
C LEU M 26 25.11 35.93 -21.75
N GLY M 27 24.15 35.07 -21.37
CA GLY M 27 24.28 34.29 -20.14
C GLY M 27 24.64 35.15 -18.93
N ARG M 28 25.73 34.77 -18.25
CA ARG M 28 26.11 35.31 -16.95
C ARG M 28 27.03 36.52 -17.12
N ILE M 29 27.56 36.74 -18.32
CA ILE M 29 28.55 37.80 -18.50
C ILE M 29 27.90 39.18 -18.65
N GLY M 30 28.75 40.20 -18.67
CA GLY M 30 28.32 41.58 -18.66
C GLY M 30 28.02 42.15 -20.05
N LEU M 31 28.32 41.37 -21.10
CA LEU M 31 28.02 41.71 -22.49
C LEU M 31 26.49 41.68 -22.73
N LYS M 32 26.00 42.77 -23.32
CA LYS M 32 24.60 42.89 -23.68
C LYS M 32 24.47 42.75 -25.19
N VAL M 33 23.57 41.88 -25.61
CA VAL M 33 23.32 41.59 -27.00
C VAL M 33 21.82 41.69 -27.28
N SER M 34 21.51 41.91 -28.57
CA SER M 34 20.16 41.80 -29.09
C SER M 34 19.68 40.35 -29.04
N ARG M 35 18.36 40.14 -28.88
CA ARG M 35 17.81 38.79 -28.86
C ARG M 35 17.65 38.24 -30.28
N LEU M 36 18.03 39.01 -31.31
CA LEU M 36 18.24 38.46 -32.66
C LEU M 36 19.73 38.51 -32.94
N VAL M 37 20.25 37.42 -33.48
CA VAL M 37 21.64 37.35 -33.91
C VAL M 37 21.69 37.30 -35.43
N LEU M 38 22.43 38.22 -36.03
CA LEU M 38 22.55 38.28 -37.47
C LEU M 38 23.61 37.32 -37.97
N GLY M 39 23.18 36.22 -38.59
CA GLY M 39 24.05 35.26 -39.27
C GLY M 39 24.30 35.63 -40.73
N THR M 40 24.67 34.63 -41.55
CA THR M 40 25.11 34.83 -42.92
C THR M 40 23.99 34.55 -43.94
N MET M 41 24.30 34.73 -45.24
CA MET M 41 23.38 34.47 -46.35
C MET M 41 24.13 33.65 -47.40
N ASN M 42 24.25 34.16 -48.65
CA ASN M 42 24.76 33.41 -49.80
C ASN M 42 25.84 34.22 -50.52
N ASP M 48 25.75 39.88 -54.31
CA ASP M 48 27.14 39.79 -53.80
C ASP M 48 27.23 40.68 -52.55
N GLU M 49 28.22 41.60 -52.55
CA GLU M 49 28.76 42.20 -51.34
C GLU M 49 27.92 43.39 -50.90
N ALA M 50 27.48 44.20 -51.88
CA ALA M 50 26.91 45.51 -51.59
C ALA M 50 25.55 45.40 -50.90
N GLU M 51 24.86 44.25 -51.05
CA GLU M 51 23.51 44.08 -50.51
C GLU M 51 23.56 43.37 -49.16
N SER M 52 24.70 42.75 -48.83
CA SER M 52 25.02 42.42 -47.45
C SER M 52 25.17 43.68 -46.60
N HIS M 53 25.95 44.64 -47.11
CA HIS M 53 26.27 45.86 -46.38
C HIS M 53 24.99 46.58 -46.01
N ALA M 54 24.04 46.60 -46.97
CA ALA M 54 22.78 47.29 -46.79
C ALA M 54 21.99 46.71 -45.61
N ILE M 55 21.83 45.37 -45.61
CA ILE M 55 21.11 44.65 -44.56
C ILE M 55 21.82 44.78 -43.21
N MET M 56 23.16 44.74 -43.20
CA MET M 56 23.92 44.94 -41.99
C MET M 56 23.68 46.35 -41.42
N ASP M 57 23.69 47.36 -42.32
CA ASP M 57 23.42 48.74 -41.95
C ASP M 57 22.03 48.89 -41.35
N ALA M 58 21.07 48.18 -41.94
CA ALA M 58 19.69 48.20 -41.50
C ALA M 58 19.54 47.41 -40.20
N ALA M 59 20.38 46.38 -40.00
CA ALA M 59 20.37 45.62 -38.75
C ALA M 59 20.81 46.53 -37.60
N LEU M 60 21.93 47.25 -37.78
CA LEU M 60 22.33 48.28 -36.82
C LEU M 60 21.15 49.19 -36.51
N ASP M 61 20.49 49.73 -37.56
CA ASP M 61 19.41 50.70 -37.40
C ASP M 61 18.25 50.11 -36.60
N ALA M 62 18.00 48.79 -36.74
CA ALA M 62 16.98 48.10 -35.97
C ALA M 62 17.46 47.78 -34.54
N GLY M 63 18.74 48.10 -34.24
CA GLY M 63 19.31 47.91 -32.91
C GLY M 63 19.84 46.49 -32.66
N ILE M 64 20.02 45.70 -33.74
CA ILE M 64 20.75 44.44 -33.69
C ILE M 64 22.25 44.73 -33.67
N ASN M 65 22.94 44.28 -32.60
CA ASN M 65 24.35 44.60 -32.36
C ASN M 65 25.22 43.35 -32.38
N PHE M 66 24.59 42.18 -32.52
CA PHE M 66 25.25 40.88 -32.43
C PHE M 66 25.36 40.24 -33.82
N PHE M 67 26.57 40.25 -34.40
CA PHE M 67 26.80 39.73 -35.75
C PHE M 67 27.63 38.46 -35.65
N ASP M 68 27.10 37.37 -36.21
CA ASP M 68 27.77 36.07 -36.25
C ASP M 68 28.06 35.73 -37.71
N THR M 69 29.06 34.88 -37.96
CA THR M 69 29.42 34.50 -39.33
C THR M 69 28.88 33.12 -39.70
N ALA M 70 28.12 32.50 -38.80
CA ALA M 70 27.62 31.15 -39.01
C ALA M 70 26.55 31.13 -40.11
N ASN M 71 26.57 30.04 -40.89
CA ASN M 71 25.57 29.68 -41.90
C ASN M 71 24.24 29.35 -41.21
N VAL M 72 23.13 29.92 -41.70
CA VAL M 72 21.83 29.77 -41.04
C VAL M 72 21.15 28.48 -41.52
N LYS M 79 32.76 30.21 -45.39
CA LYS M 79 33.31 30.89 -44.18
C LYS M 79 34.21 32.07 -44.60
N GLY M 80 35.19 31.79 -45.48
CA GLY M 80 36.16 32.79 -45.94
C GLY M 80 35.52 34.07 -46.49
N ARG M 81 34.54 33.94 -47.36
CA ARG M 81 33.95 35.13 -47.99
C ARG M 81 33.13 35.96 -47.05
N THR M 82 32.29 35.32 -46.25
CA THR M 82 31.46 36.01 -45.28
C THR M 82 32.28 37.01 -44.46
N GLU M 83 33.47 36.57 -44.00
CA GLU M 83 34.33 37.38 -43.15
C GLU M 83 34.97 38.53 -43.93
N GLU M 84 35.24 38.31 -45.22
CA GLU M 84 35.74 39.36 -46.10
C GLU M 84 34.66 40.42 -46.27
N ILE M 85 33.41 39.99 -46.41
CA ILE M 85 32.28 40.89 -46.55
C ILE M 85 32.08 41.75 -45.29
N LEU M 86 32.32 41.17 -44.10
CA LEU M 86 32.29 41.90 -42.83
C LEU M 86 33.45 42.89 -42.79
N GLY M 87 34.65 42.43 -43.15
CA GLY M 87 35.84 43.27 -43.17
C GLY M 87 35.65 44.56 -43.95
N SER M 88 35.13 44.44 -45.19
CA SER M 88 34.95 45.58 -46.08
C SER M 88 33.85 46.47 -45.54
N TRP M 89 32.87 45.89 -44.82
CA TRP M 89 31.82 46.66 -44.15
C TRP M 89 32.41 47.57 -43.08
N PHE M 90 33.30 47.04 -42.22
CA PHE M 90 33.95 47.81 -41.17
C PHE M 90 34.86 48.85 -41.82
N ALA M 91 35.42 48.51 -42.98
CA ALA M 91 36.37 49.38 -43.68
C ALA M 91 35.74 50.69 -44.10
N GLN M 92 34.41 50.72 -44.24
CA GLN M 92 33.64 51.90 -44.59
C GLN M 92 33.62 52.94 -43.47
N GLY M 93 34.22 52.65 -42.31
CA GLY M 93 34.24 53.55 -41.16
C GLY M 93 32.86 53.77 -40.55
N GLY M 94 32.67 54.91 -39.88
CA GLY M 94 31.37 55.29 -39.33
C GLY M 94 30.97 54.52 -38.08
N ASP M 95 31.97 54.11 -37.28
CA ASP M 95 31.79 53.48 -35.97
C ASP M 95 31.09 52.11 -36.07
N ARG M 96 31.16 51.46 -37.24
CA ARG M 96 30.53 50.16 -37.47
C ARG M 96 31.18 49.08 -36.59
N ARG M 97 32.52 49.01 -36.55
CA ARG M 97 33.22 48.04 -35.71
C ARG M 97 32.88 48.28 -34.23
N ASP M 98 32.98 49.55 -33.78
CA ASP M 98 32.74 49.92 -32.39
C ASP M 98 31.36 49.47 -31.92
N LYS M 99 30.38 49.34 -32.85
CA LYS M 99 29.00 49.12 -32.45
C LYS M 99 28.63 47.64 -32.50
N VAL M 100 29.39 46.76 -33.17
CA VAL M 100 28.93 45.37 -33.19
C VAL M 100 29.74 44.54 -32.20
N VAL M 101 29.02 43.61 -31.57
CA VAL M 101 29.60 42.38 -31.03
C VAL M 101 29.84 41.40 -32.18
N LEU M 102 31.11 41.25 -32.53
CA LEU M 102 31.55 40.44 -33.65
C LEU M 102 31.90 39.05 -33.17
N ALA M 103 31.16 38.05 -33.67
CA ALA M 103 31.44 36.66 -33.41
C ALA M 103 31.84 35.94 -34.71
N THR M 104 32.88 35.11 -34.64
CA THR M 104 33.17 34.18 -35.72
C THR M 104 33.46 32.81 -35.11
N LYS M 105 33.91 31.87 -35.95
CA LYS M 105 34.06 30.48 -35.59
C LYS M 105 35.35 29.92 -36.16
N VAL M 106 35.87 28.86 -35.55
CA VAL M 106 36.86 27.98 -36.17
C VAL M 106 36.39 27.51 -37.57
N PRO M 115 37.99 15.17 -46.86
CA PRO M 115 39.09 14.73 -45.97
C PRO M 115 40.20 15.79 -45.84
N ALA M 116 40.26 16.44 -44.67
CA ALA M 116 41.14 17.58 -44.45
C ALA M 116 42.58 17.11 -44.28
N TRP M 117 43.54 17.99 -44.59
CA TRP M 117 44.91 17.81 -44.15
C TRP M 117 44.95 17.78 -42.62
N PRO M 118 45.75 16.90 -41.96
CA PRO M 118 45.79 16.88 -40.49
C PRO M 118 46.09 18.24 -39.84
N ASN M 119 45.31 18.55 -38.80
CA ASN M 119 45.38 19.78 -38.01
C ASN M 119 44.95 21.00 -38.82
N HIS M 120 44.22 20.79 -39.92
CA HIS M 120 43.56 21.90 -40.59
C HIS M 120 42.05 21.80 -40.38
N ASP M 121 41.65 20.92 -39.44
CA ASP M 121 40.29 20.80 -38.91
C ASP M 121 40.45 20.62 -37.41
N LYS M 122 39.34 20.66 -36.64
CA LYS M 122 39.34 20.36 -35.20
C LYS M 122 39.99 21.48 -34.38
N LEU M 123 40.29 21.19 -33.10
CA LEU M 123 40.56 22.26 -32.14
C LEU M 123 41.94 22.16 -31.49
N SER M 124 42.93 21.52 -32.14
CA SER M 124 44.31 21.62 -31.70
C SER M 124 44.71 23.09 -31.51
N ALA M 125 45.64 23.35 -30.60
CA ALA M 125 46.19 24.69 -30.49
C ALA M 125 46.77 25.16 -31.84
N LEU M 126 47.31 24.23 -32.66
CA LEU M 126 47.83 24.55 -33.98
C LEU M 126 46.71 25.04 -34.92
N ASN M 127 45.59 24.31 -35.02
CA ASN M 127 44.48 24.76 -35.85
C ASN M 127 43.87 26.06 -35.32
N ILE M 128 43.86 26.26 -34.00
CA ILE M 128 43.25 27.47 -33.45
C ILE M 128 44.04 28.72 -33.83
N ARG M 129 45.36 28.66 -33.70
CA ARG M 129 46.23 29.76 -34.11
C ARG M 129 46.08 30.09 -35.59
N ARG M 130 46.08 29.07 -36.47
CA ARG M 130 45.99 29.35 -37.91
C ARG M 130 44.61 29.89 -38.27
N SER M 131 43.54 29.42 -37.63
CA SER M 131 42.21 29.86 -38.01
C SER M 131 41.96 31.29 -37.56
N VAL M 132 42.34 31.60 -36.32
CA VAL M 132 42.11 32.92 -35.76
C VAL M 132 42.89 33.94 -36.58
N ASP M 133 44.15 33.63 -36.90
CA ASP M 133 45.01 34.50 -37.69
C ASP M 133 44.33 34.82 -39.02
N ALA M 134 43.83 33.77 -39.69
CA ALA M 134 43.20 33.94 -40.98
C ALA M 134 41.92 34.76 -40.79
N SER M 135 41.19 34.55 -39.67
CA SER M 135 39.94 35.26 -39.44
C SER M 135 40.19 36.76 -39.26
N LEU M 136 41.19 37.12 -38.45
CA LEU M 136 41.47 38.52 -38.17
C LEU M 136 41.88 39.23 -39.46
N LYS M 137 42.59 38.54 -40.36
CA LYS M 137 43.00 39.13 -41.64
C LYS M 137 41.78 39.38 -42.50
N ARG M 138 40.92 38.36 -42.65
CA ARG M 138 39.77 38.49 -43.53
C ARG M 138 38.78 39.51 -42.98
N LEU M 139 38.73 39.64 -41.64
CA LEU M 139 37.75 40.51 -40.99
C LEU M 139 38.27 41.93 -40.95
N GLY M 140 39.57 42.10 -41.26
CA GLY M 140 40.17 43.41 -41.26
C GLY M 140 39.93 44.18 -39.95
N THR M 141 40.16 43.50 -38.83
CA THR M 141 40.01 44.07 -37.48
C THR M 141 41.10 43.46 -36.62
N ASP M 142 41.47 44.15 -35.53
CA ASP M 142 42.50 43.63 -34.63
C ASP M 142 41.93 42.74 -33.51
N HIS M 143 40.60 42.60 -33.42
CA HIS M 143 40.04 41.75 -32.38
C HIS M 143 38.68 41.18 -32.76
N ILE M 144 38.42 39.96 -32.27
CA ILE M 144 37.10 39.33 -32.34
C ILE M 144 36.52 39.35 -30.93
N ASP M 145 35.22 39.66 -30.83
CA ASP M 145 34.55 39.78 -29.54
C ASP M 145 34.20 38.38 -29.03
N LEU M 146 33.61 37.54 -29.88
CA LEU M 146 33.23 36.20 -29.49
C LEU M 146 33.77 35.23 -30.50
N TYR M 147 34.77 34.43 -30.09
CA TYR M 147 35.30 33.39 -30.93
C TYR M 147 34.79 32.04 -30.46
N GLN M 148 34.27 31.25 -31.40
CA GLN M 148 33.47 30.09 -31.11
C GLN M 148 34.10 28.86 -31.75
N PHE M 149 34.06 27.75 -31.03
CA PHE M 149 34.39 26.46 -31.61
C PHE M 149 33.22 26.02 -32.46
N HIS M 150 33.48 25.33 -33.58
CA HIS M 150 32.47 24.96 -34.57
C HIS M 150 31.76 23.67 -34.17
N HIS M 151 32.44 22.87 -33.35
CA HIS M 151 31.99 21.54 -32.99
C HIS M 151 32.86 21.06 -31.82
N VAL M 152 32.34 20.17 -30.98
CA VAL M 152 33.19 19.50 -30.02
C VAL M 152 34.27 18.70 -30.75
N ASP M 153 35.50 18.76 -30.21
CA ASP M 153 36.60 17.89 -30.62
C ASP M 153 37.03 16.99 -29.45
N ARG M 154 36.60 15.75 -29.47
CA ARG M 154 36.86 14.85 -28.38
C ARG M 154 38.28 14.29 -28.31
N ASP M 155 39.11 14.65 -29.27
CA ASP M 155 40.51 14.24 -29.19
C ASP M 155 41.42 15.32 -28.61
N THR M 156 40.89 16.50 -28.25
CA THR M 156 41.71 17.62 -27.76
C THR M 156 41.38 17.94 -26.29
N PRO M 157 42.36 17.92 -25.37
CA PRO M 157 42.08 18.22 -23.96
C PRO M 157 41.91 19.72 -23.72
N TRP M 158 41.18 20.03 -22.64
CA TRP M 158 40.76 21.39 -22.39
C TRP M 158 41.94 22.23 -21.93
N ASP M 159 42.99 21.62 -21.37
CA ASP M 159 44.17 22.39 -21.02
C ASP M 159 44.88 22.88 -22.28
N GLU M 160 44.84 22.10 -23.38
CA GLU M 160 45.38 22.56 -24.66
C GLU M 160 44.52 23.69 -25.22
N ILE M 161 43.20 23.52 -25.17
CA ILE M 161 42.32 24.50 -25.80
C ILE M 161 42.40 25.83 -25.07
N TRP M 162 42.37 25.74 -23.74
CA TRP M 162 42.41 26.95 -22.94
C TRP M 162 43.77 27.65 -23.02
N GLN M 163 44.85 26.91 -23.17
CA GLN M 163 46.13 27.55 -23.44
C GLN M 163 46.01 28.42 -24.69
N ALA M 164 45.43 27.85 -25.76
CA ALA M 164 45.41 28.51 -27.05
C ALA M 164 44.54 29.75 -26.99
N MET M 165 43.39 29.63 -26.31
CA MET M 165 42.49 30.77 -26.12
C MET M 165 43.11 31.81 -25.19
N ASP M 166 43.89 31.39 -24.19
CA ASP M 166 44.41 32.34 -23.22
C ASP M 166 45.48 33.20 -23.89
N VAL M 167 46.29 32.57 -24.74
CA VAL M 167 47.28 33.29 -25.55
C VAL M 167 46.59 34.46 -26.27
N LEU M 168 45.49 34.17 -26.96
CA LEU M 168 44.81 35.18 -27.76
C LEU M 168 44.13 36.23 -26.88
N VAL M 169 43.46 35.83 -25.78
CA VAL M 169 42.88 36.79 -24.86
C VAL M 169 43.92 37.78 -24.34
N ARG M 170 45.10 37.29 -23.93
CA ARG M 170 46.19 38.09 -23.38
C ARG M 170 46.85 39.05 -24.38
N GLN M 171 46.84 38.70 -25.68
CA GLN M 171 47.29 39.59 -26.74
C GLN M 171 46.18 40.57 -27.16
N GLY M 172 44.98 40.45 -26.61
CA GLY M 172 43.91 41.39 -26.98
C GLY M 172 43.20 41.03 -28.29
N LYS M 173 43.40 39.80 -28.81
CA LYS M 173 42.86 39.43 -30.10
C LYS M 173 41.44 38.87 -30.03
N ILE M 174 41.07 38.30 -28.86
CA ILE M 174 39.69 37.90 -28.59
C ILE M 174 39.33 38.35 -27.17
N LEU M 175 38.04 38.59 -26.93
CA LEU M 175 37.53 38.94 -25.62
C LEU M 175 36.91 37.69 -24.97
N TYR M 176 35.97 37.07 -25.69
CA TYR M 176 35.15 36.00 -25.16
C TYR M 176 35.23 34.79 -26.07
N VAL M 177 34.90 33.63 -25.45
CA VAL M 177 34.99 32.34 -26.08
C VAL M 177 33.65 31.63 -25.94
N GLY M 178 33.21 30.97 -27.01
CA GLY M 178 31.97 30.25 -26.98
C GLY M 178 32.09 28.94 -27.74
N SER M 179 31.05 28.13 -27.64
CA SER M 179 31.02 26.80 -28.23
C SER M 179 29.89 26.74 -29.26
N SER M 180 29.99 25.73 -30.14
CA SER M 180 28.89 25.29 -30.98
C SER M 180 28.91 23.76 -31.00
N ASN M 181 27.72 23.15 -31.03
CA ASN M 181 27.59 21.71 -31.21
C ASN M 181 28.44 21.01 -30.15
N PHE M 182 28.14 21.32 -28.88
CA PHE M 182 28.71 20.61 -27.74
C PHE M 182 27.65 19.74 -27.10
N ALA M 183 28.12 18.72 -26.36
CA ALA M 183 27.28 18.04 -25.40
C ALA M 183 27.33 18.79 -24.08
N GLY M 184 26.27 18.64 -23.28
CA GLY M 184 26.22 19.24 -21.94
C GLY M 184 27.48 19.03 -21.12
N TRP M 185 28.03 17.81 -21.13
CA TRP M 185 29.16 17.47 -20.29
C TRP M 185 30.43 18.14 -20.81
N ASN M 186 30.48 18.47 -22.09
CA ASN M 186 31.61 19.16 -22.69
C ASN M 186 31.64 20.58 -22.13
N ILE M 187 30.47 21.19 -22.05
CA ILE M 187 30.28 22.52 -21.48
C ILE M 187 30.77 22.58 -20.02
N ALA M 188 30.29 21.63 -19.18
CA ALA M 188 30.72 21.54 -17.80
C ALA M 188 32.23 21.31 -17.71
N GLN M 189 32.76 20.39 -18.51
CA GLN M 189 34.20 20.11 -18.41
C GLN M 189 34.99 21.35 -18.82
N ALA M 190 34.57 22.02 -19.90
CA ALA M 190 35.23 23.23 -20.38
C ALA M 190 35.28 24.28 -19.28
N ASN M 191 34.12 24.57 -18.67
CA ASN M 191 34.04 25.72 -17.79
C ASN M 191 34.68 25.40 -16.44
N GLU M 192 34.62 24.14 -16.01
CA GLU M 192 35.22 23.75 -14.74
C GLU M 192 36.75 23.87 -14.84
N THR M 193 37.31 23.44 -15.99
CA THR M 193 38.74 23.51 -16.23
C THR M 193 39.22 24.96 -16.32
N ALA M 194 38.50 25.80 -17.07
CA ALA M 194 38.78 27.23 -17.08
C ALA M 194 38.80 27.81 -15.68
N ALA M 195 37.73 27.55 -14.88
CA ALA M 195 37.55 28.15 -13.57
C ALA M 195 38.68 27.78 -12.60
N ARG M 196 39.26 26.60 -12.72
CA ARG M 196 40.38 26.19 -11.86
C ARG M 196 41.53 27.18 -11.87
N HIS M 197 41.79 27.87 -13.00
CA HIS M 197 42.91 28.79 -13.09
C HIS M 197 42.42 30.21 -13.39
N GLY M 198 41.24 30.55 -12.88
CA GLY M 198 40.75 31.92 -12.88
C GLY M 198 40.17 32.41 -14.21
N ARG M 199 40.42 31.65 -15.30
CA ARG M 199 39.99 31.98 -16.65
C ARG M 199 38.47 31.98 -16.79
N LEU M 200 37.96 32.97 -17.53
CA LEU M 200 36.56 33.02 -17.93
C LEU M 200 36.29 31.88 -18.92
N GLY M 201 35.24 31.10 -18.68
CA GLY M 201 34.97 29.98 -19.57
C GLY M 201 34.09 30.34 -20.78
N LEU M 202 33.47 29.30 -21.37
CA LEU M 202 32.50 29.47 -22.43
C LEU M 202 31.43 30.43 -21.92
N VAL M 203 31.03 31.37 -22.78
CA VAL M 203 29.99 32.32 -22.45
C VAL M 203 28.70 32.03 -23.19
N SER M 204 28.74 31.14 -24.20
CA SER M 204 27.61 30.92 -25.09
C SER M 204 27.78 29.57 -25.77
N GLU M 205 26.67 28.93 -26.10
CA GLU M 205 26.65 27.68 -26.86
C GLU M 205 25.65 27.83 -28.01
N GLN M 206 26.10 27.54 -29.23
CA GLN M 206 25.27 27.60 -30.41
C GLN M 206 24.82 26.18 -30.73
N CYS M 207 23.54 25.86 -30.50
CA CYS M 207 23.05 24.50 -30.70
C CYS M 207 21.86 24.46 -31.66
N LEU M 208 21.68 23.28 -32.26
CA LEU M 208 20.51 23.08 -33.11
C LEU M 208 19.29 22.98 -32.20
N TYR M 209 18.40 23.95 -32.27
CA TYR M 209 17.27 24.01 -31.37
C TYR M 209 16.11 24.73 -32.07
N ASN M 210 14.97 24.04 -32.18
CA ASN M 210 13.77 24.58 -32.82
C ASN M 210 12.58 23.71 -32.39
N LEU M 211 11.34 24.07 -32.83
CA LEU M 211 10.16 23.30 -32.45
C LEU M 211 10.32 21.82 -32.82
N CYS M 212 10.91 21.56 -34.00
CA CYS M 212 11.04 20.20 -34.49
C CYS M 212 12.09 19.41 -33.73
N GLU M 213 13.22 20.06 -33.40
CA GLU M 213 14.33 19.36 -32.79
C GLU M 213 14.60 19.99 -31.41
N ARG M 214 14.11 19.31 -30.39
CA ARG M 214 14.15 19.84 -29.04
C ARG M 214 15.10 19.02 -28.16
N ARG M 215 15.94 18.16 -28.73
CA ARG M 215 16.71 17.25 -27.88
C ARG M 215 17.87 17.95 -27.17
N ALA M 216 18.13 19.22 -27.52
CA ALA M 216 19.09 20.02 -26.79
C ALA M 216 18.60 20.21 -25.36
N GLU M 217 17.30 19.97 -25.14
CA GLU M 217 16.65 20.26 -23.87
C GLU M 217 16.99 19.20 -22.83
N MET M 218 17.39 18.01 -23.30
CA MET M 218 17.75 16.89 -22.44
C MET M 218 18.94 17.26 -21.55
N GLU M 219 19.99 17.80 -22.12
CA GLU M 219 21.21 18.03 -21.37
C GLU M 219 21.98 19.26 -21.80
N VAL M 220 21.97 19.60 -23.08
CA VAL M 220 22.79 20.72 -23.54
C VAL M 220 22.35 22.02 -22.90
N VAL M 221 21.05 22.33 -22.99
CA VAL M 221 20.51 23.56 -22.43
C VAL M 221 20.55 23.55 -20.90
N PRO M 222 20.14 22.48 -20.19
CA PRO M 222 20.35 22.42 -18.74
C PRO M 222 21.78 22.74 -18.30
N ALA M 223 22.78 22.22 -19.03
CA ALA M 223 24.16 22.46 -18.66
C ALA M 223 24.52 23.93 -18.91
N ALA M 224 24.06 24.48 -20.04
CA ALA M 224 24.29 25.87 -20.40
C ALA M 224 23.73 26.78 -19.32
N ARG M 225 22.55 26.50 -18.83
CA ARG M 225 21.93 27.29 -17.78
C ARG M 225 22.66 27.17 -16.45
N GLU M 226 23.04 25.98 -16.08
CA GLU M 226 23.86 25.79 -14.89
C GLU M 226 25.14 26.61 -14.97
N TYR M 227 25.84 26.57 -16.11
CA TYR M 227 27.15 27.20 -16.17
C TYR M 227 27.06 28.66 -16.65
N GLY M 228 25.83 29.14 -16.91
CA GLY M 228 25.66 30.55 -17.30
C GLY M 228 26.16 30.87 -18.70
N LEU M 229 25.91 29.96 -19.66
CA LEU M 229 26.15 30.22 -21.09
C LEU M 229 24.86 30.73 -21.72
N GLY M 230 24.97 31.70 -22.60
CA GLY M 230 23.87 32.04 -23.48
C GLY M 230 23.61 30.90 -24.46
N VAL M 231 22.34 30.60 -24.75
CA VAL M 231 22.06 29.60 -25.74
C VAL M 231 21.57 30.31 -27.01
N ILE M 232 22.35 30.14 -28.09
CA ILE M 232 22.06 30.74 -29.38
C ILE M 232 21.52 29.63 -30.29
N ALA M 233 20.30 29.81 -30.83
CA ALA M 233 19.63 28.76 -31.57
C ALA M 233 19.98 28.87 -33.05
N TRP M 234 20.73 27.88 -33.59
CA TRP M 234 20.93 27.82 -35.02
C TRP M 234 19.88 26.89 -35.65
N SER M 235 19.65 27.15 -36.95
CA SER M 235 18.52 26.63 -37.71
C SER M 235 17.19 26.81 -36.94
N PRO M 236 16.79 28.05 -36.59
CA PRO M 236 15.55 28.22 -35.81
C PRO M 236 14.25 27.82 -36.52
N LEU M 237 14.29 27.71 -37.87
CA LEU M 237 13.16 27.25 -38.67
C LEU M 237 13.32 25.79 -39.10
N HIS M 238 14.33 25.09 -38.56
CA HIS M 238 14.71 23.73 -38.95
C HIS M 238 14.87 23.62 -40.48
N GLY M 239 15.76 24.44 -41.05
CA GLY M 239 16.10 24.37 -42.46
C GLY M 239 14.98 24.88 -43.37
N GLY M 240 13.96 25.54 -42.81
CA GLY M 240 12.91 26.19 -43.59
C GLY M 240 11.55 25.56 -43.32
N LEU M 241 11.58 24.37 -42.71
CA LEU M 241 10.43 23.51 -42.54
C LEU M 241 9.37 24.15 -41.64
N LEU M 242 9.76 25.15 -40.82
CA LEU M 242 8.82 25.78 -39.89
C LEU M 242 8.43 27.17 -40.41
N GLY M 243 8.91 27.52 -41.61
CA GLY M 243 8.58 28.80 -42.19
C GLY M 243 7.49 28.71 -43.27
N GLY M 244 6.59 27.73 -43.17
CA GLY M 244 5.49 27.58 -44.11
C GLY M 244 5.91 26.81 -45.37
N ALA M 245 6.46 25.61 -45.15
CA ALA M 245 7.05 24.80 -46.20
C ALA M 245 6.00 24.23 -47.14
N ILE M 246 4.84 23.88 -46.58
CA ILE M 246 3.78 23.23 -47.32
C ILE M 246 3.05 24.24 -48.20
N ARG M 247 2.69 25.40 -47.68
CA ARG M 247 2.12 26.44 -48.51
C ARG M 247 3.09 26.86 -49.59
N LYS M 248 4.38 26.94 -49.26
CA LYS M 248 5.36 27.38 -50.24
C LYS M 248 5.46 26.39 -51.40
N GLU M 249 5.01 25.15 -51.18
CA GLU M 249 4.98 24.15 -52.24
C GLU M 249 3.96 24.51 -53.33
N GLN M 250 3.19 25.60 -53.15
CA GLN M 250 2.27 26.12 -54.16
C GLN M 250 1.01 25.27 -54.19
N LEU M 266 11.89 18.73 -48.13
CA LEU M 266 13.07 18.01 -47.57
C LEU M 266 12.61 16.61 -47.14
N LYS M 267 11.81 16.56 -46.06
CA LYS M 267 11.39 15.33 -45.42
C LYS M 267 9.91 15.06 -45.71
N ASP M 268 9.48 13.79 -45.55
CA ASP M 268 8.07 13.43 -45.76
C ASP M 268 7.70 12.05 -45.20
N PRO M 269 7.83 11.75 -43.87
CA PRO M 269 7.07 10.66 -43.25
C PRO M 269 5.78 11.18 -42.60
N GLN M 270 5.60 10.89 -41.30
CA GLN M 270 4.53 11.46 -40.49
C GLN M 270 4.88 12.90 -40.09
N GLN M 271 6.08 13.34 -40.48
CA GLN M 271 6.54 14.70 -40.22
C GLN M 271 5.66 15.70 -40.95
N ARG M 272 5.21 15.33 -42.16
CA ARG M 272 4.31 16.18 -42.93
C ARG M 272 3.11 16.50 -42.06
N GLU M 273 2.44 15.48 -41.53
CA GLU M 273 1.23 15.69 -40.76
C GLU M 273 1.49 16.75 -39.68
N GLN M 274 2.63 16.62 -39.00
CA GLN M 274 3.03 17.49 -37.89
C GLN M 274 3.10 18.94 -38.35
N ILE M 275 3.77 19.20 -39.49
CA ILE M 275 3.92 20.54 -40.04
C ILE M 275 2.59 21.10 -40.54
N GLN M 276 1.82 20.24 -41.25
CA GLN M 276 0.44 20.51 -41.65
C GLN M 276 -0.35 21.01 -40.45
N ARG M 277 -0.34 20.28 -39.34
CA ARG M 277 -1.01 20.72 -38.12
C ARG M 277 -0.50 22.05 -37.63
N TYR M 278 0.80 22.30 -37.73
CA TYR M 278 1.42 23.55 -37.35
C TYR M 278 0.86 24.70 -38.19
N GLU M 279 1.00 24.60 -39.53
CA GLU M 279 0.59 25.67 -40.44
C GLU M 279 -0.92 25.94 -40.33
N ASP M 280 -1.73 24.87 -40.17
CA ASP M 280 -3.17 25.00 -39.98
C ASP M 280 -3.44 25.72 -38.66
N LEU M 281 -2.68 25.37 -37.61
CA LEU M 281 -2.86 26.03 -36.32
C LEU M 281 -2.62 27.54 -36.45
N LEU M 282 -1.62 27.92 -37.25
CA LEU M 282 -1.23 29.32 -37.33
C LEU M 282 -2.17 30.08 -38.26
N ASP M 283 -2.64 29.44 -39.34
CA ASP M 283 -3.73 29.98 -40.17
C ASP M 283 -4.92 30.34 -39.28
N LYS M 284 -5.32 29.38 -38.44
CA LYS M 284 -6.45 29.54 -37.54
C LYS M 284 -6.26 30.70 -36.56
N HIS M 285 -5.01 31.17 -36.33
CA HIS M 285 -4.72 32.19 -35.32
C HIS M 285 -4.15 33.46 -35.97
N GLY M 286 -3.93 33.42 -37.29
CA GLY M 286 -3.51 34.59 -38.05
C GLY M 286 -2.08 35.01 -37.75
N LEU M 287 -1.19 34.01 -37.62
CA LEU M 287 0.20 34.22 -37.27
C LEU M 287 1.05 33.66 -38.41
N GLU M 288 2.21 34.28 -38.66
CA GLU M 288 3.11 33.80 -39.72
C GLU M 288 4.03 32.74 -39.12
N PRO M 289 4.22 31.59 -39.82
CA PRO M 289 5.00 30.46 -39.28
C PRO M 289 6.48 30.78 -39.00
N GLY M 290 7.11 31.47 -39.95
CA GLY M 290 8.48 31.94 -39.80
C GLY M 290 8.68 32.75 -38.53
N GLU M 291 7.69 33.58 -38.18
CA GLU M 291 7.80 34.46 -37.03
C GLU M 291 7.57 33.68 -35.73
N VAL M 292 6.72 32.65 -35.81
CA VAL M 292 6.32 31.94 -34.62
C VAL M 292 7.42 30.96 -34.21
N ALA M 293 8.14 30.41 -35.19
CA ALA M 293 9.29 29.58 -34.93
C ALA M 293 10.31 30.34 -34.06
N LEU M 294 10.52 31.62 -34.37
CA LEU M 294 11.52 32.45 -33.72
C LEU M 294 11.08 32.85 -32.32
N ALA M 295 9.82 33.32 -32.24
CA ALA M 295 9.19 33.79 -31.03
C ALA M 295 9.12 32.67 -29.99
N TRP M 296 8.90 31.46 -30.47
CA TRP M 296 8.79 30.30 -29.61
C TRP M 296 10.13 30.04 -28.88
N LEU M 297 11.23 30.20 -29.62
CA LEU M 297 12.58 30.00 -29.08
C LEU M 297 12.83 31.03 -27.99
N LEU M 298 12.36 32.27 -28.22
CA LEU M 298 12.54 33.37 -27.27
C LEU M 298 11.77 33.14 -25.97
N THR M 299 10.82 32.19 -25.92
CA THR M 299 10.14 31.88 -24.67
C THR M 299 10.88 30.80 -23.87
N ARG M 300 11.85 30.13 -24.50
CA ARG M 300 12.50 28.98 -23.87
C ARG M 300 13.53 29.45 -22.86
N PRO M 301 13.53 28.86 -21.64
CA PRO M 301 14.53 29.18 -20.62
C PRO M 301 15.95 28.96 -21.15
N GLY M 302 16.81 29.96 -20.97
CA GLY M 302 18.22 29.83 -21.29
C GLY M 302 18.59 30.45 -22.64
N VAL M 303 17.60 30.68 -23.51
CA VAL M 303 17.83 31.04 -24.89
C VAL M 303 18.08 32.54 -24.97
N THR M 304 19.27 32.90 -25.47
CA THR M 304 19.60 34.27 -25.80
C THR M 304 18.72 34.71 -26.98
N GLY M 305 18.86 33.97 -28.09
CA GLY M 305 17.91 34.03 -29.16
C GLY M 305 18.43 33.35 -30.43
N PRO M 306 17.62 33.41 -31.50
CA PRO M 306 17.93 32.73 -32.76
C PRO M 306 18.86 33.51 -33.67
N ILE M 307 19.62 32.78 -34.48
CA ILE M 307 20.35 33.35 -35.59
C ILE M 307 19.39 33.48 -36.77
N VAL M 308 19.36 34.67 -37.35
CA VAL M 308 18.53 34.95 -38.51
C VAL M 308 19.46 35.45 -39.60
N GLY M 309 19.24 34.99 -40.85
CA GLY M 309 19.99 35.48 -41.98
C GLY M 309 19.09 36.20 -42.99
N PRO M 310 18.50 37.36 -42.65
CA PRO M 310 17.59 38.01 -43.59
C PRO M 310 18.40 38.49 -44.79
N ARG M 311 17.88 38.26 -46.01
CA ARG M 311 18.56 38.71 -47.22
C ARG M 311 17.78 39.85 -47.89
N THR M 312 16.68 40.32 -47.26
CA THR M 312 15.95 41.50 -47.69
C THR M 312 15.46 42.29 -46.48
N ALA M 313 15.04 43.53 -46.72
CA ALA M 313 14.45 44.37 -45.70
C ALA M 313 13.23 43.69 -45.05
N ASP M 314 12.46 42.96 -45.88
CA ASP M 314 11.22 42.34 -45.45
C ASP M 314 11.50 41.15 -44.52
N GLN M 315 12.57 40.41 -44.82
CA GLN M 315 12.97 39.29 -43.98
C GLN M 315 13.49 39.82 -42.63
N LEU M 316 14.21 40.95 -42.67
CA LEU M 316 14.69 41.59 -41.46
C LEU M 316 13.52 42.12 -40.61
N ALA M 317 12.65 42.92 -41.22
CA ALA M 317 11.47 43.47 -40.57
C ALA M 317 10.61 42.36 -39.93
N SER M 318 10.49 41.22 -40.60
CA SER M 318 9.76 40.06 -40.08
C SER M 318 10.44 39.50 -38.82
N ALA M 319 11.75 39.29 -38.90
CA ALA M 319 12.55 38.89 -37.75
C ALA M 319 12.34 39.89 -36.59
N VAL M 320 12.36 41.20 -36.90
CA VAL M 320 12.10 42.20 -35.87
C VAL M 320 10.70 41.97 -35.26
N ARG M 321 9.68 41.74 -36.09
CA ARG M 321 8.34 41.52 -35.55
C ARG M 321 8.33 40.26 -34.70
N ALA M 322 9.00 39.19 -35.16
CA ALA M 322 9.01 37.95 -34.40
C ALA M 322 9.53 38.21 -32.98
N ALA M 323 10.51 39.10 -32.85
CA ALA M 323 11.09 39.48 -31.56
C ALA M 323 10.12 40.29 -30.68
N GLU M 324 9.09 40.88 -31.27
CA GLU M 324 8.13 41.73 -30.56
C GLU M 324 6.83 40.98 -30.30
N LEU M 325 6.64 39.83 -30.96
CA LEU M 325 5.42 39.03 -30.93
C LEU M 325 5.23 38.40 -29.56
N THR M 326 4.01 38.48 -29.00
CA THR M 326 3.68 37.78 -27.77
C THR M 326 2.72 36.63 -28.08
N LEU M 327 3.23 35.40 -27.95
CA LEU M 327 2.42 34.22 -28.17
C LEU M 327 1.56 33.98 -26.93
N THR M 328 0.33 33.53 -27.15
CA THR M 328 -0.64 33.30 -26.10
C THR M 328 -0.40 31.95 -25.45
N ASP M 329 -0.80 31.80 -24.19
CA ASP M 329 -0.64 30.54 -23.48
C ASP M 329 -1.28 29.40 -24.28
N GLU M 330 -2.43 29.70 -24.89
CA GLU M 330 -3.14 28.79 -25.76
C GLU M 330 -2.23 28.25 -26.87
N VAL M 331 -1.61 29.17 -27.62
CA VAL M 331 -0.77 28.84 -28.77
C VAL M 331 0.46 28.06 -28.30
N LEU M 332 1.11 28.54 -27.24
CA LEU M 332 2.25 27.86 -26.65
C LEU M 332 1.88 26.42 -26.28
N THR M 333 0.65 26.22 -25.77
CA THR M 333 0.18 24.91 -25.35
C THR M 333 -0.03 24.01 -26.57
N ALA M 334 -0.53 24.58 -27.67
CA ALA M 334 -0.81 23.75 -28.84
C ALA M 334 0.49 23.34 -29.53
N LEU M 335 1.42 24.30 -29.63
CA LEU M 335 2.76 24.05 -30.16
C LEU M 335 3.43 22.94 -29.36
N ASP M 336 3.34 23.01 -28.03
CA ASP M 336 3.96 22.03 -27.15
C ASP M 336 3.35 20.64 -27.30
N GLU M 337 2.08 20.56 -27.70
CA GLU M 337 1.41 19.28 -27.95
C GLU M 337 1.76 18.75 -29.34
N ILE M 338 1.92 19.64 -30.33
CA ILE M 338 2.26 19.23 -31.68
C ILE M 338 3.72 18.79 -31.71
N PHE M 339 4.58 19.59 -31.06
CA PHE M 339 6.02 19.41 -31.04
C PHE M 339 6.50 19.12 -29.62
N PRO M 340 6.31 17.90 -29.07
CA PRO M 340 6.65 17.63 -27.67
C PRO M 340 8.16 17.67 -27.47
N GLY M 341 8.58 18.18 -26.32
CA GLY M 341 9.97 18.11 -25.91
C GLY M 341 10.25 16.87 -25.08
N PRO M 342 11.52 16.43 -25.04
CA PRO M 342 11.90 15.22 -24.30
C PRO M 342 11.95 15.36 -22.77
N GLY M 343 12.00 16.61 -22.28
CA GLY M 343 12.31 16.87 -20.88
C GLY M 343 13.81 16.69 -20.58
N PRO M 344 14.26 17.00 -19.35
CA PRO M 344 15.68 16.89 -19.03
C PRO M 344 16.01 15.44 -18.72
N SER M 345 17.25 15.05 -19.01
CA SER M 345 17.80 13.81 -18.50
C SER M 345 18.05 13.99 -17.00
N PRO M 346 17.93 12.94 -16.16
CA PRO M 346 17.54 11.59 -16.58
C PRO M 346 16.06 11.27 -16.76
N GLU M 347 15.15 12.20 -16.39
CA GLU M 347 13.71 11.97 -16.51
C GLU M 347 13.30 11.69 -17.97
N ALA M 348 13.99 12.28 -18.96
CA ALA M 348 13.74 12.03 -20.37
C ALA M 348 13.66 10.54 -20.72
N PHE M 349 14.46 9.68 -20.07
CA PHE M 349 14.57 8.31 -20.53
C PHE M 349 14.42 7.33 -19.37
N ALA M 350 14.49 7.80 -18.12
CA ALA M 350 14.48 6.92 -16.96
C ALA M 350 13.40 7.34 -15.96
N TRP M 351 13.77 8.03 -14.87
CA TRP M 351 12.84 8.71 -13.97
C TRP M 351 13.58 9.82 -13.21
N MET N 21 1.37 25.16 4.41
CA MET N 21 2.66 25.85 4.68
C MET N 21 3.39 26.00 3.36
N GLU N 22 3.97 27.18 3.10
CA GLU N 22 4.86 27.40 1.97
C GLU N 22 6.28 26.97 2.41
N TYR N 23 6.99 26.26 1.51
CA TYR N 23 8.36 25.80 1.71
C TYR N 23 9.26 26.44 0.67
N THR N 24 10.57 26.45 0.96
CA THR N 24 11.57 27.07 0.12
C THR N 24 12.93 26.48 0.46
N GLN N 25 13.87 26.58 -0.50
CA GLN N 25 15.27 26.27 -0.29
C GLN N 25 15.80 27.41 0.56
N LEU N 26 16.65 27.06 1.55
CA LEU N 26 17.37 28.07 2.32
C LEU N 26 18.56 28.57 1.52
N GLY N 27 18.36 29.72 0.88
CA GLY N 27 19.33 30.22 -0.07
C GLY N 27 19.62 29.18 -1.16
N ARG N 28 20.91 28.97 -1.40
CA ARG N 28 21.42 28.10 -2.45
C ARG N 28 21.46 26.64 -1.99
N ILE N 29 21.25 26.31 -0.72
CA ILE N 29 21.55 24.93 -0.32
C ILE N 29 20.33 24.03 -0.52
N GLY N 30 20.56 22.75 -0.27
CA GLY N 30 19.58 21.71 -0.54
C GLY N 30 18.55 21.55 0.59
N LEU N 31 18.78 22.25 1.71
CA LEU N 31 17.87 22.23 2.84
C LEU N 31 16.56 22.95 2.49
N LYS N 32 15.44 22.27 2.73
CA LYS N 32 14.12 22.85 2.54
C LYS N 32 13.58 23.26 3.90
N VAL N 33 13.16 24.51 3.98
CA VAL N 33 12.61 25.05 5.22
C VAL N 33 11.22 25.64 4.99
N SER N 34 10.39 25.60 6.04
CA SER N 34 9.17 26.39 6.07
C SER N 34 9.52 27.87 5.98
N ARG N 35 8.64 28.68 5.35
CA ARG N 35 8.86 30.10 5.15
C ARG N 35 8.47 30.89 6.41
N LEU N 36 7.93 30.19 7.40
CA LEU N 36 7.90 30.69 8.76
C LEU N 36 8.97 29.96 9.56
N VAL N 37 9.81 30.73 10.26
CA VAL N 37 10.75 30.16 11.22
C VAL N 37 10.19 30.37 12.62
N LEU N 38 10.11 29.28 13.38
CA LEU N 38 9.66 29.37 14.75
C LEU N 38 10.78 29.84 15.64
N GLY N 39 10.62 31.07 16.16
CA GLY N 39 11.49 31.61 17.19
C GLY N 39 11.03 31.14 18.57
N THR N 40 12.00 30.80 19.43
CA THR N 40 11.77 30.16 20.71
C THR N 40 12.15 31.10 21.87
N MET N 41 12.43 32.38 21.58
CA MET N 41 12.92 33.36 22.56
C MET N 41 11.99 33.46 23.80
N ASN N 42 10.68 33.16 23.64
CA ASN N 42 9.67 33.28 24.68
C ASN N 42 9.60 32.02 25.54
N PHE N 43 10.05 30.89 25.00
CA PHE N 43 9.97 29.61 25.69
C PHE N 43 10.99 29.59 26.83
N GLY N 44 10.51 29.63 28.09
CA GLY N 44 11.37 29.76 29.27
C GLY N 44 11.10 31.05 30.07
N PRO N 45 11.44 32.26 29.55
CA PRO N 45 11.20 33.51 30.27
C PRO N 45 9.74 33.95 30.36
N THR N 46 8.93 33.67 29.34
CA THR N 46 7.53 34.06 29.31
C THR N 46 6.63 32.84 29.36
N THR N 47 6.77 31.98 28.34
CA THR N 47 5.97 30.79 28.17
C THR N 47 6.63 29.62 28.89
N ASP N 48 5.82 28.83 29.59
CA ASP N 48 6.37 27.76 30.40
C ASP N 48 6.68 26.56 29.52
N GLU N 49 7.31 25.56 30.13
CA GLU N 49 7.79 24.37 29.42
C GLU N 49 6.63 23.61 28.78
N ALA N 50 5.49 23.48 29.48
CA ALA N 50 4.39 22.67 28.98
C ALA N 50 3.75 23.33 27.76
N GLU N 51 3.56 24.66 27.81
CA GLU N 51 2.91 25.38 26.72
C GLU N 51 3.86 25.53 25.52
N SER N 52 5.13 25.80 25.79
CA SER N 52 6.19 25.79 24.79
C SER N 52 6.12 24.51 23.95
N HIS N 53 6.07 23.35 24.62
CA HIS N 53 5.98 22.05 23.98
C HIS N 53 4.73 21.92 23.10
N ALA N 54 3.60 22.42 23.63
CA ALA N 54 2.33 22.39 22.92
C ALA N 54 2.45 23.23 21.66
N ILE N 55 3.03 24.44 21.78
CA ILE N 55 3.25 25.32 20.62
C ILE N 55 4.12 24.63 19.56
N MET N 56 5.18 23.93 19.98
CA MET N 56 6.14 23.30 19.07
C MET N 56 5.44 22.14 18.32
N ASP N 57 4.71 21.31 19.06
CA ASP N 57 3.83 20.31 18.48
C ASP N 57 2.84 20.93 17.49
N ALA N 58 2.29 22.10 17.78
CA ALA N 58 1.35 22.72 16.86
C ALA N 58 2.07 23.24 15.61
N ALA N 59 3.32 23.70 15.80
CA ALA N 59 4.17 24.13 14.70
C ALA N 59 4.43 22.97 13.72
N LEU N 60 4.81 21.80 14.23
CA LEU N 60 4.95 20.60 13.42
C LEU N 60 3.67 20.25 12.66
N ASP N 61 2.52 20.28 13.36
CA ASP N 61 1.22 20.04 12.73
C ASP N 61 0.92 21.02 11.59
N ALA N 62 1.33 22.28 11.69
CA ALA N 62 1.12 23.24 10.62
C ALA N 62 2.20 23.09 9.53
N GLY N 63 3.17 22.18 9.74
CA GLY N 63 4.25 21.93 8.80
C GLY N 63 5.46 22.86 8.95
N ILE N 64 5.56 23.62 10.05
CA ILE N 64 6.77 24.36 10.36
C ILE N 64 7.86 23.38 10.81
N ASN N 65 9.00 23.38 10.11
CA ASN N 65 10.07 22.43 10.37
C ASN N 65 11.34 23.12 10.87
N PHE N 66 11.32 24.45 10.89
CA PHE N 66 12.53 25.24 11.04
C PHE N 66 12.44 26.01 12.35
N PHE N 67 13.17 25.53 13.36
CA PHE N 67 13.09 26.09 14.70
C PHE N 67 14.40 26.79 15.02
N ASP N 68 14.30 28.01 15.60
CA ASP N 68 15.43 28.85 15.92
C ASP N 68 15.52 29.13 17.44
N THR N 69 16.70 28.92 18.00
CA THR N 69 16.94 29.17 19.40
C THR N 69 18.30 29.83 19.52
N ALA N 70 18.72 30.01 20.78
CA ALA N 70 20.05 30.49 21.12
C ALA N 70 20.46 30.06 22.52
N ASN N 71 21.79 30.03 22.76
CA ASN N 71 22.28 29.65 24.08
C ASN N 71 21.76 30.66 25.12
N VAL N 72 21.81 31.97 24.81
CA VAL N 72 21.45 33.00 25.77
C VAL N 72 19.95 33.09 26.06
N TYR N 73 19.08 32.46 25.25
CA TYR N 73 17.64 32.56 25.48
C TYR N 73 17.32 31.98 26.86
N GLY N 74 16.43 32.68 27.56
CA GLY N 74 16.20 32.41 28.97
C GLY N 74 16.53 33.66 29.78
N TRP N 75 17.67 34.28 29.45
CA TRP N 75 18.09 35.59 29.94
C TRP N 75 18.52 35.51 31.40
N GLY N 76 19.36 36.47 31.79
CA GLY N 76 19.79 36.59 33.17
C GLY N 76 20.45 35.31 33.65
N GLU N 77 20.05 34.85 34.83
CA GLU N 77 20.62 33.66 35.45
C GLU N 77 19.89 32.42 34.89
N ASN N 78 18.94 32.62 33.98
CA ASN N 78 18.25 31.51 33.36
C ASN N 78 18.74 31.28 31.91
N LYS N 79 19.90 31.83 31.53
CA LYS N 79 20.46 31.56 30.19
C LYS N 79 20.62 30.05 30.01
N GLY N 80 20.14 29.54 28.87
CA GLY N 80 20.20 28.12 28.54
C GLY N 80 18.84 27.45 28.66
N ARG N 81 17.87 28.12 29.31
CA ARG N 81 16.61 27.47 29.63
C ARG N 81 15.88 27.09 28.35
N THR N 82 15.88 28.01 27.37
CA THR N 82 15.14 27.74 26.15
C THR N 82 15.67 26.47 25.47
N GLU N 83 17.01 26.31 25.44
CA GLU N 83 17.63 25.12 24.87
C GLU N 83 17.16 23.88 25.64
N GLU N 84 17.05 23.95 26.97
CA GLU N 84 16.64 22.80 27.78
C GLU N 84 15.20 22.39 27.47
N ILE N 85 14.36 23.39 27.18
CA ILE N 85 12.97 23.14 26.85
C ILE N 85 12.86 22.43 25.48
N LEU N 86 13.73 22.78 24.52
CA LEU N 86 13.76 22.02 23.29
C LEU N 86 14.26 20.61 23.57
N GLY N 87 15.27 20.52 24.43
CA GLY N 87 15.84 19.26 24.88
C GLY N 87 14.83 18.29 25.47
N SER N 88 13.94 18.78 26.35
CA SER N 88 12.92 17.95 26.96
C SER N 88 11.81 17.60 25.95
N TRP N 89 11.62 18.47 24.93
CA TRP N 89 10.65 18.19 23.88
C TRP N 89 11.13 16.99 23.04
N PHE N 90 12.40 17.03 22.63
CA PHE N 90 13.00 15.98 21.84
C PHE N 90 12.93 14.68 22.63
N ALA N 91 13.13 14.77 23.96
CA ALA N 91 13.20 13.58 24.81
C ALA N 91 11.87 12.83 24.85
N GLN N 92 10.76 13.48 24.49
CA GLN N 92 9.44 12.84 24.43
C GLN N 92 9.30 11.82 23.30
N GLY N 93 10.29 11.72 22.39
CA GLY N 93 10.20 10.83 21.23
C GLY N 93 9.29 11.40 20.15
N GLY N 94 8.63 10.50 19.41
CA GLY N 94 7.68 10.89 18.37
C GLY N 94 8.31 11.54 17.12
N ASP N 95 9.61 11.32 16.88
CA ASP N 95 10.29 11.86 15.70
C ASP N 95 10.37 13.39 15.72
N ARG N 96 10.26 14.02 16.91
CA ARG N 96 10.33 15.47 17.01
C ARG N 96 11.69 15.97 16.53
N ARG N 97 12.79 15.41 17.05
CA ARG N 97 14.13 15.84 16.70
C ARG N 97 14.36 15.64 15.20
N ASP N 98 13.97 14.45 14.71
CA ASP N 98 14.21 14.04 13.34
C ASP N 98 13.48 14.95 12.36
N LYS N 99 12.32 15.50 12.75
CA LYS N 99 11.54 16.32 11.82
C LYS N 99 11.96 17.79 11.81
N VAL N 100 12.74 18.28 12.80
CA VAL N 100 13.03 19.69 12.80
C VAL N 100 14.46 19.98 12.34
N VAL N 101 14.56 21.10 11.65
CA VAL N 101 15.83 21.75 11.40
C VAL N 101 16.13 22.63 12.62
N LEU N 102 17.09 22.18 13.43
CA LEU N 102 17.40 22.82 14.70
C LEU N 102 18.58 23.79 14.54
N ALA N 103 18.29 25.07 14.81
CA ALA N 103 19.25 26.16 14.77
C ALA N 103 19.43 26.74 16.17
N THR N 104 20.71 26.99 16.54
CA THR N 104 21.06 27.71 17.75
C THR N 104 22.19 28.66 17.40
N LYS N 105 22.77 29.30 18.43
CA LYS N 105 23.71 30.40 18.23
C LYS N 105 24.84 30.37 19.26
N VAL N 106 25.92 31.03 18.87
CA VAL N 106 27.13 31.23 19.67
C VAL N 106 27.57 32.67 19.49
N TYR N 107 28.05 33.28 20.59
CA TYR N 107 28.63 34.62 20.64
C TYR N 107 28.34 35.23 22.00
N GLY N 108 27.13 35.00 22.51
CA GLY N 108 26.66 35.63 23.74
C GLY N 108 27.38 35.12 24.98
N ASN N 109 27.61 36.03 25.91
CA ASN N 109 28.01 35.72 27.27
C ASN N 109 26.96 34.79 27.94
N MET N 110 27.37 33.58 28.34
CA MET N 110 26.50 32.66 29.07
C MET N 110 26.72 32.72 30.60
N GLY N 111 27.63 33.58 31.06
CA GLY N 111 27.84 33.81 32.48
C GLY N 111 26.99 34.97 32.98
N LEU N 112 27.42 35.59 34.08
CA LEU N 112 26.70 36.72 34.65
C LEU N 112 26.66 37.89 33.65
N ASP N 113 25.48 38.52 33.52
CA ASP N 113 25.33 39.71 32.71
C ASP N 113 26.26 40.83 33.20
N GLY N 114 26.74 41.64 32.25
CA GLY N 114 27.85 42.53 32.49
C GLY N 114 29.06 42.13 31.66
N PRO N 115 30.20 42.83 31.84
CA PRO N 115 31.41 42.52 31.06
C PRO N 115 31.77 41.05 31.23
N ALA N 116 31.97 40.36 30.10
CA ALA N 116 32.18 38.94 30.08
C ALA N 116 33.62 38.63 30.50
N TRP N 117 33.86 37.46 31.10
CA TRP N 117 35.24 37.02 31.22
C TRP N 117 35.83 36.90 29.80
N PRO N 118 37.12 37.27 29.55
CA PRO N 118 37.70 37.13 28.22
C PRO N 118 37.51 35.74 27.64
N ASN N 119 36.98 35.70 26.39
CA ASN N 119 36.81 34.48 25.60
C ASN N 119 35.60 33.69 26.07
N HIS N 120 34.77 34.32 26.92
CA HIS N 120 33.50 33.71 27.27
C HIS N 120 32.34 34.43 26.58
N ASP N 121 32.68 35.38 25.69
CA ASP N 121 31.79 35.85 24.64
C ASP N 121 32.59 35.84 23.32
N LYS N 122 31.91 36.20 22.22
CA LYS N 122 32.53 36.39 20.91
C LYS N 122 32.92 35.07 20.25
N LEU N 123 33.76 35.12 19.19
CA LEU N 123 33.85 34.03 18.22
C LEU N 123 35.24 33.41 18.12
N SER N 124 36.08 33.54 19.14
CA SER N 124 37.32 32.79 19.21
C SER N 124 37.03 31.30 19.11
N ALA N 125 37.96 30.52 18.56
CA ALA N 125 37.81 29.06 18.54
C ALA N 125 37.61 28.51 19.96
N LEU N 126 38.10 29.21 20.98
CA LEU N 126 37.92 28.84 22.40
C LEU N 126 36.47 29.01 22.82
N ASN N 127 35.84 30.17 22.58
CA ASN N 127 34.43 30.33 22.95
C ASN N 127 33.57 29.39 22.10
N ILE N 128 33.93 29.20 20.83
CA ILE N 128 33.14 28.31 20.01
C ILE N 128 33.08 26.90 20.61
N ARG N 129 34.24 26.36 21.05
CA ARG N 129 34.33 25.02 21.59
C ARG N 129 33.44 24.89 22.83
N ARG N 130 33.57 25.82 23.76
CA ARG N 130 32.86 25.68 25.03
C ARG N 130 31.38 25.90 24.82
N SER N 131 31.01 26.85 23.93
CA SER N 131 29.61 27.21 23.69
C SER N 131 28.85 26.06 23.05
N VAL N 132 29.44 25.33 22.08
CA VAL N 132 28.68 24.31 21.39
C VAL N 132 28.49 23.10 22.30
N ASP N 133 29.51 22.73 23.07
CA ASP N 133 29.41 21.60 23.99
C ASP N 133 28.28 21.83 24.99
N ALA N 134 28.17 23.06 25.54
CA ALA N 134 27.09 23.41 26.46
C ALA N 134 25.72 23.33 25.77
N SER N 135 25.59 23.87 24.55
CA SER N 135 24.32 23.86 23.83
C SER N 135 23.88 22.43 23.46
N LEU N 136 24.82 21.59 23.02
CA LEU N 136 24.50 20.20 22.72
C LEU N 136 23.96 19.49 23.95
N LYS N 137 24.63 19.65 25.11
CA LYS N 137 24.18 19.06 26.38
C LYS N 137 22.75 19.51 26.70
N ARG N 138 22.48 20.82 26.64
CA ARG N 138 21.18 21.37 27.01
C ARG N 138 20.11 20.89 26.02
N LEU N 139 20.44 20.88 24.72
CA LEU N 139 19.46 20.52 23.70
C LEU N 139 19.25 19.02 23.67
N GLY N 140 20.11 18.23 24.35
CA GLY N 140 19.83 16.81 24.48
C GLY N 140 19.80 16.15 23.11
N THR N 141 20.79 16.53 22.28
CA THR N 141 20.95 16.01 20.93
C THR N 141 22.45 15.95 20.67
N ASP N 142 22.84 15.04 19.78
CA ASP N 142 24.23 14.90 19.36
C ASP N 142 24.60 15.85 18.20
N HIS N 143 23.64 16.59 17.62
CA HIS N 143 23.99 17.50 16.54
C HIS N 143 22.99 18.65 16.41
N ILE N 144 23.54 19.78 15.95
CA ILE N 144 22.82 20.99 15.63
C ILE N 144 22.85 21.08 14.10
N ASP N 145 21.67 21.34 13.52
CA ASP N 145 21.52 21.46 12.08
C ASP N 145 22.14 22.76 11.56
N LEU N 146 21.82 23.88 12.19
CA LEU N 146 22.25 25.19 11.74
C LEU N 146 22.82 25.94 12.94
N TYR N 147 24.15 26.04 12.96
CA TYR N 147 24.83 26.75 14.02
C TYR N 147 25.16 28.16 13.52
N GLN N 148 24.75 29.18 14.28
CA GLN N 148 24.81 30.54 13.79
C GLN N 148 25.63 31.42 14.70
N PHE N 149 26.42 32.31 14.09
CA PHE N 149 27.04 33.41 14.81
C PHE N 149 25.95 34.40 15.19
N HIS N 150 25.84 34.73 16.47
CA HIS N 150 24.79 35.63 16.95
C HIS N 150 25.02 37.07 16.47
N HIS N 151 26.29 37.40 16.21
CA HIS N 151 26.73 38.73 15.80
C HIS N 151 28.11 38.58 15.17
N VAL N 152 28.49 39.56 14.37
CA VAL N 152 29.83 39.64 13.83
C VAL N 152 30.80 39.93 14.97
N ASP N 153 31.98 39.31 14.85
CA ASP N 153 33.08 39.56 15.75
C ASP N 153 34.27 39.99 14.93
N ARG N 154 34.51 41.28 14.84
CA ARG N 154 35.58 41.80 14.00
C ARG N 154 37.00 41.55 14.49
N ASP N 155 37.15 41.02 15.69
CA ASP N 155 38.48 40.70 16.15
C ASP N 155 38.88 39.25 15.81
N THR N 156 37.98 38.44 15.21
CA THR N 156 38.31 37.05 14.96
C THR N 156 38.39 36.82 13.45
N PRO N 157 39.57 36.40 12.92
CA PRO N 157 39.71 36.16 11.49
C PRO N 157 38.97 34.90 11.03
N TRP N 158 38.62 34.88 9.74
CA TRP N 158 37.83 33.77 9.22
C TRP N 158 38.58 32.45 9.18
N ASP N 159 39.91 32.46 9.08
CA ASP N 159 40.61 31.18 9.12
C ASP N 159 40.49 30.53 10.51
N GLU N 160 40.47 31.33 11.58
CA GLU N 160 40.21 30.81 12.91
C GLU N 160 38.77 30.31 13.04
N ILE N 161 37.79 31.12 12.60
CA ILE N 161 36.38 30.74 12.70
C ILE N 161 36.09 29.48 11.88
N TRP N 162 36.55 29.43 10.63
CA TRP N 162 36.25 28.26 9.81
C TRP N 162 36.97 27.03 10.34
N GLN N 163 38.15 27.18 10.99
CA GLN N 163 38.77 26.05 11.65
C GLN N 163 37.83 25.48 12.72
N ALA N 164 37.36 26.34 13.63
CA ALA N 164 36.48 25.91 14.71
C ALA N 164 35.22 25.20 14.20
N MET N 165 34.60 25.77 13.15
CA MET N 165 33.38 25.22 12.58
C MET N 165 33.67 23.91 11.84
N ASP N 166 34.78 23.84 11.11
CA ASP N 166 35.12 22.64 10.35
C ASP N 166 35.40 21.46 11.26
N VAL N 167 36.03 21.71 12.41
CA VAL N 167 36.17 20.68 13.43
C VAL N 167 34.78 20.12 13.78
N LEU N 168 33.79 20.98 13.99
CA LEU N 168 32.48 20.50 14.38
C LEU N 168 31.78 19.77 13.23
N VAL N 169 31.91 20.25 12.01
CA VAL N 169 31.35 19.54 10.86
C VAL N 169 31.89 18.11 10.76
N ARG N 170 33.21 17.95 10.81
CA ARG N 170 33.84 16.64 10.61
C ARG N 170 33.55 15.68 11.72
N GLN N 171 33.35 16.19 12.91
CA GLN N 171 32.93 15.34 14.01
C GLN N 171 31.43 14.99 13.95
N GLY N 172 30.64 15.62 13.05
CA GLY N 172 29.22 15.33 12.97
C GLY N 172 28.37 16.12 13.97
N LYS N 173 28.93 17.18 14.55
CA LYS N 173 28.25 17.92 15.60
C LYS N 173 27.38 19.05 15.07
N ILE N 174 27.74 19.60 13.92
CA ILE N 174 26.89 20.55 13.21
C ILE N 174 26.88 20.15 11.74
N LEU N 175 25.89 20.67 11.03
CA LEU N 175 25.78 20.44 9.59
C LEU N 175 26.11 21.74 8.87
N TYR N 176 25.36 22.79 9.23
CA TYR N 176 25.39 24.04 8.51
C TYR N 176 25.78 25.16 9.47
N VAL N 177 26.35 26.21 8.86
CA VAL N 177 26.78 27.39 9.57
C VAL N 177 26.03 28.57 8.99
N GLY N 178 25.52 29.44 9.86
CA GLY N 178 24.88 30.68 9.43
C GLY N 178 25.38 31.86 10.28
N SER N 179 25.02 33.07 9.84
CA SER N 179 25.34 34.30 10.51
C SER N 179 24.09 34.97 11.02
N SER N 180 24.35 35.96 11.85
CA SER N 180 23.34 36.88 12.30
C SER N 180 23.99 38.21 12.68
N ASN N 181 23.30 39.31 12.37
CA ASN N 181 23.80 40.66 12.60
C ASN N 181 25.21 40.78 12.03
N PHE N 182 25.33 40.52 10.71
CA PHE N 182 26.55 40.76 9.94
C PHE N 182 26.38 41.99 9.04
N ALA N 183 27.52 42.56 8.62
CA ALA N 183 27.57 43.43 7.47
C ALA N 183 27.71 42.60 6.19
N GLY N 184 27.25 43.16 5.07
CA GLY N 184 27.32 42.50 3.79
C GLY N 184 28.74 42.04 3.49
N TRP N 185 29.73 42.90 3.81
CA TRP N 185 31.10 42.60 3.48
C TRP N 185 31.64 41.48 4.36
N ASN N 186 31.04 41.28 5.56
CA ASN N 186 31.40 40.17 6.43
C ASN N 186 30.92 38.85 5.80
N ILE N 187 29.73 38.92 5.23
CA ILE N 187 29.19 37.79 4.51
C ILE N 187 30.09 37.37 3.34
N ALA N 188 30.46 38.34 2.47
CA ALA N 188 31.34 38.05 1.35
C ALA N 188 32.70 37.52 1.82
N GLN N 189 33.29 38.16 2.82
CA GLN N 189 34.60 37.74 3.30
C GLN N 189 34.53 36.31 3.85
N ALA N 190 33.49 35.99 4.62
CA ALA N 190 33.31 34.67 5.19
C ALA N 190 33.21 33.62 4.08
N ASN N 191 32.35 33.84 3.07
CA ASN N 191 32.07 32.79 2.10
C ASN N 191 33.22 32.63 1.12
N GLU N 192 33.88 33.72 0.75
CA GLU N 192 35.05 33.62 -0.11
C GLU N 192 36.16 32.83 0.60
N THR N 193 36.32 33.06 1.90
CA THR N 193 37.36 32.38 2.65
C THR N 193 37.07 30.87 2.70
N ALA N 194 35.80 30.54 2.98
CA ALA N 194 35.35 29.16 3.01
C ALA N 194 35.62 28.48 1.66
N ALA N 195 35.20 29.12 0.57
CA ALA N 195 35.26 28.53 -0.76
C ALA N 195 36.71 28.32 -1.20
N ARG N 196 37.62 29.17 -0.79
CA ARG N 196 39.03 29.03 -1.13
C ARG N 196 39.53 27.64 -0.83
N HIS N 197 39.04 27.05 0.24
CA HIS N 197 39.49 25.75 0.68
C HIS N 197 38.38 24.73 0.61
N GLY N 198 37.31 25.00 -0.15
CA GLY N 198 36.32 23.99 -0.46
C GLY N 198 35.24 23.75 0.60
N ARG N 199 35.20 24.57 1.63
CA ARG N 199 34.17 24.44 2.63
C ARG N 199 32.87 25.09 2.26
N LEU N 200 31.76 24.54 2.71
CA LEU N 200 30.47 25.21 2.53
C LEU N 200 30.46 26.42 3.46
N GLY N 201 30.10 27.58 2.92
CA GLY N 201 30.15 28.78 3.74
C GLY N 201 28.82 29.03 4.44
N LEU N 202 28.63 30.28 4.86
CA LEU N 202 27.38 30.71 5.48
C LEU N 202 26.23 30.27 4.58
N VAL N 203 25.19 29.69 5.16
CA VAL N 203 24.02 29.32 4.38
C VAL N 203 22.84 30.27 4.58
N SER N 204 22.95 31.15 5.59
CA SER N 204 21.84 32.04 5.95
C SER N 204 22.38 33.19 6.79
N GLU N 205 21.74 34.37 6.62
CA GLU N 205 21.92 35.52 7.49
C GLU N 205 20.59 35.83 8.18
N GLN N 206 20.66 35.97 9.51
CA GLN N 206 19.53 36.39 10.33
C GLN N 206 19.73 37.87 10.68
N CYS N 207 18.97 38.75 10.00
CA CYS N 207 19.14 40.18 10.09
C CYS N 207 17.83 40.88 10.52
N LEU N 208 17.95 42.05 11.15
CA LEU N 208 16.81 42.84 11.55
C LEU N 208 16.22 43.48 10.30
N TYR N 209 14.99 43.07 9.96
CA TYR N 209 14.37 43.51 8.73
C TYR N 209 12.85 43.55 8.93
N ASN N 210 12.23 44.72 8.77
CA ASN N 210 10.79 44.87 8.88
C ASN N 210 10.40 46.20 8.23
N LEU N 211 9.09 46.50 8.11
CA LEU N 211 8.65 47.76 7.52
C LEU N 211 9.38 48.98 8.11
N CYS N 212 9.53 49.03 9.45
CA CYS N 212 10.12 50.18 10.11
C CYS N 212 11.62 50.27 9.82
N GLU N 213 12.32 49.13 9.87
CA GLU N 213 13.77 49.12 9.71
C GLU N 213 14.17 48.32 8.45
N ARG N 214 14.55 49.08 7.41
CA ARG N 214 14.74 48.52 6.09
C ARG N 214 16.20 48.65 5.65
N ARG N 215 17.12 49.05 6.53
CA ARG N 215 18.47 49.38 6.05
C ARG N 215 19.30 48.12 5.76
N ALA N 216 18.82 46.92 6.13
CA ALA N 216 19.41 45.68 5.66
C ALA N 216 19.39 45.62 4.13
N GLU N 217 18.57 46.44 3.48
CA GLU N 217 18.45 46.49 2.03
C GLU N 217 19.64 47.15 1.36
N MET N 218 20.41 47.94 2.11
CA MET N 218 21.53 48.69 1.54
C MET N 218 22.63 47.71 1.10
N GLU N 219 22.98 46.74 1.92
CA GLU N 219 24.10 45.88 1.60
C GLU N 219 23.99 44.48 2.15
N VAL N 220 23.32 44.31 3.27
CA VAL N 220 23.26 43.01 3.92
C VAL N 220 22.52 42.02 3.01
N VAL N 221 21.31 42.41 2.58
CA VAL N 221 20.49 41.53 1.77
C VAL N 221 21.06 41.41 0.36
N PRO N 222 21.56 42.48 -0.32
CA PRO N 222 22.26 42.29 -1.59
C PRO N 222 23.41 41.29 -1.55
N ALA N 223 24.29 41.37 -0.52
CA ALA N 223 25.37 40.40 -0.32
C ALA N 223 24.84 38.98 -0.09
N ALA N 224 23.85 38.86 0.81
CA ALA N 224 23.26 37.55 1.06
C ALA N 224 22.80 36.94 -0.26
N ARG N 225 22.10 37.73 -1.07
CA ARG N 225 21.55 37.24 -2.32
C ARG N 225 22.67 36.88 -3.30
N GLU N 226 23.71 37.71 -3.40
CA GLU N 226 24.82 37.39 -4.28
C GLU N 226 25.48 36.06 -3.89
N TYR N 227 25.56 35.79 -2.58
CA TYR N 227 26.30 34.63 -2.11
C TYR N 227 25.39 33.42 -1.88
N GLY N 228 24.08 33.56 -2.16
CA GLY N 228 23.13 32.47 -2.02
C GLY N 228 22.85 32.10 -0.56
N LEU N 229 22.79 33.11 0.32
CA LEU N 229 22.33 32.89 1.68
C LEU N 229 20.82 33.08 1.73
N GLY N 230 20.14 32.23 2.48
CA GLY N 230 18.80 32.55 2.91
C GLY N 230 18.84 33.80 3.79
N VAL N 231 17.75 34.61 3.76
CA VAL N 231 17.64 35.72 4.67
C VAL N 231 16.46 35.47 5.61
N ILE N 232 16.76 35.46 6.92
CA ILE N 232 15.79 35.25 7.98
C ILE N 232 15.66 36.56 8.75
N ALA N 233 14.43 37.09 8.78
CA ALA N 233 14.17 38.40 9.38
C ALA N 233 13.76 38.23 10.83
N TRP N 234 14.62 38.75 11.74
CA TRP N 234 14.26 38.77 13.15
C TRP N 234 13.59 40.11 13.49
N SER N 235 12.81 40.09 14.58
CA SER N 235 11.98 41.21 15.01
C SER N 235 11.12 41.70 13.84
N PRO N 236 10.33 40.77 13.24
CA PRO N 236 9.56 41.08 12.04
C PRO N 236 8.46 42.13 12.26
N LEU N 237 8.04 42.27 13.53
CA LEU N 237 7.03 43.21 13.98
C LEU N 237 7.67 44.46 14.62
N HIS N 238 9.02 44.55 14.58
CA HIS N 238 9.78 45.63 15.21
C HIS N 238 9.44 45.75 16.70
N GLY N 239 9.54 44.64 17.40
CA GLY N 239 9.35 44.61 18.83
C GLY N 239 7.89 44.85 19.24
N GLY N 240 6.96 44.61 18.30
CA GLY N 240 5.55 44.75 18.53
C GLY N 240 4.96 46.03 17.94
N LEU N 241 5.81 46.92 17.42
CA LEU N 241 5.38 48.23 16.97
C LEU N 241 4.48 48.14 15.72
N LEU N 242 4.55 47.03 14.98
CA LEU N 242 3.75 46.81 13.77
C LEU N 242 2.63 45.81 14.09
N GLY N 243 2.49 45.45 15.38
CA GLY N 243 1.50 44.46 15.81
C GLY N 243 0.14 45.06 16.17
N GLY N 244 -0.06 46.36 15.85
CA GLY N 244 -1.27 47.07 16.21
C GLY N 244 -1.13 47.71 17.59
N ALA N 245 -0.02 48.44 17.78
CA ALA N 245 0.39 48.91 19.11
C ALA N 245 -0.50 50.06 19.57
N ILE N 246 -0.78 51.01 18.66
CA ILE N 246 -1.67 52.14 18.90
C ILE N 246 -3.05 51.67 19.36
N ARG N 247 -3.74 50.86 18.59
CA ARG N 247 -5.03 50.36 19.00
C ARG N 247 -4.99 49.80 20.39
N LYS N 248 -3.92 49.12 20.75
CA LYS N 248 -3.86 48.45 22.03
C LYS N 248 -3.43 49.40 23.16
N GLU N 249 -2.99 50.62 22.82
CA GLU N 249 -2.70 51.67 23.81
C GLU N 249 -3.82 52.72 23.83
N LEU N 266 8.77 53.82 23.45
CA LEU N 266 9.61 53.82 22.23
C LEU N 266 8.85 54.55 21.12
N LYS N 267 8.56 55.85 21.34
CA LYS N 267 7.60 56.58 20.53
C LYS N 267 7.94 58.07 20.36
N ASP N 268 8.40 58.41 19.14
CA ASP N 268 8.69 59.76 18.68
C ASP N 268 7.40 60.32 18.05
N PRO N 269 7.15 61.66 18.00
CA PRO N 269 5.98 62.21 17.31
C PRO N 269 5.82 61.90 15.83
N GLN N 270 6.93 61.61 15.13
CA GLN N 270 6.89 61.27 13.71
C GLN N 270 6.76 59.76 13.53
N GLN N 271 7.37 58.98 14.43
CA GLN N 271 7.29 57.53 14.35
C GLN N 271 5.84 57.09 14.65
N ARG N 272 5.10 57.90 15.39
CA ARG N 272 3.73 57.55 15.67
C ARG N 272 2.85 57.84 14.47
N GLU N 273 3.11 58.95 13.79
CA GLU N 273 2.30 59.32 12.64
C GLU N 273 2.29 58.15 11.66
N GLN N 274 3.50 57.60 11.44
CA GLN N 274 3.78 56.49 10.54
C GLN N 274 2.96 55.26 10.95
N ILE N 275 3.06 54.86 12.23
CA ILE N 275 2.35 53.68 12.73
C ILE N 275 0.84 53.90 12.64
N GLN N 276 0.41 55.16 12.81
CA GLN N 276 -1.00 55.53 12.76
C GLN N 276 -1.54 55.35 11.34
N ARG N 277 -0.85 55.90 10.34
CA ARG N 277 -1.21 55.69 8.94
C ARG N 277 -1.29 54.20 8.62
N TYR N 278 -0.35 53.43 9.20
CA TYR N 278 -0.23 51.99 9.01
C TYR N 278 -1.49 51.28 9.48
N GLU N 279 -1.88 51.48 10.75
CA GLU N 279 -3.05 50.84 11.35
C GLU N 279 -4.35 51.27 10.65
N ASP N 280 -4.47 52.56 10.30
CA ASP N 280 -5.58 53.08 9.51
C ASP N 280 -5.64 52.39 8.16
N LEU N 281 -4.51 52.34 7.43
CA LEU N 281 -4.48 51.71 6.12
C LEU N 281 -5.03 50.28 6.22
N LEU N 282 -4.64 49.53 7.26
CA LEU N 282 -5.00 48.12 7.34
C LEU N 282 -6.44 47.95 7.83
N ASP N 283 -6.92 48.84 8.72
CA ASP N 283 -8.34 49.00 9.02
C ASP N 283 -9.15 49.11 7.72
N LYS N 284 -8.76 50.06 6.86
CA LYS N 284 -9.40 50.32 5.58
C LYS N 284 -9.50 49.04 4.75
N HIS N 285 -8.48 48.17 4.78
CA HIS N 285 -8.41 47.00 3.93
C HIS N 285 -8.83 45.70 4.65
N GLY N 286 -9.23 45.79 5.92
CA GLY N 286 -9.64 44.61 6.67
C GLY N 286 -8.49 43.66 7.04
N LEU N 287 -7.25 44.17 7.17
CA LEU N 287 -6.10 43.32 7.41
C LEU N 287 -5.63 43.47 8.86
N GLU N 288 -5.26 42.35 9.48
CA GLU N 288 -4.62 42.37 10.79
C GLU N 288 -3.17 42.83 10.67
N PRO N 289 -2.72 43.86 11.45
CA PRO N 289 -1.37 44.43 11.26
C PRO N 289 -0.18 43.49 11.50
N GLY N 290 -0.25 42.69 12.56
CA GLY N 290 0.74 41.67 12.86
C GLY N 290 0.92 40.70 11.69
N GLU N 291 -0.19 40.34 11.04
CA GLU N 291 -0.16 39.43 9.90
C GLU N 291 0.48 40.11 8.69
N VAL N 292 0.24 41.42 8.51
CA VAL N 292 0.71 42.12 7.33
C VAL N 292 2.23 42.27 7.39
N ALA N 293 2.77 42.53 8.58
CA ALA N 293 4.20 42.71 8.76
C ALA N 293 4.96 41.42 8.41
N LEU N 294 4.41 40.27 8.79
CA LEU N 294 4.96 38.98 8.43
C LEU N 294 4.84 38.76 6.92
N ALA N 295 3.64 39.02 6.36
CA ALA N 295 3.36 38.80 4.95
C ALA N 295 4.18 39.73 4.06
N TRP N 296 4.38 40.99 4.47
CA TRP N 296 5.20 41.93 3.72
C TRP N 296 6.61 41.36 3.48
N LEU N 297 7.21 40.79 4.55
CA LEU N 297 8.56 40.23 4.50
C LEU N 297 8.63 39.04 3.55
N LEU N 298 7.55 38.25 3.47
CA LEU N 298 7.48 37.10 2.57
C LEU N 298 7.48 37.54 1.10
N THR N 299 7.22 38.82 0.83
CA THR N 299 7.26 39.35 -0.52
C THR N 299 8.61 39.97 -0.87
N ARG N 300 9.56 40.04 0.08
CA ARG N 300 10.79 40.78 -0.17
C ARG N 300 11.80 39.91 -0.91
N PRO N 301 12.43 40.38 -2.00
CA PRO N 301 13.38 39.51 -2.72
C PRO N 301 14.48 39.04 -1.78
N GLY N 302 14.71 37.72 -1.79
CA GLY N 302 15.83 37.13 -1.09
C GLY N 302 15.51 36.72 0.34
N VAL N 303 14.28 37.02 0.82
CA VAL N 303 13.88 36.67 2.18
C VAL N 303 13.31 35.26 2.21
N THR N 304 13.94 34.40 3.03
CA THR N 304 13.46 33.04 3.27
C THR N 304 12.14 33.12 4.04
N GLY N 305 12.14 33.88 5.14
CA GLY N 305 10.94 34.04 5.94
C GLY N 305 11.21 34.82 7.21
N PRO N 306 10.14 35.26 7.92
CA PRO N 306 10.30 35.90 9.23
C PRO N 306 10.45 34.90 10.37
N ILE N 307 11.07 35.34 11.46
CA ILE N 307 11.04 34.56 12.68
C ILE N 307 9.83 34.99 13.48
N VAL N 308 8.88 34.06 13.61
CA VAL N 308 7.66 34.29 14.36
C VAL N 308 7.93 33.83 15.80
N GLY N 309 7.63 34.70 16.76
CA GLY N 309 7.84 34.38 18.17
C GLY N 309 6.53 34.41 18.96
N PRO N 310 5.66 33.39 18.84
CA PRO N 310 4.42 33.35 19.59
C PRO N 310 4.72 33.12 21.07
N ARG N 311 3.94 33.77 21.98
CA ARG N 311 3.94 33.40 23.40
C ARG N 311 2.82 32.39 23.65
N THR N 312 1.89 32.21 22.70
CA THR N 312 0.79 31.25 22.84
C THR N 312 0.47 30.55 21.50
N ALA N 313 -0.33 29.47 21.59
CA ALA N 313 -0.76 28.72 20.41
C ALA N 313 -1.63 29.56 19.47
N ASP N 314 -2.33 30.58 20.01
CA ASP N 314 -3.20 31.43 19.22
C ASP N 314 -2.36 32.35 18.32
N GLN N 315 -1.26 32.89 18.87
CA GLN N 315 -0.35 33.72 18.09
C GLN N 315 0.30 32.92 16.97
N LEU N 316 0.57 31.63 17.22
CA LEU N 316 1.09 30.73 16.19
C LEU N 316 0.07 30.58 15.06
N ALA N 317 -1.20 30.34 15.40
CA ALA N 317 -2.27 30.19 14.42
C ALA N 317 -2.38 31.44 13.54
N SER N 318 -2.21 32.61 14.16
CA SER N 318 -2.25 33.89 13.44
C SER N 318 -1.06 34.02 12.49
N ALA N 319 0.12 33.55 12.94
CA ALA N 319 1.30 33.60 12.12
C ALA N 319 1.09 32.72 10.89
N VAL N 320 0.52 31.54 11.10
CA VAL N 320 0.24 30.61 10.02
C VAL N 320 -0.70 31.25 9.00
N ARG N 321 -1.71 32.01 9.46
CA ARG N 321 -2.59 32.71 8.54
C ARG N 321 -1.80 33.75 7.73
N ALA N 322 -0.85 34.45 8.35
CA ALA N 322 -0.09 35.48 7.65
C ALA N 322 0.69 34.88 6.47
N ALA N 323 1.10 33.60 6.59
CA ALA N 323 1.82 32.94 5.51
C ALA N 323 0.92 32.58 4.34
N GLU N 324 -0.41 32.58 4.55
CA GLU N 324 -1.37 32.26 3.50
C GLU N 324 -1.93 33.55 2.91
N LEU N 325 -1.62 34.67 3.53
CA LEU N 325 -2.15 35.95 3.11
C LEU N 325 -1.46 36.39 1.82
N THR N 326 -2.25 36.96 0.89
CA THR N 326 -1.71 37.60 -0.30
C THR N 326 -1.96 39.10 -0.18
N LEU N 327 -0.87 39.88 -0.21
CA LEU N 327 -0.94 41.33 -0.22
C LEU N 327 -0.99 41.78 -1.68
N THR N 328 -1.99 42.63 -1.95
CA THR N 328 -2.18 43.22 -3.26
C THR N 328 -1.09 44.27 -3.46
N ASP N 329 -0.89 44.63 -4.74
CA ASP N 329 0.01 45.70 -5.16
C ASP N 329 -0.41 47.04 -4.58
N GLU N 330 -1.73 47.28 -4.48
CA GLU N 330 -2.27 48.49 -3.88
C GLU N 330 -1.72 48.64 -2.46
N VAL N 331 -1.85 47.55 -1.67
CA VAL N 331 -1.40 47.53 -0.29
C VAL N 331 0.13 47.63 -0.19
N LEU N 332 0.86 46.91 -1.06
CA LEU N 332 2.33 46.93 -1.09
C LEU N 332 2.83 48.33 -1.40
N THR N 333 2.22 48.96 -2.42
CA THR N 333 2.56 50.32 -2.82
C THR N 333 2.39 51.27 -1.64
N ALA N 334 1.21 51.22 -1.01
CA ALA N 334 0.91 52.13 0.09
C ALA N 334 1.87 51.89 1.25
N LEU N 335 2.13 50.61 1.57
CA LEU N 335 3.09 50.32 2.63
C LEU N 335 4.46 50.97 2.34
N ASP N 336 4.90 50.89 1.09
CA ASP N 336 6.20 51.38 0.66
C ASP N 336 6.27 52.91 0.71
N GLU N 337 5.14 53.59 0.55
CA GLU N 337 5.08 55.04 0.65
C GLU N 337 5.22 55.46 2.11
N ILE N 338 4.53 54.73 2.99
CA ILE N 338 4.56 54.99 4.43
C ILE N 338 5.94 54.65 4.99
N PHE N 339 6.46 53.46 4.62
CA PHE N 339 7.69 52.91 5.18
C PHE N 339 8.75 52.79 4.08
N PRO N 340 9.32 53.90 3.56
CA PRO N 340 10.29 53.81 2.46
C PRO N 340 11.58 53.09 2.88
N GLY N 341 12.13 52.31 1.94
CA GLY N 341 13.40 51.64 2.14
C GLY N 341 14.48 52.37 1.36
N PRO N 342 15.74 52.27 1.77
CA PRO N 342 16.80 53.09 1.18
C PRO N 342 17.30 52.68 -0.21
N GLY N 343 16.89 51.52 -0.67
CA GLY N 343 17.52 50.91 -1.83
C GLY N 343 18.94 50.38 -1.52
N PRO N 344 19.61 49.78 -2.53
CA PRO N 344 20.96 49.27 -2.36
C PRO N 344 21.96 50.42 -2.34
N SER N 345 23.04 50.27 -1.54
CA SER N 345 24.24 51.07 -1.78
C SER N 345 24.91 50.61 -3.08
N PRO N 346 25.58 51.49 -3.87
CA PRO N 346 25.75 52.92 -3.55
C PRO N 346 24.62 53.91 -3.86
N GLU N 347 23.59 53.50 -4.60
CA GLU N 347 22.45 54.36 -4.95
C GLU N 347 21.79 54.93 -3.69
N ALA N 348 21.80 54.20 -2.58
CA ALA N 348 21.11 54.64 -1.38
C ALA N 348 21.62 55.99 -0.88
N PHE N 349 22.93 56.29 -1.02
CA PHE N 349 23.48 57.52 -0.46
C PHE N 349 24.20 58.39 -1.48
N ALA N 350 24.45 57.87 -2.68
CA ALA N 350 25.19 58.58 -3.72
C ALA N 350 24.37 58.59 -5.00
N TRP N 351 24.74 57.68 -5.91
CA TRP N 351 24.02 57.44 -7.15
C TRP N 351 24.40 56.03 -7.64
N MET O 21 89.07 29.17 -13.29
CA MET O 21 87.89 29.85 -12.69
C MET O 21 86.96 28.76 -12.12
N GLU O 22 86.55 28.94 -10.85
CA GLU O 22 85.56 28.05 -10.25
C GLU O 22 84.16 28.61 -10.60
N TYR O 23 83.24 27.69 -10.93
CA TYR O 23 81.85 28.01 -11.26
C TYR O 23 80.90 27.30 -10.29
N THR O 24 79.68 27.87 -10.19
CA THR O 24 78.66 27.32 -9.32
C THR O 24 77.28 27.66 -9.89
N GLN O 25 76.28 26.86 -9.48
CA GLN O 25 74.87 27.22 -9.68
C GLN O 25 74.58 28.42 -8.79
N LEU O 26 73.78 29.37 -9.30
CA LEU O 26 73.28 30.47 -8.49
C LEU O 26 72.12 29.93 -7.65
N GLY O 27 72.39 29.61 -6.38
CA GLY O 27 71.44 28.93 -5.53
C GLY O 27 70.90 27.67 -6.19
N ARG O 28 69.56 27.54 -6.22
CA ARG O 28 68.87 26.35 -6.67
C ARG O 28 68.67 26.38 -8.19
N ILE O 29 68.91 27.51 -8.86
CA ILE O 29 68.51 27.62 -10.26
C ILE O 29 69.55 27.02 -11.21
N GLY O 30 69.14 26.95 -12.48
CA GLY O 30 69.98 26.30 -13.48
C GLY O 30 71.09 27.20 -14.03
N LEU O 31 71.07 28.49 -13.66
CA LEU O 31 72.07 29.47 -14.08
C LEU O 31 73.42 29.15 -13.44
N LYS O 32 74.47 29.06 -14.27
CA LYS O 32 75.83 28.84 -13.81
C LYS O 32 76.60 30.17 -13.85
N VAL O 33 77.25 30.51 -12.72
CA VAL O 33 78.03 31.73 -12.66
C VAL O 33 79.42 31.44 -12.10
N SER O 34 80.37 32.29 -12.51
CA SER O 34 81.65 32.35 -11.85
C SER O 34 81.43 32.70 -10.38
N ARG O 35 82.30 32.19 -9.52
CA ARG O 35 82.28 32.48 -8.10
C ARG O 35 82.90 33.85 -7.82
N LEU O 36 83.40 34.54 -8.85
CA LEU O 36 83.71 35.95 -8.74
C LEU O 36 82.64 36.70 -9.52
N VAL O 37 82.11 37.72 -8.86
CA VAL O 37 81.11 38.60 -9.46
C VAL O 37 81.82 39.94 -9.73
N LEU O 38 81.80 40.36 -11.00
CA LEU O 38 82.46 41.58 -11.43
C LEU O 38 81.53 42.76 -11.17
N GLY O 39 81.87 43.56 -10.15
CA GLY O 39 81.12 44.77 -9.85
C GLY O 39 81.73 46.02 -10.49
N THR O 40 81.51 47.17 -9.83
CA THR O 40 81.89 48.49 -10.34
C THR O 40 82.76 49.21 -9.30
N MET O 41 83.92 49.72 -9.77
CA MET O 41 84.88 50.53 -9.00
C MET O 41 85.10 49.94 -7.60
N ASP O 48 87.00 56.49 -17.41
CA ASP O 48 86.90 56.44 -18.91
C ASP O 48 86.52 55.04 -19.35
N GLU O 49 85.82 54.96 -20.50
CA GLU O 49 85.27 53.73 -21.07
C GLU O 49 86.37 52.77 -21.50
N ALA O 50 87.43 53.27 -22.17
CA ALA O 50 88.50 52.44 -22.73
C ALA O 50 89.06 51.48 -21.68
N GLU O 51 89.18 51.96 -20.43
CA GLU O 51 89.85 51.23 -19.37
C GLU O 51 88.84 50.27 -18.72
N SER O 52 87.57 50.68 -18.61
CA SER O 52 86.51 49.77 -18.20
C SER O 52 86.33 48.63 -19.22
N HIS O 53 86.29 48.97 -20.51
CA HIS O 53 86.09 48.00 -21.56
C HIS O 53 87.20 46.94 -21.55
N ALA O 54 88.42 47.37 -21.21
CA ALA O 54 89.59 46.50 -21.24
C ALA O 54 89.51 45.46 -20.14
N ILE O 55 89.08 45.90 -18.94
CA ILE O 55 89.00 45.02 -17.78
C ILE O 55 87.83 44.03 -17.96
N MET O 56 86.74 44.46 -18.62
CA MET O 56 85.60 43.61 -18.87
C MET O 56 86.01 42.50 -19.83
N ASP O 57 86.77 42.84 -20.88
CA ASP O 57 87.31 41.86 -21.82
C ASP O 57 88.30 40.93 -21.11
N ALA O 58 89.08 41.47 -20.18
CA ALA O 58 90.03 40.66 -19.42
C ALA O 58 89.29 39.69 -18.49
N ALA O 59 88.20 40.15 -17.84
CA ALA O 59 87.43 39.29 -16.94
C ALA O 59 86.82 38.11 -17.71
N LEU O 60 86.30 38.42 -18.89
CA LEU O 60 85.74 37.44 -19.80
C LEU O 60 86.79 36.39 -20.16
N ASP O 61 88.01 36.84 -20.49
CA ASP O 61 89.15 35.98 -20.79
C ASP O 61 89.55 35.12 -19.57
N ALA O 62 89.43 35.65 -18.35
CA ALA O 62 89.66 34.85 -17.15
C ALA O 62 88.51 33.88 -16.83
N GLY O 63 87.38 34.01 -17.54
CA GLY O 63 86.25 33.11 -17.39
C GLY O 63 85.13 33.65 -16.49
N ILE O 64 85.20 34.92 -16.10
CA ILE O 64 84.15 35.55 -15.32
C ILE O 64 83.04 35.93 -16.30
N ASN O 65 81.83 35.44 -15.99
CA ASN O 65 80.69 35.59 -16.89
C ASN O 65 79.60 36.44 -16.24
N PHE O 66 79.80 36.81 -14.95
CA PHE O 66 78.77 37.37 -14.11
C PHE O 66 79.08 38.83 -13.82
N PHE O 67 78.36 39.76 -14.46
CA PHE O 67 78.63 41.18 -14.41
C PHE O 67 77.48 41.91 -13.70
N ASP O 68 77.84 42.69 -12.66
CA ASP O 68 76.91 43.34 -11.76
C ASP O 68 77.20 44.84 -11.79
N THR O 69 76.16 45.66 -11.82
CA THR O 69 76.34 47.09 -11.81
C THR O 69 76.49 47.68 -10.39
N ALA O 70 76.48 46.83 -9.36
CA ALA O 70 76.65 47.29 -7.99
C ALA O 70 78.05 47.87 -7.78
N ASN O 71 78.08 49.04 -7.13
CA ASN O 71 79.31 49.62 -6.60
C ASN O 71 79.88 48.68 -5.54
N VAL O 72 81.19 48.34 -5.66
CA VAL O 72 81.91 47.60 -4.63
C VAL O 72 82.06 48.47 -3.39
N TYR O 73 82.09 49.81 -3.60
CA TYR O 73 82.20 50.81 -2.54
C TYR O 73 80.87 51.54 -2.37
N GLY O 74 80.82 52.49 -1.42
CA GLY O 74 79.62 53.24 -1.16
C GLY O 74 78.52 52.33 -0.60
N TRP O 75 77.36 52.32 -1.26
CA TRP O 75 76.14 51.68 -0.75
C TRP O 75 75.74 50.47 -1.60
N GLY O 76 76.64 50.00 -2.48
CA GLY O 76 76.32 48.96 -3.44
C GLY O 76 75.33 49.43 -4.52
N GLU O 77 75.28 50.76 -4.72
CA GLU O 77 74.27 51.40 -5.57
C GLU O 77 74.54 51.12 -7.05
N ASN O 78 73.50 51.36 -7.86
CA ASN O 78 73.60 51.37 -9.31
C ASN O 78 74.00 52.78 -9.79
N GLY O 80 73.41 55.44 -13.28
CA GLY O 80 73.30 55.80 -14.71
C GLY O 80 74.57 55.49 -15.51
N ARG O 81 75.68 56.11 -15.15
CA ARG O 81 76.90 55.96 -15.92
C ARG O 81 77.44 54.55 -16.03
N THR O 82 77.45 53.83 -14.94
CA THR O 82 77.93 52.46 -14.96
C THR O 82 77.23 51.64 -16.04
N GLU O 83 75.92 51.87 -16.19
CA GLU O 83 75.12 51.12 -17.12
C GLU O 83 75.48 51.49 -18.55
N GLU O 84 75.75 52.78 -18.79
CA GLU O 84 76.04 53.30 -20.12
C GLU O 84 77.35 52.70 -20.65
N ILE O 85 78.32 52.46 -19.74
CA ILE O 85 79.61 51.84 -20.07
C ILE O 85 79.43 50.38 -20.48
N LEU O 86 78.62 49.61 -19.73
CA LEU O 86 78.23 48.28 -20.17
C LEU O 86 77.52 48.41 -21.52
N GLY O 87 76.68 49.44 -21.65
CA GLY O 87 75.97 49.73 -22.87
C GLY O 87 76.89 49.75 -24.10
N SER O 88 77.95 50.56 -23.97
CA SER O 88 78.88 50.81 -25.06
C SER O 88 79.86 49.65 -25.21
N TRP O 89 80.11 48.90 -24.12
CA TRP O 89 80.84 47.64 -24.20
C TRP O 89 80.13 46.59 -25.08
N PHE O 90 78.80 46.43 -24.93
CA PHE O 90 78.03 45.50 -25.74
C PHE O 90 77.94 45.98 -27.19
N ALA O 91 77.97 47.31 -27.41
CA ALA O 91 77.75 47.86 -28.74
C ALA O 91 78.90 47.49 -29.68
N GLN O 92 80.09 47.19 -29.12
CA GLN O 92 81.25 46.70 -29.87
C GLN O 92 81.08 45.29 -30.44
N GLY O 93 79.96 44.61 -30.18
CA GLY O 93 79.72 43.29 -30.76
C GLY O 93 80.65 42.24 -30.15
N GLY O 94 80.99 41.22 -30.95
CA GLY O 94 81.87 40.15 -30.51
C GLY O 94 81.21 39.18 -29.51
N ASP O 95 79.87 39.07 -29.56
CA ASP O 95 79.14 38.15 -28.69
C ASP O 95 79.32 38.50 -27.21
N ARG O 96 79.59 39.79 -26.91
CA ARG O 96 79.86 40.21 -25.54
C ARG O 96 78.57 40.07 -24.69
N ARG O 97 77.45 40.55 -25.23
CA ARG O 97 76.17 40.44 -24.56
C ARG O 97 75.83 38.97 -24.29
N ASP O 98 75.97 38.14 -25.33
CA ASP O 98 75.64 36.73 -25.29
C ASP O 98 76.51 35.96 -24.28
N LYS O 99 77.68 36.48 -23.92
CA LYS O 99 78.56 35.73 -23.04
C LYS O 99 78.30 36.05 -21.57
N VAL O 100 77.62 37.16 -21.25
CA VAL O 100 77.57 37.57 -19.85
C VAL O 100 76.18 37.34 -19.26
N VAL O 101 76.20 37.10 -17.95
CA VAL O 101 75.03 37.22 -17.10
C VAL O 101 75.03 38.63 -16.54
N LEU O 102 74.13 39.45 -17.09
CA LEU O 102 74.02 40.86 -16.78
C LEU O 102 73.05 41.06 -15.62
N ALA O 103 73.57 41.61 -14.53
CA ALA O 103 72.84 41.88 -13.31
C ALA O 103 72.83 43.39 -13.09
N THR O 104 71.64 43.96 -12.90
CA THR O 104 71.54 45.35 -12.49
C THR O 104 70.62 45.42 -11.28
N LYS O 105 70.25 46.65 -10.89
CA LYS O 105 69.32 46.80 -9.80
C LYS O 105 68.55 48.11 -9.87
N VAL O 106 67.48 48.14 -9.07
CA VAL O 106 66.71 49.34 -8.85
C VAL O 106 67.64 50.50 -8.41
N TYR O 107 67.44 51.66 -9.03
CA TYR O 107 68.34 52.80 -8.89
C TYR O 107 68.37 53.36 -7.46
N GLY O 108 67.19 53.62 -6.87
CA GLY O 108 67.15 54.24 -5.56
C GLY O 108 67.57 55.72 -5.59
N ASN O 109 68.78 56.03 -5.07
CA ASN O 109 69.27 57.37 -4.75
C ASN O 109 68.11 58.39 -4.71
N ALA O 116 64.06 62.25 -2.13
CA ALA O 116 63.48 61.79 -3.42
C ALA O 116 62.07 62.36 -3.56
N TRP O 117 61.58 62.41 -4.80
CA TRP O 117 60.19 62.66 -5.10
C TRP O 117 59.41 61.38 -4.77
N PRO O 118 58.12 61.42 -4.35
CA PRO O 118 57.40 60.18 -4.06
C PRO O 118 57.41 59.25 -5.28
N ASN O 119 57.77 57.97 -5.02
CA ASN O 119 57.75 56.87 -5.97
C ASN O 119 58.94 56.89 -6.94
N HIS O 120 59.95 57.76 -6.70
CA HIS O 120 61.15 57.76 -7.51
C HIS O 120 62.27 57.07 -6.73
N ASP O 121 61.83 56.31 -5.71
CA ASP O 121 62.62 55.42 -4.87
C ASP O 121 61.70 54.28 -4.39
N LYS O 122 62.28 53.23 -3.82
CA LYS O 122 61.51 52.13 -3.22
C LYS O 122 60.95 51.22 -4.31
N LEU O 123 60.08 50.26 -3.95
CA LEU O 123 59.79 49.13 -4.83
C LEU O 123 58.31 49.06 -5.22
N SER O 124 57.61 50.20 -5.25
CA SER O 124 56.32 50.26 -5.92
C SER O 124 56.46 49.71 -7.34
N ALA O 125 55.34 49.18 -7.85
CA ALA O 125 55.28 48.77 -9.24
C ALA O 125 55.61 49.97 -10.15
N LEU O 126 55.29 51.20 -9.69
CA LEU O 126 55.51 52.42 -10.46
C LEU O 126 57.01 52.67 -10.60
N ASN O 127 57.74 52.64 -9.49
CA ASN O 127 59.18 52.82 -9.54
C ASN O 127 59.87 51.66 -10.28
N ILE O 128 59.38 50.43 -10.13
CA ILE O 128 59.99 49.29 -10.83
C ILE O 128 59.90 49.48 -12.34
N ARG O 129 58.72 49.88 -12.81
CA ARG O 129 58.51 50.12 -14.23
C ARG O 129 59.49 51.15 -14.79
N ARG O 130 59.57 52.33 -14.16
CA ARG O 130 60.40 53.39 -14.69
C ARG O 130 61.88 53.05 -14.57
N SER O 131 62.31 52.37 -13.49
CA SER O 131 63.72 52.02 -13.33
C SER O 131 64.17 50.98 -14.36
N VAL O 132 63.37 49.94 -14.61
CA VAL O 132 63.85 48.92 -15.56
C VAL O 132 63.91 49.53 -16.97
N ASP O 133 62.91 50.37 -17.31
CA ASP O 133 62.89 51.04 -18.61
C ASP O 133 64.16 51.88 -18.80
N ALA O 134 64.49 52.70 -17.79
CA ALA O 134 65.71 53.49 -17.82
C ALA O 134 66.96 52.60 -17.98
N SER O 135 67.03 51.51 -17.19
CA SER O 135 68.18 50.61 -17.21
C SER O 135 68.35 49.97 -18.60
N LEU O 136 67.25 49.50 -19.19
CA LEU O 136 67.31 48.83 -20.48
C LEU O 136 67.86 49.77 -21.56
N LYS O 137 67.50 51.06 -21.45
CA LYS O 137 67.91 52.06 -22.43
C LYS O 137 69.39 52.37 -22.26
N ARG O 138 69.85 52.49 -21.05
CA ARG O 138 71.25 52.78 -20.80
C ARG O 138 72.13 51.60 -21.10
N LEU O 139 71.63 50.41 -20.86
CA LEU O 139 72.44 49.20 -21.04
C LEU O 139 72.49 48.82 -22.51
N GLY O 140 71.63 49.43 -23.34
CA GLY O 140 71.63 49.11 -24.76
C GLY O 140 71.48 47.61 -24.97
N THR O 141 70.47 47.02 -24.31
CA THR O 141 70.13 45.61 -24.44
C THR O 141 68.62 45.50 -24.30
N ASP O 142 68.02 44.45 -24.86
CA ASP O 142 66.58 44.24 -24.73
C ASP O 142 66.21 43.42 -23.48
N HIS O 143 67.18 42.91 -22.73
CA HIS O 143 66.85 42.12 -21.56
C HIS O 143 67.96 42.19 -20.51
N ILE O 144 67.54 42.09 -19.25
CA ILE O 144 68.38 41.93 -18.08
C ILE O 144 68.24 40.51 -17.57
N ASP O 145 69.36 39.85 -17.28
CA ASP O 145 69.38 38.48 -16.80
C ASP O 145 68.97 38.44 -15.33
N LEU O 146 69.63 39.22 -14.48
CA LEU O 146 69.35 39.25 -13.05
C LEU O 146 69.02 40.67 -12.66
N TYR O 147 67.74 40.93 -12.40
CA TYR O 147 67.28 42.23 -11.97
C TYR O 147 67.06 42.20 -10.46
N GLN O 148 67.72 43.11 -9.73
CA GLN O 148 67.82 43.02 -8.28
C GLN O 148 67.18 44.24 -7.61
N PHE O 149 66.51 43.98 -6.49
CA PHE O 149 66.06 44.99 -5.56
C PHE O 149 67.29 45.51 -4.82
N HIS O 150 67.32 46.82 -4.59
CA HIS O 150 68.44 47.51 -3.96
C HIS O 150 68.37 47.39 -2.43
N HIS O 151 67.15 47.22 -1.90
CA HIS O 151 66.94 47.17 -0.45
C HIS O 151 65.50 46.75 -0.18
N VAL O 152 65.26 46.06 0.95
CA VAL O 152 63.87 45.77 1.31
C VAL O 152 63.07 47.09 1.37
N ASP O 153 61.82 47.05 0.91
CA ASP O 153 60.84 48.11 1.03
C ASP O 153 59.66 47.55 1.83
N ARG O 154 59.57 47.94 3.11
CA ARG O 154 58.61 47.34 4.02
C ARG O 154 57.21 47.90 3.78
N ASP O 155 57.06 48.92 2.90
CA ASP O 155 55.75 49.49 2.63
C ASP O 155 55.08 48.89 1.37
N THR O 156 55.81 48.07 0.59
CA THR O 156 55.28 47.45 -0.62
C THR O 156 55.03 45.96 -0.39
N PRO O 157 53.80 45.47 -0.63
CA PRO O 157 53.51 44.04 -0.47
C PRO O 157 53.98 43.25 -1.69
N TRP O 158 54.24 41.94 -1.48
CA TRP O 158 54.84 41.07 -2.48
C TRP O 158 53.89 40.77 -3.64
N ASP O 159 52.57 40.84 -3.45
CA ASP O 159 51.70 40.66 -4.61
C ASP O 159 51.83 41.81 -5.62
N GLU O 160 52.10 43.03 -5.15
CA GLU O 160 52.38 44.15 -6.02
C GLU O 160 53.73 43.97 -6.71
N ILE O 161 54.78 43.68 -5.93
CA ILE O 161 56.13 43.54 -6.46
C ILE O 161 56.16 42.38 -7.45
N TRP O 162 55.50 41.26 -7.14
CA TRP O 162 55.55 40.13 -8.06
C TRP O 162 54.76 40.43 -9.32
N GLN O 163 53.70 41.24 -9.24
CA GLN O 163 52.96 41.67 -10.42
C GLN O 163 53.91 42.37 -11.39
N ALA O 164 54.61 43.38 -10.88
CA ALA O 164 55.52 44.17 -11.69
C ALA O 164 56.60 43.31 -12.34
N MET O 165 57.21 42.40 -11.56
CA MET O 165 58.28 41.60 -12.11
C MET O 165 57.70 40.61 -13.14
N ASP O 166 56.49 40.10 -12.91
CA ASP O 166 55.91 39.13 -13.82
C ASP O 166 55.57 39.76 -15.17
N VAL O 167 55.16 41.04 -15.17
CA VAL O 167 54.91 41.78 -16.40
C VAL O 167 56.20 41.74 -17.24
N LEU O 168 57.33 41.95 -16.54
CA LEU O 168 58.61 42.08 -17.21
C LEU O 168 59.15 40.73 -17.70
N VAL O 169 58.98 39.68 -16.87
CA VAL O 169 59.41 38.34 -17.25
C VAL O 169 58.69 37.91 -18.54
N ARG O 170 57.38 38.13 -18.55
CA ARG O 170 56.53 37.74 -19.66
C ARG O 170 56.76 38.50 -20.93
N GLN O 171 57.12 39.76 -20.82
CA GLN O 171 57.54 40.49 -22.00
C GLN O 171 58.97 40.14 -22.44
N GLY O 172 59.69 39.32 -21.66
CA GLY O 172 61.04 38.90 -22.01
C GLY O 172 62.12 39.92 -21.66
N LYS O 173 61.77 40.92 -20.85
CA LYS O 173 62.69 42.00 -20.51
C LYS O 173 63.61 41.60 -19.35
N ILE O 174 63.22 40.59 -18.57
CA ILE O 174 63.94 40.15 -17.39
C ILE O 174 63.84 38.62 -17.30
N LEU O 175 64.91 37.95 -16.84
CA LEU O 175 64.89 36.51 -16.71
C LEU O 175 64.67 36.13 -15.24
N TYR O 176 65.52 36.68 -14.36
CA TYR O 176 65.58 36.29 -12.96
C TYR O 176 65.57 37.52 -12.06
N VAL O 177 65.03 37.34 -10.85
CA VAL O 177 64.89 38.40 -9.88
C VAL O 177 65.72 38.03 -8.65
N GLY O 178 66.44 39.03 -8.14
CA GLY O 178 67.17 38.87 -6.90
C GLY O 178 66.94 40.05 -5.98
N SER O 179 67.50 39.94 -4.76
CA SER O 179 67.36 40.92 -3.69
C SER O 179 68.76 41.40 -3.28
N SER O 180 68.77 42.56 -2.62
CA SER O 180 69.92 43.10 -1.87
C SER O 180 69.38 43.69 -0.58
N ASN O 181 70.11 43.50 0.52
CA ASN O 181 69.80 44.11 1.81
C ASN O 181 68.37 43.76 2.22
N PHE O 182 68.11 42.46 2.32
CA PHE O 182 66.87 41.93 2.88
C PHE O 182 67.17 41.30 4.24
N ALA O 183 66.13 41.20 5.06
CA ALA O 183 66.13 40.33 6.22
C ALA O 183 65.76 38.92 5.75
N GLY O 184 66.14 37.91 6.53
CA GLY O 184 65.80 36.53 6.22
C GLY O 184 64.31 36.37 5.94
N TRP O 185 63.46 37.02 6.76
CA TRP O 185 62.02 36.78 6.70
C TRP O 185 61.40 37.44 5.46
N ASN O 186 62.11 38.40 4.88
CA ASN O 186 61.66 39.04 3.65
C ASN O 186 61.88 38.07 2.50
N ILE O 187 62.97 37.32 2.58
CA ILE O 187 63.34 36.30 1.60
C ILE O 187 62.28 35.18 1.64
N ALA O 188 61.93 34.73 2.85
CA ALA O 188 60.90 33.70 3.01
C ALA O 188 59.55 34.17 2.43
N GLN O 189 59.13 35.36 2.85
CA GLN O 189 57.82 35.89 2.45
C GLN O 189 57.79 36.05 0.94
N ALA O 190 58.89 36.53 0.37
CA ALA O 190 58.93 36.77 -1.07
C ALA O 190 58.73 35.49 -1.84
N ASN O 191 59.51 34.46 -1.52
CA ASN O 191 59.53 33.24 -2.30
C ASN O 191 58.28 32.39 -2.05
N GLU O 192 57.75 32.45 -0.83
CA GLU O 192 56.51 31.76 -0.49
C GLU O 192 55.37 32.39 -1.28
N THR O 193 55.40 33.73 -1.42
CA THR O 193 54.37 34.44 -2.18
C THR O 193 54.45 34.09 -3.68
N ALA O 194 55.68 34.06 -4.23
CA ALA O 194 55.91 33.73 -5.62
C ALA O 194 55.41 32.31 -5.93
N ALA O 195 55.85 31.36 -5.11
CA ALA O 195 55.55 29.93 -5.26
C ALA O 195 54.06 29.61 -5.24
N ARG O 196 53.24 30.36 -4.49
CA ARG O 196 51.80 30.15 -4.43
C ARG O 196 51.20 30.22 -5.83
N HIS O 197 51.69 31.12 -6.68
CA HIS O 197 51.13 31.26 -8.01
C HIS O 197 52.12 30.87 -9.11
N GLY O 198 53.01 29.91 -8.82
CA GLY O 198 53.81 29.30 -9.88
C GLY O 198 55.12 30.02 -10.21
N ARG O 199 55.26 31.25 -9.77
CA ARG O 199 56.41 32.04 -10.11
C ARG O 199 57.75 31.70 -9.52
N LEU O 200 58.78 31.87 -10.32
CA LEU O 200 60.13 31.69 -9.79
C LEU O 200 60.40 32.83 -8.82
N GLY O 201 60.87 32.49 -7.63
CA GLY O 201 61.09 33.56 -6.66
C GLY O 201 62.47 34.21 -6.81
N LEU O 202 62.91 34.88 -5.75
CA LEU O 202 64.26 35.40 -5.71
C LEU O 202 65.23 34.25 -5.95
N VAL O 203 66.29 34.53 -6.69
CA VAL O 203 67.32 33.53 -6.98
C VAL O 203 68.63 33.89 -6.31
N SER O 204 68.71 35.09 -5.71
CA SER O 204 69.94 35.54 -5.08
C SER O 204 69.65 36.68 -4.12
N GLU O 205 70.47 36.74 -3.07
CA GLU O 205 70.54 37.86 -2.13
C GLU O 205 71.96 38.44 -2.12
N GLN O 206 72.07 39.74 -2.37
CA GLN O 206 73.29 40.46 -2.11
C GLN O 206 73.24 41.12 -0.73
N CYS O 207 74.17 40.72 0.14
CA CYS O 207 74.22 41.17 1.52
C CYS O 207 75.65 41.53 1.92
N LEU O 208 75.76 42.44 2.89
CA LEU O 208 77.02 42.79 3.50
C LEU O 208 77.48 41.62 4.35
N TYR O 209 78.60 41.01 3.93
CA TYR O 209 79.11 39.81 4.58
C TYR O 209 80.62 39.73 4.34
N ASN O 210 81.37 39.61 5.44
CA ASN O 210 82.82 39.60 5.41
C ASN O 210 83.28 39.21 6.82
N LEU O 211 84.59 38.98 7.00
CA LEU O 211 85.11 38.49 8.27
C LEU O 211 84.68 39.41 9.42
N CYS O 212 84.66 40.74 9.18
CA CYS O 212 84.31 41.71 10.21
C CYS O 212 82.81 41.73 10.52
N GLU O 213 81.97 41.70 9.48
CA GLU O 213 80.52 41.73 9.66
C GLU O 213 79.94 40.36 9.28
N ARG O 214 79.59 39.55 10.30
CA ARG O 214 79.13 38.19 10.12
C ARG O 214 77.64 38.03 10.51
N ARG O 215 76.98 39.13 10.84
CA ARG O 215 75.59 39.04 11.33
C ARG O 215 74.60 38.50 10.30
N ALA O 216 74.91 38.60 9.02
CA ALA O 216 74.07 37.95 8.01
C ALA O 216 73.88 36.47 8.33
N GLU O 217 74.78 35.90 9.14
CA GLU O 217 74.75 34.48 9.49
C GLU O 217 73.60 34.16 10.43
N MET O 218 73.05 35.17 11.09
CA MET O 218 72.00 34.95 12.08
C MET O 218 70.75 34.40 11.40
N GLU O 219 70.34 35.05 10.32
CA GLU O 219 69.10 34.71 9.66
C GLU O 219 69.06 34.91 8.14
N VAL O 220 69.84 35.84 7.61
CA VAL O 220 69.78 36.14 6.18
C VAL O 220 70.30 34.94 5.39
N VAL O 221 71.48 34.45 5.76
CA VAL O 221 72.09 33.35 5.03
C VAL O 221 71.35 32.03 5.32
N PRO O 222 70.91 31.73 6.55
CA PRO O 222 70.02 30.58 6.77
C PRO O 222 68.74 30.56 5.93
N ALA O 223 68.04 31.67 5.84
CA ALA O 223 66.86 31.73 5.02
C ALA O 223 67.22 31.57 3.56
N ALA O 224 68.32 32.21 3.12
CA ALA O 224 68.69 32.15 1.72
C ALA O 224 69.01 30.71 1.35
N ARG O 225 69.67 29.99 2.24
CA ARG O 225 69.97 28.63 1.99
C ARG O 225 68.74 27.75 2.02
N GLU O 226 67.80 28.05 2.90
CA GLU O 226 66.55 27.29 2.88
C GLU O 226 65.83 27.47 1.54
N TYR O 227 65.78 28.69 1.03
CA TYR O 227 64.95 28.97 -0.14
C TYR O 227 65.77 28.84 -1.43
N GLY O 228 67.03 28.42 -1.33
CA GLY O 228 67.83 28.16 -2.51
C GLY O 228 68.23 29.43 -3.26
N LEU O 229 68.49 30.51 -2.54
CA LEU O 229 69.06 31.73 -3.11
C LEU O 229 70.59 31.63 -3.05
N GLY O 230 71.28 32.04 -4.13
CA GLY O 230 72.72 32.26 -4.03
C GLY O 230 73.00 33.48 -3.14
N VAL O 231 74.08 33.42 -2.35
CA VAL O 231 74.43 34.57 -1.53
C VAL O 231 75.63 35.29 -2.17
N ILE O 232 75.43 36.57 -2.50
CA ILE O 232 76.45 37.44 -3.08
C ILE O 232 76.93 38.39 -2.00
N ALA O 233 78.21 38.28 -1.65
CA ALA O 233 78.83 39.02 -0.58
C ALA O 233 79.30 40.37 -1.12
N TRP O 234 78.55 41.41 -0.77
CA TRP O 234 78.94 42.77 -1.06
C TRP O 234 79.89 43.23 0.05
N SER O 235 80.80 44.13 -0.33
CA SER O 235 81.84 44.69 0.51
C SER O 235 82.66 43.60 1.18
N PRO O 236 83.24 42.67 0.38
CA PRO O 236 83.93 41.53 0.95
C PRO O 236 85.20 41.83 1.74
N LEU O 237 85.74 43.06 1.60
CA LEU O 237 86.91 43.48 2.37
C LEU O 237 86.55 44.49 3.45
N HIS O 238 85.24 44.71 3.68
CA HIS O 238 84.71 45.66 4.65
C HIS O 238 85.21 47.10 4.44
N GLY O 239 84.87 47.67 3.28
CA GLY O 239 85.28 49.01 2.91
C GLY O 239 86.80 49.13 2.78
N GLY O 240 87.52 47.99 2.69
CA GLY O 240 88.97 47.95 2.51
C GLY O 240 89.75 47.56 3.77
N LEU O 241 89.06 47.45 4.91
CA LEU O 241 89.66 47.22 6.21
C LEU O 241 90.39 45.87 6.29
N LEU O 242 90.01 44.93 5.40
CA LEU O 242 90.56 43.59 5.42
C LEU O 242 91.59 43.43 4.31
N GLY O 243 91.91 44.53 3.61
CA GLY O 243 92.85 44.51 2.50
C GLY O 243 94.27 44.94 2.89
N GLY O 244 94.61 44.87 4.18
CA GLY O 244 95.91 45.27 4.69
C GLY O 244 95.96 46.75 5.04
N ALA O 245 94.91 47.25 5.72
CA ALA O 245 94.69 48.68 5.91
C ALA O 245 95.73 49.30 6.84
N ILE O 246 96.23 48.53 7.80
CA ILE O 246 97.21 49.02 8.75
C ILE O 246 98.59 49.13 8.08
N ARG O 247 99.01 48.11 7.33
CA ARG O 247 100.26 48.22 6.58
C ARG O 247 100.21 49.41 5.63
N LYS O 248 99.05 49.70 5.02
CA LYS O 248 98.96 50.80 4.07
C LYS O 248 99.02 52.15 4.77
N GLU O 249 98.71 52.16 6.06
CA GLU O 249 98.75 53.40 6.82
C GLU O 249 100.18 53.71 7.26
N GLN O 250 100.83 52.76 7.88
CA GLN O 250 102.19 52.97 8.40
C GLN O 250 103.14 53.44 7.29
N GLU O 251 102.98 52.96 6.04
CA GLU O 251 103.88 53.30 4.95
C GLU O 251 103.48 54.65 4.33
N ASP O 264 88.36 55.02 9.86
CA ASP O 264 87.42 55.36 10.90
C ASP O 264 87.32 54.27 11.92
N ALA O 265 87.42 53.03 11.48
CA ALA O 265 87.41 51.92 12.43
C ALA O 265 88.79 51.70 12.95
N LEU O 266 89.77 52.04 12.15
CA LEU O 266 91.13 51.94 12.60
C LEU O 266 91.32 52.97 13.70
N ASP O 268 88.39 52.73 16.36
CA ASP O 268 88.18 51.94 17.56
C ASP O 268 89.44 51.16 17.86
N PRO O 269 89.95 51.30 19.07
CA PRO O 269 91.10 50.50 19.44
C PRO O 269 90.84 49.02 19.34
N GLN O 270 89.64 48.58 19.66
CA GLN O 270 89.30 47.19 19.62
C GLN O 270 89.25 46.65 18.22
N GLN O 271 88.70 47.43 17.31
CA GLN O 271 88.67 47.01 15.94
C GLN O 271 90.06 46.92 15.38
N ARG O 272 90.92 47.84 15.80
CA ARG O 272 92.26 47.86 15.29
C ARG O 272 93.05 46.68 15.78
N GLU O 273 92.95 46.36 17.04
CA GLU O 273 93.76 45.29 17.54
C GLU O 273 93.31 44.01 16.88
N GLN O 274 92.06 43.96 16.47
CA GLN O 274 91.51 42.81 15.76
C GLN O 274 92.10 42.70 14.36
N ILE O 275 92.10 43.82 13.61
CA ILE O 275 92.71 43.90 12.29
C ILE O 275 94.22 43.69 12.33
N GLN O 276 94.87 44.15 13.44
CA GLN O 276 96.29 43.95 13.65
C GLN O 276 96.58 42.45 13.80
N ARG O 277 95.79 41.74 14.58
CA ARG O 277 96.02 40.31 14.78
C ARG O 277 95.82 39.54 13.49
N TYR O 278 95.01 40.06 12.61
CA TYR O 278 94.72 39.48 11.31
C TYR O 278 95.90 39.70 10.37
N GLU O 279 96.31 40.96 10.21
CA GLU O 279 97.49 41.28 9.41
C GLU O 279 98.71 40.51 9.95
N ASP O 280 98.88 40.44 11.28
CA ASP O 280 99.97 39.68 11.88
C ASP O 280 99.85 38.20 11.53
N LEU O 281 98.64 37.60 11.60
CA LEU O 281 98.45 36.18 11.35
C LEU O 281 98.84 35.81 9.91
N LEU O 282 98.47 36.67 8.96
CA LEU O 282 98.70 36.37 7.54
C LEU O 282 100.19 36.53 7.19
N ASP O 283 100.91 37.45 7.86
CA ASP O 283 102.36 37.59 7.71
C ASP O 283 103.06 36.27 8.02
N LYS O 284 102.63 35.53 9.06
CA LYS O 284 103.28 34.30 9.46
C LYS O 284 103.00 33.16 8.47
N HIS O 285 101.96 33.29 7.63
CA HIS O 285 101.62 32.25 6.66
C HIS O 285 101.91 32.68 5.21
N GLY O 286 102.36 33.93 5.02
CA GLY O 286 102.75 34.41 3.71
C GLY O 286 101.56 34.59 2.76
N LEU O 287 100.52 35.32 3.24
CA LEU O 287 99.22 35.43 2.58
C LEU O 287 98.81 36.91 2.45
N GLU O 288 98.26 37.30 1.30
CA GLU O 288 97.82 38.66 1.09
C GLU O 288 96.43 38.83 1.71
N PRO O 289 96.21 39.80 2.64
CA PRO O 289 94.90 39.99 3.30
C PRO O 289 93.70 40.09 2.36
N GLY O 290 93.84 40.89 1.31
CA GLY O 290 92.82 41.06 0.30
C GLY O 290 92.32 39.72 -0.27
N GLU O 291 93.25 38.80 -0.49
CA GLU O 291 92.93 37.52 -1.11
C GLU O 291 92.29 36.58 -0.08
N VAL O 292 92.79 36.62 1.15
CA VAL O 292 92.25 35.77 2.20
C VAL O 292 90.80 36.16 2.47
N ALA O 293 90.50 37.45 2.41
CA ALA O 293 89.17 37.93 2.72
C ALA O 293 88.14 37.33 1.76
N LEU O 294 88.49 37.32 0.47
CA LEU O 294 87.65 36.73 -0.56
C LEU O 294 87.55 35.21 -0.39
N ALA O 295 88.71 34.56 -0.18
CA ALA O 295 88.78 33.12 -0.08
C ALA O 295 88.04 32.62 1.16
N TRP O 296 88.05 33.41 2.24
CA TRP O 296 87.32 33.06 3.43
C TRP O 296 85.83 32.92 3.09
N LEU O 297 85.29 33.93 2.38
CA LEU O 297 83.89 33.96 2.02
C LEU O 297 83.53 32.74 1.18
N LEU O 298 84.47 32.31 0.34
CA LEU O 298 84.23 31.22 -0.59
C LEU O 298 84.17 29.88 0.14
N THR O 299 84.61 29.84 1.40
CA THR O 299 84.43 28.65 2.23
C THR O 299 83.07 28.65 2.95
N ARG O 300 82.31 29.75 2.92
CA ARG O 300 81.11 29.85 3.75
C ARG O 300 79.92 29.18 3.07
N PRO O 301 79.16 28.36 3.83
CA PRO O 301 77.92 27.74 3.35
C PRO O 301 76.97 28.77 2.77
N GLY O 302 76.48 28.47 1.57
CA GLY O 302 75.49 29.29 0.91
C GLY O 302 76.06 30.37 -0.01
N VAL O 303 77.39 30.61 0.04
CA VAL O 303 77.96 31.75 -0.68
C VAL O 303 78.25 31.35 -2.11
N THR O 304 77.64 32.08 -3.05
CA THR O 304 78.00 32.04 -4.45
C THR O 304 79.42 32.60 -4.64
N GLY O 305 79.61 33.85 -4.19
CA GLY O 305 80.92 34.47 -4.18
C GLY O 305 80.85 35.97 -3.93
N PRO O 306 82.03 36.62 -3.79
CA PRO O 306 82.15 38.05 -3.56
C PRO O 306 82.09 38.91 -4.81
N ILE O 307 81.64 40.16 -4.64
CA ILE O 307 81.71 41.16 -5.68
C ILE O 307 83.09 41.78 -5.58
N VAL O 308 83.77 41.83 -6.73
CA VAL O 308 85.11 42.40 -6.88
C VAL O 308 85.01 43.43 -8.01
N GLY O 309 85.71 44.57 -7.84
CA GLY O 309 85.80 45.60 -8.85
C GLY O 309 87.23 45.88 -9.30
N PRO O 310 87.96 44.91 -9.91
CA PRO O 310 89.34 45.12 -10.31
C PRO O 310 89.41 46.13 -11.44
N ARG O 311 90.35 47.08 -11.35
CA ARG O 311 90.54 48.14 -12.32
C ARG O 311 91.60 47.73 -13.35
N THR O 312 92.43 46.75 -12.97
CA THR O 312 93.66 46.43 -13.67
C THR O 312 93.86 44.91 -13.73
N ALA O 313 94.69 44.48 -14.70
CA ALA O 313 95.05 43.08 -14.88
C ALA O 313 95.63 42.53 -13.59
N ASP O 314 96.35 43.41 -12.87
CA ASP O 314 97.00 43.03 -11.64
C ASP O 314 95.94 42.72 -10.57
N GLN O 315 94.90 43.56 -10.53
CA GLN O 315 93.84 43.40 -9.54
C GLN O 315 92.92 42.23 -9.90
N LEU O 316 92.63 42.05 -11.20
CA LEU O 316 91.86 40.91 -11.67
C LEU O 316 92.54 39.59 -11.28
N ALA O 317 93.85 39.47 -11.52
CA ALA O 317 94.62 38.25 -11.27
C ALA O 317 94.76 37.98 -9.77
N SER O 318 94.76 39.03 -8.96
CA SER O 318 94.73 38.86 -7.52
C SER O 318 93.44 38.16 -7.05
N ALA O 319 92.31 38.59 -7.63
CA ALA O 319 90.99 38.09 -7.28
C ALA O 319 90.90 36.64 -7.72
N VAL O 320 91.40 36.38 -8.94
CA VAL O 320 91.47 35.04 -9.50
C VAL O 320 92.28 34.12 -8.61
N ARG O 321 93.46 34.57 -8.15
CA ARG O 321 94.28 33.77 -7.25
C ARG O 321 93.51 33.47 -5.96
N ALA O 322 92.77 34.48 -5.47
CA ALA O 322 91.99 34.35 -4.24
C ALA O 322 90.93 33.25 -4.35
N ALA O 323 90.32 33.12 -5.54
CA ALA O 323 89.30 32.12 -5.81
C ALA O 323 89.89 30.73 -6.04
N GLU O 324 91.21 30.63 -6.23
CA GLU O 324 91.88 29.35 -6.45
C GLU O 324 92.61 28.95 -5.23
N LEU O 325 92.65 29.82 -4.26
CA LEU O 325 93.45 29.60 -3.07
C LEU O 325 92.77 28.55 -2.18
N THR O 326 93.56 27.79 -1.41
CA THR O 326 93.02 26.95 -0.35
C THR O 326 93.58 27.40 0.99
N LEU O 327 92.65 27.71 1.91
CA LEU O 327 92.96 28.06 3.29
C LEU O 327 92.99 26.80 4.15
N THR O 328 94.09 26.63 4.88
CA THR O 328 94.29 25.49 5.77
C THR O 328 93.31 25.59 6.92
N ASP O 329 93.11 24.47 7.63
CA ASP O 329 92.18 24.38 8.75
C ASP O 329 92.69 25.25 9.91
N GLU O 330 94.01 25.40 9.96
CA GLU O 330 94.67 26.20 10.98
C GLU O 330 94.30 27.67 10.81
N VAL O 331 94.41 28.18 9.58
CA VAL O 331 94.10 29.56 9.24
C VAL O 331 92.61 29.82 9.49
N LEU O 332 91.75 28.93 8.98
CA LEU O 332 90.32 29.07 9.17
C LEU O 332 89.98 29.14 10.67
N THR O 333 90.60 28.26 11.48
CA THR O 333 90.37 28.26 12.91
C THR O 333 90.84 29.59 13.53
N ALA O 334 91.99 30.09 13.08
CA ALA O 334 92.54 31.33 13.60
C ALA O 334 91.62 32.48 13.28
N LEU O 335 91.22 32.57 12.00
CA LEU O 335 90.36 33.66 11.52
C LEU O 335 89.07 33.73 12.31
N ASP O 336 88.52 32.55 12.64
CA ASP O 336 87.25 32.43 13.31
C ASP O 336 87.42 32.87 14.76
N GLU O 337 88.62 32.68 15.32
CA GLU O 337 88.88 33.11 16.68
C GLU O 337 88.97 34.64 16.69
N ILE O 338 89.65 35.21 15.70
CA ILE O 338 89.81 36.64 15.63
C ILE O 338 88.47 37.30 15.31
N PHE O 339 87.73 36.73 14.35
CA PHE O 339 86.43 37.29 13.97
C PHE O 339 85.34 36.24 14.19
N PRO O 340 84.79 36.08 15.41
CA PRO O 340 83.77 35.06 15.66
C PRO O 340 82.48 35.39 14.90
N GLY O 341 81.73 34.35 14.52
CA GLY O 341 80.41 34.50 13.97
C GLY O 341 79.38 34.49 15.10
N PRO O 342 78.15 35.00 14.86
CA PRO O 342 77.11 34.99 15.91
C PRO O 342 76.43 33.63 16.12
N GLY O 343 76.57 32.72 15.15
CA GLY O 343 75.67 31.58 15.10
C GLY O 343 74.30 31.95 14.53
N PRO O 344 73.48 30.95 14.13
CA PRO O 344 72.12 31.20 13.69
C PRO O 344 71.23 31.61 14.85
N SER O 345 70.26 32.49 14.58
CA SER O 345 69.14 32.67 15.50
C SER O 345 68.34 31.37 15.52
N PRO O 346 67.71 30.97 16.64
CA PRO O 346 67.74 31.71 17.91
C PRO O 346 68.95 31.47 18.82
N GLU O 347 69.81 30.50 18.48
CA GLU O 347 70.98 30.17 19.26
C GLU O 347 71.85 31.41 19.49
N ALA O 348 71.84 32.36 18.54
CA ALA O 348 72.73 33.52 18.63
C ALA O 348 72.46 34.39 19.87
N PHE O 349 71.23 34.41 20.41
CA PHE O 349 70.91 35.33 21.51
C PHE O 349 70.11 34.64 22.61
N ALA O 350 69.66 33.41 22.37
CA ALA O 350 68.86 32.67 23.32
C ALA O 350 69.54 31.33 23.58
N TRP O 351 68.98 30.21 23.08
CA TRP O 351 69.63 28.92 23.09
C TRP O 351 69.17 28.09 21.86
N MET P 21 76.23 3.23 17.13
CA MET P 21 75.19 3.17 16.06
C MET P 21 75.09 4.54 15.39
N GLU P 22 75.25 4.58 14.06
CA GLU P 22 75.04 5.78 13.27
C GLU P 22 73.53 6.02 13.08
N TYR P 23 73.10 7.28 13.23
CA TYR P 23 71.74 7.72 12.99
C TYR P 23 71.68 8.69 11.81
N THR P 24 70.51 8.78 11.17
CA THR P 24 70.25 9.73 10.10
C THR P 24 68.76 10.08 10.10
N GLN P 25 68.44 11.19 9.43
CA GLN P 25 67.06 11.52 9.11
C GLN P 25 66.59 10.55 8.01
N LEU P 26 65.34 10.09 8.11
CA LEU P 26 64.73 9.33 7.05
C LEU P 26 64.36 10.29 5.92
N GLY P 27 65.24 10.38 4.90
CA GLY P 27 65.05 11.36 3.85
C GLY P 27 64.92 12.79 4.41
N ARG P 28 63.85 13.49 4.00
CA ARG P 28 63.63 14.91 4.31
C ARG P 28 62.88 15.10 5.62
N ILE P 29 62.32 14.04 6.25
CA ILE P 29 61.40 14.24 7.36
C ILE P 29 62.18 14.28 8.69
N GLY P 30 61.44 14.57 9.75
CA GLY P 30 62.01 14.88 11.04
C GLY P 30 62.37 13.66 11.87
N LEU P 31 61.97 12.46 11.36
CA LEU P 31 62.21 11.17 12.00
C LEU P 31 63.69 10.78 11.90
N LYS P 32 64.28 10.51 13.05
CA LYS P 32 65.64 9.97 13.12
C LYS P 32 65.62 8.44 13.30
N VAL P 33 66.36 7.77 12.43
CA VAL P 33 66.44 6.32 12.47
C VAL P 33 67.91 5.88 12.51
N SER P 34 68.13 4.70 13.11
CA SER P 34 69.37 3.95 12.94
C SER P 34 69.60 3.62 11.47
N ARG P 35 70.88 3.61 11.03
CA ARG P 35 71.25 3.28 9.66
C ARG P 35 71.24 1.76 9.42
N LEU P 36 71.02 0.95 10.45
CA LEU P 36 70.54 -0.41 10.27
C LEU P 36 69.05 -0.46 10.57
N VAL P 37 68.27 -1.12 9.69
CA VAL P 37 66.85 -1.34 9.94
C VAL P 37 66.61 -2.79 10.35
N LEU P 38 66.03 -3.04 11.52
CA LEU P 38 65.84 -4.43 11.91
C LEU P 38 64.71 -5.04 11.09
N GLY P 39 65.07 -5.96 10.19
CA GLY P 39 64.11 -6.77 9.47
C GLY P 39 63.65 -7.94 10.34
N THR P 40 62.34 -8.22 10.31
CA THR P 40 61.72 -9.23 11.17
C THR P 40 61.14 -10.43 10.40
N MET P 41 61.36 -10.51 9.08
CA MET P 41 60.91 -11.60 8.22
C MET P 41 61.05 -12.99 8.87
N ASN P 42 62.22 -13.22 9.49
CA ASN P 42 62.61 -14.50 10.06
C ASN P 42 61.85 -14.78 11.35
N PHE P 43 61.24 -13.77 11.99
CA PHE P 43 60.66 -13.95 13.33
C PHE P 43 59.34 -14.69 13.21
N GLY P 44 59.39 -16.00 13.58
CA GLY P 44 58.31 -16.94 13.39
C GLY P 44 58.75 -18.12 12.50
N PRO P 45 58.99 -17.88 11.19
CA PRO P 45 59.44 -18.93 10.29
C PRO P 45 60.75 -19.67 10.60
N THR P 46 61.82 -18.92 10.91
CA THR P 46 63.11 -19.53 11.15
C THR P 46 63.57 -19.32 12.60
N THR P 47 62.99 -18.32 13.32
CA THR P 47 63.40 -18.08 14.70
C THR P 47 62.13 -17.94 15.53
N ASP P 48 62.10 -18.59 16.68
CA ASP P 48 60.88 -18.73 17.46
C ASP P 48 60.66 -17.45 18.25
N GLU P 49 59.57 -17.40 19.00
CA GLU P 49 59.10 -16.20 19.67
C GLU P 49 60.16 -15.66 20.64
N ALA P 50 60.63 -16.51 21.56
CA ALA P 50 61.52 -16.09 22.63
C ALA P 50 62.85 -15.57 22.07
N GLU P 51 63.37 -16.25 21.04
CA GLU P 51 64.63 -15.85 20.45
C GLU P 51 64.44 -14.59 19.60
N SER P 52 63.25 -14.44 18.97
CA SER P 52 62.87 -13.22 18.27
C SER P 52 62.87 -12.03 19.24
N HIS P 53 62.27 -12.22 20.43
CA HIS P 53 62.27 -11.24 21.50
C HIS P 53 63.69 -10.88 21.96
N ALA P 54 64.52 -11.90 22.17
CA ALA P 54 65.91 -11.70 22.57
C ALA P 54 66.63 -10.86 21.50
N ILE P 55 66.41 -11.14 20.20
CA ILE P 55 67.08 -10.36 19.15
C ILE P 55 66.61 -8.89 19.14
N MET P 56 65.32 -8.63 19.40
CA MET P 56 64.76 -7.29 19.35
C MET P 56 65.26 -6.49 20.56
N ASP P 57 65.39 -7.16 21.71
CA ASP P 57 65.99 -6.53 22.88
C ASP P 57 67.44 -6.16 22.61
N ALA P 58 68.21 -7.11 22.06
CA ALA P 58 69.60 -6.82 21.75
C ALA P 58 69.68 -5.71 20.67
N ALA P 59 68.70 -5.63 19.76
CA ALA P 59 68.66 -4.57 18.78
C ALA P 59 68.52 -3.20 19.48
N LEU P 60 67.57 -3.09 20.42
CA LEU P 60 67.46 -1.89 21.22
C LEU P 60 68.76 -1.58 21.96
N ASP P 61 69.40 -2.59 22.56
CA ASP P 61 70.63 -2.35 23.30
C ASP P 61 71.69 -1.77 22.37
N ALA P 62 71.74 -2.18 21.10
CA ALA P 62 72.72 -1.61 20.17
C ALA P 62 72.32 -0.24 19.61
N GLY P 63 71.18 0.32 20.04
CA GLY P 63 70.68 1.58 19.53
C GLY P 63 69.86 1.47 18.24
N ILE P 64 69.41 0.27 17.84
CA ILE P 64 68.58 0.17 16.65
C ILE P 64 67.15 0.44 17.04
N ASN P 65 66.52 1.41 16.36
CA ASN P 65 65.25 1.96 16.77
C ASN P 65 64.20 1.76 15.69
N PHE P 66 64.60 1.17 14.55
CA PHE P 66 63.80 1.15 13.34
C PHE P 66 63.55 -0.30 12.99
N PHE P 67 62.30 -0.76 13.20
CA PHE P 67 61.92 -2.14 13.00
C PHE P 67 60.96 -2.24 11.81
N ASP P 68 61.21 -3.18 10.91
CA ASP P 68 60.39 -3.32 9.70
C ASP P 68 59.72 -4.69 9.66
N THR P 69 58.40 -4.70 9.51
CA THR P 69 57.65 -5.96 9.40
C THR P 69 56.68 -5.85 8.23
N ALA P 70 55.82 -6.88 8.10
CA ALA P 70 54.76 -6.95 7.08
C ALA P 70 53.65 -7.85 7.61
N ASN P 71 52.42 -7.59 7.13
CA ASN P 71 51.27 -8.39 7.46
C ASN P 71 51.53 -9.84 7.00
N VAL P 72 52.11 -10.00 5.81
CA VAL P 72 52.25 -11.31 5.17
C VAL P 72 53.39 -12.12 5.78
N TYR P 73 54.29 -11.50 6.56
CA TYR P 73 55.37 -12.28 7.14
C TYR P 73 54.79 -13.32 8.10
N GLY P 74 55.42 -14.50 8.10
CA GLY P 74 54.96 -15.66 8.84
C GLY P 74 54.99 -16.96 8.04
N TRP P 75 54.84 -16.88 6.69
CA TRP P 75 54.76 -18.05 5.81
C TRP P 75 53.33 -18.60 5.74
N GLY P 76 52.79 -18.70 4.52
CA GLY P 76 51.73 -19.66 4.20
C GLY P 76 50.46 -19.50 5.03
N GLU P 77 50.22 -20.43 5.97
CA GLU P 77 49.01 -20.42 6.77
C GLU P 77 49.20 -19.54 8.01
N ASN P 78 50.45 -19.13 8.26
CA ASN P 78 50.82 -18.38 9.45
C ASN P 78 51.15 -16.93 9.11
N LYS P 79 50.66 -16.44 7.95
CA LYS P 79 50.80 -15.03 7.63
C LYS P 79 50.20 -14.22 8.77
N GLY P 80 50.97 -13.27 9.28
CA GLY P 80 50.56 -12.44 10.39
C GLY P 80 51.28 -12.81 11.68
N ARG P 81 51.92 -13.97 11.69
CA ARG P 81 52.58 -14.42 12.90
C ARG P 81 53.67 -13.43 13.28
N THR P 82 54.45 -12.94 12.30
CA THR P 82 55.53 -12.01 12.63
C THR P 82 54.99 -10.81 13.40
N GLU P 83 53.92 -10.19 12.89
CA GLU P 83 53.31 -9.05 13.57
C GLU P 83 52.92 -9.45 14.99
N GLU P 84 52.36 -10.67 15.15
CA GLU P 84 51.96 -11.16 16.47
C GLU P 84 53.16 -11.21 17.39
N ILE P 85 54.31 -11.61 16.84
CA ILE P 85 55.51 -11.77 17.65
C ILE P 85 56.04 -10.41 18.12
N LEU P 86 55.91 -9.36 17.28
CA LEU P 86 56.17 -8.00 17.72
C LEU P 86 55.15 -7.62 18.79
N GLY P 87 53.87 -7.99 18.59
CA GLY P 87 52.80 -7.71 19.54
C GLY P 87 53.14 -8.16 20.97
N SER P 88 53.56 -9.42 21.11
CA SER P 88 53.82 -10.00 22.42
C SER P 88 55.08 -9.39 23.02
N TRP P 89 56.01 -8.98 22.14
CA TRP P 89 57.17 -8.23 22.57
C TRP P 89 56.79 -6.89 23.18
N PHE P 90 55.98 -6.10 22.45
CA PHE P 90 55.54 -4.82 22.98
C PHE P 90 54.80 -5.02 24.31
N ALA P 91 54.08 -6.16 24.41
CA ALA P 91 53.23 -6.42 25.57
C ALA P 91 54.05 -6.66 26.83
N GLN P 92 55.36 -6.94 26.74
CA GLN P 92 56.23 -7.02 27.91
C GLN P 92 56.48 -5.68 28.60
N GLY P 93 56.07 -4.54 28.01
CA GLY P 93 56.33 -3.22 28.57
C GLY P 93 57.82 -2.88 28.50
N GLY P 94 58.30 -2.10 29.48
CA GLY P 94 59.68 -1.61 29.49
C GLY P 94 59.99 -0.62 28.36
N ASP P 95 58.98 0.13 27.89
CA ASP P 95 59.19 1.20 26.91
C ASP P 95 59.53 0.68 25.51
N ARG P 96 59.23 -0.60 25.24
CA ARG P 96 59.61 -1.21 23.97
C ARG P 96 58.88 -0.52 22.80
N ARG P 97 57.55 -0.45 22.86
CA ARG P 97 56.78 0.20 21.80
C ARG P 97 57.22 1.65 21.62
N ASP P 98 57.37 2.36 22.73
CA ASP P 98 57.66 3.79 22.73
C ASP P 98 59.00 4.06 22.07
N LYS P 99 59.93 3.11 22.15
CA LYS P 99 61.29 3.29 21.67
C LYS P 99 61.47 2.92 20.20
N VAL P 100 60.53 2.18 19.60
CA VAL P 100 60.72 1.76 18.22
C VAL P 100 59.85 2.57 17.26
N VAL P 101 60.46 2.80 16.09
CA VAL P 101 59.77 3.21 14.90
C VAL P 101 59.30 1.94 14.21
N LEU P 102 57.99 1.70 14.27
CA LEU P 102 57.34 0.48 13.80
C LEU P 102 56.80 0.69 12.39
N ALA P 103 57.30 -0.13 11.47
CA ALA P 103 56.91 -0.07 10.07
C ALA P 103 56.32 -1.42 9.70
N THR P 104 55.15 -1.40 9.03
CA THR P 104 54.59 -2.61 8.48
C THR P 104 54.11 -2.27 7.06
N LYS P 105 53.45 -3.25 6.43
CA LYS P 105 53.17 -3.19 5.01
C LYS P 105 51.74 -3.67 4.76
N VAL P 106 51.22 -3.19 3.61
CA VAL P 106 49.95 -3.57 3.01
C VAL P 106 50.16 -3.71 1.50
N TYR P 107 49.41 -4.64 0.90
CA TYR P 107 49.37 -4.98 -0.53
C TYR P 107 49.19 -6.49 -0.67
N GLY P 108 49.89 -7.28 0.16
CA GLY P 108 49.90 -8.72 0.03
C GLY P 108 48.57 -9.37 0.45
N ASN P 109 48.26 -10.48 -0.24
CA ASN P 109 47.20 -11.41 0.09
C ASN P 109 47.49 -12.07 1.43
N MET P 110 46.53 -11.97 2.34
CA MET P 110 46.65 -12.57 3.66
C MET P 110 45.86 -13.87 3.77
N GLY P 111 45.04 -14.22 2.77
CA GLY P 111 44.37 -15.51 2.70
C GLY P 111 45.30 -16.62 2.20
N LEU P 112 44.75 -17.82 1.97
CA LEU P 112 45.48 -18.96 1.41
C LEU P 112 46.18 -18.58 0.09
N ASP P 113 47.45 -19.00 -0.04
CA ASP P 113 48.34 -18.56 -1.11
C ASP P 113 47.81 -18.99 -2.48
N GLY P 114 48.20 -18.26 -3.53
CA GLY P 114 47.61 -18.36 -4.85
C GLY P 114 46.71 -17.15 -5.15
N PRO P 115 45.84 -17.20 -6.18
CA PRO P 115 44.93 -16.09 -6.51
C PRO P 115 44.09 -15.55 -5.34
N ALA P 116 44.20 -14.24 -5.10
CA ALA P 116 43.49 -13.61 -4.01
C ALA P 116 42.03 -13.41 -4.39
N TRP P 117 41.14 -13.46 -3.38
CA TRP P 117 39.81 -12.92 -3.56
C TRP P 117 39.95 -11.46 -4.00
N PRO P 118 39.08 -10.97 -4.91
CA PRO P 118 39.17 -9.58 -5.37
C PRO P 118 39.18 -8.61 -4.19
N ASN P 119 40.16 -7.68 -4.23
CA ASN P 119 40.31 -6.64 -3.22
C ASN P 119 40.77 -7.16 -1.87
N HIS P 120 41.28 -8.41 -1.81
CA HIS P 120 41.96 -8.86 -0.60
C HIS P 120 43.48 -8.86 -0.82
N ASP P 121 43.92 -8.23 -1.92
CA ASP P 121 45.30 -7.84 -2.11
C ASP P 121 45.27 -6.49 -2.81
N LYS P 122 46.45 -5.91 -3.07
CA LYS P 122 46.62 -4.64 -3.77
C LYS P 122 46.19 -3.47 -2.89
N LEU P 123 45.98 -2.30 -3.52
CA LEU P 123 46.01 -1.04 -2.78
C LEU P 123 44.68 -0.28 -2.87
N SER P 124 43.56 -0.97 -3.08
CA SER P 124 42.24 -0.35 -3.01
C SER P 124 42.06 0.23 -1.61
N ALA P 125 41.29 1.31 -1.52
CA ALA P 125 40.91 1.83 -0.21
C ALA P 125 40.24 0.72 0.61
N LEU P 126 39.59 -0.22 -0.09
CA LEU P 126 38.96 -1.37 0.59
C LEU P 126 40.02 -2.26 1.25
N ASN P 127 41.08 -2.62 0.53
CA ASN P 127 42.09 -3.50 1.10
C ASN P 127 42.89 -2.75 2.16
N ILE P 128 43.09 -1.44 2.00
CA ILE P 128 43.86 -0.70 2.99
C ILE P 128 43.13 -0.71 4.33
N ARG P 129 41.83 -0.40 4.32
CA ARG P 129 41.04 -0.41 5.53
C ARG P 129 41.13 -1.73 6.31
N ARG P 130 40.91 -2.87 5.64
CA ARG P 130 40.83 -4.17 6.30
C ARG P 130 42.23 -4.62 6.72
N SER P 131 43.28 -4.24 5.95
CA SER P 131 44.64 -4.64 6.22
C SER P 131 45.18 -4.00 7.48
N VAL P 132 44.94 -2.69 7.63
CA VAL P 132 45.57 -1.96 8.74
C VAL P 132 44.91 -2.38 10.03
N ASP P 133 43.59 -2.61 9.98
CA ASP P 133 42.82 -3.02 11.16
C ASP P 133 43.39 -4.33 11.69
N ALA P 134 43.59 -5.31 10.78
CA ALA P 134 44.13 -6.59 11.16
C ALA P 134 45.59 -6.48 11.62
N SER P 135 46.39 -5.59 11.00
CA SER P 135 47.77 -5.37 11.41
C SER P 135 47.82 -4.77 12.82
N LEU P 136 46.94 -3.79 13.12
CA LEU P 136 47.02 -3.13 14.43
C LEU P 136 46.68 -4.11 15.55
N LYS P 137 45.68 -4.99 15.29
CA LYS P 137 45.28 -6.01 16.24
C LYS P 137 46.44 -6.98 16.49
N ARG P 138 47.05 -7.54 15.44
CA ARG P 138 48.13 -8.51 15.64
C ARG P 138 49.31 -7.83 16.32
N LEU P 139 49.57 -6.56 15.99
CA LEU P 139 50.73 -5.87 16.56
C LEU P 139 50.43 -5.39 17.98
N GLY P 140 49.17 -5.47 18.43
CA GLY P 140 48.82 -5.06 19.79
C GLY P 140 49.22 -3.61 20.11
N THR P 141 48.89 -2.69 19.19
CA THR P 141 49.27 -1.28 19.31
C THR P 141 48.16 -0.47 18.67
N ASP P 142 48.06 0.81 19.02
CA ASP P 142 47.01 1.64 18.45
C ASP P 142 47.51 2.45 17.26
N HIS P 143 48.80 2.38 16.93
CA HIS P 143 49.31 3.16 15.80
C HIS P 143 50.54 2.47 15.19
N ILE P 144 50.66 2.59 13.86
CA ILE P 144 51.84 2.25 13.07
C ILE P 144 52.56 3.55 12.74
N ASP P 145 53.88 3.57 12.93
CA ASP P 145 54.68 4.75 12.64
C ASP P 145 54.90 4.88 11.14
N LEU P 146 55.25 3.78 10.44
CA LEU P 146 55.52 3.88 9.03
C LEU P 146 54.79 2.75 8.32
N TYR P 147 53.79 3.14 7.55
CA TYR P 147 52.90 2.20 6.90
C TYR P 147 53.24 2.22 5.42
N GLN P 148 53.67 1.07 4.90
CA GLN P 148 54.30 1.00 3.61
C GLN P 148 53.51 0.14 2.64
N PHE P 149 53.39 0.63 1.40
CA PHE P 149 52.88 -0.17 0.31
C PHE P 149 53.94 -1.20 -0.03
N HIS P 150 53.58 -2.50 -0.02
CA HIS P 150 54.53 -3.56 -0.30
C HIS P 150 54.97 -3.57 -1.77
N HIS P 151 54.17 -2.98 -2.65
CA HIS P 151 54.46 -3.00 -4.08
C HIS P 151 53.64 -1.91 -4.76
N VAL P 152 54.09 -1.42 -5.91
CA VAL P 152 53.24 -0.53 -6.70
C VAL P 152 51.99 -1.30 -7.12
N ASP P 153 50.86 -0.59 -7.14
CA ASP P 153 49.61 -1.10 -7.67
C ASP P 153 49.16 -0.14 -8.78
N ARG P 154 49.48 -0.48 -10.01
CA ARG P 154 49.16 0.37 -11.14
C ARG P 154 47.68 0.53 -11.48
N ASP P 155 46.81 -0.19 -10.78
CA ASP P 155 45.37 -0.09 -11.04
C ASP P 155 44.64 0.83 -10.06
N THR P 156 45.36 1.42 -9.09
CA THR P 156 44.75 2.24 -8.05
C THR P 156 45.32 3.67 -8.15
N PRO P 157 44.45 4.67 -8.37
CA PRO P 157 44.93 6.04 -8.54
C PRO P 157 45.37 6.62 -7.18
N TRP P 158 46.28 7.59 -7.22
CA TRP P 158 46.80 8.22 -6.01
C TRP P 158 45.75 9.01 -5.23
N ASP P 159 44.65 9.44 -5.85
CA ASP P 159 43.65 10.20 -5.11
C ASP P 159 42.83 9.24 -4.23
N GLU P 160 42.59 8.00 -4.67
CA GLU P 160 42.09 6.91 -3.85
C GLU P 160 43.07 6.52 -2.74
N ILE P 161 44.33 6.30 -3.09
CA ILE P 161 45.29 5.84 -2.11
C ILE P 161 45.46 6.89 -1.01
N TRP P 162 45.65 8.17 -1.39
CA TRP P 162 45.88 9.18 -0.36
C TRP P 162 44.62 9.42 0.47
N GLN P 163 43.40 9.28 -0.10
CA GLN P 163 42.18 9.30 0.71
C GLN P 163 42.28 8.27 1.84
N ALA P 164 42.56 7.01 1.48
CA ALA P 164 42.61 5.94 2.46
C ALA P 164 43.64 6.22 3.56
N MET P 165 44.85 6.66 3.16
CA MET P 165 45.92 6.92 4.10
C MET P 165 45.62 8.12 4.97
N ASP P 166 44.95 9.13 4.41
CA ASP P 166 44.62 10.33 5.15
C ASP P 166 43.58 10.06 6.24
N VAL P 167 42.66 9.12 5.98
CA VAL P 167 41.70 8.70 6.99
C VAL P 167 42.47 8.19 8.20
N LEU P 168 43.49 7.38 7.96
CA LEU P 168 44.29 6.75 9.00
C LEU P 168 45.15 7.77 9.77
N VAL P 169 45.74 8.74 9.07
CA VAL P 169 46.50 9.79 9.74
C VAL P 169 45.60 10.61 10.67
N ARG P 170 44.43 11.00 10.19
CA ARG P 170 43.53 11.87 10.94
C ARG P 170 42.97 11.17 12.17
N GLN P 171 42.79 9.85 12.09
CA GLN P 171 42.40 9.04 13.24
C GLN P 171 43.57 8.64 14.13
N GLY P 172 44.82 8.88 13.70
CA GLY P 172 45.98 8.62 14.54
C GLY P 172 46.43 7.16 14.52
N LYS P 173 46.03 6.43 13.48
CA LYS P 173 46.39 5.02 13.37
C LYS P 173 47.74 4.84 12.67
N ILE P 174 48.15 5.81 11.83
CA ILE P 174 49.47 5.83 11.23
C ILE P 174 50.02 7.26 11.32
N LEU P 175 51.35 7.39 11.28
CA LEU P 175 52.01 8.70 11.23
C LEU P 175 52.53 8.96 9.80
N TYR P 176 53.33 8.02 9.28
CA TYR P 176 54.00 8.19 8.01
C TYR P 176 53.63 7.07 7.03
N VAL P 177 53.76 7.43 5.74
CA VAL P 177 53.51 6.51 4.64
C VAL P 177 54.81 6.30 3.86
N GLY P 178 55.06 5.06 3.46
CA GLY P 178 56.22 4.78 2.66
C GLY P 178 55.88 3.83 1.53
N SER P 179 56.84 3.64 0.62
CA SER P 179 56.62 2.78 -0.52
C SER P 179 57.61 1.64 -0.46
N SER P 180 57.33 0.61 -1.25
CA SER P 180 58.27 -0.46 -1.48
C SER P 180 58.03 -1.00 -2.88
N ASN P 181 59.11 -1.28 -3.62
CA ASN P 181 59.04 -1.85 -4.95
C ASN P 181 58.18 -0.95 -5.86
N PHE P 182 58.53 0.33 -5.89
CA PHE P 182 58.00 1.31 -6.84
C PHE P 182 58.99 1.56 -7.97
N ALA P 183 58.50 2.07 -9.10
CA ALA P 183 59.37 2.73 -10.05
C ALA P 183 59.56 4.20 -9.62
N GLY P 184 60.67 4.82 -10.09
CA GLY P 184 60.94 6.24 -9.90
C GLY P 184 59.71 7.12 -10.17
N TRP P 185 59.04 6.89 -11.29
CA TRP P 185 57.91 7.73 -11.68
C TRP P 185 56.68 7.56 -10.76
N ASN P 186 56.52 6.41 -10.11
CA ASN P 186 55.45 6.19 -9.14
C ASN P 186 55.66 7.08 -7.90
N ILE P 187 56.93 7.22 -7.52
CA ILE P 187 57.33 8.04 -6.41
C ILE P 187 57.00 9.50 -6.71
N ALA P 188 57.46 9.98 -7.86
CA ALA P 188 57.17 11.34 -8.29
C ALA P 188 55.65 11.56 -8.35
N GLN P 189 54.88 10.63 -8.92
CA GLN P 189 53.45 10.85 -9.05
C GLN P 189 52.77 10.91 -7.69
N ALA P 190 53.19 10.00 -6.79
CA ALA P 190 52.63 9.90 -5.47
C ALA P 190 52.85 11.22 -4.73
N ASN P 191 54.09 11.71 -4.72
CA ASN P 191 54.42 12.84 -3.87
C ASN P 191 53.92 14.15 -4.45
N GLU P 192 53.84 14.25 -5.78
CA GLU P 192 53.26 15.43 -6.39
C GLU P 192 51.75 15.50 -6.09
N THR P 193 51.09 14.33 -6.12
CA THR P 193 49.66 14.26 -5.83
C THR P 193 49.39 14.58 -4.36
N ALA P 194 50.25 14.12 -3.45
CA ALA P 194 50.14 14.43 -2.03
C ALA P 194 50.35 15.93 -1.78
N ALA P 195 51.43 16.52 -2.32
CA ALA P 195 51.77 17.92 -2.11
C ALA P 195 50.69 18.89 -2.61
N ARG P 196 50.04 18.50 -3.71
CA ARG P 196 48.99 19.28 -4.35
C ARG P 196 47.92 19.64 -3.32
N HIS P 197 47.65 18.77 -2.33
CA HIS P 197 46.64 19.09 -1.31
C HIS P 197 47.24 19.13 0.10
N GLY P 198 48.52 19.45 0.21
CA GLY P 198 49.16 19.75 1.49
C GLY P 198 49.53 18.51 2.32
N ARG P 199 49.33 17.30 1.77
CA ARG P 199 49.58 16.06 2.49
C ARG P 199 51.08 15.76 2.46
N LEU P 200 51.58 15.16 3.54
CA LEU P 200 52.95 14.66 3.53
C LEU P 200 52.98 13.44 2.60
N GLY P 201 53.93 13.40 1.68
CA GLY P 201 53.92 12.25 0.78
C GLY P 201 54.69 11.05 1.36
N LEU P 202 55.09 10.14 0.48
CA LEU P 202 55.99 9.05 0.80
C LEU P 202 57.22 9.63 1.49
N VAL P 203 57.61 9.00 2.60
CA VAL P 203 58.79 9.43 3.34
C VAL P 203 59.98 8.50 3.12
N SER P 204 59.74 7.35 2.47
CA SER P 204 60.78 6.36 2.23
C SER P 204 60.32 5.37 1.17
N GLU P 205 61.32 4.81 0.44
CA GLU P 205 61.16 3.73 -0.52
C GLU P 205 62.04 2.55 -0.08
N GLN P 206 61.45 1.38 -0.03
CA GLN P 206 62.18 0.18 0.30
C GLN P 206 62.38 -0.59 -1.00
N CYS P 207 63.63 -0.62 -1.52
CA CYS P 207 63.93 -1.25 -2.80
C CYS P 207 65.02 -2.31 -2.67
N LEU P 208 65.00 -3.29 -3.60
CA LEU P 208 66.07 -4.27 -3.76
C LEU P 208 67.29 -3.56 -4.35
N TYR P 209 68.38 -3.58 -3.57
CA TYR P 209 69.61 -2.89 -3.88
C TYR P 209 70.72 -3.56 -3.08
N ASN P 210 71.72 -4.02 -3.84
CA ASN P 210 72.92 -4.68 -3.34
C ASN P 210 73.97 -4.66 -4.46
N LEU P 211 75.16 -5.16 -4.13
CA LEU P 211 76.25 -5.25 -5.09
C LEU P 211 75.82 -5.94 -6.38
N CYS P 212 75.08 -7.06 -6.27
CA CYS P 212 74.68 -7.87 -7.42
C CYS P 212 73.58 -7.16 -8.22
N GLU P 213 72.58 -6.59 -7.53
CA GLU P 213 71.47 -5.94 -8.24
C GLU P 213 71.49 -4.43 -7.98
N ARG P 214 71.95 -3.67 -8.97
CA ARG P 214 72.17 -2.23 -8.82
C ARG P 214 71.22 -1.39 -9.67
N ARG P 215 70.19 -2.00 -10.29
CA ARG P 215 69.38 -1.27 -11.26
C ARG P 215 68.43 -0.27 -10.60
N ALA P 216 68.27 -0.30 -9.27
CA ALA P 216 67.54 0.78 -8.60
C ALA P 216 68.25 2.13 -8.80
N GLU P 217 69.52 2.13 -9.20
CA GLU P 217 70.30 3.33 -9.47
C GLU P 217 69.85 4.06 -10.75
N MET P 218 69.15 3.37 -11.65
CA MET P 218 68.72 3.98 -12.89
C MET P 218 67.72 5.11 -12.59
N GLU P 219 66.67 4.84 -11.84
CA GLU P 219 65.64 5.82 -11.60
C GLU P 219 65.01 5.81 -10.21
N VAL P 220 64.99 4.67 -9.53
CA VAL P 220 64.31 4.58 -8.26
C VAL P 220 65.00 5.49 -7.24
N VAL P 221 66.32 5.30 -7.06
CA VAL P 221 67.05 6.06 -6.06
C VAL P 221 67.16 7.52 -6.51
N PRO P 222 67.51 7.84 -7.78
CA PRO P 222 67.43 9.22 -8.24
C PRO P 222 66.10 9.93 -7.94
N ALA P 223 64.94 9.31 -8.23
CA ALA P 223 63.64 9.88 -7.86
C ALA P 223 63.49 10.00 -6.33
N ALA P 224 63.88 8.97 -5.59
CA ALA P 224 63.81 9.02 -4.13
C ALA P 224 64.59 10.22 -3.58
N ARG P 225 65.83 10.41 -4.03
CA ARG P 225 66.64 11.54 -3.59
C ARG P 225 66.01 12.87 -4.01
N GLU P 226 65.46 12.96 -5.22
CA GLU P 226 64.85 14.21 -5.65
C GLU P 226 63.71 14.56 -4.71
N TYR P 227 62.88 13.59 -4.34
CA TYR P 227 61.67 13.86 -3.59
C TYR P 227 61.89 13.81 -2.08
N GLY P 228 63.11 13.53 -1.62
CA GLY P 228 63.38 13.53 -0.19
C GLY P 228 62.89 12.29 0.54
N LEU P 229 62.90 11.13 -0.15
CA LEU P 229 62.57 9.87 0.49
C LEU P 229 63.86 9.27 1.07
N GLY P 230 63.75 8.62 2.23
CA GLY P 230 64.80 7.71 2.63
C GLY P 230 64.80 6.49 1.71
N VAL P 231 65.97 5.86 1.58
CA VAL P 231 66.07 4.66 0.78
C VAL P 231 66.54 3.53 1.69
N ILE P 232 65.69 2.53 1.82
CA ILE P 232 65.92 1.36 2.65
C ILE P 232 66.16 0.18 1.73
N ALA P 233 67.33 -0.46 1.83
CA ALA P 233 67.69 -1.54 0.92
C ALA P 233 67.24 -2.89 1.49
N TRP P 234 66.34 -3.59 0.76
CA TRP P 234 66.01 -4.96 1.10
C TRP P 234 66.85 -5.93 0.28
N SER P 235 66.87 -7.17 0.80
CA SER P 235 67.78 -8.24 0.42
C SER P 235 69.21 -7.70 0.19
N PRO P 236 69.80 -7.05 1.22
CA PRO P 236 71.08 -6.37 1.04
C PRO P 236 72.25 -7.31 0.76
N LEU P 237 72.08 -8.62 1.06
CA LEU P 237 73.06 -9.65 0.75
C LEU P 237 72.62 -10.47 -0.46
N HIS P 238 71.62 -10.00 -1.21
CA HIS P 238 71.08 -10.71 -2.37
C HIS P 238 70.78 -12.18 -2.07
N GLY P 239 69.97 -12.41 -1.04
CA GLY P 239 69.51 -13.74 -0.66
C GLY P 239 70.61 -14.61 -0.03
N GLY P 240 71.70 -14.00 0.46
CA GLY P 240 72.82 -14.73 1.05
C GLY P 240 73.99 -14.84 0.06
N LEU P 241 73.74 -14.52 -1.21
CA LEU P 241 74.77 -14.70 -2.21
C LEU P 241 76.04 -13.87 -1.93
N LEU P 242 75.90 -12.76 -1.18
CA LEU P 242 77.03 -11.89 -0.84
C LEU P 242 77.48 -12.15 0.60
N GLY P 243 77.04 -13.27 1.19
CA GLY P 243 77.28 -13.56 2.60
C GLY P 243 78.35 -14.63 2.81
N GLY P 244 78.99 -15.07 1.72
CA GLY P 244 80.07 -16.04 1.78
C GLY P 244 79.65 -17.41 1.26
N ALA P 245 78.94 -17.40 0.12
CA ALA P 245 78.13 -18.50 -0.39
C ALA P 245 79.03 -19.65 -0.81
N ILE P 246 80.01 -19.31 -1.66
CA ILE P 246 80.94 -20.25 -2.22
C ILE P 246 81.79 -20.88 -1.12
N ARG P 247 82.15 -20.13 -0.09
CA ARG P 247 82.84 -20.76 1.04
C ARG P 247 81.96 -21.79 1.73
N LYS P 248 80.67 -21.52 1.83
CA LYS P 248 79.79 -22.43 2.56
C LYS P 248 79.29 -23.57 1.66
N GLU P 249 80.20 -24.22 0.92
CA GLU P 249 79.85 -25.16 -0.15
C GLU P 249 81.08 -25.86 -0.72
N ARG P 261 66.85 -16.98 -4.32
CA ARG P 261 67.61 -15.82 -4.86
C ARG P 261 69.11 -16.13 -4.92
N ALA P 262 69.58 -17.02 -4.03
CA ALA P 262 71.00 -17.32 -3.87
C ALA P 262 71.31 -18.78 -4.19
N ALA P 263 70.47 -19.72 -3.71
CA ALA P 263 70.69 -21.13 -3.93
C ALA P 263 70.97 -21.39 -5.42
N ASP P 264 70.11 -20.86 -6.30
CA ASP P 264 70.23 -21.12 -7.73
C ASP P 264 71.50 -20.42 -8.25
N ALA P 265 71.50 -19.08 -8.20
CA ALA P 265 72.53 -18.26 -8.83
C ALA P 265 73.91 -18.90 -8.69
N ASP P 268 74.70 -20.93 -12.42
CA ASP P 268 75.31 -20.02 -13.43
C ASP P 268 76.83 -20.17 -13.34
N PRO P 269 77.59 -20.16 -14.46
CA PRO P 269 79.05 -20.02 -14.38
C PRO P 269 79.54 -18.59 -14.19
N GLN P 270 78.89 -17.61 -14.84
CA GLN P 270 79.42 -16.26 -14.94
C GLN P 270 79.11 -15.46 -13.66
N GLN P 271 78.02 -15.81 -12.95
CA GLN P 271 77.72 -15.19 -11.66
C GLN P 271 78.61 -15.81 -10.57
N ARG P 272 79.00 -17.08 -10.76
CA ARG P 272 79.92 -17.78 -9.86
C ARG P 272 81.28 -17.09 -9.87
N GLU P 273 81.81 -16.82 -11.08
CA GLU P 273 83.07 -16.11 -11.28
C GLU P 273 83.10 -14.83 -10.45
N GLN P 274 81.95 -14.13 -10.49
CA GLN P 274 81.75 -12.80 -9.93
C GLN P 274 81.89 -12.88 -8.41
N ILE P 275 81.10 -13.79 -7.81
CA ILE P 275 81.09 -14.00 -6.38
C ILE P 275 82.45 -14.50 -5.88
N GLN P 276 83.15 -15.29 -6.72
CA GLN P 276 84.45 -15.85 -6.39
C GLN P 276 85.49 -14.74 -6.31
N ARG P 277 85.47 -13.80 -7.25
CA ARG P 277 86.36 -12.66 -7.19
C ARG P 277 86.08 -11.85 -5.93
N TYR P 278 84.79 -11.76 -5.58
CA TYR P 278 84.31 -10.99 -4.42
C TYR P 278 84.87 -11.59 -3.14
N GLU P 279 84.68 -12.91 -2.96
CA GLU P 279 85.14 -13.61 -1.77
C GLU P 279 86.66 -13.61 -1.64
N ASP P 280 87.38 -13.77 -2.77
CA ASP P 280 88.84 -13.74 -2.77
C ASP P 280 89.33 -12.34 -2.41
N LEU P 281 88.73 -11.29 -3.01
CA LEU P 281 89.10 -9.92 -2.69
C LEU P 281 89.01 -9.70 -1.18
N LEU P 282 87.92 -10.15 -0.56
CA LEU P 282 87.67 -9.80 0.83
C LEU P 282 88.60 -10.61 1.74
N ASP P 283 88.98 -11.83 1.31
CA ASP P 283 90.02 -12.61 1.98
C ASP P 283 91.30 -11.80 2.05
N LYS P 284 91.81 -11.37 0.89
CA LYS P 284 92.98 -10.53 0.77
C LYS P 284 92.90 -9.32 1.70
N HIS P 285 91.70 -8.75 1.93
CA HIS P 285 91.60 -7.50 2.68
C HIS P 285 91.14 -7.76 4.11
N GLY P 286 91.03 -9.05 4.51
CA GLY P 286 90.65 -9.43 5.86
C GLY P 286 89.22 -9.05 6.29
N LEU P 287 88.24 -9.10 5.36
CA LEU P 287 86.90 -8.54 5.57
C LEU P 287 85.86 -9.65 5.45
N GLU P 288 84.84 -9.60 6.31
CA GLU P 288 83.67 -10.48 6.23
C GLU P 288 82.74 -10.10 5.08
N PRO P 289 82.40 -11.04 4.15
CA PRO P 289 81.49 -10.78 3.03
C PRO P 289 80.14 -10.20 3.42
N GLY P 290 79.50 -10.80 4.42
CA GLY P 290 78.25 -10.32 4.97
C GLY P 290 78.32 -8.85 5.38
N GLU P 291 79.41 -8.48 6.06
CA GLU P 291 79.53 -7.15 6.64
C GLU P 291 79.84 -6.12 5.55
N VAL P 292 80.56 -6.53 4.49
CA VAL P 292 80.94 -5.66 3.38
C VAL P 292 79.69 -5.30 2.57
N ALA P 293 78.78 -6.28 2.42
CA ALA P 293 77.58 -6.06 1.63
C ALA P 293 76.77 -4.95 2.28
N LEU P 294 76.65 -4.97 3.61
CA LEU P 294 75.98 -3.94 4.40
C LEU P 294 76.70 -2.60 4.38
N ALA P 295 78.03 -2.60 4.62
CA ALA P 295 78.79 -1.37 4.69
C ALA P 295 78.85 -0.68 3.32
N TRP P 296 78.86 -1.48 2.24
CA TRP P 296 78.84 -0.94 0.89
C TRP P 296 77.58 -0.08 0.66
N LEU P 297 76.41 -0.63 1.01
CA LEU P 297 75.17 0.12 0.84
C LEU P 297 75.18 1.41 1.66
N LEU P 298 75.79 1.36 2.84
CA LEU P 298 75.92 2.56 3.65
C LEU P 298 76.76 3.62 2.96
N THR P 299 77.54 3.28 1.91
CA THR P 299 78.29 4.30 1.18
C THR P 299 77.48 4.90 0.03
N ARG P 300 76.32 4.34 -0.27
CA ARG P 300 75.64 4.78 -1.48
C ARG P 300 74.89 6.07 -1.20
N PRO P 301 75.06 7.09 -2.06
CA PRO P 301 74.34 8.35 -1.90
C PRO P 301 72.82 8.13 -1.84
N GLY P 302 72.18 8.71 -0.81
CA GLY P 302 70.73 8.66 -0.65
C GLY P 302 70.24 7.43 0.11
N VAL P 303 71.12 6.45 0.38
CA VAL P 303 70.70 5.28 1.12
C VAL P 303 70.70 5.58 2.61
N THR P 304 69.52 5.42 3.23
CA THR P 304 69.34 5.48 4.67
C THR P 304 70.11 4.34 5.33
N GLY P 305 69.82 3.11 4.87
CA GLY P 305 70.50 1.95 5.40
C GLY P 305 69.90 0.68 4.83
N PRO P 306 70.59 -0.47 5.02
CA PRO P 306 70.05 -1.79 4.66
C PRO P 306 69.14 -2.34 5.74
N ILE P 307 68.20 -3.18 5.32
CA ILE P 307 67.39 -3.98 6.23
C ILE P 307 68.15 -5.24 6.57
N VAL P 308 68.55 -5.35 7.83
CA VAL P 308 69.30 -6.52 8.26
C VAL P 308 68.31 -7.56 8.81
N GLY P 309 68.46 -8.81 8.35
CA GLY P 309 67.58 -9.90 8.75
C GLY P 309 68.31 -10.99 9.52
N PRO P 310 68.70 -10.76 10.79
CA PRO P 310 69.34 -11.81 11.58
C PRO P 310 68.38 -12.92 12.06
N ARG P 311 68.87 -14.17 11.99
CA ARG P 311 68.24 -15.35 12.57
C ARG P 311 68.60 -15.46 14.04
N THR P 312 69.84 -15.01 14.36
CA THR P 312 70.45 -15.18 15.67
C THR P 312 70.96 -13.83 16.17
N ALA P 313 71.25 -13.74 17.48
CA ALA P 313 71.88 -12.57 18.07
C ALA P 313 73.29 -12.37 17.51
N ASP P 314 73.99 -13.46 17.17
CA ASP P 314 75.35 -13.33 16.64
C ASP P 314 75.33 -12.68 15.26
N GLN P 315 74.27 -12.91 14.49
CA GLN P 315 74.17 -12.28 13.19
C GLN P 315 73.90 -10.79 13.36
N LEU P 316 73.19 -10.43 14.44
CA LEU P 316 72.90 -9.04 14.73
C LEU P 316 74.22 -8.31 15.04
N ALA P 317 75.04 -8.89 15.91
CA ALA P 317 76.30 -8.29 16.31
C ALA P 317 77.20 -8.11 15.09
N SER P 318 77.16 -9.06 14.15
CA SER P 318 77.87 -8.91 12.88
C SER P 318 77.36 -7.70 12.09
N ALA P 319 76.02 -7.54 12.01
CA ALA P 319 75.42 -6.40 11.34
C ALA P 319 75.86 -5.09 11.99
N VAL P 320 75.84 -5.04 13.32
CA VAL P 320 76.30 -3.86 14.05
C VAL P 320 77.76 -3.54 13.72
N ARG P 321 78.61 -4.57 13.61
CA ARG P 321 80.01 -4.34 13.24
C ARG P 321 80.08 -3.72 11.85
N ALA P 322 79.25 -4.24 10.93
CA ALA P 322 79.22 -3.75 9.55
C ALA P 322 78.91 -2.25 9.49
N ALA P 323 78.10 -1.76 10.45
CA ALA P 323 77.78 -0.34 10.51
C ALA P 323 78.98 0.51 10.98
N GLU P 324 79.99 -0.09 11.63
CA GLU P 324 81.16 0.65 12.11
C GLU P 324 82.36 0.45 11.18
N LEU P 325 82.18 -0.35 10.12
CA LEU P 325 83.24 -0.74 9.21
C LEU P 325 83.51 0.39 8.22
N THR P 326 84.77 0.76 8.01
CA THR P 326 85.13 1.70 6.96
C THR P 326 85.73 0.94 5.79
N LEU P 327 85.18 1.16 4.60
CA LEU P 327 85.70 0.56 3.39
C LEU P 327 86.63 1.58 2.72
N THR P 328 87.85 1.17 2.39
CA THR P 328 88.77 2.06 1.71
C THR P 328 88.37 2.25 0.26
N ASP P 329 88.87 3.35 -0.32
CA ASP P 329 88.70 3.69 -1.73
C ASP P 329 89.15 2.54 -2.61
N GLU P 330 90.21 1.85 -2.20
CA GLU P 330 90.73 0.71 -2.95
C GLU P 330 89.70 -0.41 -2.99
N VAL P 331 89.10 -0.77 -1.85
CA VAL P 331 88.11 -1.83 -1.81
C VAL P 331 86.85 -1.40 -2.58
N LEU P 332 86.45 -0.15 -2.38
CA LEU P 332 85.28 0.39 -3.04
C LEU P 332 85.47 0.38 -4.56
N THR P 333 86.71 0.66 -5.03
CA THR P 333 87.00 0.67 -6.46
C THR P 333 86.92 -0.74 -7.02
N ALA P 334 87.47 -1.71 -6.29
CA ALA P 334 87.46 -3.08 -6.77
C ALA P 334 86.05 -3.68 -6.77
N LEU P 335 85.25 -3.41 -5.73
CA LEU P 335 83.87 -3.88 -5.70
C LEU P 335 83.12 -3.32 -6.90
N ASP P 336 83.37 -2.04 -7.20
CA ASP P 336 82.72 -1.37 -8.32
C ASP P 336 83.09 -2.01 -9.67
N GLU P 337 84.32 -2.51 -9.84
CA GLU P 337 84.73 -3.18 -11.08
C GLU P 337 84.17 -4.61 -11.18
N ILE P 338 84.06 -5.30 -10.04
CA ILE P 338 83.44 -6.62 -10.06
C ILE P 338 81.93 -6.49 -10.30
N PHE P 339 81.30 -5.47 -9.69
CA PHE P 339 79.85 -5.29 -9.72
C PHE P 339 79.49 -3.91 -10.26
N PRO P 340 79.67 -3.60 -11.55
CA PRO P 340 79.31 -2.28 -12.06
C PRO P 340 77.81 -2.02 -11.90
N GLY P 341 77.47 -0.77 -11.57
CA GLY P 341 76.11 -0.30 -11.58
C GLY P 341 75.86 0.40 -12.91
N PRO P 342 74.59 0.57 -13.31
CA PRO P 342 74.26 1.12 -14.63
C PRO P 342 74.36 2.64 -14.73
N GLY P 343 74.41 3.32 -13.58
CA GLY P 343 74.26 4.76 -13.53
C GLY P 343 72.79 5.19 -13.66
N PRO P 344 72.49 6.49 -13.58
CA PRO P 344 71.14 6.99 -13.85
C PRO P 344 70.72 6.96 -15.32
N SER P 345 69.42 6.77 -15.51
CA SER P 345 68.81 7.03 -16.79
C SER P 345 68.78 8.53 -16.99
N PRO P 346 68.86 9.03 -18.25
CA PRO P 346 69.02 8.20 -19.43
C PRO P 346 70.44 7.74 -19.80
N GLU P 347 71.46 8.26 -19.11
CA GLU P 347 72.84 7.86 -19.37
C GLU P 347 73.03 6.34 -19.36
N ALA P 348 72.26 5.60 -18.54
CA ALA P 348 72.46 4.17 -18.40
C ALA P 348 72.25 3.43 -19.73
N PHE P 349 71.37 3.95 -20.62
CA PHE P 349 71.08 3.24 -21.85
C PHE P 349 71.21 4.11 -23.08
N ALA P 350 71.36 5.44 -22.92
CA ALA P 350 71.47 6.38 -24.03
C ALA P 350 72.76 7.19 -23.93
N TRP P 351 72.71 8.46 -23.47
CA TRP P 351 73.90 9.31 -23.31
C TRP P 351 73.70 10.44 -22.27
C19 TYK Q . -69.94 18.98 20.30
C20 TYK Q . -69.60 20.34 19.80
O20 TYK Q . -68.70 21.03 20.19
C1 TYK Q . -65.38 19.52 25.26
C2 TYK Q . -65.81 18.27 24.54
C3 TYK Q . -66.44 18.48 23.16
C4 TYK Q . -67.20 17.25 22.63
C5 TYK Q . -68.07 17.58 21.38
C6 TYK Q . -69.27 18.58 21.64
C7 TYK Q . -70.32 18.13 22.68
C8 TYK Q . -70.96 19.29 23.49
C9 TYK Q . -70.14 19.67 24.72
C10 TYK Q . -70.39 18.97 25.96
C11 TYK Q . -69.76 19.10 27.22
C12 TYK Q . -68.65 19.85 27.80
C13 TYK Q . -67.76 20.71 27.16
C14 TYK Q . -66.52 21.36 27.75
C15 TYK Q . -65.30 20.45 27.54
C16 TYK Q . -64.77 19.74 28.78
C17 TYK Q . -64.90 20.51 30.09
C18 TYK Q . -66.25 16.08 22.36
C21 TYK Q . -72.42 18.97 23.85
C22 TYK Q . -68.44 19.59 29.25
C23 TYK Q . -66.20 22.77 27.25
O1 TYK Q . -64.85 20.48 24.75
O3 TYK Q . -65.43 18.85 22.23
O9 TYK Q . -69.30 20.54 24.63
O15 TYK Q . -65.65 19.39 26.58
C1A TYK Q . -67.93 15.98 19.55
C2A TYK Q . -68.29 14.52 19.29
C3A TYK Q . -67.61 14.02 18.01
C4A TYK Q . -67.98 14.93 16.83
C5A TYK Q . -67.76 16.43 17.18
C6A TYK Q . -68.38 17.35 16.15
C7A TYK Q . -66.88 11.69 18.41
C8A TYK Q . -69.22 12.13 17.99
O1A TYK Q . -68.58 16.38 20.72
O2A TYK Q . -67.87 13.73 20.42
N3A TYK Q . -67.84 12.59 17.76
O4A TYK Q . -67.11 14.59 15.74
O5A TYK Q . -68.38 16.76 18.45
C1B TYK Q . -67.68 14.12 14.54
C2B TYK Q . -66.87 14.66 13.37
C3B TYK Q . -65.53 13.93 13.18
C4B TYK Q . -65.69 12.40 13.25
C5B TYK Q . -66.48 11.98 14.50
C6B TYK Q . -66.77 10.50 14.55
C7B TYK Q . -64.84 14.38 11.89
O3B TYK Q . -64.66 14.31 14.25
O4B TYK Q . -64.44 11.71 13.26
O5B TYK Q . -67.76 12.69 14.54
C1C TYK Q . -64.10 23.95 27.65
C2C TYK Q . -63.51 25.06 28.53
C3C TYK Q . -62.15 25.49 27.99
C4C TYK Q . -61.21 24.28 27.87
C5C TYK Q . -61.88 23.16 27.09
C6C TYK Q . -61.10 21.87 27.12
C7C TYK Q . -64.21 26.96 29.82
C8C TYK Q . -61.47 27.24 26.44
O1C TYK Q . -65.34 23.50 28.17
O2C TYK Q . -64.35 26.23 28.61
O3C TYK Q . -62.27 26.09 26.69
O4C TYK Q . -59.99 24.65 27.24
O5C TYK Q . -63.19 22.86 27.64
C19 TYK R . -12.18 -6.17 42.09
C20 TYK R . -12.92 -5.96 43.37
O20 TYK R . -13.93 -5.33 43.53
C1 TYK R . -15.73 -1.09 42.43
C2 TYK R . -15.77 -2.02 41.22
C3 TYK R . -15.11 -3.39 41.37
C4 TYK R . -14.51 -3.98 40.08
C5 TYK R . -13.83 -5.34 40.37
C6 TYK R . -12.42 -5.10 41.02
C7 TYK R . -11.25 -5.02 40.00
C8 TYK R . -10.23 -3.86 40.14
C9 TYK R . -10.54 -2.88 41.27
C10 TYK R . -11.17 -1.60 40.96
C11 TYK R . -11.67 -0.78 41.93
C12 TYK R . -12.45 0.40 41.83
C13 TYK R . -13.01 0.84 42.98
C14 TYK R . -14.07 1.89 43.21
C15 TYK R . -15.48 1.34 42.92
C16 TYK R . -16.41 2.34 42.26
C17 TYK R . -17.89 2.05 42.47
C18 TYK R . -15.53 -4.09 38.93
C21 TYK R . -10.07 -3.11 38.81
C22 TYK R . -12.67 0.97 40.50
C23 TYK R . -13.81 2.39 44.64
O1 TYK R . -15.90 -1.46 43.57
O3 TYK R . -16.06 -4.30 41.89
O9 TYK R . -10.33 -3.18 42.42
O15 TYK R . -15.48 0.18 42.00
C1A TYK R . -14.60 -7.32 39.15
C2A TYK R . -14.60 -7.85 37.72
C3A TYK R . -15.38 -9.16 37.59
C4A TYK R . -15.01 -10.18 38.69
C5A TYK R . -14.99 -9.51 40.07
C6A TYK R . -14.47 -10.41 41.17
C7A TYK R . -16.18 -9.17 35.23
C8A TYK R . -13.89 -9.79 35.69
O1A TYK R . -13.73 -6.22 39.20
O2A TYK R . -15.20 -6.87 36.85
N3A TYK R . -15.26 -9.73 36.23
O4A TYK R . -16.01 -11.21 38.68
O5A TYK R . -14.14 -8.32 40.04
C1B TYK R . -15.62 -12.53 38.30
C2B TYK R . -16.45 -13.52 39.07
C3B TYK R . -17.93 -13.49 38.65
C4B TYK R . -18.06 -13.59 37.12
C5B TYK R . -17.16 -12.59 36.41
C6B TYK R . -17.14 -12.75 34.91
C7B TYK R . -18.68 -14.60 39.38
O3B TYK R . -18.47 -12.22 39.08
O4B TYK R . -19.38 -13.37 36.65
O5B TYK R . -15.78 -12.74 36.88
C1C TYK R . -15.47 2.87 46.31
C2C TYK R . -15.22 3.84 47.46
C3C TYK R . -16.11 3.52 48.68
C4C TYK R . -17.56 3.12 48.32
C5C TYK R . -17.63 2.22 47.09
C6C TYK R . -19.04 2.04 46.56
C7C TYK R . -13.04 4.85 47.37
C8C TYK R . -15.43 2.67 50.85
O1C TYK R . -14.79 3.30 45.14
O2C TYK R . -13.87 3.80 47.87
O3C TYK R . -15.54 2.44 49.43
O4C TYK R . -18.17 2.44 49.42
O5C TYK R . -16.85 2.81 46.03
C19 TYK S . -17.91 -67.66 -15.28
C20 TYK S . -17.67 -67.30 -16.71
O20 TYK S . -18.40 -67.55 -17.62
C1 TYK S . -23.51 -69.28 -17.78
C2 TYK S . -23.45 -68.42 -16.55
C3 TYK S . -22.07 -67.83 -16.37
C4 TYK S . -21.79 -67.38 -14.93
C5 TYK S . -20.30 -66.93 -14.80
C6 TYK S . -19.34 -68.14 -14.94
C7 TYK S . -19.31 -69.09 -13.73
C8 TYK S . -19.06 -70.58 -14.07
C9 TYK S . -20.24 -71.22 -14.78
C10 TYK S . -21.34 -71.65 -13.95
C11 TYK S . -22.59 -72.23 -14.28
C12 TYK S . -23.32 -72.57 -15.48
C13 TYK S . -22.96 -72.35 -16.80
C14 TYK S . -23.76 -72.63 -18.05
C15 TYK S . -24.40 -71.34 -18.63
C16 TYK S . -25.86 -71.39 -19.04
C17 TYK S . -26.21 -70.44 -20.17
C18 TYK S . -22.79 -66.34 -14.44
C21 TYK S . -18.66 -71.35 -12.81
C22 TYK S . -24.64 -73.20 -15.21
C23 TYK S . -22.93 -73.38 -19.08
O1 TYK S . -22.87 -69.08 -18.78
O3 TYK S . -21.92 -66.76 -17.30
O9 TYK S . -20.22 -71.35 -16.00
O15 TYK S . -24.33 -70.31 -17.60
C1A TYK S . -19.96 -64.79 -13.71
C2A TYK S . -20.40 -64.16 -12.40
C3A TYK S . -20.20 -62.63 -12.41
C4A TYK S . -18.81 -62.24 -12.93
C5A TYK S . -18.45 -63.01 -14.21
C6A TYK S . -17.02 -62.79 -14.64
C7A TYK S . -21.85 -61.40 -11.02
C8A TYK S . -20.12 -62.65 -9.92
O1A TYK S . -20.05 -66.18 -13.58
O2A TYK S . -21.77 -64.47 -12.17
N3A TYK S . -20.48 -61.92 -11.13
O4A TYK S . -18.85 -60.84 -13.25
O5A TYK S . -18.63 -64.43 -13.99
C1B TYK S . -18.01 -59.98 -12.53
C2B TYK S . -17.58 -58.87 -13.46
C3B TYK S . -18.70 -57.87 -13.75
C4B TYK S . -19.33 -57.39 -12.43
C5B TYK S . -19.80 -58.60 -11.59
C6B TYK S . -20.33 -58.22 -10.23
C7B TYK S . -18.16 -56.72 -14.62
O3B TYK S . -19.73 -58.53 -14.53
O4B TYK S . -20.44 -56.53 -12.64
O5B TYK S . -18.67 -59.50 -11.35
C1C TYK S . -24.09 -74.93 -20.54
C2C TYK S . -25.60 -74.76 -20.32
C3C TYK S . -26.39 -74.50 -21.61
C4C TYK S . -25.65 -73.59 -22.60
C5C TYK S . -24.21 -74.04 -22.78
C6C TYK S . -23.41 -73.15 -23.71
C7C TYK S . -27.23 -75.66 -18.81
C8C TYK S . -28.08 -76.10 -22.25
O1C TYK S . -23.42 -74.71 -19.31
O2C TYK S . -26.14 -75.92 -19.69
O3C TYK S . -26.70 -75.74 -22.26
O4C TYK S . -26.30 -73.58 -23.87
O5C TYK S . -23.55 -74.01 -21.50
C19 TYK T . -80.13 -47.22 -30.03
C20 TYK T . -80.62 -48.59 -29.69
O20 TYK T . -79.94 -49.57 -29.56
C1 TYK T . -75.57 -51.06 -31.87
C2 TYK T . -75.17 -49.85 -31.08
C3 TYK T . -76.37 -49.16 -30.46
C4 TYK T . -76.28 -47.63 -30.46
C5 TYK T . -77.59 -47.04 -29.86
C6 TYK T . -78.82 -47.20 -30.84
C7 TYK T . -78.92 -46.27 -32.06
C8 TYK T . -79.49 -46.93 -33.33
C9 TYK T . -78.46 -47.82 -34.03
C10 TYK T . -77.45 -47.07 -34.79
C11 TYK T . -76.27 -47.46 -35.48
C12 TYK T . -75.52 -48.68 -35.70
C13 TYK T . -75.88 -49.94 -35.25
C14 TYK T . -75.07 -51.20 -35.36
C15 TYK T . -75.30 -52.06 -34.09
C16 TYK T . -74.52 -53.36 -33.97
C17 TYK T . -73.14 -53.21 -33.35
C18 TYK T . -75.00 -47.12 -29.77
C21 TYK T . -80.07 -45.89 -34.31
C22 TYK T . -74.25 -48.51 -36.43
C23 TYK T . -75.28 -51.88 -36.71
O1 TYK T . -76.45 -51.80 -31.56
O3 TYK T . -76.54 -49.65 -29.14
O9 TYK T . -78.50 -49.03 -33.88
O15 TYK T . -74.86 -51.14 -33.02
C1A TYK T . -77.18 -45.63 -27.92
C2A TYK T . -76.45 -44.34 -27.58
C3A TYK T . -76.44 -44.07 -26.07
C4A TYK T . -77.81 -44.31 -25.42
C5A TYK T . -78.39 -45.66 -25.86
C6A TYK T . -79.78 -45.92 -25.33
C7A TYK T . -74.41 -42.75 -25.57
C8A TYK T . -76.29 -41.63 -26.57
O1A TYK T . -77.36 -45.70 -29.32
O2A TYK T . -75.11 -44.42 -28.10
N3A TYK T . -75.87 -42.74 -25.72
O4A TYK T . -77.66 -44.36 -23.98
O5A TYK T . -78.45 -45.67 -27.31
C1B TYK T . -78.26 -43.34 -23.22
C2B TYK T . -78.76 -43.92 -21.91
C3B TYK T . -77.62 -44.30 -20.95
C4B TYK T . -76.61 -43.14 -20.82
C5B TYK T . -76.17 -42.63 -22.21
C6B TYK T . -75.29 -41.40 -22.16
C7B TYK T . -78.21 -44.71 -19.60
O3B TYK T . -76.95 -45.46 -21.45
O4B TYK T . -75.44 -43.53 -20.11
O5B TYK T . -77.34 -42.25 -23.01
C1C TYK T . -76.36 -53.83 -37.62
C2C TYK T . -75.78 -53.51 -39.00
C3C TYK T . -75.39 -54.78 -39.78
C4C TYK T . -74.68 -55.83 -38.90
C5C TYK T . -75.36 -56.04 -37.54
C6C TYK T . -74.57 -56.90 -36.58
C7C TYK T . -76.10 -51.89 -40.77
C8C TYK T . -76.66 -55.25 -41.79
O1C TYK T . -76.48 -52.67 -36.84
O2C TYK T . -76.71 -52.76 -39.80
O3C TYK T . -76.56 -55.36 -40.36
O4C TYK T . -74.63 -57.08 -39.58
O5C TYK T . -75.52 -54.75 -36.90
C19 TYK U . -2.90 -13.12 35.26
C20 TYK U . -1.61 -13.07 34.51
O20 TYK U . -1.06 -13.98 33.95
C1 TYK U . -0.95 -19.12 34.07
C2 TYK U . -2.39 -18.69 33.99
C3 TYK U . -2.61 -17.18 34.01
C4 TYK U . -3.99 -16.78 34.51
C5 TYK U . -4.12 -15.21 34.58
C6 TYK U . -3.34 -14.52 35.74
C7 TYK U . -4.11 -14.47 37.08
C8 TYK U . -3.27 -14.60 38.38
C9 TYK U . -2.17 -15.65 38.25
C10 TYK U . -2.58 -17.05 38.37
C11 TYK U . -1.86 -18.21 38.07
C12 TYK U . -0.56 -18.43 37.53
C13 TYK U . -0.22 -19.71 37.11
C14 TYK U . 0.97 -20.23 36.33
C15 TYK U . 0.50 -20.85 35.00
C16 TYK U . 0.43 -22.37 34.97
C17 TYK U . 0.92 -22.98 33.67
C18 TYK U . -5.10 -17.46 33.70
C21 TYK U . -4.14 -14.89 39.61
C22 TYK U . 0.31 -17.27 37.40
C23 TYK U . 2.08 -19.26 35.98
O1 TYK U . -0.01 -18.50 33.63
O3 TYK U . -2.42 -16.66 32.69
O9 TYK U . -1.04 -15.27 37.98
O15 TYK U . -0.83 -20.31 34.70
C1A TYK U . -6.05 -14.31 33.43
C2A TYK U . -7.58 -14.36 33.54
C3A TYK U . -8.24 -13.76 32.29
C4A TYK U . -7.64 -12.37 32.03
C5A TYK U . -6.11 -12.39 32.01
C6A TYK U . -5.50 -11.01 31.87
C7A TYK U . -10.32 -15.05 31.89
C8A TYK U . -10.40 -13.17 33.40
O1A TYK U . -5.52 -14.80 34.62
O2A TYK U . -7.99 -15.72 33.74
N3A TYK U . -9.72 -13.76 32.24
O4A TYK U . -8.12 -11.95 30.74
O5A TYK U . -5.61 -12.97 33.24
C1B TYK U . -9.06 -10.92 30.69
C2B TYK U . -8.78 -10.08 29.45
C3B TYK U . -9.20 -10.80 28.16
C4B TYK U . -10.63 -11.35 28.27
C5B TYK U . -10.81 -12.21 29.54
C6B TYK U . -12.22 -12.66 29.77
C7B TYK U . -9.02 -9.85 26.97
O3B TYK U . -8.31 -11.91 27.93
O4B TYK U . -11.01 -12.13 27.13
O5B TYK U . -10.41 -11.44 30.71
C1C TYK U . 4.05 -19.74 37.28
C2C TYK U . 3.65 -20.82 38.30
C3C TYK U . 3.84 -22.22 37.69
C4C TYK U . 5.22 -22.39 37.03
C5C TYK U . 5.58 -21.20 36.13
C6C TYK U . 5.95 -21.58 34.71
C7C TYK U . 3.90 -19.73 40.42
C8C TYK U . 2.39 -23.79 38.81
O1C TYK U . 2.94 -18.91 37.09
O2C TYK U . 4.41 -20.69 39.51
O3C TYK U . 3.70 -23.21 38.71
O4C TYK U . 6.25 -22.57 38.01
O5C TYK U . 4.45 -20.30 36.04
C19 TYK V . -11.38 -66.69 -3.57
C20 TYK V . -11.23 -67.70 -2.48
O20 TYK V . -10.91 -67.48 -1.34
C1 TYK V . -7.09 -63.20 -0.05
C2 TYK V . -8.28 -62.61 -0.75
C3 TYK V . -9.30 -63.64 -1.23
C4 TYK V . -10.22 -63.13 -2.35
C5 TYK V . -11.19 -64.26 -2.78
C6 TYK V . -10.45 -65.46 -3.47
C7 TYK V . -9.76 -65.15 -4.83
C8 TYK V . -8.42 -65.88 -5.09
C9 TYK V . -7.23 -65.23 -4.39
C10 TYK V . -6.80 -63.93 -4.88
C11 TYK V . -5.80 -63.03 -4.43
C12 TYK V . -4.87 -62.92 -3.30
C13 TYK V . -4.78 -63.81 -2.24
C14 TYK V . -3.91 -63.70 -1.02
C15 TYK V . -4.68 -63.10 0.19
C16 TYK V . -3.99 -61.99 0.96
C17 TYK V . -4.32 -61.96 2.44
C18 TYK V . -10.94 -61.83 -1.97
C21 TYK V . -8.15 -66.01 -6.60
C22 TYK V . -3.98 -61.74 -3.32
C23 TYK V . -3.29 -65.04 -0.67
O1 TYK V . -7.13 -64.16 0.67
O3 TYK V . -10.10 -64.06 -0.13
O9 TYK V . -6.69 -65.81 -3.46
O15 TYK V . -5.94 -62.56 -0.33
C1A TYK V . -13.51 -63.51 -2.93
C2A TYK V . -14.32 -62.50 -3.72
C3A TYK V . -15.75 -62.36 -3.16
C4A TYK V . -16.40 -63.74 -2.91
C5A TYK V . -15.44 -64.70 -2.17
C6A TYK V . -15.95 -66.11 -2.09
C7A TYK V . -16.53 -60.03 -3.54
C8A TYK V . -16.57 -61.56 -5.38
O1A TYK V . -12.28 -63.71 -3.58
O2A TYK V . -13.63 -61.23 -3.70
N3A TYK V . -16.63 -61.44 -3.93
O4A TYK V . -17.56 -63.55 -2.08
O5A TYK V . -14.18 -64.76 -2.87
C1B TYK V . -18.85 -63.89 -2.61
C2B TYK V . -19.75 -64.35 -1.49
C3B TYK V . -20.27 -63.21 -0.60
C4B TYK V . -20.73 -62.01 -1.45
C5B TYK V . -19.67 -61.62 -2.47
C6B TYK V . -20.09 -60.48 -3.37
C7B TYK V . -21.37 -63.73 0.30
O3B TYK V . -19.20 -62.76 0.24
O4B TYK V . -21.00 -60.85 -0.65
O5B TYK V . -19.40 -62.77 -3.32
C1C TYK V . -1.03 -65.31 0.14
C2C TYK V . -0.46 -63.97 0.62
C3C TYK V . 0.28 -64.14 1.97
C4C TYK V . -0.56 -64.96 2.97
C5C TYK V . -1.03 -66.28 2.35
C6C TYK V . -1.95 -67.08 3.24
C7C TYK V . -0.16 -62.47 -1.24
C8C TYK V . 2.65 -64.16 2.45
O1C TYK V . -1.87 -65.06 -0.96
O2C TYK V . 0.42 -63.41 -0.33
O3C TYK V . 1.54 -64.77 1.79
O4C TYK V . 0.19 -65.24 4.15
O5C TYK V . -1.78 -65.99 1.15
C19 TYK W . -84.71 -34.98 -30.75
C20 TYK W . -84.94 -33.91 -31.76
O20 TYK W . -85.09 -32.74 -31.52
C1 TYK W . -88.00 -30.65 -27.38
C2 TYK W . -86.81 -31.36 -26.78
C3 TYK W . -85.91 -32.04 -27.80
C4 TYK W . -85.22 -33.30 -27.28
C5 TYK W . -84.43 -34.03 -28.41
C6 TYK W . -85.40 -34.77 -29.40
C7 TYK W . -86.05 -36.07 -28.88
C8 TYK W . -87.44 -36.41 -29.46
C9 TYK W . -88.43 -35.26 -29.27
C10 TYK W . -88.97 -34.98 -27.96
C11 TYK W . -89.79 -33.89 -27.61
C12 TYK W . -90.32 -33.57 -26.30
C13 TYK W . -91.06 -32.43 -25.99
C14 TYK W . -91.53 -31.24 -26.82
C15 TYK W . -90.38 -30.26 -27.18
C16 TYK W . -90.52 -28.84 -26.64
C17 TYK W . -90.56 -28.74 -25.14
C18 TYK W . -84.34 -32.98 -26.06
C21 TYK W . -88.00 -37.71 -28.88
C22 TYK W . -90.02 -34.55 -25.24
C23 TYK W . -92.33 -31.67 -28.03
O1 TYK W . -87.99 -30.03 -28.43
O3 TYK W . -84.92 -31.11 -28.25
O9 TYK W . -88.73 -34.55 -30.21
O15 TYK W . -89.12 -30.79 -26.64
C1A TYK W . -82.06 -34.39 -27.90
C2A TYK W . -81.20 -35.27 -27.00
C3A TYK W . -79.72 -34.88 -27.07
C4A TYK W . -79.23 -34.72 -28.51
C5A TYK W . -80.22 -33.89 -29.37
C6A TYK W . -79.89 -33.91 -30.84
C7A TYK W . -78.88 -35.53 -24.81
C8A TYK W . -79.00 -37.21 -26.52
O1A TYK W . -83.38 -34.89 -27.90
O2A TYK W . -81.67 -35.19 -25.64
N3A TYK W . -78.85 -35.77 -26.25
O4A TYK W . -77.95 -34.06 -28.48
O5A TYK W . -81.57 -34.41 -29.24
C1B TYK W . -76.79 -34.82 -28.80
C2B TYK W . -75.84 -33.98 -29.62
C3B TYK W . -75.12 -32.91 -28.79
C4B TYK W . -74.55 -33.48 -27.47
C5B TYK W . -75.61 -34.34 -26.72
C6B TYK W . -75.08 -35.08 -25.52
C7B TYK W . -74.05 -32.24 -29.65
O3B TYK W . -76.11 -31.92 -28.42
O4B TYK W . -74.10 -32.44 -26.62
O5B TYK W . -76.14 -35.36 -27.62
C1C TYK W . -94.29 -33.11 -27.89
C2C TYK W . -94.67 -34.23 -28.87
C3C TYK W . -96.01 -34.88 -28.45
C4C TYK W . -96.90 -33.95 -27.59
C5C TYK W . -96.16 -33.37 -26.39
C6C TYK W . -96.47 -34.10 -25.09
C7C TYK W . -93.55 -33.88 -30.96
C8C TYK W . -97.66 -36.36 -29.44
O1C TYK W . -92.88 -33.00 -27.86
O2C TYK W . -94.75 -33.75 -30.20
O3C TYK W . -96.77 -35.25 -29.60
O4C TYK W . -97.39 -32.88 -28.40
O5C TYK W . -94.73 -33.44 -26.57
C19 TYK X . -80.66 12.94 16.14
C20 TYK X . -82.09 12.69 16.50
O20 TYK X . -82.86 11.98 15.92
C1 TYK X . -83.57 11.07 10.65
C2 TYK X . -82.10 10.92 10.93
C3 TYK X . -81.66 11.09 12.39
C4 TYK X . -80.23 11.57 12.53
C5 TYK X . -79.83 11.75 14.03
C6 TYK X . -80.36 13.10 14.63
C7 TYK X . -79.43 14.30 14.34
C8 TYK X . -80.09 15.70 14.20
C9 TYK X . -81.52 15.61 13.68
C10 TYK X . -81.73 15.40 12.27
C11 TYK X . -82.96 15.07 11.75
C12 TYK X . -83.35 14.70 10.45
C13 TYK X . -84.63 14.25 10.33
C14 TYK X . -85.35 13.64 9.17
C15 TYK X . -85.13 12.11 9.09
C16 TYK X . -85.28 11.48 7.72
C17 TYK X . -86.10 10.20 7.70
C18 TYK X . -79.24 10.67 11.77
C21 TYK X . -79.25 16.64 13.33
C22 TYK X . -82.36 14.74 9.37
C23 TYK X . -86.81 14.02 9.30
O1 TYK X . -84.47 10.58 11.29
O3 TYK X . -81.85 9.85 13.08
O9 TYK X . -82.47 15.64 14.45
O15 TYK X . -83.76 11.84 9.55
C1A TYK X . -77.93 10.44 14.80
C2A TYK X . -76.45 10.27 14.51
C3A TYK X . -75.91 9.01 15.20
C4A TYK X . -76.33 8.96 16.67
C5A TYK X . -77.81 9.30 16.90
C6A TYK X . -78.15 9.50 18.35
C7A TYK X . -74.07 7.99 13.85
C8A TYK X . -73.58 9.97 15.13
O1A TYK X . -78.39 11.63 14.22
O2A TYK X . -76.24 10.20 13.09
N3A TYK X . -74.44 8.78 15.03
O4A TYK X . -76.12 7.63 17.15
O5A TYK X . -78.14 10.52 16.20
C1B TYK X . -75.14 7.48 18.15
C2B TYK X . -75.54 6.37 19.11
C3B TYK X . -75.32 4.96 18.56
C4B TYK X . -73.99 4.83 17.79
C5B TYK X . -73.77 5.99 16.82
C6B TYK X . -72.43 5.98 16.14
C7B TYK X . -75.42 3.93 19.70
O3B TYK X . -76.41 4.66 17.66
O4B TYK X . -73.92 3.62 17.04
O5B TYK X . -73.86 7.26 17.55
C1C TYK X . -88.84 12.76 9.09
C2C TYK X . -89.86 13.63 8.36
C3C TYK X . -90.55 12.81 7.27
C4C TYK X . -91.20 11.51 7.80
C5C TYK X . -90.40 10.91 8.96
C6C TYK X . -90.36 9.40 8.93
C7C TYK X . -90.49 15.49 9.75
C8C TYK X . -91.02 14.61 5.70
O1C TYK X . -87.59 13.07 8.55
O2C TYK X . -90.82 14.18 9.26
O3C TYK X . -91.54 13.62 6.60
O4C TYK X . -92.53 11.75 8.24
O5C TYK X . -89.03 11.36 8.88
C19 TYK Y . 73.65 -13.81 -26.77
C20 TYK Y . 73.48 -13.38 -28.19
O20 TYK Y . 73.99 -13.89 -29.13
C1 TYK Y . 68.02 -16.33 -28.65
C2 TYK Y . 68.20 -15.27 -27.59
C3 TYK Y . 69.57 -14.62 -27.51
C4 TYK Y . 69.87 -14.14 -26.08
C5 TYK Y . 71.25 -13.44 -26.04
C6 TYK Y . 72.43 -14.47 -26.12
C7 TYK Y . 72.79 -15.13 -24.78
C8 TYK Y . 73.56 -16.47 -24.86
C9 TYK Y . 73.07 -17.29 -26.04
C10 TYK Y . 71.75 -17.85 -25.98
C11 TYK Y . 71.13 -18.43 -27.06
C12 TYK Y . 69.81 -18.92 -27.16
C13 TYK Y . 69.35 -19.30 -28.38
C14 TYK Y . 67.98 -19.74 -28.80
C15 TYK Y . 67.06 -18.53 -29.11
C16 TYK Y . 65.57 -18.80 -28.96
C17 TYK Y . 64.76 -18.25 -30.12
C18 TYK Y . 68.73 -13.27 -25.54
C21 TYK Y . 73.44 -17.27 -23.54
C22 TYK Y . 69.00 -18.92 -25.94
C23 TYK Y . 68.11 -20.72 -29.96
O1 TYK Y . 68.40 -16.23 -29.79
O3 TYK Y . 69.66 -13.49 -28.37
O9 TYK Y . 73.74 -17.38 -27.05
O15 TYK Y . 67.35 -17.42 -28.19
C1A TYK Y . 71.35 -11.24 -25.02
C2A TYK Y . 71.13 -10.59 -23.65
C3A TYK Y . 71.20 -9.06 -23.75
C4A TYK Y . 72.41 -8.58 -24.54
C5A TYK Y . 72.56 -9.37 -25.86
C6A TYK Y . 73.83 -9.06 -26.63
C7A TYK Y . 69.70 -8.22 -21.95
C8A TYK Y . 72.00 -8.69 -21.41
O1A TYK Y . 71.42 -12.63 -24.85
O2A TYK Y . 69.85 -11.00 -23.11
N3A TYK Y . 71.07 -8.30 -22.47
O4A TYK Y . 72.20 -7.18 -24.83
O5A TYK Y . 72.57 -10.79 -25.58
C1B TYK Y . 72.94 -6.19 -24.15
C2B TYK Y . 73.22 -5.06 -25.11
C3B TYK Y . 71.98 -4.21 -25.41
C4B TYK Y . 71.34 -3.72 -24.10
C5B TYK Y . 71.08 -4.88 -23.12
C6B TYK Y . 70.70 -4.41 -21.74
C7B TYK Y . 72.37 -3.03 -26.31
O3B TYK Y . 71.02 -5.01 -26.12
O4B TYK Y . 70.12 -3.01 -24.33
O5B TYK Y . 72.28 -5.74 -22.94
C1C TYK Y . 67.39 -20.24 -32.21
C2C TYK Y . 67.07 -21.43 -33.11
C3C TYK Y . 65.60 -21.35 -33.58
C4C TYK Y . 65.28 -20.02 -34.29
C5C TYK Y . 66.29 -18.94 -33.95
C6C TYK Y . 65.77 -17.54 -34.17
C7C TYK Y . 69.25 -22.01 -33.93
C8C TYK Y . 64.04 -23.09 -34.21
O1C TYK Y . 67.03 -20.58 -30.89
O2C TYK Y . 67.96 -21.49 -34.22
O3C TYK Y . 65.29 -22.44 -34.45
O4C TYK Y . 65.23 -20.21 -35.71
O5C TYK Y . 66.67 -19.05 -32.56
C19 TYK Z . 9.14 0.05 -35.39
C20 TYK Z . 8.85 -1.37 -35.06
O20 TYK Z . 9.58 -2.13 -34.49
C1 TYK Z . 14.02 -3.47 -37.73
C2 TYK Z . 14.18 -2.07 -37.20
C3 TYK Z . 13.11 -1.56 -36.25
C4 TYK Z . 12.92 -0.04 -36.26
C5 TYK Z . 11.66 0.38 -35.45
C6 TYK Z . 10.36 0.31 -36.30
C7 TYK Z . 10.17 1.55 -37.21
C8 TYK Z . 9.25 1.37 -38.45
C9 TYK Z . 9.28 -0.07 -38.93
C10 TYK Z . 10.47 -0.52 -39.63
C11 TYK Z . 10.76 -1.86 -39.93
C12 TYK Z . 11.95 -2.43 -40.48
C13 TYK Z . 12.08 -3.80 -40.50
C14 TYK Z . 13.24 -4.68 -40.88
C15 TYK Z . 14.27 -4.84 -39.75
C16 TYK Z . 15.67 -5.25 -40.19
C17 TYK Z . 16.44 -6.03 -39.14
C18 TYK Z . 14.17 0.68 -35.76
C21 TYK Z . 9.60 2.35 -39.57
C22 TYK Z . 13.01 -1.50 -40.93
C23 TYK Z . 12.76 -6.07 -41.27
O1 TYK Z . 13.60 -4.41 -37.09
O3 TYK Z . 13.42 -1.95 -34.91
O9 TYK Z . 8.37 -0.82 -38.66
O15 TYK Z . 14.40 -3.56 -39.03
C1A TYK Z . 12.04 1.85 -33.56
C2A TYK Z . 12.50 3.28 -33.28
C3A TYK Z . 12.67 3.50 -31.76
C4A TYK Z . 11.41 3.07 -31.01
C5A TYK Z . 10.98 1.65 -31.41
C6A TYK Z . 9.65 1.25 -30.82
C7A TYK Z . 14.57 5.06 -31.44
C8A TYK Z . 12.42 5.97 -32.05
O1A TYK Z . 11.79 1.74 -34.93
O2A TYK Z . 13.74 3.54 -33.99
N3A TYK Z . 13.12 4.87 -31.38
O4A TYK Z . 11.71 3.07 -29.61
O5A TYK Z . 10.84 1.56 -32.84
C1B TYK Z . 11.03 3.94 -28.72
C2B TYK Z . 10.84 3.22 -27.40
C3B TYK Z . 12.14 3.11 -26.58
C4B TYK Z . 12.89 4.46 -26.54
C5B TYK Z . 13.04 5.06 -27.95
C6B TYK Z . 13.69 6.43 -27.98
C7B TYK Z . 11.82 2.61 -25.18
O3B TYK Z . 12.99 2.11 -27.18
O4B TYK Z . 14.19 4.35 -25.97
O5B TYK Z . 11.72 5.19 -28.56
C1C TYK Z . 11.77 -7.41 -43.00
C2C TYK Z . 12.22 -7.88 -44.40
C3C TYK Z . 11.75 -9.34 -44.65
C4C TYK Z . 12.07 -10.26 -43.45
C5C TYK Z . 11.61 -9.66 -42.12
C6C TYK Z . 12.08 -10.44 -40.91
C7C TYK Z . 12.62 -6.08 -45.93
C8C TYK Z . 9.94 -10.20 -46.03
O1C TYK Z . 12.36 -6.17 -42.70
O2C TYK Z . 11.69 -7.04 -45.42
O3C TYK Z . 10.34 -9.38 -44.92
O4C TYK Z . 11.42 -11.53 -43.62
O5C TYK Z . 12.18 -8.33 -42.00
C19 TYK AA . 17.81 68.74 12.27
C20 TYK AA . 18.14 70.17 12.01
O20 TYK AA . 19.21 70.60 11.69
C1 TYK AA . 22.82 69.72 16.51
C2 TYK AA . 22.49 68.44 15.77
C3 TYK AA . 21.53 68.57 14.58
C4 TYK AA . 20.79 67.25 14.30
C5 TYK AA . 19.78 67.35 13.13
C6 TYK AA . 18.49 68.14 13.53
C7 TYK AA . 17.46 67.36 14.37
C8 TYK AA . 16.45 68.24 15.16
C9 TYK AA . 17.18 69.43 15.78
C10 TYK AA . 18.07 69.15 16.88
C11 TYK AA . 18.95 70.05 17.49
C12 TYK AA . 19.95 69.81 18.49
C13 TYK AA . 20.81 70.82 18.82
C14 TYK AA . 22.06 70.76 19.67
C15 TYK AA . 23.29 70.62 18.74
C16 TYK AA . 24.62 70.34 19.44
C17 TYK AA . 25.79 71.13 18.90
C18 TYK AA . 21.75 66.07 14.07
C21 TYK AA . 15.69 67.43 16.20
C22 TYK AA . 20.03 68.44 19.07
C23 TYK AA . 22.11 71.94 20.65
O1 TYK AA . 22.85 70.81 16.01
O3 TYK AA . 22.23 69.00 13.40
O9 TYK AA . 17.08 70.55 15.29
O15 TYK AA . 23.04 69.50 17.83
C1A TYK AA . 20.00 65.67 11.38
C2A TYK AA . 19.88 64.17 11.21
C3A TYK AA . 20.39 63.73 9.83
C4A TYK AA . 19.79 64.60 8.70
C5A TYK AA . 19.86 66.09 9.04
C6A TYK AA . 19.09 66.96 8.08
C7A TYK AA . 21.39 61.47 9.92
C8A TYK AA . 19.01 61.67 10.16
O1A TYK AA . 19.45 66.03 12.62
O2A TYK AA . 20.63 63.50 12.22
N3A TYK AA . 20.22 62.28 9.59
O4A TYK AA . 20.54 64.36 7.50
O5A TYK AA . 19.28 66.32 10.34
C1B TYK AA . 19.85 63.78 6.41
C2B TYK AA . 20.47 64.29 5.14
C3B TYK AA . 21.89 63.76 4.92
C4B TYK AA . 21.89 62.21 5.05
C5B TYK AA . 21.24 61.78 6.37
C6B TYK AA . 21.11 60.29 6.52
C7B TYK AA . 22.39 64.22 3.55
O3B TYK AA . 22.73 64.35 5.94
O4B TYK AA . 23.18 61.61 4.96
O5B TYK AA . 19.89 62.32 6.45
C1C TYK AA . 22.86 74.16 20.03
C2C TYK AA . 22.32 75.56 20.32
C3C TYK AA . 23.48 76.57 20.43
C4C TYK AA . 24.60 76.06 21.34
C5C TYK AA . 25.00 74.63 21.00
C6C TYK AA . 25.98 74.03 21.97
C7C TYK AA . 20.54 77.03 19.71
C8C TYK AA . 24.20 78.21 18.80
O1C TYK AA . 21.80 73.22 20.05
O2C TYK AA . 21.43 76.01 19.31
O3C TYK AA . 24.03 76.83 19.12
O4C TYK AA . 25.75 76.91 21.25
O5C TYK AA . 23.82 73.79 21.01
C19 TYK BA . 79.34 49.19 28.77
C20 TYK BA . 79.08 49.54 30.20
O20 TYK BA . 78.18 50.22 30.62
C1 TYK BA . 75.50 54.21 28.82
C2 TYK BA . 75.48 53.19 27.71
C3 TYK BA . 76.27 51.92 28.00
C4 TYK BA . 76.79 51.24 26.73
C5 TYK BA . 77.63 49.97 27.09
C6 TYK BA . 79.02 50.29 27.73
C7 TYK BA . 80.17 50.50 26.71
C8 TYK BA . 81.36 51.41 27.12
C9 TYK BA . 80.98 52.51 28.11
C10 TYK BA . 80.32 53.70 27.61
C11 TYK BA . 79.70 54.62 28.45
C12 TYK BA . 78.83 55.71 28.16
C13 TYK BA . 78.18 56.27 29.24
C14 TYK BA . 77.05 57.26 29.32
C15 TYK BA . 75.65 56.61 29.24
C16 TYK BA . 74.52 57.51 28.75
C17 TYK BA . 73.16 57.11 29.30
C18 TYK BA . 75.66 50.97 25.72
C21 TYK BA . 82.06 52.01 25.89
C22 TYK BA . 78.61 56.08 26.73
C23 TYK BA . 77.26 58.06 30.61
O1 TYK BA . 75.44 53.93 29.99
O3 TYK BA . 75.46 51.01 28.74
O9 TYK BA . 81.14 52.34 29.30
O15 TYK BA . 75.62 55.46 28.32
C1A TYK BA . 77.09 47.88 25.97
C2A TYK BA . 77.08 47.31 24.57
C3A TYK BA . 76.29 46.00 24.56
C4A TYK BA . 76.83 45.04 25.63
C5A TYK BA . 77.03 45.72 27.00
C6A TYK BA . 77.81 44.89 27.98
C7A TYK BA . 74.96 45.75 22.48
C8A TYK BA . 77.37 45.52 22.38
O1A TYK BA . 77.80 49.10 25.95
O2A TYK BA . 76.57 48.29 23.64
N3A TYK BA . 76.18 45.37 23.21
O4A TYK BA . 75.88 43.99 25.84
O5A TYK BA . 77.74 46.98 26.84
C1B TYK BA . 76.25 42.69 25.42
C2B TYK BA . 75.52 41.67 26.29
C3B TYK BA . 74.04 41.50 25.92
C4B TYK BA . 73.89 41.34 24.39
C5B TYK BA . 74.57 42.50 23.65
C6B TYK BA . 74.45 42.39 22.15
C7B TYK BA . 73.48 40.29 26.69
O3B TYK BA . 73.32 42.68 26.39
O4B TYK BA . 72.53 41.29 23.93
O5B TYK BA . 75.99 42.54 24.00
C1C TYK BA . 75.82 58.29 32.57
C2C TYK BA . 75.58 59.66 33.22
C3C TYK BA . 74.19 60.17 32.79
C4C TYK BA . 73.07 59.16 33.07
C5C TYK BA . 73.61 57.82 33.54
C6C TYK BA . 72.57 56.72 33.48
C7C TYK BA . 77.01 59.73 35.15
C8C TYK BA . 73.15 62.34 32.64
O1C TYK BA . 76.02 58.50 31.19
O2C TYK BA . 75.68 59.62 34.64
O3C TYK BA . 73.88 61.42 33.44
O4C TYK BA . 72.17 59.67 34.06
O5C TYK BA . 74.72 57.38 32.71
C19 TYK CA . 2.85 11.93 -35.68
C20 TYK CA . 2.69 13.12 -36.55
O20 TYK CA . 2.15 14.14 -36.24
C1 TYK CA . -0.35 16.21 -32.14
C2 TYK CA . 0.86 15.42 -31.70
C3 TYK CA . 1.76 14.92 -32.84
C4 TYK CA . 2.72 13.84 -32.33
C5 TYK CA . 3.40 13.08 -33.49
C6 TYK CA . 2.41 12.13 -34.23
C7 TYK CA . 2.20 10.78 -33.50
C8 TYK CA . 0.88 10.02 -33.80
C9 TYK CA . -0.26 11.00 -34.03
C10 TYK CA . -0.96 11.55 -32.87
C11 TYK CA . -1.87 12.58 -33.01
C12 TYK CA . -2.54 13.41 -32.07
C13 TYK CA . -3.16 14.49 -32.63
C14 TYK CA . -3.75 15.73 -32.02
C15 TYK CA . -2.67 16.75 -31.60
C16 TYK CA . -2.97 17.62 -30.39
C17 TYK CA . -2.42 19.03 -30.54
C18 TYK CA . 3.69 14.40 -31.29
C21 TYK CA . 0.53 9.01 -32.71
C22 TYK CA . -2.38 13.11 -30.64
C23 TYK CA . -4.70 16.24 -33.11
O1 TYK CA . -0.41 16.89 -33.13
O3 TYK CA . 2.55 15.98 -33.44
O9 TYK CA . -0.53 11.40 -35.16
O15 TYK CA . -1.40 16.07 -31.28
C1A TYK CA . 5.81 12.92 -33.23
C2A TYK CA . 6.81 12.24 -32.31
C3A TYK CA . 8.24 12.74 -32.57
C4A TYK CA . 8.57 12.71 -34.07
C5A TYK CA . 7.46 13.34 -34.92
C6A TYK CA . 7.64 13.14 -36.40
C7A TYK CA . 9.60 12.71 -30.50
C8A TYK CA . 9.18 10.63 -31.63
O1A TYK CA . 4.56 12.33 -33.03
O2A TYK CA . 6.44 12.52 -30.95
N3A TYK CA . 9.32 12.08 -31.79
O4A TYK CA . 9.77 13.48 -34.24
O5A TYK CA . 6.19 12.74 -34.59
C1B TYK CA . 10.93 12.82 -34.69
C2B TYK CA . 11.70 13.77 -35.60
C3B TYK CA . 12.31 14.95 -34.83
C4B TYK CA . 13.10 14.43 -33.61
C5B TYK CA . 12.22 13.52 -32.73
C6B TYK CA . 12.93 12.91 -31.56
C7B TYK CA . 13.13 15.83 -35.76
O3B TYK CA . 11.22 15.77 -34.32
O4B TYK CA . 13.65 15.47 -32.80
O5B TYK CA . 11.72 12.40 -33.55
C1C TYK CA . -5.69 18.39 -33.50
C2C TYK CA . -7.13 18.91 -33.34
C3C TYK CA . -7.30 20.46 -33.35
C4C TYK CA . -6.04 21.23 -32.92
C5C TYK CA . -4.80 20.65 -33.59
C6C TYK CA . -3.53 21.38 -33.25
C7C TYK CA . -8.44 17.04 -34.11
C8C TYK CA . -8.84 21.82 -34.65
O1C TYK CA . -5.58 17.27 -32.66
O2C TYK CA . -7.93 18.36 -34.38
O3C TYK CA . -7.72 20.93 -34.64
O4C TYK CA . -6.16 22.62 -33.24
O5C TYK CA . -4.65 19.28 -33.13
C19 TYK DA . 7.62 61.49 8.99
C20 TYK DA . 6.68 60.71 9.85
O20 TYK DA . 5.48 60.67 9.74
C1 TYK DA . 3.64 58.99 4.17
C2 TYK DA . 5.14 59.01 4.23
C3 TYK DA . 5.76 59.23 5.61
C4 TYK DA . 7.26 59.57 5.56
C5 TYK DA . 7.88 59.94 6.96
C6 TYK DA . 7.37 61.36 7.47
C7 TYK DA . 7.92 62.58 6.70
C8 TYK DA . 7.11 63.90 6.82
C9 TYK DA . 5.64 63.66 6.56
C10 TYK DA . 5.21 63.30 5.24
C11 TYK DA . 3.92 62.86 4.94
C12 TYK DA . 3.37 62.39 3.72
C13 TYK DA . 2.11 61.82 3.74
C14 TYK DA . 1.37 61.06 2.67
C15 TYK DA . 1.72 59.57 2.75
C16 TYK DA . 1.39 58.74 1.51
C17 TYK DA . 0.52 57.51 1.78
C18 TYK DA . 8.08 58.49 4.85
C21 TYK DA . 7.67 65.01 5.93
C22 TYK DA . 4.22 62.46 2.50
C23 TYK DA . -0.12 61.32 2.71
O1 TYK DA . 2.91 58.62 5.07
O3 TYK DA . 5.53 58.06 6.42
O9 TYK DA . 4.82 63.67 7.47
O15 TYK DA . 3.17 59.43 2.98
C1A TYK DA . 9.98 58.83 7.61
C2A TYK DA . 11.44 58.80 7.19
C3A TYK DA . 12.22 57.71 7.96
C4A TYK DA . 11.95 57.75 9.48
C5A TYK DA . 10.42 57.88 9.77
C6A TYK DA . 10.10 58.15 11.23
C7A TYK DA . 14.07 56.89 6.51
C8A TYK DA . 14.33 59.00 7.66
O1A TYK DA . 9.34 59.91 6.95
O2A TYK DA . 11.55 58.58 5.77
N3A TYK DA . 13.69 57.68 7.69
O4A TYK DA . 12.44 56.52 10.06
O5A TYK DA . 9.85 58.98 9.02
C1B TYK DA . 13.56 56.52 10.90
C2B TYK DA . 13.42 55.40 11.93
C3B TYK DA . 13.63 54.01 11.34
C4B TYK DA . 14.92 53.96 10.50
C5B TYK DA . 14.94 55.10 9.47
C6B TYK DA . 16.21 55.20 8.67
C7B TYK DA . 13.62 52.99 12.47
O3B TYK DA . 12.50 53.70 10.47
O4B TYK DA . 15.11 52.72 9.80
O5B TYK DA . 14.77 56.39 10.17
C1C TYK DA . -1.27 60.63 4.74
C2C TYK DA . -2.59 61.19 5.29
C3C TYK DA . -3.74 61.06 4.28
C4C TYK DA . -3.84 59.66 3.64
C5C TYK DA . -2.67 58.78 4.09
C6C TYK DA . -2.55 57.48 3.30
C7C TYK DA . -3.25 61.46 7.59
C8C TYK DA . -5.26 62.76 5.10
O1C TYK DA . -0.62 61.66 4.02
O2C TYK DA . -2.97 60.57 6.51
O3C TYK DA . -4.97 61.37 4.94
O4C TYK DA . -5.07 59.04 3.98
O5C TYK DA . -1.44 59.50 3.89
C19 TYK EA . 88.23 42.83 21.16
C20 TYK EA . 89.26 43.38 20.22
O20 TYK EA . 90.24 42.82 19.83
C1 TYK EA . 91.08 36.97 19.66
C2 TYK EA . 89.60 37.30 19.66
C3 TYK EA . 89.22 38.79 19.61
C4 TYK EA . 87.80 39.04 20.13
C5 TYK EA . 87.50 40.57 20.25
C6 TYK EA . 88.25 41.31 21.40
C7 TYK EA . 87.71 40.95 22.80
C8 TYK EA . 88.63 41.26 24.00
C9 TYK EA . 90.07 40.84 23.71
C10 TYK EA . 90.27 39.43 23.56
C11 TYK EA . 91.45 38.83 23.16
C12 TYK EA . 91.70 37.46 22.93
C13 TYK EA . 92.89 37.09 22.40
C14 TYK EA . 93.35 35.74 21.92
C15 TYK EA . 92.82 35.50 20.48
C16 TYK EA . 92.90 34.08 19.95
C17 TYK EA . 93.35 34.02 18.49
C18 TYK EA . 86.75 38.33 19.28
C21 TYK EA . 88.10 40.62 25.28
C22 TYK EA . 90.61 36.51 23.25
C23 TYK EA . 94.86 35.72 22.01
O1 TYK EA . 91.93 37.57 19.03
O3 TYK EA . 89.30 39.29 18.26
O9 TYK EA . 90.95 41.66 23.55
O15 TYK EA . 91.41 35.90 20.42
C1A TYK EA . 85.40 41.22 19.28
C2A TYK EA . 83.91 41.05 19.52
C3A TYK EA . 83.13 41.60 18.31
C4A TYK EA . 83.57 43.04 17.99
C5A TYK EA . 85.10 43.16 17.90
C6A TYK EA . 85.57 44.59 17.82
C7A TYK EA . 81.10 40.22 17.90
C8A TYK EA . 81.07 41.86 19.67
O1A TYK EA . 86.08 40.77 20.42
O2A TYK EA . 83.60 39.66 19.74
N3A TYK EA . 81.65 41.49 18.38
O4A TYK EA . 82.97 43.37 16.72
O5A TYK EA . 85.73 42.58 19.05
C1B TYK EA . 81.91 44.33 16.68
C2B TYK EA . 82.02 45.11 15.39
C3B TYK EA . 81.60 44.29 14.15
C4B TYK EA . 80.19 43.69 14.35
C5B TYK EA . 80.08 42.94 15.70
C6B TYK EA . 78.65 42.62 16.05
C7B TYK EA . 81.69 45.19 12.92
O3B TYK EA . 82.53 43.20 13.95
O4B TYK EA . 79.85 42.79 13.29
O5B TYK EA . 80.60 43.72 16.85
C1C TYK EA . 96.28 33.97 21.18
C2C TYK EA . 97.52 34.86 21.20
C3C TYK EA . 98.81 34.04 20.92
C4C TYK EA . 98.60 32.78 20.03
C5C TYK EA . 97.36 31.97 20.39
C6C TYK EA . 97.67 30.57 20.87
C7C TYK EA . 97.57 37.26 20.77
C8C TYK EA . 100.48 35.79 21.10
O1C TYK EA . 95.37 34.39 22.17
O2C TYK EA . 97.43 35.92 20.24
O3C TYK EA . 99.77 34.87 20.27
O4C TYK EA . 98.52 33.15 18.66
O5C TYK EA . 96.62 32.62 21.46
C19 TYK FA . 81.09 -12.18 -15.76
C20 TYK FA . 81.82 -12.92 -14.69
O20 TYK FA . 82.28 -12.46 -13.68
C1 TYK FA . 85.55 -8.30 -13.36
C2 TYK FA . 84.24 -7.76 -13.91
C3 TYK FA . 83.14 -8.80 -14.10
C4 TYK FA . 82.12 -8.45 -15.19
C5 TYK FA . 81.12 -9.65 -15.45
C6 TYK FA . 81.73 -10.86 -16.24
C7 TYK FA . 81.64 -10.67 -17.77
C8 TYK FA . 82.87 -11.06 -18.62
C9 TYK FA . 84.15 -11.24 -17.81
C10 TYK FA . 85.05 -10.14 -17.60
C11 TYK FA . 86.13 -10.19 -16.73
C12 TYK FA . 87.03 -9.17 -16.29
C13 TYK FA . 87.90 -9.45 -15.25
C14 TYK FA . 88.78 -8.52 -14.47
C15 TYK FA . 87.97 -7.90 -13.30
C16 TYK FA . 88.51 -6.61 -12.69
C17 TYK FA . 88.13 -6.41 -11.24
C18 TYK FA . 81.41 -7.14 -14.87
C21 TYK FA . 83.08 -10.04 -19.77
C22 TYK FA . 86.90 -7.85 -16.94
C23 TYK FA . 90.04 -9.29 -14.07
O1 TYK FA . 85.66 -9.28 -12.67
O3 TYK FA . 82.42 -8.99 -12.89
O9 TYK FA . 84.38 -12.32 -17.27
O15 TYK FA . 86.61 -7.55 -13.76
C1A TYK FA . 78.75 -9.14 -15.27
C2A TYK FA . 77.76 -8.16 -15.91
C3A TYK FA . 76.38 -8.18 -15.22
C4A TYK FA . 75.92 -9.61 -14.89
C5A TYK FA . 77.04 -10.46 -14.28
C6A TYK FA . 76.69 -11.92 -14.08
C7A TYK FA . 75.42 -5.93 -15.70
C8A TYK FA . 75.23 -7.64 -17.37
O1A TYK FA . 79.88 -9.22 -16.09
O2A TYK FA . 78.32 -6.84 -15.87
N3A TYK FA . 75.34 -7.37 -15.94
O4A TYK FA . 74.87 -9.51 -13.91
O5A TYK FA . 78.19 -10.43 -15.15
C1B TYK FA . 73.53 -9.73 -14.30
C2B TYK FA . 72.76 -10.24 -13.09
C3B TYK FA . 72.39 -9.14 -12.09
C4B TYK FA . 71.79 -7.91 -12.79
C5B TYK FA . 72.67 -7.43 -13.95
C6B TYK FA . 72.00 -6.32 -14.75
C7B TYK FA . 71.47 -9.73 -11.03
O3B TYK FA . 73.57 -8.72 -11.38
O4B TYK FA . 71.61 -6.78 -11.94
O5B TYK FA . 72.96 -8.54 -14.88
C1C TYK FA . 91.40 -9.07 -12.09
C2C TYK FA . 92.72 -8.44 -11.63
C3C TYK FA . 93.08 -9.02 -10.24
C4C TYK FA . 91.94 -8.73 -9.27
C5C TYK FA . 90.63 -9.32 -9.79
C6C TYK FA . 89.43 -8.96 -8.93
C7C TYK FA . 94.17 -7.54 -13.32
C8C TYK FA . 94.23 -11.00 -9.45
O1C TYK FA . 91.02 -8.51 -13.34
O2C TYK FA . 93.80 -8.67 -12.52
O3C TYK FA . 93.24 -10.44 -10.32
O4C TYK FA . 92.21 -9.27 -7.98
O5C TYK FA . 90.38 -8.82 -11.13
#